data_8Z5T
#
_entry.id   8Z5T
#
_cell.length_a   1.00
_cell.length_b   1.00
_cell.length_c   1.00
_cell.angle_alpha   90.00
_cell.angle_beta   90.00
_cell.angle_gamma   90.00
#
_symmetry.space_group_name_H-M   'P 1'
#
loop_
_entity.id
_entity.type
_entity.pdbx_description
1 polymer 'Phosphorylase b kinase regulatory subunit alpha, skeletal muscle isoform'
2 polymer 'Phosphorylase b kinase regulatory subunit beta'
3 polymer 'Phosphorylase b kinase gamma catalytic chain, skeletal muscle/heart isoform'
4 polymer Calmodulin-3
5 non-polymer "ADENOSINE-5'-TRIPHOSPHATE"
#
loop_
_entity_poly.entity_id
_entity_poly.type
_entity_poly.pdbx_seq_one_letter_code
_entity_poly.pdbx_strand_id
1 'polypeptide(L)'
;MRSRSNSGVRLDGYARLVQQTILCHQNPVTGLLPASYDQKDAWVRDNVYSILAVWGLGLAYRKNADRDEDKAKAYELEQS
VVKLMRGLLHCMIRQVDKVE(SEP)FKY(SEP)Q(SEP)TKD(SEP)LHAKYNTKTCATVVGDDQWGHLQLDATSVYLLF
LAQMTASGLHIIHSLDEVNFIQNLVFYIEAAYKTADFGIWERGDKTNQGISELNAS(SEP)VGMAKAALEALDELDLFGV
KGGPQSVIHVLADEVQHCQ(SEP)ILNSLLPRASTSKEVDASLLSVVSFPAFAVEDSQLVELTKQEIITKLQGRYGCCRF
LRDGYKTPKEDPNRLYYEPAELKLFENIECEWPLFWTYFILDGVFSGNAEQVQEYKEALEAVLIKGKNGVPLLPELY
(SEP)VPPDRVDEEYQNPHTVDRVPMGKLPHMWGQSLYILGSLMAEGFLAPGEIDPLNRRFSTVPKPDVVVQVSILAETE
EIKTILKDKGIYVETIAEVYPIRVQPARIL(SEP)HIYSSLGCNNRMKLSGRPYRHMGVLGTSKLYDIRKTIFTFTPQFI
DQQQFYLALDNKMIVEMLRTDL(SEP)YLCSRWRMTGQPTITFPISHSMLDEDGTSLNSSILAALRKMQDGYFGGARVQT
GKLSEFLTTSCCTHLSFMDPGPEGKLY(SEP)EDYDDNYDYLESGNWMNDYDSTSHARCGDEVARYLDHLLAH(TPO)AP
HPKLAPTSQKGGLDRFQAAVQTTCDLM(SEP)LVTKAKELHVQNVHMYLPTKLFQA(SEP)RP(SEP)FNLLD(SEP)PH
PRQENQVP(SEP)VRVEIHLPRDQ(SEP)GEVDFKALVLQLKETSSLQEQADILYMLYTMKGPDWNTELYNERSATVREL
LTELYGKVGEIRHWGLIRYISGILRKKVEALDEACTDLLSHQKHL(TPO)VGLPPEPREKTISAPLPYEALTQLIDEASE
GDMSISILTQEIMVYLAMYMRTQPGLFAEMFRLRIGLIIQVMATELAHSLRCSAEEATEGLMNLSPSAMKNLLHHIL
(SEP)GKEFGVER(SEP)VRPTDSNV(SEP)PAI(SEP)IHEIGAVGA(TPO)KTER(TPO)GIMQLK(SEP)EIKQVEF
RRL(SEP)I(SEP)AE(SEP)Q(SEP)PGTSM(TPO)PSSGSFPSAYDQQSSKDSRQGQWQRRRRLDGALNRVPVGFYQK
VWKVLQKCHGLSVEGFVLPSSTTREMTPGEIKFSVHVESVLNRVPQPEYRQLLVEAILVLTMLADIEIHSIGSIIAVEKI
VHIANDLFLQEQKTLGADD(TPO)MLAKDPASGICTLLYDSAP(SEP)GRFGTMTYLSKAAATYVQEFLPH(SEP)ICAM
Q
;
A,E,I,M
2 'polypeptide(L)'
;MAGAAGLTAEV(SEP)WKVLERRARTKR(SEP)G(SEP)VYEPLK(SEP)INLPRPDNETLWDKLDHYYRIVKSTLLLYQ
SPTTGLFPTKTCGGDQKAKIQDSLYCAAGAWALALAYRRIDDDKGRTHELEHSAIKCMRGILYCYMRQADKVQQFKQDPR
PTTCLHSVFNVHTGDELLSYEEYGHLQINAVSLYLLYLVEMISSGLQIIYNTDEVSFIQNLVFCVERVYRVPDFGVWERG
SKYNNGSTELHSS(SEP)VGLAKAALEAINGFNLFGNQGCSWSVIFVDLDAHNRNRQ(TPO)LC(SEP)LLPRESRSHNT
DAALLPCI(SEP)YPAFALDDEVLFSQTLDKVVRKLKGKYGFKRFLRDGYRTSLEDPNRCYYKPAEIKLFDGIECEFPIF
FLYMMIDGVFRGNPKQVQEYQDLLTPVLHHTTEGYPVVPKYYYVPADFVEYEKNNPGSQKRFPSNCGRDGKLFLWGQALY
IIAKLLADELISPKDIDPVQRYVPLKDQRNVSMRFSNQGPLENDLVVHVALIAESQRLQVFLNTYGIQTQTPQQVEPIQI
WPQQELVKAYLQLGINEKLGLSGRPDRPIGCLGTSKIYRILGKTVVCYPIIFDLSDFYMSQDVFLLIDDIKNALQFIKQY
WKMHGRPLFLVLIREDNIRGSRFNPILDMLAALKKGIIGGVKVHVDRLQTLISGAVVEQLDFLRISDTEELPEFK(SEP)
FEELEPPKHSKVKRQ(SEP)(SEP)TPSAPELGQQPDVNISEWKDKPTHEILQKLNDCSCLASQAILLGILLKREGPNFI
TKEGTV(SEP)DHIERVYRRAGSQKLWLAVRYGAAFTQKFSSSIAPHITTFLVHGKQVTLGAFGHEEEVISNPLSPRVIQ
NIIYYKCNTHDEREAVIQQELVIHIGWIISNNPELFSGMLKIRIGWIIHAMEYELQIRGGDKPALDLYQLSPSEVKQLLL
DILQPQQNGRCWLNRRQIDGSLNRTPTGFYDRVWQILERTPNGIIVAGKHLPQQPTLSDMTMYEMNFSLLVEDTLGNIDQ
PQYRQIVVELLMVVSIVLERNPELEFQDKVDLDRLVKEAFNEFQKDQSRLKEIEKQDDMT(SEP)FYNTPPLGKRG
(TPO)CSYLTKAVMNLLLEGEVKPNNDDPCLIS
;
B,F,J,N
3 'polypeptide(L)'
;MTRDEALPDSHSAQDFYENYEPKEILGRGVSSVVRRCIHKPTSQEYAVKVIDVTGGGSFSPEEVRELREATLKEVDILRK
VSGHPNIIQLKDTYETNTFFFLVFDLMKRGELFDYLTEKVTLSEKETRKIMRALLEVICTLHKLNIVHRDLKPENILLDD
NMNIKLTDFGFSCQLEPGERLREVCGTPSYLAPEIIECSMNEDHPGYGKEVDMWSTGVIMYTLLAGSPPFWHRKQMLMLR
MIMSGNYQFGSPEWDDYSDTVKDLVSRFLVVQPQNRYTAEEALAHPFFQQYLVEEVRHFSPRGKFKVIALTVLASVRIYY
QYRRVKPVTREIVIRDPYALRPLRRLIDAYAFRIYGHWVKKGQQQNRAALFENTPKAVLLSLAEEDY
;
C,G,K,O
4 'polypeptide(L)'
;DYKDDDDKSGPDEVDASGRMADQLTEEQIAEFKEAFSLFDKDGDGTITTKELGTVMRSLGQNPTEAELQDMINEVDADGN
GTIDFPEFLTMMARKMKDTDSEEEIREAFRVFDKDGNGYISAAELRHVMTNLGEKLTDEEVDEMIREADIDGDGQVNYEE
FVQMMTAK
;
D,H,L,P
#
# COMPACT_ATOMS: atom_id res chain seq x y z
N SER A 5 -47.65 19.39 -59.09
CA SER A 5 -47.41 20.61 -59.84
C SER A 5 -47.12 20.31 -61.31
N ASN A 6 -47.52 21.23 -62.19
CA ASN A 6 -47.28 21.05 -63.61
C ASN A 6 -45.79 21.00 -63.93
N SER A 7 -45.01 21.85 -63.28
CA SER A 7 -43.56 21.86 -63.51
C SER A 7 -42.94 20.53 -63.14
N GLY A 8 -43.41 19.92 -62.05
CA GLY A 8 -42.93 18.59 -61.68
C GLY A 8 -43.25 17.55 -62.74
N VAL A 9 -44.44 17.63 -63.32
CA VAL A 9 -44.83 16.69 -64.37
C VAL A 9 -43.94 16.87 -65.60
N ARG A 10 -43.68 18.13 -65.99
CA ARG A 10 -42.81 18.38 -67.14
C ARG A 10 -41.39 17.89 -66.87
N LEU A 11 -40.89 18.10 -65.65
CA LEU A 11 -39.56 17.63 -65.31
C LEU A 11 -39.49 16.10 -65.32
N ASP A 12 -40.55 15.45 -64.83
CA ASP A 12 -40.60 13.99 -64.87
C ASP A 12 -40.61 13.49 -66.31
N GLY A 13 -41.37 14.14 -67.18
CA GLY A 13 -41.38 13.75 -68.59
C GLY A 13 -40.03 13.94 -69.24
N TYR A 14 -39.36 15.06 -68.96
CA TYR A 14 -38.01 15.27 -69.51
C TYR A 14 -37.03 14.23 -69.00
N ALA A 15 -37.12 13.89 -67.71
CA ALA A 15 -36.24 12.86 -67.16
C ALA A 15 -36.50 11.51 -67.79
N ARG A 16 -37.78 11.18 -68.02
CA ARG A 16 -38.11 9.92 -68.69
C ARG A 16 -37.55 9.89 -70.10
N LEU A 17 -37.67 11.01 -70.83
CA LEU A 17 -37.12 11.09 -72.18
C LEU A 17 -35.61 10.90 -72.16
N VAL A 18 -34.93 11.56 -71.21
CA VAL A 18 -33.47 11.44 -71.12
C VAL A 18 -33.07 10.00 -70.81
N GLN A 19 -33.76 9.36 -69.85
CA GLN A 19 -33.45 7.98 -69.50
C GLN A 19 -33.69 7.05 -70.68
N GLN A 20 -34.78 7.25 -71.42
CA GLN A 20 -35.09 6.41 -72.56
C GLN A 20 -34.11 6.60 -73.71
N THR A 21 -33.59 7.81 -73.91
CA THR A 21 -32.73 8.10 -75.06
C THR A 21 -31.25 7.94 -74.77
N ILE A 22 -30.70 8.66 -73.80
CA ILE A 22 -29.25 8.73 -73.61
C ILE A 22 -28.82 7.80 -72.49
N LEU A 23 -29.44 7.95 -71.32
CA LEU A 23 -28.97 7.26 -70.11
C LEU A 23 -29.14 5.74 -70.19
N CYS A 24 -29.91 5.22 -71.15
CA CYS A 24 -30.06 3.78 -71.27
C CYS A 24 -28.79 3.07 -71.70
N HIS A 25 -27.84 3.80 -72.28
CA HIS A 25 -26.56 3.25 -72.71
C HIS A 25 -25.42 3.78 -71.83
N GLN A 26 -25.66 3.87 -70.52
CA GLN A 26 -24.67 4.45 -69.62
C GLN A 26 -23.36 3.66 -69.61
N ASN A 27 -23.43 2.35 -69.89
CA ASN A 27 -22.25 1.50 -69.96
C ASN A 27 -21.50 1.52 -68.64
N PRO A 28 -22.03 0.86 -67.60
CA PRO A 28 -21.40 0.93 -66.27
C PRO A 28 -20.00 0.33 -66.27
N VAL A 29 -19.39 0.33 -65.08
CA VAL A 29 -18.00 -0.05 -64.83
C VAL A 29 -17.09 1.08 -65.30
N THR A 30 -17.25 1.50 -66.55
CA THR A 30 -16.49 2.61 -67.11
C THR A 30 -17.28 3.91 -67.15
N GLY A 31 -18.51 3.87 -67.65
CA GLY A 31 -19.34 5.06 -67.71
C GLY A 31 -19.29 5.82 -69.02
N LEU A 32 -18.65 5.27 -70.05
CA LEU A 32 -18.55 5.92 -71.35
C LEU A 32 -19.56 5.29 -72.30
N LEU A 33 -20.50 6.11 -72.79
CA LEU A 33 -21.54 5.59 -73.68
C LEU A 33 -20.97 5.32 -75.07
N PRO A 34 -21.49 4.30 -75.76
CA PRO A 34 -21.11 4.09 -77.15
C PRO A 34 -21.63 5.23 -78.03
N ALA A 35 -20.93 5.47 -79.13
CA ALA A 35 -21.30 6.55 -80.04
C ALA A 35 -22.38 6.11 -81.02
N SER A 36 -23.48 5.56 -80.49
CA SER A 36 -24.63 5.13 -81.27
C SER A 36 -24.29 4.02 -82.26
N TYR A 37 -25.32 3.43 -82.88
CA TYR A 37 -25.17 2.38 -83.87
C TYR A 37 -24.36 1.19 -83.34
N ASP A 38 -23.89 0.33 -84.24
CA ASP A 38 -23.08 -0.81 -83.87
C ASP A 38 -21.59 -0.48 -84.02
N GLN A 39 -21.17 0.57 -83.31
CA GLN A 39 -19.79 1.03 -83.34
C GLN A 39 -18.96 0.51 -82.18
N LYS A 40 -19.53 0.47 -80.98
CA LYS A 40 -18.83 0.00 -79.78
C LYS A 40 -17.55 0.78 -79.51
N ASP A 41 -17.56 2.08 -79.83
CA ASP A 41 -16.43 2.96 -79.59
C ASP A 41 -16.91 4.24 -78.94
N ALA A 42 -16.05 4.82 -78.10
CA ALA A 42 -16.39 6.00 -77.33
C ALA A 42 -15.58 7.19 -77.83
N TRP A 43 -16.26 8.29 -78.11
CA TRP A 43 -15.62 9.54 -78.51
C TRP A 43 -15.69 10.51 -77.33
N VAL A 44 -14.56 11.17 -77.05
CA VAL A 44 -14.50 12.10 -75.93
C VAL A 44 -15.46 13.26 -76.17
N ARG A 45 -15.41 13.87 -77.36
CA ARG A 45 -16.26 15.00 -77.67
C ARG A 45 -17.73 14.61 -77.65
N ASP A 46 -18.06 13.45 -78.23
CA ASP A 46 -19.45 13.02 -78.30
C ASP A 46 -20.02 12.79 -76.90
N ASN A 47 -19.28 12.09 -76.05
CA ASN A 47 -19.76 11.84 -74.68
C ASN A 47 -19.85 13.14 -73.89
N VAL A 48 -18.88 14.05 -74.07
CA VAL A 48 -18.89 15.32 -73.34
C VAL A 48 -20.11 16.13 -73.74
N TYR A 49 -20.44 16.17 -75.03
CA TYR A 49 -21.61 16.91 -75.47
C TYR A 49 -22.90 16.21 -75.05
N SER A 50 -22.90 14.88 -75.00
CA SER A 50 -24.10 14.15 -74.62
C SER A 50 -24.44 14.34 -73.14
N ILE A 51 -23.41 14.41 -72.29
CA ILE A 51 -23.65 14.57 -70.86
C ILE A 51 -24.21 15.95 -70.49
N LEU A 52 -24.25 16.88 -71.45
CA LEU A 52 -24.79 18.21 -71.18
C LEU A 52 -26.25 18.15 -70.77
N ALA A 53 -27.05 17.33 -71.46
CA ALA A 53 -28.47 17.22 -71.13
C ALA A 53 -28.65 16.66 -69.72
N VAL A 54 -27.87 15.64 -69.36
CA VAL A 54 -27.96 15.06 -68.03
C VAL A 54 -27.55 16.10 -66.97
N TRP A 55 -26.49 16.85 -67.23
CA TRP A 55 -26.07 17.88 -66.28
C TRP A 55 -27.14 18.95 -66.11
N GLY A 56 -27.76 19.39 -67.21
CA GLY A 56 -28.82 20.38 -67.11
C GLY A 56 -30.03 19.85 -66.36
N LEU A 57 -30.40 18.60 -66.61
CA LEU A 57 -31.51 17.99 -65.88
C LEU A 57 -31.20 17.90 -64.39
N GLY A 58 -29.98 17.51 -64.04
CA GLY A 58 -29.61 17.48 -62.63
C GLY A 58 -29.63 18.84 -61.98
N LEU A 59 -29.14 19.86 -62.70
CA LEU A 59 -29.18 21.22 -62.16
C LEU A 59 -30.62 21.69 -61.96
N ALA A 60 -31.51 21.38 -62.90
CA ALA A 60 -32.91 21.74 -62.75
C ALA A 60 -33.55 21.01 -61.57
N TYR A 61 -33.23 19.73 -61.39
CA TYR A 61 -33.83 18.95 -60.31
C TYR A 61 -33.30 19.39 -58.96
N ARG A 62 -32.06 19.88 -58.90
CA ARG A 62 -31.48 20.28 -57.62
C ARG A 62 -32.24 21.46 -57.00
N LYS A 63 -32.82 22.33 -57.83
CA LYS A 63 -33.53 23.48 -57.30
C LYS A 63 -34.75 23.06 -56.48
N ASN A 64 -35.49 22.05 -56.95
CA ASN A 64 -36.65 21.55 -56.23
C ASN A 64 -36.19 20.54 -55.17
N ALA A 65 -35.59 21.07 -54.11
CA ALA A 65 -35.07 20.28 -53.02
C ALA A 65 -36.19 20.04 -51.99
N ASP A 66 -35.82 19.59 -50.80
CA ASP A 66 -36.70 19.38 -49.63
C ASP A 66 -37.58 18.14 -49.77
N ARG A 67 -37.34 17.30 -50.79
CA ARG A 67 -38.06 16.05 -50.94
C ARG A 67 -37.06 14.93 -51.19
N ASP A 68 -37.35 13.75 -50.64
CA ASP A 68 -36.43 12.62 -50.76
C ASP A 68 -36.29 12.18 -52.21
N GLU A 69 -37.40 12.10 -52.94
CA GLU A 69 -37.35 11.61 -54.32
C GLU A 69 -36.58 12.56 -55.23
N ASP A 70 -36.88 13.86 -55.15
CA ASP A 70 -36.19 14.83 -55.99
C ASP A 70 -34.71 14.90 -55.64
N LYS A 71 -34.38 14.88 -54.35
CA LYS A 71 -32.99 14.89 -53.93
C LYS A 71 -32.25 13.66 -54.44
N ALA A 72 -32.90 12.49 -54.36
CA ALA A 72 -32.28 11.26 -54.84
C ALA A 72 -32.06 11.32 -56.35
N LYS A 73 -33.04 11.85 -57.10
CA LYS A 73 -32.89 11.95 -58.55
C LYS A 73 -31.75 12.89 -58.92
N ALA A 74 -31.68 14.05 -58.25
CA ALA A 74 -30.59 14.99 -58.52
C ALA A 74 -29.24 14.39 -58.16
N TYR A 75 -29.16 13.69 -57.03
CA TYR A 75 -27.92 13.03 -56.64
C TYR A 75 -27.51 11.99 -57.66
N GLU A 76 -28.46 11.19 -58.14
CA GLU A 76 -28.16 10.16 -59.13
C GLU A 76 -27.65 10.77 -60.42
N LEU A 77 -28.30 11.86 -60.89
CA LEU A 77 -27.86 12.50 -62.12
C LEU A 77 -26.45 13.08 -61.97
N GLU A 78 -26.21 13.77 -60.85
CA GLU A 78 -24.88 14.36 -60.62
C GLU A 78 -23.82 13.27 -60.51
N GLN A 79 -24.14 12.15 -59.87
CA GLN A 79 -23.16 11.09 -59.70
C GLN A 79 -22.90 10.36 -61.01
N SER A 80 -23.92 10.23 -61.86
CA SER A 80 -23.70 9.68 -63.20
C SER A 80 -22.78 10.59 -64.01
N VAL A 81 -23.01 11.90 -63.92
CA VAL A 81 -22.12 12.84 -64.61
C VAL A 81 -20.70 12.71 -64.08
N VAL A 82 -20.55 12.61 -62.76
CA VAL A 82 -19.23 12.51 -62.15
C VAL A 82 -18.55 11.20 -62.57
N LYS A 83 -19.33 10.11 -62.66
CA LYS A 83 -18.77 8.83 -63.09
C LYS A 83 -18.27 8.92 -64.52
N LEU A 84 -19.04 9.55 -65.41
CA LEU A 84 -18.57 9.75 -66.78
C LEU A 84 -17.30 10.59 -66.80
N MET A 85 -17.26 11.66 -66.00
CA MET A 85 -16.10 12.53 -65.97
C MET A 85 -14.86 11.77 -65.51
N ARG A 86 -15.02 10.94 -64.46
CA ARG A 86 -13.90 10.16 -63.94
C ARG A 86 -13.45 9.10 -64.95
N GLY A 87 -14.40 8.47 -65.66
CA GLY A 87 -14.02 7.53 -66.70
C GLY A 87 -13.20 8.18 -67.79
N LEU A 88 -13.62 9.36 -68.24
CA LEU A 88 -12.85 10.09 -69.24
C LEU A 88 -11.48 10.48 -68.70
N LEU A 89 -11.42 10.88 -67.43
CA LEU A 89 -10.15 11.28 -66.83
C LEU A 89 -9.20 10.10 -66.75
N HIS A 90 -9.70 8.92 -66.39
CA HIS A 90 -8.90 7.71 -66.41
C HIS A 90 -8.43 7.38 -67.83
N CYS A 91 -9.31 7.56 -68.79
CA CYS A 91 -8.93 7.31 -70.18
C CYS A 91 -7.76 8.20 -70.60
N MET A 92 -7.82 9.48 -70.24
CA MET A 92 -6.72 10.38 -70.60
C MET A 92 -5.47 10.07 -69.79
N ILE A 93 -5.63 9.67 -68.52
CA ILE A 93 -4.49 9.31 -67.70
C ILE A 93 -3.78 8.09 -68.26
N ARG A 94 -4.49 7.26 -69.03
CA ARG A 94 -3.86 6.08 -69.61
C ARG A 94 -2.72 6.43 -70.57
N GLN A 95 -2.60 7.69 -71.03
CA GLN A 95 -1.60 8.09 -72.01
C GLN A 95 -0.72 9.23 -71.50
N VAL A 96 -0.24 9.14 -70.26
CA VAL A 96 0.67 10.17 -69.75
C VAL A 96 1.97 10.16 -70.53
N ASP A 97 2.44 8.98 -70.97
CA ASP A 97 3.66 8.92 -71.76
C ASP A 97 3.48 9.63 -73.09
N LYS A 98 2.34 9.42 -73.75
CA LYS A 98 2.07 10.10 -75.01
C LYS A 98 1.97 11.60 -74.81
N VAL A 99 1.30 12.03 -73.74
CA VAL A 99 1.18 13.46 -73.47
C VAL A 99 2.56 14.08 -73.25
N GLU A 100 3.39 13.42 -72.44
CA GLU A 100 4.73 13.90 -72.14
C GLU A 100 5.60 13.95 -73.39
N PHE A 102 4.42 14.38 -76.47
CA PHE A 102 3.92 15.46 -77.31
C PHE A 102 4.36 16.81 -76.76
N LYS A 103 4.60 16.86 -75.44
CA LYS A 103 5.00 18.12 -74.82
C LYS A 103 6.26 18.69 -75.48
N TYR A 104 7.13 17.84 -76.00
CA TYR A 104 8.28 18.28 -76.78
C TYR A 104 8.18 17.79 -78.21
N GLN A 106 6.01 18.85 -81.20
CA GLN A 106 4.63 18.53 -81.50
C GLN A 106 4.49 17.81 -82.84
N THR A 108 2.06 14.54 -85.07
CA THR A 108 0.81 13.79 -85.14
C THR A 108 0.93 12.39 -84.52
N LYS A 109 2.14 11.88 -84.43
CA LYS A 109 2.39 10.55 -83.88
C LYS A 109 2.65 10.55 -82.39
N ASP A 110 2.57 11.71 -81.73
CA ASP A 110 2.85 11.79 -80.30
C ASP A 110 1.62 12.16 -79.49
N LEU A 112 -2.32 11.82 -78.03
CA LEU A 112 -3.19 10.76 -77.53
C LEU A 112 -4.30 10.44 -78.53
N HIS A 113 -4.77 9.20 -78.50
CA HIS A 113 -5.79 8.77 -79.45
C HIS A 113 -7.14 9.41 -79.14
N ALA A 114 -7.76 9.95 -80.19
CA ALA A 114 -9.10 10.53 -80.04
C ALA A 114 -10.16 9.45 -79.91
N LYS A 115 -9.96 8.31 -80.55
CA LYS A 115 -10.90 7.19 -80.47
C LYS A 115 -10.52 6.33 -79.26
N TYR A 116 -11.43 6.21 -78.31
CA TYR A 116 -11.22 5.38 -77.13
C TYR A 116 -12.25 4.27 -77.09
N ASN A 117 -11.85 3.13 -76.52
CA ASN A 117 -12.69 1.95 -76.53
C ASN A 117 -13.75 2.03 -75.43
N THR A 118 -14.54 0.96 -75.35
CA THR A 118 -15.56 0.78 -74.31
C THR A 118 -14.90 0.31 -73.02
N LYS A 119 -15.71 -0.25 -72.12
CA LYS A 119 -15.24 -0.74 -70.82
C LYS A 119 -13.94 -1.52 -70.93
N THR A 120 -13.16 -1.47 -69.85
CA THR A 120 -11.75 -1.86 -69.68
C THR A 120 -10.81 -0.76 -70.16
N CYS A 121 -11.33 0.33 -70.73
CA CYS A 121 -10.59 1.55 -71.02
C CYS A 121 -9.24 1.26 -71.71
N ALA A 122 -9.34 0.68 -72.90
CA ALA A 122 -8.17 0.33 -73.69
C ALA A 122 -8.17 1.13 -74.99
N THR A 123 -7.14 0.88 -75.81
CA THR A 123 -7.05 1.53 -77.11
C THR A 123 -7.56 0.58 -78.20
N VAL A 124 -8.51 1.08 -78.99
CA VAL A 124 -9.14 0.27 -80.03
C VAL A 124 -8.49 0.43 -81.39
N VAL A 125 -7.72 1.50 -81.62
CA VAL A 125 -7.09 1.77 -82.90
C VAL A 125 -5.65 2.19 -82.65
N GLY A 126 -4.75 1.64 -83.47
CA GLY A 126 -3.34 1.97 -83.39
C GLY A 126 -3.06 3.43 -83.72
N ASP A 127 -1.77 3.71 -83.91
CA ASP A 127 -1.30 5.09 -84.04
C ASP A 127 -1.17 5.56 -85.48
N ASP A 128 -1.57 4.75 -86.47
CA ASP A 128 -1.40 5.13 -87.87
C ASP A 128 -2.60 4.86 -88.76
N GLN A 129 -3.68 4.27 -88.24
CA GLN A 129 -4.87 4.03 -89.03
C GLN A 129 -5.97 5.04 -88.76
N TRP A 130 -5.70 6.08 -87.99
CA TRP A 130 -6.69 7.10 -87.68
C TRP A 130 -5.96 8.39 -87.33
N GLY A 131 -6.70 9.49 -87.38
CA GLY A 131 -6.14 10.77 -87.00
C GLY A 131 -6.25 11.00 -85.51
N HIS A 132 -5.18 10.69 -84.78
CA HIS A 132 -5.19 10.79 -83.32
C HIS A 132 -4.60 12.11 -82.85
N LEU A 133 -5.20 13.20 -83.33
CA LEU A 133 -4.81 14.54 -82.91
C LEU A 133 -6.03 15.44 -83.12
N GLN A 134 -6.71 15.75 -82.02
CA GLN A 134 -7.91 16.60 -82.05
C GLN A 134 -7.90 17.44 -80.78
N LEU A 135 -7.38 18.66 -80.88
CA LEU A 135 -7.35 19.56 -79.74
C LEU A 135 -8.73 20.00 -79.31
N ASP A 136 -9.72 19.94 -80.21
CA ASP A 136 -11.07 20.35 -79.87
C ASP A 136 -11.67 19.45 -78.79
N ALA A 137 -11.44 18.14 -78.89
CA ALA A 137 -12.04 17.21 -77.92
C ALA A 137 -11.49 17.45 -76.52
N THR A 138 -10.16 17.48 -76.38
CA THR A 138 -9.58 17.69 -75.06
C THR A 138 -9.87 19.10 -74.55
N SER A 139 -9.98 20.07 -75.47
CA SER A 139 -10.29 21.44 -75.08
C SER A 139 -11.70 21.55 -74.51
N VAL A 140 -12.69 20.97 -75.18
CA VAL A 140 -14.05 21.00 -74.66
C VAL A 140 -14.14 20.19 -73.38
N TYR A 141 -13.35 19.11 -73.28
CA TYR A 141 -13.25 18.35 -72.04
C TYR A 141 -12.80 19.24 -70.89
N LEU A 142 -11.70 19.97 -71.07
CA LEU A 142 -11.20 20.86 -70.03
C LEU A 142 -12.21 21.95 -69.69
N LEU A 143 -12.83 22.54 -70.70
CA LEU A 143 -13.75 23.65 -70.46
C LEU A 143 -14.96 23.17 -69.65
N PHE A 144 -15.53 22.04 -70.03
CA PHE A 144 -16.71 21.56 -69.32
C PHE A 144 -16.35 21.02 -67.95
N LEU A 145 -15.17 20.45 -67.80
CA LEU A 145 -14.70 20.07 -66.46
C LEU A 145 -14.61 21.29 -65.56
N ALA A 146 -14.05 22.38 -66.06
CA ALA A 146 -13.97 23.61 -65.28
C ALA A 146 -15.36 24.15 -64.96
N GLN A 147 -16.27 24.11 -65.93
CA GLN A 147 -17.63 24.61 -65.69
C GLN A 147 -18.33 23.81 -64.60
N MET A 148 -18.24 22.48 -64.65
CA MET A 148 -18.89 21.65 -63.64
C MET A 148 -18.22 21.81 -62.28
N THR A 149 -16.89 21.96 -62.25
CA THR A 149 -16.21 22.20 -60.98
C THR A 149 -16.65 23.51 -60.36
N ALA A 150 -16.77 24.56 -61.17
CA ALA A 150 -17.26 25.84 -60.67
C ALA A 150 -18.72 25.75 -60.24
N SER A 151 -19.50 24.88 -60.89
CA SER A 151 -20.90 24.71 -60.51
C SER A 151 -21.02 24.17 -59.09
N GLY A 152 -20.15 23.22 -58.72
CA GLY A 152 -20.18 22.65 -57.40
C GLY A 152 -19.85 21.17 -57.38
N LEU A 153 -19.88 20.54 -58.54
CA LEU A 153 -19.55 19.12 -58.63
C LEU A 153 -18.07 18.90 -58.41
N HIS A 154 -17.74 17.78 -57.77
CA HIS A 154 -16.36 17.40 -57.50
C HIS A 154 -15.91 16.36 -58.51
N ILE A 155 -14.99 16.74 -59.39
CA ILE A 155 -14.49 15.83 -60.43
C ILE A 155 -13.00 15.64 -60.25
N ILE A 156 -12.22 16.72 -60.36
CA ILE A 156 -10.79 16.63 -60.12
C ILE A 156 -10.55 16.33 -58.66
N HIS A 157 -9.76 15.30 -58.39
CA HIS A 157 -9.80 14.64 -57.10
C HIS A 157 -8.46 14.55 -56.36
N SER A 158 -7.34 14.34 -57.05
CA SER A 158 -6.07 14.17 -56.36
C SER A 158 -5.05 15.18 -56.86
N LEU A 159 -3.96 15.30 -56.09
CA LEU A 159 -2.84 16.12 -56.51
C LEU A 159 -2.17 15.56 -57.75
N ASP A 160 -2.12 14.24 -57.88
CA ASP A 160 -1.60 13.63 -59.11
C ASP A 160 -2.48 13.99 -60.29
N GLU A 161 -3.80 13.96 -60.11
CA GLU A 161 -4.70 14.36 -61.18
C GLU A 161 -4.56 15.84 -61.49
N VAL A 162 -4.30 16.66 -60.46
CA VAL A 162 -4.05 18.09 -60.69
C VAL A 162 -2.80 18.28 -61.52
N ASN A 163 -1.73 17.53 -61.21
CA ASN A 163 -0.51 17.63 -61.99
C ASN A 163 -0.73 17.17 -63.42
N PHE A 164 -1.52 16.10 -63.62
CA PHE A 164 -1.84 15.66 -64.96
C PHE A 164 -2.62 16.73 -65.72
N ILE A 165 -3.56 17.40 -65.04
CA ILE A 165 -4.33 18.46 -65.68
C ILE A 165 -3.42 19.62 -66.07
N GLN A 166 -2.48 19.98 -65.19
CA GLN A 166 -1.54 21.05 -65.52
C GLN A 166 -0.67 20.67 -66.71
N ASN A 167 -0.20 19.42 -66.76
CA ASN A 167 0.59 18.96 -67.89
C ASN A 167 -0.22 18.99 -69.17
N LEU A 168 -1.49 18.59 -69.11
CA LEU A 168 -2.34 18.60 -70.29
C LEU A 168 -2.65 20.02 -70.73
N VAL A 169 -2.75 20.96 -69.78
CA VAL A 169 -2.90 22.37 -70.11
C VAL A 169 -1.67 22.88 -70.84
N PHE A 170 -0.48 22.50 -70.37
CA PHE A 170 0.75 22.86 -71.08
C PHE A 170 0.76 22.24 -72.47
N TYR A 171 0.27 21.01 -72.59
CA TYR A 171 0.19 20.33 -73.88
C TYR A 171 -0.73 21.07 -74.85
N ILE A 172 -1.89 21.55 -74.35
CA ILE A 172 -2.87 22.19 -75.22
C ILE A 172 -2.57 23.66 -75.49
N GLU A 173 -1.74 24.30 -74.66
CA GLU A 173 -1.45 25.72 -74.83
C GLU A 173 -0.75 26.04 -76.15
N ALA A 174 -0.17 25.04 -76.83
CA ALA A 174 0.52 25.25 -78.09
C ALA A 174 -0.38 24.97 -79.29
N ALA A 175 -1.69 25.17 -79.14
CA ALA A 175 -2.64 24.91 -80.21
C ALA A 175 -2.65 25.98 -81.28
N TYR A 176 -2.09 27.17 -81.02
CA TYR A 176 -2.15 28.27 -81.96
C TYR A 176 -1.08 28.21 -83.04
N LYS A 177 -0.16 27.23 -82.97
CA LYS A 177 0.89 27.11 -83.97
C LYS A 177 1.10 25.66 -84.40
N THR A 178 0.04 24.87 -84.41
CA THR A 178 0.12 23.47 -84.81
C THR A 178 -1.03 23.13 -85.74
N ALA A 179 -0.82 22.14 -86.59
CA ALA A 179 -1.82 21.67 -87.54
C ALA A 179 -2.73 20.65 -86.84
N ASP A 180 -4.01 20.67 -87.21
CA ASP A 180 -5.01 19.81 -86.59
C ASP A 180 -5.83 19.13 -87.69
N PHE A 181 -6.39 17.96 -87.33
CA PHE A 181 -7.28 17.25 -88.24
C PHE A 181 -8.70 17.79 -88.21
N GLY A 182 -9.01 18.70 -87.29
CA GLY A 182 -10.33 19.29 -87.22
C GLY A 182 -11.34 18.43 -86.49
N ILE A 183 -12.54 18.97 -86.37
CA ILE A 183 -13.63 18.25 -85.71
C ILE A 183 -14.06 17.05 -86.53
N TRP A 184 -14.06 17.19 -87.86
CA TRP A 184 -14.47 16.11 -88.75
C TRP A 184 -13.41 15.03 -88.92
N GLU A 185 -12.22 15.23 -88.35
CA GLU A 185 -11.13 14.25 -88.43
C GLU A 185 -10.75 13.94 -89.87
N ARG A 186 -10.83 14.94 -90.75
CA ARG A 186 -10.52 14.72 -92.17
C ARG A 186 -9.64 15.83 -92.74
N GLY A 187 -9.10 16.71 -91.90
CA GLY A 187 -8.27 17.80 -92.39
C GLY A 187 -9.08 18.74 -93.28
N ASP A 188 -8.52 19.02 -94.46
CA ASP A 188 -9.18 19.89 -95.42
C ASP A 188 -10.24 19.10 -96.19
N LYS A 189 -10.74 19.68 -97.28
CA LYS A 189 -11.78 19.02 -98.07
C LYS A 189 -11.30 17.68 -98.62
N THR A 190 -10.07 17.63 -99.12
CA THR A 190 -9.45 16.39 -99.56
C THR A 190 -8.60 15.85 -98.42
N ASN A 191 -8.86 14.61 -98.01
CA ASN A 191 -8.16 14.04 -96.88
C ASN A 191 -6.66 13.93 -97.17
N GLN A 192 -6.29 13.04 -98.09
CA GLN A 192 -4.92 12.89 -98.57
C GLN A 192 -3.90 12.81 -97.44
N GLY A 193 -4.32 12.42 -96.24
CA GLY A 193 -3.44 12.38 -95.09
C GLY A 193 -2.79 13.72 -94.76
N ILE A 194 -3.57 14.80 -94.79
CA ILE A 194 -3.06 16.14 -94.53
C ILE A 194 -3.89 16.77 -93.40
N SER A 195 -3.25 17.71 -92.70
CA SER A 195 -3.89 18.46 -91.63
C SER A 195 -3.57 19.93 -91.78
N GLU A 196 -4.46 20.78 -91.26
CA GLU A 196 -4.29 22.22 -91.37
C GLU A 196 -4.93 22.89 -90.16
N LEU A 197 -4.55 24.16 -89.95
CA LEU A 197 -5.04 24.92 -88.81
C LEU A 197 -6.55 25.14 -88.93
N ASN A 198 -7.23 25.13 -87.77
CA ASN A 198 -8.66 25.32 -87.70
C ASN A 198 -8.99 26.39 -86.67
N ALA A 199 -9.96 27.25 -86.99
CA ALA A 199 -10.34 28.32 -86.07
C ALA A 199 -11.00 27.77 -84.81
N SER A 200 -11.80 26.73 -84.95
CA SER A 200 -12.52 26.14 -83.83
C SER A 200 -11.55 25.68 -82.74
N VAL A 202 -8.30 26.52 -82.07
CA VAL A 202 -7.58 27.58 -81.37
C VAL A 202 -8.52 28.39 -80.49
N GLY A 203 -9.72 28.70 -81.00
CA GLY A 203 -10.66 29.48 -80.21
C GLY A 203 -11.11 28.75 -78.95
N MET A 204 -11.45 27.47 -79.09
CA MET A 204 -11.93 26.72 -77.94
C MET A 204 -10.79 26.43 -76.97
N ALA A 205 -9.56 26.28 -77.49
CA ALA A 205 -8.41 26.15 -76.60
C ALA A 205 -8.19 27.44 -75.81
N LYS A 206 -8.35 28.60 -76.46
CA LYS A 206 -8.27 29.86 -75.74
C LYS A 206 -9.33 29.95 -74.66
N ALA A 207 -10.56 29.52 -74.98
CA ALA A 207 -11.64 29.55 -73.99
C ALA A 207 -11.34 28.62 -72.82
N ALA A 208 -10.81 27.43 -73.10
CA ALA A 208 -10.46 26.50 -72.03
C ALA A 208 -9.35 27.07 -71.15
N LEU A 209 -8.36 27.72 -71.76
CA LEU A 209 -7.29 28.33 -70.97
C LEU A 209 -7.84 29.46 -70.10
N GLU A 210 -8.76 30.26 -70.65
CA GLU A 210 -9.35 31.35 -69.87
C GLU A 210 -10.19 30.82 -68.71
N ALA A 211 -10.92 29.73 -68.94
CA ALA A 211 -11.79 29.18 -67.90
C ALA A 211 -10.99 28.70 -66.70
N LEU A 212 -9.83 28.08 -66.94
CA LEU A 212 -9.00 27.52 -65.89
C LEU A 212 -7.88 28.46 -65.45
N ASP A 213 -8.11 29.77 -65.50
CA ASP A 213 -7.06 30.73 -65.17
C ASP A 213 -6.64 30.61 -63.72
N GLU A 214 -7.61 30.62 -62.79
CA GLU A 214 -7.31 30.53 -61.37
C GLU A 214 -8.32 29.65 -60.64
N LEU A 215 -8.88 28.65 -61.32
CA LEU A 215 -9.90 27.81 -60.72
C LEU A 215 -9.30 26.89 -59.66
N ASP A 216 -9.95 26.84 -58.50
CA ASP A 216 -9.60 25.91 -57.44
C ASP A 216 -10.41 24.63 -57.65
N LEU A 217 -9.74 23.58 -58.15
CA LEU A 217 -10.43 22.36 -58.54
C LEU A 217 -10.97 21.57 -57.36
N PHE A 218 -10.54 21.87 -56.13
CA PHE A 218 -10.99 21.16 -54.95
C PHE A 218 -12.22 21.79 -54.32
N GLY A 219 -12.76 22.85 -54.92
CA GLY A 219 -13.92 23.52 -54.36
C GLY A 219 -13.55 24.55 -53.31
N VAL A 220 -14.53 24.87 -52.46
CA VAL A 220 -14.31 25.86 -51.41
C VAL A 220 -13.30 25.36 -50.39
N LYS A 221 -13.19 24.05 -50.22
CA LYS A 221 -12.29 23.46 -49.23
C LYS A 221 -10.86 23.34 -49.74
N GLY A 222 -10.59 23.71 -50.98
CA GLY A 222 -9.25 23.57 -51.52
C GLY A 222 -8.30 24.62 -50.97
N GLY A 223 -7.00 24.32 -51.06
CA GLY A 223 -5.98 25.22 -50.61
C GLY A 223 -5.17 25.80 -51.75
N PRO A 224 -4.10 26.52 -51.41
CA PRO A 224 -3.26 27.12 -52.46
C PRO A 224 -2.53 26.09 -53.32
N GLN A 225 -2.40 24.85 -52.85
CA GLN A 225 -1.66 23.83 -53.58
C GLN A 225 -2.51 23.11 -54.63
N SER A 226 -3.79 23.44 -54.75
CA SER A 226 -4.67 22.76 -55.69
C SER A 226 -5.28 23.74 -56.68
N VAL A 227 -4.48 24.66 -57.20
CA VAL A 227 -4.93 25.66 -58.16
C VAL A 227 -4.18 25.45 -59.47
N ILE A 228 -4.75 25.93 -60.57
CA ILE A 228 -4.16 25.78 -61.89
C ILE A 228 -3.71 27.16 -62.37
N HIS A 229 -2.45 27.26 -62.80
CA HIS A 229 -1.89 28.51 -63.28
C HIS A 229 -1.75 28.46 -64.79
N VAL A 230 -2.38 29.42 -65.46
CA VAL A 230 -2.34 29.53 -66.92
C VAL A 230 -1.85 30.92 -67.28
N LEU A 231 -0.87 31.01 -68.17
CA LEU A 231 -0.35 32.30 -68.57
C LEU A 231 -1.33 33.00 -69.51
N ALA A 232 -1.16 34.31 -69.64
CA ALA A 232 -2.06 35.12 -70.46
C ALA A 232 -1.53 35.34 -71.87
N ASP A 233 -0.24 35.11 -72.11
CA ASP A 233 0.31 35.34 -73.44
C ASP A 233 -0.30 34.41 -74.49
N GLU A 234 -0.47 33.13 -74.14
CA GLU A 234 -1.06 32.18 -75.08
C GLU A 234 -2.51 32.54 -75.38
N VAL A 235 -3.26 32.98 -74.37
CA VAL A 235 -4.65 33.35 -74.59
C VAL A 235 -4.74 34.53 -75.55
N GLN A 236 -3.89 35.54 -75.36
CA GLN A 236 -3.90 36.70 -76.24
C GLN A 236 -3.46 36.32 -77.64
N HIS A 237 -2.47 35.45 -77.77
CA HIS A 237 -2.05 34.99 -79.10
C HIS A 237 -3.18 34.24 -79.80
N CYS A 238 -3.91 33.41 -79.05
CA CYS A 238 -5.05 32.71 -79.63
C CYS A 238 -6.15 33.68 -80.04
N GLN A 239 -6.39 34.70 -79.23
CA GLN A 239 -7.36 35.73 -79.58
C GLN A 239 -6.95 36.44 -80.88
N ILE A 241 -4.92 35.22 -83.34
CA ILE A 241 -5.02 34.33 -84.50
C ILE A 241 -6.49 34.14 -84.86
N LEU A 242 -7.37 34.12 -83.86
CA LEU A 242 -8.79 34.05 -84.15
C LEU A 242 -9.28 35.29 -84.87
N ASN A 243 -8.84 36.47 -84.42
CA ASN A 243 -9.25 37.71 -85.07
C ASN A 243 -8.73 37.80 -86.50
N SER A 244 -7.48 37.40 -86.72
CA SER A 244 -6.87 37.47 -88.04
C SER A 244 -7.24 36.29 -88.93
N LEU A 245 -7.89 35.27 -88.40
CA LEU A 245 -8.24 34.08 -89.18
C LEU A 245 -9.76 33.89 -89.26
N LEU A 246 -10.55 34.89 -88.86
CA LEU A 246 -11.98 34.70 -88.95
C LEU A 246 -12.66 35.69 -89.90
N PRO A 247 -12.25 35.77 -91.17
CA PRO A 247 -13.20 36.16 -92.22
C PRO A 247 -13.76 34.96 -92.96
N ARG A 248 -13.23 33.77 -92.67
CA ARG A 248 -13.62 32.52 -93.32
C ARG A 248 -13.47 31.40 -92.29
N ALA A 249 -13.47 30.16 -92.78
CA ALA A 249 -13.31 29.01 -91.88
C ALA A 249 -11.84 28.75 -91.57
N SER A 250 -11.04 28.46 -92.61
CA SER A 250 -9.62 28.18 -92.44
C SER A 250 -8.90 28.61 -93.71
N THR A 251 -7.65 28.15 -93.85
CA THR A 251 -6.87 28.50 -95.04
C THR A 251 -7.45 27.87 -96.31
N SER A 252 -8.01 26.67 -96.23
CA SER A 252 -8.55 25.98 -97.39
C SER A 252 -10.07 26.00 -97.45
N LYS A 253 -10.75 26.11 -96.32
CA LYS A 253 -12.21 26.10 -96.29
C LYS A 253 -12.72 27.53 -96.24
N GLU A 254 -13.56 27.90 -97.20
CA GLU A 254 -14.12 29.24 -97.24
C GLU A 254 -15.11 29.47 -96.10
N VAL A 255 -15.88 28.45 -95.75
CA VAL A 255 -16.85 28.56 -94.65
C VAL A 255 -17.13 27.16 -94.12
N ASP A 256 -17.21 27.05 -92.80
CA ASP A 256 -17.51 25.78 -92.13
C ASP A 256 -18.58 26.02 -91.08
N ALA A 257 -19.55 25.10 -91.03
CA ALA A 257 -20.68 25.26 -90.12
C ALA A 257 -20.29 25.10 -88.65
N SER A 258 -19.16 24.46 -88.35
CA SER A 258 -18.74 24.30 -86.96
C SER A 258 -18.27 25.60 -86.34
N LEU A 259 -18.13 26.66 -87.13
CA LEU A 259 -17.73 27.96 -86.59
C LEU A 259 -18.76 28.51 -85.61
N LEU A 260 -19.99 27.99 -85.63
CA LEU A 260 -20.98 28.40 -84.65
C LEU A 260 -20.55 28.05 -83.23
N SER A 261 -19.93 26.88 -83.05
CA SER A 261 -19.50 26.44 -81.73
C SER A 261 -18.45 27.34 -81.11
N VAL A 262 -18.02 28.39 -81.80
CA VAL A 262 -17.04 29.34 -81.27
C VAL A 262 -17.75 30.65 -80.97
N VAL A 263 -18.83 30.93 -81.70
CA VAL A 263 -19.54 32.20 -81.60
C VAL A 263 -20.94 31.98 -81.04
N SER A 264 -21.11 30.95 -80.22
CA SER A 264 -22.40 30.62 -79.63
C SER A 264 -22.16 30.15 -78.20
N PHE A 265 -23.16 29.50 -77.62
CA PHE A 265 -23.08 29.04 -76.23
C PHE A 265 -21.84 28.19 -75.95
N PRO A 266 -21.41 27.27 -76.82
CA PRO A 266 -20.14 26.58 -76.57
C PRO A 266 -18.99 27.57 -76.44
N ALA A 267 -18.47 27.71 -75.23
CA ALA A 267 -17.22 28.36 -74.85
C ALA A 267 -17.21 29.87 -75.07
N PHE A 268 -18.21 30.45 -75.75
CA PHE A 268 -18.32 31.88 -75.98
C PHE A 268 -16.98 32.56 -76.27
N ALA A 269 -16.15 31.93 -77.10
CA ALA A 269 -14.78 32.41 -77.33
C ALA A 269 -14.72 33.28 -78.58
N VAL A 270 -15.30 34.48 -78.44
CA VAL A 270 -15.31 35.45 -79.53
C VAL A 270 -15.63 36.84 -79.00
N GLU A 271 -15.07 37.87 -79.62
CA GLU A 271 -15.41 39.25 -79.32
C GLU A 271 -15.82 39.96 -80.61
N ASP A 272 -16.02 41.28 -80.54
CA ASP A 272 -16.38 42.08 -81.70
C ASP A 272 -17.66 41.56 -82.35
N SER A 273 -18.75 41.71 -81.59
CA SER A 273 -20.07 41.17 -81.93
C SER A 273 -20.46 41.37 -83.39
N GLN A 274 -19.98 42.44 -84.02
CA GLN A 274 -20.25 42.64 -85.44
C GLN A 274 -19.66 41.51 -86.27
N LEU A 275 -18.47 41.02 -85.89
CA LEU A 275 -17.89 39.87 -86.57
C LEU A 275 -18.76 38.63 -86.39
N VAL A 276 -19.31 38.46 -85.19
CA VAL A 276 -20.20 37.33 -84.94
C VAL A 276 -21.43 37.41 -85.84
N GLU A 277 -22.03 38.60 -85.93
CA GLU A 277 -23.20 38.78 -86.79
C GLU A 277 -22.86 38.53 -88.25
N LEU A 278 -21.71 39.02 -88.70
CA LEU A 278 -21.30 38.80 -90.09
C LEU A 278 -21.10 37.30 -90.37
N THR A 279 -20.46 36.60 -89.43
CA THR A 279 -20.24 35.16 -89.61
C THR A 279 -21.57 34.40 -89.65
N LYS A 280 -22.50 34.76 -88.76
CA LYS A 280 -23.80 34.12 -88.75
C LYS A 280 -24.54 34.37 -90.05
N GLN A 281 -24.49 35.61 -90.56
CA GLN A 281 -25.13 35.91 -91.83
C GLN A 281 -24.51 35.11 -92.97
N GLU A 282 -23.18 35.02 -92.98
CA GLU A 282 -22.51 34.27 -94.04
C GLU A 282 -22.88 32.79 -94.01
N ILE A 283 -22.88 32.18 -92.83
CA ILE A 283 -23.20 30.76 -92.75
C ILE A 283 -24.67 30.51 -93.08
N ILE A 284 -25.54 31.44 -92.69
CA ILE A 284 -26.95 31.33 -93.05
C ILE A 284 -27.13 31.40 -94.56
N THR A 285 -26.42 32.33 -95.20
CA THR A 285 -26.57 32.50 -96.65
C THR A 285 -25.99 31.31 -97.41
N LYS A 286 -24.86 30.76 -96.95
CA LYS A 286 -24.13 29.79 -97.75
C LYS A 286 -24.33 28.34 -97.32
N LEU A 287 -25.03 28.08 -96.21
CA LEU A 287 -25.16 26.71 -95.71
C LEU A 287 -26.58 26.27 -95.39
N GLN A 288 -27.50 27.20 -95.12
CA GLN A 288 -28.83 26.80 -94.68
C GLN A 288 -29.59 26.07 -95.78
N GLY A 289 -30.40 25.10 -95.38
CA GLY A 289 -31.22 24.35 -96.31
C GLY A 289 -32.58 24.02 -95.73
N ARG A 290 -33.30 23.09 -96.37
CA ARG A 290 -34.63 22.72 -95.91
C ARG A 290 -34.61 21.72 -94.75
N TYR A 291 -33.47 21.08 -94.49
CA TYR A 291 -33.36 20.10 -93.41
C TYR A 291 -32.08 20.34 -92.61
N GLY A 292 -31.78 21.59 -92.31
CA GLY A 292 -30.59 21.95 -91.57
C GLY A 292 -29.54 22.57 -92.48
N CYS A 293 -28.35 22.73 -91.90
CA CYS A 293 -27.21 23.32 -92.60
C CYS A 293 -26.14 22.28 -92.85
N CYS A 294 -25.51 22.35 -94.02
CA CYS A 294 -24.46 21.42 -94.37
C CYS A 294 -23.20 21.70 -93.55
N ARG A 295 -22.35 20.67 -93.42
CA ARG A 295 -21.13 20.82 -92.64
C ARG A 295 -20.21 21.87 -93.27
N PHE A 296 -19.93 21.73 -94.56
CA PHE A 296 -19.12 22.70 -95.30
C PHE A 296 -19.28 22.40 -96.79
N LEU A 297 -18.87 23.37 -97.61
CA LEU A 297 -18.98 23.22 -99.06
C LEU A 297 -18.05 22.13 -99.56
N ARG A 298 -18.52 21.38 -100.56
CA ARG A 298 -17.75 20.35 -101.24
C ARG A 298 -17.27 19.28 -100.24
N ASP A 299 -18.23 18.58 -99.65
CA ASP A 299 -17.95 17.45 -98.76
C ASP A 299 -18.58 16.20 -99.33
N GLY A 300 -17.84 15.09 -99.28
CA GLY A 300 -18.28 13.82 -99.85
C GLY A 300 -18.77 12.81 -98.84
N TYR A 301 -19.13 13.22 -97.63
CA TYR A 301 -19.61 12.28 -96.63
C TYR A 301 -21.05 11.89 -96.90
N LYS A 302 -21.32 10.59 -96.90
CA LYS A 302 -22.66 10.04 -97.08
C LYS A 302 -23.29 10.49 -98.40
N THR A 303 -22.65 10.07 -99.49
CA THR A 303 -23.08 10.36 -100.84
C THR A 303 -23.29 9.06 -101.61
N PRO A 304 -24.14 9.07 -102.64
CA PRO A 304 -24.40 7.84 -103.40
C PRO A 304 -23.30 7.44 -104.36
N LYS A 305 -22.10 7.98 -104.21
CA LYS A 305 -21.04 7.84 -105.20
C LYS A 305 -19.71 7.78 -104.44
N GLU A 306 -18.61 8.05 -105.16
CA GLU A 306 -17.23 8.09 -104.64
C GLU A 306 -16.89 6.87 -103.80
N ASP A 307 -17.51 5.72 -104.09
CA ASP A 307 -17.14 4.44 -103.49
C ASP A 307 -17.09 4.52 -101.97
N PRO A 308 -18.24 4.54 -101.28
CA PRO A 308 -18.26 4.73 -99.82
C PRO A 308 -17.28 3.87 -99.04
N ASN A 309 -16.88 2.73 -99.60
CA ASN A 309 -15.87 1.87 -98.98
C ASN A 309 -14.47 2.23 -99.49
N ARG A 310 -14.14 3.51 -99.35
CA ARG A 310 -12.84 4.02 -99.77
C ARG A 310 -12.48 5.24 -98.95
N LEU A 311 -11.18 5.56 -98.96
CA LEU A 311 -10.65 6.71 -98.22
C LEU A 311 -9.62 7.41 -99.10
N TYR A 312 -9.21 8.61 -98.64
CA TYR A 312 -8.20 9.41 -99.32
C TYR A 312 -8.63 9.73 -100.76
N TYR A 313 -9.70 10.51 -100.86
CA TYR A 313 -10.30 10.82 -102.15
C TYR A 313 -9.32 11.56 -103.05
N GLU A 314 -9.28 11.17 -104.32
CA GLU A 314 -8.48 11.88 -105.31
C GLU A 314 -9.13 13.22 -105.66
N PRO A 315 -8.34 14.20 -106.08
CA PRO A 315 -8.91 15.52 -106.39
C PRO A 315 -9.70 15.54 -107.69
N ALA A 316 -10.96 15.09 -107.63
CA ALA A 316 -11.86 15.15 -108.79
C ALA A 316 -13.27 15.54 -108.39
N GLU A 317 -13.42 16.56 -107.53
CA GLU A 317 -14.69 16.91 -106.89
C GLU A 317 -15.28 18.20 -107.45
N LEU A 318 -15.22 18.38 -108.76
CA LEU A 318 -15.73 19.61 -109.37
C LEU A 318 -17.22 19.77 -109.14
N LYS A 319 -17.99 18.67 -109.28
CA LYS A 319 -19.43 18.74 -109.12
C LYS A 319 -20.02 17.58 -108.33
N LEU A 320 -19.27 16.49 -108.13
CA LEU A 320 -19.84 15.27 -107.57
C LEU A 320 -20.45 15.51 -106.19
N PHE A 321 -19.90 16.46 -105.42
CA PHE A 321 -20.44 16.81 -104.12
C PHE A 321 -21.05 18.21 -104.09
N GLU A 322 -20.91 18.97 -105.16
CA GLU A 322 -21.43 20.33 -105.21
C GLU A 322 -22.95 20.30 -105.32
N ASN A 323 -23.61 21.09 -104.49
CA ASN A 323 -25.06 21.29 -104.43
C ASN A 323 -25.80 20.01 -104.03
N ILE A 324 -25.12 19.01 -103.48
CA ILE A 324 -25.77 17.76 -103.10
C ILE A 324 -25.35 17.39 -101.68
N GLU A 325 -24.70 18.34 -100.98
CA GLU A 325 -24.21 18.08 -99.65
C GLU A 325 -25.35 17.81 -98.68
N CYS A 326 -25.08 16.91 -97.73
CA CYS A 326 -26.07 16.58 -96.70
C CYS A 326 -26.17 17.71 -95.68
N GLU A 327 -27.30 17.73 -94.98
CA GLU A 327 -27.60 18.78 -94.02
C GLU A 327 -27.80 18.20 -92.63
N TRP A 328 -27.26 18.88 -91.62
CA TRP A 328 -27.28 18.41 -90.25
C TRP A 328 -28.12 19.34 -89.39
N PRO A 329 -29.17 18.85 -88.73
CA PRO A 329 -29.95 19.72 -87.82
C PRO A 329 -29.23 20.04 -86.54
N LEU A 330 -28.03 19.49 -86.30
CA LEU A 330 -27.26 19.82 -85.12
C LEU A 330 -26.91 21.30 -85.10
N PHE A 331 -26.59 21.87 -86.26
CA PHE A 331 -26.34 23.31 -86.33
C PHE A 331 -27.62 24.11 -86.13
N TRP A 332 -28.78 23.55 -86.51
CA TRP A 332 -30.04 24.19 -86.15
C TRP A 332 -30.22 24.25 -84.64
N THR A 333 -29.91 23.15 -83.95
CA THR A 333 -29.97 23.16 -82.49
C THR A 333 -28.98 24.15 -81.90
N TYR A 334 -27.79 24.25 -82.50
CA TYR A 334 -26.84 25.27 -82.08
C TYR A 334 -27.42 26.67 -82.24
N PHE A 335 -28.13 26.90 -83.34
CA PHE A 335 -28.77 28.20 -83.56
C PHE A 335 -29.83 28.48 -82.50
N ILE A 336 -30.64 27.49 -82.14
CA ILE A 336 -31.66 27.72 -81.12
C ILE A 336 -31.01 27.99 -79.77
N LEU A 337 -29.89 27.32 -79.48
CA LEU A 337 -29.18 27.58 -78.24
C LEU A 337 -28.63 29.00 -78.21
N ASP A 338 -28.01 29.44 -79.32
CA ASP A 338 -27.47 30.79 -79.39
C ASP A 338 -28.57 31.83 -79.25
N GLY A 339 -29.72 31.60 -79.90
CA GLY A 339 -30.82 32.54 -79.78
C GLY A 339 -31.38 32.61 -78.37
N VAL A 340 -31.60 31.45 -77.75
CA VAL A 340 -32.17 31.41 -76.41
C VAL A 340 -31.20 31.88 -75.33
N PHE A 341 -29.90 31.93 -75.64
CA PHE A 341 -28.94 32.32 -74.60
C PHE A 341 -28.85 33.84 -74.45
N SER A 342 -28.38 34.53 -75.49
CA SER A 342 -28.03 35.95 -75.34
C SER A 342 -29.24 36.85 -75.09
N GLY A 343 -30.05 37.09 -76.12
CA GLY A 343 -31.20 37.96 -75.95
C GLY A 343 -32.41 37.69 -76.83
N ASN A 344 -32.39 36.62 -77.60
CA ASN A 344 -33.34 36.42 -78.69
C ASN A 344 -34.50 35.53 -78.23
N ALA A 345 -35.72 35.89 -78.64
CA ALA A 345 -36.91 35.11 -78.34
C ALA A 345 -37.65 34.66 -79.58
N GLU A 346 -37.82 35.54 -80.57
CA GLU A 346 -38.54 35.17 -81.78
C GLU A 346 -37.72 34.24 -82.66
N GLN A 347 -36.39 34.41 -82.66
CA GLN A 347 -35.53 33.49 -83.39
C GLN A 347 -35.63 32.08 -82.84
N VAL A 348 -35.69 31.94 -81.52
CA VAL A 348 -35.86 30.63 -80.91
C VAL A 348 -37.16 29.99 -81.35
N GLN A 349 -38.24 30.77 -81.35
CA GLN A 349 -39.55 30.24 -81.74
C GLN A 349 -39.54 29.78 -83.19
N GLU A 350 -39.01 30.62 -84.09
CA GLU A 350 -39.00 30.25 -85.50
C GLU A 350 -38.11 29.04 -85.76
N TYR A 351 -36.97 28.96 -85.09
CA TYR A 351 -36.07 27.83 -85.30
C TYR A 351 -36.64 26.54 -84.71
N LYS A 352 -37.33 26.64 -83.57
CA LYS A 352 -38.00 25.47 -83.02
C LYS A 352 -39.12 24.99 -83.93
N GLU A 353 -39.88 25.93 -84.51
CA GLU A 353 -40.92 25.54 -85.46
C GLU A 353 -40.32 24.86 -86.68
N ALA A 354 -39.19 25.39 -87.18
CA ALA A 354 -38.53 24.75 -88.33
C ALA A 354 -38.01 23.36 -87.97
N LEU A 355 -37.45 23.21 -86.77
CA LEU A 355 -36.83 21.95 -86.39
C LEU A 355 -37.85 20.87 -86.07
N GLU A 356 -39.04 21.28 -85.59
CA GLU A 356 -40.05 20.28 -85.23
C GLU A 356 -40.49 19.46 -86.44
N ALA A 357 -40.41 20.03 -87.64
CA ALA A 357 -40.85 19.33 -88.84
C ALA A 357 -39.84 18.27 -89.28
N VAL A 358 -38.55 18.49 -89.05
CA VAL A 358 -37.51 17.60 -89.56
C VAL A 358 -37.28 16.45 -88.59
N LEU A 359 -37.93 16.50 -87.43
CA LEU A 359 -37.81 15.44 -86.43
C LEU A 359 -38.56 14.19 -86.89
N ILE A 360 -38.02 13.04 -86.50
CA ILE A 360 -38.59 11.74 -86.85
C ILE A 360 -38.96 11.01 -85.56
N LYS A 361 -40.17 10.47 -85.52
CA LYS A 361 -40.65 9.79 -84.32
C LYS A 361 -39.94 8.45 -84.14
N GLY A 362 -39.91 7.97 -82.91
CA GLY A 362 -39.29 6.70 -82.59
C GLY A 362 -40.20 5.76 -81.83
N LYS A 363 -39.61 4.89 -81.01
CA LYS A 363 -40.40 3.95 -80.22
C LYS A 363 -41.24 4.69 -79.19
N ASN A 364 -42.50 4.27 -79.06
CA ASN A 364 -43.45 4.88 -78.13
C ASN A 364 -43.62 6.37 -78.41
N GLY A 365 -43.47 6.78 -79.66
CA GLY A 365 -43.63 8.18 -80.02
C GLY A 365 -42.62 9.11 -79.40
N VAL A 366 -41.35 8.69 -79.33
CA VAL A 366 -40.28 9.49 -78.76
C VAL A 366 -39.65 10.31 -79.89
N PRO A 367 -39.35 11.59 -79.67
CA PRO A 367 -38.63 12.35 -80.69
C PRO A 367 -37.20 11.87 -80.84
N LEU A 368 -36.75 11.77 -82.08
CA LEU A 368 -35.38 11.38 -82.41
C LEU A 368 -34.83 12.29 -83.49
N LEU A 369 -33.56 12.65 -83.36
CA LEU A 369 -32.93 13.56 -84.30
C LEU A 369 -32.01 12.78 -85.22
N PRO A 370 -32.31 12.66 -86.51
CA PRO A 370 -31.42 11.93 -87.41
C PRO A 370 -30.08 12.64 -87.59
N GLU A 371 -29.06 11.85 -87.89
CA GLU A 371 -27.72 12.41 -88.04
C GLU A 371 -27.64 13.39 -89.20
N LEU A 372 -28.19 13.01 -90.35
CA LEU A 372 -28.11 13.85 -91.55
C LEU A 372 -29.13 13.36 -92.56
N TYR A 373 -29.46 14.22 -93.50
CA TYR A 373 -30.37 13.89 -94.59
C TYR A 373 -29.62 13.79 -95.91
N VAL A 375 -29.52 13.02 -100.23
CA VAL A 375 -30.27 13.12 -101.48
C VAL A 375 -30.34 11.75 -102.16
N PRO A 376 -31.53 11.35 -102.59
CA PRO A 376 -31.68 10.08 -103.31
C PRO A 376 -30.84 10.07 -104.58
N PRO A 377 -30.26 8.92 -104.93
CA PRO A 377 -29.41 8.87 -106.13
C PRO A 377 -30.15 9.21 -107.42
N ASP A 378 -31.44 8.89 -107.51
CA ASP A 378 -32.19 9.16 -108.74
C ASP A 378 -32.34 10.65 -108.99
N ARG A 379 -32.62 11.42 -107.94
CA ARG A 379 -32.88 12.85 -108.09
C ARG A 379 -31.62 13.66 -107.76
N VAL A 380 -30.61 13.49 -108.61
CA VAL A 380 -29.36 14.24 -108.50
C VAL A 380 -29.30 15.38 -109.50
N ASP A 381 -29.67 15.12 -110.76
CA ASP A 381 -29.65 16.16 -111.78
C ASP A 381 -30.67 17.25 -111.46
N GLU A 382 -31.83 16.86 -110.93
CA GLU A 382 -32.84 17.84 -110.56
C GLU A 382 -32.32 18.77 -109.45
N GLU A 383 -31.64 18.21 -108.45
CA GLU A 383 -31.06 19.03 -107.40
C GLU A 383 -29.95 19.92 -107.93
N TYR A 384 -29.14 19.39 -108.86
CA TYR A 384 -28.07 20.20 -109.44
C TYR A 384 -28.62 21.38 -110.21
N GLN A 385 -29.63 21.15 -111.07
CA GLN A 385 -30.21 22.23 -111.84
C GLN A 385 -31.13 23.11 -111.00
N ASN A 386 -31.79 22.53 -110.00
CA ASN A 386 -32.70 23.25 -109.11
C ASN A 386 -32.27 23.01 -107.67
N PRO A 387 -31.39 23.83 -107.12
CA PRO A 387 -30.90 23.60 -105.76
C PRO A 387 -32.00 23.72 -104.72
N HIS A 388 -31.90 22.90 -103.69
CA HIS A 388 -32.81 22.92 -102.54
C HIS A 388 -34.27 22.77 -102.98
N THR A 389 -34.51 21.80 -103.87
CA THR A 389 -35.86 21.54 -104.35
C THR A 389 -36.27 20.10 -104.12
N VAL A 390 -35.33 19.16 -104.23
CA VAL A 390 -35.61 17.74 -104.05
C VAL A 390 -35.79 17.44 -102.57
N ASP A 391 -36.33 16.27 -102.26
CA ASP A 391 -36.58 15.85 -100.89
C ASP A 391 -35.57 14.78 -100.49
N ARG A 392 -34.95 14.95 -99.33
CA ARG A 392 -33.94 14.02 -98.85
C ARG A 392 -34.58 12.96 -97.96
N VAL A 393 -33.76 12.02 -97.51
CA VAL A 393 -34.24 10.91 -96.68
C VAL A 393 -33.34 10.79 -95.46
N PRO A 394 -33.89 10.32 -94.34
CA PRO A 394 -33.08 10.16 -93.13
C PRO A 394 -31.97 9.13 -93.35
N MET A 395 -30.82 9.37 -92.72
CA MET A 395 -29.69 8.48 -92.84
C MET A 395 -28.72 8.77 -91.70
N GLY A 396 -27.77 7.85 -91.51
CA GLY A 396 -26.84 7.96 -90.40
C GLY A 396 -27.43 7.40 -89.12
N LYS A 397 -26.76 7.71 -88.02
CA LYS A 397 -27.23 7.27 -86.70
C LYS A 397 -28.55 7.93 -86.36
N LEU A 398 -29.63 7.15 -86.31
CA LEU A 398 -30.93 7.70 -85.96
C LEU A 398 -30.97 8.30 -84.55
N PRO A 399 -30.48 7.61 -83.50
CA PRO A 399 -30.43 8.28 -82.18
C PRO A 399 -29.12 9.01 -81.95
N HIS A 400 -28.96 10.14 -82.65
CA HIS A 400 -27.74 10.94 -82.52
C HIS A 400 -27.65 11.54 -81.12
N MET A 401 -26.69 11.06 -80.32
CA MET A 401 -26.58 11.52 -78.94
C MET A 401 -26.27 13.00 -78.85
N TRP A 402 -25.35 13.49 -79.69
CA TRP A 402 -24.97 14.89 -79.65
C TRP A 402 -26.15 15.80 -79.97
N GLY A 403 -26.82 15.55 -81.09
CA GLY A 403 -27.93 16.39 -81.49
C GLY A 403 -29.11 16.30 -80.55
N GLN A 404 -29.44 15.08 -80.11
CA GLN A 404 -30.56 14.90 -79.20
C GLN A 404 -30.29 15.59 -77.86
N SER A 405 -29.08 15.45 -77.34
CA SER A 405 -28.74 16.12 -76.08
C SER A 405 -28.79 17.63 -76.21
N LEU A 406 -28.26 18.16 -77.31
CA LEU A 406 -28.30 19.61 -77.53
C LEU A 406 -29.73 20.10 -77.65
N TYR A 407 -30.58 19.37 -78.38
CA TYR A 407 -31.97 19.76 -78.52
C TYR A 407 -32.71 19.71 -77.18
N ILE A 408 -32.44 18.68 -76.38
CA ILE A 408 -33.08 18.57 -75.07
C ILE A 408 -32.66 19.73 -74.18
N LEU A 409 -31.37 20.07 -74.17
CA LEU A 409 -30.90 21.19 -73.38
C LEU A 409 -31.53 22.50 -73.84
N GLY A 410 -31.60 22.70 -75.15
CA GLY A 410 -32.22 23.92 -75.67
C GLY A 410 -33.70 24.02 -75.30
N SER A 411 -34.43 22.92 -75.41
CA SER A 411 -35.84 22.93 -75.02
C SER A 411 -36.00 23.20 -73.53
N LEU A 412 -35.13 22.61 -72.70
CA LEU A 412 -35.20 22.85 -71.26
C LEU A 412 -34.94 24.32 -70.93
N MET A 413 -33.94 24.92 -71.59
CA MET A 413 -33.65 26.33 -71.34
C MET A 413 -34.78 27.22 -71.85
N ALA A 414 -35.38 26.88 -72.99
CA ALA A 414 -36.45 27.70 -73.55
C ALA A 414 -37.71 27.62 -72.69
N GLU A 415 -37.97 26.45 -72.09
CA GLU A 415 -39.17 26.29 -71.28
C GLU A 415 -39.11 27.08 -69.98
N GLY A 416 -37.93 27.62 -69.63
CA GLY A 416 -37.78 28.42 -68.43
C GLY A 416 -37.38 27.64 -67.19
N PHE A 417 -37.29 26.31 -67.26
CA PHE A 417 -36.88 25.52 -66.11
C PHE A 417 -35.42 25.75 -65.76
N LEU A 418 -34.62 26.30 -66.67
CA LEU A 418 -33.21 26.54 -66.44
C LEU A 418 -32.86 27.95 -66.87
N ALA A 419 -31.84 28.51 -66.23
CA ALA A 419 -31.38 29.87 -66.49
C ALA A 419 -30.02 29.86 -67.17
N PRO A 420 -29.71 30.88 -67.98
CA PRO A 420 -28.39 30.94 -68.61
C PRO A 420 -27.24 31.01 -67.62
N GLY A 421 -27.48 31.53 -66.42
CA GLY A 421 -26.45 31.64 -65.41
C GLY A 421 -26.13 30.37 -64.67
N GLU A 422 -26.88 29.29 -64.89
CA GLU A 422 -26.62 28.02 -64.25
C GLU A 422 -25.57 27.20 -64.99
N ILE A 423 -25.72 27.07 -66.31
CA ILE A 423 -24.72 26.37 -67.12
C ILE A 423 -23.43 27.15 -67.25
N ASP A 424 -23.46 28.45 -67.00
CA ASP A 424 -22.28 29.32 -67.15
C ASP A 424 -22.05 30.09 -65.86
N PRO A 425 -21.54 29.42 -64.82
CA PRO A 425 -21.21 30.14 -63.58
C PRO A 425 -20.02 31.05 -63.71
N LEU A 426 -19.20 30.90 -64.76
CA LEU A 426 -18.03 31.74 -64.96
C LEU A 426 -18.36 33.06 -65.63
N ASN A 427 -19.63 33.30 -65.97
CA ASN A 427 -20.08 34.55 -66.58
C ASN A 427 -19.33 34.83 -67.89
N ARG A 428 -19.35 33.85 -68.79
CA ARG A 428 -18.78 34.00 -70.12
C ARG A 428 -19.75 34.60 -71.12
N ARG A 429 -21.00 34.88 -70.70
CA ARG A 429 -21.98 35.47 -71.60
C ARG A 429 -21.60 36.91 -71.97
N PHE A 430 -20.91 37.61 -71.08
CA PHE A 430 -20.56 39.01 -71.30
C PHE A 430 -19.18 39.19 -71.93
N SER A 431 -18.72 38.20 -72.70
CA SER A 431 -17.43 38.32 -73.37
C SER A 431 -17.43 39.36 -74.48
N THR A 432 -18.61 39.75 -74.97
CA THR A 432 -18.73 40.73 -76.04
C THR A 432 -18.90 42.15 -75.52
N VAL A 433 -18.90 42.36 -74.21
CA VAL A 433 -19.03 43.71 -73.65
C VAL A 433 -17.78 44.51 -73.99
N PRO A 434 -17.91 45.70 -74.57
CA PRO A 434 -16.72 46.50 -74.89
C PRO A 434 -15.93 46.87 -73.64
N LYS A 435 -14.61 46.92 -73.78
CA LYS A 435 -13.74 47.27 -72.67
C LYS A 435 -13.51 48.79 -72.66
N PRO A 436 -13.82 49.48 -71.56
CA PRO A 436 -13.75 50.94 -71.55
C PRO A 436 -12.35 51.49 -71.78
N ASP A 437 -11.39 51.11 -70.94
CA ASP A 437 -10.04 51.63 -71.00
C ASP A 437 -9.19 50.89 -69.97
N VAL A 438 -7.90 51.18 -69.98
CA VAL A 438 -6.95 50.63 -69.02
C VAL A 438 -5.79 51.60 -68.87
N VAL A 439 -5.30 51.75 -67.63
CA VAL A 439 -4.17 52.62 -67.31
C VAL A 439 -2.98 51.76 -66.94
N VAL A 440 -1.85 52.01 -67.56
CA VAL A 440 -0.63 51.25 -67.34
C VAL A 440 0.33 52.08 -66.50
N GLN A 441 0.88 51.48 -65.45
CA GLN A 441 1.83 52.14 -64.56
C GLN A 441 3.24 51.67 -64.88
N VAL A 442 4.17 52.62 -64.94
CA VAL A 442 5.57 52.35 -65.24
C VAL A 442 6.41 52.84 -64.07
N SER A 443 7.58 52.22 -63.89
CA SER A 443 8.53 52.61 -62.85
C SER A 443 9.92 52.63 -63.45
N ILE A 444 10.69 53.68 -63.15
CA ILE A 444 12.03 53.87 -63.68
C ILE A 444 13.01 53.69 -62.54
N LEU A 445 13.99 52.80 -62.72
CA LEU A 445 14.98 52.49 -61.71
C LEU A 445 16.38 52.72 -62.28
N ALA A 446 17.30 53.15 -61.40
CA ALA A 446 18.68 53.40 -61.76
C ALA A 446 19.57 52.33 -61.15
N GLU A 447 20.50 51.80 -61.94
CA GLU A 447 21.37 50.73 -61.45
C GLU A 447 22.36 51.26 -60.42
N THR A 448 22.95 52.42 -60.67
CA THR A 448 24.01 52.96 -59.82
C THR A 448 23.63 54.35 -59.36
N GLU A 449 24.47 54.92 -58.48
CA GLU A 449 24.21 56.24 -57.94
C GLU A 449 24.41 57.33 -58.98
N GLU A 450 25.37 57.13 -59.89
CA GLU A 450 25.65 58.15 -60.91
C GLU A 450 24.45 58.36 -61.83
N ILE A 451 23.79 57.27 -62.23
CA ILE A 451 22.61 57.38 -63.09
C ILE A 451 21.50 58.14 -62.37
N LYS A 452 21.26 57.80 -61.10
CA LYS A 452 20.21 58.48 -60.34
C LYS A 452 20.52 59.96 -60.19
N THR A 453 21.78 60.30 -59.93
CA THR A 453 22.17 61.70 -59.85
C THR A 453 21.98 62.41 -61.18
N ILE A 454 22.27 61.73 -62.29
CA ILE A 454 22.10 62.33 -63.61
C ILE A 454 20.63 62.64 -63.87
N LEU A 455 19.74 61.69 -63.57
CA LEU A 455 18.32 61.94 -63.79
C LEU A 455 17.78 62.98 -62.81
N LYS A 456 18.35 63.05 -61.60
CA LYS A 456 17.97 64.10 -60.66
C LYS A 456 18.35 65.47 -61.22
N ASP A 457 19.54 65.58 -61.82
CA ASP A 457 19.93 66.83 -62.45
C ASP A 457 19.02 67.21 -63.60
N LYS A 458 18.45 66.22 -64.29
CA LYS A 458 17.56 66.45 -65.41
C LYS A 458 16.09 66.50 -65.01
N GLY A 459 15.80 66.73 -63.72
CA GLY A 459 14.44 66.88 -63.28
C GLY A 459 13.63 65.59 -63.23
N ILE A 460 14.29 64.45 -63.06
CA ILE A 460 13.61 63.16 -62.98
C ILE A 460 13.87 62.56 -61.60
N TYR A 461 12.79 62.21 -60.90
CA TYR A 461 12.88 61.63 -59.57
C TYR A 461 12.67 60.12 -59.69
N VAL A 462 13.62 59.35 -59.20
CA VAL A 462 13.63 57.90 -59.33
C VAL A 462 14.20 57.28 -58.06
N GLU A 463 14.25 55.96 -58.04
CA GLU A 463 14.85 55.20 -56.94
C GLU A 463 15.85 54.21 -57.52
N THR A 464 16.97 54.04 -56.82
CA THR A 464 18.04 53.19 -57.30
C THR A 464 17.65 51.71 -57.15
N ILE A 465 18.55 50.83 -57.59
CA ILE A 465 18.32 49.40 -57.45
C ILE A 465 18.24 49.01 -55.99
N ALA A 466 19.12 49.56 -55.16
CA ALA A 466 19.07 49.32 -53.73
C ALA A 466 17.97 50.16 -53.10
N GLU A 467 17.92 50.15 -51.76
CA GLU A 467 16.93 50.85 -50.94
C GLU A 467 15.51 50.37 -51.20
N VAL A 468 15.33 49.26 -51.91
CA VAL A 468 14.01 48.70 -52.18
C VAL A 468 14.03 47.24 -51.75
N TYR A 469 14.87 46.93 -50.75
CA TYR A 469 15.15 45.57 -50.28
C TYR A 469 13.96 44.61 -50.28
N PRO A 470 12.76 44.97 -49.82
CA PRO A 470 11.64 44.03 -49.93
C PRO A 470 11.29 43.64 -51.34
N ILE A 471 11.62 44.48 -52.33
CA ILE A 471 11.32 44.21 -53.73
C ILE A 471 12.61 43.86 -54.45
N ARG A 472 12.54 42.80 -55.26
CA ARG A 472 13.69 42.32 -56.02
C ARG A 472 13.38 42.37 -57.51
N VAL A 473 14.37 42.79 -58.29
CA VAL A 473 14.24 42.94 -59.74
C VAL A 473 15.18 41.93 -60.40
N GLN A 474 14.62 41.06 -61.22
CA GLN A 474 15.35 40.00 -61.90
C GLN A 474 14.97 39.98 -63.36
N PRO A 475 15.84 39.48 -64.23
CA PRO A 475 15.50 39.35 -65.65
C PRO A 475 14.46 38.28 -65.88
N ALA A 476 13.86 38.31 -67.08
CA ALA A 476 12.78 37.40 -67.42
C ALA A 476 13.25 35.97 -67.65
N ARG A 477 14.55 35.76 -67.91
CA ARG A 477 15.07 34.40 -68.01
C ARG A 477 14.92 33.66 -66.68
N ILE A 478 15.17 34.37 -65.57
CA ILE A 478 14.95 33.81 -64.25
C ILE A 478 13.49 33.38 -64.10
N LEU A 479 12.56 34.22 -64.54
CA LEU A 479 11.13 33.91 -64.46
C LEU A 479 10.77 32.70 -65.33
N HIS A 481 12.82 30.22 -65.98
CA HIS A 481 13.32 29.08 -65.22
C HIS A 481 12.38 28.77 -64.05
N ILE A 482 11.78 29.82 -63.49
CA ILE A 482 10.77 29.66 -62.45
C ILE A 482 9.58 28.86 -62.98
N TYR A 483 9.05 29.25 -64.13
CA TYR A 483 7.84 28.62 -64.63
C TYR A 483 8.12 27.25 -65.23
N SER A 484 9.39 26.98 -65.56
CA SER A 484 9.75 25.67 -66.10
C SER A 484 9.59 24.55 -65.07
N SER A 485 9.56 24.86 -63.78
CA SER A 485 9.43 23.86 -62.73
C SER A 485 8.01 23.75 -62.18
N LEU A 486 7.01 23.95 -63.04
CA LEU A 486 5.61 23.89 -62.64
C LEU A 486 4.99 22.58 -63.11
N GLY A 487 4.28 21.92 -62.21
CA GLY A 487 3.66 20.64 -62.55
C GLY A 487 4.65 19.53 -62.81
N CYS A 488 5.66 19.42 -61.96
CA CYS A 488 6.70 18.40 -62.11
C CYS A 488 6.43 17.25 -61.14
N ASN A 489 6.37 16.04 -61.68
CA ASN A 489 6.16 14.84 -60.87
C ASN A 489 7.13 13.76 -61.30
N ASN A 490 7.72 13.08 -60.32
CA ASN A 490 8.69 12.02 -60.57
C ASN A 490 8.04 10.64 -60.69
N ARG A 491 7.01 10.37 -59.88
CA ARG A 491 6.30 9.09 -59.98
C ARG A 491 5.61 8.94 -61.32
N MET A 492 4.99 10.03 -61.81
CA MET A 492 4.32 10.02 -63.10
C MET A 492 5.25 10.28 -64.27
N LYS A 493 6.54 10.57 -64.00
CA LYS A 493 7.52 10.90 -65.03
C LYS A 493 7.07 12.10 -65.85
N LEU A 494 6.78 13.19 -65.15
CA LEU A 494 6.36 14.44 -65.77
C LEU A 494 7.48 15.46 -65.66
N SER A 495 7.85 16.06 -66.78
CA SER A 495 8.96 17.00 -66.85
C SER A 495 8.52 18.45 -66.63
N GLY A 496 7.22 18.70 -66.43
CA GLY A 496 6.75 20.05 -66.21
C GLY A 496 6.66 20.85 -67.50
N ARG A 497 6.38 22.14 -67.32
CA ARG A 497 6.25 23.02 -68.47
C ARG A 497 7.58 23.18 -69.19
N PRO A 498 7.63 23.01 -70.50
CA PRO A 498 8.89 23.22 -71.23
C PRO A 498 9.32 24.67 -71.19
N TYR A 499 10.64 24.87 -71.28
CA TYR A 499 11.18 26.22 -71.27
C TYR A 499 10.69 27.00 -72.48
N ARG A 500 10.24 28.23 -72.23
CA ARG A 500 9.73 29.08 -73.30
C ARG A 500 9.92 30.54 -72.90
N HIS A 501 9.92 31.42 -73.90
CA HIS A 501 10.07 32.84 -73.64
C HIS A 501 8.78 33.40 -73.03
N MET A 502 8.93 34.48 -72.29
CA MET A 502 7.80 35.13 -71.62
C MET A 502 7.58 36.51 -72.22
N GLY A 503 6.33 36.79 -72.58
CA GLY A 503 5.98 38.06 -73.19
C GLY A 503 5.81 39.16 -72.17
N VAL A 504 5.33 40.31 -72.67
CA VAL A 504 5.14 41.46 -71.80
C VAL A 504 4.02 41.21 -70.80
N LEU A 505 2.96 40.53 -71.23
CA LEU A 505 1.80 40.30 -70.37
C LEU A 505 2.12 39.35 -69.21
N GLY A 506 3.25 38.66 -69.26
CA GLY A 506 3.64 37.77 -68.18
C GLY A 506 4.52 38.44 -67.15
N THR A 507 5.49 39.23 -67.62
CA THR A 507 6.40 39.92 -66.71
C THR A 507 5.77 41.16 -66.07
N SER A 508 4.68 41.67 -66.64
CA SER A 508 4.06 42.89 -66.11
C SER A 508 3.46 42.64 -64.73
N LYS A 509 2.74 41.54 -64.57
CA LYS A 509 2.08 41.25 -63.29
C LYS A 509 3.12 40.93 -62.22
N LEU A 510 2.80 41.32 -60.98
CA LEU A 510 3.66 41.06 -59.85
C LEU A 510 3.55 39.60 -59.41
N TYR A 511 4.62 39.10 -58.80
CA TYR A 511 4.68 37.72 -58.34
C TYR A 511 5.16 37.68 -56.90
N ASP A 512 4.57 36.79 -56.10
CA ASP A 512 4.93 36.61 -54.71
C ASP A 512 5.55 35.23 -54.53
N ILE A 513 6.83 35.19 -54.19
CA ILE A 513 7.56 33.94 -54.00
C ILE A 513 8.18 33.96 -52.61
N ARG A 514 7.88 32.94 -51.81
CA ARG A 514 8.42 32.80 -50.46
C ARG A 514 8.14 34.03 -49.62
N LYS A 515 6.90 34.52 -49.70
CA LYS A 515 6.45 35.71 -48.97
C LYS A 515 7.29 36.94 -49.32
N THR A 516 7.78 37.00 -50.55
CA THR A 516 8.57 38.13 -51.03
C THR A 516 8.04 38.58 -52.38
N ILE A 517 7.90 39.89 -52.54
CA ILE A 517 7.37 40.46 -53.77
C ILE A 517 8.48 40.48 -54.82
N PHE A 518 8.20 39.92 -55.99
CA PHE A 518 9.18 39.83 -57.07
C PHE A 518 8.63 40.55 -58.29
N THR A 519 9.44 41.45 -58.85
CA THR A 519 9.13 42.13 -60.09
C THR A 519 10.22 41.79 -61.11
N PHE A 520 9.85 41.69 -62.37
CA PHE A 520 10.75 41.22 -63.42
C PHE A 520 10.77 42.22 -64.57
N THR A 521 11.96 42.52 -65.07
CA THR A 521 12.11 43.39 -66.21
C THR A 521 11.60 42.69 -67.47
N PRO A 522 11.15 43.46 -68.47
CA PRO A 522 10.71 42.85 -69.72
C PRO A 522 11.84 42.10 -70.41
N GLN A 523 11.46 41.03 -71.12
CA GLN A 523 12.44 40.08 -71.65
C GLN A 523 13.33 40.68 -72.73
N PHE A 524 12.82 41.62 -73.52
CA PHE A 524 13.55 42.17 -74.66
C PHE A 524 14.86 42.84 -74.27
N ILE A 525 14.94 43.44 -73.08
CA ILE A 525 16.06 44.31 -72.73
C ILE A 525 17.34 43.53 -72.46
N ASP A 526 17.29 42.21 -72.51
CA ASP A 526 18.46 41.36 -72.30
C ASP A 526 19.43 41.57 -73.46
N GLN A 527 20.56 42.22 -73.17
CA GLN A 527 21.56 42.46 -74.21
C GLN A 527 22.33 41.20 -74.59
N GLN A 528 22.46 40.26 -73.66
CA GLN A 528 23.22 39.04 -73.93
C GLN A 528 22.49 38.15 -74.92
N GLN A 529 21.15 38.12 -74.86
CA GLN A 529 20.40 37.24 -75.74
C GLN A 529 20.56 37.65 -77.20
N PHE A 530 20.48 38.94 -77.50
CA PHE A 530 20.64 39.43 -78.85
C PHE A 530 21.07 40.90 -78.81
N TYR A 531 21.58 41.38 -79.93
CA TYR A 531 22.08 42.74 -80.05
C TYR A 531 21.03 43.74 -80.51
N LEU A 532 19.77 43.30 -80.65
CA LEU A 532 18.72 44.21 -81.10
C LEU A 532 18.50 45.35 -80.11
N ALA A 533 18.74 45.08 -78.83
CA ALA A 533 18.52 46.09 -77.79
C ALA A 533 19.60 47.16 -77.77
N LEU A 534 20.68 47.00 -78.53
CA LEU A 534 21.75 47.98 -78.52
C LEU A 534 21.29 49.32 -79.08
N ASP A 535 20.54 49.29 -80.18
CA ASP A 535 20.13 50.52 -80.85
C ASP A 535 19.08 51.26 -80.04
N ASN A 536 19.28 52.57 -79.86
CA ASN A 536 18.39 53.36 -79.02
C ASN A 536 17.07 53.67 -79.75
N LYS A 537 17.13 53.93 -81.05
CA LYS A 537 15.91 54.24 -81.80
C LYS A 537 15.02 53.00 -81.88
N MET A 538 15.62 51.85 -82.21
CA MET A 538 14.93 50.57 -82.13
C MET A 538 14.28 50.40 -80.76
N ILE A 539 15.03 50.71 -79.70
CA ILE A 539 14.51 50.56 -78.34
C ILE A 539 13.29 51.43 -78.18
N VAL A 540 13.37 52.72 -78.50
CA VAL A 540 12.23 53.59 -78.21
C VAL A 540 11.00 53.16 -79.01
N GLU A 541 11.19 52.72 -80.26
CA GLU A 541 10.02 52.40 -81.07
C GLU A 541 9.38 51.07 -80.65
N MET A 542 10.19 50.08 -80.25
CA MET A 542 9.54 48.83 -79.85
C MET A 542 9.03 48.92 -78.41
N LEU A 543 9.53 49.88 -77.62
CA LEU A 543 8.85 50.21 -76.37
C LEU A 543 7.49 50.83 -76.65
N ARG A 544 7.41 51.71 -77.65
CA ARG A 544 6.10 52.23 -78.06
C ARG A 544 5.17 51.08 -78.44
N THR A 545 5.67 50.14 -79.25
CA THR A 545 4.86 49.00 -79.66
C THR A 545 4.46 48.15 -78.46
N ASP A 546 5.38 47.93 -77.52
CA ASP A 546 5.10 47.13 -76.33
C ASP A 546 4.02 47.78 -75.49
N LEU A 547 4.09 49.09 -75.30
CA LEU A 547 3.08 49.81 -74.53
C LEU A 547 1.72 49.73 -75.21
N TYR A 549 0.69 47.31 -77.20
CA TYR A 549 0.22 45.93 -77.02
C TYR A 549 -0.33 45.71 -75.62
N LEU A 550 0.38 46.23 -74.62
CA LEU A 550 -0.08 46.07 -73.24
C LEU A 550 -1.42 46.76 -73.01
N CYS A 551 -1.57 47.99 -73.53
CA CYS A 551 -2.80 48.72 -73.30
C CYS A 551 -3.93 48.24 -74.19
N SER A 552 -3.64 47.44 -75.22
CA SER A 552 -4.70 47.00 -76.13
C SER A 552 -5.63 45.99 -75.46
N ARG A 553 -5.12 44.82 -75.11
CA ARG A 553 -5.97 43.75 -74.57
C ARG A 553 -6.15 43.85 -73.06
N TRP A 554 -5.05 43.66 -72.32
CA TRP A 554 -5.05 43.57 -70.86
C TRP A 554 -6.26 42.80 -70.33
N ARG A 555 -6.37 41.54 -70.77
CA ARG A 555 -7.48 40.69 -70.35
C ARG A 555 -7.35 40.23 -68.91
N MET A 556 -6.22 40.44 -68.26
CA MET A 556 -6.01 39.96 -66.90
C MET A 556 -6.54 40.97 -65.89
N THR A 557 -7.05 40.45 -64.78
CA THR A 557 -7.57 41.28 -63.71
C THR A 557 -6.45 42.07 -63.03
N GLY A 558 -6.79 43.25 -62.55
CA GLY A 558 -5.85 44.11 -61.85
C GLY A 558 -5.09 45.04 -62.76
N GLN A 559 -4.42 46.01 -62.14
CA GLN A 559 -3.63 46.98 -62.86
C GLN A 559 -2.27 46.42 -63.24
N PRO A 560 -1.68 46.88 -64.35
CA PRO A 560 -0.36 46.38 -64.74
C PRO A 560 0.77 47.21 -64.15
N THR A 561 2.00 46.72 -64.28
CA THR A 561 3.17 47.42 -63.76
C THR A 561 4.38 47.07 -64.62
N ILE A 562 5.12 48.10 -65.05
CA ILE A 562 6.32 47.92 -65.86
C ILE A 562 7.49 48.54 -65.12
N THR A 563 8.57 47.78 -64.98
CA THR A 563 9.79 48.25 -64.34
C THR A 563 10.85 48.49 -65.40
N PHE A 564 11.45 49.68 -65.38
CA PHE A 564 12.43 50.09 -66.39
C PHE A 564 13.77 50.37 -65.75
N PRO A 565 14.76 49.49 -65.89
CA PRO A 565 16.12 49.81 -65.44
C PRO A 565 16.89 50.56 -66.51
N ILE A 566 17.60 51.60 -66.08
CA ILE A 566 18.43 52.41 -66.97
C ILE A 566 19.86 51.93 -66.81
N SER A 567 20.35 51.15 -67.77
CA SER A 567 21.68 50.57 -67.69
C SER A 567 22.74 51.59 -68.09
N HIS A 568 23.95 51.10 -68.34
CA HIS A 568 25.08 51.94 -68.73
C HIS A 568 25.33 51.96 -70.22
N SER A 569 24.45 51.35 -71.03
CA SER A 569 24.71 51.17 -72.44
C SER A 569 24.14 52.27 -73.32
N MET A 570 23.14 53.02 -72.87
CA MET A 570 22.54 54.06 -73.68
C MET A 570 23.05 55.45 -73.34
N LEU A 571 24.09 55.56 -72.53
CA LEU A 571 24.69 56.84 -72.25
C LEU A 571 25.43 57.37 -73.47
N ASP A 572 25.71 58.67 -73.46
CA ASP A 572 26.35 59.31 -74.60
C ASP A 572 27.82 58.87 -74.69
N GLU A 573 28.53 59.45 -75.66
CA GLU A 573 29.93 59.11 -75.86
C GLU A 573 30.77 59.49 -74.65
N ASP A 574 30.50 60.67 -74.07
CA ASP A 574 31.23 61.08 -72.87
C ASP A 574 30.80 60.34 -71.62
N GLY A 575 29.66 59.64 -71.66
CA GLY A 575 29.19 58.91 -70.50
C GLY A 575 28.82 59.78 -69.32
N THR A 576 28.20 60.93 -69.58
CA THR A 576 27.82 61.86 -68.53
C THR A 576 26.35 62.25 -68.55
N SER A 577 25.60 61.90 -69.60
CA SER A 577 24.19 62.27 -69.68
C SER A 577 23.46 61.23 -70.51
N LEU A 578 22.14 61.19 -70.34
CA LEU A 578 21.31 60.25 -71.08
C LEU A 578 21.18 60.69 -72.54
N ASN A 579 20.82 59.73 -73.39
CA ASN A 579 20.63 60.03 -74.81
C ASN A 579 19.38 60.87 -75.02
N SER A 580 19.30 61.50 -76.19
CA SER A 580 18.16 62.36 -76.49
C SER A 580 16.87 61.56 -76.59
N SER A 581 16.91 60.39 -77.22
CA SER A 581 15.68 59.61 -77.43
C SER A 581 15.11 59.11 -76.11
N ILE A 582 15.94 58.57 -75.23
CA ILE A 582 15.46 58.07 -73.96
C ILE A 582 14.96 59.21 -73.08
N LEU A 583 15.65 60.36 -73.12
CA LEU A 583 15.18 61.52 -72.37
C LEU A 583 13.83 61.99 -72.86
N ALA A 584 13.64 62.06 -74.18
CA ALA A 584 12.33 62.45 -74.72
C ALA A 584 11.26 61.43 -74.33
N ALA A 585 11.61 60.15 -74.37
CA ALA A 585 10.64 59.13 -73.99
C ALA A 585 10.22 59.27 -72.54
N LEU A 586 11.18 59.48 -71.63
CA LEU A 586 10.82 59.60 -70.22
C LEU A 586 10.08 60.90 -69.94
N ARG A 587 10.39 61.96 -70.70
CA ARG A 587 9.61 63.19 -70.58
C ARG A 587 8.17 62.96 -71.04
N LYS A 588 7.99 62.19 -72.11
CA LYS A 588 6.64 61.86 -72.57
C LYS A 588 5.89 61.02 -71.54
N MET A 589 6.58 60.06 -70.93
CA MET A 589 5.94 59.27 -69.87
C MET A 589 5.56 60.14 -68.68
N GLN A 590 6.41 61.12 -68.35
CA GLN A 590 6.09 62.00 -67.23
C GLN A 590 4.85 62.84 -67.51
N ASP A 591 4.56 63.10 -68.79
CA ASP A 591 3.40 63.90 -69.17
C ASP A 591 2.12 63.08 -69.25
N GLY A 592 2.17 61.78 -69.02
CA GLY A 592 0.96 60.98 -69.01
C GLY A 592 0.52 60.46 -70.37
N TYR A 593 1.42 60.43 -71.35
CA TYR A 593 1.07 59.94 -72.67
C TYR A 593 2.30 59.45 -73.42
N PHE A 594 2.26 58.20 -73.89
CA PHE A 594 3.32 57.65 -74.72
C PHE A 594 2.71 56.60 -75.63
N GLY A 595 2.96 56.75 -76.93
CA GLY A 595 2.37 55.84 -77.91
C GLY A 595 0.86 55.95 -77.97
N GLY A 596 0.17 54.91 -77.50
CA GLY A 596 -1.27 54.92 -77.47
C GLY A 596 -1.83 54.49 -76.12
N ALA A 597 -1.12 54.82 -75.05
CA ALA A 597 -1.50 54.44 -73.70
C ALA A 597 -1.35 55.62 -72.76
N ARG A 598 -2.12 55.58 -71.69
CA ARG A 598 -2.00 56.56 -70.61
C ARG A 598 -1.15 55.97 -69.50
N VAL A 599 -0.12 56.71 -69.07
CA VAL A 599 0.86 56.21 -68.12
C VAL A 599 0.99 57.21 -66.97
N GLN A 600 1.12 56.66 -65.76
CA GLN A 600 1.35 57.49 -64.58
C GLN A 600 2.61 56.96 -63.89
N THR A 601 3.65 57.79 -63.86
CA THR A 601 4.91 57.40 -63.23
C THR A 601 4.78 57.50 -61.71
N GLY A 602 5.40 56.56 -61.03
CA GLY A 602 5.35 56.54 -59.58
C GLY A 602 6.35 55.58 -58.99
N LYS A 603 6.17 55.29 -57.71
CA LYS A 603 7.06 54.42 -56.96
C LYS A 603 6.52 52.99 -56.97
N LEU A 604 7.42 52.02 -56.79
CA LEU A 604 7.03 50.62 -56.73
C LEU A 604 6.13 50.36 -55.52
N SER A 605 6.44 50.99 -54.38
CA SER A 605 5.61 50.81 -53.19
C SER A 605 4.20 51.35 -53.42
N GLU A 606 4.08 52.50 -54.10
CA GLU A 606 2.77 53.04 -54.40
C GLU A 606 1.97 52.11 -55.31
N PHE A 607 2.63 51.52 -56.31
CA PHE A 607 1.94 50.59 -57.20
C PHE A 607 1.63 49.27 -56.50
N LEU A 608 2.34 48.97 -55.41
CA LEU A 608 2.09 47.73 -54.68
C LEU A 608 0.72 47.70 -54.03
N THR A 609 0.10 48.86 -53.79
CA THR A 609 -1.21 48.90 -53.15
C THR A 609 -2.26 48.21 -54.02
N THR A 610 -2.24 48.46 -55.33
CA THR A 610 -3.16 47.81 -56.25
C THR A 610 -2.40 47.43 -57.51
N SER A 611 -2.42 46.14 -57.84
CA SER A 611 -1.73 45.59 -59.00
C SER A 611 -2.16 44.14 -59.16
N CYS A 612 -1.61 43.48 -60.17
CA CYS A 612 -1.87 42.06 -60.40
C CYS A 612 -0.78 41.26 -59.68
N CYS A 613 -1.15 40.63 -58.57
CA CYS A 613 -0.23 39.85 -57.76
C CYS A 613 -0.60 38.38 -57.85
N THR A 614 0.39 37.55 -58.14
CA THR A 614 0.22 36.10 -58.24
C THR A 614 1.12 35.40 -57.24
N HIS A 615 0.57 34.40 -56.56
CA HIS A 615 1.29 33.64 -55.55
C HIS A 615 1.63 32.25 -56.09
N LEU A 616 2.90 31.89 -56.04
CA LEU A 616 3.38 30.60 -56.52
C LEU A 616 3.49 29.68 -55.32
N SER A 617 2.49 28.82 -55.14
CA SER A 617 2.48 27.92 -53.99
C SER A 617 3.37 26.70 -54.23
N PHE A 618 3.78 26.46 -55.46
CA PHE A 618 4.51 25.23 -55.78
C PHE A 618 6.00 25.32 -55.47
N MET A 619 6.50 26.48 -55.05
CA MET A 619 7.88 26.58 -54.58
C MET A 619 8.00 26.84 -53.08
N ASP A 620 7.00 26.46 -52.30
CA ASP A 620 7.21 26.39 -50.86
C ASP A 620 8.17 25.26 -50.54
N PRO A 621 9.02 25.43 -49.52
CA PRO A 621 10.01 24.40 -49.19
C PRO A 621 9.37 23.11 -48.68
N ASP A 762 50.73 25.63 -86.84
CA ASP A 762 51.10 25.54 -85.44
C ASP A 762 50.05 26.21 -84.56
N PHE A 763 49.49 25.43 -83.62
CA PHE A 763 48.45 25.95 -82.74
C PHE A 763 48.99 27.07 -81.86
N LYS A 764 50.18 26.91 -81.30
CA LYS A 764 50.77 27.95 -80.46
C LYS A 764 51.05 29.22 -81.28
N ALA A 765 51.55 29.06 -82.50
CA ALA A 765 51.80 30.22 -83.35
C ALA A 765 50.51 30.94 -83.69
N LEU A 766 49.45 30.19 -83.99
CA LEU A 766 48.16 30.80 -84.28
C LEU A 766 47.62 31.56 -83.07
N VAL A 767 47.77 30.97 -81.87
CA VAL A 767 47.30 31.64 -80.66
C VAL A 767 48.08 32.92 -80.42
N LEU A 768 49.41 32.88 -80.60
CA LEU A 768 50.22 34.06 -80.43
C LEU A 768 49.84 35.15 -81.43
N GLN A 769 49.62 34.76 -82.69
CA GLN A 769 49.20 35.72 -83.70
C GLN A 769 47.86 36.34 -83.35
N LEU A 770 46.90 35.53 -82.89
CA LEU A 770 45.60 36.05 -82.49
C LEU A 770 45.75 37.04 -81.34
N LYS A 771 46.61 36.72 -80.36
CA LYS A 771 46.81 37.61 -79.23
C LYS A 771 47.45 38.93 -79.66
N GLU A 772 48.39 38.87 -80.60
CA GLU A 772 49.18 40.04 -80.97
C GLU A 772 48.62 40.81 -82.17
N THR A 773 47.57 40.31 -82.83
CA THR A 773 47.11 40.95 -84.05
C THR A 773 46.24 42.17 -83.74
N SER A 774 46.38 43.19 -84.58
CA SER A 774 45.48 44.35 -84.58
C SER A 774 44.36 44.10 -85.59
N SER A 775 43.62 45.15 -85.93
CA SER A 775 42.55 45.07 -86.94
C SER A 775 41.49 44.05 -86.53
N LEU A 776 40.77 44.42 -85.47
CA LEU A 776 39.80 43.55 -84.80
C LEU A 776 38.92 42.75 -85.73
N GLN A 777 38.66 43.25 -86.95
CA GLN A 777 37.98 42.43 -87.94
C GLN A 777 38.80 41.20 -88.31
N GLU A 778 40.12 41.39 -88.51
CA GLU A 778 40.99 40.24 -88.77
C GLU A 778 41.06 39.34 -87.54
N GLN A 779 40.98 39.93 -86.34
CA GLN A 779 40.93 39.13 -85.12
C GLN A 779 39.70 38.24 -85.10
N ALA A 780 38.54 38.79 -85.49
CA ALA A 780 37.32 38.01 -85.56
C ALA A 780 37.43 36.91 -86.63
N ASP A 781 38.06 37.23 -87.76
CA ASP A 781 38.25 36.21 -88.79
C ASP A 781 39.14 35.07 -88.29
N ILE A 782 40.21 35.42 -87.56
CA ILE A 782 41.09 34.40 -87.00
C ILE A 782 40.35 33.57 -85.95
N LEU A 783 39.51 34.22 -85.14
CA LEU A 783 38.72 33.49 -84.17
C LEU A 783 37.75 32.52 -84.86
N TYR A 784 37.12 32.96 -85.95
CA TYR A 784 36.26 32.08 -86.73
C TYR A 784 37.04 30.87 -87.24
N MET A 785 38.23 31.12 -87.82
CA MET A 785 38.96 30.02 -88.43
C MET A 785 39.44 29.03 -87.36
N LEU A 786 39.88 29.52 -86.21
CA LEU A 786 40.32 28.60 -85.16
C LEU A 786 39.14 27.84 -84.57
N TYR A 787 37.98 28.49 -84.45
CA TYR A 787 36.79 27.80 -83.98
C TYR A 787 36.37 26.69 -84.93
N THR A 788 36.44 26.96 -86.23
CA THR A 788 35.93 26.00 -87.20
C THR A 788 36.92 24.85 -87.45
N MET A 789 38.22 25.15 -87.50
CA MET A 789 39.21 24.08 -87.70
C MET A 789 39.29 23.19 -86.45
N LYS A 790 39.69 23.77 -85.31
CA LYS A 790 39.97 22.94 -84.14
C LYS A 790 39.52 23.59 -82.83
N GLY A 791 38.63 24.58 -82.88
CA GLY A 791 38.22 25.27 -81.67
C GLY A 791 36.74 25.22 -81.32
N PRO A 792 36.08 24.05 -81.44
CA PRO A 792 34.65 24.01 -81.10
C PRO A 792 34.41 24.30 -79.63
N ASP A 793 35.12 23.57 -78.77
CA ASP A 793 35.10 23.83 -77.34
C ASP A 793 36.47 23.68 -76.69
N TRP A 794 37.52 23.43 -77.46
CA TRP A 794 38.85 23.21 -76.88
C TRP A 794 39.43 24.53 -76.39
N ASN A 795 40.14 24.46 -75.26
CA ASN A 795 40.78 25.64 -74.69
C ASN A 795 41.90 26.11 -75.60
N THR A 796 42.00 27.43 -75.80
CA THR A 796 43.04 28.01 -76.63
C THR A 796 44.35 28.22 -75.89
N GLU A 797 44.35 28.06 -74.55
CA GLU A 797 45.55 28.22 -73.73
C GLU A 797 46.19 29.60 -73.90
N LEU A 798 45.36 30.61 -74.18
CA LEU A 798 45.88 31.97 -74.32
C LEU A 798 46.45 32.49 -73.01
N TYR A 799 45.76 32.22 -71.91
CA TYR A 799 46.21 32.63 -70.58
C TYR A 799 46.88 31.46 -69.86
N ASN A 800 47.70 31.79 -68.87
CA ASN A 800 48.43 30.81 -68.10
C ASN A 800 47.85 30.59 -66.71
N GLU A 801 47.47 31.68 -66.03
CA GLU A 801 46.91 31.55 -64.69
C GLU A 801 45.57 30.81 -64.71
N ARG A 802 44.72 31.13 -65.68
CA ARG A 802 43.40 30.52 -65.79
C ARG A 802 43.19 30.01 -67.21
N SER A 803 42.59 28.83 -67.33
CA SER A 803 42.29 28.23 -68.63
C SER A 803 40.89 28.65 -69.05
N ALA A 804 40.81 29.50 -70.07
CA ALA A 804 39.55 30.01 -70.59
C ALA A 804 39.25 29.38 -71.93
N THR A 805 38.03 28.84 -72.07
CA THR A 805 37.65 28.19 -73.31
C THR A 805 37.39 29.22 -74.40
N VAL A 806 37.12 28.73 -75.61
CA VAL A 806 36.90 29.61 -76.75
C VAL A 806 35.61 30.42 -76.55
N ARG A 807 34.61 29.84 -75.90
CA ARG A 807 33.35 30.55 -75.67
C ARG A 807 33.57 31.76 -74.78
N GLU A 808 34.43 31.63 -73.76
CA GLU A 808 34.72 32.77 -72.89
C GLU A 808 35.38 33.90 -73.66
N LEU A 809 36.34 33.57 -74.54
CA LEU A 809 36.98 34.60 -75.35
C LEU A 809 35.99 35.25 -76.30
N LEU A 810 35.09 34.46 -76.90
CA LEU A 810 34.09 35.03 -77.79
C LEU A 810 33.16 35.97 -77.04
N THR A 811 32.74 35.59 -75.83
CA THR A 811 31.90 36.46 -75.01
C THR A 811 32.64 37.75 -74.64
N GLU A 812 33.93 37.62 -74.29
CA GLU A 812 34.71 38.81 -73.95
C GLU A 812 34.85 39.74 -75.16
N LEU A 813 35.07 39.17 -76.34
CA LEU A 813 35.16 39.99 -77.54
C LEU A 813 33.83 40.67 -77.84
N TYR A 814 32.72 39.95 -77.68
CA TYR A 814 31.41 40.56 -77.90
C TYR A 814 31.17 41.71 -76.92
N GLY A 815 31.53 41.52 -75.65
CA GLY A 815 31.38 42.59 -74.68
C GLY A 815 32.25 43.79 -75.00
N LYS A 816 33.49 43.54 -75.43
CA LYS A 816 34.38 44.63 -75.81
C LYS A 816 33.83 45.38 -77.02
N VAL A 817 33.29 44.67 -78.00
CA VAL A 817 32.73 45.33 -79.18
C VAL A 817 31.47 46.13 -78.81
N GLY A 818 30.68 45.63 -77.86
CA GLY A 818 29.45 46.30 -77.48
C GLY A 818 29.65 47.71 -76.95
N GLU A 819 30.84 48.03 -76.45
CA GLU A 819 31.07 49.37 -75.93
C GLU A 819 31.53 50.33 -77.02
N ILE A 820 32.13 49.80 -78.09
CA ILE A 820 32.61 50.67 -79.16
C ILE A 820 31.49 50.95 -80.15
N ARG A 821 30.42 50.14 -80.12
CA ARG A 821 29.24 50.33 -80.96
C ARG A 821 29.61 50.39 -82.43
N HIS A 822 30.52 49.50 -82.83
CA HIS A 822 31.00 49.42 -84.21
C HIS A 822 30.40 48.17 -84.83
N TRP A 823 29.48 48.36 -85.77
CA TRP A 823 28.77 47.24 -86.40
C TRP A 823 29.58 46.66 -87.56
N GLY A 824 30.77 46.16 -87.27
CA GLY A 824 31.60 45.53 -88.29
C GLY A 824 31.80 44.06 -88.07
N LEU A 825 31.79 43.62 -86.80
CA LEU A 825 31.97 42.22 -86.45
C LEU A 825 30.90 41.69 -85.51
N ILE A 826 29.88 42.48 -85.17
CA ILE A 826 28.79 41.99 -84.35
C ILE A 826 28.08 40.84 -85.06
N ARG A 827 27.89 40.97 -86.38
CA ARG A 827 27.16 39.95 -87.13
C ARG A 827 27.88 38.62 -87.12
N TYR A 828 29.20 38.62 -87.37
CA TYR A 828 29.93 37.35 -87.37
C TYR A 828 29.90 36.69 -86.00
N ILE A 829 30.09 37.47 -84.94
CA ILE A 829 30.05 36.91 -83.59
C ILE A 829 28.68 36.33 -83.28
N SER A 830 27.62 37.04 -83.70
CA SER A 830 26.26 36.54 -83.50
C SER A 830 26.05 35.23 -84.23
N GLY A 831 26.57 35.13 -85.46
CA GLY A 831 26.42 33.88 -86.20
C GLY A 831 27.22 32.74 -85.60
N ILE A 832 28.42 33.03 -85.08
CA ILE A 832 29.26 31.99 -84.51
C ILE A 832 28.65 31.47 -83.21
N LEU A 833 28.17 32.37 -82.35
CA LEU A 833 27.49 31.92 -81.15
C LEU A 833 26.12 31.32 -81.44
N ARG A 834 25.66 31.39 -82.69
CA ARG A 834 24.39 30.80 -83.13
C ARG A 834 23.21 31.34 -82.32
N LYS A 835 23.25 32.63 -81.98
CA LYS A 835 22.12 33.25 -81.30
C LYS A 835 20.93 33.32 -82.24
N LYS A 836 19.76 32.93 -81.73
CA LYS A 836 18.52 32.93 -82.50
C LYS A 836 17.57 33.95 -81.90
N VAL A 837 16.88 34.68 -82.78
CA VAL A 837 15.94 35.70 -82.33
C VAL A 837 14.82 35.06 -81.54
N GLU A 838 14.50 35.64 -80.39
CA GLU A 838 13.45 35.10 -79.54
C GLU A 838 12.09 35.18 -80.21
N ALA A 839 11.24 34.20 -79.92
CA ALA A 839 9.89 34.11 -80.48
C ALA A 839 9.91 34.07 -82.01
N LEU A 840 10.86 33.33 -82.58
CA LEU A 840 10.90 33.15 -84.03
C LEU A 840 9.67 32.38 -84.51
N ASP A 841 9.25 31.37 -83.75
CA ASP A 841 8.05 30.61 -84.13
C ASP A 841 6.80 31.49 -84.09
N GLU A 842 6.74 32.40 -83.12
CA GLU A 842 5.62 33.34 -83.05
C GLU A 842 5.59 34.23 -84.29
N ALA A 843 6.75 34.71 -84.72
CA ALA A 843 6.82 35.51 -85.94
C ALA A 843 6.38 34.69 -87.15
N CYS A 844 6.84 33.43 -87.22
CA CYS A 844 6.46 32.58 -88.34
C CYS A 844 4.96 32.36 -88.38
N THR A 845 4.34 32.09 -87.22
CA THR A 845 2.91 31.80 -87.23
C THR A 845 2.08 33.05 -87.50
N ASP A 846 2.51 34.21 -87.00
CA ASP A 846 1.74 35.42 -87.27
C ASP A 846 1.93 35.87 -88.71
N LEU A 847 3.05 35.50 -89.33
CA LEU A 847 3.22 35.78 -90.76
C LEU A 847 2.38 34.83 -91.61
N LEU A 848 2.33 33.56 -91.24
CA LEU A 848 1.55 32.58 -91.99
C LEU A 848 0.05 32.70 -91.73
N SER A 849 -0.35 33.43 -90.69
CA SER A 849 -1.77 33.57 -90.37
C SER A 849 -2.56 34.24 -91.48
N HIS A 850 -1.92 35.06 -92.32
CA HIS A 850 -2.61 35.82 -93.36
C HIS A 850 -2.43 35.20 -94.74
N GLN A 851 -2.31 33.87 -94.81
CA GLN A 851 -2.20 33.15 -96.06
C GLN A 851 -1.01 33.63 -96.89
N LYS A 852 0.18 33.48 -96.32
CA LYS A 852 1.42 33.90 -96.96
C LYS A 852 2.40 32.73 -96.97
N HIS A 853 3.33 32.78 -97.92
CA HIS A 853 4.38 31.77 -98.04
C HIS A 853 5.74 32.41 -97.81
N LEU A 854 6.59 31.70 -97.07
CA LEU A 854 7.92 32.21 -96.75
C LEU A 854 9.01 31.38 -97.45
N VAL A 856 13.55 31.19 -97.70
CA VAL A 856 14.83 31.68 -97.19
C VAL A 856 15.97 31.51 -98.18
N GLY A 857 16.73 32.58 -98.40
CA GLY A 857 17.91 32.54 -99.23
C GLY A 857 17.64 32.82 -100.68
N LEU A 858 18.72 32.97 -101.45
CA LEU A 858 18.61 33.14 -102.89
C LEU A 858 18.03 31.86 -103.50
N PRO A 859 17.13 31.99 -104.47
CA PRO A 859 16.43 30.82 -105.02
C PRO A 859 17.18 30.15 -106.16
N PRO A 860 17.67 28.93 -105.96
CA PRO A 860 17.86 28.01 -107.09
C PRO A 860 16.65 27.09 -107.20
N GLU A 861 16.66 26.28 -108.26
CA GLU A 861 15.58 25.32 -108.44
C GLU A 861 15.51 24.26 -107.33
N PRO A 862 16.61 23.54 -107.00
CA PRO A 862 16.47 22.40 -106.06
C PRO A 862 16.14 22.79 -104.62
N ARG A 863 16.94 23.68 -104.03
CA ARG A 863 16.81 23.99 -102.62
C ARG A 863 15.72 25.05 -102.41
N GLU A 864 15.70 25.64 -101.21
CA GLU A 864 14.68 26.62 -100.82
C GLU A 864 13.28 26.01 -100.86
N LYS A 865 13.07 25.02 -100.00
CA LYS A 865 11.74 24.44 -99.85
C LYS A 865 10.79 25.46 -99.22
N THR A 866 9.60 25.59 -99.81
CA THR A 866 8.64 26.56 -99.33
C THR A 866 8.07 26.15 -97.97
N ILE A 867 7.63 27.14 -97.20
CA ILE A 867 7.03 26.93 -95.89
C ILE A 867 5.55 27.22 -96.00
N SER A 868 4.71 26.22 -95.69
CA SER A 868 3.27 26.35 -95.79
C SER A 868 2.52 26.14 -94.49
N ALA A 869 3.13 25.48 -93.51
CA ALA A 869 2.50 25.18 -92.23
C ALA A 869 3.43 25.58 -91.10
N PRO A 870 2.88 25.92 -89.94
CA PRO A 870 3.74 26.23 -88.78
C PRO A 870 4.58 25.03 -88.39
N LEU A 871 5.80 25.31 -87.94
CA LEU A 871 6.79 24.31 -87.59
C LEU A 871 7.47 24.70 -86.29
N PRO A 872 7.97 23.71 -85.53
CA PRO A 872 8.58 24.02 -84.23
C PRO A 872 9.85 24.85 -84.38
N TYR A 873 10.36 25.30 -83.24
CA TYR A 873 11.53 26.17 -83.23
C TYR A 873 12.77 25.43 -83.73
N GLU A 874 12.91 24.15 -83.38
CA GLU A 874 14.08 23.40 -83.81
C GLU A 874 14.10 23.20 -85.32
N ALA A 875 12.95 22.80 -85.89
CA ALA A 875 12.86 22.62 -87.33
C ALA A 875 13.08 23.93 -88.06
N LEU A 876 12.52 25.03 -87.55
CA LEU A 876 12.72 26.33 -88.18
C LEU A 876 14.19 26.73 -88.15
N THR A 877 14.85 26.55 -87.01
CA THR A 877 16.27 26.90 -86.92
C THR A 877 17.10 26.06 -87.87
N GLN A 878 16.81 24.76 -87.96
CA GLN A 878 17.53 23.90 -88.89
C GLN A 878 17.29 24.33 -90.33
N LEU A 879 16.06 24.71 -90.66
CA LEU A 879 15.76 25.13 -92.03
C LEU A 879 16.50 26.41 -92.39
N ILE A 880 16.50 27.39 -91.50
CA ILE A 880 17.23 28.63 -91.78
C ILE A 880 18.73 28.38 -91.83
N ASP A 881 19.24 27.47 -91.01
CA ASP A 881 20.66 27.14 -91.06
C ASP A 881 21.04 26.50 -92.38
N GLU A 882 20.24 25.54 -92.86
CA GLU A 882 20.56 24.89 -94.12
C GLU A 882 20.38 25.84 -95.29
N ALA A 883 19.44 26.77 -95.18
CA ALA A 883 19.29 27.79 -96.22
C ALA A 883 20.48 28.73 -96.26
N SER A 884 20.99 29.12 -95.09
CA SER A 884 22.11 30.05 -95.05
C SER A 884 23.42 29.37 -95.44
N GLU A 885 23.52 28.07 -95.21
CA GLU A 885 24.72 27.29 -95.55
C GLU A 885 25.94 27.83 -94.81
N GLY A 886 27.07 27.95 -95.51
CA GLY A 886 28.31 28.38 -94.91
C GLY A 886 28.50 29.87 -94.76
N ASP A 887 27.56 30.68 -95.25
CA ASP A 887 27.70 32.12 -95.13
C ASP A 887 27.65 32.58 -93.68
N MET A 888 26.71 32.03 -92.89
CA MET A 888 26.60 32.25 -91.45
C MET A 888 26.07 33.65 -91.16
N SER A 889 26.01 34.51 -92.19
CA SER A 889 25.40 35.83 -92.03
C SER A 889 24.03 35.89 -92.66
N ILE A 890 23.77 35.04 -93.66
CA ILE A 890 22.44 34.97 -94.26
C ILE A 890 21.41 34.58 -93.23
N SER A 891 21.78 33.67 -92.31
CA SER A 891 20.85 33.23 -91.27
C SER A 891 20.43 34.38 -90.37
N ILE A 892 21.41 35.14 -89.85
CA ILE A 892 21.09 36.22 -88.92
C ILE A 892 20.36 37.34 -89.64
N LEU A 893 20.78 37.64 -90.88
CA LEU A 893 20.10 38.66 -91.67
C LEU A 893 18.65 38.27 -91.94
N THR A 894 18.42 36.99 -92.25
CA THR A 894 17.06 36.50 -92.46
C THR A 894 16.24 36.62 -91.18
N GLN A 895 16.81 36.24 -90.04
CA GLN A 895 16.09 36.37 -88.78
C GLN A 895 15.70 37.81 -88.51
N GLU A 896 16.64 38.74 -88.67
CA GLU A 896 16.36 40.15 -88.43
C GLU A 896 15.28 40.66 -89.37
N ILE A 897 15.43 40.38 -90.68
CA ILE A 897 14.47 40.90 -91.65
C ILE A 897 13.09 40.31 -91.40
N MET A 898 13.01 39.02 -91.05
CA MET A 898 11.71 38.39 -90.88
C MET A 898 11.03 38.85 -89.61
N VAL A 899 11.80 39.07 -88.53
CA VAL A 899 11.18 39.66 -87.34
C VAL A 899 10.75 41.09 -87.63
N TYR A 900 11.44 41.77 -88.56
CA TYR A 900 11.03 43.12 -88.93
C TYR A 900 9.69 43.10 -89.68
N LEU A 901 9.52 42.19 -90.64
CA LEU A 901 8.22 42.09 -91.30
C LEU A 901 7.14 41.67 -90.30
N ALA A 902 7.47 40.78 -89.38
CA ALA A 902 6.49 40.35 -88.38
C ALA A 902 6.05 41.53 -87.51
N MET A 903 7.00 42.37 -87.08
CA MET A 903 6.64 43.56 -86.31
C MET A 903 5.83 44.54 -87.13
N TYR A 904 6.19 44.73 -88.40
CA TYR A 904 5.49 45.70 -89.25
C TYR A 904 4.08 45.25 -89.62
N MET A 905 3.84 43.94 -89.70
CA MET A 905 2.52 43.46 -90.12
C MET A 905 1.44 43.84 -89.12
N ARG A 906 1.73 43.68 -87.82
CA ARG A 906 0.76 44.03 -86.79
C ARG A 906 0.47 45.53 -86.79
N THR A 907 1.51 46.35 -86.97
CA THR A 907 1.33 47.80 -86.93
C THR A 907 0.58 48.28 -88.18
N GLN A 908 1.00 47.83 -89.35
CA GLN A 908 0.42 48.27 -90.62
C GLN A 908 0.23 47.06 -91.54
N PRO A 909 -0.96 46.45 -91.53
CA PRO A 909 -1.29 45.37 -92.48
C PRO A 909 -1.81 45.89 -93.82
N GLY A 910 -1.13 46.89 -94.37
CA GLY A 910 -1.54 47.46 -95.64
C GLY A 910 -0.44 47.43 -96.69
N LEU A 911 0.82 47.42 -96.24
CA LEU A 911 1.93 47.32 -97.17
C LEU A 911 2.08 45.90 -97.72
N PHE A 912 1.68 44.91 -96.93
CA PHE A 912 1.77 43.51 -97.34
C PHE A 912 0.51 43.03 -98.04
N ALA A 913 -0.46 43.90 -98.24
CA ALA A 913 -1.63 43.54 -99.03
C ALA A 913 -1.22 43.26 -100.47
N GLU A 914 -1.91 42.31 -101.10
CA GLU A 914 -1.73 41.82 -102.47
C GLU A 914 -0.41 41.07 -102.65
N MET A 915 0.43 40.98 -101.63
CA MET A 915 1.49 39.98 -101.58
C MET A 915 0.85 38.61 -101.43
N PHE A 916 1.51 37.59 -101.95
CA PHE A 916 1.19 36.21 -101.61
C PHE A 916 2.36 35.47 -101.00
N ARG A 917 3.56 35.59 -101.57
CA ARG A 917 4.75 34.91 -101.08
C ARG A 917 5.84 35.93 -100.80
N LEU A 918 6.56 35.71 -99.70
CA LEU A 918 7.69 36.55 -99.33
C LEU A 918 8.96 35.71 -99.47
N ARG A 919 9.88 36.20 -100.31
CA ARG A 919 11.16 35.51 -100.55
C ARG A 919 12.26 36.37 -99.95
N ILE A 920 12.92 35.83 -98.93
CA ILE A 920 13.89 36.62 -98.17
C ILE A 920 15.15 36.88 -98.99
N GLY A 921 15.61 35.88 -99.74
CA GLY A 921 16.82 36.06 -100.52
C GLY A 921 16.67 37.12 -101.60
N LEU A 922 15.51 37.13 -102.27
CA LEU A 922 15.29 38.10 -103.34
C LEU A 922 15.24 39.53 -102.79
N ILE A 923 14.59 39.73 -101.65
CA ILE A 923 14.54 41.08 -101.07
C ILE A 923 15.91 41.47 -100.53
N ILE A 924 16.69 40.48 -100.06
CA ILE A 924 18.06 40.74 -99.65
C ILE A 924 18.87 41.27 -100.84
N GLN A 925 18.79 40.57 -101.97
CA GLN A 925 19.48 41.02 -103.17
C GLN A 925 18.95 42.37 -103.63
N VAL A 926 17.65 42.62 -103.42
CA VAL A 926 17.04 43.88 -103.82
C VAL A 926 17.66 45.04 -103.04
N MET A 927 17.73 44.92 -101.71
CA MET A 927 18.28 46.02 -100.93
C MET A 927 19.77 46.15 -101.14
N ALA A 928 20.47 45.03 -101.40
CA ALA A 928 21.88 45.10 -101.74
C ALA A 928 22.10 45.88 -103.04
N THR A 929 21.27 45.60 -104.05
CA THR A 929 21.37 46.34 -105.32
C THR A 929 21.02 47.80 -105.13
N GLU A 930 20.02 48.10 -104.29
CA GLU A 930 19.67 49.49 -104.02
C GLU A 930 20.82 50.23 -103.34
N LEU A 931 21.47 49.58 -102.37
CA LEU A 931 22.62 50.19 -101.72
C LEU A 931 23.76 50.41 -102.70
N ALA A 932 24.01 49.43 -103.58
CA ALA A 932 25.07 49.57 -104.58
C ALA A 932 24.77 50.73 -105.52
N HIS A 933 23.52 50.85 -105.97
CA HIS A 933 23.15 51.95 -106.85
C HIS A 933 23.28 53.30 -106.16
N SER A 934 22.85 53.37 -104.89
CA SER A 934 22.94 54.64 -104.16
C SER A 934 24.38 55.05 -103.93
N LEU A 935 25.25 54.10 -103.58
CA LEU A 935 26.65 54.40 -103.30
C LEU A 935 27.53 54.33 -104.54
N ARG A 936 27.00 53.85 -105.68
CA ARG A 936 27.76 53.70 -106.91
C ARG A 936 29.03 52.89 -106.68
N CYS A 937 28.91 51.82 -105.90
CA CYS A 937 30.03 50.99 -105.51
C CYS A 937 29.82 49.56 -106.03
N SER A 938 30.77 48.69 -105.71
CA SER A 938 30.73 47.30 -106.14
C SER A 938 29.79 46.49 -105.25
N ALA A 939 29.55 45.24 -105.66
CA ALA A 939 28.69 44.37 -104.88
C ALA A 939 29.28 44.09 -103.51
N GLU A 940 30.59 43.87 -103.43
CA GLU A 940 31.22 43.64 -102.14
C GLU A 940 31.09 44.88 -101.26
N GLU A 941 31.33 46.06 -101.81
CA GLU A 941 31.17 47.27 -101.03
C GLU A 941 29.73 47.46 -100.57
N ALA A 942 28.78 47.13 -101.44
CA ALA A 942 27.37 47.18 -101.06
C ALA A 942 27.09 46.23 -99.89
N THR A 943 27.66 45.03 -99.94
CA THR A 943 27.43 44.07 -98.86
C THR A 943 28.05 44.53 -97.54
N GLU A 944 29.27 45.06 -97.58
CA GLU A 944 29.88 45.52 -96.33
C GLU A 944 29.14 46.72 -95.77
N GLY A 945 28.71 47.63 -96.64
CA GLY A 945 27.87 48.73 -96.18
C GLY A 945 26.59 48.25 -95.55
N LEU A 946 25.91 47.29 -96.20
CA LEU A 946 24.67 46.75 -95.65
C LEU A 946 24.91 46.12 -94.28
N MET A 947 26.00 45.39 -94.13
CA MET A 947 26.32 44.79 -92.83
C MET A 947 26.62 45.86 -91.79
N ASN A 948 27.25 46.97 -92.21
CA ASN A 948 27.70 47.99 -91.27
C ASN A 948 26.57 48.88 -90.75
N LEU A 949 25.37 48.80 -91.30
CA LEU A 949 24.28 49.67 -90.86
C LEU A 949 23.77 49.26 -89.48
N SER A 950 23.07 50.19 -88.84
CA SER A 950 22.41 49.93 -87.57
C SER A 950 21.06 49.27 -87.78
N PRO A 951 20.54 48.55 -86.78
CA PRO A 951 19.22 47.91 -86.95
C PRO A 951 18.11 48.87 -87.33
N SER A 952 18.14 50.08 -86.77
CA SER A 952 17.19 51.10 -87.19
C SER A 952 17.35 51.44 -88.66
N ALA A 953 18.59 51.42 -89.16
CA ALA A 953 18.84 51.68 -90.57
C ALA A 953 18.23 50.59 -91.45
N MET A 954 18.39 49.31 -91.07
CA MET A 954 17.76 48.25 -91.84
C MET A 954 16.24 48.36 -91.80
N LYS A 955 15.68 48.69 -90.63
CA LYS A 955 14.23 48.85 -90.56
C LYS A 955 13.76 49.98 -91.46
N ASN A 956 14.47 51.11 -91.45
CA ASN A 956 14.09 52.23 -92.29
C ASN A 956 14.19 51.88 -93.77
N LEU A 957 15.26 51.20 -94.17
CA LEU A 957 15.42 50.88 -95.60
C LEU A 957 14.39 49.87 -96.06
N LEU A 958 14.08 48.87 -95.22
CA LEU A 958 13.08 47.89 -95.61
C LEU A 958 11.69 48.54 -95.67
N HIS A 959 11.40 49.45 -94.75
CA HIS A 959 10.16 50.21 -94.83
C HIS A 959 10.08 51.02 -96.12
N HIS A 960 11.20 51.67 -96.49
CA HIS A 960 11.24 52.44 -97.72
C HIS A 960 10.99 51.56 -98.95
N ILE A 961 11.64 50.39 -99.00
CA ILE A 961 11.49 49.53 -100.18
C ILE A 961 10.13 48.84 -100.18
N LEU A 962 9.51 48.73 -99.01
CA LEU A 962 8.17 48.16 -98.92
C LEU A 962 7.14 49.15 -99.43
N GLY A 964 7.97 51.26 -101.65
CA GLY A 964 8.38 51.46 -103.03
C GLY A 964 8.54 52.93 -103.37
N LYS A 965 9.26 53.64 -102.51
CA LYS A 965 9.45 55.08 -102.65
C LYS A 965 10.94 55.40 -102.73
N GLU A 966 11.24 56.57 -103.26
CA GLU A 966 12.63 57.01 -103.38
C GLU A 966 12.79 58.45 -102.87
N GLN A 1053 14.95 54.97 -114.30
CA GLN A 1053 14.04 54.92 -113.16
C GLN A 1053 12.88 53.99 -113.42
N TRP A 1054 12.30 54.09 -114.62
CA TRP A 1054 11.18 53.22 -114.99
C TRP A 1054 11.62 51.77 -115.08
N GLN A 1055 12.77 51.51 -115.72
CA GLN A 1055 13.32 50.15 -115.74
C GLN A 1055 13.64 49.65 -114.34
N ARG A 1056 14.23 50.53 -113.51
CA ARG A 1056 14.50 50.16 -112.13
C ARG A 1056 13.21 49.83 -111.39
N ARG A 1057 12.17 50.65 -111.58
CA ARG A 1057 10.89 50.40 -110.91
C ARG A 1057 10.32 49.05 -111.32
N ARG A 1058 10.40 48.75 -112.63
CA ARG A 1058 9.93 47.44 -113.10
C ARG A 1058 10.74 46.31 -112.47
N ARG A 1059 12.06 46.53 -112.29
CA ARG A 1059 12.88 45.53 -111.63
C ARG A 1059 12.42 45.28 -110.19
N LEU A 1060 12.16 46.36 -109.44
CA LEU A 1060 11.68 46.17 -108.07
C LEU A 1060 10.31 45.47 -108.06
N ASP A 1061 9.41 45.84 -108.98
CA ASP A 1061 8.10 45.20 -109.00
C ASP A 1061 8.22 43.70 -109.29
N GLY A 1062 9.01 43.34 -110.31
CA GLY A 1062 9.14 41.94 -110.65
C GLY A 1062 9.85 41.14 -109.58
N ALA A 1063 10.86 41.73 -108.93
CA ALA A 1063 11.61 41.02 -107.90
C ALA A 1063 10.74 40.67 -106.71
N LEU A 1064 9.88 41.59 -106.29
CA LEU A 1064 8.97 41.35 -105.18
C LEU A 1064 7.63 40.78 -105.64
N ASN A 1065 7.50 40.45 -106.92
CA ASN A 1065 6.31 39.85 -107.52
C ASN A 1065 5.04 40.57 -107.06
N ARG A 1066 4.97 41.86 -107.40
CA ARG A 1066 3.81 42.68 -107.07
C ARG A 1066 2.76 42.54 -108.17
N VAL A 1067 1.56 42.12 -107.79
CA VAL A 1067 0.47 41.89 -108.74
C VAL A 1067 -0.80 42.50 -108.20
N PRO A 1068 -1.69 42.95 -109.09
CA PRO A 1068 -2.96 43.54 -108.64
C PRO A 1068 -3.85 42.51 -107.95
N VAL A 1069 -4.78 43.02 -107.15
CA VAL A 1069 -5.67 42.15 -106.38
C VAL A 1069 -6.57 41.35 -107.31
N GLY A 1070 -7.13 41.99 -108.33
CA GLY A 1070 -8.05 41.33 -109.22
C GLY A 1070 -7.37 40.48 -110.28
N PHE A 1071 -6.05 40.47 -110.25
CA PHE A 1071 -5.26 39.71 -111.23
C PHE A 1071 -5.70 38.25 -111.29
N TYR A 1072 -6.02 37.68 -110.14
CA TYR A 1072 -6.31 36.25 -110.11
C TYR A 1072 -7.68 35.94 -110.71
N GLN A 1073 -8.67 36.80 -110.44
CA GLN A 1073 -9.95 36.66 -111.13
C GLN A 1073 -9.78 36.83 -112.63
N LYS A 1074 -8.95 37.79 -113.04
CA LYS A 1074 -8.72 37.99 -114.47
C LYS A 1074 -8.06 36.76 -115.10
N VAL A 1075 -7.07 36.18 -114.42
CA VAL A 1075 -6.39 34.99 -114.94
C VAL A 1075 -7.36 33.81 -115.00
N TRP A 1076 -8.19 33.65 -113.97
CA TRP A 1076 -9.16 32.56 -113.97
C TRP A 1076 -10.15 32.70 -115.12
N LYS A 1077 -10.63 33.92 -115.36
CA LYS A 1077 -11.55 34.15 -116.47
C LYS A 1077 -10.87 33.89 -117.81
N VAL A 1078 -9.62 34.32 -117.95
CA VAL A 1078 -8.88 34.09 -119.20
C VAL A 1078 -8.72 32.60 -119.44
N LEU A 1079 -8.34 31.84 -118.41
CA LEU A 1079 -8.18 30.40 -118.55
C LEU A 1079 -9.50 29.73 -118.86
N GLN A 1080 -10.60 30.25 -118.31
CA GLN A 1080 -11.92 29.73 -118.66
C GLN A 1080 -12.26 29.99 -120.11
N LYS A 1081 -11.88 31.16 -120.63
CA LYS A 1081 -12.22 31.56 -121.99
C LYS A 1081 -11.16 31.20 -123.02
N CYS A 1082 -10.07 30.57 -122.61
CA CYS A 1082 -9.00 30.21 -123.55
C CYS A 1082 -8.56 28.77 -123.30
N HIS A 1083 -8.01 28.17 -124.35
CA HIS A 1083 -7.53 26.79 -124.24
C HIS A 1083 -6.34 26.68 -123.30
N GLY A 1084 -5.44 27.66 -123.34
CA GLY A 1084 -4.28 27.63 -122.47
C GLY A 1084 -3.39 28.83 -122.71
N LEU A 1085 -2.31 28.88 -121.96
CA LEU A 1085 -1.34 29.97 -122.02
C LEU A 1085 0.05 29.39 -122.20
N SER A 1086 0.78 29.91 -123.17
CA SER A 1086 2.17 29.52 -123.42
C SER A 1086 3.09 30.63 -122.92
N VAL A 1087 4.09 30.24 -122.13
CA VAL A 1087 4.98 31.20 -121.49
C VAL A 1087 6.42 30.90 -121.94
N GLU A 1088 6.56 30.43 -123.18
CA GLU A 1088 7.85 30.01 -123.73
C GLU A 1088 8.47 28.90 -122.87
N GLY A 1089 7.78 27.77 -122.84
CA GLY A 1089 8.17 26.65 -122.00
C GLY A 1089 7.01 26.11 -121.21
N PHE A 1090 6.83 24.79 -121.22
CA PHE A 1090 5.71 24.12 -120.55
C PHE A 1090 4.38 24.66 -121.07
N VAL A 1091 3.30 24.42 -120.33
CA VAL A 1091 1.97 24.87 -120.72
C VAL A 1091 1.10 24.88 -119.48
N LEU A 1092 0.09 25.73 -119.49
CA LEU A 1092 -0.91 25.80 -118.41
C LEU A 1092 -2.27 25.41 -118.97
N PRO A 1093 -2.72 24.17 -118.75
CA PRO A 1093 -4.00 23.74 -119.34
C PRO A 1093 -5.18 24.46 -118.69
N SER A 1094 -6.25 24.57 -119.47
CA SER A 1094 -7.49 25.18 -118.98
C SER A 1094 -8.34 24.20 -118.19
N SER A 1095 -7.98 22.92 -118.16
CA SER A 1095 -8.76 21.94 -117.39
C SER A 1095 -8.65 22.15 -115.89
N THR A 1096 -7.67 22.95 -115.43
CA THR A 1096 -7.49 23.18 -114.01
C THR A 1096 -8.56 24.08 -113.41
N THR A 1097 -9.38 24.74 -114.24
CA THR A 1097 -10.40 25.65 -113.69
C THR A 1097 -11.53 24.87 -113.02
N ARG A 1098 -11.73 23.62 -113.40
CA ARG A 1098 -12.78 22.81 -112.79
C ARG A 1098 -12.31 22.21 -111.46
N GLU A 1099 -11.02 21.87 -111.39
CA GLU A 1099 -10.46 21.33 -110.16
C GLU A 1099 -10.43 22.38 -109.05
N MET A 1100 -10.46 23.65 -109.42
CA MET A 1100 -9.86 24.72 -108.64
C MET A 1100 -10.78 25.95 -108.63
N THR A 1101 -10.68 26.73 -107.57
CA THR A 1101 -11.52 27.90 -107.36
C THR A 1101 -10.66 29.12 -107.17
N PRO A 1102 -11.20 30.31 -107.47
CA PRO A 1102 -10.42 31.55 -107.29
C PRO A 1102 -9.97 31.79 -105.86
N GLY A 1103 -10.78 31.41 -104.87
CA GLY A 1103 -10.43 31.62 -103.48
C GLY A 1103 -9.49 30.60 -102.88
N GLU A 1104 -9.10 29.58 -103.64
CA GLU A 1104 -8.22 28.52 -103.15
C GLU A 1104 -6.78 28.98 -103.20
N ILE A 1105 -6.01 28.66 -102.16
CA ILE A 1105 -4.59 28.98 -102.15
C ILE A 1105 -3.82 28.07 -103.10
N LYS A 1106 -4.43 26.94 -103.48
CA LYS A 1106 -3.87 26.11 -104.54
C LYS A 1106 -3.80 26.90 -105.84
N PHE A 1107 -4.79 27.73 -106.10
CA PHE A 1107 -4.72 28.64 -107.24
C PHE A 1107 -3.51 29.55 -107.15
N SER A 1108 -3.26 30.07 -105.96
CA SER A 1108 -2.13 30.97 -105.76
C SER A 1108 -0.82 30.27 -106.05
N VAL A 1109 -0.61 29.09 -105.47
CA VAL A 1109 0.66 28.40 -105.66
C VAL A 1109 0.83 27.98 -107.12
N HIS A 1110 -0.23 27.47 -107.76
CA HIS A 1110 -0.10 27.00 -109.14
C HIS A 1110 0.17 28.17 -110.09
N VAL A 1111 -0.58 29.26 -109.97
CA VAL A 1111 -0.38 30.40 -110.86
C VAL A 1111 1.00 31.01 -110.65
N GLU A 1112 1.43 31.15 -109.39
CA GLU A 1112 2.74 31.71 -109.13
C GLU A 1112 3.84 30.81 -109.68
N SER A 1113 3.70 29.49 -109.54
CA SER A 1113 4.70 28.58 -110.07
C SER A 1113 4.74 28.65 -111.59
N VAL A 1114 3.58 28.78 -112.24
CA VAL A 1114 3.54 28.91 -113.69
C VAL A 1114 4.23 30.20 -114.13
N LEU A 1115 3.97 31.30 -113.42
CA LEU A 1115 4.42 32.62 -113.86
C LEU A 1115 5.85 32.96 -113.46
N ASN A 1116 6.49 32.17 -112.59
CA ASN A 1116 7.83 32.50 -112.14
C ASN A 1116 8.92 31.75 -112.87
N ARG A 1117 8.60 31.03 -113.95
CA ARG A 1117 9.64 30.30 -114.67
C ARG A 1117 10.63 31.26 -115.33
N VAL A 1118 10.16 32.42 -115.75
CA VAL A 1118 11.07 33.44 -116.30
C VAL A 1118 11.81 34.12 -115.16
N PRO A 1119 13.15 34.14 -115.16
CA PRO A 1119 13.90 34.76 -114.07
C PRO A 1119 14.12 36.25 -114.20
N GLN A 1120 13.40 36.94 -115.08
CA GLN A 1120 13.61 38.37 -115.26
C GLN A 1120 12.44 39.13 -114.62
N PRO A 1121 12.59 39.77 -113.41
CA PRO A 1121 11.61 40.81 -113.04
C PRO A 1121 11.01 41.67 -114.14
N GLU A 1122 11.81 42.24 -115.04
CA GLU A 1122 11.25 43.05 -116.12
C GLU A 1122 10.33 42.23 -117.00
N TYR A 1123 10.78 41.05 -117.42
CA TYR A 1123 9.92 40.18 -118.22
C TYR A 1123 8.71 39.71 -117.43
N ARG A 1124 8.86 39.55 -116.12
CA ARG A 1124 7.72 39.18 -115.28
C ARG A 1124 6.66 40.27 -115.33
N GLN A 1125 7.04 41.53 -115.10
CA GLN A 1125 6.08 42.63 -115.17
C GLN A 1125 5.51 42.76 -116.58
N LEU A 1126 6.33 42.48 -117.59
CA LEU A 1126 5.84 42.51 -118.96
C LEU A 1126 4.74 41.47 -119.17
N LEU A 1127 4.90 40.27 -118.62
CA LEU A 1127 3.86 39.26 -118.80
C LEU A 1127 2.64 39.58 -117.94
N VAL A 1128 2.83 40.24 -116.78
CA VAL A 1128 1.67 40.70 -116.02
C VAL A 1128 0.84 41.68 -116.84
N GLU A 1129 1.49 42.69 -117.43
CA GLU A 1129 0.72 43.66 -118.19
C GLU A 1129 0.16 43.06 -119.48
N ALA A 1130 0.87 42.10 -120.08
CA ALA A 1130 0.34 41.42 -121.25
C ALA A 1130 -0.91 40.62 -120.89
N ILE A 1131 -0.90 39.91 -119.76
CA ILE A 1131 -2.08 39.15 -119.35
C ILE A 1131 -3.22 40.10 -118.99
N LEU A 1132 -2.90 41.25 -118.40
CA LEU A 1132 -3.93 42.23 -118.07
C LEU A 1132 -4.61 42.75 -119.34
N VAL A 1133 -3.82 43.11 -120.35
CA VAL A 1133 -4.40 43.62 -121.59
C VAL A 1133 -5.14 42.51 -122.33
N LEU A 1134 -4.65 41.27 -122.22
CA LEU A 1134 -5.35 40.15 -122.82
C LEU A 1134 -6.70 39.92 -122.17
N THR A 1135 -6.77 40.07 -120.83
CA THR A 1135 -8.04 39.94 -120.14
C THR A 1135 -8.99 41.07 -120.52
N MET A 1136 -8.46 42.29 -120.66
CA MET A 1136 -9.30 43.39 -121.12
C MET A 1136 -9.86 43.11 -122.51
N LEU A 1137 -9.02 42.61 -123.41
CA LEU A 1137 -9.47 42.25 -124.75
C LEU A 1137 -10.52 41.15 -124.72
N ALA A 1138 -10.31 40.13 -123.89
CA ALA A 1138 -11.28 39.04 -123.78
C ALA A 1138 -12.60 39.53 -123.20
N ASP A 1139 -12.55 40.52 -122.31
CA ASP A 1139 -13.78 41.15 -121.84
C ASP A 1139 -14.46 41.91 -122.97
N ILE A 1140 -13.67 42.56 -123.84
CA ILE A 1140 -14.25 43.34 -124.93
C ILE A 1140 -14.92 42.42 -125.95
N GLU A 1141 -14.24 41.35 -126.36
CA GLU A 1141 -14.75 40.46 -127.40
C GLU A 1141 -15.46 39.27 -126.76
N ILE A 1142 -16.68 39.01 -127.23
CA ILE A 1142 -17.49 37.90 -126.71
C ILE A 1142 -17.32 36.75 -127.71
N HIS A 1143 -16.35 35.89 -127.45
CA HIS A 1143 -16.07 34.74 -128.29
C HIS A 1143 -15.13 33.81 -127.54
N SER A 1144 -14.82 32.68 -128.15
CA SER A 1144 -13.91 31.69 -127.61
C SER A 1144 -12.66 31.62 -128.49
N ILE A 1145 -11.49 31.77 -127.87
CA ILE A 1145 -10.23 31.74 -128.62
C ILE A 1145 -10.02 30.35 -129.23
N GLY A 1146 -10.23 29.31 -128.44
CA GLY A 1146 -10.10 27.95 -128.94
C GLY A 1146 -8.71 27.57 -129.40
N SER A 1147 -7.68 28.09 -128.74
CA SER A 1147 -6.30 27.79 -129.08
C SER A 1147 -5.41 28.26 -127.93
N ILE A 1148 -4.13 27.90 -128.03
CA ILE A 1148 -3.13 28.26 -127.02
C ILE A 1148 -2.49 29.57 -127.42
N ILE A 1149 -2.47 30.53 -126.50
CA ILE A 1149 -1.92 31.86 -126.73
C ILE A 1149 -0.58 31.95 -126.01
N ALA A 1150 0.42 32.51 -126.68
CA ALA A 1150 1.76 32.66 -126.14
C ALA A 1150 2.00 34.13 -125.81
N VAL A 1151 2.30 34.40 -124.54
CA VAL A 1151 2.64 35.77 -124.13
C VAL A 1151 3.98 36.19 -124.70
N GLU A 1152 4.91 35.24 -124.85
CA GLU A 1152 6.22 35.56 -125.41
C GLU A 1152 6.10 36.09 -126.83
N LYS A 1153 5.27 35.46 -127.65
CA LYS A 1153 5.07 35.95 -129.01
C LYS A 1153 4.44 37.34 -129.00
N ILE A 1154 3.51 37.59 -128.09
CA ILE A 1154 2.86 38.89 -128.01
C ILE A 1154 3.87 39.97 -127.66
N VAL A 1155 4.69 39.72 -126.64
CA VAL A 1155 5.66 40.75 -126.23
C VAL A 1155 6.73 40.93 -127.30
N HIS A 1156 7.11 39.86 -128.00
CA HIS A 1156 8.06 40.00 -129.10
C HIS A 1156 7.48 40.85 -130.23
N ILE A 1157 6.20 40.63 -130.56
CA ILE A 1157 5.55 41.42 -131.61
C ILE A 1157 5.47 42.88 -131.18
N ALA A 1158 5.14 43.13 -129.91
CA ALA A 1158 5.08 44.50 -129.42
C ALA A 1158 6.45 45.17 -129.49
N ASN A 1159 7.51 44.44 -129.12
CA ASN A 1159 8.86 44.99 -129.21
C ASN A 1159 9.23 45.30 -130.66
N ASP A 1160 8.88 44.40 -131.59
CA ASP A 1160 9.18 44.65 -133.00
C ASP A 1160 8.42 45.87 -133.51
N LEU A 1161 7.16 46.02 -133.10
CA LEU A 1161 6.38 47.20 -133.50
C LEU A 1161 7.00 48.48 -132.93
N PHE A 1162 7.46 48.44 -131.69
CA PHE A 1162 8.11 49.61 -131.11
C PHE A 1162 9.39 49.96 -131.85
N LEU A 1163 10.19 48.94 -132.20
CA LEU A 1163 11.41 49.19 -132.97
C LEU A 1163 11.10 49.80 -134.32
N GLN A 1164 10.08 49.27 -135.00
CA GLN A 1164 9.69 49.81 -136.30
C GLN A 1164 9.21 51.25 -136.18
N GLU A 1165 8.41 51.55 -135.15
CA GLU A 1165 7.94 52.91 -134.95
C GLU A 1165 9.10 53.86 -134.67
N GLN A 1166 10.06 53.43 -133.84
CA GLN A 1166 11.22 54.26 -133.56
C GLN A 1166 12.04 54.51 -134.81
N LYS A 1167 12.25 53.48 -135.63
CA LYS A 1167 12.99 53.65 -136.87
C LYS A 1167 12.28 54.58 -137.83
N THR A 1168 10.96 54.46 -137.94
CA THR A 1168 10.19 55.33 -138.82
C THR A 1168 10.23 56.78 -138.35
N LEU A 1169 10.14 57.00 -137.03
CA LEU A 1169 10.13 58.35 -136.50
C LEU A 1169 11.45 59.07 -136.76
N GLY A 1170 12.56 58.33 -136.75
CA GLY A 1170 13.85 58.92 -137.04
C GLY A 1170 14.91 58.58 -136.00
N ALA A 1171 14.61 57.63 -135.12
CA ALA A 1171 15.56 57.26 -134.08
C ALA A 1171 16.75 56.50 -134.68
N ASP A 1172 17.93 56.74 -134.12
CA ASP A 1172 19.14 56.12 -134.60
C ASP A 1172 19.41 54.82 -133.83
N ASP A 1173 20.61 54.28 -134.00
CA ASP A 1173 20.94 52.94 -133.51
C ASP A 1173 21.38 52.87 -132.04
N MET A 1175 20.07 54.35 -129.28
CA MET A 1175 18.97 54.18 -128.34
C MET A 1175 18.03 53.06 -128.81
N LEU A 1176 18.35 52.47 -129.95
CA LEU A 1176 17.66 51.28 -130.44
C LEU A 1176 18.42 50.04 -129.97
N ALA A 1177 18.65 50.00 -128.66
CA ALA A 1177 19.48 48.97 -128.06
C ALA A 1177 18.72 47.64 -127.96
N LYS A 1178 19.48 46.57 -127.70
CA LYS A 1178 18.94 45.23 -127.55
C LYS A 1178 19.35 44.69 -126.19
N ASP A 1179 18.42 44.03 -125.51
CA ASP A 1179 18.74 43.42 -124.22
C ASP A 1179 19.67 42.23 -124.46
N PRO A 1180 20.82 42.18 -123.77
CA PRO A 1180 21.78 41.10 -124.05
C PRO A 1180 21.24 39.70 -123.75
N ALA A 1181 20.19 39.58 -122.95
CA ALA A 1181 19.68 38.26 -122.57
C ALA A 1181 18.19 38.11 -122.89
N SER A 1182 17.53 39.15 -123.39
CA SER A 1182 16.11 39.07 -123.70
C SER A 1182 15.73 39.67 -125.05
N GLY A 1183 16.60 40.46 -125.68
CA GLY A 1183 16.27 41.06 -126.96
C GLY A 1183 15.12 42.05 -126.89
N ILE A 1184 15.09 42.90 -125.87
CA ILE A 1184 14.05 43.90 -125.69
C ILE A 1184 14.72 45.26 -125.57
N CYS A 1185 14.17 46.25 -126.28
CA CYS A 1185 14.74 47.59 -126.27
C CYS A 1185 14.66 48.19 -124.87
N THR A 1186 15.71 48.92 -124.50
CA THR A 1186 15.74 49.58 -123.19
C THR A 1186 14.67 50.67 -123.10
N LEU A 1187 14.38 51.32 -124.22
CA LEU A 1187 13.36 52.36 -124.23
C LEU A 1187 11.98 51.78 -123.92
N LEU A 1188 11.75 50.52 -124.28
CA LEU A 1188 10.49 49.87 -123.92
C LEU A 1188 10.34 49.76 -122.41
N TYR A 1189 11.41 49.36 -121.72
CA TYR A 1189 11.38 49.32 -120.26
C TYR A 1189 11.24 50.72 -119.67
N ASP A 1190 11.96 51.70 -120.23
CA ASP A 1190 11.89 53.05 -119.71
C ASP A 1190 10.59 53.76 -120.06
N SER A 1191 9.83 53.24 -121.02
CA SER A 1191 8.58 53.86 -121.41
C SER A 1191 7.53 53.74 -120.30
N ALA A 1192 6.76 54.81 -120.11
CA ALA A 1192 5.70 54.80 -119.13
C ALA A 1192 4.58 53.85 -119.58
N PRO A 1193 3.87 53.23 -118.62
CA PRO A 1193 2.77 52.31 -118.95
C PRO A 1193 1.65 52.98 -119.74
N GLY A 1195 -0.07 56.48 -121.86
CA GLY A 1195 0.31 57.56 -122.76
C GLY A 1195 0.07 57.24 -124.21
N ARG A 1196 0.31 58.22 -125.09
CA ARG A 1196 0.14 58.01 -126.51
C ARG A 1196 1.15 57.01 -127.07
N PHE A 1197 2.35 56.97 -126.48
CA PHE A 1197 3.40 56.05 -126.91
C PHE A 1197 3.76 55.08 -125.80
N GLY A 1198 2.84 54.83 -124.88
CA GLY A 1198 3.10 53.91 -123.79
C GLY A 1198 3.15 52.47 -124.25
N THR A 1199 3.75 51.63 -123.40
CA THR A 1199 3.88 50.21 -123.72
C THR A 1199 2.52 49.54 -123.84
N MET A 1200 1.50 50.10 -123.20
CA MET A 1200 0.18 49.48 -123.19
C MET A 1200 -0.41 49.40 -124.59
N THR A 1201 -0.29 50.48 -125.35
CA THR A 1201 -0.85 50.49 -126.70
C THR A 1201 -0.17 49.46 -127.59
N TYR A 1202 1.15 49.34 -127.49
CA TYR A 1202 1.87 48.34 -128.27
C TYR A 1202 1.49 46.93 -127.84
N LEU A 1203 1.31 46.71 -126.54
CA LEU A 1203 0.90 45.38 -126.07
C LEU A 1203 -0.50 45.03 -126.58
N SER A 1204 -1.42 46.00 -126.56
CA SER A 1204 -2.76 45.75 -127.08
C SER A 1204 -2.73 45.48 -128.58
N LYS A 1205 -1.90 46.23 -129.31
CA LYS A 1205 -1.74 45.98 -130.74
C LYS A 1205 -1.20 44.58 -131.00
N ALA A 1206 -0.21 44.16 -130.22
CA ALA A 1206 0.36 42.82 -130.39
C ALA A 1206 -0.67 41.75 -130.07
N ALA A 1207 -1.46 41.94 -129.01
CA ALA A 1207 -2.50 40.97 -128.68
C ALA A 1207 -3.55 40.89 -129.77
N ALA A 1208 -3.93 42.05 -130.33
CA ALA A 1208 -4.91 42.06 -131.42
C ALA A 1208 -4.36 41.37 -132.66
N THR A 1209 -3.06 41.59 -132.97
CA THR A 1209 -2.46 40.91 -134.10
C THR A 1209 -2.45 39.40 -133.89
N TYR A 1210 -2.11 38.96 -132.68
CA TYR A 1210 -2.13 37.52 -132.40
C TYR A 1210 -3.53 36.95 -132.54
N VAL A 1211 -4.54 37.67 -132.02
CA VAL A 1211 -5.91 37.20 -132.11
C VAL A 1211 -6.35 37.10 -133.56
N GLN A 1212 -6.01 38.11 -134.36
CA GLN A 1212 -6.35 38.07 -135.79
C GLN A 1212 -5.64 36.91 -136.49
N GLU A 1213 -4.38 36.66 -136.13
CA GLU A 1213 -3.65 35.52 -136.67
C GLU A 1213 -4.30 34.19 -136.29
N PHE A 1214 -4.96 34.13 -135.13
CA PHE A 1214 -5.62 32.92 -134.66
C PHE A 1214 -7.13 33.05 -134.71
N LEU A 1215 -7.64 33.69 -135.75
CA LEU A 1215 -9.06 33.82 -136.02
C LEU A 1215 -9.32 33.46 -137.47
N PRO A 1216 -10.53 33.00 -137.81
CA PRO A 1216 -10.80 32.59 -139.19
C PRO A 1216 -10.91 33.77 -140.16
N HIS A 1217 -9.78 34.44 -140.39
CA HIS A 1217 -9.68 35.52 -141.37
C HIS A 1217 -10.69 36.64 -141.14
N ILE A 1219 -12.64 39.30 -137.65
CA ILE A 1219 -12.65 39.72 -136.25
C ILE A 1219 -14.01 39.46 -135.63
N CYS A 1220 -14.01 39.03 -134.38
CA CYS A 1220 -15.23 38.72 -133.63
C CYS A 1220 -15.30 39.56 -132.36
N ALA A 1221 -15.00 40.84 -132.47
CA ALA A 1221 -14.98 41.77 -131.34
C ALA A 1221 -16.17 42.71 -131.46
N MET A 1222 -17.24 42.41 -130.73
CA MET A 1222 -18.40 43.29 -130.68
C MET A 1222 -18.87 43.42 -129.24
N GLN A 1223 -19.50 44.55 -128.94
CA GLN A 1223 -20.03 44.82 -127.61
C GLN A 1223 -21.07 45.94 -127.66
N TRP B 13 -16.85 -15.39 -13.07
CA TRP B 13 -15.98 -14.69 -14.01
C TRP B 13 -15.10 -15.68 -14.77
N LYS B 14 -14.07 -15.15 -15.44
CA LYS B 14 -13.17 -15.99 -16.20
C LYS B 14 -12.38 -16.92 -15.27
N VAL B 15 -12.01 -18.08 -15.80
CA VAL B 15 -11.24 -19.11 -15.11
C VAL B 15 -12.11 -19.82 -14.07
N LEU B 16 -12.84 -19.04 -13.26
CA LEU B 16 -13.75 -19.64 -12.30
C LEU B 16 -14.94 -20.32 -12.98
N GLU B 17 -15.38 -19.77 -14.11
CA GLU B 17 -16.60 -20.27 -14.76
C GLU B 17 -16.40 -21.66 -15.35
N ARG B 18 -15.25 -21.91 -15.97
CA ARG B 18 -15.07 -23.14 -16.75
C ARG B 18 -15.15 -24.37 -15.86
N ARG B 19 -14.32 -24.44 -14.83
CA ARG B 19 -14.23 -25.55 -13.86
C ARG B 19 -14.42 -26.90 -14.52
N ALA B 20 -13.82 -27.10 -15.70
CA ALA B 20 -14.02 -28.31 -16.49
C ALA B 20 -12.75 -29.16 -16.56
N ARG B 21 -11.77 -28.90 -15.69
CA ARG B 21 -10.54 -29.68 -15.65
C ARG B 21 -10.84 -31.02 -14.99
N THR B 22 -11.40 -31.94 -15.78
CA THR B 22 -11.79 -33.25 -15.26
C THR B 22 -10.59 -34.02 -14.76
N LYS B 23 -9.49 -34.01 -15.51
CA LYS B 23 -8.27 -34.74 -15.15
C LYS B 23 -7.14 -33.72 -15.00
N ARG B 24 -6.69 -33.52 -13.77
CA ARG B 24 -5.61 -32.60 -13.45
C ARG B 24 -5.88 -31.20 -14.00
N GLY B 26 -5.56 -28.77 -17.79
CA GLY B 26 -5.31 -28.71 -19.22
C GLY B 26 -6.19 -27.71 -19.93
N VAL B 28 -9.06 -26.37 -22.20
CA VAL B 28 -10.38 -26.83 -22.58
C VAL B 28 -10.81 -26.16 -23.89
N TYR B 29 -11.59 -26.88 -24.69
CA TYR B 29 -12.09 -26.40 -25.98
C TYR B 29 -13.59 -26.67 -26.04
N GLU B 30 -14.38 -25.73 -25.52
CA GLU B 30 -15.83 -25.84 -25.52
C GLU B 30 -16.46 -24.48 -25.21
N PRO B 31 -17.62 -24.16 -25.77
CA PRO B 31 -18.27 -22.89 -25.46
C PRO B 31 -18.65 -22.80 -23.99
N LEU B 32 -18.55 -21.59 -23.44
CA LEU B 32 -18.86 -21.35 -22.04
C LEU B 32 -20.09 -20.49 -21.81
N LYS B 33 -20.43 -19.62 -22.76
CA LYS B 33 -21.58 -18.71 -22.65
C LYS B 33 -21.49 -17.83 -21.40
N ILE B 35 -24.73 -17.66 -19.35
CA ILE B 35 -25.89 -18.06 -18.57
C ILE B 35 -25.45 -18.98 -17.43
N ASN B 36 -24.35 -19.69 -17.65
CA ASN B 36 -23.80 -20.59 -16.63
C ASN B 36 -22.93 -19.87 -15.63
N LEU B 37 -22.72 -18.56 -15.78
CA LEU B 37 -21.93 -17.79 -14.83
C LEU B 37 -22.64 -17.77 -13.48
N PRO B 38 -21.89 -17.69 -12.38
CA PRO B 38 -22.52 -17.59 -11.06
C PRO B 38 -23.41 -16.35 -10.97
N ARG B 39 -24.55 -16.52 -10.31
CA ARG B 39 -25.58 -15.49 -10.24
C ARG B 39 -25.58 -14.83 -8.86
N PRO B 40 -25.88 -13.53 -8.79
CA PRO B 40 -25.99 -12.87 -7.49
C PRO B 40 -27.19 -13.34 -6.70
N ASP B 41 -27.46 -12.71 -5.55
CA ASP B 41 -28.58 -13.06 -4.67
C ASP B 41 -29.82 -13.41 -5.47
N ASN B 42 -30.41 -14.57 -5.14
CA ASN B 42 -31.49 -15.14 -5.94
C ASN B 42 -32.74 -14.27 -5.80
N GLU B 43 -32.98 -13.41 -6.79
CA GLU B 43 -34.17 -12.56 -6.82
C GLU B 43 -34.38 -12.12 -8.25
N THR B 44 -35.48 -12.56 -8.86
CA THR B 44 -35.77 -12.18 -10.22
C THR B 44 -36.11 -10.70 -10.31
N LEU B 45 -35.86 -10.11 -11.49
CA LEU B 45 -36.15 -8.70 -11.69
C LEU B 45 -37.63 -8.42 -11.54
N TRP B 46 -38.48 -9.41 -11.81
CA TRP B 46 -39.92 -9.21 -11.68
C TRP B 46 -40.32 -8.91 -10.25
N ASP B 47 -39.71 -9.58 -9.28
CA ASP B 47 -40.05 -9.35 -7.88
C ASP B 47 -39.68 -7.92 -7.45
N LYS B 48 -38.47 -7.48 -7.81
CA LYS B 48 -38.07 -6.12 -7.46
C LYS B 48 -38.95 -5.08 -8.13
N LEU B 49 -39.26 -5.30 -9.42
CA LEU B 49 -40.12 -4.36 -10.13
C LEU B 49 -41.52 -4.34 -9.54
N ASP B 50 -42.03 -5.50 -9.12
CA ASP B 50 -43.34 -5.56 -8.47
C ASP B 50 -43.33 -4.83 -7.14
N HIS B 51 -42.25 -4.97 -6.37
CA HIS B 51 -42.13 -4.23 -5.12
C HIS B 51 -42.14 -2.73 -5.37
N TYR B 52 -41.38 -2.28 -6.36
CA TYR B 52 -41.37 -0.86 -6.69
C TYR B 52 -42.76 -0.39 -7.15
N TYR B 53 -43.43 -1.21 -7.97
CA TYR B 53 -44.76 -0.86 -8.44
C TYR B 53 -45.75 -0.77 -7.27
N ARG B 54 -45.62 -1.66 -6.30
CA ARG B 54 -46.50 -1.60 -5.13
C ARG B 54 -46.26 -0.33 -4.32
N ILE B 55 -44.99 -0.02 -4.03
CA ILE B 55 -44.72 1.17 -3.21
C ILE B 55 -45.00 2.44 -3.99
N VAL B 56 -45.12 2.35 -5.31
CA VAL B 56 -45.54 3.51 -6.09
C VAL B 56 -47.06 3.63 -6.08
N LYS B 57 -47.77 2.54 -6.36
CA LYS B 57 -49.22 2.60 -6.44
C LYS B 57 -49.84 2.97 -5.11
N SER B 58 -49.29 2.46 -4.00
CA SER B 58 -49.88 2.72 -2.70
C SER B 58 -49.61 4.14 -2.19
N THR B 59 -48.61 4.82 -2.73
CA THR B 59 -48.23 6.11 -2.13
C THR B 59 -48.32 7.29 -3.08
N LEU B 60 -47.84 7.16 -4.32
CA LEU B 60 -47.77 8.27 -5.26
C LEU B 60 -48.97 8.31 -6.19
N LEU B 61 -49.24 7.22 -6.92
CA LEU B 61 -50.34 7.20 -7.86
C LEU B 61 -51.71 7.19 -7.18
N LEU B 62 -51.75 6.96 -5.87
CA LEU B 62 -53.01 6.99 -5.14
C LEU B 62 -53.62 8.39 -5.09
N TYR B 63 -52.80 9.43 -5.24
CA TYR B 63 -53.25 10.81 -5.18
C TYR B 63 -53.09 11.42 -6.57
N GLN B 64 -54.13 11.26 -7.39
CA GLN B 64 -54.15 11.83 -8.74
C GLN B 64 -55.60 11.97 -9.17
N SER B 65 -56.01 13.19 -9.50
CA SER B 65 -57.39 13.44 -9.88
C SER B 65 -57.64 12.91 -11.30
N PRO B 66 -58.60 12.01 -11.49
CA PRO B 66 -58.85 11.51 -12.85
C PRO B 66 -59.33 12.58 -13.82
N THR B 67 -59.97 13.62 -13.33
CA THR B 67 -60.51 14.66 -14.22
C THR B 67 -59.38 15.39 -14.95
N THR B 68 -58.31 15.74 -14.24
CA THR B 68 -57.22 16.50 -14.83
C THR B 68 -55.87 15.81 -14.77
N GLY B 69 -55.69 14.80 -13.92
CA GLY B 69 -54.40 14.15 -13.83
C GLY B 69 -53.35 14.96 -13.11
N LEU B 70 -53.75 15.91 -12.28
CA LEU B 70 -52.83 16.78 -11.56
C LEU B 70 -52.64 16.27 -10.13
N PHE B 71 -51.39 16.08 -9.73
CA PHE B 71 -51.11 15.59 -8.40
C PHE B 71 -51.28 16.71 -7.38
N PRO B 72 -52.07 16.49 -6.33
CA PRO B 72 -52.26 17.53 -5.32
C PRO B 72 -51.05 17.68 -4.42
N THR B 73 -50.87 18.90 -3.92
CA THR B 73 -49.72 19.19 -3.05
C THR B 73 -49.98 18.75 -1.62
N LYS B 74 -51.24 18.47 -1.27
CA LYS B 74 -51.61 18.04 0.06
C LYS B 74 -52.43 16.75 -0.04
N THR B 75 -52.06 15.75 0.76
CA THR B 75 -52.74 14.46 0.75
C THR B 75 -53.84 14.37 1.79
N CYS B 76 -54.11 15.45 2.53
CA CYS B 76 -55.14 15.44 3.56
C CYS B 76 -55.71 16.84 3.70
N GLY B 77 -56.90 16.92 4.30
CA GLY B 77 -57.57 18.18 4.50
C GLY B 77 -58.42 18.65 3.34
N GLY B 78 -58.45 17.91 2.24
CA GLY B 78 -59.25 18.31 1.09
C GLY B 78 -58.79 19.59 0.43
N ASP B 79 -57.47 19.80 0.37
CA ASP B 79 -56.94 20.98 -0.28
C ASP B 79 -57.16 20.89 -1.80
N GLN B 80 -57.46 22.04 -2.41
CA GLN B 80 -57.74 22.10 -3.84
C GLN B 80 -56.56 22.61 -4.65
N LYS B 81 -55.59 23.26 -4.01
CA LYS B 81 -54.44 23.79 -4.76
C LYS B 81 -53.54 22.65 -5.23
N ALA B 82 -52.85 22.89 -6.34
CA ALA B 82 -51.95 21.89 -6.91
C ALA B 82 -50.89 22.61 -7.73
N LYS B 83 -49.63 22.40 -7.37
CA LYS B 83 -48.52 23.04 -8.07
C LYS B 83 -48.21 22.30 -9.37
N ILE B 84 -47.39 22.93 -10.21
CA ILE B 84 -47.02 22.37 -11.50
C ILE B 84 -45.72 21.56 -11.40
N GLN B 85 -44.73 22.07 -10.65
CA GLN B 85 -43.46 21.39 -10.55
C GLN B 85 -43.60 20.02 -9.90
N ASP B 86 -44.41 19.92 -8.85
CA ASP B 86 -44.62 18.64 -8.19
C ASP B 86 -45.27 17.64 -9.14
N SER B 87 -46.26 18.08 -9.91
CA SER B 87 -46.90 17.20 -10.88
C SER B 87 -45.91 16.75 -11.95
N LEU B 88 -45.06 17.67 -12.42
CA LEU B 88 -44.05 17.31 -13.41
C LEU B 88 -43.08 16.27 -12.87
N TYR B 89 -42.65 16.44 -11.61
CA TYR B 89 -41.73 15.48 -11.01
C TYR B 89 -42.41 14.12 -10.82
N CYS B 90 -43.68 14.11 -10.43
CA CYS B 90 -44.41 12.85 -10.31
C CYS B 90 -44.52 12.16 -11.66
N ALA B 91 -44.80 12.93 -12.71
CA ALA B 91 -44.87 12.36 -14.06
C ALA B 91 -43.51 11.80 -14.48
N ALA B 92 -42.43 12.50 -14.13
CA ALA B 92 -41.09 12.00 -14.44
C ALA B 92 -40.82 10.70 -13.72
N GLY B 93 -41.21 10.61 -12.46
CA GLY B 93 -41.04 9.36 -11.72
C GLY B 93 -41.84 8.21 -12.32
N ALA B 94 -43.09 8.49 -12.72
CA ALA B 94 -43.91 7.47 -13.36
C ALA B 94 -43.29 7.02 -14.69
N TRP B 95 -42.76 7.96 -15.46
CA TRP B 95 -42.11 7.62 -16.72
C TRP B 95 -40.86 6.78 -16.48
N ALA B 96 -40.10 7.11 -15.43
CA ALA B 96 -38.93 6.31 -15.09
C ALA B 96 -39.32 4.88 -14.71
N LEU B 97 -40.39 4.74 -13.92
CA LEU B 97 -40.84 3.40 -13.55
C LEU B 97 -41.35 2.64 -14.77
N ALA B 98 -42.01 3.33 -15.70
CA ALA B 98 -42.44 2.68 -16.93
C ALA B 98 -41.25 2.23 -17.76
N LEU B 99 -40.20 3.05 -17.83
CA LEU B 99 -38.98 2.63 -18.52
C LEU B 99 -38.36 1.42 -17.85
N ALA B 100 -38.38 1.37 -16.51
CA ALA B 100 -37.87 0.22 -15.79
C ALA B 100 -38.66 -1.03 -16.13
N TYR B 101 -39.98 -0.93 -16.18
CA TYR B 101 -40.84 -2.07 -16.49
C TYR B 101 -40.78 -2.47 -17.96
N ARG B 102 -40.34 -1.57 -18.85
CA ARG B 102 -40.22 -1.87 -20.26
C ARG B 102 -39.30 -3.05 -20.55
N ARG B 103 -38.32 -3.31 -19.68
CA ARG B 103 -37.34 -4.37 -19.87
C ARG B 103 -37.95 -5.77 -19.81
N ILE B 104 -39.24 -5.90 -19.56
CA ILE B 104 -39.90 -7.20 -19.42
C ILE B 104 -40.98 -7.34 -20.48
N ASP B 105 -40.93 -8.46 -21.19
CA ASP B 105 -41.89 -8.74 -22.26
C ASP B 105 -43.30 -8.97 -21.72
N ASP B 106 -43.46 -9.81 -20.71
CA ASP B 106 -44.77 -10.06 -20.10
C ASP B 106 -44.98 -9.10 -18.93
N ASP B 107 -45.37 -7.87 -19.30
CA ASP B 107 -45.53 -6.80 -18.32
C ASP B 107 -46.84 -6.87 -17.56
N LYS B 108 -47.76 -7.76 -17.95
CA LYS B 108 -49.08 -7.89 -17.32
C LYS B 108 -49.85 -6.57 -17.36
N GLY B 109 -49.65 -5.79 -18.41
CA GLY B 109 -50.36 -4.54 -18.56
C GLY B 109 -50.03 -3.49 -17.52
N ARG B 110 -48.75 -3.32 -17.20
CA ARG B 110 -48.33 -2.34 -16.19
C ARG B 110 -47.55 -1.18 -16.76
N THR B 111 -46.76 -1.40 -17.82
CA THR B 111 -46.01 -0.31 -18.43
C THR B 111 -46.93 0.76 -19.02
N HIS B 112 -48.01 0.32 -19.66
CA HIS B 112 -48.95 1.26 -20.27
C HIS B 112 -49.60 2.15 -19.23
N GLU B 113 -49.92 1.60 -18.05
CA GLU B 113 -50.57 2.40 -17.02
C GLU B 113 -49.67 3.53 -16.53
N LEU B 114 -48.39 3.25 -16.28
CA LEU B 114 -47.47 4.29 -15.84
C LEU B 114 -47.19 5.29 -16.97
N GLU B 115 -47.06 4.77 -18.20
CA GLU B 115 -46.86 5.65 -19.34
C GLU B 115 -48.00 6.65 -19.46
N HIS B 116 -49.24 6.18 -19.31
CA HIS B 116 -50.35 7.12 -19.36
C HIS B 116 -50.49 7.93 -18.08
N SER B 117 -49.92 7.46 -16.98
CA SER B 117 -49.85 8.35 -15.82
C SER B 117 -49.06 9.61 -16.17
N ALA B 118 -47.89 9.42 -16.77
CA ALA B 118 -47.11 10.57 -17.26
C ALA B 118 -47.89 11.34 -18.32
N ILE B 119 -48.53 10.62 -19.26
CA ILE B 119 -49.26 11.26 -20.35
C ILE B 119 -50.38 12.14 -19.80
N LYS B 120 -51.15 11.62 -18.85
CA LYS B 120 -52.30 12.33 -18.31
C LYS B 120 -51.85 13.53 -17.48
N CYS B 121 -50.77 13.39 -16.71
CA CYS B 121 -50.27 14.56 -15.99
C CYS B 121 -49.85 15.66 -16.96
N MET B 122 -49.11 15.28 -18.02
CA MET B 122 -48.66 16.28 -18.98
C MET B 122 -49.83 16.91 -19.72
N ARG B 123 -50.83 16.11 -20.09
CA ARG B 123 -52.00 16.64 -20.78
C ARG B 123 -52.83 17.54 -19.88
N GLY B 124 -52.93 17.22 -18.59
CA GLY B 124 -53.61 18.12 -17.68
C GLY B 124 -52.89 19.45 -17.53
N ILE B 125 -51.56 19.41 -17.43
CA ILE B 125 -50.80 20.65 -17.38
C ILE B 125 -51.01 21.46 -18.66
N LEU B 126 -50.96 20.79 -19.81
CA LEU B 126 -51.17 21.48 -21.08
C LEU B 126 -52.56 22.08 -21.18
N TYR B 127 -53.58 21.36 -20.72
CA TYR B 127 -54.94 21.87 -20.74
C TYR B 127 -55.09 23.09 -19.83
N CYS B 128 -54.50 23.02 -18.64
CA CYS B 128 -54.56 24.17 -17.73
C CYS B 128 -53.87 25.38 -18.32
N TYR B 129 -52.73 25.17 -18.98
CA TYR B 129 -52.04 26.29 -19.63
C TYR B 129 -52.83 26.82 -20.81
N MET B 130 -53.46 25.94 -21.59
CA MET B 130 -54.18 26.36 -22.79
C MET B 130 -55.51 27.01 -22.45
N ARG B 131 -56.00 26.83 -21.21
CA ARG B 131 -57.18 27.56 -20.79
C ARG B 131 -56.91 29.05 -20.67
N GLN B 132 -55.63 29.44 -20.60
CA GLN B 132 -55.25 30.86 -20.54
C GLN B 132 -54.41 31.23 -21.76
N ALA B 133 -55.10 31.69 -22.81
CA ALA B 133 -54.42 32.10 -24.02
C ALA B 133 -54.24 33.62 -24.08
N ASP B 134 -55.23 34.36 -23.59
CA ASP B 134 -55.09 35.81 -23.52
C ASP B 134 -53.95 36.21 -22.59
N LYS B 135 -53.73 35.42 -21.54
CA LYS B 135 -52.58 35.67 -20.67
C LYS B 135 -51.27 35.50 -21.43
N VAL B 136 -51.19 34.47 -22.28
CA VAL B 136 -50.01 34.26 -23.11
C VAL B 136 -49.81 35.44 -24.06
N GLN B 137 -50.91 35.89 -24.69
CA GLN B 137 -50.82 37.01 -25.62
C GLN B 137 -50.33 38.27 -24.91
N GLN B 138 -50.85 38.54 -23.71
CA GLN B 138 -50.42 39.72 -22.96
C GLN B 138 -48.97 39.59 -22.51
N PHE B 139 -48.55 38.39 -22.08
CA PHE B 139 -47.18 38.19 -21.63
C PHE B 139 -46.19 38.32 -22.79
N LYS B 140 -46.63 37.99 -24.01
CA LYS B 140 -45.75 38.14 -25.17
C LYS B 140 -45.38 39.60 -25.40
N GLN B 141 -46.34 40.51 -25.25
CA GLN B 141 -46.08 41.91 -25.52
C GLN B 141 -45.42 42.61 -24.34
N ASP B 142 -46.05 42.55 -23.17
CA ASP B 142 -45.56 43.21 -21.96
C ASP B 142 -45.49 42.20 -20.83
N PRO B 143 -44.42 41.43 -20.76
CA PRO B 143 -44.29 40.44 -19.67
C PRO B 143 -44.10 41.12 -18.33
N ARG B 144 -45.12 41.00 -17.48
CA ARG B 144 -45.11 41.59 -16.15
C ARG B 144 -45.76 40.62 -15.18
N PRO B 145 -45.44 40.72 -13.89
CA PRO B 145 -46.07 39.81 -12.91
C PRO B 145 -47.58 39.90 -12.89
N THR B 146 -48.15 41.06 -13.20
CA THR B 146 -49.61 41.19 -13.25
C THR B 146 -50.21 40.53 -14.48
N THR B 147 -49.41 40.27 -15.51
CA THR B 147 -49.92 39.67 -16.75
C THR B 147 -49.17 38.38 -17.08
N CYS B 148 -48.97 37.53 -16.08
CA CYS B 148 -48.26 36.28 -16.25
C CYS B 148 -49.19 35.10 -16.03
N LEU B 149 -48.77 33.94 -16.54
CA LEU B 149 -49.56 32.73 -16.38
C LEU B 149 -49.57 32.28 -14.93
N HIS B 150 -50.72 31.74 -14.50
CA HIS B 150 -50.84 31.23 -13.14
C HIS B 150 -49.99 29.99 -12.96
N SER B 151 -49.54 29.76 -11.72
CA SER B 151 -48.75 28.59 -11.39
C SER B 151 -49.48 27.60 -10.48
N VAL B 152 -50.61 27.99 -9.90
CA VAL B 152 -51.39 27.12 -9.03
C VAL B 152 -52.80 27.06 -9.58
N PHE B 153 -53.30 25.86 -9.84
CA PHE B 153 -54.64 25.64 -10.34
C PHE B 153 -55.40 24.69 -9.43
N ASN B 154 -56.71 24.65 -9.60
CA ASN B 154 -57.55 23.74 -8.83
C ASN B 154 -57.24 22.29 -9.22
N VAL B 155 -57.22 21.41 -8.22
CA VAL B 155 -56.88 20.02 -8.46
C VAL B 155 -58.08 19.22 -8.95
N HIS B 156 -59.30 19.75 -8.82
CA HIS B 156 -60.49 19.03 -9.24
C HIS B 156 -61.10 19.56 -10.53
N THR B 157 -61.05 20.88 -10.76
CA THR B 157 -61.66 21.47 -11.94
C THR B 157 -60.67 22.16 -12.86
N GLY B 158 -59.39 22.25 -12.47
CA GLY B 158 -58.41 22.97 -13.28
C GLY B 158 -58.71 24.45 -13.39
N ASP B 159 -59.10 25.07 -12.29
CA ASP B 159 -59.46 26.48 -12.25
C ASP B 159 -58.47 27.26 -11.41
N GLU B 160 -58.35 28.56 -11.69
CA GLU B 160 -57.48 29.42 -10.90
C GLU B 160 -58.00 29.51 -9.47
N LEU B 161 -57.06 29.57 -8.52
CA LEU B 161 -57.40 29.60 -7.10
C LEU B 161 -56.93 30.88 -6.41
N LEU B 162 -55.67 31.25 -6.57
CA LEU B 162 -55.09 32.40 -5.91
C LEU B 162 -54.92 33.54 -6.89
N SER B 163 -55.28 34.75 -6.46
CA SER B 163 -55.14 35.94 -7.28
C SER B 163 -53.69 36.42 -7.30
N TYR B 164 -53.44 37.46 -8.12
CA TYR B 164 -52.10 38.00 -8.25
C TYR B 164 -51.66 38.77 -6.99
N GLU B 165 -52.60 39.14 -6.13
CA GLU B 165 -52.29 39.93 -4.94
C GLU B 165 -51.90 39.09 -3.74
N GLU B 166 -51.89 37.76 -3.87
CA GLU B 166 -51.55 36.89 -2.75
C GLU B 166 -50.51 35.82 -3.09
N TYR B 167 -50.21 35.58 -4.37
CA TYR B 167 -49.25 34.57 -4.75
C TYR B 167 -48.22 35.03 -5.77
N GLY B 168 -48.49 36.07 -6.56
CA GLY B 168 -47.55 36.52 -7.56
C GLY B 168 -47.70 35.78 -8.87
N HIS B 169 -47.64 34.44 -8.80
CA HIS B 169 -47.84 33.53 -9.93
C HIS B 169 -46.79 33.67 -11.02
N LEU B 170 -45.72 34.43 -10.77
CA LEU B 170 -44.66 34.63 -11.77
C LEU B 170 -43.58 33.58 -11.53
N GLN B 171 -43.68 32.47 -12.26
CA GLN B 171 -42.70 31.39 -12.15
C GLN B 171 -42.44 30.86 -13.54
N ILE B 172 -41.23 31.11 -14.06
CA ILE B 172 -40.85 30.64 -15.39
C ILE B 172 -40.18 29.27 -15.35
N ASN B 173 -39.51 28.94 -14.25
CA ASN B 173 -38.82 27.65 -14.15
C ASN B 173 -39.78 26.50 -14.35
N ALA B 174 -41.03 26.64 -13.89
CA ALA B 174 -42.03 25.59 -14.08
C ALA B 174 -42.30 25.36 -15.57
N VAL B 175 -42.46 26.45 -16.33
CA VAL B 175 -42.70 26.32 -17.77
C VAL B 175 -41.48 25.71 -18.46
N SER B 176 -40.29 26.15 -18.09
CA SER B 176 -39.07 25.61 -18.71
C SER B 176 -38.93 24.12 -18.42
N LEU B 177 -39.17 23.71 -17.18
CA LEU B 177 -39.09 22.30 -16.83
C LEU B 177 -40.16 21.48 -17.56
N TYR B 178 -41.36 22.04 -17.69
CA TYR B 178 -42.41 21.36 -18.43
C TYR B 178 -42.01 21.14 -19.88
N LEU B 179 -41.47 22.17 -20.53
CA LEU B 179 -41.05 22.05 -21.92
C LEU B 179 -39.93 21.04 -22.07
N LEU B 180 -38.94 21.09 -21.17
CA LEU B 180 -37.80 20.18 -21.26
C LEU B 180 -38.24 18.73 -21.04
N TYR B 181 -39.12 18.50 -20.06
CA TYR B 181 -39.61 17.14 -19.83
C TYR B 181 -40.45 16.65 -21.00
N LEU B 182 -41.26 17.53 -21.59
CA LEU B 182 -42.03 17.15 -22.77
C LEU B 182 -41.10 16.73 -23.91
N VAL B 183 -40.03 17.49 -24.12
CA VAL B 183 -39.04 17.12 -25.12
C VAL B 183 -38.45 15.75 -24.81
N GLU B 184 -38.11 15.51 -23.54
CA GLU B 184 -37.47 14.25 -23.17
C GLU B 184 -38.40 13.07 -23.43
N MET B 185 -39.66 13.16 -22.99
CA MET B 185 -40.57 12.04 -23.20
C MET B 185 -40.92 11.84 -24.67
N ILE B 186 -41.07 12.94 -25.43
CA ILE B 186 -41.36 12.78 -26.85
C ILE B 186 -40.17 12.12 -27.56
N SER B 187 -38.95 12.52 -27.23
CA SER B 187 -37.77 11.90 -27.81
C SER B 187 -37.68 10.42 -27.43
N SER B 188 -37.97 10.10 -26.17
CA SER B 188 -38.01 8.70 -25.76
C SER B 188 -39.13 7.93 -26.43
N GLY B 189 -40.15 8.60 -26.93
CA GLY B 189 -41.24 7.95 -27.65
C GLY B 189 -42.55 7.98 -26.89
N LEU B 190 -43.42 8.92 -27.26
CA LEU B 190 -44.72 9.08 -26.61
C LEU B 190 -45.62 9.86 -27.54
N GLN B 191 -46.90 9.97 -27.15
CA GLN B 191 -47.90 10.71 -27.91
C GLN B 191 -48.59 11.68 -26.96
N ILE B 192 -48.02 12.89 -26.83
CA ILE B 192 -48.61 13.92 -25.98
C ILE B 192 -49.39 14.96 -26.75
N ILE B 193 -48.86 15.49 -27.85
CA ILE B 193 -49.45 16.61 -28.57
C ILE B 193 -50.19 16.05 -29.78
N TYR B 194 -51.44 16.49 -29.97
CA TYR B 194 -52.34 15.86 -30.91
C TYR B 194 -52.51 16.65 -32.21
N ASN B 195 -52.89 17.92 -32.13
CA ASN B 195 -53.22 18.69 -33.33
C ASN B 195 -52.29 19.88 -33.49
N THR B 196 -52.54 20.66 -34.55
CA THR B 196 -51.68 21.79 -34.89
C THR B 196 -51.91 22.98 -33.96
N ASP B 197 -53.10 23.11 -33.38
CA ASP B 197 -53.34 24.18 -32.42
C ASP B 197 -52.42 24.05 -31.21
N GLU B 198 -52.22 22.82 -30.73
CA GLU B 198 -51.26 22.60 -29.66
C GLU B 198 -49.84 22.94 -30.10
N VAL B 199 -49.52 22.68 -31.37
CA VAL B 199 -48.21 23.05 -31.91
C VAL B 199 -48.03 24.56 -31.82
N SER B 200 -49.04 25.32 -32.25
CA SER B 200 -48.95 26.78 -32.19
C SER B 200 -48.86 27.27 -30.75
N PHE B 201 -49.61 26.65 -29.84
CA PHE B 201 -49.54 27.06 -28.44
C PHE B 201 -48.15 26.83 -27.87
N ILE B 202 -47.56 25.67 -28.14
CA ILE B 202 -46.21 25.39 -27.63
C ILE B 202 -45.20 26.33 -28.27
N GLN B 203 -45.39 26.65 -29.55
CA GLN B 203 -44.48 27.59 -30.21
C GLN B 203 -44.55 28.97 -29.57
N ASN B 204 -45.75 29.45 -29.24
CA ASN B 204 -45.85 30.76 -28.61
C ASN B 204 -45.39 30.72 -27.16
N LEU B 205 -45.52 29.56 -26.49
CA LEU B 205 -44.91 29.42 -25.18
C LEU B 205 -43.40 29.56 -25.26
N VAL B 206 -42.79 28.94 -26.28
CA VAL B 206 -41.36 29.09 -26.50
C VAL B 206 -41.01 30.54 -26.83
N PHE B 207 -41.92 31.21 -27.56
CA PHE B 207 -41.72 32.63 -27.84
C PHE B 207 -41.66 33.45 -26.56
N CYS B 208 -42.57 33.18 -25.62
CA CYS B 208 -42.52 33.85 -24.32
C CYS B 208 -41.24 33.49 -23.57
N VAL B 209 -40.84 32.23 -23.62
CA VAL B 209 -39.62 31.77 -22.95
C VAL B 209 -38.37 32.45 -23.49
N GLU B 210 -38.36 32.83 -24.77
CA GLU B 210 -37.16 33.45 -25.35
C GLU B 210 -36.72 34.71 -24.60
N ARG B 211 -37.65 35.44 -23.98
CA ARG B 211 -37.34 36.73 -23.36
C ARG B 211 -37.28 36.62 -21.84
N VAL B 212 -36.74 35.51 -21.33
CA VAL B 212 -36.57 35.34 -19.90
C VAL B 212 -35.50 36.27 -19.32
N TYR B 213 -34.40 36.47 -20.05
CA TYR B 213 -33.21 37.19 -19.57
C TYR B 213 -33.49 38.65 -19.20
N ARG B 214 -34.68 39.19 -19.35
CA ARG B 214 -34.92 40.58 -18.96
C ARG B 214 -35.90 40.71 -17.79
N VAL B 215 -36.91 39.84 -17.72
CA VAL B 215 -37.95 39.95 -16.71
C VAL B 215 -37.51 39.26 -15.42
N PRO B 216 -37.58 39.95 -14.28
CA PRO B 216 -37.31 39.28 -13.00
C PRO B 216 -38.40 38.27 -12.66
N ASP B 217 -38.04 37.29 -11.85
CA ASP B 217 -38.95 36.21 -11.48
C ASP B 217 -38.91 36.00 -9.97
N PHE B 218 -40.02 35.47 -9.44
CA PHE B 218 -40.10 35.17 -8.01
C PHE B 218 -39.23 33.99 -7.61
N GLY B 219 -38.80 33.15 -8.56
CA GLY B 219 -37.98 32.00 -8.26
C GLY B 219 -38.79 30.77 -7.91
N VAL B 220 -38.06 29.66 -7.75
CA VAL B 220 -38.71 28.40 -7.41
C VAL B 220 -39.30 28.44 -6.01
N TRP B 221 -38.63 29.14 -5.09
CA TRP B 221 -39.08 29.19 -3.70
C TRP B 221 -40.28 30.10 -3.50
N GLU B 222 -40.77 30.75 -4.55
CA GLU B 222 -41.98 31.56 -4.56
C GLU B 222 -41.99 32.64 -3.49
N ARG B 223 -40.82 32.94 -2.93
CA ARG B 223 -40.73 34.03 -1.95
C ARG B 223 -40.23 35.32 -2.60
N GLY B 224 -39.34 35.21 -3.58
CA GLY B 224 -38.86 36.37 -4.31
C GLY B 224 -37.43 36.72 -4.00
N SER B 225 -37.06 36.68 -2.72
CA SER B 225 -35.71 37.01 -2.28
C SER B 225 -35.59 36.59 -0.82
N LYS B 226 -34.39 36.81 -0.26
CA LYS B 226 -34.16 36.49 1.15
C LYS B 226 -35.01 37.38 2.05
N TYR B 227 -35.15 38.66 1.69
CA TYR B 227 -35.89 39.60 2.54
C TYR B 227 -37.38 39.27 2.56
N ASN B 228 -37.91 38.73 1.47
CA ASN B 228 -39.33 38.38 1.36
C ASN B 228 -40.21 39.60 1.59
N ASN B 229 -40.06 40.58 0.70
CA ASN B 229 -40.82 41.82 0.76
C ASN B 229 -41.56 42.08 -0.56
N GLY B 230 -41.93 41.02 -1.27
CA GLY B 230 -42.61 41.18 -2.53
C GLY B 230 -41.77 41.82 -3.61
N SER B 231 -40.51 41.41 -3.73
CA SER B 231 -39.59 41.95 -4.72
C SER B 231 -39.10 40.83 -5.62
N THR B 232 -39.04 41.10 -6.92
CA THR B 232 -38.62 40.13 -7.91
C THR B 232 -37.21 40.44 -8.41
N GLU B 233 -36.37 39.41 -8.46
CA GLU B 233 -34.99 39.56 -8.91
C GLU B 233 -34.66 38.40 -9.84
N LEU B 234 -33.67 38.64 -10.71
CA LEU B 234 -33.24 37.61 -11.64
C LEU B 234 -32.58 36.46 -10.89
N HIS B 235 -32.86 35.24 -11.33
CA HIS B 235 -32.34 34.03 -10.71
C HIS B 235 -31.57 33.21 -11.74
N SER B 236 -30.44 32.65 -11.31
CA SER B 236 -29.61 31.85 -12.21
C SER B 236 -30.34 30.57 -12.64
N SER B 237 -31.06 29.95 -11.71
CA SER B 237 -31.73 28.68 -11.99
C SER B 237 -32.76 28.82 -13.11
N VAL B 239 -32.88 31.10 -15.52
CA VAL B 239 -32.19 31.35 -16.77
C VAL B 239 -31.60 30.06 -17.33
N GLY B 240 -30.98 29.27 -16.46
CA GLY B 240 -30.42 28.00 -16.89
C GLY B 240 -31.48 27.03 -17.41
N LEU B 241 -32.61 26.94 -16.70
CA LEU B 241 -33.69 26.07 -17.15
C LEU B 241 -34.26 26.54 -18.48
N ALA B 242 -34.43 27.86 -18.64
CA ALA B 242 -34.92 28.39 -19.91
C ALA B 242 -33.95 28.09 -21.04
N LYS B 243 -32.65 28.24 -20.78
CA LYS B 243 -31.65 27.94 -21.80
C LYS B 243 -31.69 26.46 -22.19
N ALA B 244 -31.80 25.58 -21.20
CA ALA B 244 -31.89 24.15 -21.50
C ALA B 244 -33.14 23.83 -22.31
N ALA B 245 -34.28 24.42 -21.94
CA ALA B 245 -35.52 24.17 -22.67
C ALA B 245 -35.42 24.68 -24.10
N LEU B 246 -34.82 25.85 -24.30
CA LEU B 246 -34.62 26.36 -25.65
C LEU B 246 -33.70 25.46 -26.46
N GLU B 247 -32.66 24.92 -25.82
CA GLU B 247 -31.75 24.02 -26.51
C GLU B 247 -32.46 22.73 -26.91
N ALA B 248 -33.39 22.26 -26.07
CA ALA B 248 -34.08 21.01 -26.37
C ALA B 248 -35.13 21.18 -27.46
N ILE B 249 -35.79 22.35 -27.49
CA ILE B 249 -36.91 22.59 -28.40
C ILE B 249 -36.43 23.10 -29.78
N ASN B 250 -35.13 23.29 -29.96
CA ASN B 250 -34.59 23.80 -31.21
C ASN B 250 -34.59 22.67 -32.24
N GLY B 251 -35.42 22.81 -33.27
CA GLY B 251 -35.49 21.82 -34.34
C GLY B 251 -36.16 20.52 -33.96
N PHE B 252 -36.80 20.44 -32.80
CA PHE B 252 -37.39 19.20 -32.34
C PHE B 252 -38.75 18.99 -32.99
N ASN B 253 -39.08 17.72 -33.25
CA ASN B 253 -40.36 17.34 -33.85
C ASN B 253 -41.26 16.78 -32.76
N LEU B 254 -42.44 17.38 -32.60
CA LEU B 254 -43.37 16.99 -31.56
C LEU B 254 -44.22 15.79 -31.93
N PHE B 255 -44.25 15.40 -33.21
CA PHE B 255 -45.06 14.27 -33.65
C PHE B 255 -44.31 12.95 -33.58
N GLY B 256 -43.07 12.94 -33.10
CA GLY B 256 -42.33 11.71 -33.01
C GLY B 256 -41.92 11.18 -34.38
N ASN B 257 -41.91 9.85 -34.50
CA ASN B 257 -41.55 9.22 -35.77
C ASN B 257 -42.57 9.56 -36.85
N GLN B 258 -43.86 9.58 -36.50
CA GLN B 258 -44.92 9.90 -37.44
C GLN B 258 -45.10 11.42 -37.55
N GLY B 259 -44.07 12.07 -38.07
CA GLY B 259 -44.07 13.51 -38.19
C GLY B 259 -43.62 13.95 -39.57
N CYS B 260 -43.99 15.19 -39.91
CA CYS B 260 -43.65 15.80 -41.18
C CYS B 260 -42.87 17.09 -40.93
N SER B 261 -42.63 17.84 -42.01
CA SER B 261 -41.85 19.07 -41.92
C SER B 261 -42.63 20.23 -41.31
N TRP B 262 -43.95 20.11 -41.16
CA TRP B 262 -44.77 21.17 -40.59
C TRP B 262 -45.11 20.94 -39.13
N SER B 263 -44.26 20.21 -38.41
CA SER B 263 -44.45 19.99 -36.98
C SER B 263 -43.17 20.26 -36.20
N VAL B 264 -42.44 21.31 -36.59
CA VAL B 264 -41.17 21.64 -35.98
C VAL B 264 -41.27 23.01 -35.34
N ILE B 265 -40.44 23.25 -34.31
CA ILE B 265 -40.40 24.51 -33.59
C ILE B 265 -39.07 25.19 -33.88
N PHE B 266 -39.14 26.46 -34.27
CA PHE B 266 -37.96 27.24 -34.60
C PHE B 266 -37.61 28.18 -33.46
N VAL B 267 -36.32 28.24 -33.13
CA VAL B 267 -35.82 29.04 -32.01
C VAL B 267 -34.80 30.04 -32.53
N ASP B 268 -34.98 31.30 -32.15
CA ASP B 268 -34.05 32.37 -32.49
C ASP B 268 -32.76 32.18 -31.71
N LEU B 269 -31.62 32.30 -32.41
CA LEU B 269 -30.33 32.13 -31.74
C LEU B 269 -29.98 33.33 -30.88
N ASP B 270 -30.51 34.51 -31.20
CA ASP B 270 -30.18 35.70 -30.44
C ASP B 270 -30.66 35.60 -28.99
N ALA B 271 -31.87 35.08 -28.79
CA ALA B 271 -32.39 34.92 -27.44
C ALA B 271 -31.57 33.91 -26.65
N HIS B 272 -31.18 32.80 -27.29
CA HIS B 272 -30.35 31.80 -26.62
C HIS B 272 -28.99 32.38 -26.25
N ASN B 273 -28.39 33.16 -27.16
CA ASN B 273 -27.10 33.78 -26.87
C ASN B 273 -27.22 34.78 -25.73
N ARG B 274 -28.30 35.57 -25.70
CA ARG B 274 -28.52 36.51 -24.61
C ARG B 274 -28.68 35.77 -23.28
N ASN B 275 -29.44 34.68 -23.28
CA ASN B 275 -29.60 33.89 -22.06
C ASN B 275 -28.28 33.31 -21.59
N ARG B 276 -27.47 32.79 -22.54
CA ARG B 276 -26.16 32.26 -22.17
C ARG B 276 -25.26 33.33 -21.60
N GLN B 277 -25.28 34.53 -22.20
CA GLN B 277 -24.46 35.63 -21.72
C GLN B 277 -24.89 36.09 -20.34
N LEU B 279 -26.35 34.17 -18.14
CA LEU B 279 -26.14 33.07 -17.21
C LEU B 279 -24.66 32.89 -16.85
N CYS B 280 -23.78 33.00 -17.83
CA CYS B 280 -22.37 32.68 -17.65
C CYS B 280 -21.59 33.73 -16.86
N LEU B 282 -23.41 35.43 -13.97
CA LEU B 282 -24.06 35.52 -12.68
C LEU B 282 -24.11 34.13 -12.04
N LEU B 283 -23.67 33.13 -12.80
CA LEU B 283 -23.72 31.74 -12.34
C LEU B 283 -22.99 31.48 -11.04
N PRO B 284 -21.79 32.03 -10.79
CA PRO B 284 -21.14 31.75 -9.49
C PRO B 284 -21.98 32.14 -8.29
N ARG B 285 -22.83 33.15 -8.43
CA ARG B 285 -23.81 33.50 -7.42
C ARG B 285 -25.19 32.98 -7.82
N GLU B 286 -26.18 33.27 -6.98
CA GLU B 286 -27.55 32.91 -7.33
C GLU B 286 -28.33 34.12 -7.83
N SER B 287 -28.22 35.23 -7.12
CA SER B 287 -28.89 36.48 -7.50
C SER B 287 -28.13 37.63 -6.86
N ARG B 288 -28.70 38.84 -6.95
CA ARG B 288 -28.07 39.99 -6.33
C ARG B 288 -28.05 39.86 -4.82
N SER B 289 -29.12 39.32 -4.23
CA SER B 289 -29.22 39.19 -2.78
C SER B 289 -28.80 37.81 -2.27
N HIS B 290 -28.78 36.80 -3.13
CA HIS B 290 -28.42 35.44 -2.74
C HIS B 290 -27.04 35.10 -3.28
N ASN B 291 -26.06 34.97 -2.39
CA ASN B 291 -24.74 34.52 -2.80
C ASN B 291 -24.77 33.07 -3.26
N THR B 292 -25.33 32.17 -2.46
CA THR B 292 -25.48 30.77 -2.82
C THR B 292 -26.86 30.30 -2.38
N ASP B 293 -27.36 29.26 -3.05
CA ASP B 293 -28.61 28.63 -2.66
C ASP B 293 -28.63 27.19 -3.14
N ALA B 294 -29.52 26.39 -2.57
CA ALA B 294 -29.65 24.99 -2.97
C ALA B 294 -30.49 24.83 -4.24
N ALA B 295 -31.16 25.87 -4.69
CA ALA B 295 -31.94 25.79 -5.93
C ALA B 295 -31.06 25.77 -7.16
N LEU B 296 -29.76 26.04 -7.02
CA LEU B 296 -28.85 25.93 -8.15
C LEU B 296 -28.53 24.49 -8.50
N LEU B 297 -28.80 23.55 -7.58
CA LEU B 297 -28.51 22.14 -7.85
C LEU B 297 -29.28 21.59 -9.04
N PRO B 298 -30.62 21.75 -9.13
CA PRO B 298 -31.31 21.25 -10.32
C PRO B 298 -30.86 21.91 -11.61
N CYS B 299 -30.37 23.15 -11.56
CA CYS B 299 -29.89 23.82 -12.76
C CYS B 299 -28.65 23.13 -13.32
N ILE B 300 -27.81 22.57 -12.47
CA ILE B 300 -26.58 21.93 -12.91
C ILE B 300 -26.59 20.43 -12.65
N TYR B 302 -29.54 16.80 -13.00
CA TYR B 302 -30.28 15.97 -13.93
C TYR B 302 -31.47 16.69 -14.62
N PRO B 303 -32.20 17.55 -13.88
CA PRO B 303 -33.23 18.34 -14.55
C PRO B 303 -32.78 19.06 -15.81
N ALA B 304 -31.67 19.81 -15.74
CA ALA B 304 -31.29 20.73 -16.81
C ALA B 304 -29.99 20.34 -17.49
N PHE B 305 -28.92 20.14 -16.73
CA PHE B 305 -27.58 19.90 -17.29
C PHE B 305 -27.20 21.03 -18.26
N ALA B 306 -27.46 22.26 -17.85
CA ALA B 306 -27.32 23.42 -18.72
C ALA B 306 -25.97 24.12 -18.58
N LEU B 307 -25.03 23.55 -17.84
CA LEU B 307 -23.72 24.17 -17.60
C LEU B 307 -22.65 23.33 -18.28
N ASP B 308 -22.21 23.77 -19.46
CA ASP B 308 -21.16 23.08 -20.22
C ASP B 308 -19.83 23.80 -20.01
N ASP B 309 -19.36 23.78 -18.76
CA ASP B 309 -18.10 24.43 -18.42
C ASP B 309 -17.16 23.55 -17.59
N GLU B 310 -17.68 22.81 -16.62
CA GLU B 310 -16.92 21.78 -15.90
C GLU B 310 -15.84 22.38 -14.99
N VAL B 311 -15.65 23.70 -15.05
CA VAL B 311 -14.88 24.39 -14.01
C VAL B 311 -15.82 25.21 -13.13
N LEU B 312 -16.67 26.03 -13.76
CA LEU B 312 -17.67 26.78 -13.00
C LEU B 312 -18.63 25.85 -12.28
N PHE B 313 -18.97 24.72 -12.90
CA PHE B 313 -19.81 23.73 -12.23
C PHE B 313 -19.13 23.19 -10.98
N SER B 314 -17.84 22.86 -11.08
CA SER B 314 -17.12 22.36 -9.91
C SER B 314 -17.05 23.42 -8.82
N GLN B 315 -16.79 24.67 -9.20
CA GLN B 315 -16.71 25.74 -8.21
C GLN B 315 -18.06 25.95 -7.52
N THR B 316 -19.14 25.96 -8.30
CA THR B 316 -20.47 26.15 -7.73
C THR B 316 -20.86 24.99 -6.83
N LEU B 317 -20.55 23.75 -7.24
CA LEU B 317 -20.84 22.59 -6.40
C LEU B 317 -20.06 22.64 -5.11
N ASP B 318 -18.77 23.02 -5.18
CA ASP B 318 -17.96 23.15 -3.98
C ASP B 318 -18.52 24.21 -3.04
N LYS B 319 -18.93 25.35 -3.59
CA LYS B 319 -19.50 26.42 -2.78
C LYS B 319 -20.79 25.95 -2.11
N VAL B 320 -21.66 25.28 -2.86
CA VAL B 320 -22.93 24.82 -2.31
C VAL B 320 -22.70 23.81 -1.21
N VAL B 321 -21.78 22.86 -1.44
CA VAL B 321 -21.50 21.84 -0.43
C VAL B 321 -20.89 22.47 0.81
N ARG B 322 -19.99 23.43 0.63
CA ARG B 322 -19.35 24.08 1.78
C ARG B 322 -20.34 24.90 2.58
N LYS B 323 -21.31 25.54 1.92
CA LYS B 323 -22.19 26.48 2.60
C LYS B 323 -23.44 25.81 3.16
N LEU B 324 -24.24 25.18 2.30
CA LEU B 324 -25.59 24.79 2.68
C LEU B 324 -25.72 23.34 3.13
N LYS B 325 -24.62 22.61 3.26
CA LYS B 325 -24.71 21.22 3.68
C LYS B 325 -25.00 21.11 5.17
N GLY B 326 -25.97 20.26 5.51
CA GLY B 326 -26.27 19.95 6.89
C GLY B 326 -26.43 18.46 7.04
N LYS B 327 -26.46 18.00 8.30
CA LYS B 327 -26.53 16.57 8.55
C LYS B 327 -27.91 16.02 8.23
N TYR B 328 -28.96 16.79 8.50
CA TYR B 328 -30.32 16.42 8.15
C TYR B 328 -30.63 16.59 6.68
N GLY B 329 -30.00 17.55 6.01
CA GLY B 329 -30.28 17.83 4.61
C GLY B 329 -29.56 19.09 4.18
N PHE B 330 -30.08 19.70 3.12
CA PHE B 330 -29.52 20.93 2.57
C PHE B 330 -30.48 22.09 2.81
N LYS B 331 -29.98 23.16 3.40
CA LYS B 331 -30.77 24.36 3.58
C LYS B 331 -31.05 25.03 2.24
N ARG B 332 -32.18 25.73 2.16
CA ARG B 332 -32.52 26.43 0.92
C ARG B 332 -31.53 27.55 0.62
N PHE B 333 -31.30 28.42 1.60
CA PHE B 333 -30.27 29.45 1.51
C PHE B 333 -30.05 30.01 2.91
N LEU B 334 -28.95 30.74 3.07
CA LEU B 334 -28.60 31.30 4.36
C LEU B 334 -29.63 32.32 4.80
N ARG B 335 -29.89 32.35 6.12
CA ARG B 335 -30.84 33.28 6.74
C ARG B 335 -32.23 33.12 6.13
N ASP B 336 -32.79 31.92 6.30
CA ASP B 336 -34.12 31.59 5.81
C ASP B 336 -35.06 31.35 6.99
N GLY B 337 -36.29 31.84 6.86
CA GLY B 337 -37.27 31.69 7.92
C GLY B 337 -38.51 30.95 7.49
N TYR B 338 -38.34 29.91 6.67
CA TYR B 338 -39.46 29.11 6.18
C TYR B 338 -39.79 28.06 7.23
N ARG B 339 -40.97 28.21 7.86
CA ARG B 339 -41.48 27.28 8.87
C ARG B 339 -40.53 27.14 10.06
N THR B 340 -39.75 28.18 10.36
CA THR B 340 -38.85 28.12 11.49
C THR B 340 -39.59 28.42 12.79
N SER B 341 -38.93 28.14 13.92
CA SER B 341 -39.54 28.35 15.22
C SER B 341 -39.83 29.83 15.48
N LEU B 342 -38.90 30.71 15.10
CA LEU B 342 -39.04 32.13 15.37
C LEU B 342 -39.95 32.85 14.39
N GLU B 343 -40.43 32.17 13.35
CA GLU B 343 -41.33 32.79 12.39
C GLU B 343 -42.67 33.11 13.05
N ASP B 344 -43.25 34.23 12.61
CA ASP B 344 -44.55 34.65 13.11
C ASP B 344 -45.61 34.31 12.09
N PRO B 345 -46.51 33.35 12.34
CA PRO B 345 -47.47 32.88 11.34
C PRO B 345 -48.72 33.74 11.21
N ASN B 346 -48.54 35.05 11.15
CA ASN B 346 -49.65 35.97 10.90
C ASN B 346 -49.30 37.09 9.93
N ARG B 347 -48.05 37.20 9.48
CA ARG B 347 -47.62 38.25 8.57
C ARG B 347 -46.95 37.63 7.37
N CYS B 348 -47.41 38.00 6.18
CA CYS B 348 -46.85 37.43 4.95
C CYS B 348 -45.47 38.00 4.65
N TYR B 349 -45.27 39.29 4.89
CA TYR B 349 -44.02 39.96 4.59
C TYR B 349 -43.15 40.07 5.83
N TYR B 350 -41.83 40.12 5.62
CA TYR B 350 -40.87 40.28 6.70
C TYR B 350 -40.60 41.76 6.93
N LYS B 351 -39.69 42.06 7.85
CA LYS B 351 -39.33 43.41 8.23
C LYS B 351 -37.82 43.57 8.18
N PRO B 352 -37.32 44.80 8.03
CA PRO B 352 -35.87 45.01 8.08
C PRO B 352 -35.30 44.55 9.41
N ALA B 353 -34.10 43.98 9.36
CA ALA B 353 -33.34 43.43 10.48
C ALA B 353 -33.98 42.20 11.11
N GLU B 354 -35.11 41.72 10.57
CA GLU B 354 -35.75 40.54 11.13
C GLU B 354 -35.06 39.25 10.73
N ILE B 355 -34.49 39.19 9.52
CA ILE B 355 -33.93 37.95 9.00
C ILE B 355 -32.69 37.51 9.76
N LYS B 356 -32.09 38.40 10.57
CA LYS B 356 -30.93 38.02 11.36
C LYS B 356 -31.29 36.96 12.40
N LEU B 357 -32.52 36.98 12.91
CA LEU B 357 -32.93 36.00 13.91
C LEU B 357 -33.02 34.59 13.36
N PHE B 358 -33.07 34.43 12.03
CA PHE B 358 -33.18 33.12 11.40
C PHE B 358 -31.82 32.51 11.07
N ASP B 359 -30.77 32.89 11.80
CA ASP B 359 -29.43 32.38 11.55
C ASP B 359 -29.18 31.17 12.44
N GLY B 360 -28.76 30.06 11.82
CA GLY B 360 -28.44 28.85 12.54
C GLY B 360 -29.61 27.92 12.80
N ILE B 361 -30.82 28.31 12.40
CA ILE B 361 -32.01 27.48 12.62
C ILE B 361 -32.72 27.23 11.31
N GLU B 362 -31.98 27.30 10.20
CA GLU B 362 -32.57 27.08 8.89
C GLU B 362 -32.96 25.62 8.71
N CYS B 363 -34.09 25.40 8.04
CA CYS B 363 -34.56 24.04 7.79
C CYS B 363 -33.70 23.36 6.73
N GLU B 364 -33.72 22.03 6.76
CA GLU B 364 -32.94 21.20 5.84
C GLU B 364 -33.87 20.27 5.08
N PHE B 365 -33.65 20.17 3.77
CA PHE B 365 -34.53 19.40 2.89
C PHE B 365 -33.83 18.11 2.47
N PRO B 366 -34.34 16.94 2.85
CA PRO B 366 -33.66 15.68 2.49
C PRO B 366 -33.63 15.38 1.00
N ILE B 367 -34.49 16.01 0.20
CA ILE B 367 -34.56 15.69 -1.23
C ILE B 367 -33.26 16.06 -1.94
N PHE B 368 -32.47 16.97 -1.38
CA PHE B 368 -31.19 17.29 -1.98
C PHE B 368 -30.19 16.14 -1.85
N PHE B 369 -30.36 15.27 -0.85
CA PHE B 369 -29.56 14.04 -0.81
C PHE B 369 -29.87 13.15 -2.00
N LEU B 370 -31.16 13.02 -2.36
CA LEU B 370 -31.53 12.27 -3.56
C LEU B 370 -30.98 12.95 -4.80
N TYR B 371 -31.01 14.27 -4.84
CA TYR B 371 -30.43 15.00 -5.97
C TYR B 371 -28.94 14.71 -6.10
N MET B 372 -28.22 14.70 -4.98
CA MET B 372 -26.79 14.41 -4.99
C MET B 372 -26.52 12.98 -5.43
N MET B 373 -27.34 12.03 -4.98
CA MET B 373 -27.17 10.64 -5.41
C MET B 373 -27.39 10.51 -6.91
N ILE B 374 -28.43 11.19 -7.44
CA ILE B 374 -28.70 11.16 -8.87
C ILE B 374 -27.53 11.75 -9.65
N ASP B 375 -27.01 12.89 -9.19
CA ASP B 375 -25.89 13.53 -9.86
C ASP B 375 -24.66 12.63 -9.84
N GLY B 376 -24.39 11.99 -8.71
CA GLY B 376 -23.25 11.08 -8.63
C GLY B 376 -23.39 9.88 -9.55
N VAL B 377 -24.59 9.32 -9.64
CA VAL B 377 -24.83 8.21 -10.54
C VAL B 377 -24.63 8.66 -11.99
N PHE B 378 -25.15 9.83 -12.33
CA PHE B 378 -25.00 10.34 -13.70
C PHE B 378 -23.54 10.58 -14.05
N ARG B 379 -22.77 11.16 -13.12
CA ARG B 379 -21.37 11.43 -13.40
C ARG B 379 -20.51 10.16 -13.36
N GLY B 380 -20.91 9.17 -12.56
CA GLY B 380 -20.13 7.96 -12.43
C GLY B 380 -19.18 7.99 -11.26
N ASN B 381 -19.69 8.34 -10.08
CA ASN B 381 -18.90 8.44 -8.86
C ASN B 381 -19.57 7.58 -7.80
N PRO B 382 -19.28 6.28 -7.78
CA PRO B 382 -19.97 5.39 -6.82
C PRO B 382 -19.71 5.73 -5.37
N LYS B 383 -18.54 6.28 -5.04
CA LYS B 383 -18.25 6.61 -3.64
C LYS B 383 -19.19 7.69 -3.12
N GLN B 384 -19.43 8.74 -3.92
CA GLN B 384 -20.34 9.79 -3.52
C GLN B 384 -21.76 9.25 -3.37
N VAL B 385 -22.19 8.40 -4.30
CA VAL B 385 -23.53 7.83 -4.23
C VAL B 385 -23.70 7.01 -2.96
N GLN B 386 -22.70 6.17 -2.64
CA GLN B 386 -22.78 5.35 -1.44
C GLN B 386 -22.78 6.21 -0.18
N GLU B 387 -21.92 7.24 -0.15
CA GLU B 387 -21.86 8.11 1.03
C GLU B 387 -23.20 8.81 1.25
N TYR B 388 -23.80 9.34 0.18
CA TYR B 388 -25.08 10.01 0.33
C TYR B 388 -26.19 9.03 0.67
N GLN B 389 -26.11 7.79 0.18
CA GLN B 389 -27.08 6.77 0.58
C GLN B 389 -26.99 6.49 2.07
N ASP B 390 -25.78 6.34 2.60
CA ASP B 390 -25.63 6.14 4.04
C ASP B 390 -26.10 7.34 4.84
N LEU B 391 -25.86 8.55 4.30
CA LEU B 391 -26.31 9.75 5.01
C LEU B 391 -27.82 9.87 5.01
N LEU B 392 -28.47 9.40 3.93
CA LEU B 392 -29.91 9.55 3.79
C LEU B 392 -30.68 8.42 4.47
N THR B 393 -30.05 7.27 4.67
CA THR B 393 -30.75 6.12 5.26
C THR B 393 -31.38 6.42 6.61
N PRO B 394 -30.68 7.01 7.60
CA PRO B 394 -31.31 7.15 8.93
C PRO B 394 -32.45 8.16 8.98
N VAL B 395 -32.57 9.06 8.01
CA VAL B 395 -33.58 10.10 8.06
C VAL B 395 -34.88 9.68 7.36
N LEU B 396 -34.98 8.41 6.97
CA LEU B 396 -36.17 7.90 6.31
C LEU B 396 -37.20 7.43 7.33
N HIS B 397 -38.47 7.54 6.96
CA HIS B 397 -39.57 7.08 7.79
C HIS B 397 -40.42 6.09 7.00
N HIS B 398 -41.00 5.13 7.71
CA HIS B 398 -41.76 4.05 7.10
C HIS B 398 -43.22 4.10 7.56
N THR B 399 -44.13 3.72 6.66
CA THR B 399 -45.55 3.68 6.98
C THR B 399 -45.87 2.38 7.73
N THR B 400 -47.17 2.09 7.88
CA THR B 400 -47.57 0.85 8.51
C THR B 400 -47.13 -0.36 7.70
N GLU B 401 -47.25 -0.28 6.37
CA GLU B 401 -46.83 -1.37 5.50
C GLU B 401 -45.34 -1.40 5.26
N GLY B 402 -44.59 -0.38 5.69
CA GLY B 402 -43.16 -0.34 5.51
C GLY B 402 -42.69 0.49 4.35
N TYR B 403 -43.58 1.20 3.66
CA TYR B 403 -43.18 2.02 2.53
C TYR B 403 -42.41 3.24 3.02
N PRO B 404 -41.21 3.49 2.49
CA PRO B 404 -40.42 4.62 2.98
C PRO B 404 -41.06 5.97 2.65
N VAL B 405 -40.83 6.93 3.54
CA VAL B 405 -41.35 8.29 3.39
C VAL B 405 -40.19 9.26 3.56
N VAL B 406 -40.10 10.22 2.64
CA VAL B 406 -39.08 11.27 2.69
C VAL B 406 -39.71 12.51 3.29
N PRO B 407 -39.32 12.93 4.49
CA PRO B 407 -39.88 14.15 5.08
C PRO B 407 -39.55 15.38 4.24
N LYS B 408 -40.47 16.34 4.22
CA LYS B 408 -40.26 17.56 3.45
C LYS B 408 -39.09 18.37 4.00
N TYR B 409 -39.03 18.51 5.32
CA TYR B 409 -37.95 19.27 5.95
C TYR B 409 -37.87 18.87 7.42
N TYR B 410 -36.92 19.49 8.12
CA TYR B 410 -36.74 19.29 9.55
C TYR B 410 -36.63 20.65 10.23
N TYR B 411 -37.28 20.80 11.38
CA TYR B 411 -37.32 22.05 12.11
C TYR B 411 -36.88 21.85 13.55
N VAL B 412 -36.15 22.83 14.08
CA VAL B 412 -35.68 22.76 15.46
C VAL B 412 -36.85 22.99 16.41
N PRO B 413 -36.94 22.27 17.52
CA PRO B 413 -37.96 22.60 18.53
C PRO B 413 -37.72 24.00 19.10
N ALA B 414 -38.81 24.65 19.48
CA ALA B 414 -38.74 26.02 19.96
C ALA B 414 -37.92 26.14 21.24
N ASP B 415 -37.85 25.08 22.04
CA ASP B 415 -37.12 25.14 23.30
C ASP B 415 -35.61 25.05 23.08
N PHE B 416 -35.18 24.44 21.99
CA PHE B 416 -33.76 24.17 21.75
C PHE B 416 -33.13 25.15 20.76
N VAL B 417 -33.81 26.24 20.42
CA VAL B 417 -33.27 27.19 19.44
C VAL B 417 -32.01 27.85 19.98
N GLU B 418 -32.00 28.17 21.28
CA GLU B 418 -30.82 28.79 21.88
C GLU B 418 -29.61 27.85 21.83
N TYR B 419 -29.83 26.58 22.17
CA TYR B 419 -28.74 25.61 22.13
C TYR B 419 -28.26 25.38 20.71
N GLU B 420 -29.18 25.33 19.75
CA GLU B 420 -28.78 25.17 18.35
C GLU B 420 -27.97 26.37 17.88
N LYS B 421 -28.38 27.58 18.27
CA LYS B 421 -27.65 28.78 17.86
C LYS B 421 -26.25 28.81 18.48
N ASN B 422 -26.13 28.42 19.74
CA ASN B 422 -24.81 28.44 20.39
C ASN B 422 -23.85 27.46 19.72
N ASN B 423 -24.31 26.25 19.41
CA ASN B 423 -23.50 25.23 18.77
C ASN B 423 -24.36 24.56 17.70
N PRO B 424 -24.17 24.93 16.44
CA PRO B 424 -25.00 24.35 15.37
C PRO B 424 -24.80 22.85 15.25
N GLY B 425 -25.90 22.15 14.97
CA GLY B 425 -25.88 20.72 14.76
C GLY B 425 -25.87 19.88 16.01
N SER B 426 -25.81 20.48 17.20
CA SER B 426 -25.80 19.71 18.43
C SER B 426 -27.17 19.12 18.74
N GLN B 427 -28.22 19.92 18.60
CA GLN B 427 -29.57 19.49 18.96
C GLN B 427 -30.15 18.56 17.89
N LYS B 428 -31.20 17.85 18.28
CA LYS B 428 -31.90 16.94 17.38
C LYS B 428 -33.13 17.64 16.83
N ARG B 429 -33.24 17.68 15.51
CA ARG B 429 -34.35 18.34 14.85
C ARG B 429 -35.53 17.39 14.73
N PHE B 430 -36.71 17.97 14.51
CA PHE B 430 -37.94 17.19 14.42
C PHE B 430 -38.42 17.12 12.97
N PRO B 431 -39.01 16.00 12.55
CA PRO B 431 -39.49 15.89 11.17
C PRO B 431 -40.71 16.76 10.94
N SER B 432 -40.91 17.12 9.67
CA SER B 432 -42.02 17.98 9.28
C SER B 432 -43.34 17.20 9.36
N ASN B 433 -44.43 17.89 8.99
CA ASN B 433 -45.74 17.26 9.00
C ASN B 433 -45.81 16.10 8.03
N CYS B 434 -45.23 16.25 6.85
CA CYS B 434 -45.21 15.20 5.83
C CYS B 434 -44.01 14.28 6.00
N GLY B 435 -43.85 13.74 7.20
CA GLY B 435 -42.74 12.84 7.48
C GLY B 435 -43.16 11.60 8.26
N ARG B 436 -44.43 11.25 8.15
CA ARG B 436 -44.99 10.09 8.84
C ARG B 436 -46.22 9.63 8.07
N ASP B 437 -46.91 8.64 8.61
CA ASP B 437 -48.11 8.12 7.96
C ASP B 437 -49.26 9.12 8.11
N GLY B 438 -49.93 9.40 7.01
CA GLY B 438 -51.03 10.35 7.00
C GLY B 438 -50.79 11.51 6.07
N LYS B 439 -49.56 12.01 6.04
CA LYS B 439 -49.15 13.08 5.14
C LYS B 439 -47.92 12.65 4.37
N LEU B 440 -47.90 12.94 3.07
CA LEU B 440 -46.83 12.50 2.19
C LEU B 440 -46.36 13.64 1.31
N PHE B 441 -45.12 13.54 0.85
CA PHE B 441 -44.50 14.51 -0.05
C PHE B 441 -44.32 13.81 -1.40
N LEU B 442 -45.20 14.14 -2.35
CA LEU B 442 -45.18 13.45 -3.65
C LEU B 442 -43.89 13.75 -4.41
N TRP B 443 -43.43 14.99 -4.38
CA TRP B 443 -42.18 15.34 -5.07
C TRP B 443 -41.00 14.55 -4.51
N GLY B 444 -40.86 14.53 -3.18
CA GLY B 444 -39.78 13.78 -2.57
C GLY B 444 -39.89 12.29 -2.83
N GLN B 445 -41.11 11.76 -2.85
CA GLN B 445 -41.29 10.34 -3.10
C GLN B 445 -40.92 9.97 -4.53
N ALA B 446 -41.32 10.80 -5.50
CA ALA B 446 -40.92 10.57 -6.89
C ALA B 446 -39.41 10.67 -7.05
N LEU B 447 -38.79 11.65 -6.39
CA LEU B 447 -37.33 11.76 -6.43
C LEU B 447 -36.67 10.52 -5.85
N TYR B 448 -37.20 10.01 -4.73
CA TYR B 448 -36.65 8.81 -4.12
C TYR B 448 -36.78 7.61 -5.04
N ILE B 449 -37.95 7.47 -5.70
CA ILE B 449 -38.15 6.34 -6.60
C ILE B 449 -37.17 6.42 -7.77
N ILE B 450 -37.00 7.62 -8.34
CA ILE B 450 -36.08 7.78 -9.47
C ILE B 450 -34.66 7.47 -9.03
N ALA B 451 -34.26 7.96 -7.85
CA ALA B 451 -32.92 7.73 -7.35
C ALA B 451 -32.65 6.26 -7.10
N LYS B 452 -33.62 5.55 -6.50
CA LYS B 452 -33.44 4.13 -6.24
C LYS B 452 -33.39 3.33 -7.53
N LEU B 453 -34.21 3.70 -8.52
CA LEU B 453 -34.18 3.01 -9.81
C LEU B 453 -32.84 3.22 -10.51
N LEU B 454 -32.31 4.44 -10.45
CA LEU B 454 -31.05 4.73 -11.13
C LEU B 454 -29.86 4.11 -10.41
N ALA B 455 -29.90 4.09 -9.07
CA ALA B 455 -28.75 3.60 -8.31
C ALA B 455 -28.65 2.08 -8.36
N ASP B 456 -29.75 1.40 -8.64
CA ASP B 456 -29.77 -0.05 -8.70
C ASP B 456 -29.49 -0.60 -10.10
N GLU B 457 -29.04 0.26 -11.02
CA GLU B 457 -28.75 -0.09 -12.40
C GLU B 457 -29.98 -0.60 -13.14
N LEU B 458 -31.18 -0.32 -12.62
CA LEU B 458 -32.40 -0.67 -13.33
C LEU B 458 -32.63 0.25 -14.52
N ILE B 459 -32.12 1.49 -14.44
CA ILE B 459 -32.24 2.47 -15.50
C ILE B 459 -30.84 2.87 -15.95
N SER B 460 -30.58 2.79 -17.25
CA SER B 460 -29.36 3.36 -17.80
C SER B 460 -29.52 4.87 -17.92
N PRO B 461 -28.44 5.63 -17.75
CA PRO B 461 -28.53 7.09 -17.89
C PRO B 461 -28.99 7.52 -19.27
N LYS B 462 -28.71 6.73 -20.31
CA LYS B 462 -29.18 7.09 -21.64
C LYS B 462 -30.69 6.93 -21.79
N ASP B 463 -31.27 5.96 -21.07
CA ASP B 463 -32.72 5.73 -21.19
C ASP B 463 -33.52 6.94 -20.72
N ILE B 464 -33.11 7.55 -19.60
CA ILE B 464 -33.84 8.69 -19.06
C ILE B 464 -33.42 10.01 -19.70
N ASP B 465 -32.37 10.01 -20.51
CA ASP B 465 -31.90 11.23 -21.18
C ASP B 465 -31.72 10.96 -22.67
N PRO B 466 -32.82 10.77 -23.41
CA PRO B 466 -32.69 10.52 -24.85
C PRO B 466 -32.08 11.69 -25.61
N VAL B 467 -32.32 12.93 -25.16
CA VAL B 467 -31.80 14.10 -25.86
C VAL B 467 -30.33 14.36 -25.57
N GLN B 468 -29.71 13.54 -24.72
CA GLN B 468 -28.30 13.66 -24.37
C GLN B 468 -28.00 15.06 -23.78
N ARG B 469 -28.76 15.40 -22.73
CA ARG B 469 -28.54 16.66 -22.05
C ARG B 469 -27.16 16.70 -21.40
N TYR B 470 -26.74 15.59 -20.80
CA TYR B 470 -25.41 15.48 -20.21
C TYR B 470 -24.51 14.70 -21.14
N VAL B 471 -23.34 15.27 -21.42
CA VAL B 471 -22.32 14.63 -22.25
C VAL B 471 -21.04 14.56 -21.44
N PRO B 472 -20.21 13.54 -21.61
CA PRO B 472 -18.94 13.48 -20.87
C PRO B 472 -17.93 14.48 -21.43
N LEU B 473 -16.80 14.57 -20.72
CA LEU B 473 -15.75 15.51 -21.14
C LEU B 473 -15.14 15.10 -22.47
N LYS B 474 -15.25 13.83 -22.84
CA LYS B 474 -14.71 13.34 -24.10
C LYS B 474 -15.70 13.38 -25.25
N ASP B 475 -16.92 13.87 -25.02
CA ASP B 475 -17.95 13.93 -26.05
C ASP B 475 -18.43 15.34 -26.33
N GLN B 476 -17.73 16.36 -25.84
CA GLN B 476 -18.07 17.75 -26.12
C GLN B 476 -17.45 18.20 -27.44
N ARG B 477 -17.81 17.48 -28.51
CA ARG B 477 -17.23 17.70 -29.83
C ARG B 477 -18.23 18.23 -30.84
N ASN B 478 -19.36 17.54 -31.04
CA ASN B 478 -20.35 17.93 -32.05
C ASN B 478 -21.73 17.94 -31.41
N VAL B 479 -22.09 19.07 -30.80
CA VAL B 479 -23.43 19.30 -30.28
C VAL B 479 -23.90 20.65 -30.82
N SER B 480 -25.12 20.68 -31.35
N SER B 480 -25.12 20.68 -31.35
CA SER B 480 -25.66 21.91 -31.93
CA SER B 480 -25.66 21.91 -31.93
C SER B 480 -25.85 22.96 -30.85
C SER B 480 -25.85 22.96 -30.85
N MET B 481 -25.38 24.18 -31.14
CA MET B 481 -25.43 25.36 -30.26
C MET B 481 -24.83 25.12 -28.89
N ARG B 482 -24.04 24.08 -28.69
CA ARG B 482 -23.36 23.84 -27.41
C ARG B 482 -21.86 23.79 -27.55
N PHE B 483 -21.33 23.04 -28.52
CA PHE B 483 -19.90 22.94 -28.75
C PHE B 483 -19.62 23.03 -30.24
N SER B 484 -18.42 23.51 -30.58
CA SER B 484 -17.94 23.55 -31.95
C SER B 484 -17.11 22.30 -32.24
N ASN B 485 -16.98 21.99 -33.53
CA ASN B 485 -16.28 20.78 -33.94
C ASN B 485 -14.82 20.80 -33.47
N GLN B 486 -14.22 21.99 -33.36
CA GLN B 486 -12.86 22.08 -32.85
C GLN B 486 -12.78 21.65 -31.39
N GLY B 487 -13.76 22.05 -30.58
CA GLY B 487 -13.79 21.70 -29.18
C GLY B 487 -14.16 22.88 -28.31
N PRO B 488 -14.32 22.63 -27.01
CA PRO B 488 -14.69 23.70 -26.07
C PRO B 488 -13.53 24.54 -25.57
N LEU B 489 -12.28 24.22 -25.94
CA LEU B 489 -11.13 24.99 -25.52
C LEU B 489 -10.43 25.67 -26.69
N GLU B 490 -10.98 25.59 -27.90
CA GLU B 490 -10.36 26.18 -29.07
C GLU B 490 -11.42 26.92 -29.89
N ASN B 491 -10.99 28.00 -30.54
CA ASN B 491 -11.87 28.73 -31.45
C ASN B 491 -11.00 29.30 -32.58
N ASP B 492 -11.21 28.79 -33.79
CA ASP B 492 -10.55 29.28 -34.99
C ASP B 492 -11.55 29.27 -36.15
N LEU B 493 -12.76 29.75 -35.88
CA LEU B 493 -13.84 29.66 -36.86
C LEU B 493 -13.49 30.41 -38.14
N VAL B 494 -13.86 29.82 -39.28
CA VAL B 494 -13.66 30.41 -40.59
C VAL B 494 -15.01 30.84 -41.12
N VAL B 495 -15.12 32.10 -41.53
CA VAL B 495 -16.39 32.68 -41.96
C VAL B 495 -16.39 32.80 -43.47
N HIS B 496 -17.42 32.25 -44.11
CA HIS B 496 -17.59 32.39 -45.55
C HIS B 496 -18.07 33.80 -45.88
N VAL B 497 -17.38 34.46 -46.81
CA VAL B 497 -17.66 35.84 -47.17
C VAL B 497 -17.95 35.89 -48.66
N ALA B 498 -19.09 36.51 -49.01
CA ALA B 498 -19.47 36.72 -50.40
C ALA B 498 -19.67 38.21 -50.64
N LEU B 499 -19.06 38.72 -51.72
CA LEU B 499 -19.13 40.13 -52.04
C LEU B 499 -20.23 40.39 -53.06
N ILE B 500 -21.04 41.41 -52.81
CA ILE B 500 -22.17 41.76 -53.67
C ILE B 500 -22.04 43.23 -54.08
N ALA B 501 -22.12 43.47 -55.38
CA ALA B 501 -22.04 44.82 -55.94
C ALA B 501 -23.36 45.15 -56.62
N GLU B 502 -23.74 46.44 -56.57
CA GLU B 502 -25.08 46.83 -56.97
C GLU B 502 -25.27 46.76 -58.49
N SER B 503 -24.41 47.43 -59.24
CA SER B 503 -24.55 47.51 -60.69
C SER B 503 -23.36 46.85 -61.36
N GLN B 504 -23.54 46.55 -62.65
CA GLN B 504 -22.43 46.06 -63.46
C GLN B 504 -21.30 47.08 -63.52
N ARG B 505 -21.64 48.37 -63.44
CA ARG B 505 -20.63 49.41 -63.42
C ARG B 505 -19.74 49.29 -62.19
N LEU B 506 -20.35 49.11 -61.02
CA LEU B 506 -19.56 48.96 -59.79
C LEU B 506 -18.74 47.68 -59.83
N GLN B 507 -19.29 46.60 -60.40
CA GLN B 507 -18.54 45.36 -60.52
C GLN B 507 -17.32 45.55 -61.42
N VAL B 508 -17.48 46.25 -62.53
CA VAL B 508 -16.34 46.52 -63.42
C VAL B 508 -15.31 47.41 -62.73
N PHE B 509 -15.79 48.41 -61.99
CA PHE B 509 -14.86 49.30 -61.28
C PHE B 509 -14.05 48.54 -60.24
N LEU B 510 -14.69 47.62 -59.51
CA LEU B 510 -13.98 46.82 -58.54
C LEU B 510 -13.03 45.84 -59.22
N ASN B 511 -13.46 45.26 -60.35
CA ASN B 511 -12.62 44.29 -61.06
C ASN B 511 -11.39 44.97 -61.65
N THR B 512 -11.48 46.25 -62.00
CA THR B 512 -10.34 46.97 -62.52
C THR B 512 -9.25 47.18 -61.48
N TYR B 513 -9.54 46.94 -60.19
CA TYR B 513 -8.58 47.11 -59.13
C TYR B 513 -8.30 45.80 -58.40
N GLY B 514 -8.52 44.67 -59.07
CA GLY B 514 -8.18 43.38 -58.52
C GLY B 514 -9.15 42.82 -57.51
N ILE B 515 -10.37 43.33 -57.45
CA ILE B 515 -11.40 42.85 -56.54
C ILE B 515 -12.53 42.24 -57.37
N GLN B 516 -12.82 40.97 -57.13
CA GLN B 516 -13.87 40.26 -57.86
C GLN B 516 -15.16 40.30 -57.05
N THR B 517 -16.25 40.70 -57.69
CA THR B 517 -17.54 40.84 -57.01
C THR B 517 -18.63 40.26 -57.91
N GLN B 518 -19.71 39.81 -57.28
CA GLN B 518 -20.87 39.27 -57.98
C GLN B 518 -22.08 40.17 -57.75
N THR B 519 -22.92 40.28 -58.78
CA THR B 519 -24.10 41.12 -58.79
C THR B 519 -25.36 40.27 -58.68
N PRO B 520 -26.47 40.86 -58.20
CA PRO B 520 -27.71 40.08 -58.09
C PRO B 520 -28.23 39.54 -59.40
N GLN B 521 -27.87 40.15 -60.53
CA GLN B 521 -28.32 39.64 -61.82
C GLN B 521 -27.61 38.34 -62.19
N GLN B 522 -26.44 38.10 -61.62
CA GLN B 522 -25.66 36.90 -61.91
C GLN B 522 -25.97 35.74 -60.98
N VAL B 523 -26.84 35.93 -60.00
CA VAL B 523 -27.20 34.88 -59.05
C VAL B 523 -28.70 34.64 -59.10
N GLU B 524 -29.28 34.78 -60.29
CA GLU B 524 -30.73 34.67 -60.52
C GLU B 524 -31.43 33.57 -59.70
N PRO B 525 -30.93 32.34 -59.61
CA PRO B 525 -31.59 31.37 -58.73
C PRO B 525 -31.57 31.74 -57.25
N ILE B 526 -30.68 32.65 -56.84
CA ILE B 526 -30.53 33.04 -55.44
C ILE B 526 -31.16 34.41 -55.25
N GLN B 527 -32.06 34.53 -54.28
CA GLN B 527 -32.72 35.78 -53.96
C GLN B 527 -32.16 36.32 -52.65
N ILE B 528 -31.78 37.61 -52.66
CA ILE B 528 -31.24 38.29 -51.49
C ILE B 528 -32.35 39.12 -50.86
N TRP B 529 -32.57 38.93 -49.57
CA TRP B 529 -33.65 39.61 -48.86
C TRP B 529 -33.09 40.47 -47.74
N PRO B 530 -33.75 41.57 -47.41
CA PRO B 530 -33.39 42.35 -46.22
C PRO B 530 -33.98 41.72 -44.98
N GLN B 531 -33.65 42.31 -43.82
CA GLN B 531 -34.15 41.78 -42.55
C GLN B 531 -35.66 41.93 -42.42
N GLN B 532 -36.24 42.96 -43.04
CA GLN B 532 -37.67 43.20 -42.89
C GLN B 532 -38.49 42.05 -43.48
N GLU B 533 -38.07 41.51 -44.62
CA GLU B 533 -38.81 40.40 -45.23
C GLU B 533 -38.76 39.16 -44.32
N LEU B 534 -37.60 38.87 -43.75
CA LEU B 534 -37.49 37.74 -42.83
C LEU B 534 -38.34 37.95 -41.59
N VAL B 535 -38.37 39.18 -41.07
CA VAL B 535 -39.20 39.48 -39.91
C VAL B 535 -40.66 39.27 -40.22
N LYS B 536 -41.11 39.73 -41.40
CA LYS B 536 -42.49 39.53 -41.81
C LYS B 536 -42.82 38.06 -41.98
N ALA B 537 -41.88 37.30 -42.56
CA ALA B 537 -42.10 35.86 -42.74
C ALA B 537 -42.22 35.16 -41.39
N TYR B 538 -41.38 35.52 -40.42
CA TYR B 538 -41.47 34.92 -39.10
C TYR B 538 -42.72 35.38 -38.34
N LEU B 539 -43.24 36.56 -38.69
CA LEU B 539 -44.46 37.03 -38.05
C LEU B 539 -45.66 36.15 -38.39
N GLN B 540 -45.73 35.69 -39.64
CA GLN B 540 -46.85 34.85 -40.08
C GLN B 540 -46.80 33.44 -39.50
N LEU B 541 -45.73 33.07 -38.81
CA LEU B 541 -45.53 31.72 -38.33
C LEU B 541 -46.60 31.29 -37.33
N GLY B 542 -46.72 32.01 -36.22
CA GLY B 542 -47.61 31.61 -35.15
C GLY B 542 -49.00 32.20 -35.22
N ILE B 543 -49.76 31.86 -36.26
CA ILE B 543 -51.11 32.36 -36.45
C ILE B 543 -52.10 31.27 -36.05
N ASN B 544 -52.99 31.59 -35.11
CA ASN B 544 -54.01 30.64 -34.66
C ASN B 544 -55.26 31.44 -34.34
N GLU B 545 -56.21 31.47 -35.27
CA GLU B 545 -57.41 32.28 -35.10
C GLU B 545 -58.39 31.66 -34.10
N LYS B 546 -58.28 30.34 -33.87
CA LYS B 546 -59.23 29.68 -32.97
C LYS B 546 -59.08 30.17 -31.54
N LEU B 547 -57.84 30.38 -31.10
CA LEU B 547 -57.56 30.87 -29.75
C LEU B 547 -57.23 32.35 -29.73
N GLY B 548 -56.61 32.87 -30.78
CA GLY B 548 -56.16 34.24 -30.81
C GLY B 548 -54.69 34.34 -30.50
N LEU B 549 -53.86 34.50 -31.54
CA LEU B 549 -52.42 34.39 -31.37
C LEU B 549 -51.73 35.24 -32.43
N SER B 550 -50.86 36.14 -31.99
CA SER B 550 -50.22 37.09 -32.88
C SER B 550 -48.90 36.60 -33.47
N GLY B 551 -48.40 35.45 -33.01
CA GLY B 551 -47.15 34.94 -33.52
C GLY B 551 -45.95 35.67 -32.94
N ARG B 552 -44.83 35.56 -33.66
CA ARG B 552 -43.59 36.17 -33.22
C ARG B 552 -43.71 37.69 -33.24
N PRO B 553 -43.33 38.38 -32.18
CA PRO B 553 -43.40 39.85 -32.19
C PRO B 553 -42.43 40.45 -33.18
N ASP B 554 -42.75 41.64 -33.67
CA ASP B 554 -41.92 42.35 -34.64
C ASP B 554 -40.65 42.82 -33.93
N ARG B 555 -39.57 42.07 -34.10
CA ARG B 555 -38.28 42.37 -33.50
C ARG B 555 -37.20 42.18 -34.53
N PRO B 556 -36.09 42.92 -34.43
CA PRO B 556 -35.00 42.74 -35.39
C PRO B 556 -34.27 41.42 -35.18
N ILE B 557 -33.56 41.01 -36.22
CA ILE B 557 -32.81 39.76 -36.24
C ILE B 557 -31.33 40.07 -36.15
N GLY B 558 -30.63 39.43 -35.22
CA GLY B 558 -29.22 39.68 -35.00
C GLY B 558 -28.35 39.05 -36.06
N CYS B 559 -27.04 39.15 -35.82
CA CYS B 559 -26.07 38.61 -36.78
C CYS B 559 -26.17 37.10 -36.89
N LEU B 560 -26.44 36.42 -35.77
CA LEU B 560 -26.53 34.96 -35.79
C LEU B 560 -27.68 34.49 -36.67
N GLY B 561 -28.83 35.18 -36.59
CA GLY B 561 -29.98 34.78 -37.38
C GLY B 561 -29.85 35.06 -38.86
N THR B 562 -28.98 36.00 -39.23
CA THR B 562 -28.78 36.36 -40.64
C THR B 562 -27.65 35.58 -41.29
N SER B 563 -27.00 34.66 -40.57
CA SER B 563 -25.89 33.90 -41.09
C SER B 563 -26.29 32.56 -41.69
N LYS B 564 -27.58 32.22 -41.66
CA LYS B 564 -28.05 30.97 -42.23
C LYS B 564 -28.50 31.19 -43.67
N ILE B 565 -28.93 30.11 -44.31
CA ILE B 565 -29.56 30.13 -45.62
C ILE B 565 -30.92 29.45 -45.49
N TYR B 566 -31.96 30.12 -45.97
CA TYR B 566 -33.33 29.65 -45.83
C TYR B 566 -33.92 29.30 -47.19
N ARG B 567 -34.89 28.38 -47.17
CA ARG B 567 -35.61 27.96 -48.36
C ARG B 567 -37.09 28.27 -48.13
N ILE B 568 -37.57 29.37 -48.72
CA ILE B 568 -38.93 29.83 -48.55
C ILE B 568 -39.66 29.66 -49.88
N LEU B 569 -40.75 28.90 -49.86
CA LEU B 569 -41.58 28.65 -51.04
C LEU B 569 -40.75 28.08 -52.19
N GLY B 570 -39.81 27.21 -51.87
CA GLY B 570 -38.96 26.59 -52.87
C GLY B 570 -37.84 27.47 -53.39
N LYS B 571 -37.64 28.64 -52.81
CA LYS B 571 -36.60 29.57 -53.24
C LYS B 571 -35.60 29.77 -52.10
N THR B 572 -34.32 29.62 -52.41
CA THR B 572 -33.29 29.82 -51.41
C THR B 572 -33.19 31.30 -51.05
N VAL B 573 -33.01 31.60 -49.76
CA VAL B 573 -33.02 32.95 -49.25
C VAL B 573 -31.69 33.22 -48.54
N VAL B 574 -31.09 34.37 -48.85
CA VAL B 574 -29.89 34.85 -48.15
C VAL B 574 -30.16 36.29 -47.72
N CYS B 575 -29.77 36.61 -46.49
CA CYS B 575 -30.01 37.92 -45.91
C CYS B 575 -28.71 38.54 -45.43
N TYR B 576 -28.46 39.79 -45.82
CA TYR B 576 -27.28 40.51 -45.37
C TYR B 576 -27.48 41.05 -43.97
N PRO B 577 -26.39 41.30 -43.24
CA PRO B 577 -26.52 41.80 -41.86
C PRO B 577 -27.15 43.20 -41.82
N ILE B 578 -27.73 43.52 -40.66
CA ILE B 578 -28.41 44.80 -40.48
C ILE B 578 -27.44 45.97 -40.47
N ILE B 579 -26.13 45.70 -40.43
CA ILE B 579 -25.14 46.76 -40.41
C ILE B 579 -25.17 47.59 -41.69
N PHE B 580 -25.53 46.97 -42.82
CA PHE B 580 -25.41 47.60 -44.13
C PHE B 580 -26.57 48.53 -44.48
N ASP B 581 -27.58 48.64 -43.62
CA ASP B 581 -28.73 49.50 -43.88
C ASP B 581 -28.68 50.71 -42.97
N LEU B 582 -29.02 51.87 -43.52
CA LEU B 582 -29.04 53.14 -42.80
C LEU B 582 -30.42 53.76 -42.92
N SER B 583 -30.92 54.33 -41.81
CA SER B 583 -32.25 54.90 -41.78
C SER B 583 -32.25 56.41 -41.58
N ASP B 584 -31.73 56.91 -40.45
CA ASP B 584 -31.81 58.34 -40.17
C ASP B 584 -30.53 58.97 -39.65
N PHE B 585 -29.60 58.22 -39.07
CA PHE B 585 -28.48 58.81 -38.39
C PHE B 585 -27.29 59.00 -39.34
N TYR B 586 -26.40 59.91 -38.95
CA TYR B 586 -25.23 60.25 -39.74
C TYR B 586 -24.02 59.36 -39.44
N MET B 587 -24.14 58.42 -38.50
CA MET B 587 -23.03 57.53 -38.19
C MET B 587 -22.66 56.63 -39.35
N SER B 588 -23.60 56.39 -40.27
CA SER B 588 -23.34 55.57 -41.44
C SER B 588 -22.62 56.32 -42.56
N GLN B 589 -22.41 57.63 -42.40
CA GLN B 589 -21.73 58.42 -43.40
C GLN B 589 -20.21 58.35 -43.30
N ASP B 590 -19.68 57.64 -42.30
CA ASP B 590 -18.24 57.48 -42.12
C ASP B 590 -17.86 56.04 -42.47
N VAL B 591 -16.95 55.89 -43.43
CA VAL B 591 -16.51 54.56 -43.83
C VAL B 591 -15.71 53.89 -42.73
N PHE B 592 -14.98 54.67 -41.92
CA PHE B 592 -14.25 54.09 -40.80
C PHE B 592 -15.19 53.44 -39.79
N LEU B 593 -16.32 54.09 -39.52
CA LEU B 593 -17.31 53.48 -38.63
C LEU B 593 -17.87 52.19 -39.23
N LEU B 594 -18.09 52.17 -40.55
CA LEU B 594 -18.57 50.96 -41.19
C LEU B 594 -17.55 49.83 -41.09
N ILE B 595 -16.26 50.15 -41.27
CA ILE B 595 -15.22 49.14 -41.14
C ILE B 595 -15.14 48.62 -39.71
N ASP B 596 -15.22 49.52 -38.73
CA ASP B 596 -15.23 49.09 -37.34
C ASP B 596 -16.42 48.20 -37.05
N ASP B 597 -17.60 48.56 -37.56
CA ASP B 597 -18.80 47.76 -37.33
C ASP B 597 -18.69 46.40 -37.98
N ILE B 598 -18.15 46.32 -39.19
CA ILE B 598 -18.04 45.03 -39.88
C ILE B 598 -17.02 44.14 -39.17
N LYS B 599 -15.93 44.73 -38.68
CA LYS B 599 -14.97 43.97 -37.89
C LYS B 599 -15.60 43.45 -36.59
N ASN B 600 -16.38 44.31 -35.93
CA ASN B 600 -17.06 43.88 -34.71
C ASN B 600 -18.05 42.75 -34.97
N ALA B 601 -18.79 42.85 -36.09
CA ALA B 601 -19.72 41.79 -36.44
C ALA B 601 -19.00 40.48 -36.73
N LEU B 602 -17.87 40.56 -37.45
CA LEU B 602 -17.09 39.34 -37.72
C LEU B 602 -16.58 38.72 -36.43
N GLN B 603 -16.07 39.54 -35.50
CA GLN B 603 -15.58 39.03 -34.23
C GLN B 603 -16.71 38.41 -33.41
N PHE B 604 -17.88 39.05 -33.40
CA PHE B 604 -19.01 38.51 -32.66
C PHE B 604 -19.48 37.19 -33.25
N ILE B 605 -19.50 37.09 -34.58
CA ILE B 605 -19.89 35.84 -35.23
C ILE B 605 -18.89 34.74 -34.90
N LYS B 606 -17.59 35.05 -34.96
CA LYS B 606 -16.56 34.06 -34.66
C LYS B 606 -16.65 33.59 -33.21
N GLN B 607 -16.90 34.52 -32.28
CA GLN B 607 -16.89 34.17 -30.86
C GLN B 607 -18.12 33.35 -30.48
N TYR B 608 -19.27 33.66 -31.05
CA TYR B 608 -20.54 33.10 -30.61
C TYR B 608 -21.24 32.30 -31.70
N TRP B 609 -20.49 31.44 -32.38
CA TRP B 609 -21.06 30.51 -33.37
C TRP B 609 -20.82 29.10 -32.90
N LYS B 610 -21.90 28.33 -32.73
CA LYS B 610 -21.81 26.94 -32.30
C LYS B 610 -22.66 26.01 -33.15
N MET B 611 -23.11 26.46 -34.32
CA MET B 611 -23.96 25.65 -35.19
C MET B 611 -23.10 24.69 -36.00
N HIS B 612 -23.74 23.94 -36.89
CA HIS B 612 -23.05 23.02 -37.78
C HIS B 612 -22.88 23.66 -39.15
N GLY B 613 -21.65 23.68 -39.64
CA GLY B 613 -21.35 24.31 -40.90
C GLY B 613 -20.83 25.73 -40.74
N ARG B 614 -20.02 26.15 -41.69
CA ARG B 614 -19.46 27.49 -41.64
C ARG B 614 -20.55 28.53 -41.87
N PRO B 615 -20.60 29.59 -41.07
CA PRO B 615 -21.62 30.62 -41.27
C PRO B 615 -21.39 31.37 -42.57
N LEU B 616 -22.50 31.81 -43.18
CA LEU B 616 -22.47 32.58 -44.42
C LEU B 616 -22.57 34.06 -44.08
N PHE B 617 -21.71 34.87 -44.69
CA PHE B 617 -21.67 36.30 -44.43
C PHE B 617 -21.69 37.03 -45.78
N LEU B 618 -22.58 38.00 -45.92
CA LEU B 618 -22.71 38.77 -47.15
C LEU B 618 -22.27 40.20 -46.93
N VAL B 619 -21.49 40.72 -47.87
CA VAL B 619 -20.97 42.09 -47.82
C VAL B 619 -21.62 42.89 -48.94
N LEU B 620 -22.23 44.02 -48.59
CA LEU B 620 -22.88 44.89 -49.56
C LEU B 620 -22.03 46.13 -49.78
N ILE B 621 -21.74 46.42 -51.04
CA ILE B 621 -20.93 47.57 -51.43
C ILE B 621 -21.83 48.58 -52.14
N ARG B 622 -21.89 49.79 -51.59
CA ARG B 622 -22.76 50.84 -52.10
C ARG B 622 -21.96 51.92 -52.79
N GLU B 623 -22.47 52.38 -53.93
CA GLU B 623 -21.77 53.42 -54.69
C GLU B 623 -21.62 54.72 -53.92
N ASP B 624 -22.47 54.95 -52.92
CA ASP B 624 -22.42 56.19 -52.15
C ASP B 624 -21.20 56.27 -51.24
N ASN B 625 -20.60 55.14 -50.88
CA ASN B 625 -19.44 55.11 -50.00
C ASN B 625 -18.17 54.67 -50.70
N ILE B 626 -18.10 54.82 -52.03
CA ILE B 626 -16.88 54.58 -52.78
C ILE B 626 -16.47 55.90 -53.43
N ARG B 627 -17.24 56.95 -53.16
CA ARG B 627 -17.04 58.25 -53.78
C ARG B 627 -16.22 59.16 -52.87
N GLY B 628 -15.19 59.78 -53.44
CA GLY B 628 -14.37 60.72 -52.72
C GLY B 628 -13.12 60.10 -52.11
N SER B 629 -12.62 60.70 -51.03
CA SER B 629 -11.43 60.22 -50.37
C SER B 629 -11.65 58.92 -49.61
N ARG B 630 -12.90 58.47 -49.48
CA ARG B 630 -13.22 57.25 -48.74
C ARG B 630 -13.02 55.99 -49.57
N PHE B 631 -12.63 56.12 -50.83
CA PHE B 631 -12.42 54.94 -51.67
C PHE B 631 -11.25 54.11 -51.16
N ASN B 632 -10.17 54.75 -50.72
CA ASN B 632 -8.98 54.02 -50.29
C ASN B 632 -9.23 53.11 -49.09
N PRO B 633 -9.87 53.56 -48.00
CA PRO B 633 -10.13 52.62 -46.90
C PRO B 633 -10.99 51.43 -47.30
N ILE B 634 -11.97 51.65 -48.18
CA ILE B 634 -12.80 50.54 -48.65
C ILE B 634 -11.98 49.55 -49.46
N LEU B 635 -11.10 50.06 -50.33
CA LEU B 635 -10.23 49.18 -51.10
C LEU B 635 -9.30 48.39 -50.19
N ASP B 636 -8.75 49.04 -49.17
CA ASP B 636 -7.89 48.33 -48.22
C ASP B 636 -8.66 47.24 -47.48
N MET B 637 -9.89 47.54 -47.06
CA MET B 637 -10.70 46.55 -46.37
C MET B 637 -11.02 45.36 -47.28
N LEU B 638 -11.34 45.65 -48.55
CA LEU B 638 -11.62 44.57 -49.50
C LEU B 638 -10.37 43.72 -49.76
N ALA B 639 -9.20 44.36 -49.85
CA ALA B 639 -7.96 43.62 -50.01
C ALA B 639 -7.68 42.73 -48.80
N ALA B 640 -7.94 43.24 -47.60
CA ALA B 640 -7.76 42.44 -46.39
C ALA B 640 -8.74 41.26 -46.39
N LEU B 641 -9.98 41.50 -46.81
CA LEU B 641 -10.95 40.41 -46.90
C LEU B 641 -10.50 39.35 -47.89
N LYS B 642 -9.98 39.77 -49.05
CA LYS B 642 -9.50 38.83 -50.05
C LYS B 642 -8.28 38.05 -49.57
N LYS B 643 -7.42 38.69 -48.76
CA LYS B 643 -6.20 38.03 -48.32
C LYS B 643 -6.50 36.77 -47.52
N GLY B 644 -7.49 36.83 -46.62
CA GLY B 644 -7.88 35.66 -45.87
C GLY B 644 -8.13 35.90 -44.39
N ILE B 645 -7.44 36.87 -43.81
CA ILE B 645 -7.56 37.19 -42.40
C ILE B 645 -7.82 38.69 -42.26
N ILE B 646 -8.89 39.05 -41.54
CA ILE B 646 -9.23 40.43 -41.26
C ILE B 646 -9.52 40.56 -39.77
N GLY B 647 -8.76 41.41 -39.09
CA GLY B 647 -8.97 41.63 -37.67
C GLY B 647 -8.81 40.40 -36.82
N GLY B 648 -7.87 39.53 -37.17
CA GLY B 648 -7.65 38.30 -36.44
C GLY B 648 -8.66 37.20 -36.70
N VAL B 649 -9.51 37.36 -37.71
CA VAL B 649 -10.52 36.37 -38.06
C VAL B 649 -10.25 35.88 -39.47
N LYS B 650 -10.16 34.56 -39.62
CA LYS B 650 -9.92 33.96 -40.93
C LYS B 650 -11.23 33.88 -41.72
N VAL B 651 -11.17 34.28 -42.99
CA VAL B 651 -12.33 34.30 -43.86
C VAL B 651 -11.98 33.66 -45.20
N HIS B 652 -13.01 33.22 -45.91
CA HIS B 652 -12.87 32.63 -47.23
C HIS B 652 -13.81 33.33 -48.19
N VAL B 653 -13.29 33.71 -49.36
CA VAL B 653 -14.06 34.42 -50.37
C VAL B 653 -14.16 33.53 -51.60
N ASP B 654 -15.38 33.30 -52.08
CA ASP B 654 -15.62 32.48 -53.25
C ASP B 654 -16.99 32.83 -53.81
N ARG B 655 -17.35 32.17 -54.91
CA ARG B 655 -18.64 32.41 -55.54
C ARG B 655 -19.78 31.95 -54.63
N LEU B 656 -20.88 32.70 -54.64
CA LEU B 656 -22.01 32.40 -53.77
C LEU B 656 -22.65 31.06 -54.13
N GLN B 657 -22.74 30.75 -55.43
CA GLN B 657 -23.37 29.51 -55.85
C GLN B 657 -22.60 28.30 -55.34
N THR B 658 -21.27 28.36 -55.37
CA THR B 658 -20.46 27.27 -54.83
C THR B 658 -20.62 27.16 -53.32
N LEU B 659 -20.68 28.31 -52.63
CA LEU B 659 -20.78 28.30 -51.18
C LEU B 659 -22.10 27.69 -50.72
N ILE B 660 -23.20 28.07 -51.37
CA ILE B 660 -24.51 27.55 -50.94
C ILE B 660 -24.64 26.07 -51.27
N SER B 661 -23.94 25.61 -52.30
CA SER B 661 -24.03 24.21 -52.70
C SER B 661 -23.38 23.32 -51.65
N GLY B 662 -24.08 22.25 -51.27
CA GLY B 662 -23.58 21.31 -50.30
C GLY B 662 -23.69 21.75 -48.86
N ALA B 663 -24.36 22.86 -48.58
CA ALA B 663 -24.51 23.37 -47.23
C ALA B 663 -25.89 23.03 -46.67
N VAL B 664 -25.99 23.08 -45.35
CA VAL B 664 -27.25 22.80 -44.66
C VAL B 664 -28.18 24.00 -44.84
N VAL B 665 -29.42 23.73 -45.25
CA VAL B 665 -30.40 24.77 -45.51
C VAL B 665 -31.42 24.78 -44.38
N GLU B 666 -32.13 25.89 -44.24
CA GLU B 666 -33.19 25.98 -43.24
C GLU B 666 -34.55 25.98 -43.94
N GLN B 667 -35.47 25.17 -43.42
CA GLN B 667 -36.77 24.96 -44.03
C GLN B 667 -37.84 25.72 -43.25
N LEU B 668 -38.62 26.53 -43.97
CA LEU B 668 -39.75 27.27 -43.40
C LEU B 668 -41.00 26.80 -44.14
N ASP B 669 -41.59 25.71 -43.66
CA ASP B 669 -42.76 25.11 -44.29
C ASP B 669 -44.07 25.64 -43.73
N PHE B 670 -44.02 26.43 -42.65
CA PHE B 670 -45.25 26.94 -42.06
C PHE B 670 -45.99 27.89 -42.99
N LEU B 671 -45.28 28.51 -43.93
CA LEU B 671 -45.92 29.41 -44.88
C LEU B 671 -46.90 28.66 -45.77
N ARG B 672 -46.54 27.45 -46.20
CA ARG B 672 -47.45 26.65 -47.02
C ARG B 672 -48.69 26.27 -46.23
N ILE B 673 -48.52 25.92 -44.95
CA ILE B 673 -49.65 25.52 -44.10
C ILE B 673 -50.61 26.67 -43.84
N SER B 674 -50.18 27.91 -44.02
CA SER B 674 -51.05 29.05 -43.78
C SER B 674 -52.25 29.00 -44.71
N ASP B 675 -53.42 29.36 -44.17
CA ASP B 675 -54.68 29.29 -44.89
C ASP B 675 -55.05 30.60 -45.58
N THR B 676 -54.12 31.57 -45.63
CA THR B 676 -54.41 32.84 -46.29
C THR B 676 -54.71 32.62 -47.77
N GLU B 677 -55.75 33.29 -48.25
CA GLU B 677 -56.15 33.13 -49.64
C GLU B 677 -55.07 33.62 -50.59
N GLU B 678 -54.45 34.76 -50.29
CA GLU B 678 -53.41 35.33 -51.11
C GLU B 678 -52.09 35.25 -50.35
N LEU B 679 -51.09 34.61 -50.97
CA LEU B 679 -49.78 34.52 -50.35
C LEU B 679 -49.12 35.89 -50.31
N PRO B 680 -48.54 36.28 -49.18
CA PRO B 680 -47.87 37.58 -49.10
C PRO B 680 -46.68 37.65 -50.05
N GLU B 681 -46.46 38.84 -50.60
CA GLU B 681 -45.35 39.08 -51.52
C GLU B 681 -44.18 39.66 -50.76
N PHE B 682 -42.98 39.17 -51.06
CA PHE B 682 -41.75 39.63 -50.44
C PHE B 682 -40.86 40.26 -51.49
N LYS B 683 -40.44 41.50 -51.26
CA LYS B 683 -39.58 42.20 -52.21
C LYS B 683 -38.12 41.85 -51.99
N PHE B 685 -34.01 41.75 -53.19
CA PHE B 685 -33.12 42.85 -53.57
C PHE B 685 -32.89 42.82 -55.08
N GLU B 686 -32.78 44.00 -55.68
CA GLU B 686 -32.79 44.12 -57.14
C GLU B 686 -31.59 44.94 -57.63
N GLU B 687 -31.16 44.61 -58.85
CA GLU B 687 -30.09 45.33 -59.53
C GLU B 687 -30.54 46.76 -59.85
N LEU B 688 -29.64 47.72 -59.61
CA LEU B 688 -29.93 49.14 -59.81
C LEU B 688 -29.57 49.55 -61.23
N GLU B 689 -30.56 50.00 -61.99
CA GLU B 689 -30.33 50.42 -63.38
C GLU B 689 -29.49 51.70 -63.43
N PRO B 690 -28.77 51.99 -64.53
CA PRO B 690 -27.83 53.07 -64.50
C PRO B 690 -28.52 54.36 -64.93
N PRO B 691 -28.08 55.51 -64.47
CA PRO B 691 -28.74 56.76 -64.84
C PRO B 691 -28.58 57.07 -66.32
N LYS B 692 -29.62 57.69 -66.89
CA LYS B 692 -29.63 58.11 -68.28
C LYS B 692 -29.52 59.62 -68.44
N HIS B 693 -29.17 60.32 -67.37
CA HIS B 693 -29.04 61.78 -67.38
C HIS B 693 -27.60 62.23 -67.22
N SER B 694 -26.91 61.76 -66.18
CA SER B 694 -25.51 62.11 -65.96
C SER B 694 -24.53 61.04 -66.42
N LYS B 695 -24.91 59.77 -66.32
CA LYS B 695 -24.10 58.65 -66.76
C LYS B 695 -22.73 58.66 -66.09
N VAL B 696 -22.75 58.53 -64.76
CA VAL B 696 -21.52 58.46 -63.97
C VAL B 696 -21.06 57.01 -64.00
N LYS B 697 -19.98 56.74 -64.72
CA LYS B 697 -19.45 55.38 -64.85
C LYS B 697 -18.37 55.08 -63.82
N ARG B 698 -18.69 55.34 -62.55
CA ARG B 698 -17.79 55.09 -61.42
C ARG B 698 -16.41 55.72 -61.68
N GLN B 699 -16.42 57.03 -61.76
CA GLN B 699 -15.19 57.80 -62.01
C GLN B 699 -14.17 57.63 -60.89
N THR B 702 -10.97 61.37 -57.12
CA THR B 702 -11.05 62.82 -57.24
C THR B 702 -11.20 63.50 -55.87
N PRO B 703 -10.10 63.55 -55.11
CA PRO B 703 -10.17 64.16 -53.77
C PRO B 703 -10.61 65.62 -53.81
N SER B 704 -9.86 66.45 -54.54
CA SER B 704 -10.15 67.89 -54.66
C SER B 704 -10.23 68.56 -53.29
N ALA B 705 -10.75 69.79 -53.26
CA ALA B 705 -10.94 70.49 -52.00
C ALA B 705 -12.00 71.57 -52.13
N PRO B 706 -13.28 71.21 -52.34
CA PRO B 706 -14.35 72.20 -52.42
C PRO B 706 -14.98 72.51 -51.05
N GLU B 707 -14.13 72.84 -50.07
CA GLU B 707 -14.58 73.09 -48.72
C GLU B 707 -13.86 74.31 -48.16
N LEU B 708 -14.52 74.96 -47.20
CA LEU B 708 -13.94 76.13 -46.54
C LEU B 708 -14.03 75.95 -45.02
N GLY B 709 -13.63 76.97 -44.28
CA GLY B 709 -13.67 76.90 -42.82
C GLY B 709 -14.07 78.20 -42.16
N GLN B 710 -15.11 78.16 -41.34
CA GLN B 710 -15.55 79.35 -40.61
C GLN B 710 -16.32 78.90 -39.38
N GLN B 711 -16.09 79.58 -38.26
CA GLN B 711 -16.82 79.27 -37.04
C GLN B 711 -18.15 80.00 -37.02
N PRO B 712 -19.17 79.45 -36.36
CA PRO B 712 -20.45 80.15 -36.26
C PRO B 712 -20.30 81.48 -35.54
N ASP B 713 -21.02 82.49 -36.02
CA ASP B 713 -20.98 83.83 -35.46
C ASP B 713 -22.21 84.15 -34.63
N VAL B 714 -23.08 83.16 -34.40
CA VAL B 714 -24.31 83.36 -33.65
C VAL B 714 -24.43 82.27 -32.59
N ASN B 715 -24.79 82.66 -31.37
CA ASN B 715 -25.03 81.74 -30.28
C ASN B 715 -26.46 81.88 -29.79
N ILE B 716 -26.95 80.82 -29.14
CA ILE B 716 -28.33 80.83 -28.65
C ILE B 716 -28.52 81.87 -27.56
N SER B 717 -27.43 82.30 -26.92
CA SER B 717 -27.52 83.29 -25.86
C SER B 717 -27.71 84.71 -26.39
N GLU B 718 -27.57 84.93 -27.69
CA GLU B 718 -27.69 86.26 -28.29
C GLU B 718 -28.90 86.39 -29.19
N TRP B 719 -29.06 85.49 -30.16
CA TRP B 719 -30.20 85.54 -31.09
C TRP B 719 -31.41 84.82 -30.49
N LYS B 720 -31.89 85.36 -29.37
CA LYS B 720 -33.03 84.81 -28.66
C LYS B 720 -34.23 85.75 -28.65
N ASP B 721 -34.03 87.01 -28.28
CA ASP B 721 -35.11 87.99 -28.23
C ASP B 721 -35.21 88.81 -29.51
N LYS B 722 -34.42 88.50 -30.53
CA LYS B 722 -34.49 89.23 -31.79
C LYS B 722 -35.83 88.97 -32.47
N PRO B 723 -36.34 89.92 -33.25
CA PRO B 723 -37.66 89.77 -33.83
C PRO B 723 -37.65 88.84 -35.04
N THR B 724 -38.87 88.46 -35.45
CA THR B 724 -39.02 87.46 -36.51
C THR B 724 -38.48 87.98 -37.84
N HIS B 725 -38.80 89.23 -38.19
CA HIS B 725 -38.40 89.75 -39.49
C HIS B 725 -36.88 89.88 -39.59
N GLU B 726 -36.24 90.39 -38.54
CA GLU B 726 -34.79 90.55 -38.57
C GLU B 726 -34.08 89.20 -38.64
N ILE B 727 -34.55 88.22 -37.88
CA ILE B 727 -33.93 86.90 -37.91
C ILE B 727 -34.17 86.22 -39.25
N LEU B 728 -35.34 86.46 -39.87
CA LEU B 728 -35.61 85.91 -41.19
C LEU B 728 -34.69 86.53 -42.24
N GLN B 729 -34.48 87.85 -42.17
CA GLN B 729 -33.54 88.49 -43.08
C GLN B 729 -32.12 87.97 -42.88
N LYS B 730 -31.71 87.80 -41.62
CA LYS B 730 -30.39 87.26 -41.33
C LYS B 730 -30.22 85.85 -41.88
N LEU B 731 -31.27 85.02 -41.76
CA LEU B 731 -31.22 83.69 -42.35
C LEU B 731 -31.13 83.77 -43.87
N ASN B 732 -31.87 84.70 -44.48
CA ASN B 732 -31.89 84.80 -45.93
C ASN B 732 -30.55 85.23 -46.49
N ASP B 733 -29.90 86.20 -45.85
CA ASP B 733 -28.66 86.75 -46.42
C ASP B 733 -27.40 86.10 -45.87
N CYS B 734 -27.52 85.06 -45.06
CA CYS B 734 -26.34 84.37 -44.52
C CYS B 734 -26.01 83.15 -45.35
N SER B 735 -24.82 82.61 -45.12
CA SER B 735 -24.35 81.43 -45.81
C SER B 735 -23.73 80.37 -44.90
N CYS B 736 -23.46 80.67 -43.64
CA CYS B 736 -22.87 79.69 -42.74
C CYS B 736 -23.87 78.59 -42.42
N LEU B 737 -23.43 77.33 -42.55
CA LEU B 737 -24.33 76.21 -42.33
C LEU B 737 -24.65 76.02 -40.86
N ALA B 738 -23.65 76.09 -39.98
CA ALA B 738 -23.91 75.97 -38.56
C ALA B 738 -24.76 77.12 -38.04
N SER B 739 -24.43 78.34 -38.46
CA SER B 739 -25.25 79.50 -38.08
C SER B 739 -26.67 79.35 -38.59
N GLN B 740 -26.83 78.91 -39.84
CA GLN B 740 -28.16 78.61 -40.36
C GLN B 740 -28.88 77.65 -39.43
N ALA B 741 -28.31 76.45 -39.22
CA ALA B 741 -28.97 75.43 -38.40
C ALA B 741 -29.36 75.98 -37.04
N ILE B 742 -28.53 76.88 -36.47
CA ILE B 742 -28.90 77.53 -35.21
C ILE B 742 -30.16 78.37 -35.39
N LEU B 743 -30.22 79.13 -36.48
CA LEU B 743 -31.40 79.98 -36.70
C LEU B 743 -32.65 79.15 -36.93
N LEU B 744 -32.56 78.07 -37.72
CA LEU B 744 -33.73 77.20 -37.89
C LEU B 744 -34.12 76.51 -36.58
N GLY B 745 -33.15 76.16 -35.74
CA GLY B 745 -33.49 75.61 -34.43
C GLY B 745 -34.26 76.60 -33.58
N ILE B 746 -33.81 77.86 -33.56
CA ILE B 746 -34.52 78.90 -32.82
C ILE B 746 -35.91 79.10 -33.40
N LEU B 747 -36.02 79.09 -34.74
CA LEU B 747 -37.32 79.26 -35.39
C LEU B 747 -38.28 78.15 -35.01
N LEU B 748 -37.80 76.90 -35.00
CA LEU B 748 -38.65 75.78 -34.61
C LEU B 748 -39.04 75.88 -33.13
N LYS B 749 -38.11 76.31 -32.28
CA LYS B 749 -38.41 76.43 -30.86
C LYS B 749 -39.47 77.50 -30.61
N ARG B 750 -39.40 78.63 -31.31
CA ARG B 750 -40.29 79.76 -31.05
C ARG B 750 -41.46 79.81 -32.03
N GLU B 751 -41.17 79.90 -33.33
CA GLU B 751 -42.23 80.11 -34.31
C GLU B 751 -42.96 78.82 -34.69
N GLY B 752 -42.41 77.66 -34.36
CA GLY B 752 -43.05 76.40 -34.64
C GLY B 752 -42.58 75.75 -35.92
N PRO B 753 -42.63 74.43 -35.97
CA PRO B 753 -42.18 73.72 -37.19
C PRO B 753 -43.00 74.03 -38.42
N ASN B 754 -44.28 74.42 -38.26
CA ASN B 754 -45.16 74.64 -39.39
C ASN B 754 -45.03 76.03 -39.99
N PHE B 755 -44.17 76.89 -39.43
CA PHE B 755 -44.00 78.23 -39.98
C PHE B 755 -43.43 78.16 -41.39
N ILE B 756 -43.90 79.06 -42.25
CA ILE B 756 -43.52 79.07 -43.65
C ILE B 756 -42.38 80.06 -43.84
N THR B 757 -41.24 79.56 -44.31
CA THR B 757 -40.07 80.40 -44.56
C THR B 757 -39.99 80.75 -46.04
N LYS B 758 -38.89 81.41 -46.44
CA LYS B 758 -38.72 81.77 -47.84
C LYS B 758 -38.56 80.52 -48.72
N GLU B 759 -37.83 79.52 -48.22
CA GLU B 759 -37.58 78.29 -48.97
C GLU B 759 -38.49 77.14 -48.54
N GLY B 760 -39.73 77.45 -48.19
CA GLY B 760 -40.68 76.43 -47.77
C GLY B 760 -40.86 76.38 -46.28
N THR B 761 -41.34 75.22 -45.82
CA THR B 761 -41.56 75.02 -44.39
C THR B 761 -40.23 74.94 -43.65
N VAL B 762 -40.28 75.19 -42.35
CA VAL B 762 -39.08 75.15 -41.52
C VAL B 762 -38.47 73.75 -41.51
N ASP B 764 -38.70 71.15 -43.45
CA ASP B 764 -38.11 70.74 -44.71
C ASP B 764 -36.73 71.38 -44.87
N HIS B 765 -36.65 72.67 -44.52
CA HIS B 765 -35.38 73.37 -44.62
C HIS B 765 -34.33 72.77 -43.70
N ILE B 766 -34.71 72.43 -42.46
CA ILE B 766 -33.74 71.87 -41.54
C ILE B 766 -33.30 70.48 -41.99
N GLU B 767 -34.22 69.69 -42.55
CA GLU B 767 -33.85 68.37 -43.06
C GLU B 767 -32.90 68.50 -44.25
N ARG B 768 -33.17 69.45 -45.15
CA ARG B 768 -32.29 69.66 -46.29
C ARG B 768 -30.90 70.13 -45.84
N VAL B 769 -30.87 71.03 -44.84
CA VAL B 769 -29.59 71.50 -44.31
C VAL B 769 -28.82 70.35 -43.69
N TYR B 770 -29.50 69.50 -42.92
CA TYR B 770 -28.85 68.32 -42.36
C TYR B 770 -28.29 67.43 -43.45
N ARG B 771 -29.07 67.22 -44.52
CA ARG B 771 -28.62 66.35 -45.60
C ARG B 771 -27.37 66.90 -46.28
N ARG B 772 -27.37 68.19 -46.62
CA ARG B 772 -26.22 68.75 -47.33
C ARG B 772 -25.01 68.83 -46.40
N ALA B 773 -25.22 69.11 -45.12
CA ALA B 773 -24.10 69.13 -44.19
C ALA B 773 -23.49 67.74 -44.02
N GLY B 774 -24.33 66.71 -43.97
CA GLY B 774 -23.80 65.35 -43.91
C GLY B 774 -23.08 64.96 -45.17
N SER B 775 -23.58 65.40 -46.33
CA SER B 775 -22.90 65.13 -47.59
C SER B 775 -21.55 65.83 -47.64
N GLN B 776 -21.46 67.05 -47.11
CA GLN B 776 -20.24 67.84 -47.14
C GLN B 776 -19.35 67.62 -45.92
N LYS B 777 -19.75 66.72 -45.01
CA LYS B 777 -18.95 66.37 -43.84
C LYS B 777 -18.67 67.59 -42.96
N LEU B 778 -19.75 68.16 -42.43
CA LEU B 778 -19.68 69.23 -41.43
C LEU B 778 -20.31 68.67 -40.16
N TRP B 779 -19.47 68.15 -39.27
CA TRP B 779 -19.98 67.42 -38.10
C TRP B 779 -20.73 68.33 -37.14
N LEU B 780 -20.28 69.56 -36.96
CA LEU B 780 -20.96 70.49 -36.06
C LEU B 780 -22.40 70.73 -36.52
N ALA B 781 -22.57 70.98 -37.82
CA ALA B 781 -23.91 71.25 -38.36
C ALA B 781 -24.82 70.04 -38.24
N VAL B 782 -24.32 68.85 -38.56
CA VAL B 782 -25.16 67.65 -38.52
C VAL B 782 -25.53 67.31 -37.07
N ARG B 783 -24.59 67.53 -36.13
CA ARG B 783 -24.90 67.28 -34.74
C ARG B 783 -25.91 68.28 -34.20
N TYR B 784 -25.79 69.55 -34.61
CA TYR B 784 -26.78 70.55 -34.23
C TYR B 784 -28.16 70.17 -34.77
N GLY B 785 -28.22 69.74 -36.03
CA GLY B 785 -29.49 69.34 -36.61
C GLY B 785 -30.10 68.13 -35.93
N ALA B 786 -29.27 67.14 -35.61
CA ALA B 786 -29.76 65.96 -34.90
C ALA B 786 -30.25 66.32 -33.51
N ALA B 787 -29.54 67.23 -32.83
CA ALA B 787 -29.96 67.66 -31.50
C ALA B 787 -31.30 68.39 -31.55
N PHE B 788 -31.46 69.29 -32.54
CA PHE B 788 -32.69 70.06 -32.64
C PHE B 788 -33.85 69.26 -33.20
N THR B 789 -33.60 68.17 -33.92
CA THR B 789 -34.67 67.33 -34.45
C THR B 789 -35.14 66.27 -33.46
N GLN B 790 -34.42 66.08 -32.36
CA GLN B 790 -34.72 65.05 -31.38
C GLN B 790 -34.81 63.68 -32.02
N LYS B 791 -33.91 63.40 -32.96
CA LYS B 791 -33.88 62.12 -33.66
C LYS B 791 -33.34 61.02 -32.76
N PHE B 792 -33.77 59.79 -33.04
CA PHE B 792 -33.43 58.64 -32.21
C PHE B 792 -32.97 57.49 -33.10
N SER B 793 -32.08 56.67 -32.56
CA SER B 793 -31.56 55.50 -33.24
C SER B 793 -32.09 54.25 -32.56
N SER B 794 -32.59 53.30 -33.37
CA SER B 794 -33.19 52.09 -32.82
C SER B 794 -32.15 51.18 -32.19
N SER B 795 -30.86 51.46 -32.41
CA SER B 795 -29.80 50.62 -31.86
C SER B 795 -29.51 50.90 -30.39
N ILE B 796 -30.11 51.95 -29.81
CA ILE B 796 -29.84 52.29 -28.42
C ILE B 796 -30.41 51.24 -27.49
N ALA B 797 -31.65 50.82 -27.73
CA ALA B 797 -32.30 49.85 -26.84
C ALA B 797 -31.55 48.52 -26.76
N PRO B 798 -31.13 47.89 -27.86
CA PRO B 798 -30.29 46.67 -27.70
C PRO B 798 -28.99 46.94 -26.97
N HIS B 799 -28.38 48.12 -27.19
CA HIS B 799 -27.17 48.47 -26.46
C HIS B 799 -27.44 48.58 -24.96
N ILE B 800 -28.56 49.22 -24.60
CA ILE B 800 -28.91 49.35 -23.19
C ILE B 800 -29.19 47.99 -22.59
N THR B 801 -29.90 47.12 -23.29
CA THR B 801 -30.21 45.82 -22.70
C THR B 801 -28.98 44.93 -22.61
N THR B 802 -28.02 45.10 -23.52
CA THR B 802 -26.74 44.39 -23.39
C THR B 802 -25.95 44.93 -22.20
N PHE B 803 -26.00 46.25 -21.99
CA PHE B 803 -25.39 46.83 -20.80
C PHE B 803 -25.96 46.22 -19.53
N LEU B 804 -27.28 46.11 -19.46
CA LEU B 804 -27.93 45.61 -18.26
C LEU B 804 -27.75 44.11 -18.12
N VAL B 805 -27.51 43.41 -19.24
CA VAL B 805 -27.23 41.98 -19.16
C VAL B 805 -25.92 41.74 -18.44
N HIS B 806 -24.89 42.51 -18.77
CA HIS B 806 -23.55 42.33 -18.21
C HIS B 806 -23.43 42.72 -16.75
N GLY B 807 -24.55 43.04 -16.09
CA GLY B 807 -24.50 43.46 -14.71
C GLY B 807 -23.95 44.84 -14.49
N LYS B 808 -23.95 45.69 -15.50
CA LYS B 808 -23.44 47.04 -15.42
C LYS B 808 -24.57 48.05 -15.58
N GLN B 809 -24.66 48.98 -14.64
CA GLN B 809 -25.67 50.03 -14.67
C GLN B 809 -25.21 51.20 -15.54
N VAL B 810 -26.17 51.88 -16.15
CA VAL B 810 -25.89 53.03 -17.01
C VAL B 810 -26.71 54.21 -16.49
N THR B 811 -26.14 55.40 -16.56
CA THR B 811 -26.78 56.63 -16.13
C THR B 811 -26.58 57.70 -17.19
N LEU B 812 -27.67 58.37 -17.57
CA LEU B 812 -27.65 59.42 -18.57
C LEU B 812 -27.89 60.77 -17.91
N GLY B 813 -27.20 61.78 -18.39
CA GLY B 813 -27.33 63.12 -17.85
C GLY B 813 -26.06 63.92 -18.00
N ALA B 814 -26.22 65.23 -17.97
CA ALA B 814 -25.07 66.13 -18.08
C ALA B 814 -24.19 66.03 -16.83
N PHE B 815 -22.91 66.33 -17.01
CA PHE B 815 -21.97 66.26 -15.90
C PHE B 815 -22.34 67.28 -14.82
N GLY B 816 -22.29 66.84 -13.57
CA GLY B 816 -22.62 67.71 -12.46
C GLY B 816 -24.05 68.21 -12.46
N HIS B 817 -25.01 67.33 -12.77
CA HIS B 817 -26.41 67.71 -12.81
C HIS B 817 -27.25 66.45 -12.60
N GLU B 818 -28.54 66.57 -12.89
CA GLU B 818 -29.47 65.47 -12.64
C GLU B 818 -29.17 64.28 -13.57
N GLU B 819 -29.20 63.09 -12.99
CA GLU B 819 -29.00 61.84 -13.72
C GLU B 819 -30.04 60.82 -13.28
N GLU B 820 -30.29 59.85 -14.16
CA GLU B 820 -31.28 58.81 -13.92
C GLU B 820 -30.63 57.44 -14.11
N VAL B 821 -30.96 56.50 -13.24
CA VAL B 821 -30.35 55.18 -13.22
C VAL B 821 -31.30 54.20 -13.91
N ILE B 822 -30.79 53.47 -14.90
CA ILE B 822 -31.56 52.45 -15.61
C ILE B 822 -31.31 51.13 -14.88
N SER B 823 -32.18 50.81 -13.93
CA SER B 823 -32.02 49.59 -13.16
C SER B 823 -32.41 48.36 -13.96
N ASN B 824 -33.49 48.43 -14.72
CA ASN B 824 -34.06 47.31 -15.44
C ASN B 824 -34.32 47.69 -16.88
N PRO B 825 -34.35 46.71 -17.79
CA PRO B 825 -34.61 47.01 -19.20
C PRO B 825 -35.98 47.65 -19.39
N LEU B 826 -36.06 48.54 -20.38
CA LEU B 826 -37.24 49.34 -20.63
C LEU B 826 -37.40 49.59 -22.13
N SER B 827 -38.63 49.98 -22.50
CA SER B 827 -38.95 50.19 -23.91
C SER B 827 -38.19 51.39 -24.48
N PRO B 828 -37.93 51.39 -25.79
CA PRO B 828 -37.19 52.52 -26.39
C PRO B 828 -37.91 53.86 -26.24
N ARG B 829 -39.24 53.85 -26.20
CA ARG B 829 -39.99 55.11 -26.07
C ARG B 829 -39.65 55.80 -24.75
N VAL B 830 -39.61 55.05 -23.66
CA VAL B 830 -39.28 55.64 -22.36
C VAL B 830 -37.83 56.11 -22.33
N ILE B 831 -36.93 55.38 -23.00
CA ILE B 831 -35.54 55.80 -23.09
C ILE B 831 -35.43 57.14 -23.82
N GLN B 832 -36.13 57.26 -24.94
CA GLN B 832 -36.13 58.53 -25.68
C GLN B 832 -36.72 59.66 -24.85
N ASN B 833 -37.81 59.38 -24.14
CA ASN B 833 -38.40 60.40 -23.27
C ASN B 833 -37.43 60.84 -22.19
N ILE B 834 -36.73 59.89 -21.58
CA ILE B 834 -35.78 60.22 -20.52
C ILE B 834 -34.63 61.06 -21.08
N ILE B 835 -34.08 60.66 -22.22
CA ILE B 835 -32.90 61.35 -22.74
C ILE B 835 -33.26 62.74 -23.26
N TYR B 836 -34.45 62.90 -23.84
CA TYR B 836 -34.82 64.16 -24.47
C TYR B 836 -35.73 65.04 -23.61
N TYR B 837 -36.04 64.62 -22.38
CA TYR B 837 -36.87 65.41 -21.50
C TYR B 837 -36.19 65.64 -20.15
N LYS B 838 -34.88 65.44 -20.09
CA LYS B 838 -34.14 65.68 -18.86
C LYS B 838 -32.87 66.50 -19.08
N CYS B 839 -32.59 66.94 -20.30
CA CYS B 839 -31.45 67.79 -20.59
C CYS B 839 -31.91 69.12 -21.21
N ASN B 840 -33.10 69.57 -20.83
CA ASN B 840 -33.63 70.81 -21.40
C ASN B 840 -32.80 72.02 -21.00
N THR B 841 -32.32 72.05 -19.75
CA THR B 841 -31.53 73.18 -19.27
C THR B 841 -30.18 73.29 -19.97
N HIS B 842 -29.71 72.24 -20.64
CA HIS B 842 -28.44 72.26 -21.34
C HIS B 842 -28.68 72.15 -22.84
N ASP B 843 -27.60 72.30 -23.59
CA ASP B 843 -27.67 72.17 -25.05
C ASP B 843 -28.05 70.74 -25.43
N GLU B 844 -28.88 70.61 -26.46
CA GLU B 844 -29.38 69.30 -26.88
C GLU B 844 -28.29 68.45 -27.53
N ARG B 845 -27.13 69.01 -27.84
CA ARG B 845 -26.04 68.21 -28.38
C ARG B 845 -25.56 67.17 -27.38
N GLU B 846 -25.84 67.40 -26.09
CA GLU B 846 -25.49 66.42 -25.06
C GLU B 846 -26.21 65.10 -25.29
N ALA B 847 -27.47 65.15 -25.72
CA ALA B 847 -28.21 63.92 -25.99
C ALA B 847 -27.56 63.13 -27.12
N VAL B 848 -27.16 63.82 -28.20
CA VAL B 848 -26.54 63.14 -29.33
C VAL B 848 -25.19 62.55 -28.93
N ILE B 849 -24.40 63.31 -28.18
CA ILE B 849 -23.09 62.80 -27.76
C ILE B 849 -23.27 61.62 -26.80
N GLN B 850 -24.31 61.65 -25.97
CA GLN B 850 -24.59 60.53 -25.09
C GLN B 850 -24.99 59.30 -25.88
N GLN B 851 -25.79 59.48 -26.93
CA GLN B 851 -26.16 58.34 -27.77
C GLN B 851 -24.94 57.73 -28.45
N GLU B 852 -24.07 58.58 -29.00
CA GLU B 852 -22.85 58.08 -29.63
C GLU B 852 -21.98 57.34 -28.62
N LEU B 853 -21.80 57.91 -27.43
CA LEU B 853 -20.96 57.30 -26.43
C LEU B 853 -21.54 55.97 -25.96
N VAL B 854 -22.86 55.91 -25.75
CA VAL B 854 -23.46 54.68 -25.25
C VAL B 854 -23.38 53.58 -26.30
N ILE B 855 -23.54 53.95 -27.58
CA ILE B 855 -23.41 52.95 -28.64
C ILE B 855 -21.98 52.43 -28.71
N HIS B 856 -21.00 53.33 -28.65
CA HIS B 856 -19.60 52.91 -28.71
C HIS B 856 -19.23 52.03 -27.53
N ILE B 857 -19.65 52.42 -26.32
CA ILE B 857 -19.31 51.63 -25.14
C ILE B 857 -20.03 50.28 -25.16
N GLY B 858 -21.25 50.24 -25.70
CA GLY B 858 -21.93 48.96 -25.84
C GLY B 858 -21.20 48.03 -26.78
N TRP B 859 -20.75 48.55 -27.92
CA TRP B 859 -19.98 47.73 -28.85
C TRP B 859 -18.68 47.25 -28.21
N ILE B 860 -18.00 48.15 -27.49
CA ILE B 860 -16.72 47.78 -26.87
C ILE B 860 -16.92 46.69 -25.83
N ILE B 861 -17.93 46.84 -24.98
CA ILE B 861 -18.17 45.84 -23.94
C ILE B 861 -18.66 44.53 -24.55
N SER B 862 -19.35 44.60 -25.69
CA SER B 862 -19.74 43.38 -26.39
C SER B 862 -18.53 42.64 -26.93
N ASN B 863 -17.53 43.39 -27.43
CA ASN B 863 -16.35 42.75 -27.98
C ASN B 863 -15.23 42.57 -26.97
N ASN B 864 -14.96 43.58 -26.15
CA ASN B 864 -13.85 43.56 -25.19
C ASN B 864 -14.38 43.91 -23.81
N PRO B 865 -15.00 42.95 -23.11
CA PRO B 865 -15.48 43.21 -21.74
C PRO B 865 -14.36 43.46 -20.75
N GLU B 866 -13.14 43.05 -21.06
CA GLU B 866 -12.03 43.22 -20.13
C GLU B 866 -11.70 44.70 -19.90
N LEU B 867 -11.97 45.56 -20.89
CA LEU B 867 -11.63 46.96 -20.76
C LEU B 867 -12.42 47.65 -19.65
N PHE B 868 -13.56 47.07 -19.26
CA PHE B 868 -14.42 47.67 -18.24
C PHE B 868 -14.44 46.88 -16.94
N SER B 869 -13.41 46.09 -16.67
CA SER B 869 -13.33 45.38 -15.40
C SER B 869 -13.01 46.35 -14.27
N GLY B 870 -13.73 46.21 -13.15
CA GLY B 870 -13.52 47.05 -11.99
C GLY B 870 -14.53 48.15 -11.79
N MET B 871 -15.34 48.46 -12.80
CA MET B 871 -16.38 49.49 -12.69
C MET B 871 -17.74 48.84 -12.81
N LEU B 872 -18.67 49.24 -11.94
CA LEU B 872 -20.02 48.71 -11.98
C LEU B 872 -20.95 49.58 -12.81
N LYS B 873 -21.06 50.86 -12.48
CA LYS B 873 -21.96 51.77 -13.16
C LYS B 873 -21.17 52.65 -14.12
N ILE B 874 -21.77 52.97 -15.26
CA ILE B 874 -21.15 53.80 -16.28
C ILE B 874 -21.91 55.13 -16.33
N ARG B 875 -21.19 56.22 -16.13
CA ARG B 875 -21.78 57.56 -16.14
C ARG B 875 -21.32 58.27 -17.41
N ILE B 876 -22.27 58.58 -18.29
CA ILE B 876 -21.93 59.18 -19.58
C ILE B 876 -21.41 60.60 -19.39
N GLY B 877 -22.03 61.37 -18.50
CA GLY B 877 -21.62 62.75 -18.33
C GLY B 877 -20.22 62.90 -17.78
N TRP B 878 -19.86 62.05 -16.81
CA TRP B 878 -18.50 62.09 -16.26
C TRP B 878 -17.48 61.66 -17.31
N ILE B 879 -17.84 60.68 -18.14
CA ILE B 879 -16.94 60.27 -19.21
C ILE B 879 -16.76 61.38 -20.23
N ILE B 880 -17.84 62.15 -20.48
CA ILE B 880 -17.73 63.30 -21.39
C ILE B 880 -16.84 64.38 -20.78
N HIS B 881 -16.94 64.58 -19.46
CA HIS B 881 -16.07 65.54 -18.79
C HIS B 881 -14.61 65.11 -18.91
N ALA B 882 -14.33 63.82 -18.71
CA ALA B 882 -12.98 63.31 -18.90
C ALA B 882 -12.53 63.46 -20.36
N MET B 883 -13.47 63.27 -21.29
CA MET B 883 -13.17 63.47 -22.70
C MET B 883 -12.70 64.89 -22.96
N GLU B 884 -13.45 65.87 -22.45
CA GLU B 884 -13.09 67.27 -22.63
C GLU B 884 -11.77 67.59 -21.95
N TYR B 885 -11.54 67.05 -20.75
CA TYR B 885 -10.28 67.29 -20.05
C TYR B 885 -9.10 66.73 -20.84
N GLU B 886 -9.26 65.53 -21.40
CA GLU B 886 -8.20 64.95 -22.21
C GLU B 886 -7.94 65.76 -23.46
N LEU B 887 -9.00 66.24 -24.12
CA LEU B 887 -8.80 67.10 -25.28
C LEU B 887 -8.05 68.37 -24.90
N GLN B 888 -8.40 68.94 -23.74
CA GLN B 888 -7.71 70.15 -23.27
C GLN B 888 -6.23 69.87 -23.00
N ILE B 889 -5.93 68.75 -22.36
CA ILE B 889 -4.54 68.48 -21.99
C ILE B 889 -3.71 68.16 -23.21
N ARG B 890 -4.27 67.46 -24.20
CA ARG B 890 -3.55 67.26 -25.45
C ARG B 890 -3.45 68.58 -26.23
N GLY B 891 -4.35 69.52 -25.95
CA GLY B 891 -4.21 70.85 -26.52
C GLY B 891 -2.98 71.59 -26.06
N GLY B 892 -2.58 71.41 -24.80
CA GLY B 892 -1.40 72.09 -24.31
C GLY B 892 -1.65 73.57 -24.15
N ASP B 893 -0.64 74.38 -24.51
CA ASP B 893 -0.80 75.82 -24.47
C ASP B 893 -1.90 76.29 -25.42
N LYS B 894 -1.93 75.72 -26.62
CA LYS B 894 -2.99 76.03 -27.56
C LYS B 894 -4.32 75.48 -27.04
N PRO B 895 -5.39 76.27 -27.10
CA PRO B 895 -6.70 75.78 -26.63
C PRO B 895 -7.19 74.61 -27.47
N ALA B 896 -7.97 73.74 -26.84
CA ALA B 896 -8.53 72.59 -27.53
C ALA B 896 -9.50 73.06 -28.62
N LEU B 897 -9.65 72.22 -29.65
CA LEU B 897 -10.44 72.60 -30.81
C LEU B 897 -11.94 72.54 -30.53
N ASP B 898 -12.48 71.35 -30.27
CA ASP B 898 -13.89 71.15 -30.00
C ASP B 898 -14.11 69.67 -29.71
N LEU B 899 -15.22 69.37 -29.06
CA LEU B 899 -15.67 68.00 -28.83
C LEU B 899 -16.80 67.57 -29.76
N TYR B 900 -17.56 68.51 -30.31
CA TYR B 900 -18.72 68.21 -31.12
C TYR B 900 -18.44 68.27 -32.62
N GLN B 901 -17.17 68.40 -33.02
CA GLN B 901 -16.82 68.41 -34.43
C GLN B 901 -15.66 67.48 -34.77
N LEU B 902 -15.19 66.68 -33.82
CA LEU B 902 -14.04 65.82 -34.04
C LEU B 902 -14.39 64.55 -34.81
N SER B 903 -15.68 64.32 -35.11
CA SER B 903 -16.22 63.19 -35.86
C SER B 903 -16.23 61.93 -35.01
N PRO B 904 -17.19 61.03 -35.25
CA PRO B 904 -17.28 59.82 -34.42
C PRO B 904 -16.04 58.94 -34.46
N SER B 905 -15.31 58.93 -35.58
CA SER B 905 -14.09 58.11 -35.66
C SER B 905 -13.07 58.57 -34.63
N GLU B 906 -12.75 59.86 -34.62
CA GLU B 906 -11.78 60.37 -33.65
C GLU B 906 -12.35 60.31 -32.24
N VAL B 907 -13.67 60.49 -32.10
CA VAL B 907 -14.29 60.36 -30.77
C VAL B 907 -14.04 58.98 -30.21
N LYS B 908 -14.31 57.94 -30.99
CA LYS B 908 -14.08 56.56 -30.56
C LYS B 908 -12.59 56.31 -30.33
N GLN B 909 -11.73 56.81 -31.20
CA GLN B 909 -10.29 56.58 -31.04
C GLN B 909 -9.78 57.17 -29.73
N LEU B 910 -10.09 58.44 -29.46
CA LEU B 910 -9.54 59.07 -28.26
C LEU B 910 -10.27 58.58 -27.01
N LEU B 911 -11.51 58.11 -27.17
CA LEU B 911 -12.17 57.39 -26.07
C LEU B 911 -11.43 56.11 -25.72
N LEU B 912 -10.99 55.36 -26.74
CA LEU B 912 -10.18 54.18 -26.50
C LEU B 912 -8.86 54.54 -25.83
N ASP B 913 -8.24 55.64 -26.27
CA ASP B 913 -7.02 56.11 -25.62
C ASP B 913 -7.26 56.44 -24.15
N ILE B 914 -8.41 57.03 -23.84
CA ILE B 914 -8.81 57.25 -22.45
C ILE B 914 -8.99 55.94 -21.69
N LEU B 915 -9.60 54.94 -22.32
CA LEU B 915 -9.93 53.68 -21.68
C LEU B 915 -8.73 52.80 -21.38
N GLN B 916 -7.51 53.30 -21.61
CA GLN B 916 -6.33 52.51 -21.36
C GLN B 916 -6.16 52.23 -19.86
N PRO B 917 -5.64 51.06 -19.49
CA PRO B 917 -5.50 50.73 -18.07
C PRO B 917 -4.60 51.70 -17.30
N GLN B 918 -3.55 52.21 -17.93
CA GLN B 918 -2.65 53.14 -17.25
C GLN B 918 -2.20 54.20 -18.25
N GLN B 919 -1.91 55.40 -17.73
CA GLN B 919 -1.50 56.54 -18.53
C GLN B 919 -0.30 57.23 -17.91
N ASN B 920 0.72 56.44 -17.56
CA ASN B 920 1.94 56.98 -16.97
C ASN B 920 2.54 58.05 -17.86
N GLY B 921 3.30 58.96 -17.25
CA GLY B 921 3.70 60.17 -17.96
C GLY B 921 3.37 61.43 -17.20
N ARG B 922 2.39 62.18 -17.70
CA ARG B 922 1.98 63.46 -17.14
C ARG B 922 1.67 63.39 -15.66
N CYS B 923 1.59 64.55 -15.01
CA CYS B 923 1.48 64.63 -13.55
C CYS B 923 0.27 63.85 -13.05
N TRP B 924 0.32 63.51 -11.75
CA TRP B 924 -0.70 62.63 -11.16
C TRP B 924 -2.08 63.28 -11.12
N LEU B 925 -2.17 64.61 -11.27
CA LEU B 925 -3.47 65.26 -11.26
C LEU B 925 -4.34 64.79 -12.42
N ASN B 926 -3.75 64.69 -13.61
CA ASN B 926 -4.50 64.24 -14.78
C ASN B 926 -4.96 62.79 -14.62
N ARG B 927 -4.08 61.93 -14.12
CA ARG B 927 -4.45 60.54 -13.88
C ARG B 927 -5.57 60.44 -12.85
N ARG B 928 -5.49 61.23 -11.78
CA ARG B 928 -6.52 61.21 -10.76
C ARG B 928 -7.86 61.68 -11.31
N GLN B 929 -7.85 62.76 -12.10
CA GLN B 929 -9.08 63.24 -12.70
C GLN B 929 -9.69 62.20 -13.63
N ILE B 930 -8.86 61.58 -14.47
CA ILE B 930 -9.36 60.58 -15.40
C ILE B 930 -9.95 59.39 -14.67
N ASP B 931 -9.23 58.88 -13.66
CA ASP B 931 -9.73 57.72 -12.93
C ASP B 931 -11.02 58.05 -12.20
N GLY B 932 -11.08 59.20 -11.55
CA GLY B 932 -12.30 59.58 -10.85
C GLY B 932 -13.48 59.75 -11.80
N SER B 933 -13.25 60.32 -12.97
CA SER B 933 -14.33 60.47 -13.95
C SER B 933 -14.80 59.11 -14.47
N LEU B 934 -13.86 58.19 -14.71
CA LEU B 934 -14.22 56.87 -15.20
C LEU B 934 -14.83 55.98 -14.12
N ASN B 935 -14.80 56.39 -12.86
CA ASN B 935 -15.34 55.62 -11.74
C ASN B 935 -14.69 54.24 -11.67
N ARG B 936 -13.36 54.26 -11.53
CA ARG B 936 -12.56 53.04 -11.43
C ARG B 936 -12.13 52.85 -9.98
N THR B 937 -12.29 51.62 -9.49
CA THR B 937 -11.97 51.29 -8.11
C THR B 937 -11.04 50.09 -8.07
N PRO B 938 -10.19 50.00 -7.04
CA PRO B 938 -9.31 48.83 -6.92
C PRO B 938 -10.10 47.56 -6.69
N THR B 939 -9.53 46.44 -7.14
CA THR B 939 -10.18 45.16 -6.97
C THR B 939 -10.26 44.78 -5.49
N GLY B 940 -11.45 44.36 -5.06
CA GLY B 940 -11.65 43.98 -3.67
C GLY B 940 -11.81 45.15 -2.72
N PHE B 941 -11.85 46.38 -3.22
CA PHE B 941 -11.96 47.54 -2.34
C PHE B 941 -13.29 47.56 -1.60
N TYR B 942 -14.33 46.99 -2.21
CA TYR B 942 -15.63 46.93 -1.54
C TYR B 942 -15.59 45.97 -0.37
N ASP B 943 -14.81 44.88 -0.49
CA ASP B 943 -14.60 44.00 0.65
C ASP B 943 -13.90 44.71 1.80
N ARG B 944 -12.92 45.56 1.46
CA ARG B 944 -12.27 46.37 2.48
C ARG B 944 -13.25 47.33 3.14
N VAL B 945 -14.14 47.93 2.34
CA VAL B 945 -15.17 48.80 2.89
C VAL B 945 -16.07 48.03 3.86
N TRP B 946 -16.45 46.81 3.47
CA TRP B 946 -17.29 45.99 4.35
C TRP B 946 -16.56 45.64 5.64
N GLN B 947 -15.27 45.33 5.56
CA GLN B 947 -14.50 45.03 6.76
C GLN B 947 -14.43 46.25 7.68
N ILE B 948 -14.19 47.43 7.11
CA ILE B 948 -14.21 48.66 7.90
C ILE B 948 -15.56 48.83 8.55
N LEU B 949 -16.63 48.58 7.80
CA LEU B 949 -17.99 48.78 8.31
C LEU B 949 -18.27 47.87 9.50
N GLU B 950 -17.83 46.61 9.43
CA GLU B 950 -17.97 45.73 10.59
C GLU B 950 -17.12 46.24 11.75
N ARG B 951 -15.92 46.74 11.47
CA ARG B 951 -15.02 47.18 12.52
C ARG B 951 -15.21 48.64 12.91
N THR B 952 -16.18 49.35 12.33
CA THR B 952 -16.45 50.73 12.69
C THR B 952 -17.91 50.88 13.13
N PRO B 953 -18.17 51.12 14.40
CA PRO B 953 -19.55 51.35 14.85
C PRO B 953 -20.05 52.72 14.42
N ASN B 954 -21.37 52.88 14.49
CA ASN B 954 -22.09 54.12 14.19
C ASN B 954 -22.02 54.52 12.72
N GLY B 955 -21.43 53.68 11.87
CA GLY B 955 -21.41 53.95 10.44
C GLY B 955 -20.39 55.00 10.04
N ILE B 956 -20.43 55.31 8.74
CA ILE B 956 -19.52 56.28 8.13
C ILE B 956 -20.35 57.33 7.39
N ILE B 957 -19.96 58.59 7.55
CA ILE B 957 -20.63 59.72 6.91
C ILE B 957 -19.65 60.38 5.95
N VAL B 958 -20.08 60.58 4.71
CA VAL B 958 -19.27 61.25 3.70
C VAL B 958 -20.21 61.93 2.71
N ALA B 959 -19.85 63.15 2.31
CA ALA B 959 -20.61 63.93 1.34
C ALA B 959 -22.07 64.10 1.78
N GLY B 960 -22.27 64.26 3.08
CA GLY B 960 -23.59 64.41 3.67
C GLY B 960 -24.32 63.10 3.92
N LYS B 961 -24.19 62.15 3.01
CA LYS B 961 -24.85 60.87 3.17
C LYS B 961 -24.25 60.09 4.34
N HIS B 962 -25.11 59.44 5.11
CA HIS B 962 -24.71 58.61 6.24
C HIS B 962 -25.11 57.17 5.97
N LEU B 963 -24.16 56.24 6.15
CA LEU B 963 -24.41 54.84 5.90
C LEU B 963 -24.48 54.09 7.21
N PRO B 964 -25.62 53.48 7.56
CA PRO B 964 -25.75 52.85 8.88
C PRO B 964 -24.96 51.56 8.99
N GLN B 965 -24.92 51.03 10.20
CA GLN B 965 -24.17 49.81 10.51
C GLN B 965 -25.05 48.63 10.91
N GLN B 966 -26.16 48.87 11.60
CA GLN B 966 -27.01 47.79 12.13
C GLN B 966 -27.75 47.04 11.02
N PRO B 967 -28.55 47.72 10.15
CA PRO B 967 -29.33 46.96 9.18
C PRO B 967 -28.46 46.32 8.10
N THR B 968 -27.38 47.00 7.74
CA THR B 968 -26.46 46.46 6.73
C THR B 968 -25.85 45.14 7.21
N LEU B 969 -25.47 45.07 8.49
CA LEU B 969 -24.93 43.83 9.01
C LEU B 969 -26.01 42.79 9.23
N SER B 970 -27.19 43.22 9.69
CA SER B 970 -28.22 42.26 10.08
C SER B 970 -28.95 41.66 8.89
N ASP B 971 -28.95 42.34 7.74
CA ASP B 971 -29.70 41.89 6.58
C ASP B 971 -28.80 41.38 5.46
N MET B 972 -27.52 41.75 5.49
CA MET B 972 -26.70 41.67 4.29
C MET B 972 -25.34 41.03 4.60
N THR B 973 -24.77 40.41 3.57
CA THR B 973 -23.55 39.61 3.71
C THR B 973 -22.34 40.35 3.13
N MET B 974 -21.19 39.69 3.18
CA MET B 974 -19.93 40.30 2.75
C MET B 974 -19.86 40.46 1.23
N TYR B 975 -20.22 39.41 0.50
CA TYR B 975 -20.05 39.38 -0.94
C TYR B 975 -21.31 39.70 -1.72
N GLU B 976 -22.37 40.16 -1.04
CA GLU B 976 -23.61 40.48 -1.72
C GLU B 976 -23.43 41.70 -2.63
N MET B 977 -23.98 41.62 -3.83
CA MET B 977 -23.93 42.74 -4.77
C MET B 977 -24.77 43.91 -4.29
N ASN B 978 -25.72 43.68 -3.38
CA ASN B 978 -26.47 44.79 -2.79
C ASN B 978 -25.54 45.73 -2.04
N PHE B 979 -24.52 45.18 -1.37
CA PHE B 979 -23.52 46.03 -0.72
C PHE B 979 -22.77 46.86 -1.75
N SER B 980 -22.42 46.26 -2.88
CA SER B 980 -21.77 47.00 -3.96
C SER B 980 -22.64 48.17 -4.42
N LEU B 981 -23.91 47.91 -4.67
CA LEU B 981 -24.81 48.97 -5.15
C LEU B 981 -24.99 50.06 -4.09
N LEU B 982 -25.15 49.67 -2.82
CA LEU B 982 -25.35 50.65 -1.77
C LEU B 982 -24.11 51.51 -1.58
N VAL B 983 -22.92 50.89 -1.61
CA VAL B 983 -21.68 51.66 -1.48
C VAL B 983 -21.51 52.61 -2.65
N GLU B 984 -21.81 52.14 -3.87
CA GLU B 984 -21.71 53.01 -5.04
C GLU B 984 -22.66 54.19 -4.93
N ASP B 985 -23.90 53.95 -4.49
CA ASP B 985 -24.87 55.04 -4.34
C ASP B 985 -24.42 56.02 -3.27
N THR B 986 -23.89 55.53 -2.16
CA THR B 986 -23.42 56.42 -1.10
C THR B 986 -22.24 57.26 -1.57
N LEU B 987 -21.30 56.65 -2.30
CA LEU B 987 -20.10 57.34 -2.72
C LEU B 987 -20.30 58.21 -3.95
N GLY B 988 -21.41 58.05 -4.66
CA GLY B 988 -21.64 58.87 -5.85
C GLY B 988 -22.03 60.30 -5.58
N ASN B 989 -22.26 60.68 -4.33
CA ASN B 989 -22.64 62.05 -4.01
C ASN B 989 -21.50 63.04 -4.23
N ILE B 990 -20.26 62.56 -4.28
CA ILE B 990 -19.13 63.47 -4.47
C ILE B 990 -19.12 63.99 -5.90
N ASP B 991 -19.00 65.31 -6.04
CA ASP B 991 -19.00 65.97 -7.34
C ASP B 991 -17.62 66.07 -7.97
N GLN B 992 -16.57 66.21 -7.16
CA GLN B 992 -15.21 66.31 -7.70
C GLN B 992 -14.59 64.92 -7.80
N PRO B 993 -14.20 64.47 -8.99
CA PRO B 993 -13.61 63.12 -9.09
C PRO B 993 -12.36 62.95 -8.25
N GLN B 994 -11.54 64.00 -8.14
CA GLN B 994 -10.32 63.92 -7.35
C GLN B 994 -10.64 63.75 -5.87
N TYR B 995 -11.68 64.44 -5.39
CA TYR B 995 -12.13 64.23 -4.00
C TYR B 995 -12.60 62.80 -3.79
N ARG B 996 -13.27 62.23 -4.78
CA ARG B 996 -13.69 60.83 -4.70
C ARG B 996 -12.49 59.90 -4.61
N GLN B 997 -11.44 60.16 -5.40
CA GLN B 997 -10.25 59.33 -5.34
C GLN B 997 -9.54 59.49 -4.00
N ILE B 998 -9.51 60.71 -3.46
CA ILE B 998 -8.95 60.92 -2.13
C ILE B 998 -9.73 60.11 -1.10
N VAL B 999 -11.05 60.10 -1.24
CA VAL B 999 -11.90 59.34 -0.31
C VAL B 999 -11.59 57.85 -0.39
N VAL B 1000 -11.48 57.31 -1.62
CA VAL B 1000 -11.25 55.87 -1.76
C VAL B 1000 -9.85 55.51 -1.28
N GLU B 1001 -8.87 56.39 -1.51
CA GLU B 1001 -7.53 56.15 -0.98
C GLU B 1001 -7.52 56.15 0.54
N LEU B 1002 -8.25 57.09 1.14
CA LEU B 1002 -8.37 57.11 2.60
C LEU B 1002 -9.03 55.85 3.12
N LEU B 1003 -10.06 55.37 2.42
CA LEU B 1003 -10.73 54.14 2.84
C LEU B 1003 -9.78 52.94 2.74
N MET B 1004 -9.00 52.87 1.67
CA MET B 1004 -8.03 51.79 1.54
C MET B 1004 -6.97 51.84 2.65
N VAL B 1005 -6.50 53.04 2.97
CA VAL B 1005 -5.52 53.19 4.05
C VAL B 1005 -6.14 52.76 5.38
N VAL B 1006 -7.40 53.15 5.62
CA VAL B 1006 -8.08 52.76 6.84
C VAL B 1006 -8.19 51.25 6.93
N SER B 1007 -8.57 50.60 5.82
CA SER B 1007 -8.70 49.15 5.82
C SER B 1007 -7.36 48.47 6.09
N ILE B 1008 -6.30 48.95 5.45
CA ILE B 1008 -4.98 48.36 5.65
C ILE B 1008 -4.54 48.50 7.09
N VAL B 1009 -4.71 49.70 7.67
CA VAL B 1009 -4.31 49.93 9.05
C VAL B 1009 -5.12 49.05 10.01
N LEU B 1010 -6.43 48.96 9.77
CA LEU B 1010 -7.29 48.16 10.65
C LEU B 1010 -6.92 46.68 10.58
N GLU B 1011 -6.67 46.17 9.37
CA GLU B 1011 -6.29 44.77 9.24
C GLU B 1011 -4.94 44.49 9.87
N ARG B 1012 -3.98 45.39 9.69
CA ARG B 1012 -2.66 45.20 10.27
C ARG B 1012 -2.63 45.44 11.78
N ASN B 1013 -3.61 46.18 12.31
CA ASN B 1013 -3.69 46.46 13.75
C ASN B 1013 -5.09 46.11 14.23
N PRO B 1014 -5.35 44.83 14.49
CA PRO B 1014 -6.70 44.44 14.96
C PRO B 1014 -7.09 45.05 16.29
N GLU B 1015 -6.11 45.42 17.12
CA GLU B 1015 -6.42 45.93 18.46
C GLU B 1015 -7.18 47.25 18.39
N LEU B 1016 -6.77 48.15 17.50
CA LEU B 1016 -7.39 49.48 17.44
C LEU B 1016 -8.81 49.39 16.92
N GLU B 1017 -9.67 50.27 17.42
CA GLU B 1017 -11.05 50.35 16.99
C GLU B 1017 -11.51 51.80 17.05
N PHE B 1018 -12.45 52.15 16.17
CA PHE B 1018 -12.98 53.50 16.13
C PHE B 1018 -13.98 53.71 17.26
N GLN B 1019 -13.82 54.81 17.99
CA GLN B 1019 -14.70 55.09 19.12
C GLN B 1019 -16.09 55.48 18.65
N ASP B 1020 -16.19 56.29 17.61
CA ASP B 1020 -17.48 56.78 17.12
C ASP B 1020 -17.46 56.77 15.60
N LYS B 1021 -18.48 57.40 15.02
CA LYS B 1021 -18.58 57.49 13.57
C LYS B 1021 -17.43 58.33 13.01
N VAL B 1022 -16.91 57.91 11.86
CA VAL B 1022 -15.77 58.57 11.23
C VAL B 1022 -16.28 59.44 10.07
N ASP B 1023 -15.82 60.69 10.03
CA ASP B 1023 -16.18 61.62 8.97
C ASP B 1023 -14.96 61.80 8.06
N LEU B 1024 -15.07 61.33 6.83
CA LEU B 1024 -13.94 61.38 5.90
C LEU B 1024 -13.55 62.81 5.55
N ASP B 1025 -14.52 63.73 5.55
CA ASP B 1025 -14.22 65.13 5.24
C ASP B 1025 -13.26 65.73 6.27
N ARG B 1026 -13.46 65.40 7.55
CA ARG B 1026 -12.57 65.89 8.59
C ARG B 1026 -11.15 65.38 8.39
N LEU B 1027 -11.00 64.10 8.04
CA LEU B 1027 -9.68 63.54 7.79
C LEU B 1027 -9.03 64.20 6.58
N VAL B 1028 -9.81 64.46 5.54
CA VAL B 1028 -9.28 65.14 4.36
C VAL B 1028 -8.81 66.55 4.71
N LYS B 1029 -9.59 67.26 5.53
CA LYS B 1029 -9.20 68.61 5.94
C LYS B 1029 -7.93 68.58 6.80
N GLU B 1030 -7.82 67.59 7.69
CA GLU B 1030 -6.61 67.45 8.50
C GLU B 1030 -5.40 67.15 7.62
N ALA B 1031 -5.59 66.31 6.59
CA ALA B 1031 -4.50 66.06 5.64
C ALA B 1031 -4.11 67.35 4.91
N PHE B 1032 -5.10 68.14 4.49
CA PHE B 1032 -4.82 69.46 3.93
C PHE B 1032 -3.94 70.28 4.86
N ASN B 1033 -4.33 70.37 6.13
CA ASN B 1033 -3.62 71.23 7.06
C ASN B 1033 -2.19 70.76 7.28
N GLU B 1034 -2.00 69.45 7.45
CA GLU B 1034 -0.66 68.92 7.65
C GLU B 1034 0.21 69.13 6.41
N PHE B 1035 -0.35 68.88 5.22
CA PHE B 1035 0.42 69.08 4.00
C PHE B 1035 0.78 70.54 3.79
N GLN B 1036 -0.16 71.45 4.07
CA GLN B 1036 0.14 72.88 3.94
C GLN B 1036 1.22 73.31 4.91
N LYS B 1037 1.15 72.84 6.16
CA LYS B 1037 2.17 73.20 7.13
C LYS B 1037 3.53 72.67 6.71
N ASP B 1038 3.56 71.44 6.20
CA ASP B 1038 4.82 70.85 5.74
C ASP B 1038 5.41 71.66 4.58
N GLN B 1039 4.57 72.03 3.61
CA GLN B 1039 5.04 72.80 2.47
C GLN B 1039 5.53 74.18 2.90
N SER B 1040 4.81 74.82 3.83
CA SER B 1040 5.23 76.13 4.30
C SER B 1040 6.55 76.06 5.05
N ARG B 1041 6.75 75.00 5.83
CA ARG B 1041 8.02 74.84 6.53
C ARG B 1041 9.15 74.54 5.55
N LEU B 1042 8.87 73.76 4.50
CA LEU B 1042 9.92 73.34 3.58
C LEU B 1042 10.35 74.48 2.65
N LYS B 1043 9.39 75.23 2.12
CA LYS B 1043 9.66 76.19 1.05
C LYS B 1043 9.30 77.62 1.41
N GLU B 1044 8.70 77.84 2.59
CA GLU B 1044 8.21 79.16 3.00
C GLU B 1044 7.13 79.68 2.05
N ILE B 1045 6.21 78.81 1.66
CA ILE B 1045 5.08 79.18 0.81
C ILE B 1045 3.90 79.54 1.71
N GLU B 1046 3.31 80.71 1.46
CA GLU B 1046 2.14 81.12 2.22
C GLU B 1046 0.98 80.17 1.94
N LYS B 1047 0.17 79.94 2.98
CA LYS B 1047 -0.94 79.00 2.87
C LYS B 1047 -1.92 79.42 1.77
N GLN B 1048 -2.28 78.46 0.93
CA GLN B 1048 -3.17 78.71 -0.20
C GLN B 1048 -4.33 77.72 -0.15
N ASP B 1049 -5.48 78.16 -0.67
CA ASP B 1049 -6.67 77.32 -0.67
C ASP B 1049 -6.63 76.36 -1.87
N ASP B 1050 -7.69 75.54 -1.95
CA ASP B 1050 -7.91 74.59 -3.04
C ASP B 1050 -6.91 73.44 -3.05
N MET B 1051 -7.37 72.30 -3.57
CA MET B 1051 -6.63 71.04 -3.62
C MET B 1051 -5.59 71.00 -4.74
N THR B 1052 -5.34 72.13 -5.39
CA THR B 1052 -4.57 72.14 -6.64
C THR B 1052 -3.12 71.67 -6.49
N PHE B 1054 -2.25 69.55 -3.71
CA PHE B 1054 -2.27 68.30 -2.96
C PHE B 1054 -2.44 67.09 -3.89
N TYR B 1055 -3.24 67.25 -4.94
CA TYR B 1055 -3.42 66.16 -5.90
C TYR B 1055 -2.13 65.87 -6.66
N ASN B 1056 -1.35 66.91 -6.98
CA ASN B 1056 -0.13 66.72 -7.75
C ASN B 1056 0.91 65.89 -7.00
N THR B 1057 0.82 65.84 -5.68
CA THR B 1057 1.75 65.03 -4.91
C THR B 1057 1.53 63.54 -5.23
N PRO B 1058 2.61 62.80 -5.51
CA PRO B 1058 2.44 61.36 -5.76
C PRO B 1058 1.88 60.68 -4.58
N PRO B 1059 1.03 59.65 -4.77
CA PRO B 1059 0.43 58.96 -3.63
C PRO B 1059 1.44 58.31 -2.70
N LEU B 1060 2.56 57.83 -3.23
CA LEU B 1060 3.57 57.16 -2.43
C LEU B 1060 4.95 57.71 -2.78
N GLY B 1061 5.78 57.89 -1.76
CA GLY B 1061 7.10 58.44 -1.94
C GLY B 1061 7.56 59.20 -0.71
N LYS B 1062 8.20 60.36 -0.92
CA LYS B 1062 8.63 61.22 0.17
C LYS B 1062 7.51 62.22 0.46
N ARG B 1063 6.97 62.16 1.69
CA ARG B 1063 5.88 63.04 2.12
C ARG B 1063 4.69 62.96 1.16
N GLY B 1064 4.37 61.75 0.74
CA GLY B 1064 3.23 61.51 -0.14
C GLY B 1064 1.91 61.72 0.57
N CYS B 1066 -0.43 59.46 0.98
CA CYS B 1066 -0.71 58.28 1.79
C CYS B 1066 -0.13 58.41 3.20
N SER B 1067 1.04 59.04 3.30
CA SER B 1067 1.68 59.23 4.61
C SER B 1067 0.82 60.11 5.51
N TYR B 1068 0.33 61.24 4.97
CA TYR B 1068 -0.54 62.11 5.76
C TYR B 1068 -1.85 61.40 6.08
N LEU B 1069 -2.38 60.63 5.13
CA LEU B 1069 -3.62 59.91 5.37
C LEU B 1069 -3.48 58.93 6.52
N THR B 1070 -2.41 58.12 6.52
CA THR B 1070 -2.25 57.15 7.60
C THR B 1070 -1.89 57.83 8.91
N LYS B 1071 -1.19 58.97 8.87
CA LYS B 1071 -0.93 59.73 10.09
C LYS B 1071 -2.25 60.18 10.72
N ALA B 1072 -3.14 60.75 9.92
CA ALA B 1072 -4.44 61.17 10.42
C ALA B 1072 -5.25 59.99 10.92
N VAL B 1073 -5.21 58.87 10.20
CA VAL B 1073 -5.98 57.69 10.59
C VAL B 1073 -5.50 57.16 11.94
N MET B 1074 -4.18 57.06 12.12
CA MET B 1074 -3.64 56.57 13.39
C MET B 1074 -3.90 57.56 14.51
N ASN B 1075 -3.81 58.86 14.23
CA ASN B 1075 -4.12 59.86 15.25
C ASN B 1075 -5.56 59.73 15.72
N LEU B 1076 -6.50 59.51 14.80
CA LEU B 1076 -7.89 59.29 15.18
C LEU B 1076 -8.05 57.99 15.95
N LEU B 1077 -7.41 56.91 15.47
CA LEU B 1077 -7.62 55.60 16.07
C LEU B 1077 -7.08 55.53 17.49
N LEU B 1078 -5.91 56.12 17.75
CA LEU B 1078 -5.32 56.06 19.08
C LEU B 1078 -6.10 56.89 20.09
N GLU B 1079 -7.00 57.75 19.65
CA GLU B 1079 -7.80 58.54 20.59
C GLU B 1079 -8.78 57.67 21.37
N GLY B 1080 -9.20 56.56 20.77
CA GLY B 1080 -10.14 55.68 21.42
C GLY B 1080 -9.49 54.63 22.30
N GLU B 1081 -10.33 53.73 22.82
CA GLU B 1081 -9.85 52.66 23.67
C GLU B 1081 -9.03 51.65 22.87
N VAL B 1082 -8.06 51.04 23.54
CA VAL B 1082 -7.22 50.01 22.95
C VAL B 1082 -7.49 48.71 23.70
N LYS B 1083 -8.21 47.79 23.05
CA LYS B 1083 -8.55 46.51 23.65
C LYS B 1083 -7.44 45.50 23.38
N PRO B 1084 -6.83 44.92 24.40
CA PRO B 1084 -5.75 43.95 24.16
C PRO B 1084 -6.33 42.59 23.78
N ASN B 1085 -5.71 41.96 22.78
CA ASN B 1085 -6.11 40.61 22.38
C ASN B 1085 -5.38 39.59 23.23
N ASN B 1086 -6.11 38.86 24.08
CA ASN B 1086 -5.50 37.89 24.97
C ASN B 1086 -4.89 36.71 24.21
N ASP B 1087 -5.34 36.46 22.98
CA ASP B 1087 -4.78 35.37 22.19
C ASP B 1087 -3.32 35.63 21.86
N ASP B 1088 -2.98 36.86 21.50
CA ASP B 1088 -1.61 37.19 21.17
C ASP B 1088 -0.73 37.12 22.42
N PRO B 1089 0.45 36.50 22.32
CA PRO B 1089 1.33 36.40 23.50
C PRO B 1089 2.16 37.63 23.78
N CYS B 1090 1.97 38.73 23.04
CA CYS B 1090 2.71 39.95 23.29
C CYS B 1090 2.30 40.54 24.63
N LEU B 1091 3.20 40.47 25.61
CA LEU B 1091 2.91 40.88 26.98
C LEU B 1091 3.37 42.32 27.20
N ILE B 1092 2.66 43.01 28.09
CA ILE B 1092 2.95 44.38 28.50
C ILE B 1092 3.01 45.27 27.26
N SER B 1093 2.07 45.07 26.34
CA SER B 1093 2.01 45.88 25.13
C SER B 1093 0.57 45.96 24.62
N SER C 12 -5.86 70.91 -68.73
CA SER C 12 -4.59 70.19 -68.62
C SER C 12 -4.64 68.87 -69.37
N ALA C 13 -3.55 68.10 -69.28
CA ALA C 13 -3.50 66.81 -69.95
C ALA C 13 -4.46 65.81 -69.32
N GLN C 14 -4.73 65.95 -68.02
CA GLN C 14 -5.66 65.04 -67.36
C GLN C 14 -7.06 65.18 -67.93
N ASP C 15 -7.52 66.41 -68.16
CA ASP C 15 -8.83 66.61 -68.75
C ASP C 15 -8.89 66.06 -70.17
N PHE C 16 -7.83 66.26 -70.95
CA PHE C 16 -7.78 65.73 -72.30
C PHE C 16 -7.85 64.20 -72.31
N TYR C 17 -7.14 63.56 -71.38
CA TYR C 17 -7.19 62.11 -71.29
C TYR C 17 -8.57 61.64 -70.85
N GLU C 18 -9.19 62.36 -69.91
CA GLU C 18 -10.50 61.97 -69.39
C GLU C 18 -11.60 62.12 -70.43
N ASN C 19 -11.57 63.17 -71.24
CA ASN C 19 -12.63 63.43 -72.20
C ASN C 19 -12.36 62.85 -73.59
N TYR C 20 -11.10 62.62 -73.94
CA TYR C 20 -10.73 62.08 -75.23
C TYR C 20 -10.00 60.75 -75.03
N GLU C 21 -10.43 59.72 -75.75
CA GLU C 21 -9.82 58.40 -75.67
C GLU C 21 -9.09 58.10 -76.96
N PRO C 22 -7.77 57.91 -76.93
CA PRO C 22 -7.04 57.64 -78.19
C PRO C 22 -7.45 56.33 -78.82
N LYS C 23 -7.42 56.30 -80.15
CA LYS C 23 -7.80 55.12 -80.92
C LYS C 23 -6.73 54.78 -81.95
N GLU C 24 -7.06 53.88 -82.88
CA GLU C 24 -6.11 53.47 -83.90
C GLU C 24 -5.74 54.65 -84.80
N ILE C 25 -4.51 54.61 -85.32
CA ILE C 25 -4.00 55.71 -86.13
C ILE C 25 -4.77 55.80 -87.43
N LEU C 26 -5.18 57.02 -87.78
CA LEU C 26 -5.88 57.27 -89.04
C LEU C 26 -5.00 57.94 -90.09
N GLY C 27 -3.89 58.55 -89.69
CA GLY C 27 -3.01 59.21 -90.64
C GLY C 27 -1.71 59.59 -89.99
N ARG C 28 -0.73 59.92 -90.84
CA ARG C 28 0.59 60.29 -90.38
C ARG C 28 1.08 61.52 -91.13
N GLY C 29 1.96 62.29 -90.49
CA GLY C 29 2.53 63.48 -91.09
C GLY C 29 4.03 63.51 -90.99
N VAL C 30 4.64 64.67 -91.24
CA VAL C 30 6.08 64.81 -91.12
C VAL C 30 6.51 64.61 -89.67
N SER C 31 5.76 65.19 -88.73
CA SER C 31 6.03 64.99 -87.31
C SER C 31 4.75 64.84 -86.50
N SER C 32 3.65 64.36 -87.11
CA SER C 32 2.36 64.29 -86.44
C SER C 32 1.72 62.94 -86.68
N VAL C 33 0.88 62.53 -85.75
CA VAL C 33 0.08 61.32 -85.86
C VAL C 33 -1.37 61.68 -85.56
N VAL C 34 -2.29 61.25 -86.42
CA VAL C 34 -3.70 61.56 -86.31
C VAL C 34 -4.45 60.28 -85.95
N ARG C 35 -5.16 60.29 -84.84
CA ARG C 35 -5.94 59.15 -84.38
C ARG C 35 -7.35 59.60 -84.03
N ARG C 36 -8.27 58.66 -84.05
CA ARG C 36 -9.65 58.95 -83.66
C ARG C 36 -9.77 59.07 -82.15
N CYS C 37 -10.79 59.80 -81.72
CA CYS C 37 -11.08 59.97 -80.30
C CYS C 37 -12.58 59.90 -80.07
N ILE C 38 -12.96 59.49 -78.86
CA ILE C 38 -14.35 59.40 -78.45
C ILE C 38 -14.57 60.33 -77.27
N HIS C 39 -15.52 61.25 -77.41
CA HIS C 39 -15.86 62.19 -76.35
C HIS C 39 -16.86 61.52 -75.41
N LYS C 40 -16.40 61.19 -74.21
CA LYS C 40 -17.17 60.30 -73.32
C LYS C 40 -18.55 60.84 -72.96
N PRO C 41 -18.72 62.13 -72.58
CA PRO C 41 -20.07 62.59 -72.24
C PRO C 41 -21.11 62.41 -73.35
N THR C 42 -20.73 62.57 -74.62
CA THR C 42 -21.69 62.45 -75.71
C THR C 42 -21.40 61.30 -76.68
N SER C 43 -20.36 60.50 -76.42
CA SER C 43 -20.00 59.37 -77.28
C SER C 43 -19.79 59.80 -78.73
N GLN C 44 -19.06 60.90 -78.92
CA GLN C 44 -18.80 61.43 -80.25
C GLN C 44 -17.71 60.61 -80.94
N GLU C 45 -17.53 60.88 -82.23
CA GLU C 45 -16.55 60.21 -83.06
C GLU C 45 -15.59 61.21 -83.70
N TYR C 46 -15.10 62.16 -82.90
CA TYR C 46 -14.20 63.18 -83.41
C TYR C 46 -12.81 62.60 -83.64
N ALA C 47 -11.91 63.45 -84.15
CA ALA C 47 -10.52 63.07 -84.41
C ALA C 47 -9.60 64.02 -83.67
N VAL C 48 -8.52 63.46 -83.10
CA VAL C 48 -7.54 64.24 -82.35
C VAL C 48 -6.21 64.18 -83.10
N LYS C 49 -5.62 65.35 -83.32
CA LYS C 49 -4.32 65.46 -83.97
C LYS C 49 -3.25 65.73 -82.91
N VAL C 50 -2.22 64.89 -82.88
CA VAL C 50 -1.16 64.97 -81.90
C VAL C 50 0.15 65.24 -82.63
N ILE C 51 0.89 66.24 -82.17
CA ILE C 51 2.18 66.62 -82.74
C ILE C 51 3.22 66.55 -81.63
N ASP C 52 4.49 66.51 -82.01
CA ASP C 52 5.56 66.48 -81.03
C ASP C 52 6.30 67.82 -81.00
N VAL C 53 6.56 68.30 -79.79
CA VAL C 53 7.25 69.57 -79.60
C VAL C 53 8.76 69.33 -79.67
N THR C 54 9.26 68.44 -78.82
CA THR C 54 10.68 68.12 -78.82
C THR C 54 11.10 67.25 -80.00
N GLY C 55 10.16 66.53 -80.59
CA GLY C 55 10.47 65.67 -81.74
C GLY C 55 11.49 64.60 -81.43
N GLY C 56 11.43 64.01 -80.24
CA GLY C 56 12.41 63.02 -79.85
C GLY C 56 13.77 63.59 -79.51
N GLY C 57 13.84 64.89 -79.23
CA GLY C 57 15.13 65.52 -78.95
C GLY C 57 16.07 65.52 -80.12
N SER C 58 15.56 65.73 -81.33
CA SER C 58 16.36 65.68 -82.54
C SER C 58 16.81 67.05 -83.02
N PHE C 59 16.51 68.11 -82.28
CA PHE C 59 16.90 69.46 -82.70
C PHE C 59 17.02 70.35 -81.47
N SER C 60 17.58 71.54 -81.69
CA SER C 60 17.78 72.52 -80.64
C SER C 60 16.44 73.06 -80.16
N PRO C 61 16.38 73.62 -78.95
CA PRO C 61 15.12 74.18 -78.45
C PRO C 61 14.58 75.33 -79.30
N GLU C 62 15.44 76.00 -80.09
CA GLU C 62 14.96 77.05 -80.97
C GLU C 62 13.94 76.51 -81.98
N GLU C 63 14.21 75.31 -82.52
CA GLU C 63 13.23 74.69 -83.40
C GLU C 63 11.94 74.37 -82.66
N VAL C 64 12.04 73.95 -81.39
CA VAL C 64 10.83 73.68 -80.61
C VAL C 64 10.00 74.94 -80.44
N ARG C 65 10.66 76.07 -80.14
CA ARG C 65 9.93 77.33 -80.01
C ARG C 65 9.33 77.77 -81.33
N GLU C 66 10.05 77.54 -82.44
CA GLU C 66 9.52 77.89 -83.75
C GLU C 66 8.26 77.09 -84.07
N LEU C 67 8.29 75.78 -83.81
CA LEU C 67 7.11 74.95 -84.03
C LEU C 67 5.96 75.36 -83.10
N ARG C 68 6.28 75.72 -81.85
CA ARG C 68 5.23 76.17 -80.94
C ARG C 68 4.58 77.46 -81.45
N GLU C 69 5.38 78.39 -81.93
CA GLU C 69 4.85 79.63 -82.50
C GLU C 69 3.99 79.35 -83.73
N ALA C 70 4.46 78.45 -84.59
CA ALA C 70 3.69 78.10 -85.77
C ALA C 70 2.35 77.47 -85.40
N THR C 71 2.35 76.59 -84.39
CA THR C 71 1.11 75.94 -83.98
C THR C 71 0.14 76.93 -83.35
N LEU C 72 0.64 77.84 -82.52
CA LEU C 72 -0.26 78.83 -81.92
C LEU C 72 -0.82 79.76 -82.98
N LYS C 73 -0.01 80.17 -83.96
CA LYS C 73 -0.54 80.96 -85.07
C LYS C 73 -1.58 80.19 -85.85
N GLU C 74 -1.33 78.90 -86.11
CA GLU C 74 -2.28 78.10 -86.87
C GLU C 74 -3.61 77.97 -86.15
N VAL C 75 -3.58 77.70 -84.83
CA VAL C 75 -4.83 77.58 -84.09
C VAL C 75 -5.52 78.94 -84.00
N ASP C 76 -4.75 80.04 -83.96
CA ASP C 76 -5.35 81.36 -83.99
C ASP C 76 -6.14 81.57 -85.29
N ILE C 77 -5.52 81.32 -86.44
CA ILE C 77 -6.21 81.51 -87.71
C ILE C 77 -7.39 80.55 -87.82
N LEU C 78 -7.24 79.33 -87.31
CA LEU C 78 -8.33 78.36 -87.38
C LEU C 78 -9.51 78.79 -86.52
N ARG C 79 -9.24 79.44 -85.39
CA ARG C 79 -10.31 79.94 -84.54
C ARG C 79 -10.96 81.18 -85.13
N LYS C 80 -10.20 82.01 -85.85
CA LYS C 80 -10.78 83.20 -86.47
C LYS C 80 -11.83 82.83 -87.50
N VAL C 81 -11.57 81.78 -88.29
CA VAL C 81 -12.48 81.37 -89.35
C VAL C 81 -13.42 80.27 -88.88
N SER C 82 -13.55 80.06 -87.57
CA SER C 82 -14.44 79.04 -87.04
C SER C 82 -15.90 79.39 -87.32
N GLY C 83 -16.71 78.34 -87.48
CA GLY C 83 -18.12 78.50 -87.76
C GLY C 83 -18.52 78.24 -89.21
N HIS C 84 -17.56 78.20 -90.13
CA HIS C 84 -17.86 77.91 -91.52
C HIS C 84 -18.16 76.43 -91.68
N PRO C 85 -19.34 76.05 -92.17
CA PRO C 85 -19.63 74.61 -92.33
C PRO C 85 -18.67 73.89 -93.27
N ASN C 86 -18.21 74.56 -94.32
CA ASN C 86 -17.30 73.91 -95.26
C ASN C 86 -15.88 73.82 -94.70
N ILE C 87 -15.52 74.74 -93.82
CA ILE C 87 -14.17 74.78 -93.24
C ILE C 87 -14.15 73.92 -91.98
N ILE C 88 -13.04 73.20 -91.80
CA ILE C 88 -12.86 72.39 -90.60
C ILE C 88 -12.86 73.30 -89.37
N GLN C 89 -13.59 72.89 -88.34
CA GLN C 89 -13.75 73.66 -87.12
C GLN C 89 -13.02 72.97 -85.97
N LEU C 90 -12.45 73.76 -85.07
CA LEU C 90 -11.72 73.25 -83.91
C LEU C 90 -12.70 73.17 -82.73
N LYS C 91 -13.01 71.94 -82.33
CA LYS C 91 -13.91 71.74 -81.19
C LYS C 91 -13.23 72.14 -79.88
N ASP C 92 -11.99 71.70 -79.68
CA ASP C 92 -11.24 72.01 -78.47
C ASP C 92 -9.76 71.92 -78.76
N THR C 93 -8.97 72.70 -78.03
CA THR C 93 -7.51 72.70 -78.18
C THR C 93 -6.86 72.53 -76.82
N TYR C 94 -5.74 71.80 -76.79
CA TYR C 94 -4.99 71.55 -75.58
C TYR C 94 -3.50 71.66 -75.86
N GLU C 95 -2.75 72.07 -74.85
CA GLU C 95 -1.30 72.20 -74.96
C GLU C 95 -0.65 71.72 -73.68
N THR C 96 0.38 70.88 -73.82
CA THR C 96 1.14 70.36 -72.69
C THR C 96 2.61 70.73 -72.85
N ASN C 97 3.44 70.17 -71.98
CA ASN C 97 4.85 70.54 -71.96
C ASN C 97 5.60 69.93 -73.14
N THR C 98 5.19 68.72 -73.57
CA THR C 98 5.79 68.08 -74.73
C THR C 98 4.79 67.59 -75.75
N PHE C 99 3.49 67.75 -75.52
CA PHE C 99 2.47 67.28 -76.45
C PHE C 99 1.44 68.36 -76.69
N PHE C 100 0.90 68.40 -77.90
CA PHE C 100 -0.19 69.30 -78.26
C PHE C 100 -1.38 68.47 -78.73
N PHE C 101 -2.55 68.74 -78.15
CA PHE C 101 -3.77 68.01 -78.47
C PHE C 101 -4.76 68.96 -79.12
N LEU C 102 -5.17 68.63 -80.35
CA LEU C 102 -6.16 69.40 -81.08
C LEU C 102 -7.29 68.48 -81.52
N VAL C 103 -8.52 68.97 -81.38
CA VAL C 103 -9.72 68.20 -81.68
C VAL C 103 -10.35 68.74 -82.95
N PHE C 104 -10.60 67.85 -83.91
CA PHE C 104 -11.25 68.23 -85.16
C PHE C 104 -12.46 67.35 -85.41
N ASP C 105 -13.06 67.47 -86.59
CA ASP C 105 -14.21 66.67 -86.98
C ASP C 105 -13.74 65.54 -87.88
N LEU C 106 -13.94 64.30 -87.45
CA LEU C 106 -13.51 63.15 -88.22
C LEU C 106 -14.48 62.84 -89.35
N MET C 107 -13.95 62.34 -90.47
CA MET C 107 -14.74 61.95 -91.62
C MET C 107 -14.39 60.52 -92.00
N LYS C 108 -15.37 59.79 -92.56
CA LYS C 108 -15.15 58.39 -92.89
C LYS C 108 -14.42 58.20 -94.21
N ARG C 109 -14.34 59.23 -95.05
CA ARG C 109 -13.68 59.13 -96.34
C ARG C 109 -12.28 59.72 -96.26
N GLY C 110 -11.41 59.27 -97.18
CA GLY C 110 -10.04 59.68 -97.20
C GLY C 110 -9.83 61.01 -97.92
N GLU C 111 -8.57 61.30 -98.21
CA GLU C 111 -8.20 62.53 -98.88
C GLU C 111 -8.65 62.51 -100.34
N LEU C 112 -8.64 63.69 -100.95
CA LEU C 112 -9.05 63.80 -102.35
C LEU C 112 -8.10 63.06 -103.28
N PHE C 113 -6.82 62.95 -102.90
CA PHE C 113 -5.83 62.32 -103.78
C PHE C 113 -6.19 60.87 -104.06
N ASP C 114 -6.61 60.14 -103.02
CA ASP C 114 -7.01 58.75 -103.21
C ASP C 114 -8.23 58.65 -104.12
N TYR C 115 -9.20 59.55 -103.94
CA TYR C 115 -10.38 59.54 -104.80
C TYR C 115 -10.00 59.79 -106.26
N LEU C 116 -9.11 60.74 -106.51
CA LEU C 116 -8.68 61.01 -107.88
C LEU C 116 -7.92 59.83 -108.45
N THR C 117 -7.05 59.19 -107.66
CA THR C 117 -6.27 58.08 -108.19
C THR C 117 -7.10 56.83 -108.36
N GLU C 118 -8.25 56.76 -107.69
CA GLU C 118 -9.12 55.60 -107.86
C GLU C 118 -10.10 55.80 -109.00
N LYS C 119 -10.62 57.01 -109.15
CA LYS C 119 -11.60 57.31 -110.20
C LYS C 119 -10.96 57.88 -111.46
N VAL C 120 -9.64 58.04 -111.49
CA VAL C 120 -8.89 58.57 -112.63
C VAL C 120 -9.35 60.00 -112.92
N THR C 121 -10.59 60.15 -113.40
CA THR C 121 -11.17 61.45 -113.69
C THR C 121 -12.61 61.47 -113.20
N LEU C 122 -12.99 62.56 -112.52
CA LEU C 122 -14.32 62.69 -111.96
C LEU C 122 -15.31 63.18 -113.02
N SER C 123 -16.58 63.21 -112.63
CA SER C 123 -17.64 63.65 -113.52
C SER C 123 -17.68 65.18 -113.61
N GLU C 124 -18.40 65.67 -114.62
CA GLU C 124 -18.47 67.11 -114.86
C GLU C 124 -19.19 67.83 -113.72
N LYS C 125 -20.34 67.30 -113.29
CA LYS C 125 -21.06 67.92 -112.17
C LYS C 125 -20.23 67.88 -110.90
N GLU C 126 -19.54 66.77 -110.66
CA GLU C 126 -18.72 66.65 -109.45
C GLU C 126 -17.63 67.72 -109.43
N THR C 127 -16.84 67.82 -110.51
CA THR C 127 -15.77 68.81 -110.52
C THR C 127 -16.32 70.23 -110.50
N ARG C 128 -17.49 70.44 -111.13
CA ARG C 128 -18.12 71.75 -111.07
C ARG C 128 -18.45 72.16 -109.64
N LYS C 129 -19.00 71.22 -108.86
CA LYS C 129 -19.36 71.56 -107.48
C LYS C 129 -18.12 71.69 -106.61
N ILE C 130 -17.06 70.92 -106.90
CA ILE C 130 -15.80 71.11 -106.17
C ILE C 130 -15.25 72.51 -106.43
N MET C 131 -15.24 72.96 -107.69
CA MET C 131 -14.76 74.30 -107.99
C MET C 131 -15.64 75.36 -107.34
N ARG C 132 -16.96 75.15 -107.32
CA ARG C 132 -17.85 76.11 -106.67
C ARG C 132 -17.55 76.21 -105.18
N ALA C 133 -17.42 75.07 -104.49
CA ALA C 133 -17.14 75.08 -103.07
C ALA C 133 -15.78 75.70 -102.78
N LEU C 134 -14.78 75.39 -103.60
CA LEU C 134 -13.45 75.96 -103.41
C LEU C 134 -13.46 77.47 -103.62
N LEU C 135 -14.20 77.94 -104.63
CA LEU C 135 -14.32 79.37 -104.85
C LEU C 135 -15.00 80.06 -103.68
N GLU C 136 -16.05 79.44 -103.14
CA GLU C 136 -16.69 80.00 -101.96
C GLU C 136 -15.72 80.06 -100.78
N VAL C 137 -14.94 79.01 -100.59
CA VAL C 137 -13.98 78.99 -99.48
C VAL C 137 -12.94 80.09 -99.65
N ILE C 138 -12.38 80.23 -100.86
CA ILE C 138 -11.34 81.23 -101.05
C ILE C 138 -11.89 82.64 -100.95
N CYS C 139 -13.12 82.87 -101.42
CA CYS C 139 -13.71 84.20 -101.28
C CYS C 139 -13.98 84.52 -99.81
N THR C 140 -14.45 83.53 -99.05
CA THR C 140 -14.64 83.74 -97.61
C THR C 140 -13.32 84.05 -96.92
N LEU C 141 -12.25 83.35 -97.30
CA LEU C 141 -10.94 83.60 -96.71
C LEU C 141 -10.42 84.99 -97.08
N HIS C 142 -10.62 85.40 -98.34
CA HIS C 142 -10.15 86.70 -98.78
C HIS C 142 -10.91 87.84 -98.11
N LYS C 143 -12.22 87.66 -97.89
CA LYS C 143 -12.98 88.68 -97.20
C LYS C 143 -12.52 88.86 -95.76
N LEU C 144 -11.84 87.85 -95.22
CA LEU C 144 -11.21 87.95 -93.91
C LEU C 144 -9.70 88.18 -94.01
N ASN C 145 -9.19 88.45 -95.22
CA ASN C 145 -7.77 88.71 -95.45
C ASN C 145 -6.92 87.52 -95.03
N ILE C 146 -7.19 86.37 -95.65
CA ILE C 146 -6.46 85.13 -95.38
C ILE C 146 -5.99 84.54 -96.70
N VAL C 147 -4.70 84.24 -96.79
CA VAL C 147 -4.11 83.61 -97.97
C VAL C 147 -3.44 82.32 -97.51
N HIS C 148 -3.75 81.22 -98.20
CA HIS C 148 -3.31 79.89 -97.76
C HIS C 148 -1.98 79.48 -98.41
N ARG C 149 -1.87 79.67 -99.73
CA ARG C 149 -0.71 79.31 -100.54
C ARG C 149 -0.42 77.81 -100.54
N ASP C 150 -1.36 76.99 -100.08
CA ASP C 150 -1.15 75.54 -100.02
C ASP C 150 -2.41 74.82 -100.49
N LEU C 151 -3.01 75.29 -101.57
CA LEU C 151 -4.23 74.69 -102.13
C LEU C 151 -3.82 73.53 -103.03
N LYS C 152 -3.80 72.34 -102.46
CA LYS C 152 -3.37 71.13 -103.14
C LYS C 152 -4.41 70.03 -102.93
N PRO C 153 -4.51 69.08 -103.87
CA PRO C 153 -5.47 67.97 -103.69
C PRO C 153 -5.21 67.14 -102.46
N GLU C 154 -3.94 66.95 -102.08
CA GLU C 154 -3.62 66.15 -100.89
C GLU C 154 -3.92 66.92 -99.62
N ASN C 155 -4.11 68.23 -99.71
CA ASN C 155 -4.36 69.09 -98.56
C ASN C 155 -5.84 69.31 -98.30
N ILE C 156 -6.72 68.66 -99.06
CA ILE C 156 -8.16 68.77 -98.88
C ILE C 156 -8.74 67.38 -98.71
N LEU C 157 -9.58 67.21 -97.68
CA LEU C 157 -10.17 65.93 -97.33
C LEU C 157 -11.58 65.83 -97.91
N LEU C 158 -12.16 64.64 -97.78
CA LEU C 158 -13.49 64.36 -98.30
C LEU C 158 -14.30 63.61 -97.24
N ASP C 159 -15.58 63.93 -97.18
CA ASP C 159 -16.51 63.33 -96.21
C ASP C 159 -17.52 62.46 -96.95
N ASP C 160 -18.49 61.95 -96.20
CA ASP C 160 -19.52 61.08 -96.78
C ASP C 160 -20.47 61.83 -97.70
N ASN C 161 -20.74 63.11 -97.42
CA ASN C 161 -21.69 63.88 -98.20
C ASN C 161 -21.09 64.46 -99.47
N MET C 162 -19.96 63.91 -99.94
CA MET C 162 -19.29 64.38 -101.15
C MET C 162 -18.95 65.86 -101.05
N ASN C 163 -18.45 66.27 -99.88
CA ASN C 163 -18.10 67.65 -99.60
C ASN C 163 -16.62 67.71 -99.24
N ILE C 164 -15.94 68.74 -99.73
CA ILE C 164 -14.49 68.89 -99.52
C ILE C 164 -14.25 70.00 -98.50
N LYS C 165 -13.17 69.86 -97.73
CA LYS C 165 -12.81 70.82 -96.69
C LYS C 165 -11.32 71.05 -96.72
N LEU C 166 -10.91 72.32 -96.76
CA LEU C 166 -9.51 72.67 -96.72
C LEU C 166 -8.99 72.59 -95.28
N THR C 167 -7.76 72.08 -95.13
CA THR C 167 -7.14 71.93 -93.82
C THR C 167 -5.70 72.41 -93.92
N ASP C 168 -4.92 72.15 -92.86
CA ASP C 168 -3.52 72.55 -92.77
C ASP C 168 -3.38 74.06 -92.91
N PHE C 169 -3.95 74.78 -91.94
CA PHE C 169 -3.90 76.23 -91.92
C PHE C 169 -2.61 76.78 -91.34
N GLY C 170 -1.66 75.90 -90.98
CA GLY C 170 -0.40 76.38 -90.43
C GLY C 170 0.39 77.21 -91.41
N PHE C 171 0.40 76.80 -92.69
CA PHE C 171 1.12 77.56 -93.70
C PHE C 171 0.48 78.93 -93.94
N SER C 172 -0.85 78.99 -93.87
CA SER C 172 -1.54 80.27 -94.00
C SER C 172 -1.24 81.16 -92.80
N CYS C 173 -1.43 82.46 -92.98
CA CYS C 173 -1.19 83.43 -91.92
C CYS C 173 -1.97 84.70 -92.20
N GLN C 174 -2.21 85.47 -91.14
CA GLN C 174 -2.87 86.77 -91.29
C GLN C 174 -1.96 87.74 -92.01
N LEU C 175 -2.54 88.50 -92.94
CA LEU C 175 -1.79 89.48 -93.74
C LEU C 175 -2.53 90.80 -93.76
N GLU C 176 -1.77 91.89 -93.81
CA GLU C 176 -2.32 93.23 -93.84
C GLU C 176 -2.11 93.86 -95.22
N PRO C 177 -2.98 94.78 -95.63
CA PRO C 177 -2.78 95.46 -96.91
C PRO C 177 -1.47 96.24 -96.93
N GLY C 178 -0.82 96.24 -98.09
CA GLY C 178 0.46 96.89 -98.25
C GLY C 178 1.66 96.06 -97.84
N GLU C 179 1.46 94.84 -97.38
CA GLU C 179 2.55 93.96 -96.98
C GLU C 179 2.59 92.75 -97.90
N ARG C 180 3.81 92.38 -98.32
CA ARG C 180 4.02 91.27 -99.23
C ARG C 180 4.99 90.28 -98.60
N LEU C 181 4.62 89.00 -98.62
CA LEU C 181 5.44 87.95 -98.04
C LEU C 181 6.57 87.55 -98.98
N ARG C 182 7.64 87.01 -98.39
CA ARG C 182 8.81 86.62 -99.16
C ARG C 182 9.22 85.17 -98.99
N GLU C 183 8.68 84.45 -98.02
CA GLU C 183 9.06 83.05 -97.82
C GLU C 183 8.54 82.18 -98.96
N VAL C 184 9.28 81.11 -99.26
CA VAL C 184 8.95 80.20 -100.35
C VAL C 184 8.73 78.81 -99.76
N CYS C 185 7.58 78.21 -100.09
CA CYS C 185 7.25 76.89 -99.59
C CYS C 185 6.17 76.28 -100.48
N GLY C 186 6.01 74.97 -100.37
CA GLY C 186 4.98 74.25 -101.08
C GLY C 186 5.55 73.31 -102.14
N THR C 187 4.64 72.65 -102.83
CA THR C 187 5.02 71.75 -103.91
C THR C 187 5.68 72.56 -105.03
N PRO C 188 6.81 72.09 -105.58
CA PRO C 188 7.52 72.89 -106.59
C PRO C 188 6.72 73.19 -107.83
N SER C 189 5.67 72.43 -108.12
CA SER C 189 4.82 72.67 -109.27
C SER C 189 3.67 73.62 -108.96
N TYR C 190 3.65 74.20 -107.75
CA TYR C 190 2.56 75.06 -107.28
C TYR C 190 3.08 76.45 -106.96
N LEU C 191 3.93 77.00 -107.83
CA LEU C 191 4.46 78.34 -107.66
C LEU C 191 4.05 79.22 -108.84
N ALA C 192 3.50 80.39 -108.54
CA ALA C 192 3.21 81.39 -109.54
C ALA C 192 4.50 82.07 -109.99
N PRO C 193 4.51 82.70 -111.18
CA PRO C 193 5.72 83.40 -111.63
C PRO C 193 6.14 84.53 -110.70
N GLU C 194 5.21 85.06 -109.90
CA GLU C 194 5.57 86.09 -108.94
C GLU C 194 6.58 85.57 -107.92
N ILE C 195 6.45 84.30 -107.52
CA ILE C 195 7.38 83.73 -106.56
C ILE C 195 8.81 83.74 -107.10
N ILE C 196 8.97 83.28 -108.35
CA ILE C 196 10.29 83.24 -108.96
C ILE C 196 10.82 84.64 -109.18
N GLU C 197 9.93 85.58 -109.54
CA GLU C 197 10.35 86.96 -109.70
C GLU C 197 10.87 87.54 -108.39
N CYS C 198 10.18 87.27 -107.28
CA CYS C 198 10.61 87.78 -105.99
C CYS C 198 11.90 87.11 -105.53
N SER C 199 12.05 85.83 -105.81
CA SER C 199 13.16 85.04 -105.29
C SER C 199 14.37 85.04 -106.21
N MET C 200 14.37 85.80 -107.31
CA MET C 200 15.52 85.77 -108.21
C MET C 200 16.76 86.28 -107.49
N ASN C 201 16.83 87.59 -107.21
CA ASN C 201 17.69 88.08 -106.14
C ASN C 201 16.91 88.90 -105.13
N GLU C 202 16.37 90.06 -105.53
CA GLU C 202 15.53 90.87 -104.67
C GLU C 202 14.46 91.65 -105.41
N ASP C 203 14.31 91.48 -106.73
CA ASP C 203 13.66 92.49 -107.56
C ASP C 203 12.19 92.68 -107.20
N HIS C 204 11.38 91.63 -107.37
CA HIS C 204 9.95 91.78 -107.15
C HIS C 204 9.66 91.95 -105.66
N PRO C 205 8.63 92.71 -105.30
CA PRO C 205 8.39 93.02 -103.88
C PRO C 205 8.15 91.80 -103.00
N GLY C 206 7.14 91.00 -103.33
CA GLY C 206 6.80 89.86 -102.50
C GLY C 206 5.54 89.18 -102.98
N TYR C 207 4.93 88.40 -102.08
CA TYR C 207 3.76 87.62 -102.41
C TYR C 207 2.54 88.54 -102.62
N GLY C 208 1.51 87.98 -103.24
CA GLY C 208 0.27 88.70 -103.48
C GLY C 208 -0.96 87.91 -103.14
N LYS C 209 -1.96 87.94 -104.02
CA LYS C 209 -3.20 87.21 -103.80
C LYS C 209 -3.56 86.24 -104.92
N GLU C 210 -2.74 86.14 -105.97
CA GLU C 210 -3.04 85.24 -107.07
C GLU C 210 -2.39 83.87 -106.93
N VAL C 211 -1.71 83.61 -105.81
CA VAL C 211 -1.13 82.28 -105.58
C VAL C 211 -2.23 81.24 -105.45
N ASP C 212 -3.28 81.56 -104.68
CA ASP C 212 -4.43 80.68 -104.61
C ASP C 212 -5.11 80.56 -105.97
N MET C 213 -5.06 81.61 -106.77
CA MET C 213 -5.65 81.57 -108.11
C MET C 213 -4.94 80.55 -108.98
N TRP C 214 -3.61 80.61 -108.98
CA TRP C 214 -2.81 79.64 -109.73
C TRP C 214 -2.98 78.23 -109.20
N SER C 215 -3.06 78.07 -107.88
CA SER C 215 -3.30 76.75 -107.31
C SER C 215 -4.66 76.20 -107.73
N THR C 216 -5.68 77.05 -107.75
CA THR C 216 -7.00 76.65 -108.21
C THR C 216 -6.97 76.21 -109.67
N GLY C 217 -6.28 76.98 -110.52
CA GLY C 217 -6.11 76.54 -111.90
C GLY C 217 -5.41 75.20 -112.00
N VAL C 218 -4.38 74.99 -111.17
CA VAL C 218 -3.64 73.75 -111.20
C VAL C 218 -4.52 72.57 -110.82
N ILE C 219 -5.29 72.70 -109.73
CA ILE C 219 -6.11 71.56 -109.30
C ILE C 219 -7.22 71.30 -110.30
N MET C 220 -7.78 72.36 -110.89
CA MET C 220 -8.80 72.18 -111.91
C MET C 220 -8.23 71.42 -113.12
N TYR C 221 -7.04 71.81 -113.57
CA TYR C 221 -6.41 71.11 -114.70
C TYR C 221 -6.11 69.67 -114.34
N THR C 222 -5.62 69.42 -113.13
CA THR C 222 -5.30 68.06 -112.70
C THR C 222 -6.54 67.19 -112.65
N LEU C 223 -7.65 67.74 -112.14
CA LEU C 223 -8.90 66.98 -112.10
C LEU C 223 -9.44 66.72 -113.48
N LEU C 224 -9.34 67.71 -114.39
CA LEU C 224 -9.90 67.55 -115.73
C LEU C 224 -9.08 66.58 -116.57
N ALA C 225 -7.80 66.90 -116.79
CA ALA C 225 -6.97 66.07 -117.66
C ALA C 225 -6.50 64.79 -116.99
N GLY C 226 -6.57 64.71 -115.66
CA GLY C 226 -6.07 63.56 -114.94
C GLY C 226 -4.62 63.64 -114.54
N SER C 227 -3.89 64.65 -115.02
CA SER C 227 -2.49 64.85 -114.68
C SER C 227 -2.24 66.34 -114.46
N PRO C 228 -1.28 66.69 -113.61
CA PRO C 228 -0.94 68.11 -113.41
C PRO C 228 -0.46 68.74 -114.71
N PRO C 229 -0.81 70.01 -114.95
CA PRO C 229 -0.33 70.67 -116.18
C PRO C 229 1.18 70.84 -116.22
N PHE C 230 1.85 70.81 -115.07
CA PHE C 230 3.28 71.01 -114.99
C PHE C 230 3.94 69.77 -114.38
N TRP C 231 4.83 69.14 -115.13
CA TRP C 231 5.56 67.97 -114.66
C TRP C 231 6.71 67.69 -115.61
N HIS C 232 7.91 67.50 -115.04
CA HIS C 232 9.08 67.13 -115.82
C HIS C 232 10.10 66.53 -114.86
N ARG C 233 10.95 65.65 -115.41
CA ARG C 233 11.87 64.87 -114.60
C ARG C 233 12.88 65.71 -113.82
N LYS C 234 13.17 66.93 -114.26
CA LYS C 234 14.14 67.79 -113.61
C LYS C 234 13.44 69.03 -113.06
N GLN C 235 14.02 69.62 -112.02
CA GLN C 235 13.41 70.78 -111.38
C GLN C 235 13.61 72.04 -112.22
N MET C 236 14.80 72.18 -112.83
CA MET C 236 15.15 73.44 -113.49
C MET C 236 14.30 73.69 -114.72
N LEU C 237 14.16 72.69 -115.60
CA LEU C 237 13.41 72.89 -116.83
C LEU C 237 11.94 73.13 -116.53
N MET C 238 11.37 72.39 -115.58
CA MET C 238 9.98 72.60 -115.19
C MET C 238 9.78 73.98 -114.58
N LEU C 239 10.73 74.44 -113.77
CA LEU C 239 10.65 75.78 -113.20
C LEU C 239 10.67 76.83 -114.30
N ARG C 240 11.55 76.66 -115.29
CA ARG C 240 11.60 77.60 -116.41
C ARG C 240 10.30 77.59 -117.19
N MET C 241 9.72 76.39 -117.40
CA MET C 241 8.48 76.30 -118.15
C MET C 241 7.33 76.98 -117.41
N ILE C 242 7.23 76.77 -116.10
CA ILE C 242 6.14 77.40 -115.35
C ILE C 242 6.36 78.91 -115.26
N MET C 243 7.62 79.35 -115.25
CA MET C 243 7.90 80.78 -115.33
C MET C 243 7.45 81.35 -116.66
N SER C 244 7.70 80.62 -117.75
CA SER C 244 7.31 81.08 -119.07
C SER C 244 5.80 80.98 -119.31
N GLY C 245 5.11 80.10 -118.59
CA GLY C 245 3.67 79.94 -118.76
C GLY C 245 3.30 79.41 -120.13
N ASN C 246 4.00 78.37 -120.58
CA ASN C 246 3.78 77.78 -121.90
C ASN C 246 2.97 76.49 -121.83
N TYR C 247 2.00 76.43 -120.93
CA TYR C 247 1.15 75.25 -120.82
C TYR C 247 0.30 75.06 -122.08
N GLN C 248 0.02 73.81 -122.40
CA GLN C 248 -0.76 73.44 -123.57
C GLN C 248 -1.82 72.42 -123.20
N PHE C 249 -2.89 72.40 -123.99
CA PHE C 249 -4.00 71.48 -123.80
C PHE C 249 -3.80 70.25 -124.66
N GLY C 250 -4.04 69.07 -124.09
CA GLY C 250 -3.87 67.85 -124.85
C GLY C 250 -4.86 67.76 -125.99
N SER C 251 -4.41 67.19 -127.12
CA SER C 251 -5.27 67.08 -128.29
C SER C 251 -6.28 65.94 -128.16
N PRO C 252 -5.89 64.72 -127.75
CA PRO C 252 -6.90 63.64 -127.66
C PRO C 252 -7.66 63.62 -126.36
N GLU C 253 -7.28 64.42 -125.36
CA GLU C 253 -7.94 64.43 -124.06
C GLU C 253 -8.96 65.54 -123.93
N TRP C 254 -8.64 66.76 -124.38
CA TRP C 254 -9.53 67.90 -124.25
C TRP C 254 -10.40 68.13 -125.47
N ASP C 255 -10.33 67.24 -126.47
CA ASP C 255 -11.15 67.42 -127.66
C ASP C 255 -12.63 67.29 -127.35
N ASP C 256 -12.99 66.37 -126.46
CA ASP C 256 -14.39 66.10 -126.13
C ASP C 256 -14.83 66.84 -124.86
N TYR C 257 -14.25 68.02 -124.63
CA TYR C 257 -14.60 68.84 -123.48
C TYR C 257 -15.24 70.12 -123.96
N SER C 258 -16.06 70.72 -123.10
CA SER C 258 -16.76 71.96 -123.44
C SER C 258 -15.78 73.12 -123.49
N ASP C 259 -16.17 74.16 -124.22
CA ASP C 259 -15.31 75.34 -124.36
C ASP C 259 -15.35 76.23 -123.12
N THR C 260 -16.45 76.21 -122.37
CA THR C 260 -16.57 77.08 -121.20
C THR C 260 -15.57 76.71 -120.12
N VAL C 261 -15.39 75.42 -119.85
CA VAL C 261 -14.43 74.99 -118.83
C VAL C 261 -13.01 75.28 -119.29
N LYS C 262 -12.74 75.11 -120.58
CA LYS C 262 -11.42 75.45 -121.10
C LYS C 262 -11.12 76.94 -120.94
N ASP C 263 -12.10 77.80 -121.25
CA ASP C 263 -11.91 79.23 -121.07
C ASP C 263 -11.71 79.58 -119.60
N LEU C 264 -12.49 78.96 -118.71
CA LEU C 264 -12.34 79.24 -117.28
C LEU C 264 -10.96 78.83 -116.77
N VAL C 265 -10.49 77.65 -117.16
CA VAL C 265 -9.19 77.18 -116.67
C VAL C 265 -8.07 77.99 -117.31
N SER C 266 -8.25 78.46 -118.54
CA SER C 266 -7.26 79.31 -119.17
C SER C 266 -7.17 80.66 -118.46
N ARG C 267 -8.32 81.23 -118.08
CA ARG C 267 -8.30 82.49 -117.36
C ARG C 267 -7.78 82.32 -115.94
N PHE C 268 -7.95 81.13 -115.36
CA PHE C 268 -7.42 80.86 -114.04
C PHE C 268 -5.92 80.63 -114.05
N LEU C 269 -5.34 80.36 -115.23
CA LEU C 269 -3.91 80.12 -115.36
C LEU C 269 -3.17 81.27 -116.02
N VAL C 270 -3.72 82.49 -115.95
CA VAL C 270 -3.06 83.64 -116.57
C VAL C 270 -1.79 83.97 -115.80
N VAL C 271 -0.69 84.16 -116.52
CA VAL C 271 0.59 84.44 -115.88
C VAL C 271 0.56 85.81 -115.20
N GLN C 272 -0.14 86.77 -115.80
CA GLN C 272 -0.21 88.10 -115.22
C GLN C 272 -1.19 88.11 -114.04
N PRO C 273 -0.74 88.49 -112.84
CA PRO C 273 -1.67 88.53 -111.70
C PRO C 273 -2.83 89.50 -111.89
N GLN C 274 -2.60 90.62 -112.57
CA GLN C 274 -3.66 91.61 -112.76
C GLN C 274 -4.78 91.07 -113.65
N ASN C 275 -4.43 90.32 -114.69
CA ASN C 275 -5.41 89.84 -115.66
C ASN C 275 -6.16 88.60 -115.18
N ARG C 276 -5.74 87.98 -114.08
CA ARG C 276 -6.42 86.79 -113.59
C ARG C 276 -7.81 87.14 -113.08
N TYR C 277 -8.80 86.34 -113.47
CA TYR C 277 -10.17 86.58 -113.07
C TYR C 277 -10.32 86.46 -111.56
N THR C 278 -11.01 87.42 -110.96
CA THR C 278 -11.19 87.41 -109.51
C THR C 278 -12.20 86.35 -109.09
N ALA C 279 -12.21 86.06 -107.79
CA ALA C 279 -13.11 85.03 -107.27
C ALA C 279 -14.56 85.38 -107.53
N GLU C 280 -14.93 86.66 -107.37
CA GLU C 280 -16.29 87.09 -107.68
C GLU C 280 -16.60 86.91 -109.15
N GLU C 281 -15.63 87.20 -110.02
CA GLU C 281 -15.83 86.98 -111.45
C GLU C 281 -16.04 85.50 -111.76
N ALA C 282 -15.27 84.62 -111.11
CA ALA C 282 -15.47 83.19 -111.29
C ALA C 282 -16.85 82.77 -110.81
N LEU C 283 -17.31 83.33 -109.69
CA LEU C 283 -18.67 83.07 -109.24
C LEU C 283 -19.69 83.59 -110.24
N ALA C 284 -19.36 84.67 -110.94
CA ALA C 284 -20.24 85.22 -111.95
C ALA C 284 -20.13 84.54 -113.30
N HIS C 285 -19.22 83.58 -113.44
CA HIS C 285 -19.07 82.85 -114.69
C HIS C 285 -20.33 82.03 -114.95
N PRO C 286 -20.74 81.91 -116.22
CA PRO C 286 -21.97 81.16 -116.53
C PRO C 286 -21.91 79.69 -116.14
N PHE C 287 -20.71 79.14 -115.92
CA PHE C 287 -20.59 77.74 -115.53
C PHE C 287 -21.28 77.49 -114.19
N PHE C 288 -21.12 78.39 -113.24
CA PHE C 288 -21.66 78.21 -111.90
C PHE C 288 -23.07 78.79 -111.74
N GLN C 289 -23.62 79.43 -112.76
CA GLN C 289 -24.96 80.01 -112.67
C GLN C 289 -26.01 78.95 -112.92
N GLN C 290 -27.09 79.00 -112.14
CA GLN C 290 -28.22 78.09 -112.28
C GLN C 290 -29.51 78.88 -112.22
N TYR C 291 -30.51 78.39 -112.97
CA TYR C 291 -31.83 79.02 -113.01
C TYR C 291 -32.89 78.01 -112.62
N LEU C 292 -33.90 78.47 -111.88
CA LEU C 292 -35.00 77.63 -111.45
C LEU C 292 -36.29 77.92 -112.21
N VAL C 293 -36.75 79.17 -112.19
CA VAL C 293 -37.95 79.57 -112.91
C VAL C 293 -37.94 81.09 -113.05
N GLU C 294 -38.39 81.58 -114.21
CA GLU C 294 -38.46 83.00 -114.46
C GLU C 294 -39.69 83.29 -115.31
N GLU C 295 -40.23 84.50 -115.15
CA GLU C 295 -41.41 84.93 -115.88
C GLU C 295 -41.22 86.25 -116.60
N VAL C 296 -40.00 86.75 -116.68
CA VAL C 296 -39.72 88.03 -117.35
C VAL C 296 -39.18 87.82 -118.76
N ARG C 297 -39.25 86.59 -119.29
CA ARG C 297 -38.76 86.28 -120.63
C ARG C 297 -39.82 86.66 -121.64
N HIS C 298 -39.96 87.98 -121.87
CA HIS C 298 -40.92 88.52 -122.83
C HIS C 298 -40.18 89.43 -123.79
N PHE C 299 -40.55 89.37 -125.06
CA PHE C 299 -39.89 90.16 -126.10
C PHE C 299 -40.83 90.31 -127.28
N SER C 300 -40.32 90.89 -128.36
CA SER C 300 -41.07 91.10 -129.60
C SER C 300 -41.24 89.78 -130.33
N PRO C 301 -42.14 89.70 -131.32
CA PRO C 301 -42.26 88.46 -132.10
C PRO C 301 -40.98 88.05 -132.79
N ARG C 302 -40.06 88.99 -133.03
CA ARG C 302 -38.75 88.63 -133.56
C ARG C 302 -38.02 87.70 -132.61
N GLY C 303 -38.09 87.98 -131.31
CA GLY C 303 -37.47 87.09 -130.33
C GLY C 303 -38.10 85.71 -130.33
N LYS C 304 -39.43 85.64 -130.45
CA LYS C 304 -40.10 84.35 -130.52
C LYS C 304 -39.67 83.58 -131.77
N PHE C 305 -39.55 84.27 -132.90
CA PHE C 305 -39.10 83.62 -134.13
C PHE C 305 -37.67 83.11 -133.98
N LYS C 306 -36.80 83.90 -133.35
CA LYS C 306 -35.43 83.46 -133.12
C LYS C 306 -35.38 82.25 -132.21
N VAL C 307 -36.20 82.24 -131.16
CA VAL C 307 -36.26 81.11 -130.25
C VAL C 307 -36.74 79.86 -130.98
N ILE C 308 -37.76 80.01 -131.82
CA ILE C 308 -38.28 78.88 -132.59
C ILE C 308 -37.21 78.35 -133.54
N ALA C 309 -36.49 79.25 -134.21
CA ALA C 309 -35.43 78.82 -135.12
C ALA C 309 -34.32 78.09 -134.37
N LEU C 310 -33.93 78.59 -133.20
CA LEU C 310 -32.90 77.92 -132.42
C LEU C 310 -33.38 76.55 -131.94
N THR C 311 -34.64 76.45 -131.54
CA THR C 311 -35.19 75.15 -131.14
C THR C 311 -35.19 74.17 -132.31
N VAL C 312 -35.55 74.64 -133.50
CA VAL C 312 -35.53 73.78 -134.69
C VAL C 312 -34.12 73.32 -134.99
N LEU C 313 -33.15 74.24 -134.90
CA LEU C 313 -31.76 73.89 -135.14
C LEU C 313 -31.27 72.85 -134.13
N ALA C 314 -31.61 73.03 -132.85
CA ALA C 314 -31.22 72.05 -131.83
C ALA C 314 -31.86 70.70 -132.10
N SER C 315 -33.13 70.69 -132.50
CA SER C 315 -33.80 69.42 -132.81
C SER C 315 -33.14 68.72 -133.99
N VAL C 316 -32.78 69.47 -135.04
CA VAL C 316 -32.12 68.88 -136.19
C VAL C 316 -30.74 68.34 -135.78
N ARG C 317 -30.03 69.08 -134.93
CA ARG C 317 -28.72 68.62 -134.47
C ARG C 317 -28.84 67.33 -133.67
N ILE C 318 -29.83 67.24 -132.78
CA ILE C 318 -30.00 66.02 -131.99
C ILE C 318 -30.53 64.88 -132.85
N TYR C 319 -31.16 65.21 -133.99
CA TYR C 319 -31.65 64.18 -134.90
C TYR C 319 -30.49 63.48 -135.61
N TYR C 320 -29.36 64.16 -135.74
CA TYR C 320 -28.19 63.62 -136.42
C TYR C 320 -27.19 62.97 -135.49
N GLN C 321 -27.42 62.96 -134.18
CA GLN C 321 -26.40 62.47 -133.25
C GLN C 321 -26.29 60.95 -133.29
N TYR C 322 -27.42 60.25 -133.32
CA TYR C 322 -27.37 58.79 -133.27
C TYR C 322 -26.90 58.20 -134.60
N ARG C 323 -27.02 58.97 -135.68
CA ARG C 323 -26.52 58.49 -136.97
C ARG C 323 -25.03 58.76 -137.14
N ARG C 324 -24.43 59.56 -136.26
CA ARG C 324 -23.01 59.86 -136.31
C ARG C 324 -22.15 58.94 -135.46
N VAL C 325 -22.76 57.95 -134.80
CA VAL C 325 -22.00 57.04 -133.96
C VAL C 325 -21.14 56.13 -134.82
N LYS C 326 -19.93 55.86 -134.36
CA LYS C 326 -19.03 54.99 -135.10
C LYS C 326 -19.19 53.54 -134.66
N PRO C 327 -19.00 52.59 -135.57
CA PRO C 327 -19.07 51.17 -135.19
C PRO C 327 -17.83 50.73 -134.41
N VAL C 328 -17.73 49.42 -134.15
CA VAL C 328 -16.60 48.91 -133.38
C VAL C 328 -15.28 49.27 -134.05
N THR C 329 -15.20 49.07 -135.37
CA THR C 329 -14.04 49.42 -136.18
C THR C 329 -12.76 48.81 -135.61
N ARG C 330 -12.71 47.48 -135.65
CA ARG C 330 -11.53 46.76 -135.16
C ARG C 330 -10.27 47.17 -135.92
N GLU C 331 -10.42 47.64 -137.16
CA GLU C 331 -9.27 48.11 -137.92
C GLU C 331 -8.62 49.31 -137.26
N ILE C 332 -9.42 50.31 -136.88
CA ILE C 332 -8.86 51.46 -136.18
C ILE C 332 -8.36 51.06 -134.80
N VAL C 333 -8.94 49.99 -134.24
CA VAL C 333 -8.50 49.52 -132.93
C VAL C 333 -7.10 48.96 -133.01
N ILE C 334 -6.84 48.11 -134.00
CA ILE C 334 -5.50 47.54 -134.16
C ILE C 334 -4.50 48.61 -134.61
N ARG C 335 -4.93 49.51 -135.50
CA ARG C 335 -4.02 50.56 -135.94
C ARG C 335 -3.74 51.57 -134.83
N ASP C 336 -4.78 51.95 -134.08
CA ASP C 336 -4.59 52.92 -133.00
C ASP C 336 -5.64 52.73 -131.91
N PRO C 337 -5.27 52.15 -130.77
CA PRO C 337 -6.25 51.92 -129.70
C PRO C 337 -6.67 53.19 -128.97
N TYR C 338 -5.99 54.32 -129.18
CA TYR C 338 -6.36 55.57 -128.53
C TYR C 338 -7.53 56.26 -129.20
N ALA C 339 -7.93 55.82 -130.41
CA ALA C 339 -9.05 56.45 -131.09
C ALA C 339 -10.35 56.24 -130.32
N LEU C 340 -10.56 55.04 -129.77
CA LEU C 340 -11.77 54.75 -129.02
C LEU C 340 -11.64 55.31 -127.62
N ARG C 341 -12.48 56.30 -127.30
CA ARG C 341 -12.44 56.91 -125.96
C ARG C 341 -12.74 55.93 -124.85
N PRO C 342 -13.79 55.09 -124.91
CA PRO C 342 -13.99 54.11 -123.84
C PRO C 342 -12.82 53.16 -123.67
N LEU C 343 -12.20 52.72 -124.77
CA LEU C 343 -11.05 51.83 -124.67
C LEU C 343 -9.87 52.53 -124.02
N ARG C 344 -9.62 53.79 -124.38
CA ARG C 344 -8.54 54.55 -123.76
C ARG C 344 -8.79 54.75 -122.27
N ARG C 345 -10.03 55.07 -121.90
CA ARG C 345 -10.34 55.23 -120.48
C ARG C 345 -10.15 53.92 -119.72
N LEU C 346 -10.60 52.81 -120.30
CA LEU C 346 -10.45 51.51 -119.63
C LEU C 346 -8.99 51.14 -119.46
N ILE C 347 -8.17 51.34 -120.50
CA ILE C 347 -6.76 50.96 -120.40
C ILE C 347 -6.02 51.86 -119.42
N ASP C 348 -6.35 53.16 -119.40
CA ASP C 348 -5.76 54.06 -118.42
C ASP C 348 -6.13 53.66 -116.99
N ALA C 349 -7.40 53.30 -116.79
CA ALA C 349 -7.84 52.86 -115.46
C ALA C 349 -7.13 51.57 -115.05
N TYR C 350 -6.95 50.65 -115.99
CA TYR C 350 -6.23 49.41 -115.69
C TYR C 350 -4.79 49.70 -115.30
N ALA C 351 -4.13 50.60 -116.04
CA ALA C 351 -2.75 50.96 -115.69
C ALA C 351 -2.68 51.59 -114.30
N PHE C 352 -3.62 52.49 -114.00
CA PHE C 352 -3.63 53.12 -112.68
C PHE C 352 -3.88 52.08 -111.58
N ARG C 353 -4.69 51.07 -111.88
CA ARG C 353 -4.92 50.00 -110.91
C ARG C 353 -3.66 49.17 -110.69
N ILE C 354 -2.90 48.91 -111.76
CA ILE C 354 -1.69 48.10 -111.64
C ILE C 354 -0.66 48.79 -110.76
N TYR C 355 -0.48 50.09 -110.95
CA TYR C 355 0.54 50.87 -110.22
C TYR C 355 -0.11 51.93 -109.33
N GLY C 356 -1.15 51.55 -108.59
CA GLY C 356 -1.90 52.48 -107.78
C GLY C 356 -1.34 52.82 -106.42
N HIS C 357 -0.24 52.22 -106.01
CA HIS C 357 0.36 52.48 -104.70
C HIS C 357 1.58 53.39 -104.78
N TRP C 358 1.75 54.12 -105.87
CA TRP C 358 2.83 55.08 -106.04
C TRP C 358 2.28 56.50 -106.14
N VAL C 359 1.09 56.71 -105.59
CA VAL C 359 0.38 57.98 -105.71
C VAL C 359 0.34 58.57 -104.29
N LYS C 360 1.32 59.41 -103.97
CA LYS C 360 1.43 60.01 -102.65
C LYS C 360 2.01 61.42 -102.80
N LYS C 361 2.41 62.01 -101.67
CA LYS C 361 3.00 63.33 -101.70
C LYS C 361 4.38 63.28 -102.33
N GLY C 362 4.75 64.36 -103.02
CA GLY C 362 6.06 64.45 -103.62
C GLY C 362 6.06 64.82 -105.09
N GLN C 363 6.91 65.77 -105.48
CA GLN C 363 7.05 66.14 -106.87
C GLN C 363 7.74 65.07 -107.70
N GLN C 364 8.68 64.34 -107.10
CA GLN C 364 9.47 63.38 -107.86
C GLN C 364 8.62 62.33 -108.54
N GLN C 365 7.48 61.99 -107.94
CA GLN C 365 6.55 61.01 -108.50
C GLN C 365 5.12 61.48 -108.28
N ASN C 366 4.37 61.58 -109.36
CA ASN C 366 2.99 62.06 -109.31
C ASN C 366 2.18 61.35 -110.39
N ARG C 367 0.95 61.84 -110.61
CA ARG C 367 0.08 61.24 -111.60
C ARG C 367 0.63 61.38 -113.02
N ALA C 368 1.19 62.56 -113.33
CA ALA C 368 1.69 62.80 -114.68
C ALA C 368 2.93 61.97 -115.01
N ALA C 369 3.58 61.39 -114.00
CA ALA C 369 4.74 60.54 -114.26
C ALA C 369 4.34 59.29 -115.06
N LEU C 370 3.18 58.72 -114.74
CA LEU C 370 2.73 57.52 -115.45
C LEU C 370 2.31 57.79 -116.88
N PHE C 371 2.15 59.07 -117.26
CA PHE C 371 1.76 59.44 -118.61
C PHE C 371 2.98 59.96 -119.36
N GLU C 372 3.21 59.44 -120.56
CA GLU C 372 4.30 59.85 -121.43
C GLU C 372 3.73 60.15 -122.81
N ASN C 373 3.25 61.38 -123.00
CA ASN C 373 2.74 61.79 -124.30
C ASN C 373 3.86 62.08 -125.29
N THR C 374 5.00 62.57 -124.80
CA THR C 374 6.11 62.88 -125.68
C THR C 374 6.71 61.61 -126.26
N PRO C 375 7.22 61.65 -127.50
CA PRO C 375 7.85 60.46 -128.09
C PRO C 375 9.28 60.31 -127.60
N LYS C 376 9.66 59.07 -127.27
CA LYS C 376 11.00 58.77 -126.78
C LYS C 376 11.92 58.52 -127.97
N ALA C 377 12.55 59.60 -128.44
CA ALA C 377 13.40 59.55 -129.62
C ALA C 377 14.52 60.57 -129.54
N VAL C 378 15.15 60.87 -130.68
CA VAL C 378 16.25 61.82 -130.73
C VAL C 378 15.79 63.20 -130.30
N LEU C 379 14.55 63.57 -130.60
CA LEU C 379 14.04 64.89 -130.22
C LEU C 379 13.99 65.05 -128.70
N LEU C 380 13.96 63.94 -127.95
CA LEU C 380 13.96 64.03 -126.50
C LEU C 380 15.34 64.43 -125.97
N SER C 381 16.41 64.07 -126.68
CA SER C 381 17.75 64.43 -126.23
C SER C 381 17.95 65.94 -126.26
N LEU C 382 17.42 66.61 -127.28
CA LEU C 382 17.55 68.06 -127.36
C LEU C 382 16.81 68.74 -126.23
N ALA C 383 17.41 69.77 -125.65
CA ALA C 383 16.82 70.51 -124.55
C ALA C 383 17.27 71.96 -124.55
N GLN D 23 -18.94 83.27 -126.69
CA GLN D 23 -19.77 83.65 -125.56
C GLN D 23 -21.26 83.52 -125.89
N LEU D 24 -22.06 83.20 -124.89
CA LEU D 24 -23.50 83.03 -125.07
C LEU D 24 -24.21 84.37 -124.87
N THR D 25 -25.53 84.36 -124.99
CA THR D 25 -26.32 85.58 -124.85
C THR D 25 -27.58 85.26 -124.06
N GLU D 26 -28.20 86.31 -123.51
CA GLU D 26 -29.43 86.12 -122.75
C GLU D 26 -30.55 85.59 -123.63
N GLU D 27 -30.65 86.08 -124.86
CA GLU D 27 -31.67 85.58 -125.79
C GLU D 27 -31.43 84.11 -126.10
N GLN D 28 -30.18 83.72 -126.31
CA GLN D 28 -29.86 82.32 -126.56
C GLN D 28 -30.22 81.44 -125.36
N ILE D 29 -29.94 81.93 -124.15
CA ILE D 29 -30.28 81.17 -122.95
C ILE D 29 -31.78 81.01 -122.82
N ALA D 30 -32.54 82.07 -123.09
CA ALA D 30 -34.00 82.00 -123.03
C ALA D 30 -34.54 81.03 -124.07
N GLU D 31 -33.97 81.06 -125.29
CA GLU D 31 -34.41 80.14 -126.33
C GLU D 31 -34.11 78.70 -125.95
N PHE D 32 -32.93 78.45 -125.37
CA PHE D 32 -32.59 77.10 -124.94
C PHE D 32 -33.52 76.62 -123.83
N LYS D 33 -33.85 77.51 -122.88
CA LYS D 33 -34.79 77.14 -121.83
C LYS D 33 -36.17 76.83 -122.40
N GLU D 34 -36.63 77.63 -123.36
CA GLU D 34 -37.92 77.36 -123.99
C GLU D 34 -37.91 76.03 -124.74
N ALA D 35 -36.81 75.74 -125.44
CA ALA D 35 -36.69 74.47 -126.14
C ALA D 35 -36.71 73.29 -125.16
N PHE D 36 -36.00 73.43 -124.03
CA PHE D 36 -36.00 72.36 -123.04
C PHE D 36 -37.39 72.16 -122.45
N SER D 37 -38.10 73.26 -122.18
CA SER D 37 -39.46 73.15 -121.65
C SER D 37 -40.40 72.49 -122.65
N LEU D 38 -40.27 72.84 -123.93
CA LEU D 38 -41.14 72.27 -124.95
C LEU D 38 -40.74 70.86 -125.34
N PHE D 39 -39.53 70.43 -124.97
CA PHE D 39 -39.08 69.08 -125.33
C PHE D 39 -39.95 68.00 -124.68
N ASP D 40 -40.32 68.20 -123.41
CA ASP D 40 -41.11 67.23 -122.67
C ASP D 40 -42.53 67.75 -122.47
N LYS D 41 -43.50 66.84 -122.58
CA LYS D 41 -44.89 67.21 -122.36
C LYS D 41 -45.13 67.62 -120.91
N ASP D 42 -44.51 66.91 -119.98
CA ASP D 42 -44.63 67.19 -118.55
C ASP D 42 -43.30 67.72 -118.02
N GLY D 43 -43.38 68.68 -117.10
CA GLY D 43 -42.20 69.29 -116.54
C GLY D 43 -41.58 68.49 -115.42
N ASP D 44 -40.45 67.83 -115.70
CA ASP D 44 -39.74 67.05 -114.70
C ASP D 44 -38.23 67.21 -114.76
N GLY D 45 -37.70 68.09 -115.60
CA GLY D 45 -36.28 68.29 -115.73
C GLY D 45 -35.57 67.30 -116.62
N THR D 46 -36.28 66.35 -117.21
CA THR D 46 -35.70 65.34 -118.08
C THR D 46 -36.47 65.27 -119.38
N ILE D 47 -35.74 65.10 -120.49
CA ILE D 47 -36.38 64.99 -121.80
C ILE D 47 -37.21 63.71 -121.86
N THR D 48 -36.73 62.63 -121.23
CA THR D 48 -37.43 61.36 -121.10
C THR D 48 -37.44 60.60 -122.42
N THR D 49 -37.19 59.29 -122.37
CA THR D 49 -37.19 58.49 -123.59
C THR D 49 -38.57 58.41 -124.22
N LYS D 50 -39.62 58.27 -123.40
CA LYS D 50 -40.97 58.17 -123.92
C LYS D 50 -41.39 59.46 -124.61
N GLU D 51 -41.09 60.60 -124.00
CA GLU D 51 -41.45 61.89 -124.60
C GLU D 51 -40.70 62.12 -125.90
N LEU D 52 -39.41 61.77 -125.93
CA LEU D 52 -38.64 61.91 -127.15
C LEU D 52 -39.18 61.00 -128.25
N GLY D 53 -39.56 59.78 -127.90
CA GLY D 53 -40.14 58.89 -128.89
C GLY D 53 -41.46 59.40 -129.42
N THR D 54 -42.32 59.93 -128.54
CA THR D 54 -43.59 60.50 -128.99
C THR D 54 -43.35 61.70 -129.91
N VAL D 55 -42.38 62.54 -129.57
CA VAL D 55 -42.06 63.69 -130.42
C VAL D 55 -41.58 63.23 -131.78
N MET D 56 -40.72 62.20 -131.80
CA MET D 56 -40.22 61.67 -133.08
C MET D 56 -41.36 61.10 -133.91
N ARG D 57 -42.28 60.37 -133.29
CA ARG D 57 -43.41 59.82 -134.03
C ARG D 57 -44.31 60.93 -134.56
N SER D 58 -44.53 61.98 -133.76
CA SER D 58 -45.33 63.11 -134.22
C SER D 58 -44.68 63.81 -135.41
N LEU D 59 -43.35 63.96 -135.38
CA LEU D 59 -42.65 64.59 -136.49
C LEU D 59 -42.76 63.75 -137.75
N GLY D 60 -42.83 62.43 -137.63
CA GLY D 60 -42.95 61.55 -138.77
C GLY D 60 -41.80 60.58 -138.90
N GLN D 61 -41.16 60.28 -137.76
CA GLN D 61 -40.03 59.36 -137.73
C GLN D 61 -40.30 58.26 -136.72
N ASN D 62 -39.77 57.07 -137.01
CA ASN D 62 -39.95 55.89 -136.17
C ASN D 62 -38.58 55.27 -135.88
N PRO D 63 -37.79 55.89 -135.00
CA PRO D 63 -36.48 55.32 -134.67
C PRO D 63 -36.61 53.99 -133.94
N THR D 64 -35.63 53.12 -134.15
CA THR D 64 -35.63 51.82 -133.50
C THR D 64 -35.32 51.98 -132.01
N GLU D 65 -35.76 50.97 -131.23
CA GLU D 65 -35.51 51.00 -129.80
C GLU D 65 -34.03 50.95 -129.48
N ALA D 66 -33.28 50.08 -130.19
CA ALA D 66 -31.84 50.01 -129.98
C ALA D 66 -31.14 51.31 -130.37
N GLU D 67 -31.56 51.89 -131.50
CA GLU D 67 -30.97 53.17 -131.93
C GLU D 67 -31.26 54.28 -130.92
N LEU D 68 -32.50 54.33 -130.41
CA LEU D 68 -32.84 55.34 -129.41
C LEU D 68 -32.04 55.13 -128.13
N GLN D 69 -31.88 53.87 -127.70
CA GLN D 69 -31.10 53.59 -126.51
C GLN D 69 -29.64 54.01 -126.70
N ASP D 70 -29.07 53.72 -127.86
CA ASP D 70 -27.71 54.16 -128.15
C ASP D 70 -27.59 55.67 -128.15
N MET D 71 -28.60 56.36 -128.71
CA MET D 71 -28.59 57.81 -128.71
C MET D 71 -28.60 58.37 -127.29
N ILE D 72 -29.48 57.86 -126.43
CA ILE D 72 -29.54 58.34 -125.06
C ILE D 72 -28.24 58.01 -124.32
N ASN D 73 -27.66 56.85 -124.60
CA ASN D 73 -26.43 56.45 -123.92
C ASN D 73 -25.26 57.36 -124.31
N GLU D 74 -25.10 57.62 -125.61
CA GLU D 74 -23.93 58.36 -126.06
C GLU D 74 -24.13 59.87 -125.93
N VAL D 75 -25.38 60.31 -125.77
CA VAL D 75 -25.62 61.71 -125.46
C VAL D 75 -25.15 62.03 -124.05
N ASP D 76 -25.44 61.15 -123.11
CA ASP D 76 -25.04 61.36 -121.72
C ASP D 76 -23.56 61.03 -121.52
N ALA D 77 -23.00 61.58 -120.45
CA ALA D 77 -21.63 61.27 -120.07
C ALA D 77 -21.51 60.01 -119.22
N ASP D 78 -22.62 59.45 -118.78
CA ASP D 78 -22.62 58.23 -117.98
C ASP D 78 -23.81 57.37 -118.41
N GLY D 79 -24.10 56.33 -117.64
CA GLY D 79 -25.14 55.40 -117.99
C GLY D 79 -26.39 55.46 -117.14
N ASN D 80 -26.66 56.62 -116.52
CA ASN D 80 -27.84 56.74 -115.68
C ASN D 80 -29.13 56.75 -116.50
N GLY D 81 -29.04 57.01 -117.80
CA GLY D 81 -30.22 56.98 -118.64
C GLY D 81 -31.11 58.20 -118.55
N THR D 82 -30.59 59.32 -118.07
CA THR D 82 -31.37 60.55 -117.95
C THR D 82 -30.63 61.69 -118.63
N ILE D 83 -31.38 62.53 -119.34
CA ILE D 83 -30.85 63.67 -120.07
C ILE D 83 -31.33 64.95 -119.39
N ASP D 84 -30.41 65.82 -119.05
CA ASP D 84 -30.71 67.06 -118.33
C ASP D 84 -30.50 68.27 -119.24
N PHE D 85 -31.04 69.40 -118.79
CA PHE D 85 -30.89 70.65 -119.54
C PHE D 85 -29.44 71.07 -119.75
N PRO D 86 -28.54 71.01 -118.75
CA PRO D 86 -27.13 71.33 -119.04
C PRO D 86 -26.52 70.43 -120.08
N GLU D 87 -26.89 69.15 -120.10
CA GLU D 87 -26.37 68.25 -121.14
C GLU D 87 -26.84 68.68 -122.52
N PHE D 88 -28.11 69.06 -122.65
CA PHE D 88 -28.61 69.55 -123.93
C PHE D 88 -27.91 70.84 -124.35
N LEU D 89 -27.67 71.74 -123.39
CA LEU D 89 -26.97 72.98 -123.69
C LEU D 89 -25.55 72.71 -124.17
N THR D 90 -24.85 71.79 -123.51
CA THR D 90 -23.50 71.43 -123.94
C THR D 90 -23.50 70.78 -125.32
N MET D 91 -24.47 69.90 -125.57
CA MET D 91 -24.55 69.25 -126.88
C MET D 91 -24.85 70.25 -127.99
N MET D 92 -25.72 71.22 -127.72
CA MET D 92 -26.03 72.24 -128.72
C MET D 92 -24.88 73.20 -128.93
N ALA D 93 -23.90 73.20 -128.01
CA ALA D 93 -22.75 74.09 -128.13
C ALA D 93 -21.64 73.51 -129.01
N ARG D 94 -21.84 72.31 -129.55
CA ARG D 94 -20.81 71.70 -130.39
C ARG D 94 -20.63 72.51 -131.67
N LYS D 95 -19.43 72.46 -132.23
CA LYS D 95 -19.09 73.19 -133.44
C LYS D 95 -19.20 72.23 -134.63
N MET D 96 -20.02 72.59 -135.60
CA MET D 96 -20.23 71.79 -136.79
C MET D 96 -19.22 72.10 -137.90
N LYS D 97 -18.36 73.10 -137.71
CA LYS D 97 -17.40 73.47 -138.73
C LYS D 97 -18.12 74.11 -139.92
N ASP D 98 -17.88 73.58 -141.12
CA ASP D 98 -18.51 74.11 -142.33
C ASP D 98 -19.44 73.10 -143.00
N THR D 99 -18.93 71.91 -143.34
CA THR D 99 -19.74 70.96 -144.12
C THR D 99 -20.97 70.50 -143.35
N ASP D 100 -20.79 70.18 -142.06
CA ASP D 100 -21.92 69.70 -141.26
C ASP D 100 -23.04 70.74 -141.20
N SER D 101 -22.68 72.02 -141.18
CA SER D 101 -23.70 73.07 -141.18
C SER D 101 -24.54 73.03 -142.46
N GLU D 102 -23.89 72.89 -143.62
CA GLU D 102 -24.63 72.82 -144.87
C GLU D 102 -25.50 71.57 -144.94
N GLU D 103 -24.96 70.43 -144.50
CA GLU D 103 -25.78 69.21 -144.48
C GLU D 103 -26.98 69.36 -143.57
N GLU D 104 -26.79 69.97 -142.39
CA GLU D 104 -27.88 70.15 -141.45
C GLU D 104 -28.95 71.08 -142.01
N ILE D 105 -28.54 72.21 -142.60
CA ILE D 105 -29.54 73.14 -143.12
C ILE D 105 -30.24 72.55 -144.33
N ARG D 106 -29.53 71.78 -145.16
CA ARG D 106 -30.18 71.13 -146.29
C ARG D 106 -31.20 70.10 -145.82
N GLU D 107 -30.85 69.31 -144.79
CA GLU D 107 -31.80 68.34 -144.26
C GLU D 107 -33.01 69.03 -143.65
N ALA D 108 -32.79 70.13 -142.93
CA ALA D 108 -33.91 70.87 -142.34
C ALA D 108 -34.82 71.43 -143.42
N PHE D 109 -34.24 71.98 -144.49
CA PHE D 109 -35.05 72.50 -145.59
C PHE D 109 -35.83 71.38 -146.27
N ARG D 110 -35.19 70.24 -146.49
CA ARG D 110 -35.88 69.11 -147.12
C ARG D 110 -37.03 68.62 -146.27
N VAL D 111 -36.84 68.54 -144.95
CA VAL D 111 -37.92 68.14 -144.06
C VAL D 111 -39.05 69.17 -144.09
N PHE D 112 -38.71 70.46 -144.06
CA PHE D 112 -39.71 71.50 -144.09
C PHE D 112 -40.42 71.57 -145.45
N ASP D 113 -39.70 71.31 -146.54
CA ASP D 113 -40.26 71.38 -147.89
C ASP D 113 -40.90 70.06 -148.28
N LYS D 114 -41.88 69.60 -147.48
CA LYS D 114 -42.59 68.38 -147.81
C LYS D 114 -43.39 68.53 -149.10
N ASP D 115 -44.06 69.66 -149.26
CA ASP D 115 -44.83 69.91 -150.47
C ASP D 115 -43.90 70.22 -151.65
N GLY D 116 -44.37 69.89 -152.85
CA GLY D 116 -43.61 70.14 -154.05
C GLY D 116 -43.73 71.56 -154.55
N ASN D 117 -43.23 72.51 -153.77
CA ASN D 117 -43.29 73.92 -154.13
C ASN D 117 -41.92 74.60 -154.22
N GLY D 118 -40.88 74.00 -153.66
CA GLY D 118 -39.55 74.58 -153.71
C GLY D 118 -39.28 75.68 -152.70
N TYR D 119 -40.21 75.95 -151.79
CA TYR D 119 -40.01 76.98 -150.78
C TYR D 119 -40.48 76.51 -149.41
N SER E 5 -51.58 10.18 -58.23
CA SER E 5 -52.64 9.20 -58.40
C SER E 5 -54.02 9.84 -58.25
N ASN E 6 -54.99 9.33 -59.01
CA ASN E 6 -56.36 9.86 -58.94
C ASN E 6 -56.95 9.65 -57.55
N SER E 7 -56.72 8.47 -56.96
CA SER E 7 -57.24 8.19 -55.63
C SER E 7 -56.69 9.17 -54.60
N GLY E 8 -55.41 9.52 -54.72
CA GLY E 8 -54.84 10.53 -53.83
C GLY E 8 -55.52 11.87 -53.98
N VAL E 9 -55.84 12.27 -55.22
CA VAL E 9 -56.52 13.54 -55.45
C VAL E 9 -57.91 13.51 -54.83
N ARG E 10 -58.65 12.40 -55.01
CA ARG E 10 -59.97 12.30 -54.41
C ARG E 10 -59.91 12.34 -52.90
N LEU E 11 -58.93 11.66 -52.30
CA LEU E 11 -58.77 11.68 -50.86
C LEU E 11 -58.42 13.08 -50.36
N ASP E 12 -57.56 13.80 -51.10
CA ASP E 12 -57.23 15.17 -50.72
C ASP E 12 -58.46 16.07 -50.79
N GLY E 13 -59.28 15.89 -51.83
CA GLY E 13 -60.51 16.68 -51.92
C GLY E 13 -61.47 16.38 -50.79
N TYR E 14 -61.62 15.10 -50.44
CA TYR E 14 -62.48 14.72 -49.32
C TYR E 14 -61.97 15.30 -48.01
N ALA E 15 -60.64 15.25 -47.81
CA ALA E 15 -60.06 15.82 -46.60
C ALA E 15 -60.27 17.33 -46.53
N ARG E 16 -60.12 18.02 -47.66
CA ARG E 16 -60.37 19.46 -47.69
C ARG E 16 -61.83 19.77 -47.37
N LEU E 17 -62.74 18.99 -47.93
CA LEU E 17 -64.17 19.19 -47.65
C LEU E 17 -64.47 18.96 -46.17
N VAL E 18 -63.90 17.91 -45.59
CA VAL E 18 -64.12 17.62 -44.18
C VAL E 18 -63.56 18.74 -43.31
N GLN E 19 -62.35 19.22 -43.63
CA GLN E 19 -61.75 20.29 -42.86
C GLN E 19 -62.57 21.57 -42.95
N GLN E 20 -63.09 21.89 -44.15
CA GLN E 20 -63.87 23.10 -44.33
C GLN E 20 -65.27 23.00 -43.72
N THR E 21 -65.80 21.80 -43.54
CA THR E 21 -67.16 21.65 -43.02
C THR E 21 -67.21 21.33 -41.53
N ILE E 22 -66.57 20.25 -41.08
CA ILE E 22 -66.73 19.78 -39.70
C ILE E 22 -65.55 20.22 -38.84
N LEU E 23 -64.33 19.96 -39.32
CA LEU E 23 -63.14 20.19 -38.52
C LEU E 23 -62.84 21.66 -38.27
N CYS E 24 -63.51 22.57 -38.99
CA CYS E 24 -63.27 24.00 -38.77
C CYS E 24 -63.73 24.47 -37.40
N HIS E 25 -64.62 23.71 -36.74
CA HIS E 25 -65.12 24.03 -35.41
C HIS E 25 -64.58 23.07 -34.37
N GLN E 26 -63.30 22.73 -34.47
CA GLN E 26 -62.71 21.71 -33.59
C GLN E 26 -62.81 22.10 -32.12
N ASN E 27 -62.78 23.41 -31.81
CA ASN E 27 -62.91 23.90 -30.44
C ASN E 27 -61.80 23.31 -29.56
N PRO E 28 -60.57 23.77 -29.69
CA PRO E 28 -59.47 23.19 -28.91
C PRO E 28 -59.66 23.41 -27.42
N VAL E 29 -58.67 22.93 -26.65
CA VAL E 29 -58.67 22.88 -25.19
C VAL E 29 -59.56 21.74 -24.73
N THR E 30 -60.81 21.71 -25.21
CA THR E 30 -61.74 20.63 -24.88
C THR E 30 -61.91 19.64 -26.02
N GLY E 31 -62.06 20.12 -27.25
CA GLY E 31 -62.23 19.23 -28.38
C GLY E 31 -63.67 18.85 -28.70
N LEU E 32 -64.64 19.48 -28.06
CA LEU E 32 -66.05 19.19 -28.28
C LEU E 32 -66.61 20.16 -29.32
N LEU E 33 -67.12 19.62 -30.42
CA LEU E 33 -67.65 20.43 -31.52
C LEU E 33 -68.98 21.07 -31.12
N PRO E 34 -69.16 22.35 -31.41
CA PRO E 34 -70.46 22.98 -31.19
C PRO E 34 -71.51 22.39 -32.11
N ALA E 35 -72.76 22.38 -31.64
CA ALA E 35 -73.85 21.78 -32.39
C ALA E 35 -74.44 22.77 -33.39
N SER E 36 -73.59 23.37 -34.21
CA SER E 36 -73.99 24.28 -35.29
C SER E 36 -74.73 25.51 -34.78
N TYR E 37 -74.99 26.46 -35.69
CA TYR E 37 -75.74 27.67 -35.39
C TYR E 37 -75.13 28.45 -34.23
N ASP E 38 -75.90 29.38 -33.66
CA ASP E 38 -75.47 30.16 -32.50
C ASP E 38 -75.99 29.52 -31.21
N GLN E 39 -75.63 28.26 -31.03
CA GLN E 39 -76.05 27.49 -29.85
C GLN E 39 -75.00 27.46 -28.75
N LYS E 40 -73.72 27.31 -29.12
CA LYS E 40 -72.62 27.25 -28.15
C LYS E 40 -72.82 26.13 -27.14
N ASP E 41 -73.46 25.03 -27.56
CA ASP E 41 -73.68 23.88 -26.72
C ASP E 41 -73.28 22.61 -27.47
N ALA E 42 -72.82 21.62 -26.73
CA ALA E 42 -72.32 20.38 -27.31
C ALA E 42 -73.22 19.22 -26.92
N TRP E 43 -73.70 18.50 -27.92
CA TRP E 43 -74.46 17.26 -27.72
C TRP E 43 -73.53 16.08 -27.93
N VAL E 44 -73.53 15.15 -26.98
CA VAL E 44 -72.62 14.00 -27.05
C VAL E 44 -72.94 13.14 -28.26
N ARG E 45 -74.24 12.92 -28.53
CA ARG E 45 -74.64 12.12 -29.68
C ARG E 45 -74.25 12.80 -30.99
N ASP E 46 -74.47 14.12 -31.07
CA ASP E 46 -74.12 14.85 -32.28
C ASP E 46 -72.62 14.79 -32.55
N ASN E 47 -71.81 15.00 -31.51
CA ASN E 47 -70.36 14.94 -31.67
C ASN E 47 -69.91 13.53 -32.06
N VAL E 48 -70.49 12.51 -31.44
CA VAL E 48 -70.13 11.13 -31.76
C VAL E 48 -70.45 10.81 -33.21
N TYR E 49 -71.62 11.25 -33.68
CA TYR E 49 -71.99 10.97 -35.07
C TYR E 49 -71.16 11.81 -36.04
N SER E 50 -70.75 13.02 -35.63
CA SER E 50 -69.95 13.86 -36.50
C SER E 50 -68.53 13.34 -36.66
N ILE E 51 -67.96 12.78 -35.59
CA ILE E 51 -66.59 12.28 -35.64
C ILE E 51 -66.45 11.04 -36.51
N LEU E 52 -67.57 10.45 -36.95
CA LEU E 52 -67.51 9.25 -37.78
C LEU E 52 -66.81 9.53 -39.11
N ALA E 53 -67.12 10.68 -39.73
CA ALA E 53 -66.47 11.03 -40.99
C ALA E 53 -64.97 11.20 -40.82
N VAL E 54 -64.55 11.87 -39.74
CA VAL E 54 -63.13 12.05 -39.48
C VAL E 54 -62.45 10.71 -39.25
N TRP E 55 -63.09 9.82 -38.49
CA TRP E 55 -62.52 8.51 -38.24
C TRP E 55 -62.38 7.71 -39.53
N GLY E 56 -63.40 7.76 -40.39
CA GLY E 56 -63.32 7.06 -41.67
C GLY E 56 -62.24 7.62 -42.57
N LEU E 57 -62.11 8.95 -42.61
CA LEU E 57 -61.04 9.57 -43.40
C LEU E 57 -59.67 9.17 -42.89
N GLY E 58 -59.49 9.15 -41.56
CA GLY E 58 -58.23 8.71 -41.01
C GLY E 58 -57.92 7.26 -41.32
N LEU E 59 -58.94 6.40 -41.24
CA LEU E 59 -58.74 4.99 -41.58
C LEU E 59 -58.36 4.82 -43.05
N ALA E 60 -59.00 5.59 -43.94
CA ALA E 60 -58.65 5.53 -45.35
C ALA E 60 -57.23 6.03 -45.59
N TYR E 61 -56.84 7.11 -44.90
CA TYR E 61 -55.51 7.66 -45.11
C TYR E 61 -54.42 6.75 -44.55
N ARG E 62 -54.75 5.99 -43.51
CA ARG E 62 -53.76 5.09 -42.91
C ARG E 62 -53.29 4.01 -43.89
N LYS E 63 -54.17 3.59 -44.80
CA LYS E 63 -53.80 2.54 -45.75
C LYS E 63 -52.67 2.99 -46.66
N ASN E 64 -52.72 4.24 -47.14
CA ASN E 64 -51.68 4.78 -48.01
C ASN E 64 -50.53 5.31 -47.14
N ALA E 65 -49.83 4.38 -46.52
CA ALA E 65 -48.73 4.69 -45.61
C ALA E 65 -47.44 4.86 -46.43
N ASP E 66 -46.29 4.85 -45.74
CA ASP E 66 -44.93 4.93 -46.29
C ASP E 66 -44.58 6.32 -46.79
N ARG E 67 -45.43 7.32 -46.56
CA ARG E 67 -45.12 8.70 -46.92
C ARG E 67 -45.28 9.59 -45.70
N ASP E 68 -44.40 10.58 -45.57
CA ASP E 68 -44.43 11.46 -44.40
C ASP E 68 -45.72 12.26 -44.32
N GLU E 69 -46.16 12.82 -45.46
CA GLU E 69 -47.37 13.64 -45.45
C GLU E 69 -48.60 12.82 -45.12
N ASP E 70 -48.74 11.65 -45.75
CA ASP E 70 -49.90 10.80 -45.49
C ASP E 70 -49.90 10.30 -44.04
N LYS E 71 -48.74 9.90 -43.54
CA LYS E 71 -48.64 9.46 -42.14
C LYS E 71 -49.02 10.59 -41.20
N ALA E 72 -48.53 11.81 -41.47
CA ALA E 72 -48.85 12.95 -40.62
C ALA E 72 -50.35 13.25 -40.65
N LYS E 73 -50.97 13.20 -41.83
CA LYS E 73 -52.40 13.46 -41.91
C LYS E 73 -53.21 12.41 -41.16
N ALA E 74 -52.86 11.13 -41.33
CA ALA E 74 -53.56 10.07 -40.63
C ALA E 74 -53.39 10.21 -39.11
N TYR E 75 -52.17 10.52 -38.67
CA TYR E 75 -51.91 10.71 -37.25
C TYR E 75 -52.72 11.88 -36.70
N GLU E 76 -52.80 12.98 -37.46
CA GLU E 76 -53.57 14.13 -37.02
C GLU E 76 -55.04 13.80 -36.89
N LEU E 77 -55.59 13.08 -37.87
CA LEU E 77 -57.01 12.71 -37.80
C LEU E 77 -57.29 11.78 -36.62
N GLU E 78 -56.42 10.78 -36.43
CA GLU E 78 -56.61 9.85 -35.32
C GLU E 78 -56.48 10.58 -33.98
N GLN E 79 -55.55 11.50 -33.87
CA GLN E 79 -55.37 12.23 -32.61
C GLN E 79 -56.53 13.19 -32.36
N SER E 80 -57.10 13.76 -33.43
CA SER E 80 -58.29 14.58 -33.26
C SER E 80 -59.46 13.74 -32.74
N VAL E 81 -59.64 12.54 -33.30
CA VAL E 81 -60.69 11.65 -32.81
C VAL E 81 -60.45 11.28 -31.34
N VAL E 82 -59.19 10.98 -31.01
CA VAL E 82 -58.84 10.62 -29.64
C VAL E 82 -59.10 11.79 -28.69
N LYS E 83 -58.76 13.01 -29.13
CA LYS E 83 -58.99 14.18 -28.29
C LYS E 83 -60.47 14.42 -28.07
N LEU E 84 -61.29 14.25 -29.11
CA LEU E 84 -62.74 14.38 -28.93
C LEU E 84 -63.27 13.33 -27.95
N MET E 85 -62.81 12.09 -28.10
CA MET E 85 -63.25 11.03 -27.19
C MET E 85 -62.82 11.32 -25.76
N ARG E 86 -61.60 11.82 -25.57
CA ARG E 86 -61.13 12.14 -24.22
C ARG E 86 -61.89 13.32 -23.64
N GLY E 87 -62.22 14.32 -24.46
CA GLY E 87 -63.04 15.41 -23.96
C GLY E 87 -64.39 14.94 -23.50
N LEU E 88 -65.01 14.04 -24.28
CA LEU E 88 -66.29 13.47 -23.86
C LEU E 88 -66.15 12.64 -22.59
N LEU E 89 -65.04 11.90 -22.46
CA LEU E 89 -64.83 11.10 -21.26
C LEU E 89 -64.66 11.97 -20.03
N HIS E 90 -63.91 13.07 -20.15
CA HIS E 90 -63.79 14.02 -19.05
C HIS E 90 -65.15 14.62 -18.71
N CYS E 91 -65.92 14.98 -19.74
CA CYS E 91 -67.25 15.51 -19.52
C CYS E 91 -68.12 14.54 -18.72
N MET E 92 -68.04 13.25 -19.07
CA MET E 92 -68.91 12.26 -18.44
C MET E 92 -68.41 11.90 -17.04
N ILE E 93 -67.10 11.91 -16.81
CA ILE E 93 -66.59 11.65 -15.46
C ILE E 93 -66.85 12.83 -14.55
N ARG E 94 -67.15 14.00 -15.12
CA ARG E 94 -67.53 15.12 -14.26
C ARG E 94 -68.85 14.89 -13.51
N GLN E 95 -69.63 13.87 -13.87
CA GLN E 95 -70.87 13.53 -13.18
C GLN E 95 -70.81 12.13 -12.60
N VAL E 96 -69.71 11.80 -11.92
CA VAL E 96 -69.61 10.52 -11.24
C VAL E 96 -70.66 10.42 -10.14
N ASP E 97 -70.92 11.54 -9.45
CA ASP E 97 -71.96 11.55 -8.43
C ASP E 97 -73.31 11.20 -9.03
N LYS E 98 -73.65 11.82 -10.17
CA LYS E 98 -74.92 11.53 -10.83
C LYS E 98 -75.00 10.07 -11.26
N VAL E 99 -73.91 9.54 -11.83
CA VAL E 99 -73.91 8.14 -12.26
C VAL E 99 -74.13 7.21 -11.07
N GLU E 100 -73.42 7.45 -9.97
CA GLU E 100 -73.52 6.61 -8.79
C GLU E 100 -74.90 6.71 -8.15
N PHE E 102 -77.69 7.39 -9.83
CA PHE E 102 -78.64 6.75 -10.73
C PHE E 102 -78.51 5.23 -10.63
N LYS E 103 -77.32 4.76 -10.22
CA LYS E 103 -77.11 3.32 -10.06
C LYS E 103 -78.13 2.70 -9.12
N TYR E 104 -78.62 3.46 -8.15
CA TYR E 104 -79.68 2.98 -7.27
C TYR E 104 -80.92 3.87 -7.42
N GLN E 106 -83.67 4.14 -10.07
CA GLN E 106 -83.63 4.78 -11.38
C GLN E 106 -84.67 5.90 -11.48
N THR E 108 -85.35 10.08 -13.26
CA THR E 108 -84.95 11.06 -14.27
C THR E 108 -84.09 12.20 -13.71
N LYS E 109 -84.15 12.40 -12.39
CA LYS E 109 -83.40 13.46 -11.74
C LYS E 109 -82.00 13.03 -11.31
N ASP E 110 -81.60 11.80 -11.60
CA ASP E 110 -80.31 11.30 -11.14
C ASP E 110 -79.32 11.08 -12.28
N LEU E 112 -77.00 11.77 -15.73
CA LEU E 112 -76.13 12.85 -16.19
C LEU E 112 -76.82 13.68 -17.26
N HIS E 113 -76.47 14.97 -17.31
CA HIS E 113 -77.09 15.88 -18.26
C HIS E 113 -76.69 15.54 -19.68
N ALA E 114 -77.68 15.47 -20.58
CA ALA E 114 -77.39 15.20 -21.98
C ALA E 114 -76.75 16.39 -22.68
N LYS E 115 -77.14 17.61 -22.30
CA LYS E 115 -76.59 18.83 -22.86
C LYS E 115 -75.33 19.20 -22.10
N TYR E 116 -74.20 19.23 -22.79
CA TYR E 116 -72.94 19.62 -22.18
C TYR E 116 -72.44 20.92 -22.80
N ASN E 117 -71.80 21.74 -21.99
CA ASN E 117 -71.31 23.04 -22.43
C ASN E 117 -70.04 22.87 -23.26
N THR E 118 -69.52 24.02 -23.72
CA THR E 118 -68.28 24.11 -24.48
C THR E 118 -67.08 24.04 -23.54
N LYS E 119 -65.92 24.50 -24.04
CA LYS E 119 -64.67 24.48 -23.28
C LYS E 119 -64.86 24.93 -21.83
N THR E 120 -64.00 24.39 -20.96
CA THR E 120 -64.05 24.37 -19.49
C THR E 120 -64.96 23.26 -18.98
N CYS E 121 -65.64 22.54 -19.86
CA CYS E 121 -66.36 21.30 -19.54
C CYS E 121 -67.21 21.44 -18.28
N ALA E 122 -68.21 22.31 -18.36
CA ALA E 122 -69.13 22.57 -17.26
C ALA E 122 -70.55 22.21 -17.68
N THR E 123 -71.48 22.43 -16.74
CA THR E 123 -72.89 22.21 -17.03
C THR E 123 -73.55 23.52 -17.45
N VAL E 124 -74.27 23.49 -18.57
CA VAL E 124 -74.86 24.70 -19.13
C VAL E 124 -76.31 24.90 -18.73
N VAL E 125 -77.02 23.86 -18.28
CA VAL E 125 -78.42 23.97 -17.88
C VAL E 125 -78.62 23.22 -16.57
N GLY E 126 -79.75 23.51 -15.93
CA GLY E 126 -80.08 22.89 -14.66
C GLY E 126 -80.62 21.48 -14.82
N ASP E 127 -81.00 20.91 -13.68
CA ASP E 127 -81.48 19.53 -13.62
C ASP E 127 -82.98 19.41 -13.86
N ASP E 128 -83.70 20.52 -14.05
CA ASP E 128 -85.14 20.46 -14.24
C ASP E 128 -85.63 21.25 -15.44
N GLN E 129 -84.77 21.98 -16.13
CA GLN E 129 -85.16 22.75 -17.30
C GLN E 129 -84.93 21.99 -18.61
N TRP E 130 -84.51 20.74 -18.54
CA TRP E 130 -84.27 19.94 -19.73
C TRP E 130 -84.42 18.47 -19.36
N GLY E 131 -84.58 17.63 -20.38
CA GLY E 131 -84.67 16.20 -20.16
C GLY E 131 -83.31 15.55 -20.11
N HIS E 132 -82.80 15.33 -18.91
CA HIS E 132 -81.45 14.79 -18.70
C HIS E 132 -81.49 13.29 -18.49
N LEU E 133 -82.06 12.58 -19.47
CA LEU E 133 -82.08 11.12 -19.43
C LEU E 133 -82.14 10.63 -20.87
N GLN E 134 -80.99 10.23 -21.41
CA GLN E 134 -80.88 9.70 -22.77
C GLN E 134 -79.84 8.59 -22.73
N LEU E 135 -80.30 7.35 -22.51
CA LEU E 135 -79.40 6.22 -22.49
C LEU E 135 -78.87 5.87 -23.87
N ASP E 136 -79.59 6.25 -24.93
CA ASP E 136 -79.14 5.95 -26.28
C ASP E 136 -77.82 6.63 -26.60
N ALA E 137 -77.67 7.89 -26.22
CA ALA E 137 -76.44 8.62 -26.51
C ALA E 137 -75.24 8.00 -25.80
N THR E 138 -75.38 7.72 -24.51
CA THR E 138 -74.28 7.12 -23.76
C THR E 138 -73.95 5.73 -24.29
N SER E 139 -74.99 4.95 -24.62
CA SER E 139 -74.76 3.60 -25.12
C SER E 139 -74.06 3.62 -26.48
N VAL E 140 -74.47 4.51 -27.38
CA VAL E 140 -73.81 4.59 -28.67
C VAL E 140 -72.39 5.12 -28.53
N TYR E 141 -72.17 6.02 -27.56
CA TYR E 141 -70.81 6.47 -27.27
C TYR E 141 -69.93 5.31 -26.82
N LEU E 142 -70.45 4.47 -25.93
CA LEU E 142 -69.70 3.30 -25.47
C LEU E 142 -69.43 2.34 -26.63
N LEU E 143 -70.43 2.10 -27.47
CA LEU E 143 -70.26 1.18 -28.59
C LEU E 143 -69.19 1.70 -29.56
N PHE E 144 -69.23 2.99 -29.86
CA PHE E 144 -68.24 3.54 -30.79
C PHE E 144 -66.86 3.58 -30.14
N LEU E 145 -66.79 3.80 -28.83
CA LEU E 145 -65.51 3.68 -28.14
C LEU E 145 -64.94 2.27 -28.26
N ALA E 146 -65.80 1.26 -28.11
CA ALA E 146 -65.36 -0.12 -28.28
C ALA E 146 -64.90 -0.37 -29.72
N GLN E 147 -65.63 0.18 -30.70
CA GLN E 147 -65.24 -0.01 -32.09
C GLN E 147 -63.88 0.62 -32.39
N MET E 148 -63.65 1.84 -31.90
CA MET E 148 -62.36 2.48 -32.11
C MET E 148 -61.24 1.73 -31.38
N THR E 149 -61.52 1.22 -30.17
CA THR E 149 -60.52 0.44 -29.45
C THR E 149 -60.16 -0.83 -30.23
N ALA E 150 -61.16 -1.51 -30.79
CA ALA E 150 -60.88 -2.69 -31.59
C ALA E 150 -60.16 -2.34 -32.88
N SER E 151 -60.40 -1.14 -33.43
CA SER E 151 -59.70 -0.72 -34.63
C SER E 151 -58.21 -0.59 -34.39
N GLY E 152 -57.82 -0.05 -33.23
CA GLY E 152 -56.42 0.13 -32.91
C GLY E 152 -56.15 1.41 -32.17
N LEU E 153 -57.10 2.34 -32.21
CA LEU E 153 -56.94 3.60 -31.50
C LEU E 153 -56.99 3.38 -29.99
N HIS E 154 -56.19 4.16 -29.26
CA HIS E 154 -56.16 4.10 -27.81
C HIS E 154 -56.95 5.27 -27.24
N ILE E 155 -58.04 4.96 -26.54
CA ILE E 155 -58.88 6.00 -25.96
C ILE E 155 -58.98 5.80 -24.45
N ILE E 156 -59.54 4.67 -24.02
CA ILE E 156 -59.59 4.37 -22.60
C ILE E 156 -58.18 4.05 -22.11
N HIS E 157 -57.76 4.73 -21.05
CA HIS E 157 -56.35 4.86 -20.77
C HIS E 157 -55.95 4.65 -19.31
N SER E 158 -56.90 4.62 -18.38
CA SER E 158 -56.57 4.51 -16.98
C SER E 158 -57.46 3.47 -16.31
N LEU E 159 -56.94 2.87 -15.23
CA LEU E 159 -57.72 1.91 -14.47
C LEU E 159 -58.93 2.58 -13.82
N ASP E 160 -58.78 3.83 -13.37
CA ASP E 160 -59.94 4.57 -12.88
C ASP E 160 -60.94 4.79 -14.00
N GLU E 161 -60.46 5.07 -15.21
CA GLU E 161 -61.36 5.18 -16.36
C GLU E 161 -62.02 3.85 -16.67
N VAL E 162 -61.31 2.74 -16.48
CA VAL E 162 -61.89 1.42 -16.69
C VAL E 162 -63.01 1.18 -15.68
N ASN E 163 -62.78 1.54 -14.41
CA ASN E 163 -63.82 1.41 -13.40
C ASN E 163 -65.02 2.29 -13.73
N PHE E 164 -64.77 3.51 -14.22
CA PHE E 164 -65.86 4.38 -14.63
C PHE E 164 -66.66 3.79 -15.77
N ILE E 165 -65.98 3.16 -16.73
CA ILE E 165 -66.67 2.53 -17.86
C ILE E 165 -67.51 1.36 -17.37
N GLN E 166 -66.97 0.58 -16.42
CA GLN E 166 -67.75 -0.53 -15.84
C GLN E 166 -68.99 0.00 -15.12
N ASN E 167 -68.83 1.10 -14.37
CA ASN E 167 -69.98 1.71 -13.70
C ASN E 167 -70.99 2.21 -14.71
N LEU E 168 -70.52 2.77 -15.83
CA LEU E 168 -71.42 3.22 -16.88
C LEU E 168 -72.18 2.04 -17.49
N VAL E 169 -71.50 0.91 -17.67
CA VAL E 169 -72.17 -0.29 -18.18
C VAL E 169 -73.25 -0.74 -17.21
N PHE E 170 -72.95 -0.73 -15.90
CA PHE E 170 -73.94 -1.09 -14.90
C PHE E 170 -75.08 -0.08 -14.88
N TYR E 171 -74.80 1.17 -15.22
CA TYR E 171 -75.82 2.20 -15.26
C TYR E 171 -76.73 2.04 -16.48
N ILE E 172 -76.16 1.57 -17.60
CA ILE E 172 -76.92 1.46 -18.84
C ILE E 172 -77.67 0.14 -18.98
N GLU E 173 -77.18 -0.93 -18.33
CA GLU E 173 -77.80 -2.24 -18.51
C GLU E 173 -79.25 -2.31 -18.06
N ALA E 174 -79.72 -1.35 -17.25
CA ALA E 174 -81.10 -1.31 -16.81
C ALA E 174 -81.99 -0.53 -17.77
N ALA E 175 -81.60 -0.44 -19.04
CA ALA E 175 -82.36 0.30 -20.03
C ALA E 175 -83.66 -0.38 -20.45
N TYR E 176 -83.75 -1.70 -20.29
CA TYR E 176 -84.92 -2.44 -20.76
C TYR E 176 -86.14 -2.27 -19.85
N LYS E 177 -85.98 -1.69 -18.66
CA LYS E 177 -87.09 -1.52 -17.74
C LYS E 177 -87.18 -0.09 -17.23
N THR E 178 -86.81 0.89 -18.05
CA THR E 178 -86.90 2.30 -17.70
C THR E 178 -87.33 3.10 -18.91
N ALA E 179 -87.91 4.27 -18.65
CA ALA E 179 -88.45 5.13 -19.70
C ALA E 179 -87.63 6.41 -19.78
N ASP E 180 -87.19 6.75 -20.99
CA ASP E 180 -86.40 7.96 -21.22
C ASP E 180 -87.15 8.90 -22.17
N PHE E 181 -86.52 10.02 -22.50
CA PHE E 181 -87.10 11.00 -23.39
C PHE E 181 -86.83 10.70 -24.87
N GLY E 182 -86.01 9.70 -25.16
CA GLY E 182 -85.74 9.33 -26.54
C GLY E 182 -84.71 10.22 -27.20
N ILE E 183 -84.47 9.94 -28.48
CA ILE E 183 -83.52 10.73 -29.25
C ILE E 183 -84.01 12.18 -29.39
N TRP E 184 -85.30 12.35 -29.67
CA TRP E 184 -85.88 13.69 -29.84
C TRP E 184 -85.99 14.46 -28.54
N GLU E 185 -85.76 13.81 -27.40
CA GLU E 185 -85.82 14.45 -26.08
C GLU E 185 -87.19 15.08 -25.83
N ARG E 186 -88.25 14.41 -26.30
CA ARG E 186 -89.60 14.94 -26.12
C ARG E 186 -90.59 13.86 -25.66
N GLY E 187 -90.09 12.67 -25.33
CA GLY E 187 -91.00 11.60 -24.91
C GLY E 187 -91.92 11.19 -26.05
N ASP E 188 -93.21 11.15 -25.76
CA ASP E 188 -94.21 10.79 -26.76
C ASP E 188 -94.52 12.00 -27.64
N LYS E 189 -95.59 11.91 -28.42
CA LYS E 189 -95.94 13.00 -29.33
C LYS E 189 -96.23 14.28 -28.58
N THR E 190 -96.97 14.19 -27.47
CA THR E 190 -97.20 15.34 -26.59
C THR E 190 -96.16 15.31 -25.47
N ASN E 191 -95.42 16.41 -25.32
CA ASN E 191 -94.37 16.47 -24.32
C ASN E 191 -94.95 16.30 -22.91
N GLN E 192 -95.71 17.29 -22.46
CA GLN E 192 -96.44 17.27 -21.19
C GLN E 192 -95.57 16.79 -20.01
N GLY E 193 -94.25 16.92 -20.13
CA GLY E 193 -93.35 16.42 -19.10
C GLY E 193 -93.47 14.93 -18.85
N ILE E 194 -93.59 14.14 -19.91
CA ILE E 194 -93.74 12.69 -19.79
C ILE E 194 -92.66 12.00 -20.61
N SER E 195 -92.32 10.79 -20.20
CA SER E 195 -91.34 9.96 -20.87
C SER E 195 -91.89 8.54 -21.03
N GLU E 196 -91.39 7.83 -22.04
CA GLU E 196 -91.85 6.49 -22.33
C GLU E 196 -90.71 5.68 -22.93
N LEU E 197 -90.87 4.35 -22.91
CA LEU E 197 -89.85 3.46 -23.44
C LEU E 197 -89.70 3.66 -24.94
N ASN E 198 -88.45 3.51 -25.41
CA ASN E 198 -88.13 3.64 -26.83
C ASN E 198 -87.35 2.42 -27.28
N ALA E 199 -87.68 1.91 -28.47
CA ALA E 199 -86.99 0.74 -28.99
C ALA E 199 -85.55 1.05 -29.35
N SER E 200 -85.28 2.24 -29.87
CA SER E 200 -83.94 2.65 -30.27
C SER E 200 -82.98 2.60 -29.08
N VAL E 202 -83.14 0.86 -26.12
CA VAL E 202 -82.84 -0.49 -25.65
C VAL E 202 -82.02 -1.26 -26.67
N GLY E 203 -82.31 -1.07 -27.97
CA GLY E 203 -81.54 -1.73 -28.99
C GLY E 203 -80.09 -1.30 -29.01
N MET E 204 -79.85 0.02 -28.94
CA MET E 204 -78.49 0.52 -28.93
C MET E 204 -77.76 0.14 -27.66
N ALA E 205 -78.48 0.08 -26.52
CA ALA E 205 -77.86 -0.36 -25.28
C ALA E 205 -77.45 -1.82 -25.37
N LYS E 206 -78.31 -2.68 -25.94
CA LYS E 206 -77.95 -4.08 -26.12
C LYS E 206 -76.74 -4.22 -27.02
N ALA E 207 -76.71 -3.46 -28.12
CA ALA E 207 -75.55 -3.51 -29.02
C ALA E 207 -74.28 -3.05 -28.33
N ALA E 208 -74.38 -2.01 -27.49
CA ALA E 208 -73.22 -1.54 -26.75
C ALA E 208 -72.71 -2.58 -25.76
N LEU E 209 -73.63 -3.26 -25.06
CA LEU E 209 -73.21 -4.31 -24.14
C LEU E 209 -72.55 -5.46 -24.90
N GLU E 210 -73.08 -5.80 -26.08
CA GLU E 210 -72.44 -6.84 -26.89
C GLU E 210 -71.05 -6.42 -27.36
N ALA E 211 -70.89 -5.14 -27.70
CA ALA E 211 -69.57 -4.67 -28.15
C ALA E 211 -68.54 -4.76 -27.03
N LEU E 212 -68.93 -4.41 -25.80
CA LEU E 212 -68.03 -4.42 -24.66
C LEU E 212 -68.16 -5.68 -23.81
N ASP E 213 -68.47 -6.82 -24.42
CA ASP E 213 -68.64 -8.06 -23.66
C ASP E 213 -67.34 -8.49 -23.00
N GLU E 214 -66.26 -8.59 -23.79
CA GLU E 214 -64.94 -8.95 -23.26
C GLU E 214 -63.84 -8.13 -23.93
N LEU E 215 -64.16 -6.90 -24.33
CA LEU E 215 -63.18 -6.06 -25.04
C LEU E 215 -62.05 -5.65 -24.10
N ASP E 216 -60.83 -5.63 -24.64
CA ASP E 216 -59.66 -5.16 -23.91
C ASP E 216 -59.37 -3.74 -24.35
N LEU E 217 -59.57 -2.78 -23.43
CA LEU E 217 -59.44 -1.37 -23.77
C LEU E 217 -57.99 -0.92 -23.90
N PHE E 218 -57.03 -1.68 -23.36
CA PHE E 218 -55.63 -1.31 -23.44
C PHE E 218 -54.94 -1.85 -24.68
N GLY E 219 -55.68 -2.52 -25.57
CA GLY E 219 -55.11 -3.04 -26.79
C GLY E 219 -54.43 -4.38 -26.59
N VAL E 220 -53.50 -4.68 -27.50
CA VAL E 220 -52.78 -5.96 -27.44
C VAL E 220 -51.90 -6.02 -26.20
N LYS E 221 -51.46 -4.88 -25.68
CA LYS E 221 -50.60 -4.84 -24.52
C LYS E 221 -51.36 -4.93 -23.20
N GLY E 222 -52.69 -5.00 -23.24
CA GLY E 222 -53.46 -5.03 -22.02
C GLY E 222 -53.35 -6.37 -21.31
N GLY E 223 -53.70 -6.34 -20.03
CA GLY E 223 -53.68 -7.53 -19.20
C GLY E 223 -55.05 -7.96 -18.76
N PRO E 224 -55.12 -9.01 -17.93
CA PRO E 224 -56.42 -9.48 -17.44
C PRO E 224 -57.14 -8.48 -16.55
N GLN E 225 -56.44 -7.49 -16.01
CA GLN E 225 -57.04 -6.52 -15.10
C GLN E 225 -57.72 -5.36 -15.81
N SER E 226 -57.71 -5.34 -17.14
CA SER E 226 -58.30 -4.23 -17.89
C SER E 226 -59.31 -4.72 -18.91
N VAL E 227 -60.22 -5.59 -18.50
CA VAL E 227 -61.26 -6.14 -19.37
C VAL E 227 -62.61 -5.92 -18.71
N ILE E 228 -63.65 -5.80 -19.51
CA ILE E 228 -65.01 -5.59 -19.02
C ILE E 228 -65.72 -6.94 -18.96
N HIS E 229 -66.52 -7.13 -17.91
CA HIS E 229 -67.37 -8.30 -17.78
C HIS E 229 -68.83 -7.87 -17.86
N VAL E 230 -69.52 -8.30 -18.91
CA VAL E 230 -70.91 -7.92 -19.16
C VAL E 230 -71.76 -9.19 -19.14
N LEU E 231 -72.82 -9.17 -18.34
CA LEU E 231 -73.71 -10.31 -18.24
C LEU E 231 -74.53 -10.46 -19.51
N ALA E 232 -74.93 -11.70 -19.79
CA ALA E 232 -75.70 -12.02 -20.98
C ALA E 232 -77.21 -12.02 -20.73
N ASP E 233 -77.63 -12.13 -19.47
CA ASP E 233 -79.06 -12.16 -19.18
C ASP E 233 -79.73 -10.84 -19.55
N GLU E 234 -79.11 -9.72 -19.22
CA GLU E 234 -79.69 -8.42 -19.53
C GLU E 234 -79.80 -8.21 -21.03
N VAL E 235 -78.79 -8.64 -21.78
CA VAL E 235 -78.81 -8.46 -23.23
C VAL E 235 -79.92 -9.30 -23.85
N GLN E 236 -80.09 -10.54 -23.35
CA GLN E 236 -81.16 -11.38 -23.87
C GLN E 236 -82.53 -10.81 -23.52
N HIS E 237 -82.67 -10.25 -22.32
CA HIS E 237 -83.91 -9.57 -21.96
C HIS E 237 -84.19 -8.40 -22.89
N CYS E 238 -83.15 -7.61 -23.20
CA CYS E 238 -83.32 -6.50 -24.13
C CYS E 238 -83.71 -6.99 -25.52
N GLN E 239 -83.12 -8.10 -25.96
CA GLN E 239 -83.43 -8.67 -27.26
C GLN E 239 -84.88 -9.13 -27.32
N ILE E 241 -87.32 -7.98 -25.43
CA ILE E 241 -88.13 -6.76 -25.37
C ILE E 241 -88.25 -6.14 -26.75
N LEU E 242 -87.11 -6.07 -27.46
CA LEU E 242 -87.11 -5.51 -28.81
C LEU E 242 -87.95 -6.36 -29.77
N ASN E 243 -87.82 -7.68 -29.67
CA ASN E 243 -88.57 -8.57 -30.55
C ASN E 243 -90.08 -8.45 -30.31
N SER E 244 -90.48 -8.34 -29.04
CA SER E 244 -91.89 -8.16 -28.71
C SER E 244 -92.35 -6.72 -28.83
N LEU E 245 -91.44 -5.79 -29.11
CA LEU E 245 -91.78 -4.37 -29.17
C LEU E 245 -91.31 -3.73 -30.48
N LEU E 246 -91.14 -4.51 -31.54
CA LEU E 246 -90.79 -3.90 -32.82
C LEU E 246 -91.75 -4.24 -33.97
N PRO E 247 -93.07 -4.14 -33.79
CA PRO E 247 -93.94 -3.98 -34.96
C PRO E 247 -94.30 -2.53 -35.21
N ARG E 248 -93.88 -1.62 -34.32
CA ARG E 248 -94.17 -0.20 -34.41
C ARG E 248 -93.00 0.54 -33.77
N ALA E 249 -93.22 1.82 -33.46
CA ALA E 249 -92.17 2.62 -32.84
C ALA E 249 -92.12 2.37 -31.32
N SER E 250 -93.20 2.70 -30.62
CA SER E 250 -93.27 2.54 -29.18
C SER E 250 -94.73 2.30 -28.80
N THR E 251 -95.02 2.42 -27.50
CA THR E 251 -96.38 2.21 -27.03
C THR E 251 -97.32 3.34 -27.44
N SER E 252 -96.80 4.47 -27.90
CA SER E 252 -97.61 5.61 -28.32
C SER E 252 -97.42 5.98 -29.77
N LYS E 253 -96.24 5.78 -30.33
CA LYS E 253 -95.95 6.13 -31.72
C LYS E 253 -96.15 4.89 -32.59
N GLU E 254 -96.92 5.04 -33.66
CA GLU E 254 -97.16 3.91 -34.56
C GLU E 254 -95.96 3.63 -35.45
N VAL E 255 -95.14 4.63 -35.72
CA VAL E 255 -93.96 4.45 -36.56
C VAL E 255 -93.02 5.63 -36.31
N ASP E 256 -91.72 5.33 -36.24
CA ASP E 256 -90.68 6.33 -36.07
C ASP E 256 -89.57 6.07 -37.06
N ALA E 257 -89.12 7.15 -37.72
CA ALA E 257 -87.99 7.02 -38.65
C ALA E 257 -86.68 6.75 -37.94
N SER E 258 -86.62 6.92 -36.61
CA SER E 258 -85.42 6.61 -35.86
C SER E 258 -85.19 5.10 -35.72
N LEU E 259 -86.20 4.29 -36.05
CA LEU E 259 -86.04 2.84 -35.98
C LEU E 259 -85.02 2.34 -37.00
N LEU E 260 -84.69 3.14 -38.02
CA LEU E 260 -83.66 2.74 -38.97
C LEU E 260 -82.30 2.58 -38.29
N SER E 261 -82.01 3.42 -37.29
CA SER E 261 -80.72 3.36 -36.61
C SER E 261 -80.53 2.09 -35.78
N VAL E 262 -81.49 1.17 -35.81
CA VAL E 262 -81.39 -0.09 -35.08
C VAL E 262 -81.27 -1.23 -36.07
N VAL E 263 -81.77 -1.01 -37.30
CA VAL E 263 -81.84 -2.06 -38.31
C VAL E 263 -80.95 -1.69 -39.50
N SER E 264 -79.85 -1.00 -39.22
CA SER E 264 -78.96 -0.53 -40.29
C SER E 264 -77.53 -0.55 -39.75
N PHE E 265 -76.65 0.18 -40.43
CA PHE E 265 -75.24 0.25 -40.05
C PHE E 265 -75.01 0.62 -38.59
N PRO E 266 -75.68 1.63 -38.01
CA PRO E 266 -75.40 1.96 -36.61
C PRO E 266 -75.87 0.86 -35.67
N ALA E 267 -74.91 0.17 -35.06
CA ALA E 267 -75.03 -0.80 -33.97
C ALA E 267 -75.61 -2.14 -34.40
N PHE E 268 -76.16 -2.27 -35.60
CA PHE E 268 -76.67 -3.54 -36.15
C PHE E 268 -77.39 -4.41 -35.12
N ALA E 269 -78.21 -3.80 -34.27
CA ALA E 269 -78.82 -4.52 -33.15
C ALA E 269 -80.22 -5.02 -33.52
N VAL E 270 -80.23 -6.02 -34.40
CA VAL E 270 -81.48 -6.61 -34.85
C VAL E 270 -81.23 -7.97 -35.49
N GLU E 271 -82.20 -8.88 -35.36
CA GLU E 271 -82.17 -10.15 -36.06
C GLU E 271 -83.46 -10.31 -36.84
N ASP E 272 -83.69 -11.50 -37.41
CA ASP E 272 -84.91 -11.81 -38.15
C ASP E 272 -85.10 -10.82 -39.31
N SER E 273 -84.19 -10.94 -40.28
CA SER E 273 -84.11 -10.05 -41.44
C SER E 273 -85.46 -9.78 -42.09
N GLN E 274 -86.40 -10.71 -41.98
CA GLN E 274 -87.76 -10.47 -42.47
C GLN E 274 -88.40 -9.30 -41.72
N LEU E 275 -88.21 -9.25 -40.39
CA LEU E 275 -88.72 -8.12 -39.61
C LEU E 275 -88.03 -6.83 -40.01
N VAL E 276 -86.73 -6.89 -40.33
CA VAL E 276 -86.01 -5.71 -40.78
C VAL E 276 -86.61 -5.19 -42.09
N GLU E 277 -86.87 -6.10 -43.03
CA GLU E 277 -87.47 -5.69 -44.29
C GLU E 277 -88.87 -5.12 -44.09
N LEU E 278 -89.66 -5.73 -43.21
CA LEU E 278 -91.00 -5.23 -42.94
C LEU E 278 -90.94 -3.83 -42.32
N THR E 279 -90.02 -3.61 -41.38
CA THR E 279 -89.87 -2.29 -40.76
C THR E 279 -89.45 -1.25 -41.80
N LYS E 280 -88.48 -1.60 -42.66
CA LYS E 280 -88.05 -0.67 -43.70
C LYS E 280 -89.20 -0.34 -44.64
N GLN E 281 -89.97 -1.35 -45.04
CA GLN E 281 -91.09 -1.12 -45.95
C GLN E 281 -92.16 -0.23 -45.31
N GLU E 282 -92.48 -0.48 -44.04
CA GLU E 282 -93.49 0.35 -43.38
C GLU E 282 -92.99 1.78 -43.18
N ILE E 283 -91.70 1.95 -42.88
CA ILE E 283 -91.13 3.29 -42.74
C ILE E 283 -91.21 4.03 -44.06
N ILE E 284 -90.86 3.35 -45.16
CA ILE E 284 -90.94 3.98 -46.48
C ILE E 284 -92.38 4.35 -46.81
N THR E 285 -93.32 3.44 -46.53
CA THR E 285 -94.71 3.69 -46.86
C THR E 285 -95.28 4.86 -46.07
N LYS E 286 -94.96 4.97 -44.78
CA LYS E 286 -95.61 5.94 -43.91
C LYS E 286 -94.82 7.22 -43.70
N LEU E 287 -93.58 7.31 -44.18
CA LEU E 287 -92.75 8.48 -43.89
C LEU E 287 -92.03 9.07 -45.09
N GLN E 288 -91.87 8.34 -46.19
CA GLN E 288 -91.08 8.85 -47.32
C GLN E 288 -91.76 10.07 -47.94
N GLY E 289 -90.95 11.08 -48.25
CA GLY E 289 -91.45 12.29 -48.89
C GLY E 289 -90.56 12.73 -50.05
N ARG E 290 -90.80 13.93 -50.56
CA ARG E 290 -90.02 14.43 -51.69
C ARG E 290 -88.68 15.02 -51.27
N TYR E 291 -88.48 15.30 -49.98
CA TYR E 291 -87.23 15.87 -49.48
C TYR E 291 -86.78 15.14 -48.23
N GLY E 292 -86.84 13.81 -48.25
CA GLY E 292 -86.48 12.99 -47.11
C GLY E 292 -87.70 12.37 -46.46
N CYS E 293 -87.45 11.82 -45.27
CA CYS E 293 -88.49 11.15 -44.51
C CYS E 293 -88.78 11.93 -43.23
N CYS E 294 -90.06 12.02 -42.88
CA CYS E 294 -90.46 12.69 -41.65
C CYS E 294 -90.01 11.91 -40.43
N ARG E 295 -89.82 12.62 -39.32
CA ARG E 295 -89.37 11.97 -38.09
C ARG E 295 -90.40 10.95 -37.60
N PHE E 296 -91.65 11.38 -37.45
CA PHE E 296 -92.74 10.51 -37.05
C PHE E 296 -94.05 11.23 -37.31
N LEU E 297 -95.14 10.47 -37.30
CA LEU E 297 -96.46 11.03 -37.56
C LEU E 297 -96.89 11.96 -36.42
N ARG E 298 -97.57 13.03 -36.79
CA ARG E 298 -98.11 14.01 -35.84
C ARG E 298 -97.00 14.62 -34.98
N ASP E 299 -96.09 15.31 -35.65
CA ASP E 299 -95.02 16.05 -34.97
C ASP E 299 -95.12 17.52 -35.35
N GLY E 300 -95.00 18.39 -34.36
CA GLY E 300 -95.12 19.82 -34.56
C GLY E 300 -93.81 20.59 -34.53
N TYR E 301 -92.67 19.92 -34.59
CA TYR E 301 -91.39 20.62 -34.57
C TYR E 301 -91.18 21.39 -35.86
N LYS E 302 -90.80 22.66 -35.75
CA LYS E 302 -90.56 23.55 -36.89
C LYS E 302 -91.79 23.65 -37.78
N THR E 303 -92.84 24.25 -37.20
CA THR E 303 -94.12 24.44 -37.87
C THR E 303 -94.47 25.92 -37.90
N PRO E 304 -95.29 26.35 -38.88
CA PRO E 304 -95.64 27.77 -38.99
C PRO E 304 -96.74 28.20 -38.03
N LYS E 305 -96.98 27.39 -37.01
CA LYS E 305 -98.09 27.62 -36.07
C LYS E 305 -97.63 27.15 -34.70
N GLU E 306 -98.60 26.90 -33.81
CA GLU E 306 -98.39 26.26 -32.50
C GLU E 306 -97.49 27.10 -31.58
N ASP E 307 -97.35 28.39 -31.88
CA ASP E 307 -96.57 29.31 -31.04
C ASP E 307 -95.16 28.77 -30.81
N PRO E 308 -94.26 28.86 -31.81
CA PRO E 308 -92.91 28.28 -31.68
C PRO E 308 -92.18 28.64 -30.39
N ASN E 309 -92.52 29.79 -29.79
CA ASN E 309 -91.95 30.20 -28.51
C ASN E 309 -92.80 29.67 -27.35
N ARG E 310 -93.03 28.36 -27.37
CA ARG E 310 -93.82 27.71 -26.34
C ARG E 310 -93.38 26.26 -26.21
N LEU E 311 -93.69 25.66 -25.07
CA LEU E 311 -93.35 24.27 -24.79
C LEU E 311 -94.55 23.59 -24.14
N TYR E 312 -94.49 22.26 -24.12
CA TYR E 312 -95.55 21.42 -23.54
C TYR E 312 -96.89 21.71 -24.23
N TYR E 313 -96.94 21.36 -25.52
CA TYR E 313 -98.09 21.66 -26.35
C TYR E 313 -99.34 20.96 -25.83
N GLU E 314 -100.45 21.69 -25.78
CA GLU E 314 -101.70 21.15 -25.29
C GLU E 314 -102.26 20.13 -26.28
N PRO E 315 -103.11 19.20 -25.81
CA PRO E 315 -103.67 18.20 -26.72
C PRO E 315 -104.67 18.80 -27.70
N ALA E 316 -104.15 19.51 -28.71
CA ALA E 316 -104.99 20.10 -29.76
C ALA E 316 -104.38 19.86 -31.13
N GLU E 317 -103.79 18.69 -31.35
CA GLU E 317 -103.10 18.36 -32.59
C GLU E 317 -103.92 17.40 -33.45
N LEU E 318 -105.24 17.59 -33.47
CA LEU E 318 -106.11 16.69 -34.23
C LEU E 318 -105.76 16.72 -35.72
N LYS E 319 -105.62 17.90 -36.30
CA LYS E 319 -105.24 18.03 -37.69
C LYS E 319 -104.27 19.18 -37.95
N LEU E 320 -103.81 19.89 -36.93
CA LEU E 320 -102.94 21.04 -37.14
C LEU E 320 -101.60 20.63 -37.73
N PHE E 321 -101.00 19.56 -37.21
CA PHE E 321 -99.68 19.12 -37.63
C PHE E 321 -99.72 17.89 -38.52
N GLU E 322 -100.89 17.52 -39.03
CA GLU E 322 -101.04 16.34 -39.87
C GLU E 322 -100.81 16.70 -41.33
N ASN E 323 -100.08 15.84 -42.03
CA ASN E 323 -99.80 15.90 -43.47
C ASN E 323 -98.88 17.06 -43.85
N ILE E 324 -98.36 17.82 -42.90
CA ILE E 324 -97.47 18.94 -43.22
C ILE E 324 -96.18 18.82 -42.40
N GLU E 325 -95.86 17.60 -41.97
CA GLU E 325 -94.65 17.38 -41.18
C GLU E 325 -93.40 17.58 -42.03
N CYS E 326 -92.34 18.05 -41.37
CA CYS E 326 -91.08 18.29 -42.05
C CYS E 326 -90.37 16.96 -42.35
N GLU E 327 -89.43 17.01 -43.28
CA GLU E 327 -88.68 15.84 -43.72
C GLU E 327 -87.19 16.09 -43.53
N TRP E 328 -86.47 15.04 -43.10
CA TRP E 328 -85.05 15.15 -42.79
C TRP E 328 -84.25 14.27 -43.73
N PRO E 329 -83.23 14.80 -44.42
CA PRO E 329 -82.43 13.95 -45.32
C PRO E 329 -81.50 13.00 -44.59
N LEU E 330 -81.34 13.13 -43.27
CA LEU E 330 -80.46 12.22 -42.54
C LEU E 330 -80.97 10.79 -42.63
N PHE E 331 -82.28 10.61 -42.73
CA PHE E 331 -82.82 9.27 -42.91
C PHE E 331 -82.53 8.74 -44.31
N TRP E 332 -82.47 9.62 -45.31
CA TRP E 332 -82.01 9.20 -46.63
C TRP E 332 -80.55 8.77 -46.58
N THR E 333 -79.73 9.48 -45.81
CA THR E 333 -78.33 9.06 -45.62
C THR E 333 -78.26 7.72 -44.92
N TYR E 334 -79.12 7.50 -43.92
CA TYR E 334 -79.17 6.20 -43.27
C TYR E 334 -79.56 5.09 -44.24
N PHE E 335 -80.53 5.38 -45.12
CA PHE E 335 -80.94 4.40 -46.12
C PHE E 335 -79.79 4.08 -47.08
N ILE E 336 -79.05 5.10 -47.51
CA ILE E 336 -77.93 4.85 -48.43
C ILE E 336 -76.83 4.08 -47.72
N LEU E 337 -76.63 4.34 -46.42
CA LEU E 337 -75.67 3.56 -45.64
C LEU E 337 -76.08 2.10 -45.58
N ASP E 338 -77.35 1.85 -45.29
CA ASP E 338 -77.85 0.47 -45.22
C ASP E 338 -77.71 -0.23 -46.55
N GLY E 339 -78.02 0.47 -47.65
CA GLY E 339 -77.86 -0.13 -48.96
C GLY E 339 -76.42 -0.45 -49.30
N VAL E 340 -75.51 0.50 -49.05
CA VAL E 340 -74.10 0.29 -49.38
C VAL E 340 -73.41 -0.68 -48.45
N PHE E 341 -73.99 -0.96 -47.29
CA PHE E 341 -73.31 -1.84 -46.33
C PHE E 341 -73.52 -3.31 -46.65
N SER E 342 -74.76 -3.80 -46.55
CA SER E 342 -75.00 -5.23 -46.62
C SER E 342 -74.71 -5.85 -47.98
N GLY E 343 -75.56 -5.59 -48.98
CA GLY E 343 -75.35 -6.17 -50.29
C GLY E 343 -75.88 -5.40 -51.49
N ASN E 344 -76.37 -4.18 -51.28
CA ASN E 344 -77.15 -3.48 -52.29
C ASN E 344 -76.28 -2.51 -53.07
N ALA E 345 -76.51 -2.43 -54.38
CA ALA E 345 -75.82 -1.48 -55.25
C ALA E 345 -76.78 -0.54 -55.96
N GLU E 346 -77.86 -1.07 -56.56
CA GLU E 346 -78.82 -0.22 -57.26
C GLU E 346 -79.52 0.74 -56.31
N GLN E 347 -79.88 0.25 -55.11
CA GLN E 347 -80.52 1.10 -54.13
C GLN E 347 -79.61 2.27 -53.74
N VAL E 348 -78.31 2.00 -53.62
CA VAL E 348 -77.36 3.06 -53.31
C VAL E 348 -77.37 4.14 -54.39
N GLN E 349 -77.36 3.70 -55.65
CA GLN E 349 -77.35 4.66 -56.76
C GLN E 349 -78.63 5.49 -56.77
N GLU E 350 -79.78 4.83 -56.60
CA GLU E 350 -81.03 5.57 -56.65
C GLU E 350 -81.16 6.55 -55.47
N TYR E 351 -80.71 6.14 -54.28
CA TYR E 351 -80.80 7.03 -53.13
C TYR E 351 -79.81 8.19 -53.26
N LYS E 352 -78.62 7.94 -53.81
CA LYS E 352 -77.68 9.02 -54.05
C LYS E 352 -78.24 10.01 -55.07
N GLU E 353 -78.87 9.50 -56.13
CA GLU E 353 -79.47 10.38 -57.12
C GLU E 353 -80.60 11.21 -56.51
N ALA E 354 -81.42 10.59 -55.66
CA ALA E 354 -82.48 11.34 -54.99
C ALA E 354 -81.92 12.40 -54.05
N LEU E 355 -80.86 12.07 -53.32
CA LEU E 355 -80.33 12.99 -52.32
C LEU E 355 -79.54 14.13 -52.95
N GLU E 356 -78.97 13.91 -54.14
CA GLU E 356 -78.19 14.97 -54.79
C GLU E 356 -79.07 16.18 -55.13
N ALA E 357 -80.36 15.95 -55.38
CA ALA E 357 -81.24 17.04 -55.77
C ALA E 357 -81.63 17.92 -54.58
N VAL E 358 -81.71 17.35 -53.38
CA VAL E 358 -82.17 18.10 -52.21
C VAL E 358 -80.99 18.81 -51.56
N LEU E 359 -79.79 18.61 -52.10
CA LEU E 359 -78.60 19.27 -51.61
C LEU E 359 -78.63 20.76 -51.94
N ILE E 360 -78.11 21.57 -51.01
CA ILE E 360 -78.02 23.01 -51.18
C ILE E 360 -76.55 23.41 -51.15
N LYS E 361 -76.14 24.20 -52.13
CA LYS E 361 -74.75 24.61 -52.23
C LYS E 361 -74.41 25.65 -51.16
N GLY E 362 -73.13 25.75 -50.83
CA GLY E 362 -72.66 26.70 -49.86
C GLY E 362 -71.53 27.57 -50.37
N LYS E 363 -70.65 28.01 -49.46
CA LYS E 363 -69.52 28.84 -49.86
C LYS E 363 -68.54 28.05 -50.72
N ASN E 364 -68.06 28.69 -51.78
CA ASN E 364 -67.13 28.07 -52.73
C ASN E 364 -67.70 26.78 -53.32
N GLY E 365 -69.01 26.71 -53.47
CA GLY E 365 -69.65 25.54 -54.02
C GLY E 365 -69.50 24.29 -53.17
N VAL E 366 -69.61 24.43 -51.85
CA VAL E 366 -69.47 23.30 -50.93
C VAL E 366 -70.85 22.66 -50.75
N PRO E 367 -70.96 21.34 -50.76
CA PRO E 367 -72.24 20.71 -50.45
C PRO E 367 -72.59 20.88 -48.98
N LEU E 368 -73.88 21.08 -48.72
CA LEU E 368 -74.39 21.23 -47.36
C LEU E 368 -75.74 20.53 -47.24
N LEU E 369 -75.94 19.84 -46.11
CA LEU E 369 -77.19 19.13 -45.87
C LEU E 369 -78.09 19.96 -44.97
N PRO E 370 -79.23 20.46 -45.45
CA PRO E 370 -80.12 21.22 -44.58
C PRO E 370 -80.75 20.33 -43.52
N GLU E 371 -81.11 20.96 -42.39
CA GLU E 371 -81.68 20.20 -41.28
C GLU E 371 -83.03 19.59 -41.66
N LEU E 372 -83.91 20.37 -42.27
CA LEU E 372 -85.23 19.90 -42.64
C LEU E 372 -85.82 20.84 -43.68
N TYR E 373 -86.90 20.39 -44.31
CA TYR E 373 -87.67 21.22 -45.23
C TYR E 373 -89.06 21.49 -44.66
N VAL E 375 -93.01 23.34 -44.91
CA VAL E 375 -94.07 23.83 -45.80
C VAL E 375 -94.34 25.30 -45.54
N PRO E 376 -94.39 26.10 -46.60
CA PRO E 376 -94.71 27.52 -46.45
C PRO E 376 -96.09 27.71 -45.83
N PRO E 377 -96.25 28.73 -44.99
CA PRO E 377 -97.56 28.93 -44.33
C PRO E 377 -98.70 29.18 -45.30
N ASP E 378 -98.43 29.83 -46.43
CA ASP E 378 -99.50 30.13 -47.38
C ASP E 378 -100.06 28.86 -48.00
N ARG E 379 -99.20 27.92 -48.37
CA ARG E 379 -99.62 26.69 -49.05
C ARG E 379 -99.75 25.54 -48.05
N VAL E 380 -100.69 25.71 -47.11
CA VAL E 380 -100.97 24.69 -46.12
C VAL E 380 -102.21 23.87 -46.49
N ASP E 381 -103.27 24.55 -46.92
CA ASP E 381 -104.49 23.84 -47.32
C ASP E 381 -104.24 22.98 -48.56
N GLU E 382 -103.39 23.47 -49.47
CA GLU E 382 -103.06 22.68 -50.65
C GLU E 382 -102.34 21.38 -50.28
N GLU E 383 -101.40 21.46 -49.34
CA GLU E 383 -100.72 20.25 -48.87
C GLU E 383 -101.67 19.33 -48.12
N TYR E 384 -102.55 19.90 -47.30
CA TYR E 384 -103.50 19.08 -46.56
C TYR E 384 -104.44 18.33 -47.49
N GLN E 385 -104.97 19.01 -48.51
CA GLN E 385 -105.86 18.36 -49.45
C GLN E 385 -105.10 17.48 -50.44
N ASN E 386 -103.91 17.92 -50.86
CA ASN E 386 -103.07 17.18 -51.81
C ASN E 386 -101.73 16.90 -51.13
N PRO E 387 -101.57 15.73 -50.50
CA PRO E 387 -100.32 15.44 -49.81
C PRO E 387 -99.15 15.32 -50.77
N HIS E 388 -97.98 15.77 -50.31
CA HIS E 388 -96.72 15.67 -51.05
C HIS E 388 -96.85 16.31 -52.44
N THR E 389 -97.42 17.52 -52.47
CA THR E 389 -97.62 18.20 -53.74
C THR E 389 -96.98 19.59 -53.73
N VAL E 390 -97.01 20.26 -52.58
CA VAL E 390 -96.43 21.60 -52.45
C VAL E 390 -94.92 21.50 -52.36
N ASP E 391 -94.23 22.63 -52.52
CA ASP E 391 -92.78 22.69 -52.46
C ASP E 391 -92.35 23.33 -51.15
N ARG E 392 -91.45 22.67 -50.44
CA ARG E 392 -90.98 23.16 -49.16
C ARG E 392 -89.75 24.04 -49.35
N VAL E 393 -89.25 24.61 -48.25
CA VAL E 393 -88.08 25.49 -48.29
C VAL E 393 -87.11 25.03 -47.21
N PRO E 394 -85.80 25.18 -47.46
CA PRO E 394 -84.82 24.80 -46.44
C PRO E 394 -84.81 25.78 -45.28
N MET E 395 -84.70 25.23 -44.08
CA MET E 395 -84.59 26.05 -42.88
C MET E 395 -83.98 25.21 -41.76
N GLY E 396 -83.48 25.89 -40.74
CA GLY E 396 -82.82 25.23 -39.64
C GLY E 396 -81.32 25.37 -39.72
N LYS E 397 -80.63 24.39 -39.13
CA LYS E 397 -79.17 24.36 -39.17
C LYS E 397 -78.71 23.98 -40.57
N LEU E 398 -78.28 24.96 -41.35
CA LEU E 398 -77.80 24.68 -42.71
C LEU E 398 -76.60 23.76 -42.73
N PRO E 399 -75.53 23.97 -41.93
CA PRO E 399 -74.44 22.98 -41.91
C PRO E 399 -74.68 21.90 -40.84
N HIS E 400 -75.64 21.01 -41.11
CA HIS E 400 -75.97 19.94 -40.19
C HIS E 400 -74.81 18.97 -40.08
N MET E 401 -74.11 18.99 -38.93
CA MET E 401 -72.91 18.18 -38.79
C MET E 401 -73.22 16.68 -38.84
N TRP E 402 -74.31 16.26 -38.19
CA TRP E 402 -74.68 14.85 -38.19
C TRP E 402 -74.97 14.36 -39.60
N GLY E 403 -75.85 15.07 -40.32
CA GLY E 403 -76.21 14.66 -41.66
C GLY E 403 -75.06 14.75 -42.64
N GLN E 404 -74.26 15.82 -42.55
CA GLN E 404 -73.12 15.97 -43.43
C GLN E 404 -72.10 14.87 -43.20
N SER E 405 -71.83 14.54 -41.92
CA SER E 405 -70.88 13.47 -41.62
C SER E 405 -71.39 12.13 -42.12
N LEU E 406 -72.68 11.85 -41.93
CA LEU E 406 -73.24 10.60 -42.42
C LEU E 406 -73.16 10.51 -43.94
N TYR E 407 -73.47 11.61 -44.64
CA TYR E 407 -73.40 11.61 -46.10
C TYR E 407 -71.97 11.44 -46.58
N ILE E 408 -71.00 12.08 -45.90
CA ILE E 408 -69.60 11.93 -46.27
C ILE E 408 -69.15 10.50 -46.09
N LEU E 409 -69.53 9.89 -44.96
CA LEU E 409 -69.16 8.49 -44.72
C LEU E 409 -69.78 7.58 -45.77
N GLY E 410 -71.04 7.81 -46.12
CA GLY E 410 -71.68 7.00 -47.15
C GLY E 410 -71.03 7.16 -48.52
N SER E 411 -70.69 8.39 -48.89
CA SER E 411 -70.01 8.62 -50.16
C SER E 411 -68.65 7.94 -50.19
N LEU E 412 -67.91 8.01 -49.08
CA LEU E 412 -66.61 7.35 -49.02
C LEU E 412 -66.76 5.83 -49.11
N MET E 413 -67.79 5.28 -48.45
CA MET E 413 -68.07 3.85 -48.56
C MET E 413 -68.39 3.46 -50.00
N ALA E 414 -69.21 4.26 -50.68
CA ALA E 414 -69.63 3.92 -52.03
C ALA E 414 -68.50 4.05 -53.03
N GLU E 415 -67.60 5.03 -52.83
CA GLU E 415 -66.52 5.24 -53.77
C GLU E 415 -65.47 4.14 -53.74
N GLY E 416 -65.51 3.27 -52.73
CA GLY E 416 -64.60 2.15 -52.64
C GLY E 416 -63.31 2.42 -51.89
N PHE E 417 -63.07 3.66 -51.45
CA PHE E 417 -61.87 3.96 -50.70
C PHE E 417 -61.85 3.29 -49.33
N LEU E 418 -63.00 2.84 -48.85
CA LEU E 418 -63.10 2.19 -47.55
C LEU E 418 -63.92 0.92 -47.68
N ALA E 419 -63.66 -0.02 -46.78
CA ALA E 419 -64.33 -1.31 -46.77
C ALA E 419 -65.26 -1.44 -45.56
N PRO E 420 -66.32 -2.23 -45.68
CA PRO E 420 -67.21 -2.43 -44.51
C PRO E 420 -66.51 -3.08 -43.33
N GLY E 421 -65.41 -3.79 -43.55
CA GLY E 421 -64.68 -4.42 -42.48
C GLY E 421 -63.77 -3.50 -41.68
N GLU E 422 -63.66 -2.24 -42.07
CA GLU E 422 -62.83 -1.28 -41.35
C GLU E 422 -63.59 -0.59 -40.23
N ILE E 423 -64.75 0.00 -40.55
CA ILE E 423 -65.59 0.64 -39.54
C ILE E 423 -66.16 -0.36 -38.54
N ASP E 424 -66.27 -1.62 -38.91
CA ASP E 424 -66.86 -2.66 -38.06
C ASP E 424 -65.88 -3.81 -37.91
N PRO E 425 -64.83 -3.64 -37.11
CA PRO E 425 -63.91 -4.76 -36.85
C PRO E 425 -64.51 -5.82 -35.94
N LEU E 426 -65.63 -5.53 -35.28
CA LEU E 426 -66.29 -6.48 -34.40
C LEU E 426 -67.30 -7.34 -35.12
N ASN E 427 -67.15 -7.52 -36.45
CA ASN E 427 -67.96 -8.41 -37.30
C ASN E 427 -69.42 -8.48 -36.87
N ARG E 428 -70.04 -7.30 -36.71
CA ARG E 428 -71.45 -7.19 -36.41
C ARG E 428 -72.33 -7.23 -37.66
N ARG E 429 -71.72 -7.30 -38.85
CA ARG E 429 -72.49 -7.33 -40.09
C ARG E 429 -73.28 -8.62 -40.21
N PHE E 430 -72.78 -9.72 -39.64
CA PHE E 430 -73.42 -11.03 -39.76
C PHE E 430 -74.33 -11.34 -38.58
N SER E 431 -74.92 -10.32 -37.95
CA SER E 431 -75.84 -10.56 -36.84
C SER E 431 -77.14 -11.22 -37.29
N THR E 432 -77.45 -11.15 -38.59
CA THR E 432 -78.67 -11.74 -39.12
C THR E 432 -78.48 -13.17 -39.61
N VAL E 433 -77.28 -13.72 -39.49
CA VAL E 433 -77.04 -15.10 -39.92
C VAL E 433 -77.78 -16.06 -38.98
N PRO E 434 -78.60 -16.97 -39.50
CA PRO E 434 -79.32 -17.88 -38.61
C PRO E 434 -78.38 -18.80 -37.85
N LYS E 435 -78.74 -19.09 -36.60
CA LYS E 435 -77.97 -19.99 -35.76
C LYS E 435 -78.38 -21.44 -36.03
N PRO E 436 -77.44 -22.32 -36.39
CA PRO E 436 -77.81 -23.68 -36.76
C PRO E 436 -78.46 -24.47 -35.63
N ASP E 437 -77.76 -24.61 -34.51
CA ASP E 437 -78.25 -25.38 -33.37
C ASP E 437 -77.26 -25.20 -32.22
N VAL E 438 -77.61 -25.78 -31.08
CA VAL E 438 -76.76 -25.76 -29.89
C VAL E 438 -77.09 -26.98 -29.04
N VAL E 439 -76.05 -27.60 -28.48
CA VAL E 439 -76.19 -28.76 -27.60
C VAL E 439 -75.86 -28.33 -26.18
N VAL E 440 -76.77 -28.60 -25.26
CA VAL E 440 -76.61 -28.23 -23.86
C VAL E 440 -76.14 -29.45 -23.08
N GLN E 441 -75.19 -29.25 -22.17
CA GLN E 441 -74.67 -30.31 -21.32
C GLN E 441 -75.18 -30.10 -19.90
N VAL E 442 -75.58 -31.19 -19.25
CA VAL E 442 -76.08 -31.16 -17.88
C VAL E 442 -75.32 -32.19 -17.07
N SER E 443 -75.26 -31.98 -15.75
CA SER E 443 -74.59 -32.88 -14.82
C SER E 443 -75.48 -33.07 -13.60
N ILE E 444 -75.48 -34.29 -13.06
CA ILE E 444 -76.29 -34.64 -11.90
C ILE E 444 -75.36 -35.08 -10.78
N LEU E 445 -75.51 -34.46 -9.61
CA LEU E 445 -74.66 -34.71 -8.46
C LEU E 445 -75.49 -35.10 -7.25
N ALA E 446 -75.03 -36.09 -6.50
CA ALA E 446 -75.71 -36.58 -5.32
C ALA E 446 -75.14 -35.92 -4.08
N GLU E 447 -76.02 -35.37 -3.24
CA GLU E 447 -75.56 -34.70 -2.03
C GLU E 447 -74.92 -35.68 -1.06
N THR E 448 -75.50 -36.86 -0.91
CA THR E 448 -75.05 -37.84 0.07
C THR E 448 -74.85 -39.19 -0.62
N GLU E 449 -74.29 -40.15 0.13
CA GLU E 449 -74.05 -41.47 -0.42
C GLU E 449 -75.35 -42.22 -0.68
N GLU E 450 -76.36 -42.01 0.18
CA GLU E 450 -77.63 -42.70 0.00
C GLU E 450 -78.30 -42.31 -1.31
N ILE E 451 -78.26 -41.03 -1.65
CA ILE E 451 -78.85 -40.57 -2.91
C ILE E 451 -78.11 -41.18 -4.09
N LYS E 452 -76.77 -41.24 -4.01
CA LYS E 452 -75.99 -41.83 -5.09
C LYS E 452 -76.32 -43.31 -5.26
N THR E 453 -76.44 -44.05 -4.16
CA THR E 453 -76.80 -45.46 -4.25
C THR E 453 -78.21 -45.65 -4.82
N ILE E 454 -79.15 -44.82 -4.37
CA ILE E 454 -80.53 -44.90 -4.86
C ILE E 454 -80.58 -44.59 -6.35
N LEU E 455 -79.73 -43.68 -6.81
CA LEU E 455 -79.64 -43.42 -8.23
C LEU E 455 -78.97 -44.58 -8.95
N LYS E 456 -78.06 -45.28 -8.26
CA LYS E 456 -77.29 -46.35 -8.89
C LYS E 456 -78.15 -47.58 -9.17
N ASP E 457 -78.95 -48.02 -8.18
CA ASP E 457 -79.71 -49.25 -8.42
C ASP E 457 -80.86 -49.01 -9.40
N LYS E 458 -81.13 -47.75 -9.74
CA LYS E 458 -82.10 -47.40 -10.76
C LYS E 458 -81.46 -47.21 -12.14
N GLY E 459 -80.23 -47.66 -12.32
CA GLY E 459 -79.58 -47.61 -13.62
C GLY E 459 -79.02 -46.27 -14.02
N ILE E 460 -78.77 -45.38 -13.07
CA ILE E 460 -78.22 -44.06 -13.34
C ILE E 460 -76.93 -43.90 -12.55
N TYR E 461 -75.86 -43.50 -13.22
CA TYR E 461 -74.54 -43.35 -12.62
C TYR E 461 -74.24 -41.86 -12.43
N VAL E 462 -74.04 -41.45 -11.18
CA VAL E 462 -73.79 -40.07 -10.82
C VAL E 462 -72.53 -40.00 -9.95
N GLU E 463 -72.06 -38.79 -9.71
CA GLU E 463 -70.94 -38.53 -8.80
C GLU E 463 -71.43 -37.70 -7.63
N THR E 464 -70.93 -38.04 -6.43
CA THR E 464 -71.39 -37.36 -5.23
C THR E 464 -70.80 -35.95 -5.16
N ILE E 465 -71.19 -35.23 -4.10
CA ILE E 465 -70.67 -33.88 -3.89
C ILE E 465 -69.17 -33.92 -3.66
N ALA E 466 -68.70 -34.89 -2.89
CA ALA E 466 -67.28 -35.07 -2.69
C ALA E 466 -66.65 -35.70 -3.93
N GLU E 467 -65.36 -36.02 -3.85
CA GLU E 467 -64.56 -36.67 -4.89
C GLU E 467 -64.31 -35.75 -6.08
N VAL E 468 -64.94 -34.58 -6.11
CA VAL E 468 -64.78 -33.64 -7.21
C VAL E 468 -64.04 -32.41 -6.69
N TYR E 469 -63.18 -32.64 -5.67
CA TYR E 469 -62.44 -31.59 -4.97
C TYR E 469 -61.93 -30.44 -5.84
N PRO E 470 -61.37 -30.66 -7.04
CA PRO E 470 -60.98 -29.51 -7.87
C PRO E 470 -62.15 -28.62 -8.26
N ILE E 471 -63.38 -29.13 -8.23
CA ILE E 471 -64.56 -28.36 -8.59
C ILE E 471 -65.42 -28.16 -7.35
N ARG E 472 -65.91 -26.93 -7.19
CA ARG E 472 -66.73 -26.56 -6.04
C ARG E 472 -68.09 -26.08 -6.52
N VAL E 473 -69.13 -26.47 -5.78
CA VAL E 473 -70.52 -26.16 -6.15
C VAL E 473 -71.17 -25.40 -4.99
N GLN E 474 -71.68 -24.21 -5.29
CA GLN E 474 -72.44 -23.42 -4.34
C GLN E 474 -73.67 -22.86 -5.04
N PRO E 475 -74.68 -22.44 -4.29
CA PRO E 475 -75.83 -21.76 -4.91
C PRO E 475 -75.42 -20.43 -5.55
N ALA E 476 -76.40 -19.80 -6.19
CA ALA E 476 -76.14 -18.60 -6.97
C ALA E 476 -75.95 -17.34 -6.13
N ARG E 477 -76.34 -17.36 -4.85
CA ARG E 477 -76.22 -16.16 -4.03
C ARG E 477 -74.76 -15.79 -3.82
N ILE E 478 -73.88 -16.79 -3.74
CA ILE E 478 -72.44 -16.53 -3.62
C ILE E 478 -71.94 -15.84 -4.87
N LEU E 479 -72.37 -16.31 -6.04
CA LEU E 479 -71.97 -15.72 -7.31
C LEU E 479 -72.47 -14.28 -7.38
N HIS E 481 -73.10 -12.23 -4.78
CA HIS E 481 -72.29 -11.42 -3.86
C HIS E 481 -70.90 -11.16 -4.43
N ILE E 482 -70.38 -12.12 -5.20
CA ILE E 482 -69.08 -11.95 -5.84
C ILE E 482 -69.17 -10.88 -6.92
N TYR E 483 -70.20 -10.95 -7.77
CA TYR E 483 -70.35 -9.95 -8.82
C TYR E 483 -70.69 -8.58 -8.25
N SER E 484 -71.25 -8.53 -7.04
CA SER E 484 -71.56 -7.24 -6.42
C SER E 484 -70.30 -6.45 -6.11
N SER E 485 -69.13 -7.10 -6.06
CA SER E 485 -67.87 -6.44 -5.78
C SER E 485 -67.05 -6.19 -7.05
N LEU E 486 -67.72 -5.93 -8.17
CA LEU E 486 -67.07 -5.67 -9.44
C LEU E 486 -67.08 -4.18 -9.73
N GLY E 487 -65.93 -3.65 -10.12
CA GLY E 487 -65.82 -2.22 -10.39
C GLY E 487 -66.01 -1.35 -9.16
N CYS E 488 -65.41 -1.74 -8.04
CA CYS E 488 -65.53 -1.02 -6.79
C CYS E 488 -64.29 -0.16 -6.57
N ASN E 489 -64.50 1.13 -6.35
CA ASN E 489 -63.42 2.08 -6.11
C ASN E 489 -63.79 2.98 -4.93
N ASN E 490 -63.10 2.78 -3.82
CA ASN E 490 -63.30 3.58 -2.61
C ASN E 490 -62.95 5.05 -2.79
N ARG E 491 -61.86 5.34 -3.49
CA ARG E 491 -61.45 6.73 -3.69
C ARG E 491 -62.49 7.50 -4.51
N MET E 492 -63.04 6.87 -5.54
CA MET E 492 -64.02 7.52 -6.41
C MET E 492 -65.46 7.36 -5.93
N LYS E 493 -65.65 6.84 -4.72
CA LYS E 493 -66.98 6.66 -4.14
C LYS E 493 -67.88 5.83 -5.05
N LEU E 494 -67.30 4.77 -5.60
CA LEU E 494 -68.02 3.84 -6.47
C LEU E 494 -68.36 2.58 -5.68
N SER E 495 -69.64 2.23 -5.66
CA SER E 495 -70.13 1.09 -4.90
C SER E 495 -70.17 -0.20 -5.71
N GLY E 496 -69.78 -0.16 -6.98
CA GLY E 496 -69.80 -1.35 -7.80
C GLY E 496 -71.20 -1.73 -8.25
N ARG E 497 -71.28 -2.92 -8.83
CA ARG E 497 -72.57 -3.42 -9.33
C ARG E 497 -73.50 -3.72 -8.16
N PRO E 498 -74.74 -3.23 -8.20
CA PRO E 498 -75.69 -3.56 -7.12
C PRO E 498 -76.06 -5.04 -7.14
N TYR E 499 -76.53 -5.51 -5.98
CA TYR E 499 -76.92 -6.91 -5.86
C TYR E 499 -78.17 -7.18 -6.69
N ARG E 500 -78.03 -8.00 -7.73
CA ARG E 500 -79.15 -8.36 -8.58
C ARG E 500 -79.14 -9.86 -8.82
N HIS E 501 -80.32 -10.41 -9.10
CA HIS E 501 -80.42 -11.83 -9.41
C HIS E 501 -79.87 -12.11 -10.82
N MET E 502 -79.57 -13.38 -11.07
CA MET E 502 -79.04 -13.82 -12.35
C MET E 502 -79.94 -14.91 -12.93
N GLY E 503 -80.11 -14.90 -14.25
CA GLY E 503 -80.88 -15.92 -14.92
C GLY E 503 -80.10 -17.20 -15.10
N VAL E 504 -80.71 -18.13 -15.85
CA VAL E 504 -80.07 -19.41 -16.09
C VAL E 504 -78.90 -19.25 -17.06
N LEU E 505 -78.86 -18.14 -17.78
CA LEU E 505 -77.77 -17.91 -18.74
C LEU E 505 -76.47 -17.52 -18.04
N GLY E 506 -76.53 -17.09 -16.78
CA GLY E 506 -75.33 -16.72 -16.06
C GLY E 506 -74.70 -17.87 -15.29
N THR E 507 -75.54 -18.69 -14.65
CA THR E 507 -75.03 -19.82 -13.89
C THR E 507 -74.57 -20.96 -14.77
N SER E 508 -74.99 -20.98 -16.03
CA SER E 508 -74.59 -22.07 -16.94
C SER E 508 -73.10 -22.05 -17.20
N LYS E 509 -72.53 -20.87 -17.39
CA LYS E 509 -71.10 -20.77 -17.69
C LYS E 509 -70.26 -21.15 -16.48
N LEU E 510 -69.03 -21.56 -16.75
CA LEU E 510 -68.08 -21.90 -15.71
C LEU E 510 -67.27 -20.67 -15.32
N TYR E 511 -66.87 -20.62 -14.05
CA TYR E 511 -66.13 -19.50 -13.50
C TYR E 511 -64.83 -19.99 -12.89
N ASP E 512 -63.76 -19.24 -13.11
CA ASP E 512 -62.44 -19.54 -12.58
C ASP E 512 -61.98 -18.40 -11.69
N ILE E 513 -61.83 -18.67 -10.40
CA ILE E 513 -61.37 -17.70 -9.43
C ILE E 513 -60.28 -18.34 -8.58
N ARG E 514 -59.18 -17.61 -8.38
CA ARG E 514 -58.03 -18.10 -7.60
C ARG E 514 -57.53 -19.44 -8.12
N LYS E 515 -57.46 -19.56 -9.45
CA LYS E 515 -56.99 -20.76 -10.13
C LYS E 515 -57.81 -22.00 -9.73
N THR E 516 -59.11 -21.80 -9.51
CA THR E 516 -60.02 -22.89 -9.15
C THR E 516 -61.28 -22.80 -10.00
N ILE E 517 -61.68 -23.93 -10.56
CA ILE E 517 -62.89 -23.98 -11.39
C ILE E 517 -64.10 -24.05 -10.48
N PHE E 518 -65.07 -23.16 -10.72
CA PHE E 518 -66.26 -23.04 -9.90
C PHE E 518 -67.50 -23.22 -10.76
N THR E 519 -68.43 -24.05 -10.29
CA THR E 519 -69.71 -24.27 -10.94
C THR E 519 -70.83 -23.90 -9.97
N PHE E 520 -71.82 -23.16 -10.46
CA PHE E 520 -72.91 -22.67 -9.64
C PHE E 520 -74.22 -23.26 -10.13
N THR E 521 -75.02 -23.75 -9.18
CA THR E 521 -76.32 -24.30 -9.51
C THR E 521 -77.27 -23.18 -9.95
N PRO E 522 -78.28 -23.51 -10.77
CA PRO E 522 -79.27 -22.50 -11.14
C PRO E 522 -79.98 -21.94 -9.92
N GLN E 523 -80.36 -20.67 -9.99
CA GLN E 523 -80.90 -19.95 -8.85
C GLN E 523 -82.26 -20.49 -8.41
N PHE E 524 -82.93 -21.26 -9.25
CA PHE E 524 -84.31 -21.69 -8.97
C PHE E 524 -84.40 -22.82 -7.95
N ILE E 525 -83.31 -23.50 -7.63
CA ILE E 525 -83.36 -24.64 -6.73
C ILE E 525 -83.19 -24.22 -5.26
N ASP E 526 -83.30 -22.92 -4.99
CA ASP E 526 -83.16 -22.41 -3.63
C ASP E 526 -84.55 -22.42 -2.97
N GLN E 527 -84.79 -23.41 -2.12
CA GLN E 527 -86.05 -23.49 -1.40
C GLN E 527 -86.13 -22.46 -0.27
N GLN E 528 -84.98 -21.96 0.18
CA GLN E 528 -84.99 -20.94 1.24
C GLN E 528 -85.60 -19.64 0.75
N GLN E 529 -85.31 -19.25 -0.49
CA GLN E 529 -85.83 -17.98 -1.02
C GLN E 529 -87.36 -18.02 -1.13
N PHE E 530 -87.91 -19.11 -1.64
CA PHE E 530 -89.35 -19.22 -1.80
C PHE E 530 -89.73 -20.70 -1.83
N TYR E 531 -91.02 -20.95 -1.64
CA TYR E 531 -91.55 -22.30 -1.57
C TYR E 531 -91.86 -22.90 -2.94
N LEU E 532 -91.62 -22.15 -4.02
CA LEU E 532 -91.94 -22.65 -5.36
C LEU E 532 -91.11 -23.87 -5.71
N ALA E 533 -89.88 -23.96 -5.17
CA ALA E 533 -89.02 -25.09 -5.46
C ALA E 533 -89.46 -26.37 -4.74
N LEU E 534 -90.40 -26.27 -3.79
CA LEU E 534 -90.84 -27.46 -3.07
C LEU E 534 -91.61 -28.41 -3.98
N ASP E 535 -92.47 -27.87 -4.84
CA ASP E 535 -93.29 -28.71 -5.71
C ASP E 535 -92.45 -29.37 -6.79
N ASN E 536 -92.61 -30.68 -6.93
CA ASN E 536 -91.82 -31.44 -7.91
C ASN E 536 -92.29 -31.17 -9.33
N LYS E 537 -93.60 -31.09 -9.55
CA LYS E 537 -94.12 -30.77 -10.87
C LYS E 537 -93.67 -29.38 -11.31
N MET E 538 -93.69 -28.42 -10.38
CA MET E 538 -93.14 -27.10 -10.67
C MET E 538 -91.67 -27.20 -11.06
N ILE E 539 -90.89 -27.99 -10.30
CA ILE E 539 -89.46 -28.12 -10.57
C ILE E 539 -89.24 -28.61 -12.00
N VAL E 540 -89.91 -29.70 -12.37
CA VAL E 540 -89.66 -30.28 -13.69
C VAL E 540 -90.20 -29.36 -14.79
N GLU E 541 -91.34 -28.72 -14.56
CA GLU E 541 -91.93 -27.87 -15.60
C GLU E 541 -91.05 -26.67 -15.90
N MET E 542 -90.67 -25.89 -14.88
CA MET E 542 -89.90 -24.70 -15.21
C MET E 542 -88.44 -25.05 -15.45
N LEU E 543 -88.00 -26.25 -15.06
CA LEU E 543 -86.71 -26.75 -15.52
C LEU E 543 -86.73 -26.97 -17.02
N ARG E 544 -87.80 -27.58 -17.53
CA ARG E 544 -87.98 -27.68 -18.98
C ARG E 544 -88.02 -26.30 -19.61
N THR E 545 -88.70 -25.36 -18.96
CA THR E 545 -88.79 -24.00 -19.48
C THR E 545 -87.41 -23.35 -19.61
N ASP E 546 -86.58 -23.45 -18.57
CA ASP E 546 -85.28 -22.82 -18.61
C ASP E 546 -84.35 -23.55 -19.56
N LEU E 547 -84.51 -24.87 -19.71
CA LEU E 547 -83.75 -25.62 -20.69
C LEU E 547 -84.07 -25.12 -22.10
N TYR E 549 -85.25 -22.16 -22.84
CA TYR E 549 -84.70 -20.80 -22.92
C TYR E 549 -83.21 -20.83 -23.26
N LEU E 550 -82.47 -21.69 -22.58
CA LEU E 550 -81.04 -21.82 -22.85
C LEU E 550 -80.80 -22.32 -24.27
N CYS E 551 -81.58 -23.30 -24.72
CA CYS E 551 -81.42 -23.84 -26.06
C CYS E 551 -81.79 -22.83 -27.14
N SER E 552 -82.66 -21.87 -26.83
CA SER E 552 -83.16 -20.98 -27.86
C SER E 552 -82.08 -20.00 -28.34
N ARG E 553 -81.63 -19.11 -27.46
CA ARG E 553 -80.72 -18.04 -27.88
C ARG E 553 -79.26 -18.48 -27.87
N TRP E 554 -78.72 -18.76 -26.68
CA TRP E 554 -77.31 -19.06 -26.46
C TRP E 554 -76.40 -18.22 -27.36
N ARG E 555 -76.54 -16.90 -27.22
CA ARG E 555 -75.71 -15.99 -28.00
C ARG E 555 -74.25 -15.96 -27.57
N MET E 556 -73.92 -16.60 -26.45
CA MET E 556 -72.57 -16.53 -25.91
C MET E 556 -71.72 -17.68 -26.42
N THR E 557 -70.44 -17.39 -26.67
CA THR E 557 -69.51 -18.37 -27.20
C THR E 557 -69.29 -19.51 -26.21
N GLY E 558 -69.06 -20.70 -26.75
CA GLY E 558 -68.79 -21.88 -25.95
C GLY E 558 -70.02 -22.71 -25.68
N GLN E 559 -69.80 -23.88 -25.10
CA GLN E 559 -70.88 -24.80 -24.74
C GLN E 559 -71.37 -24.51 -23.32
N PRO E 560 -72.66 -24.73 -23.06
CA PRO E 560 -73.18 -24.48 -21.71
C PRO E 560 -73.08 -25.71 -20.82
N THR E 561 -73.26 -25.52 -19.51
CA THR E 561 -73.20 -26.61 -18.55
C THR E 561 -74.19 -26.34 -17.43
N ILE E 562 -75.00 -27.34 -17.09
CA ILE E 562 -76.02 -27.22 -16.05
C ILE E 562 -75.76 -28.30 -15.01
N THR E 563 -75.81 -27.91 -13.73
CA THR E 563 -75.66 -28.84 -12.62
C THR E 563 -76.98 -28.96 -11.89
N PHE E 564 -77.42 -30.20 -11.68
CA PHE E 564 -78.69 -30.49 -11.01
C PHE E 564 -78.46 -31.42 -9.84
N PRO E 565 -78.05 -30.90 -8.68
CA PRO E 565 -77.99 -31.74 -7.48
C PRO E 565 -79.37 -32.26 -7.10
N ILE E 566 -79.42 -33.50 -6.64
CA ILE E 566 -80.64 -34.12 -6.15
C ILE E 566 -80.62 -34.02 -4.63
N SER E 567 -81.45 -33.13 -4.08
CA SER E 567 -81.50 -32.89 -2.64
C SER E 567 -82.34 -33.96 -1.95
N HIS E 568 -82.66 -33.71 -0.69
CA HIS E 568 -83.43 -34.63 0.12
C HIS E 568 -84.92 -34.30 0.19
N SER E 569 -85.37 -33.29 -0.54
CA SER E 569 -86.73 -32.79 -0.40
C SER E 569 -87.72 -33.44 -1.35
N MET E 570 -87.29 -33.99 -2.48
CA MET E 570 -88.19 -34.58 -3.46
C MET E 570 -88.29 -36.09 -3.34
N LEU E 571 -87.74 -36.69 -2.29
CA LEU E 571 -87.91 -38.11 -2.07
C LEU E 571 -89.35 -38.42 -1.70
N ASP E 572 -89.70 -39.71 -1.78
CA ASP E 572 -91.06 -40.13 -1.51
C ASP E 572 -91.36 -40.04 -0.01
N GLU E 573 -92.56 -40.48 0.36
CA GLU E 573 -92.96 -40.46 1.77
C GLU E 573 -92.08 -41.37 2.61
N ASP E 574 -91.75 -42.55 2.09
CA ASP E 574 -90.87 -43.47 2.82
C ASP E 574 -89.41 -43.03 2.82
N GLY E 575 -89.03 -42.10 1.95
CA GLY E 575 -87.65 -41.65 1.90
C GLY E 575 -86.67 -42.71 1.47
N THR E 576 -87.03 -43.52 0.47
CA THR E 576 -86.17 -44.58 -0.02
C THR E 576 -86.01 -44.60 -1.53
N SER E 577 -86.78 -43.81 -2.28
CA SER E 577 -86.68 -43.79 -3.72
C SER E 577 -87.08 -42.40 -4.22
N LEU E 578 -86.68 -42.10 -5.45
CA LEU E 578 -87.00 -40.81 -6.05
C LEU E 578 -88.46 -40.76 -6.49
N ASN E 579 -88.97 -39.54 -6.64
CA ASN E 579 -90.33 -39.35 -7.10
C ASN E 579 -90.46 -39.71 -8.58
N SER E 580 -91.71 -39.90 -9.01
CA SER E 580 -91.97 -40.30 -10.38
C SER E 580 -91.55 -39.23 -11.38
N SER E 581 -91.85 -37.96 -11.07
CA SER E 581 -91.59 -36.88 -12.02
C SER E 581 -90.09 -36.70 -12.26
N ILE E 582 -89.29 -36.67 -11.20
CA ILE E 582 -87.86 -36.43 -11.35
C ILE E 582 -87.20 -37.63 -12.04
N LEU E 583 -87.61 -38.85 -11.67
CA LEU E 583 -87.07 -40.03 -12.33
C LEU E 583 -87.42 -40.05 -13.82
N ALA E 584 -88.66 -39.65 -14.16
CA ALA E 584 -89.04 -39.58 -15.56
C ALA E 584 -88.22 -38.54 -16.30
N ALA E 585 -87.97 -37.38 -15.66
CA ALA E 585 -87.15 -36.35 -16.29
C ALA E 585 -85.73 -36.86 -16.54
N LEU E 586 -85.15 -37.54 -15.55
CA LEU E 586 -83.80 -38.09 -15.73
C LEU E 586 -83.77 -39.13 -16.85
N ARG E 587 -84.78 -40.00 -16.91
CA ARG E 587 -84.82 -41.01 -17.96
C ARG E 587 -84.99 -40.37 -19.33
N LYS E 588 -85.82 -39.33 -19.43
CA LYS E 588 -86.01 -38.64 -20.70
C LYS E 588 -84.72 -37.95 -21.15
N MET E 589 -84.04 -37.28 -20.23
CA MET E 589 -82.79 -36.61 -20.60
C MET E 589 -81.71 -37.62 -20.95
N GLN E 590 -81.76 -38.81 -20.35
CA GLN E 590 -80.78 -39.85 -20.67
C GLN E 590 -80.85 -40.25 -22.13
N ASP E 591 -82.03 -40.15 -22.73
CA ASP E 591 -82.22 -40.48 -24.14
C ASP E 591 -81.86 -39.33 -25.07
N GLY E 592 -81.15 -38.33 -24.56
CA GLY E 592 -80.73 -37.20 -25.39
C GLY E 592 -81.85 -36.33 -25.89
N TYR E 593 -82.90 -36.14 -25.10
CA TYR E 593 -83.99 -35.25 -25.47
C TYR E 593 -84.85 -34.88 -24.27
N PHE E 594 -84.96 -33.58 -23.98
CA PHE E 594 -85.79 -33.11 -22.88
C PHE E 594 -86.45 -31.81 -23.31
N GLY E 595 -87.77 -31.83 -23.40
CA GLY E 595 -88.52 -30.67 -23.83
C GLY E 595 -88.26 -30.30 -25.28
N GLY E 596 -87.57 -29.19 -25.49
CA GLY E 596 -87.23 -28.76 -26.83
C GLY E 596 -85.74 -28.54 -27.02
N ALA E 597 -84.94 -29.32 -26.29
CA ALA E 597 -83.49 -29.20 -26.33
C ALA E 597 -82.85 -30.57 -26.42
N ARG E 598 -81.65 -30.61 -26.97
CA ARG E 598 -80.84 -31.83 -27.05
C ARG E 598 -79.78 -31.78 -25.97
N VAL E 599 -79.76 -32.81 -25.11
CA VAL E 599 -78.89 -32.84 -23.95
C VAL E 599 -78.13 -34.16 -23.95
N GLN E 600 -77.03 -34.18 -23.20
CA GLN E 600 -76.22 -35.39 -23.08
C GLN E 600 -75.68 -35.47 -21.65
N THR E 601 -75.86 -36.61 -21.00
CA THR E 601 -75.33 -36.81 -19.66
C THR E 601 -73.84 -37.04 -19.71
N GLY E 602 -73.16 -36.65 -18.64
CA GLY E 602 -71.72 -36.82 -18.59
C GLY E 602 -71.15 -36.39 -17.25
N LYS E 603 -69.82 -36.38 -17.18
CA LYS E 603 -69.08 -36.02 -15.99
C LYS E 603 -68.56 -34.59 -16.13
N LEU E 604 -68.50 -33.88 -14.99
CA LEU E 604 -68.10 -32.48 -15.01
C LEU E 604 -66.69 -32.30 -15.57
N SER E 605 -65.78 -33.23 -15.26
CA SER E 605 -64.43 -33.14 -15.80
C SER E 605 -64.43 -33.29 -17.31
N GLU E 606 -65.31 -34.15 -17.85
CA GLU E 606 -65.43 -34.28 -19.29
C GLU E 606 -65.93 -32.99 -19.92
N PHE E 607 -66.90 -32.33 -19.29
CA PHE E 607 -67.38 -31.06 -19.81
C PHE E 607 -66.35 -29.95 -19.66
N LEU E 608 -65.42 -30.10 -18.72
CA LEU E 608 -64.39 -29.09 -18.51
C LEU E 608 -63.47 -28.94 -19.72
N THR E 609 -63.36 -29.99 -20.56
CA THR E 609 -62.49 -29.90 -21.73
C THR E 609 -62.96 -28.83 -22.69
N THR E 610 -64.28 -28.73 -22.91
CA THR E 610 -64.84 -27.74 -23.82
C THR E 610 -66.09 -27.15 -23.18
N SER E 611 -65.99 -25.91 -22.72
CA SER E 611 -67.11 -25.21 -22.10
C SER E 611 -66.77 -23.73 -22.05
N CYS E 612 -67.70 -22.93 -21.54
CA CYS E 612 -67.52 -21.49 -21.41
C CYS E 612 -66.91 -21.20 -20.05
N CYS E 613 -65.63 -20.82 -20.04
CA CYS E 613 -64.90 -20.53 -18.81
C CYS E 613 -64.53 -19.05 -18.78
N THR E 614 -64.80 -18.40 -17.65
CA THR E 614 -64.49 -17.00 -17.45
C THR E 614 -63.59 -16.83 -16.24
N HIS E 615 -62.58 -15.98 -16.37
CA HIS E 615 -61.64 -15.70 -15.31
C HIS E 615 -61.91 -14.32 -14.72
N LEU E 616 -62.11 -14.28 -13.40
CA LEU E 616 -62.39 -13.03 -12.69
C LEU E 616 -61.08 -12.52 -12.10
N SER E 617 -60.48 -11.53 -12.76
CA SER E 617 -59.19 -10.99 -12.30
C SER E 617 -59.36 -10.11 -11.07
N PHE E 618 -60.53 -9.49 -10.91
CA PHE E 618 -60.75 -8.57 -9.79
C PHE E 618 -60.80 -9.28 -8.44
N MET E 619 -60.96 -10.61 -8.42
CA MET E 619 -61.00 -11.36 -7.17
C MET E 619 -59.62 -11.76 -6.68
N ASP E 620 -58.56 -11.44 -7.41
CA ASP E 620 -57.21 -11.76 -6.98
C ASP E 620 -56.84 -10.91 -5.77
N PRO E 621 -56.04 -11.47 -4.84
CA PRO E 621 -55.60 -10.74 -3.64
C PRO E 621 -54.67 -9.57 -3.98
N ASP E 762 -99.53 -10.86 29.46
CA ASP E 762 -98.31 -11.39 30.03
C ASP E 762 -97.44 -12.05 28.96
N PHE E 763 -96.22 -11.54 28.78
CA PHE E 763 -95.31 -12.10 27.79
C PHE E 763 -94.94 -13.54 28.13
N LYS E 764 -94.65 -13.81 29.41
CA LYS E 764 -94.27 -15.16 29.81
C LYS E 764 -95.41 -16.15 29.58
N ALA E 765 -96.64 -15.75 29.93
CA ALA E 765 -97.79 -16.64 29.71
C ALA E 765 -98.00 -16.91 28.23
N LEU E 766 -97.87 -15.88 27.39
CA LEU E 766 -98.03 -16.08 25.95
C LEU E 766 -96.94 -17.00 25.40
N VAL E 767 -95.70 -16.83 25.87
CA VAL E 767 -94.61 -17.69 25.40
C VAL E 767 -94.85 -19.13 25.83
N LEU E 768 -95.29 -19.35 27.08
CA LEU E 768 -95.58 -20.70 27.54
C LEU E 768 -96.71 -21.32 26.74
N GLN E 769 -97.76 -20.55 26.47
CA GLN E 769 -98.88 -21.07 25.68
C GLN E 769 -98.42 -21.43 24.27
N LEU E 770 -97.61 -20.59 23.65
CA LEU E 770 -97.10 -20.88 22.31
C LEU E 770 -96.24 -22.13 22.31
N LYS E 771 -95.43 -22.31 23.35
CA LYS E 771 -94.60 -23.51 23.45
C LYS E 771 -95.46 -24.76 23.63
N GLU E 772 -96.51 -24.67 24.43
CA GLU E 772 -97.29 -25.84 24.79
C GLU E 772 -98.50 -26.10 23.89
N THR E 773 -98.81 -25.19 22.97
CA THR E 773 -100.02 -25.35 22.17
C THR E 773 -99.85 -26.37 21.06
N SER E 774 -100.91 -27.13 20.80
CA SER E 774 -100.98 -28.02 19.65
C SER E 774 -101.60 -27.26 18.48
N SER E 775 -102.02 -27.97 17.43
CA SER E 775 -102.69 -27.36 16.27
C SER E 775 -101.78 -26.32 15.61
N LEU E 776 -100.70 -26.83 15.00
CA LEU E 776 -99.62 -26.06 14.41
C LEU E 776 -100.10 -24.81 13.66
N GLN E 777 -101.27 -24.88 13.03
CA GLN E 777 -101.84 -23.67 12.43
C GLN E 777 -102.10 -22.61 13.49
N GLU E 778 -102.67 -23.00 14.64
CA GLU E 778 -102.87 -22.05 15.72
C GLU E 778 -101.54 -21.60 16.31
N GLN E 779 -100.53 -22.47 16.27
CA GLN E 779 -99.19 -22.06 16.72
C GLN E 779 -98.63 -20.95 15.83
N ALA E 780 -98.76 -21.09 14.52
CA ALA E 780 -98.33 -20.04 13.61
C ALA E 780 -99.17 -18.79 13.79
N ASP E 781 -100.47 -18.96 14.08
CA ASP E 781 -101.31 -17.80 14.34
C ASP E 781 -100.80 -17.02 15.56
N ILE E 782 -100.53 -17.74 16.65
CA ILE E 782 -100.05 -17.08 17.87
C ILE E 782 -98.69 -16.44 17.62
N LEU E 783 -97.85 -17.08 16.80
CA LEU E 783 -96.58 -16.47 16.42
C LEU E 783 -96.82 -15.17 15.66
N TYR E 784 -97.82 -15.14 14.79
CA TYR E 784 -98.14 -13.92 14.05
C TYR E 784 -98.62 -12.81 14.98
N MET E 785 -99.48 -13.14 15.94
CA MET E 785 -99.90 -12.12 16.92
C MET E 785 -98.70 -11.61 17.71
N LEU E 786 -97.83 -12.52 18.16
CA LEU E 786 -96.66 -12.11 18.92
C LEU E 786 -95.76 -11.18 18.10
N TYR E 787 -95.56 -11.51 16.83
CA TYR E 787 -94.78 -10.65 15.95
C TYR E 787 -95.47 -9.30 15.78
N THR E 788 -96.80 -9.29 15.77
CA THR E 788 -97.54 -8.05 15.54
C THR E 788 -97.46 -7.11 16.74
N MET E 789 -97.64 -7.63 17.96
CA MET E 789 -97.74 -6.73 19.11
C MET E 789 -96.36 -6.35 19.66
N LYS E 790 -95.56 -7.34 20.05
CA LYS E 790 -94.25 -7.03 20.63
C LYS E 790 -93.16 -7.98 20.17
N GLY E 791 -93.25 -8.53 18.96
CA GLY E 791 -92.23 -9.44 18.47
C GLY E 791 -91.60 -9.11 17.12
N PRO E 792 -91.28 -7.82 16.86
CA PRO E 792 -90.64 -7.51 15.57
C PRO E 792 -89.26 -8.13 15.48
N ASP E 793 -88.42 -7.86 16.48
CA ASP E 793 -87.12 -8.51 16.60
C ASP E 793 -86.77 -8.88 18.04
N TRP E 794 -87.68 -8.67 18.99
CA TRP E 794 -87.39 -8.96 20.38
C TRP E 794 -87.32 -10.48 20.62
N ASN E 795 -86.39 -10.88 21.47
CA ASN E 795 -86.24 -12.29 21.81
C ASN E 795 -87.44 -12.77 22.64
N THR E 796 -88.00 -13.92 22.25
CA THR E 796 -89.14 -14.47 22.97
C THR E 796 -88.76 -15.15 24.28
N GLU E 797 -87.46 -15.39 24.50
CA GLU E 797 -86.97 -16.05 25.72
C GLU E 797 -87.58 -17.44 25.90
N LEU E 798 -87.92 -18.11 24.80
CA LEU E 798 -88.47 -19.46 24.88
C LEU E 798 -87.44 -20.43 25.45
N TYR E 799 -86.20 -20.34 25.01
CA TYR E 799 -85.12 -21.19 25.48
C TYR E 799 -84.32 -20.48 26.57
N ASN E 800 -83.62 -21.28 27.37
CA ASN E 800 -82.81 -20.77 28.47
C ASN E 800 -81.32 -20.82 28.16
N GLU E 801 -80.84 -21.93 27.59
CA GLU E 801 -79.43 -22.06 27.27
C GLU E 801 -78.98 -21.04 26.22
N ARG E 802 -79.80 -20.86 25.18
CA ARG E 802 -79.48 -19.95 24.09
C ARG E 802 -80.66 -19.02 23.85
N SER E 803 -80.35 -17.74 23.59
CA SER E 803 -81.37 -16.75 23.30
C SER E 803 -81.59 -16.69 21.80
N ALA E 804 -82.74 -17.17 21.35
CA ALA E 804 -83.10 -17.21 19.94
C ALA E 804 -84.16 -16.16 19.64
N THR E 805 -83.92 -15.34 18.62
CA THR E 805 -84.86 -14.30 18.26
C THR E 805 -86.09 -14.89 17.56
N VAL E 806 -87.05 -14.02 17.28
CA VAL E 806 -88.30 -14.47 16.65
C VAL E 806 -88.02 -14.98 15.24
N ARG E 807 -87.04 -14.39 14.55
CA ARG E 807 -86.72 -14.82 13.18
C ARG E 807 -86.22 -16.25 13.16
N GLU E 808 -85.41 -16.63 14.15
CA GLU E 808 -84.92 -18.00 14.23
C GLU E 808 -86.06 -18.99 14.42
N LEU E 809 -87.02 -18.64 15.30
CA LEU E 809 -88.18 -19.51 15.51
C LEU E 809 -89.02 -19.60 14.24
N LEU E 810 -89.19 -18.49 13.52
CA LEU E 810 -89.94 -18.52 12.27
C LEU E 810 -89.25 -19.41 11.23
N THR E 811 -87.93 -19.31 11.13
CA THR E 811 -87.19 -20.16 10.20
C THR E 811 -87.31 -21.63 10.59
N GLU E 812 -87.22 -21.93 11.89
CA GLU E 812 -87.37 -23.31 12.34
C GLU E 812 -88.77 -23.85 12.03
N LEU E 813 -89.80 -23.03 12.25
CA LEU E 813 -91.16 -23.45 11.94
C LEU E 813 -91.34 -23.68 10.44
N TYR E 814 -90.77 -22.79 9.62
CA TYR E 814 -90.86 -22.98 8.17
C TYR E 814 -90.17 -24.27 7.74
N GLY E 815 -88.98 -24.54 8.29
CA GLY E 815 -88.30 -25.78 7.96
C GLY E 815 -89.06 -27.01 8.39
N LYS E 816 -89.68 -26.96 9.58
CA LYS E 816 -90.48 -28.08 10.05
C LYS E 816 -91.70 -28.30 9.15
N VAL E 817 -92.37 -27.22 8.75
CA VAL E 817 -93.55 -27.34 7.91
C VAL E 817 -93.17 -27.84 6.53
N GLY E 818 -92.01 -27.44 6.01
CA GLY E 818 -91.59 -27.91 4.70
C GLY E 818 -91.42 -29.40 4.59
N GLU E 819 -91.16 -30.08 5.71
CA GLU E 819 -91.03 -31.54 5.69
C GLU E 819 -92.39 -32.22 5.60
N ILE E 820 -93.39 -31.69 6.32
CA ILE E 820 -94.70 -32.32 6.32
C ILE E 820 -95.45 -32.01 5.03
N ARG E 821 -95.05 -30.95 4.32
CA ARG E 821 -95.65 -30.56 3.04
C ARG E 821 -97.15 -30.31 3.20
N HIS E 822 -97.48 -29.39 4.11
CA HIS E 822 -98.87 -29.01 4.38
C HIS E 822 -99.01 -27.53 4.11
N TRP E 823 -99.82 -27.19 3.10
CA TRP E 823 -99.97 -25.80 2.66
C TRP E 823 -101.10 -25.08 3.40
N GLY E 824 -101.02 -25.09 4.74
CA GLY E 824 -102.01 -24.41 5.53
C GLY E 824 -101.50 -23.11 6.14
N LEU E 825 -100.24 -23.11 6.56
CA LEU E 825 -99.61 -21.93 7.14
C LEU E 825 -98.37 -21.48 6.38
N ILE E 826 -98.07 -22.11 5.24
CA ILE E 826 -96.90 -21.70 4.45
C ILE E 826 -97.09 -20.27 3.94
N ARG E 827 -98.30 -19.96 3.45
CA ARG E 827 -98.58 -18.61 2.97
C ARG E 827 -98.47 -17.60 4.11
N TYR E 828 -98.95 -17.96 5.30
CA TYR E 828 -98.85 -17.06 6.45
C TYR E 828 -97.40 -16.79 6.80
N ILE E 829 -96.56 -17.83 6.80
CA ILE E 829 -95.15 -17.67 7.11
C ILE E 829 -94.46 -16.80 6.06
N SER E 830 -94.78 -17.03 4.78
CA SER E 830 -94.19 -16.23 3.71
C SER E 830 -94.61 -14.76 3.83
N GLY E 831 -95.87 -14.52 4.18
CA GLY E 831 -96.31 -13.14 4.35
C GLY E 831 -95.66 -12.46 5.54
N ILE E 832 -95.51 -13.18 6.64
CA ILE E 832 -94.86 -12.62 7.83
C ILE E 832 -93.40 -12.30 7.54
N LEU E 833 -92.70 -13.23 6.88
CA LEU E 833 -91.30 -13.01 6.53
C LEU E 833 -91.12 -11.99 5.42
N ARG E 834 -92.20 -11.57 4.76
CA ARG E 834 -92.14 -10.59 3.67
C ARG E 834 -91.27 -11.07 2.52
N LYS E 835 -91.27 -12.38 2.27
CA LYS E 835 -90.51 -12.93 1.16
C LYS E 835 -91.14 -12.51 -0.17
N LYS E 836 -90.32 -12.05 -1.10
CA LYS E 836 -90.77 -11.58 -2.39
C LYS E 836 -90.21 -12.48 -3.50
N VAL E 837 -91.03 -12.73 -4.51
CA VAL E 837 -90.60 -13.57 -5.63
C VAL E 837 -89.48 -12.88 -6.38
N GLU E 838 -88.43 -13.64 -6.70
CA GLU E 838 -87.29 -13.08 -7.43
C GLU E 838 -87.70 -12.68 -8.85
N ALA E 839 -87.04 -11.64 -9.36
CA ALA E 839 -87.27 -11.13 -10.71
C ALA E 839 -88.73 -10.71 -10.91
N LEU E 840 -89.34 -10.11 -9.89
CA LEU E 840 -90.70 -9.60 -10.04
C LEU E 840 -90.75 -8.45 -11.05
N ASP E 841 -89.74 -7.56 -11.00
CA ASP E 841 -89.69 -6.47 -11.96
C ASP E 841 -89.54 -6.98 -13.38
N GLU E 842 -88.78 -8.07 -13.56
CA GLU E 842 -88.65 -8.68 -14.88
C GLU E 842 -90.00 -9.17 -15.38
N ALA E 843 -90.77 -9.83 -14.51
CA ALA E 843 -92.10 -10.28 -14.90
C ALA E 843 -93.01 -9.10 -15.24
N CYS E 844 -92.95 -8.04 -14.45
CA CYS E 844 -93.79 -6.87 -14.70
C CYS E 844 -93.45 -6.22 -16.03
N THR E 845 -92.15 -6.08 -16.34
CA THR E 845 -91.78 -5.43 -17.60
C THR E 845 -92.08 -6.34 -18.79
N ASP E 846 -91.96 -7.66 -18.62
CA ASP E 846 -92.36 -8.58 -19.68
C ASP E 846 -93.85 -8.48 -19.94
N LEU E 847 -94.66 -8.37 -18.89
CA LEU E 847 -96.10 -8.21 -19.08
C LEU E 847 -96.44 -6.88 -19.73
N LEU E 848 -95.75 -5.81 -19.34
CA LEU E 848 -96.04 -4.48 -19.86
C LEU E 848 -95.50 -4.26 -21.27
N SER E 849 -94.55 -5.09 -21.73
CA SER E 849 -94.01 -4.93 -23.07
C SER E 849 -95.05 -5.20 -24.16
N HIS E 850 -96.17 -5.84 -23.82
CA HIS E 850 -97.21 -6.16 -24.79
C HIS E 850 -98.39 -5.21 -24.72
N GLN E 851 -98.18 -3.99 -24.23
CA GLN E 851 -99.22 -2.96 -24.11
C GLN E 851 -100.38 -3.47 -23.27
N LYS E 852 -100.08 -3.78 -22.02
CA LYS E 852 -101.07 -4.30 -21.07
C LYS E 852 -101.08 -3.44 -19.82
N HIS E 853 -102.23 -3.42 -19.14
CA HIS E 853 -102.41 -2.65 -17.92
C HIS E 853 -102.66 -3.60 -16.75
N LEU E 854 -102.02 -3.31 -15.62
CA LEU E 854 -102.15 -4.14 -14.43
C LEU E 854 -102.74 -3.35 -13.27
N VAL E 856 -103.75 -3.84 -8.94
CA VAL E 856 -103.42 -4.68 -7.79
C VAL E 856 -104.52 -4.67 -6.73
N GLY E 857 -105.09 -5.84 -6.47
CA GLY E 857 -106.12 -6.01 -5.46
C GLY E 857 -107.53 -5.84 -6.01
N LEU E 858 -108.50 -6.09 -5.14
CA LEU E 858 -109.89 -5.86 -5.48
C LEU E 858 -110.10 -4.37 -5.76
N PRO E 859 -110.90 -4.03 -6.76
CA PRO E 859 -111.04 -2.61 -7.15
C PRO E 859 -112.16 -1.91 -6.39
N PRO E 860 -111.83 -0.95 -5.53
CA PRO E 860 -112.74 0.14 -5.23
C PRO E 860 -112.38 1.35 -6.10
N GLU E 861 -113.21 2.39 -5.99
CA GLU E 861 -112.93 3.62 -6.72
C GLU E 861 -111.63 4.30 -6.30
N PRO E 862 -111.39 4.59 -5.00
CA PRO E 862 -110.20 5.39 -4.65
C PRO E 862 -108.87 4.69 -4.86
N ARG E 863 -108.72 3.49 -4.29
CA ARG E 863 -107.43 2.79 -4.29
C ARG E 863 -107.30 1.96 -5.57
N GLU E 864 -106.32 1.06 -5.58
CA GLU E 864 -106.00 0.22 -6.74
C GLU E 864 -105.58 1.06 -7.93
N LYS E 865 -104.51 1.83 -7.75
CA LYS E 865 -103.98 2.65 -8.82
C LYS E 865 -103.35 1.77 -9.89
N THR E 866 -103.66 2.06 -11.15
CA THR E 866 -103.11 1.29 -12.26
C THR E 866 -101.65 1.64 -12.48
N ILE E 867 -100.92 0.70 -13.08
CA ILE E 867 -99.51 0.89 -13.41
C ILE E 867 -99.38 0.84 -14.92
N SER E 868 -98.77 1.88 -15.49
CA SER E 868 -98.61 2.00 -16.93
C SER E 868 -97.16 2.00 -17.40
N ALA E 869 -96.21 2.18 -16.51
CA ALA E 869 -94.79 2.24 -16.85
C ALA E 869 -94.01 1.31 -15.95
N PRO E 870 -92.85 0.82 -16.41
CA PRO E 870 -92.02 -0.03 -15.55
C PRO E 870 -91.61 0.70 -14.28
N LEU E 871 -91.56 -0.05 -13.19
CA LEU E 871 -91.34 0.49 -11.85
C LEU E 871 -90.25 -0.30 -11.16
N PRO E 872 -89.44 0.35 -10.32
CA PRO E 872 -88.37 -0.36 -9.62
C PRO E 872 -88.92 -1.40 -8.65
N TYR E 873 -88.02 -2.30 -8.22
CA TYR E 873 -88.42 -3.41 -7.36
C TYR E 873 -88.94 -2.92 -6.02
N GLU E 874 -88.27 -1.93 -5.42
CA GLU E 874 -88.70 -1.44 -4.12
C GLU E 874 -90.08 -0.78 -4.20
N ALA E 875 -90.28 0.07 -5.21
CA ALA E 875 -91.58 0.73 -5.37
C ALA E 875 -92.67 -0.28 -5.73
N LEU E 876 -92.32 -1.28 -6.54
CA LEU E 876 -93.30 -2.32 -6.87
C LEU E 876 -93.72 -3.10 -5.64
N THR E 877 -92.75 -3.46 -4.79
CA THR E 877 -93.09 -4.17 -3.55
C THR E 877 -93.91 -3.29 -2.63
N GLN E 878 -93.59 -2.00 -2.55
CA GLN E 878 -94.37 -1.08 -1.73
C GLN E 878 -95.81 -1.00 -2.23
N LEU E 879 -96.00 -0.91 -3.55
CA LEU E 879 -97.35 -0.86 -4.10
C LEU E 879 -98.11 -2.16 -3.84
N ILE E 880 -97.43 -3.31 -3.97
CA ILE E 880 -98.07 -4.59 -3.71
C ILE E 880 -98.51 -4.69 -2.26
N ASP E 881 -97.62 -4.27 -1.34
CA ASP E 881 -97.97 -4.32 0.08
C ASP E 881 -99.12 -3.37 0.40
N GLU E 882 -99.11 -2.17 -0.19
CA GLU E 882 -100.20 -1.22 0.04
C GLU E 882 -101.53 -1.77 -0.46
N ALA E 883 -101.52 -2.40 -1.63
CA ALA E 883 -102.74 -3.01 -2.16
C ALA E 883 -103.21 -4.16 -1.29
N SER E 884 -102.28 -4.97 -0.79
CA SER E 884 -102.64 -6.13 0.01
C SER E 884 -103.16 -5.72 1.39
N GLU E 885 -102.68 -4.59 1.91
CA GLU E 885 -103.09 -4.08 3.22
C GLU E 885 -102.76 -5.09 4.31
N GLY E 886 -103.68 -5.31 5.23
CA GLY E 886 -103.48 -6.26 6.32
C GLY E 886 -103.76 -7.70 5.99
N ASP E 887 -104.12 -8.01 4.73
CA ASP E 887 -104.44 -9.38 4.38
C ASP E 887 -103.19 -10.21 4.13
N MET E 888 -102.01 -9.58 4.13
CA MET E 888 -100.69 -10.18 3.92
C MET E 888 -100.66 -11.31 2.88
N SER E 889 -101.40 -12.39 3.12
CA SER E 889 -101.44 -13.50 2.17
C SER E 889 -101.95 -13.09 0.81
N ILE E 890 -102.72 -12.00 0.74
CA ILE E 890 -103.17 -11.49 -0.56
C ILE E 890 -101.97 -11.10 -1.41
N SER E 891 -100.94 -10.51 -0.80
CA SER E 891 -99.75 -10.13 -1.54
C SER E 891 -99.04 -11.36 -2.11
N ILE E 892 -98.93 -12.42 -1.31
CA ILE E 892 -98.25 -13.63 -1.78
C ILE E 892 -99.04 -14.27 -2.91
N LEU E 893 -100.37 -14.34 -2.76
CA LEU E 893 -101.21 -14.89 -3.82
C LEU E 893 -101.08 -14.07 -5.09
N THR E 894 -101.06 -12.74 -4.95
CA THR E 894 -100.91 -11.86 -6.10
C THR E 894 -99.58 -12.11 -6.78
N GLN E 895 -98.50 -12.27 -5.99
CA GLN E 895 -97.17 -12.53 -6.54
C GLN E 895 -97.17 -13.81 -7.36
N GLU E 896 -97.75 -14.87 -6.79
CA GLU E 896 -97.83 -16.13 -7.49
C GLU E 896 -98.60 -15.97 -8.79
N ILE E 897 -99.72 -15.23 -8.74
CA ILE E 897 -100.57 -15.11 -9.92
C ILE E 897 -99.85 -14.34 -11.03
N MET E 898 -99.18 -13.24 -10.70
CA MET E 898 -98.52 -12.48 -11.77
C MET E 898 -97.30 -13.21 -12.29
N VAL E 899 -96.61 -13.98 -11.44
CA VAL E 899 -95.48 -14.75 -11.95
C VAL E 899 -95.97 -15.85 -12.89
N TYR E 900 -97.13 -16.45 -12.56
CA TYR E 900 -97.73 -17.43 -13.49
C TYR E 900 -98.16 -16.75 -14.79
N LEU E 901 -98.71 -15.55 -14.69
CA LEU E 901 -99.11 -14.82 -15.90
C LEU E 901 -97.91 -14.51 -16.78
N ALA E 902 -96.80 -14.08 -16.19
CA ALA E 902 -95.60 -13.81 -16.95
C ALA E 902 -95.04 -15.07 -17.58
N MET E 903 -95.07 -16.18 -16.84
CA MET E 903 -94.59 -17.45 -17.39
C MET E 903 -95.45 -17.89 -18.58
N TYR E 904 -96.77 -17.74 -18.45
CA TYR E 904 -97.67 -18.17 -19.52
C TYR E 904 -97.66 -17.22 -20.72
N MET E 905 -97.30 -15.96 -20.52
CA MET E 905 -97.26 -15.01 -21.63
C MET E 905 -96.21 -15.42 -22.66
N ARG E 906 -95.03 -15.84 -22.20
CA ARG E 906 -93.97 -16.23 -23.12
C ARG E 906 -94.30 -17.53 -23.84
N THR E 907 -94.76 -18.54 -23.09
CA THR E 907 -95.00 -19.85 -23.70
C THR E 907 -96.19 -19.82 -24.65
N GLN E 908 -97.30 -19.25 -24.23
CA GLN E 908 -98.53 -19.21 -25.01
C GLN E 908 -99.07 -17.78 -25.04
N PRO E 909 -98.59 -16.94 -25.96
CA PRO E 909 -99.09 -15.57 -26.10
C PRO E 909 -100.36 -15.48 -26.94
N GLY E 910 -101.30 -16.39 -26.69
CA GLY E 910 -102.58 -16.37 -27.38
C GLY E 910 -103.75 -16.37 -26.42
N LEU E 911 -103.52 -16.83 -25.19
CA LEU E 911 -104.57 -16.82 -24.19
C LEU E 911 -104.82 -15.42 -23.64
N PHE E 912 -103.77 -14.60 -23.58
CA PHE E 912 -103.88 -13.22 -23.10
C PHE E 912 -104.27 -12.25 -24.20
N ALA E 913 -104.48 -12.73 -25.43
CA ALA E 913 -104.94 -11.87 -26.50
C ALA E 913 -106.36 -11.38 -26.22
N GLU E 914 -106.71 -10.27 -26.85
CA GLU E 914 -107.98 -9.55 -26.71
C GLU E 914 -108.16 -8.95 -25.31
N MET E 915 -107.20 -9.15 -24.42
CA MET E 915 -107.25 -8.62 -23.06
C MET E 915 -106.41 -7.35 -22.98
N PHE E 916 -107.02 -6.27 -22.49
CA PHE E 916 -106.32 -5.00 -22.35
C PHE E 916 -105.80 -4.74 -20.96
N ARG E 917 -106.58 -5.09 -19.92
CA ARG E 917 -106.19 -4.89 -18.54
C ARG E 917 -106.36 -6.18 -17.76
N LEU E 918 -105.45 -6.43 -16.83
CA LEU E 918 -105.48 -7.62 -15.99
C LEU E 918 -105.58 -7.17 -14.54
N ARG E 919 -106.58 -7.71 -13.82
CA ARG E 919 -106.83 -7.35 -12.43
C ARG E 919 -106.65 -8.60 -11.57
N ILE E 920 -105.71 -8.54 -10.62
CA ILE E 920 -105.48 -9.68 -9.75
C ILE E 920 -106.64 -9.86 -8.77
N GLY E 921 -107.19 -8.76 -8.26
CA GLY E 921 -108.29 -8.88 -7.31
C GLY E 921 -109.51 -9.53 -7.93
N LEU E 922 -109.87 -9.12 -9.14
CA LEU E 922 -111.00 -9.74 -9.83
C LEU E 922 -110.74 -11.20 -10.12
N ILE E 923 -109.50 -11.54 -10.51
CA ILE E 923 -109.15 -12.93 -10.77
C ILE E 923 -109.27 -13.75 -9.49
N ILE E 924 -108.82 -13.19 -8.37
CA ILE E 924 -108.91 -13.89 -7.09
C ILE E 924 -110.37 -14.13 -6.72
N GLN E 925 -111.21 -13.11 -6.87
CA GLN E 925 -112.63 -13.26 -6.60
C GLN E 925 -113.24 -14.33 -7.50
N VAL E 926 -112.81 -14.36 -8.77
CA VAL E 926 -113.38 -15.33 -9.72
C VAL E 926 -112.99 -16.76 -9.34
N MET E 927 -111.71 -16.98 -8.98
CA MET E 927 -111.28 -18.32 -8.63
C MET E 927 -111.94 -18.77 -7.34
N ALA E 928 -112.10 -17.85 -6.38
CA ALA E 928 -112.81 -18.20 -5.16
C ALA E 928 -114.25 -18.59 -5.45
N THR E 929 -114.92 -17.82 -6.32
CA THR E 929 -116.30 -18.14 -6.67
C THR E 929 -116.39 -19.49 -7.38
N GLU E 930 -115.47 -19.76 -8.32
CA GLU E 930 -115.48 -21.02 -9.04
C GLU E 930 -115.25 -22.20 -8.10
N LEU E 931 -114.29 -22.07 -7.19
CA LEU E 931 -114.02 -23.15 -6.25
C LEU E 931 -115.18 -23.36 -5.30
N ALA E 932 -115.82 -22.28 -4.85
CA ALA E 932 -117.00 -22.42 -4.01
C ALA E 932 -118.13 -23.11 -4.75
N HIS E 933 -118.33 -22.77 -6.03
CA HIS E 933 -119.36 -23.44 -6.82
C HIS E 933 -119.03 -24.92 -7.00
N SER E 934 -117.76 -25.24 -7.26
CA SER E 934 -117.38 -26.63 -7.44
C SER E 934 -117.57 -27.45 -6.17
N LEU E 935 -117.19 -26.89 -5.02
CA LEU E 935 -117.30 -27.60 -3.76
C LEU E 935 -118.63 -27.37 -3.06
N ARG E 936 -119.47 -26.46 -3.55
CA ARG E 936 -120.77 -26.13 -2.94
C ARG E 936 -120.59 -25.76 -1.47
N CYS E 937 -119.56 -24.98 -1.19
CA CYS E 937 -119.21 -24.57 0.17
C CYS E 937 -119.32 -23.05 0.30
N SER E 938 -118.99 -22.55 1.49
CA SER E 938 -119.07 -21.13 1.78
C SER E 938 -117.82 -20.41 1.26
N ALA E 939 -117.84 -19.09 1.36
CA ALA E 939 -116.72 -18.28 0.91
C ALA E 939 -115.47 -18.54 1.75
N GLU E 940 -115.64 -18.67 3.07
CA GLU E 940 -114.50 -18.97 3.93
C GLU E 940 -113.89 -20.32 3.60
N GLU E 941 -114.74 -21.34 3.37
CA GLU E 941 -114.23 -22.65 2.98
C GLU E 941 -113.55 -22.58 1.63
N ALA E 942 -114.07 -21.78 0.71
CA ALA E 942 -113.43 -21.61 -0.60
C ALA E 942 -112.05 -20.98 -0.44
N THR E 943 -111.92 -19.96 0.41
CA THR E 943 -110.62 -19.35 0.63
C THR E 943 -109.65 -20.32 1.28
N GLU E 944 -110.13 -21.12 2.23
CA GLU E 944 -109.27 -22.12 2.87
C GLU E 944 -108.80 -23.16 1.85
N GLY E 945 -109.70 -23.62 0.99
CA GLY E 945 -109.29 -24.58 -0.04
C GLY E 945 -108.32 -23.99 -1.04
N LEU E 946 -108.53 -22.73 -1.41
CA LEU E 946 -107.59 -22.05 -2.31
C LEU E 946 -106.21 -21.93 -1.66
N MET E 947 -106.17 -21.62 -0.36
CA MET E 947 -104.89 -21.54 0.35
C MET E 947 -104.23 -22.91 0.43
N ASN E 948 -105.01 -23.96 0.65
CA ASN E 948 -104.45 -25.30 0.84
C ASN E 948 -103.96 -25.94 -0.45
N LEU E 949 -104.40 -25.46 -1.61
CA LEU E 949 -104.02 -26.09 -2.87
C LEU E 949 -102.55 -25.82 -3.19
N SER E 950 -101.91 -26.79 -3.85
CA SER E 950 -100.50 -26.68 -4.19
C SER E 950 -100.30 -25.67 -5.32
N PRO E 951 -99.08 -25.13 -5.46
CA PRO E 951 -98.83 -24.18 -6.55
C PRO E 951 -99.12 -24.74 -7.94
N SER E 952 -98.86 -26.03 -8.14
CA SER E 952 -99.23 -26.66 -9.41
C SER E 952 -100.73 -26.62 -9.61
N ALA E 953 -101.50 -26.80 -8.54
CA ALA E 953 -102.96 -26.67 -8.64
C ALA E 953 -103.36 -25.25 -8.99
N MET E 954 -102.67 -24.26 -8.42
CA MET E 954 -102.95 -22.87 -8.79
C MET E 954 -102.69 -22.64 -10.28
N LYS E 955 -101.56 -23.15 -10.79
CA LYS E 955 -101.28 -22.98 -12.21
C LYS E 955 -102.31 -23.68 -13.08
N ASN E 956 -102.72 -24.89 -12.70
CA ASN E 956 -103.70 -25.62 -13.49
C ASN E 956 -105.05 -24.90 -13.49
N LEU E 957 -105.49 -24.40 -12.33
CA LEU E 957 -106.75 -23.68 -12.26
C LEU E 957 -106.70 -22.39 -13.07
N LEU E 958 -105.58 -21.65 -12.97
CA LEU E 958 -105.45 -20.42 -13.75
C LEU E 958 -105.45 -20.71 -15.24
N HIS E 959 -104.77 -21.77 -15.66
CA HIS E 959 -104.75 -22.14 -17.08
C HIS E 959 -106.16 -22.52 -17.56
N HIS E 960 -106.88 -23.30 -16.75
CA HIS E 960 -108.24 -23.70 -17.11
C HIS E 960 -109.16 -22.50 -17.21
N ILE E 961 -109.03 -21.54 -16.29
CA ILE E 961 -109.87 -20.36 -16.33
C ILE E 961 -109.53 -19.48 -17.53
N LEU E 962 -108.24 -19.33 -17.81
CA LEU E 962 -107.78 -18.52 -18.93
C LEU E 962 -108.25 -19.10 -20.26
N GLY E 964 -110.97 -20.80 -20.40
CA GLY E 964 -112.41 -20.71 -20.29
C GLY E 964 -113.09 -22.03 -20.65
N LYS E 965 -112.76 -23.08 -19.89
CA LYS E 965 -113.30 -24.41 -20.13
C LYS E 965 -113.71 -25.03 -18.79
N GLU E 966 -114.64 -25.98 -18.88
CA GLU E 966 -115.12 -26.68 -17.70
C GLU E 966 -115.00 -28.20 -17.89
N GLN E 1053 -125.96 -22.33 -16.83
CA GLN E 1053 -124.64 -22.45 -17.40
C GLN E 1053 -124.25 -21.19 -18.17
N TRP E 1054 -125.20 -20.66 -18.93
CA TRP E 1054 -124.92 -19.46 -19.72
C TRP E 1054 -124.72 -18.24 -18.83
N GLN E 1055 -125.45 -18.16 -17.72
CA GLN E 1055 -125.27 -17.05 -16.80
C GLN E 1055 -123.87 -17.06 -16.20
N ARG E 1056 -123.38 -18.23 -15.81
CA ARG E 1056 -122.02 -18.33 -15.27
C ARG E 1056 -120.99 -17.95 -16.33
N ARG E 1057 -121.19 -18.39 -17.56
CA ARG E 1057 -120.25 -18.06 -18.63
C ARG E 1057 -120.23 -16.56 -18.89
N ARG E 1058 -121.40 -15.93 -18.90
CA ARG E 1058 -121.46 -14.48 -19.06
C ARG E 1058 -120.77 -13.77 -17.91
N ARG E 1059 -120.94 -14.27 -16.69
CA ARG E 1059 -120.29 -13.66 -15.53
C ARG E 1059 -118.77 -13.76 -15.65
N LEU E 1060 -118.25 -14.93 -16.06
CA LEU E 1060 -116.81 -15.06 -16.23
C LEU E 1060 -116.30 -14.15 -17.34
N ASP E 1061 -117.04 -14.06 -18.45
CA ASP E 1061 -116.60 -13.20 -19.55
C ASP E 1061 -116.58 -11.74 -19.14
N GLY E 1062 -117.62 -11.29 -18.42
CA GLY E 1062 -117.65 -9.90 -17.98
C GLY E 1062 -116.60 -9.59 -16.93
N ALA E 1063 -116.35 -10.53 -16.02
CA ALA E 1063 -115.38 -10.30 -14.95
C ALA E 1063 -113.98 -10.09 -15.51
N LEU E 1064 -113.62 -10.86 -16.54
CA LEU E 1064 -112.32 -10.73 -17.19
C LEU E 1064 -112.32 -9.69 -18.30
N ASN E 1065 -113.44 -8.99 -18.49
CA ASN E 1065 -113.60 -7.93 -19.49
C ASN E 1065 -113.02 -8.34 -20.85
N ARG E 1066 -113.46 -9.50 -21.32
CA ARG E 1066 -113.03 -10.03 -22.61
C ARG E 1066 -113.88 -9.43 -23.72
N VAL E 1067 -113.22 -8.81 -24.70
CA VAL E 1067 -113.90 -8.12 -25.79
C VAL E 1067 -113.28 -8.54 -27.11
N PRO E 1068 -114.04 -8.45 -28.20
CA PRO E 1068 -113.49 -8.80 -29.52
C PRO E 1068 -112.37 -7.84 -29.92
N VAL E 1069 -111.55 -8.31 -30.86
CA VAL E 1069 -110.38 -7.54 -31.30
C VAL E 1069 -110.82 -6.23 -31.94
N GLY E 1070 -111.84 -6.27 -32.79
CA GLY E 1070 -112.29 -5.07 -33.49
C GLY E 1070 -113.30 -4.26 -32.71
N PHE E 1071 -113.43 -4.53 -31.41
CA PHE E 1071 -114.38 -3.80 -30.59
C PHE E 1071 -114.02 -2.33 -30.50
N TYR E 1072 -112.73 -2.01 -30.36
CA TYR E 1072 -112.31 -0.62 -30.29
C TYR E 1072 -112.62 0.12 -31.58
N GLN E 1073 -112.35 -0.52 -32.74
CA GLN E 1073 -112.64 0.11 -34.01
C GLN E 1073 -114.15 0.30 -34.19
N LYS E 1074 -114.95 -0.69 -33.78
CA LYS E 1074 -116.40 -0.56 -33.89
C LYS E 1074 -116.91 0.58 -33.02
N VAL E 1075 -116.39 0.70 -31.79
CA VAL E 1075 -116.80 1.79 -30.91
C VAL E 1075 -116.39 3.13 -31.48
N TRP E 1076 -115.19 3.22 -32.06
CA TRP E 1076 -114.74 4.46 -32.66
C TRP E 1076 -115.62 4.85 -33.84
N LYS E 1077 -116.00 3.89 -34.68
CA LYS E 1077 -116.87 4.17 -35.80
C LYS E 1077 -118.25 4.60 -35.34
N VAL E 1078 -118.77 3.96 -34.29
CA VAL E 1078 -120.07 4.34 -33.75
C VAL E 1078 -120.03 5.77 -33.22
N LEU E 1079 -118.97 6.11 -32.48
CA LEU E 1079 -118.82 7.47 -31.98
C LEU E 1079 -118.69 8.47 -33.12
N GLN E 1080 -118.04 8.07 -34.21
CA GLN E 1080 -117.96 8.93 -35.38
C GLN E 1080 -119.35 9.15 -35.99
N LYS E 1081 -120.18 8.11 -36.03
CA LYS E 1081 -121.49 8.18 -36.67
C LYS E 1081 -122.62 8.55 -35.72
N CYS E 1082 -122.32 8.80 -34.45
CA CYS E 1082 -123.36 9.15 -33.47
C CYS E 1082 -122.88 10.30 -32.60
N HIS E 1083 -123.84 11.02 -32.03
CA HIS E 1083 -123.49 12.14 -31.14
C HIS E 1083 -122.83 11.65 -29.86
N GLY E 1084 -123.28 10.52 -29.34
CA GLY E 1084 -122.68 9.98 -28.14
C GLY E 1084 -123.43 8.75 -27.67
N LEU E 1085 -122.95 8.19 -26.56
CA LEU E 1085 -123.53 7.01 -25.95
C LEU E 1085 -123.81 7.28 -24.48
N SER E 1086 -124.97 6.81 -24.01
CA SER E 1086 -125.37 6.96 -22.62
C SER E 1086 -125.43 5.59 -21.96
N VAL E 1087 -124.77 5.46 -20.81
CA VAL E 1087 -124.71 4.18 -20.10
C VAL E 1087 -125.40 4.33 -18.76
N GLU E 1088 -126.46 5.16 -18.73
CA GLU E 1088 -127.19 5.47 -17.50
C GLU E 1088 -126.27 6.10 -16.47
N GLY E 1089 -125.68 7.23 -16.85
CA GLY E 1089 -124.71 7.92 -16.01
C GLY E 1089 -123.57 8.47 -16.82
N PHE E 1090 -123.24 9.75 -16.59
CA PHE E 1090 -122.20 10.45 -17.35
C PHE E 1090 -122.52 10.43 -18.84
N VAL E 1091 -121.51 10.70 -19.67
CA VAL E 1091 -121.69 10.72 -21.12
C VAL E 1091 -120.33 10.58 -21.77
N LEU E 1092 -120.32 10.05 -22.99
CA LEU E 1092 -119.10 9.91 -23.78
C LEU E 1092 -119.25 10.75 -25.05
N PRO E 1093 -118.67 11.95 -25.09
CA PRO E 1093 -118.87 12.82 -26.26
C PRO E 1093 -118.18 12.26 -27.50
N SER E 1094 -118.73 12.63 -28.66
CA SER E 1094 -118.15 12.22 -29.94
C SER E 1094 -117.04 13.14 -30.40
N SER E 1095 -116.77 14.24 -29.68
CA SER E 1095 -115.71 15.16 -30.06
C SER E 1095 -114.32 14.58 -29.83
N THR E 1096 -114.23 13.44 -29.13
CA THR E 1096 -112.93 12.83 -28.84
C THR E 1096 -112.40 11.98 -29.98
N THR E 1097 -113.21 11.74 -31.03
CA THR E 1097 -112.75 10.89 -32.12
C THR E 1097 -111.65 11.57 -32.93
N ARG E 1098 -111.68 12.91 -32.99
CA ARG E 1098 -110.63 13.63 -33.71
C ARG E 1098 -109.35 13.72 -32.89
N GLU E 1099 -109.49 13.77 -31.56
CA GLU E 1099 -108.31 13.91 -30.70
C GLU E 1099 -107.48 12.63 -30.69
N MET E 1100 -108.14 11.48 -30.71
CA MET E 1100 -107.47 10.19 -30.62
C MET E 1100 -107.59 9.43 -31.94
N THR E 1101 -106.99 8.25 -31.97
CA THR E 1101 -107.00 7.36 -33.11
C THR E 1101 -107.39 5.96 -32.65
N PRO E 1102 -107.94 5.13 -33.55
CA PRO E 1102 -108.30 3.77 -33.15
C PRO E 1102 -107.13 2.94 -32.67
N GLY E 1103 -105.93 3.20 -33.19
CA GLY E 1103 -104.74 2.49 -32.75
C GLY E 1103 -104.08 3.04 -31.51
N GLU E 1104 -104.64 4.09 -30.92
CA GLU E 1104 -104.08 4.69 -29.72
C GLU E 1104 -104.63 4.00 -28.48
N ILE E 1105 -103.74 3.65 -27.54
CA ILE E 1105 -104.18 2.95 -26.34
C ILE E 1105 -104.98 3.87 -25.43
N LYS E 1106 -104.80 5.19 -25.57
CA LYS E 1106 -105.55 6.13 -24.74
C LYS E 1106 -107.04 6.06 -25.04
N PHE E 1107 -107.41 5.96 -26.31
CA PHE E 1107 -108.82 5.82 -26.67
C PHE E 1107 -109.39 4.51 -26.12
N SER E 1108 -108.62 3.43 -26.21
CA SER E 1108 -109.09 2.15 -25.70
C SER E 1108 -109.29 2.18 -24.20
N VAL E 1109 -108.36 2.80 -23.47
CA VAL E 1109 -108.49 2.86 -22.01
C VAL E 1109 -109.63 3.78 -21.62
N HIS E 1110 -109.86 4.86 -22.39
CA HIS E 1110 -111.01 5.72 -22.13
C HIS E 1110 -112.32 4.97 -22.33
N VAL E 1111 -112.41 4.18 -23.40
CA VAL E 1111 -113.62 3.40 -23.66
C VAL E 1111 -113.82 2.37 -22.54
N GLU E 1112 -112.75 1.71 -22.12
CA GLU E 1112 -112.86 0.72 -21.05
C GLU E 1112 -113.31 1.37 -19.74
N SER E 1113 -112.77 2.55 -19.42
CA SER E 1113 -113.18 3.25 -18.20
C SER E 1113 -114.63 3.68 -18.28
N VAL E 1114 -115.07 4.12 -19.46
CA VAL E 1114 -116.48 4.49 -19.63
C VAL E 1114 -117.37 3.27 -19.43
N LEU E 1115 -116.98 2.12 -19.98
CA LEU E 1115 -117.77 0.90 -19.86
C LEU E 1115 -117.60 0.21 -18.50
N ASN E 1116 -116.64 0.62 -17.69
CA ASN E 1116 -116.38 0.00 -16.40
C ASN E 1116 -117.20 0.59 -15.27
N ARG E 1117 -118.05 1.59 -15.56
CA ARG E 1117 -118.87 2.19 -14.50
C ARG E 1117 -119.84 1.19 -13.91
N VAL E 1118 -120.45 0.36 -14.75
CA VAL E 1118 -121.40 -0.65 -14.27
C VAL E 1118 -120.61 -1.77 -13.58
N PRO E 1119 -120.92 -2.10 -12.33
CA PRO E 1119 -120.18 -3.15 -11.62
C PRO E 1119 -120.71 -4.56 -11.82
N GLN E 1120 -121.61 -4.78 -12.78
CA GLN E 1120 -122.16 -6.11 -13.03
C GLN E 1120 -121.52 -6.69 -14.28
N PRO E 1121 -120.73 -7.77 -14.17
CA PRO E 1121 -120.13 -8.36 -15.38
C PRO E 1121 -121.15 -8.79 -16.42
N GLU E 1122 -122.29 -9.35 -15.99
CA GLU E 1122 -123.34 -9.71 -16.93
C GLU E 1122 -123.89 -8.48 -17.62
N TYR E 1123 -124.10 -7.40 -16.88
CA TYR E 1123 -124.54 -6.14 -17.49
C TYR E 1123 -123.48 -5.58 -18.42
N ARG E 1124 -122.21 -5.74 -18.08
CA ARG E 1124 -121.14 -5.29 -18.97
C ARG E 1124 -121.16 -6.06 -20.29
N GLN E 1125 -121.36 -7.38 -20.22
CA GLN E 1125 -121.47 -8.17 -21.44
C GLN E 1125 -122.70 -7.77 -22.25
N LEU E 1126 -123.81 -7.49 -21.55
CA LEU E 1126 -125.02 -7.04 -22.25
C LEU E 1126 -124.77 -5.72 -22.98
N LEU E 1127 -124.07 -4.79 -22.33
CA LEU E 1127 -123.74 -3.52 -22.98
C LEU E 1127 -122.80 -3.75 -24.17
N VAL E 1128 -121.86 -4.68 -24.03
CA VAL E 1128 -120.93 -4.98 -25.12
C VAL E 1128 -121.69 -5.51 -26.34
N GLU E 1129 -122.59 -6.47 -26.12
CA GLU E 1129 -123.33 -7.03 -27.25
C GLU E 1129 -124.32 -6.01 -27.81
N ALA E 1130 -124.89 -5.15 -26.98
CA ALA E 1130 -125.74 -4.07 -27.49
C ALA E 1130 -124.94 -3.12 -28.36
N ILE E 1131 -123.72 -2.78 -27.95
CA ILE E 1131 -122.86 -1.93 -28.76
C ILE E 1131 -122.53 -2.61 -30.07
N LEU E 1132 -122.27 -3.92 -30.03
CA LEU E 1132 -121.96 -4.66 -31.26
C LEU E 1132 -123.14 -4.64 -32.22
N VAL E 1133 -124.35 -4.89 -31.72
CA VAL E 1133 -125.52 -4.90 -32.60
C VAL E 1133 -125.82 -3.51 -33.10
N LEU E 1134 -125.56 -2.47 -32.29
CA LEU E 1134 -125.73 -1.10 -32.75
C LEU E 1134 -124.74 -0.77 -33.86
N THR E 1135 -123.50 -1.25 -33.74
CA THR E 1135 -122.52 -1.05 -34.79
C THR E 1135 -122.93 -1.76 -36.08
N MET E 1136 -123.45 -2.99 -35.95
CA MET E 1136 -123.94 -3.70 -37.12
C MET E 1136 -125.09 -2.94 -37.79
N LEU E 1137 -126.02 -2.42 -36.99
CA LEU E 1137 -127.11 -1.62 -37.55
C LEU E 1137 -126.58 -0.38 -38.24
N ALA E 1138 -125.66 0.35 -37.59
CA ALA E 1138 -125.11 1.56 -38.19
C ALA E 1138 -124.36 1.25 -39.49
N ASP E 1139 -123.77 0.07 -39.58
CA ASP E 1139 -123.24 -0.40 -40.86
C ASP E 1139 -124.37 -0.61 -41.86
N ILE E 1140 -125.50 -1.14 -41.40
CA ILE E 1140 -126.62 -1.41 -42.31
C ILE E 1140 -127.23 -0.12 -42.83
N GLU E 1141 -127.51 0.83 -41.95
CA GLU E 1141 -128.19 2.07 -42.33
C GLU E 1141 -127.17 3.18 -42.56
N ILE E 1142 -127.30 3.86 -43.69
CA ILE E 1142 -126.40 4.96 -44.05
C ILE E 1142 -127.13 6.27 -43.70
N HIS E 1143 -126.87 6.77 -42.51
CA HIS E 1143 -127.47 8.01 -42.02
C HIS E 1143 -126.72 8.43 -40.76
N SER E 1144 -127.07 9.61 -40.26
CA SER E 1144 -126.51 10.15 -39.02
C SER E 1144 -127.59 10.17 -37.96
N ILE E 1145 -127.30 9.56 -36.80
CA ILE E 1145 -128.28 9.51 -35.72
C ILE E 1145 -128.57 10.91 -35.20
N GLY E 1146 -127.53 11.71 -34.98
CA GLY E 1146 -127.71 13.09 -34.53
C GLY E 1146 -128.36 13.23 -33.18
N SER E 1147 -128.08 12.31 -32.26
CA SER E 1147 -128.64 12.35 -30.90
C SER E 1147 -127.86 11.37 -30.05
N ILE E 1148 -128.19 11.37 -28.76
CA ILE E 1148 -127.55 10.50 -27.78
C ILE E 1148 -128.42 9.27 -27.58
N ILE E 1149 -127.83 8.08 -27.74
CA ILE E 1149 -128.53 6.81 -27.60
C ILE E 1149 -128.10 6.19 -26.28
N ALA E 1150 -129.07 5.68 -25.52
CA ALA E 1150 -128.82 5.06 -24.22
C ALA E 1150 -128.91 3.55 -24.38
N VAL E 1151 -127.78 2.87 -24.16
CA VAL E 1151 -127.77 1.40 -24.25
C VAL E 1151 -128.57 0.79 -23.10
N GLU E 1152 -128.61 1.47 -21.95
CA GLU E 1152 -129.41 0.98 -20.83
C GLU E 1152 -130.89 0.94 -21.20
N LYS E 1153 -131.39 1.98 -21.86
CA LYS E 1153 -132.77 1.98 -22.32
C LYS E 1153 -132.99 0.88 -23.34
N ILE E 1154 -132.01 0.64 -24.20
CA ILE E 1154 -132.13 -0.42 -25.22
C ILE E 1154 -132.27 -1.79 -24.56
N VAL E 1155 -131.40 -2.08 -23.58
CA VAL E 1155 -131.45 -3.38 -22.94
C VAL E 1155 -132.72 -3.51 -22.09
N HIS E 1156 -133.19 -2.40 -21.51
CA HIS E 1156 -134.46 -2.44 -20.79
C HIS E 1156 -135.62 -2.75 -21.72
N ILE E 1157 -135.62 -2.15 -22.91
CA ILE E 1157 -136.68 -2.43 -23.90
C ILE E 1157 -136.60 -3.88 -24.35
N ALA E 1158 -135.38 -4.39 -24.55
CA ALA E 1158 -135.23 -5.80 -24.94
C ALA E 1158 -135.75 -6.72 -23.83
N ASN E 1159 -135.45 -6.41 -22.57
CA ASN E 1159 -135.96 -7.20 -21.46
C ASN E 1159 -137.48 -7.17 -21.40
N ASP E 1160 -138.07 -5.99 -21.60
CA ASP E 1160 -139.52 -5.88 -21.60
C ASP E 1160 -140.15 -6.70 -22.74
N LEU E 1161 -139.53 -6.65 -23.92
CA LEU E 1161 -140.02 -7.44 -25.05
C LEU E 1161 -139.91 -8.93 -24.76
N PHE E 1162 -138.81 -9.36 -24.14
CA PHE E 1162 -138.66 -10.77 -23.80
C PHE E 1162 -139.70 -11.19 -22.77
N LEU E 1163 -139.97 -10.34 -21.78
CA LEU E 1163 -140.99 -10.67 -20.78
C LEU E 1163 -142.37 -10.77 -21.42
N GLN E 1164 -142.68 -9.85 -22.33
CA GLN E 1164 -143.96 -9.92 -23.03
C GLN E 1164 -144.08 -11.18 -23.87
N GLU E 1165 -143.01 -11.56 -24.57
CA GLU E 1165 -143.02 -12.77 -25.37
C GLU E 1165 -143.19 -14.00 -24.49
N GLN E 1166 -142.52 -14.04 -23.34
CA GLN E 1166 -142.65 -15.16 -22.42
C GLN E 1166 -144.06 -15.25 -21.87
N LYS E 1167 -144.66 -14.11 -21.53
CA LYS E 1167 -146.04 -14.11 -21.05
C LYS E 1167 -147.00 -14.60 -22.13
N THR E 1168 -146.77 -14.19 -23.38
CA THR E 1168 -147.62 -14.65 -24.48
C THR E 1168 -147.47 -16.15 -24.70
N LEU E 1169 -146.24 -16.66 -24.60
CA LEU E 1169 -145.99 -18.08 -24.85
C LEU E 1169 -146.73 -18.95 -23.83
N GLY E 1170 -146.70 -18.57 -22.56
CA GLY E 1170 -147.38 -19.33 -21.53
C GLY E 1170 -146.57 -19.57 -20.28
N ALA E 1171 -145.38 -18.97 -20.21
CA ALA E 1171 -144.53 -19.13 -19.02
C ALA E 1171 -145.19 -18.48 -17.82
N ASP E 1172 -145.07 -19.13 -16.66
CA ASP E 1172 -145.71 -18.67 -15.44
C ASP E 1172 -144.81 -17.70 -14.70
N ASP E 1173 -145.20 -17.34 -13.48
CA ASP E 1173 -144.53 -16.31 -12.70
C ASP E 1173 -143.12 -16.72 -12.25
N MET E 1175 -141.03 -18.52 -13.92
CA MET E 1175 -140.13 -18.48 -15.06
C MET E 1175 -139.72 -17.04 -15.36
N LEU E 1176 -140.66 -16.11 -15.18
CA LEU E 1176 -140.41 -14.69 -15.40
C LEU E 1176 -139.85 -14.06 -14.13
N ALA E 1177 -138.61 -14.46 -13.80
CA ALA E 1177 -137.95 -13.96 -12.61
C ALA E 1177 -137.41 -12.55 -12.84
N LYS E 1178 -137.08 -11.88 -11.75
CA LYS E 1178 -136.54 -10.52 -11.78
C LYS E 1178 -135.22 -10.48 -11.04
N ASP E 1179 -134.24 -9.80 -11.61
CA ASP E 1179 -132.95 -9.66 -10.96
C ASP E 1179 -133.09 -8.82 -9.69
N PRO E 1180 -132.46 -9.22 -8.58
CA PRO E 1180 -132.59 -8.44 -7.34
C PRO E 1180 -132.08 -7.01 -7.46
N ALA E 1181 -131.04 -6.77 -8.26
CA ALA E 1181 -130.44 -5.44 -8.35
C ALA E 1181 -130.24 -4.98 -9.80
N SER E 1182 -130.86 -5.66 -10.76
CA SER E 1182 -130.74 -5.26 -12.16
C SER E 1182 -132.05 -5.24 -12.93
N GLY E 1183 -133.12 -5.86 -12.41
CA GLY E 1183 -134.38 -5.90 -13.13
C GLY E 1183 -134.31 -6.60 -14.46
N ILE E 1184 -133.56 -7.70 -14.53
CA ILE E 1184 -133.36 -8.45 -15.76
C ILE E 1184 -133.72 -9.91 -15.49
N CYS E 1185 -134.50 -10.50 -16.40
CA CYS E 1185 -134.91 -11.89 -16.23
C CYS E 1185 -133.70 -12.82 -16.26
N THR E 1186 -133.73 -13.84 -15.41
CA THR E 1186 -132.64 -14.81 -15.37
C THR E 1186 -132.55 -15.59 -16.67
N LEU E 1187 -133.70 -15.79 -17.33
CA LEU E 1187 -133.70 -16.51 -18.60
C LEU E 1187 -132.92 -15.76 -19.68
N LEU E 1188 -132.89 -14.42 -19.59
CA LEU E 1188 -132.09 -13.64 -20.53
C LEU E 1188 -130.60 -13.98 -20.39
N TYR E 1189 -130.12 -14.08 -19.16
CA TYR E 1189 -128.73 -14.49 -18.94
C TYR E 1189 -128.53 -15.93 -19.37
N ASP E 1190 -129.50 -16.80 -19.08
CA ASP E 1190 -129.39 -18.21 -19.48
C ASP E 1190 -129.62 -18.41 -20.97
N SER E 1191 -130.16 -17.41 -21.66
CA SER E 1191 -130.43 -17.55 -23.09
C SER E 1191 -129.13 -17.61 -23.88
N ALA E 1192 -129.10 -18.50 -24.87
CA ALA E 1192 -127.95 -18.58 -25.76
C ALA E 1192 -127.88 -17.34 -26.64
N PRO E 1193 -126.66 -16.94 -27.07
CA PRO E 1193 -126.48 -15.75 -27.92
C PRO E 1193 -127.29 -15.78 -29.21
N GLY E 1195 -129.68 -17.79 -32.34
CA GLY E 1195 -130.82 -18.69 -32.39
C GLY E 1195 -132.11 -17.99 -32.78
N ARG E 1196 -133.19 -18.76 -32.89
CA ARG E 1196 -134.48 -18.18 -33.23
C ARG E 1196 -135.00 -17.26 -32.14
N PHE E 1197 -134.75 -17.61 -30.88
CA PHE E 1197 -135.19 -16.81 -29.74
C PHE E 1197 -133.99 -16.35 -28.91
N GLY E 1198 -132.85 -16.15 -29.55
CA GLY E 1198 -131.67 -15.69 -28.85
C GLY E 1198 -131.74 -14.22 -28.48
N THR E 1199 -130.82 -13.81 -27.60
CA THR E 1199 -130.82 -12.43 -27.14
C THR E 1199 -130.35 -11.47 -28.23
N MET E 1200 -129.67 -11.98 -29.26
CA MET E 1200 -129.26 -11.12 -30.37
C MET E 1200 -130.47 -10.51 -31.07
N THR E 1201 -131.50 -11.32 -31.32
CA THR E 1201 -132.70 -10.82 -31.99
C THR E 1201 -133.41 -9.77 -31.14
N TYR E 1202 -133.52 -10.02 -29.83
CA TYR E 1202 -134.18 -9.06 -28.94
C TYR E 1202 -133.39 -7.75 -28.87
N LEU E 1203 -132.05 -7.85 -28.80
CA LEU E 1203 -131.23 -6.64 -28.77
C LEU E 1203 -131.35 -5.86 -30.06
N SER E 1204 -131.36 -6.55 -31.21
CA SER E 1204 -131.54 -5.88 -32.48
C SER E 1204 -132.90 -5.19 -32.56
N LYS E 1205 -133.95 -5.87 -32.11
CA LYS E 1205 -135.28 -5.27 -32.09
C LYS E 1205 -135.32 -4.03 -31.22
N ALA E 1206 -134.71 -4.11 -30.03
CA ALA E 1206 -134.70 -2.96 -29.13
C ALA E 1206 -133.93 -1.79 -29.71
N ALA E 1207 -132.76 -2.07 -30.32
CA ALA E 1207 -131.99 -1.00 -30.94
C ALA E 1207 -132.74 -0.36 -32.09
N ALA E 1208 -133.40 -1.17 -32.91
CA ALA E 1208 -134.18 -0.63 -34.02
C ALA E 1208 -135.36 0.20 -33.50
N THR E 1209 -136.01 -0.25 -32.43
CA THR E 1209 -137.10 0.52 -31.84
C THR E 1209 -136.61 1.85 -31.31
N TYR E 1210 -135.44 1.86 -30.65
CA TYR E 1210 -134.87 3.11 -30.16
C TYR E 1210 -134.55 4.06 -31.33
N VAL E 1211 -133.97 3.51 -32.40
CA VAL E 1211 -133.65 4.33 -33.56
C VAL E 1211 -134.92 4.92 -34.16
N GLN E 1212 -135.97 4.11 -34.28
CA GLN E 1212 -137.24 4.62 -34.79
C GLN E 1212 -137.81 5.69 -33.89
N GLU E 1213 -137.69 5.51 -32.57
CA GLU E 1213 -138.12 6.54 -31.63
C GLU E 1213 -137.32 7.82 -31.79
N PHE E 1214 -136.07 7.73 -32.22
CA PHE E 1214 -135.23 8.90 -32.42
C PHE E 1214 -135.00 9.17 -33.91
N LEU E 1215 -136.03 8.99 -34.71
CA LEU E 1215 -136.03 9.29 -36.14
C LEU E 1215 -137.28 10.10 -36.48
N PRO E 1216 -137.21 10.92 -37.53
CA PRO E 1216 -138.36 11.77 -37.87
C PRO E 1216 -139.53 10.98 -38.45
N HIS E 1217 -140.17 10.15 -37.62
CA HIS E 1217 -141.38 9.43 -37.99
C HIS E 1217 -141.22 8.55 -39.25
N ILE E 1219 -138.10 5.58 -41.38
CA ILE E 1219 -136.88 4.79 -41.32
C ILE E 1219 -135.95 5.21 -42.46
N CYS E 1220 -134.66 5.25 -42.18
CA CYS E 1220 -133.64 5.64 -43.15
C CYS E 1220 -132.58 4.55 -43.29
N ALA E 1221 -133.01 3.29 -43.28
CA ALA E 1221 -132.12 2.15 -43.41
C ALA E 1221 -132.23 1.59 -44.82
N MET E 1222 -131.19 1.79 -45.63
CA MET E 1222 -131.18 1.32 -47.00
C MET E 1222 -129.77 0.90 -47.36
N GLN E 1223 -129.67 -0.18 -48.14
CA GLN E 1223 -128.37 -0.68 -48.59
C GLN E 1223 -128.51 -1.46 -49.89
N TRP F 13 -6.04 22.19 -12.80
CA TRP F 13 -7.28 21.59 -12.30
C TRP F 13 -7.97 22.51 -11.29
N LYS F 14 -8.93 21.95 -10.56
CA LYS F 14 -9.65 22.72 -9.56
C LYS F 14 -8.72 23.14 -8.43
N VAL F 15 -9.03 24.28 -7.81
CA VAL F 15 -8.29 24.85 -6.68
C VAL F 15 -6.96 25.43 -7.15
N LEU F 16 -6.22 24.66 -7.96
CA LEU F 16 -4.96 25.17 -8.50
C LEU F 16 -5.19 26.27 -9.53
N GLU F 17 -6.33 26.23 -10.23
CA GLU F 17 -6.56 27.17 -11.33
C GLU F 17 -6.81 28.59 -10.82
N ARG F 18 -7.56 28.73 -9.73
CA ARG F 18 -8.03 30.04 -9.31
C ARG F 18 -6.86 30.95 -8.92
N ARG F 19 -6.08 30.53 -7.92
CA ARG F 19 -4.90 31.24 -7.43
C ARG F 19 -5.15 32.75 -7.26
N ALA F 20 -6.39 33.12 -6.93
CA ALA F 20 -6.79 34.52 -6.85
C ALA F 20 -6.95 35.00 -5.41
N ARG F 21 -6.35 34.30 -4.44
CA ARG F 21 -6.41 34.70 -3.04
C ARG F 21 -5.41 35.82 -2.82
N THR F 22 -5.81 37.03 -3.21
CA THR F 22 -4.92 38.19 -3.09
C THR F 22 -4.58 38.50 -1.64
N LYS F 23 -5.58 38.45 -0.76
CA LYS F 23 -5.41 38.76 0.65
C LYS F 23 -5.68 37.49 1.46
N ARG F 24 -4.62 36.87 1.96
CA ARG F 24 -4.71 35.65 2.75
C ARG F 24 -5.49 34.55 2.02
N GLY F 26 -9.73 33.31 1.13
CA GLY F 26 -11.17 33.58 1.18
C GLY F 26 -11.91 33.09 -0.04
N VAL F 28 -13.91 33.15 -3.40
CA VAL F 28 -13.93 34.02 -4.56
C VAL F 28 -15.20 33.79 -5.38
N TYR F 29 -15.68 34.85 -6.03
CA TYR F 29 -16.87 34.78 -6.86
C TYR F 29 -16.54 35.43 -8.21
N GLU F 30 -15.98 34.64 -9.11
CA GLU F 30 -15.63 35.11 -10.45
C GLU F 30 -15.57 33.93 -11.40
N PRO F 31 -15.90 34.13 -12.68
CA PRO F 31 -15.78 33.03 -13.65
C PRO F 31 -14.32 32.62 -13.82
N LEU F 32 -14.11 31.32 -14.07
CA LEU F 32 -12.78 30.77 -14.22
C LEU F 32 -12.51 30.19 -15.60
N LYS F 33 -13.54 29.70 -16.28
CA LYS F 33 -13.41 29.11 -17.61
C LYS F 33 -12.45 27.91 -17.61
N ILE F 35 -9.90 27.92 -20.46
CA ILE F 35 -8.82 28.36 -21.33
C ILE F 35 -7.61 28.77 -20.49
N ASN F 36 -7.89 29.25 -19.27
CA ASN F 36 -6.83 29.66 -18.36
C ASN F 36 -6.23 28.49 -17.60
N LEU F 37 -6.73 27.28 -17.79
CA LEU F 37 -6.16 26.11 -17.13
C LEU F 37 -4.74 25.87 -17.63
N PRO F 38 -3.86 25.31 -16.79
CA PRO F 38 -2.50 25.01 -17.23
C PRO F 38 -2.52 24.04 -18.42
N ARG F 39 -1.61 24.27 -19.35
CA ARG F 39 -1.54 23.53 -20.60
C ARG F 39 -0.38 22.55 -20.57
N PRO F 40 -0.53 21.37 -21.18
CA PRO F 40 0.59 20.42 -21.26
C PRO F 40 1.72 20.93 -22.14
N ASP F 41 2.73 20.09 -22.39
CA ASP F 41 3.87 20.44 -23.22
C ASP F 41 3.43 21.19 -24.46
N ASN F 42 3.94 22.42 -24.61
CA ASN F 42 3.44 23.34 -25.64
C ASN F 42 3.74 22.78 -27.02
N GLU F 43 2.68 22.46 -27.75
CA GLU F 43 2.78 21.98 -29.13
C GLU F 43 1.40 22.09 -29.76
N THR F 44 1.30 22.84 -30.84
CA THR F 44 0.02 22.99 -31.52
C THR F 44 -0.41 21.67 -32.15
N LEU F 45 -1.72 21.42 -32.12
CA LEU F 45 -2.25 20.23 -32.76
C LEU F 45 -1.95 20.22 -34.26
N TRP F 46 -1.84 21.42 -34.87
CA TRP F 46 -1.50 21.50 -36.28
C TRP F 46 -0.12 20.93 -36.54
N ASP F 47 0.84 21.17 -35.64
CA ASP F 47 2.19 20.66 -35.85
C ASP F 47 2.22 19.13 -35.81
N LYS F 48 1.55 18.53 -34.82
CA LYS F 48 1.51 17.08 -34.74
C LYS F 48 0.79 16.47 -35.94
N LEU F 49 -0.33 17.08 -36.33
CA LEU F 49 -1.06 16.58 -37.50
C LEU F 49 -0.25 16.72 -38.77
N ASP F 50 0.53 17.80 -38.89
CA ASP F 50 1.40 17.97 -40.05
C ASP F 50 2.52 16.93 -40.05
N HIS F 51 3.06 16.60 -38.87
CA HIS F 51 4.07 15.55 -38.79
C HIS F 51 3.48 14.21 -39.24
N TYR F 52 2.27 13.90 -38.79
CA TYR F 52 1.60 12.67 -39.22
C TYR F 52 1.34 12.70 -40.73
N TYR F 53 0.94 13.86 -41.26
CA TYR F 53 0.68 13.99 -42.68
C TYR F 53 1.93 13.76 -43.50
N ARG F 54 3.07 14.31 -43.06
CA ARG F 54 4.33 14.07 -43.75
C ARG F 54 4.72 12.60 -43.70
N ILE F 55 4.55 11.97 -42.53
CA ILE F 55 4.86 10.55 -42.40
C ILE F 55 4.03 9.73 -43.36
N VAL F 56 2.74 10.04 -43.45
CA VAL F 56 1.86 9.30 -44.36
C VAL F 56 2.25 9.55 -45.81
N LYS F 57 2.48 10.81 -46.17
CA LYS F 57 2.75 11.15 -47.57
C LYS F 57 4.04 10.53 -48.05
N SER F 58 5.06 10.48 -47.19
CA SER F 58 6.35 9.94 -47.61
C SER F 58 6.42 8.42 -47.59
N THR F 59 5.40 7.74 -47.07
CA THR F 59 5.50 6.30 -46.92
C THR F 59 4.38 5.52 -47.57
N LEU F 60 3.13 5.99 -47.46
CA LEU F 60 1.96 5.25 -47.92
C LEU F 60 1.36 5.86 -49.17
N LEU F 61 1.09 7.16 -49.18
CA LEU F 61 0.46 7.80 -50.33
C LEU F 61 1.39 7.93 -51.52
N LEU F 62 2.71 7.75 -51.32
CA LEU F 62 3.65 7.85 -52.42
C LEU F 62 3.43 6.78 -53.47
N TYR F 63 3.10 5.56 -53.07
CA TYR F 63 2.92 4.43 -53.97
C TYR F 63 1.41 4.21 -54.18
N GLN F 64 0.87 4.89 -55.19
CA GLN F 64 -0.54 4.73 -55.55
C GLN F 64 -0.69 4.99 -57.03
N SER F 65 -1.23 4.01 -57.76
CA SER F 65 -1.40 4.14 -59.19
C SER F 65 -2.55 5.10 -59.51
N PRO F 66 -2.32 6.17 -60.28
CA PRO F 66 -3.42 7.08 -60.59
C PRO F 66 -4.54 6.43 -61.39
N THR F 67 -4.23 5.43 -62.22
CA THR F 67 -5.24 4.85 -63.10
C THR F 67 -6.34 4.15 -62.30
N THR F 68 -5.96 3.40 -61.26
CA THR F 68 -6.93 2.62 -60.49
C THR F 68 -6.93 2.93 -59.01
N GLY F 69 -5.89 3.55 -58.47
CA GLY F 69 -5.86 3.85 -57.06
C GLY F 69 -5.63 2.64 -56.16
N LEU F 70 -5.01 1.60 -56.69
CA LEU F 70 -4.73 0.38 -55.93
C LEU F 70 -3.28 0.39 -55.46
N PHE F 71 -3.10 0.24 -54.15
CA PHE F 71 -1.75 0.26 -53.59
C PHE F 71 -1.02 -1.05 -53.91
N PRO F 72 0.21 -0.98 -54.41
CA PRO F 72 0.95 -2.20 -54.73
C PRO F 72 1.53 -2.86 -53.49
N THR F 73 1.60 -4.18 -53.54
CA THR F 73 2.13 -4.95 -52.42
C THR F 73 3.65 -4.87 -52.36
N LYS F 74 4.30 -4.44 -53.43
CA LYS F 74 5.74 -4.31 -53.49
C LYS F 74 6.11 -2.90 -53.89
N THR F 75 7.05 -2.29 -53.16
CA THR F 75 7.47 -0.92 -53.42
C THR F 75 8.67 -0.82 -54.36
N CYS F 76 9.18 -1.94 -54.85
CA CYS F 76 10.33 -1.93 -55.75
C CYS F 76 10.29 -3.16 -56.63
N GLY F 77 11.08 -3.12 -57.69
CA GLY F 77 11.15 -4.21 -58.65
C GLY F 77 10.11 -4.17 -59.74
N GLY F 78 9.24 -3.17 -59.76
CA GLY F 78 8.23 -3.07 -60.80
C GLY F 78 7.20 -4.19 -60.76
N ASP F 79 6.84 -4.64 -59.56
CA ASP F 79 5.81 -5.67 -59.43
C ASP F 79 4.45 -5.12 -59.82
N GLN F 80 3.66 -5.95 -60.51
CA GLN F 80 2.35 -5.54 -60.99
C GLN F 80 1.20 -6.07 -60.14
N LYS F 81 1.45 -7.08 -59.30
CA LYS F 81 0.40 -7.64 -58.47
C LYS F 81 0.01 -6.66 -57.37
N ALA F 82 -1.25 -6.73 -56.94
CA ALA F 82 -1.76 -5.85 -55.90
C ALA F 82 -2.91 -6.55 -55.19
N LYS F 83 -2.77 -6.74 -53.88
CA LYS F 83 -3.81 -7.39 -53.11
C LYS F 83 -4.94 -6.41 -52.77
N ILE F 84 -6.03 -6.96 -52.26
CA ILE F 84 -7.20 -6.15 -51.93
C ILE F 84 -7.19 -5.72 -50.47
N GLN F 85 -6.81 -6.62 -49.56
CA GLN F 85 -6.80 -6.30 -48.14
C GLN F 85 -5.82 -5.19 -47.82
N ASP F 86 -4.63 -5.22 -48.43
CA ASP F 86 -3.64 -4.17 -48.20
C ASP F 86 -4.16 -2.82 -48.67
N SER F 87 -4.81 -2.78 -49.83
CA SER F 87 -5.40 -1.53 -50.31
C SER F 87 -6.50 -1.04 -49.38
N LEU F 88 -7.33 -1.96 -48.88
CA LEU F 88 -8.37 -1.58 -47.95
C LEU F 88 -7.79 -0.98 -46.67
N TYR F 89 -6.71 -1.58 -46.16
CA TYR F 89 -6.11 -1.06 -44.93
C TYR F 89 -5.42 0.28 -45.18
N CYS F 90 -4.83 0.47 -46.35
CA CYS F 90 -4.27 1.78 -46.69
C CYS F 90 -5.36 2.83 -46.77
N ALA F 91 -6.51 2.48 -47.37
CA ALA F 91 -7.64 3.40 -47.39
C ALA F 91 -8.13 3.69 -45.98
N ALA F 92 -8.10 2.69 -45.11
CA ALA F 92 -8.45 2.90 -43.71
C ALA F 92 -7.52 3.92 -43.05
N GLY F 93 -6.22 3.78 -43.28
CA GLY F 93 -5.28 4.72 -42.72
C GLY F 93 -5.50 6.14 -43.23
N ALA F 94 -5.73 6.26 -44.55
CA ALA F 94 -5.99 7.58 -45.13
C ALA F 94 -7.27 8.19 -44.56
N TRP F 95 -8.32 7.39 -44.42
CA TRP F 95 -9.59 7.90 -43.88
C TRP F 95 -9.44 8.30 -42.42
N ALA F 96 -8.69 7.52 -41.64
CA ALA F 96 -8.46 7.87 -40.24
C ALA F 96 -7.66 9.16 -40.13
N LEU F 97 -6.64 9.34 -40.97
CA LEU F 97 -5.88 10.58 -40.94
C LEU F 97 -6.74 11.78 -41.34
N ALA F 98 -7.61 11.59 -42.34
CA ALA F 98 -8.52 12.67 -42.73
C ALA F 98 -9.48 13.01 -41.60
N LEU F 99 -10.01 11.99 -40.91
CA LEU F 99 -10.89 12.24 -39.79
C LEU F 99 -10.17 12.99 -38.68
N ALA F 100 -8.91 12.62 -38.42
CA ALA F 100 -8.12 13.35 -37.42
C ALA F 100 -7.90 14.79 -37.82
N TYR F 101 -7.62 15.03 -39.10
CA TYR F 101 -7.45 16.40 -39.61
C TYR F 101 -8.75 17.19 -39.61
N ARG F 102 -9.90 16.53 -39.64
CA ARG F 102 -11.19 17.21 -39.71
C ARG F 102 -11.46 18.12 -38.52
N ARG F 103 -10.76 17.92 -37.39
CA ARG F 103 -10.98 18.72 -36.19
C ARG F 103 -10.54 20.18 -36.36
N ILE F 104 -9.81 20.50 -37.43
CA ILE F 104 -9.31 21.84 -37.67
C ILE F 104 -10.16 22.50 -38.75
N ASP F 105 -10.39 23.80 -38.60
CA ASP F 105 -11.11 24.57 -39.61
C ASP F 105 -10.26 24.91 -40.82
N ASP F 106 -8.99 25.27 -40.60
CA ASP F 106 -8.09 25.62 -41.70
C ASP F 106 -7.13 24.46 -41.98
N ASP F 107 -7.61 23.55 -42.83
CA ASP F 107 -6.85 22.35 -43.18
C ASP F 107 -5.89 22.58 -44.34
N LYS F 108 -5.93 23.76 -44.99
CA LYS F 108 -5.09 24.06 -46.15
C LYS F 108 -5.30 23.04 -47.27
N GLY F 109 -6.52 22.55 -47.42
CA GLY F 109 -6.84 21.57 -48.44
C GLY F 109 -6.16 20.24 -48.27
N ARG F 110 -6.16 19.70 -47.04
CA ARG F 110 -5.53 18.41 -46.78
C ARG F 110 -6.52 17.31 -46.43
N THR F 111 -7.60 17.64 -45.71
CA THR F 111 -8.61 16.64 -45.39
C THR F 111 -9.27 16.10 -46.65
N HIS F 112 -9.56 16.98 -47.60
CA HIS F 112 -10.21 16.55 -48.84
C HIS F 112 -9.32 15.58 -49.63
N GLU F 113 -8.01 15.80 -49.60
CA GLU F 113 -7.10 14.93 -50.34
C GLU F 113 -7.12 13.50 -49.79
N LEU F 114 -7.10 13.34 -48.47
CA LEU F 114 -7.14 12.01 -47.89
C LEU F 114 -8.51 11.38 -48.03
N GLU F 115 -9.57 12.18 -47.89
CA GLU F 115 -10.91 11.68 -48.16
C GLU F 115 -11.03 11.15 -49.58
N HIS F 116 -10.49 11.89 -50.55
CA HIS F 116 -10.35 11.33 -51.89
C HIS F 116 -9.60 10.01 -51.86
N SER F 117 -8.35 10.01 -51.39
CA SER F 117 -7.55 8.80 -51.39
C SER F 117 -8.36 7.58 -50.98
N ALA F 118 -9.15 7.71 -49.90
CA ALA F 118 -10.07 6.65 -49.53
C ALA F 118 -11.10 6.37 -50.62
N ILE F 119 -11.70 7.43 -51.18
CA ILE F 119 -12.73 7.26 -52.21
C ILE F 119 -12.16 6.55 -53.43
N LYS F 120 -10.97 6.97 -53.86
CA LYS F 120 -10.33 6.41 -55.04
C LYS F 120 -9.94 4.95 -54.82
N CYS F 121 -9.42 4.61 -53.64
CA CYS F 121 -9.12 3.21 -53.37
C CYS F 121 -10.39 2.37 -53.41
N MET F 122 -11.46 2.84 -52.77
CA MET F 122 -12.71 2.10 -52.78
C MET F 122 -13.27 1.95 -54.19
N ARG F 123 -13.19 3.03 -54.99
CA ARG F 123 -13.69 2.99 -56.36
C ARG F 123 -12.86 2.08 -57.24
N GLY F 124 -11.54 2.04 -57.03
CA GLY F 124 -10.72 1.11 -57.78
C GLY F 124 -11.05 -0.34 -57.46
N ILE F 125 -11.24 -0.65 -56.18
CA ILE F 125 -11.65 -1.99 -55.80
C ILE F 125 -13.01 -2.33 -56.41
N LEU F 126 -13.94 -1.38 -56.36
CA LEU F 126 -15.27 -1.60 -56.92
C LEU F 126 -15.21 -1.82 -58.42
N TYR F 127 -14.38 -1.04 -59.12
CA TYR F 127 -14.24 -1.20 -60.57
C TYR F 127 -13.64 -2.56 -60.91
N CYS F 128 -12.62 -2.97 -60.16
CA CYS F 128 -12.02 -4.29 -60.39
C CYS F 128 -13.03 -5.40 -60.19
N TYR F 129 -13.89 -5.26 -59.17
CA TYR F 129 -14.93 -6.27 -58.95
C TYR F 129 -16.00 -6.22 -60.03
N MET F 130 -16.37 -5.01 -60.48
CA MET F 130 -17.40 -4.86 -61.50
C MET F 130 -16.95 -5.41 -62.84
N ARG F 131 -15.63 -5.42 -63.10
CA ARG F 131 -15.14 -5.95 -64.36
C ARG F 131 -15.44 -7.44 -64.50
N GLN F 132 -15.75 -8.12 -63.39
CA GLN F 132 -16.10 -9.53 -63.43
C GLN F 132 -17.53 -9.72 -62.90
N ALA F 133 -18.49 -9.68 -63.83
CA ALA F 133 -19.89 -9.87 -63.47
C ALA F 133 -20.34 -11.30 -63.72
N ASP F 134 -19.87 -11.91 -64.81
CA ASP F 134 -20.18 -13.32 -65.06
C ASP F 134 -19.60 -14.20 -63.97
N LYS F 135 -18.46 -13.82 -63.42
CA LYS F 135 -17.90 -14.55 -62.29
C LYS F 135 -18.83 -14.49 -61.08
N VAL F 136 -19.42 -13.31 -60.82
CA VAL F 136 -20.38 -13.18 -59.74
C VAL F 136 -21.61 -14.05 -60.00
N GLN F 137 -22.09 -14.04 -61.25
CA GLN F 137 -23.25 -14.86 -61.61
C GLN F 137 -22.97 -16.35 -61.38
N GLN F 138 -21.78 -16.81 -61.78
CA GLN F 138 -21.41 -18.21 -61.56
C GLN F 138 -21.26 -18.51 -60.08
N PHE F 139 -20.69 -17.57 -59.31
CA PHE F 139 -20.56 -17.75 -57.87
C PHE F 139 -21.93 -17.90 -57.22
N LYS F 140 -22.93 -17.16 -57.70
CA LYS F 140 -24.27 -17.23 -57.11
C LYS F 140 -24.85 -18.63 -57.27
N GLN F 141 -24.66 -19.25 -58.43
CA GLN F 141 -25.31 -20.55 -58.70
C GLN F 141 -24.53 -21.70 -58.07
N ASP F 142 -23.28 -21.90 -58.50
CA ASP F 142 -22.44 -23.00 -58.00
C ASP F 142 -21.15 -22.41 -57.46
N PRO F 143 -21.11 -22.10 -56.16
CA PRO F 143 -19.89 -21.55 -55.57
C PRO F 143 -18.79 -22.59 -55.47
N ARG F 144 -17.75 -22.40 -56.27
CA ARG F 144 -16.61 -23.31 -56.29
C ARG F 144 -15.34 -22.49 -56.48
N PRO F 145 -14.19 -23.00 -56.06
CA PRO F 145 -12.94 -22.24 -56.24
C PRO F 145 -12.62 -21.93 -57.69
N THR F 146 -13.05 -22.77 -58.63
CA THR F 146 -12.79 -22.52 -60.04
C THR F 146 -13.69 -21.42 -60.60
N THR F 147 -14.75 -21.05 -59.90
CA THR F 147 -15.67 -20.02 -60.37
C THR F 147 -15.80 -18.90 -59.33
N CYS F 148 -14.69 -18.45 -58.77
CA CYS F 148 -14.68 -17.43 -57.74
C CYS F 148 -14.03 -16.15 -58.27
N LEU F 149 -14.35 -15.05 -57.61
CA LEU F 149 -13.74 -13.77 -57.96
C LEU F 149 -12.25 -13.77 -57.67
N HIS F 150 -11.48 -13.12 -58.53
CA HIS F 150 -10.05 -13.01 -58.33
C HIS F 150 -9.75 -12.11 -57.13
N SER F 151 -8.61 -12.36 -56.49
CA SER F 151 -8.18 -11.56 -55.34
C SER F 151 -6.93 -10.75 -55.63
N VAL F 152 -6.25 -10.98 -56.74
CA VAL F 152 -5.04 -10.24 -57.11
C VAL F 152 -5.25 -9.70 -58.51
N PHE F 153 -5.16 -8.39 -58.67
CA PHE F 153 -5.31 -7.72 -59.95
C PHE F 153 -4.05 -6.92 -60.28
N ASN F 154 -3.95 -6.54 -61.55
CA ASN F 154 -2.83 -5.71 -61.98
C ASN F 154 -2.90 -4.33 -61.34
N VAL F 155 -1.74 -3.82 -60.93
CA VAL F 155 -1.71 -2.53 -60.24
C VAL F 155 -1.77 -1.36 -61.23
N HIS F 156 -1.48 -1.59 -62.51
CA HIS F 156 -1.47 -0.52 -63.49
C HIS F 156 -2.71 -0.49 -64.39
N THR F 157 -3.25 -1.66 -64.75
CA THR F 157 -4.40 -1.72 -65.65
C THR F 157 -5.63 -2.35 -65.01
N GLY F 158 -5.54 -2.85 -63.78
CA GLY F 158 -6.67 -3.52 -63.17
C GLY F 158 -7.08 -4.79 -63.90
N ASP F 159 -6.11 -5.59 -64.31
CA ASP F 159 -6.35 -6.82 -65.06
C ASP F 159 -5.97 -8.02 -64.22
N GLU F 160 -6.58 -9.16 -64.53
CA GLU F 160 -6.22 -10.41 -63.87
C GLU F 160 -4.79 -10.80 -64.22
N LEU F 161 -4.06 -11.27 -63.22
CA LEU F 161 -2.65 -11.59 -63.37
C LEU F 161 -2.35 -13.08 -63.25
N LEU F 162 -2.81 -13.73 -62.18
CA LEU F 162 -2.52 -15.12 -61.92
C LEU F 162 -3.78 -15.96 -62.04
N SER F 163 -3.66 -17.10 -62.71
CA SER F 163 -4.80 -17.97 -62.97
C SER F 163 -5.18 -18.75 -61.72
N TYR F 164 -6.26 -19.54 -61.85
CA TYR F 164 -6.75 -20.33 -60.73
C TYR F 164 -5.82 -21.48 -60.35
N GLU F 165 -4.92 -21.88 -61.24
CA GLU F 165 -4.06 -23.03 -61.03
C GLU F 165 -2.81 -22.70 -60.22
N GLU F 166 -2.61 -21.43 -59.85
CA GLU F 166 -1.41 -21.04 -59.10
C GLU F 166 -1.72 -20.23 -57.85
N TYR F 167 -2.93 -19.70 -57.68
CA TYR F 167 -3.28 -18.91 -56.51
C TYR F 167 -4.59 -19.32 -55.85
N GLY F 168 -5.53 -19.91 -56.57
CA GLY F 168 -6.81 -20.28 -55.99
C GLY F 168 -7.82 -19.16 -56.05
N HIS F 169 -7.44 -17.99 -55.54
CA HIS F 169 -8.23 -16.76 -55.56
C HIS F 169 -9.53 -16.86 -54.77
N LEU F 170 -9.71 -17.91 -53.97
CA LEU F 170 -10.93 -18.10 -53.18
C LEU F 170 -10.73 -17.46 -51.82
N GLN F 171 -11.10 -16.20 -51.70
CA GLN F 171 -10.98 -15.46 -50.44
C GLN F 171 -12.23 -14.60 -50.27
N ILE F 172 -13.05 -14.93 -49.28
CA ILE F 172 -14.25 -14.15 -49.01
C ILE F 172 -14.04 -13.13 -47.89
N ASN F 173 -12.98 -13.27 -47.10
CA ASN F 173 -12.70 -12.30 -46.05
C ASN F 173 -12.44 -10.92 -46.64
N ALA F 174 -11.76 -10.85 -47.78
CA ALA F 174 -11.53 -9.56 -48.44
C ALA F 174 -12.84 -8.90 -48.83
N VAL F 175 -13.77 -9.69 -49.40
CA VAL F 175 -15.06 -9.13 -49.79
C VAL F 175 -15.84 -8.66 -48.57
N SER F 176 -15.85 -9.45 -47.50
CA SER F 176 -16.56 -9.06 -46.28
C SER F 176 -15.96 -7.78 -45.69
N LEU F 177 -14.64 -7.69 -45.64
CA LEU F 177 -13.99 -6.48 -45.13
C LEU F 177 -14.30 -5.28 -46.01
N TYR F 178 -14.31 -5.46 -47.33
CA TYR F 178 -14.63 -4.37 -48.24
C TYR F 178 -16.05 -3.87 -48.00
N LEU F 179 -17.00 -4.80 -47.86
CA LEU F 179 -18.39 -4.39 -47.64
C LEU F 179 -18.54 -3.67 -46.30
N LEU F 180 -17.93 -4.22 -45.24
CA LEU F 180 -18.04 -3.60 -43.92
C LEU F 180 -17.40 -2.22 -43.91
N TYR F 181 -16.25 -2.07 -44.58
CA TYR F 181 -15.56 -0.79 -44.59
C TYR F 181 -16.32 0.23 -45.43
N LEU F 182 -16.93 -0.21 -46.53
CA LEU F 182 -17.80 0.67 -47.28
C LEU F 182 -18.96 1.17 -46.43
N VAL F 183 -19.56 0.25 -45.65
CA VAL F 183 -20.62 0.65 -44.73
C VAL F 183 -20.11 1.70 -43.74
N GLU F 184 -18.92 1.47 -43.18
CA GLU F 184 -18.38 2.39 -42.19
C GLU F 184 -18.15 3.77 -42.79
N MET F 185 -17.56 3.83 -43.99
CA MET F 185 -17.28 5.12 -44.61
C MET F 185 -18.56 5.85 -45.00
N ILE F 186 -19.55 5.13 -45.53
CA ILE F 186 -20.80 5.78 -45.90
C ILE F 186 -21.51 6.30 -44.65
N SER F 187 -21.51 5.51 -43.58
CA SER F 187 -22.13 5.94 -42.33
C SER F 187 -21.44 7.18 -41.76
N SER F 188 -20.10 7.20 -41.81
CA SER F 188 -19.37 8.40 -41.40
C SER F 188 -19.61 9.57 -42.34
N GLY F 189 -20.04 9.31 -43.56
CA GLY F 189 -20.36 10.37 -44.51
C GLY F 189 -19.40 10.42 -45.67
N LEU F 190 -19.78 9.84 -46.80
CA LEU F 190 -18.94 9.79 -47.99
C LEU F 190 -19.82 9.51 -49.19
N GLN F 191 -19.24 9.64 -50.38
CA GLN F 191 -19.93 9.41 -51.63
C GLN F 191 -19.14 8.42 -52.46
N ILE F 192 -19.45 7.13 -52.32
CA ILE F 192 -18.78 6.09 -53.08
C ILE F 192 -19.62 5.53 -54.22
N ILE F 193 -20.86 5.10 -53.96
CA ILE F 193 -21.71 4.50 -54.98
C ILE F 193 -22.44 5.61 -55.73
N TYR F 194 -22.38 5.56 -57.06
CA TYR F 194 -22.90 6.63 -57.89
C TYR F 194 -24.24 6.28 -58.53
N ASN F 195 -24.32 5.14 -59.22
CA ASN F 195 -25.51 4.78 -59.98
C ASN F 195 -26.22 3.59 -59.33
N THR F 196 -27.42 3.30 -59.84
CA THR F 196 -28.20 2.17 -59.33
C THR F 196 -27.60 0.83 -59.70
N ASP F 197 -26.85 0.78 -60.82
CA ASP F 197 -26.19 -0.47 -61.20
C ASP F 197 -25.17 -0.88 -60.14
N GLU F 198 -24.46 0.08 -59.56
CA GLU F 198 -23.55 -0.22 -58.47
C GLU F 198 -24.29 -0.77 -57.26
N VAL F 199 -25.49 -0.23 -56.99
CA VAL F 199 -26.31 -0.75 -55.89
C VAL F 199 -26.70 -2.19 -56.17
N SER F 200 -27.09 -2.49 -57.40
CA SER F 200 -27.46 -3.87 -57.75
C SER F 200 -26.26 -4.80 -57.63
N PHE F 201 -25.08 -4.34 -58.04
CA PHE F 201 -23.88 -5.16 -57.91
C PHE F 201 -23.54 -5.42 -56.45
N ILE F 202 -23.68 -4.40 -55.59
CA ILE F 202 -23.45 -4.59 -54.17
C ILE F 202 -24.45 -5.57 -53.59
N GLN F 203 -25.72 -5.48 -54.04
CA GLN F 203 -26.73 -6.41 -53.57
C GLN F 203 -26.41 -7.85 -53.98
N ASN F 204 -25.93 -8.05 -55.20
CA ASN F 204 -25.58 -9.40 -55.63
C ASN F 204 -24.32 -9.89 -54.91
N LEU F 205 -23.41 -8.99 -54.58
CA LEU F 205 -22.26 -9.37 -53.76
C LEU F 205 -22.72 -9.85 -52.38
N VAL F 206 -23.68 -9.13 -51.78
CA VAL F 206 -24.25 -9.57 -50.51
C VAL F 206 -24.95 -10.92 -50.66
N PHE F 207 -25.62 -11.12 -51.81
CA PHE F 207 -26.25 -12.40 -52.09
C PHE F 207 -25.21 -13.52 -52.11
N CYS F 208 -24.07 -13.28 -52.77
CA CYS F 208 -23.00 -14.26 -52.78
C CYS F 208 -22.46 -14.53 -51.38
N VAL F 209 -22.29 -13.46 -50.59
CA VAL F 209 -21.75 -13.61 -49.23
C VAL F 209 -22.71 -14.32 -48.28
N GLU F 210 -24.02 -14.25 -48.52
CA GLU F 210 -24.96 -14.89 -47.61
C GLU F 210 -24.74 -16.40 -47.48
N ARG F 211 -24.09 -17.03 -48.45
CA ARG F 211 -23.88 -18.48 -48.45
C ARG F 211 -22.43 -18.82 -48.12
N VAL F 212 -21.81 -18.04 -47.24
CA VAL F 212 -20.45 -18.33 -46.80
C VAL F 212 -20.37 -19.60 -45.95
N TYR F 213 -21.35 -19.84 -45.09
CA TYR F 213 -21.34 -20.93 -44.10
C TYR F 213 -21.28 -22.32 -44.72
N ARG F 214 -21.30 -22.51 -46.04
CA ARG F 214 -21.23 -23.85 -46.60
C ARG F 214 -19.95 -24.09 -47.40
N VAL F 215 -19.41 -23.08 -48.07
CA VAL F 215 -18.26 -23.27 -48.95
C VAL F 215 -16.97 -23.09 -48.16
N PRO F 216 -15.95 -23.90 -48.41
CA PRO F 216 -14.64 -23.65 -47.80
C PRO F 216 -13.90 -22.55 -48.54
N ASP F 217 -12.79 -22.10 -47.94
CA ASP F 217 -11.99 -21.04 -48.51
C ASP F 217 -10.53 -21.24 -48.13
N PHE F 218 -9.65 -20.60 -48.88
CA PHE F 218 -8.21 -20.68 -48.63
C PHE F 218 -7.78 -19.87 -47.42
N GLY F 219 -8.62 -18.96 -46.93
CA GLY F 219 -8.29 -18.16 -45.77
C GLY F 219 -7.49 -16.91 -46.11
N VAL F 220 -7.24 -16.11 -45.07
CA VAL F 220 -6.48 -14.87 -45.23
C VAL F 220 -5.04 -15.17 -45.61
N TRP F 221 -4.47 -16.26 -45.06
CA TRP F 221 -3.08 -16.58 -45.30
C TRP F 221 -2.84 -17.22 -46.67
N GLU F 222 -3.89 -17.37 -47.48
CA GLU F 222 -3.84 -17.85 -48.87
C GLU F 222 -3.06 -19.15 -49.02
N ARG F 223 -2.89 -19.90 -47.92
CA ARG F 223 -2.23 -21.20 -48.01
C ARG F 223 -3.25 -22.34 -48.00
N GLY F 224 -4.34 -22.16 -47.27
CA GLY F 224 -5.40 -23.14 -47.25
C GLY F 224 -5.49 -23.92 -45.93
N SER F 225 -4.34 -24.32 -45.40
CA SER F 225 -4.28 -25.09 -44.16
C SER F 225 -2.83 -25.13 -43.70
N LYS F 226 -2.60 -25.79 -42.56
CA LYS F 226 -1.25 -25.95 -42.05
C LYS F 226 -0.41 -26.81 -42.98
N TYR F 227 -1.00 -27.87 -43.55
CA TYR F 227 -0.25 -28.79 -44.39
C TYR F 227 0.17 -28.13 -45.71
N ASN F 228 -0.63 -27.18 -46.21
CA ASN F 228 -0.36 -26.50 -47.47
C ASN F 228 -0.23 -27.50 -48.63
N ASN F 229 -1.34 -28.19 -48.89
CA ASN F 229 -1.42 -29.18 -49.95
C ASN F 229 -2.56 -28.88 -50.91
N GLY F 230 -2.91 -27.60 -51.05
CA GLY F 230 -4.01 -27.22 -51.93
C GLY F 230 -5.36 -27.72 -51.48
N SER F 231 -5.64 -27.64 -50.18
CA SER F 231 -6.91 -28.08 -49.61
C SER F 231 -7.59 -26.90 -48.91
N THR F 232 -8.90 -26.80 -49.12
CA THR F 232 -9.69 -25.72 -48.55
C THR F 232 -10.49 -26.22 -47.35
N GLU F 233 -10.71 -25.33 -46.39
CA GLU F 233 -11.45 -25.68 -45.19
C GLU F 233 -12.11 -24.41 -44.64
N LEU F 234 -13.14 -24.62 -43.82
CA LEU F 234 -13.85 -23.51 -43.21
C LEU F 234 -12.99 -22.82 -42.17
N HIS F 235 -13.09 -21.49 -42.12
CA HIS F 235 -12.30 -20.68 -41.20
C HIS F 235 -13.22 -19.80 -40.36
N SER F 236 -12.90 -19.68 -39.08
CA SER F 236 -13.72 -18.89 -38.16
C SER F 236 -13.68 -17.41 -38.53
N SER F 237 -12.51 -16.90 -38.90
CA SER F 237 -12.34 -15.49 -39.19
C SER F 237 -13.21 -15.03 -40.36
N VAL F 239 -15.98 -16.45 -41.49
CA VAL F 239 -17.39 -16.52 -41.09
C VAL F 239 -17.76 -15.31 -40.24
N GLY F 240 -16.87 -14.96 -39.31
CA GLY F 240 -17.13 -13.79 -38.47
C GLY F 240 -17.18 -12.50 -39.27
N LEU F 241 -16.23 -12.34 -40.21
CA LEU F 241 -16.23 -11.15 -41.05
C LEU F 241 -17.48 -11.08 -41.91
N ALA F 242 -17.91 -12.21 -42.47
CA ALA F 242 -19.13 -12.24 -43.27
C ALA F 242 -20.35 -11.90 -42.42
N LYS F 243 -20.41 -12.42 -41.20
CA LYS F 243 -21.52 -12.09 -40.31
C LYS F 243 -21.55 -10.60 -39.98
N ALA F 244 -20.39 -10.02 -39.70
CA ALA F 244 -20.32 -8.59 -39.43
C ALA F 244 -20.76 -7.78 -40.64
N ALA F 245 -20.31 -8.18 -41.84
CA ALA F 245 -20.70 -7.46 -43.05
C ALA F 245 -22.21 -7.53 -43.29
N LEU F 246 -22.80 -8.72 -43.08
CA LEU F 246 -24.25 -8.85 -43.22
C LEU F 246 -24.98 -8.00 -42.19
N GLU F 247 -24.46 -7.95 -40.96
CA GLU F 247 -25.10 -7.12 -39.94
C GLU F 247 -25.04 -5.64 -40.31
N ALA F 248 -23.91 -5.21 -40.89
CA ALA F 248 -23.77 -3.79 -41.25
C ALA F 248 -24.59 -3.45 -42.49
N ILE F 249 -24.67 -4.36 -43.45
CA ILE F 249 -25.35 -4.12 -44.72
C ILE F 249 -26.87 -4.32 -44.60
N ASN F 250 -27.37 -4.63 -43.40
CA ASN F 250 -28.79 -4.85 -43.20
C ASN F 250 -29.50 -3.50 -43.13
N GLY F 251 -30.32 -3.20 -44.13
CA GLY F 251 -31.11 -1.99 -44.15
C GLY F 251 -30.34 -0.71 -44.34
N PHE F 252 -29.03 -0.79 -44.58
CA PHE F 252 -28.21 0.40 -44.74
C PHE F 252 -28.50 1.08 -46.07
N ASN F 253 -28.45 2.40 -46.06
CA ASN F 253 -28.68 3.21 -47.25
C ASN F 253 -27.33 3.57 -47.87
N LEU F 254 -27.12 3.15 -49.11
CA LEU F 254 -25.85 3.37 -49.79
C LEU F 254 -25.70 4.80 -50.30
N PHE F 255 -26.77 5.57 -50.33
CA PHE F 255 -26.73 6.95 -50.83
C PHE F 255 -26.49 7.98 -49.74
N GLY F 256 -26.31 7.54 -48.49
CA GLY F 256 -26.09 8.48 -47.41
C GLY F 256 -27.32 9.30 -47.08
N ASN F 257 -27.09 10.55 -46.66
CA ASN F 257 -28.20 11.43 -46.33
C ASN F 257 -29.08 11.71 -47.54
N GLN F 258 -28.46 11.91 -48.71
CA GLN F 258 -29.18 12.18 -49.95
C GLN F 258 -29.63 10.86 -50.60
N GLY F 259 -30.53 10.16 -49.89
CA GLY F 259 -31.01 8.88 -50.35
C GLY F 259 -32.51 8.77 -50.18
N CYS F 260 -33.08 7.85 -50.93
CA CYS F 260 -34.52 7.57 -50.91
C CYS F 260 -34.75 6.12 -50.49
N SER F 261 -36.00 5.69 -50.56
CA SER F 261 -36.38 4.34 -50.15
C SER F 261 -35.95 3.26 -51.15
N TRP F 262 -35.56 3.64 -52.37
CA TRP F 262 -35.14 2.68 -53.39
C TRP F 262 -33.62 2.56 -53.48
N SER F 263 -32.91 2.84 -52.38
CA SER F 263 -31.46 2.73 -52.37
C SER F 263 -30.97 1.99 -51.13
N VAL F 264 -31.72 0.99 -50.68
CA VAL F 264 -31.37 0.23 -49.49
C VAL F 264 -31.03 -1.20 -49.89
N ILE F 265 -30.35 -1.91 -49.00
CA ILE F 265 -29.91 -3.28 -49.22
C ILE F 265 -30.67 -4.19 -48.27
N PHE F 266 -31.24 -5.26 -48.81
CA PHE F 266 -32.00 -6.23 -48.04
C PHE F 266 -31.16 -7.46 -47.75
N VAL F 267 -31.29 -7.99 -46.54
CA VAL F 267 -30.54 -9.15 -46.08
C VAL F 267 -31.50 -10.20 -45.56
N ASP F 268 -31.31 -11.44 -45.99
CA ASP F 268 -32.10 -12.57 -45.54
C ASP F 268 -31.67 -12.96 -44.14
N LEU F 269 -32.64 -13.14 -43.25
CA LEU F 269 -32.33 -13.41 -41.84
C LEU F 269 -31.80 -14.82 -41.64
N ASP F 270 -32.29 -15.79 -42.43
CA ASP F 270 -31.89 -17.18 -42.22
C ASP F 270 -30.41 -17.38 -42.52
N ALA F 271 -29.88 -16.66 -43.51
CA ALA F 271 -28.44 -16.76 -43.80
C ALA F 271 -27.60 -16.25 -42.64
N HIS F 272 -28.02 -15.12 -42.04
CA HIS F 272 -27.30 -14.60 -40.88
C HIS F 272 -27.40 -15.56 -39.71
N ASN F 273 -28.57 -16.16 -39.50
CA ASN F 273 -28.72 -17.13 -38.42
C ASN F 273 -27.83 -18.35 -38.64
N ARG F 274 -27.76 -18.84 -39.88
CA ARG F 274 -26.89 -19.97 -40.18
C ARG F 274 -25.43 -19.63 -39.95
N ASN F 275 -25.02 -18.42 -40.37
CA ASN F 275 -23.64 -17.99 -40.15
C ASN F 275 -23.33 -17.90 -38.66
N ARG F 276 -24.26 -17.36 -37.88
CA ARG F 276 -24.05 -17.28 -36.44
C ARG F 276 -23.96 -18.66 -35.80
N GLN F 277 -24.80 -19.59 -36.25
CA GLN F 277 -24.79 -20.96 -35.72
C GLN F 277 -23.49 -21.68 -36.08
N LEU F 279 -20.63 -20.11 -36.60
CA LEU F 279 -19.53 -19.41 -35.94
C LEU F 279 -19.45 -19.72 -34.45
N CYS F 280 -20.60 -19.75 -33.78
CA CYS F 280 -20.64 -19.87 -32.32
C CYS F 280 -20.20 -21.24 -31.80
N LEU F 282 -17.57 -23.19 -33.63
CA LEU F 282 -16.22 -23.47 -34.09
C LEU F 282 -15.30 -22.32 -33.69
N LEU F 283 -15.89 -21.32 -33.04
CA LEU F 283 -15.13 -20.13 -32.62
C LEU F 283 -13.95 -20.44 -31.70
N PRO F 284 -14.06 -21.32 -30.70
CA PRO F 284 -12.89 -21.56 -29.84
C PRO F 284 -11.65 -22.00 -30.59
N ARG F 285 -11.82 -22.72 -31.70
CA ARG F 285 -10.72 -23.08 -32.57
C ARG F 285 -10.70 -22.17 -33.80
N GLU F 286 -9.71 -22.39 -34.66
CA GLU F 286 -9.66 -21.65 -35.91
C GLU F 286 -10.29 -22.43 -37.04
N SER F 287 -9.95 -23.71 -37.16
CA SER F 287 -10.48 -24.59 -38.20
C SER F 287 -10.32 -26.03 -37.73
N ARG F 288 -10.58 -26.97 -38.63
CA ARG F 288 -10.42 -28.38 -38.30
C ARG F 288 -8.95 -28.71 -38.00
N SER F 289 -8.04 -28.18 -38.81
CA SER F 289 -6.62 -28.48 -38.67
C SER F 289 -5.87 -27.46 -37.83
N HIS F 290 -6.50 -26.36 -37.45
CA HIS F 290 -5.86 -25.31 -36.67
C HIS F 290 -6.55 -25.19 -35.31
N ASN F 291 -5.82 -25.55 -34.25
CA ASN F 291 -6.33 -25.36 -32.90
C ASN F 291 -6.51 -23.89 -32.56
N THR F 292 -5.54 -23.05 -32.95
CA THR F 292 -5.61 -21.62 -32.74
C THR F 292 -4.77 -20.93 -33.79
N ASP F 293 -5.19 -19.72 -34.17
CA ASP F 293 -4.50 -18.97 -35.20
C ASP F 293 -4.50 -17.50 -34.81
N ALA F 294 -3.46 -16.79 -35.25
CA ALA F 294 -3.40 -15.34 -35.05
C ALA F 294 -4.42 -14.59 -35.89
N ALA F 295 -4.90 -15.20 -36.98
CA ALA F 295 -5.87 -14.54 -37.85
C ALA F 295 -7.22 -14.34 -37.17
N LEU F 296 -7.44 -14.99 -36.02
CA LEU F 296 -8.67 -14.76 -35.27
C LEU F 296 -8.70 -13.37 -34.63
N LEU F 297 -7.54 -12.72 -34.48
CA LEU F 297 -7.51 -11.41 -33.81
C LEU F 297 -8.32 -10.35 -34.54
N PRO F 298 -8.17 -10.14 -35.86
CA PRO F 298 -9.05 -9.17 -36.52
C PRO F 298 -10.53 -9.53 -36.44
N CYS F 299 -10.85 -10.82 -36.36
CA CYS F 299 -12.25 -11.23 -36.28
C CYS F 299 -12.89 -10.80 -34.97
N ILE F 300 -12.11 -10.69 -33.90
CA ILE F 300 -12.66 -10.34 -32.60
C ILE F 300 -12.07 -9.04 -32.06
N TYR F 302 -10.88 -4.73 -33.67
CA TYR F 302 -11.33 -3.49 -34.29
C TYR F 302 -12.04 -3.64 -35.64
N PRO F 303 -11.50 -4.41 -36.60
CA PRO F 303 -12.11 -4.41 -37.93
C PRO F 303 -13.44 -5.12 -37.99
N ALA F 304 -13.70 -6.09 -37.11
CA ALA F 304 -14.90 -6.90 -37.18
C ALA F 304 -15.83 -6.69 -35.99
N PHE F 305 -15.34 -6.92 -34.76
CA PHE F 305 -16.16 -6.83 -33.55
C PHE F 305 -17.43 -7.69 -33.68
N ALA F 306 -17.26 -8.92 -34.14
CA ALA F 306 -18.38 -9.79 -34.44
C ALA F 306 -18.62 -10.87 -33.39
N LEU F 307 -18.17 -10.66 -32.16
CA LEU F 307 -18.32 -11.66 -31.09
C LEU F 307 -19.00 -11.01 -29.90
N ASP F 308 -20.33 -11.18 -29.81
CA ASP F 308 -21.11 -10.62 -28.71
C ASP F 308 -21.30 -11.65 -27.60
N ASP F 309 -20.16 -12.23 -27.18
CA ASP F 309 -20.18 -13.26 -26.14
C ASP F 309 -19.34 -12.94 -24.92
N GLU F 310 -18.39 -12.01 -25.01
CA GLU F 310 -17.57 -11.59 -23.87
C GLU F 310 -16.74 -12.74 -23.31
N VAL F 311 -17.39 -13.72 -22.69
CA VAL F 311 -16.66 -14.83 -22.09
C VAL F 311 -15.91 -15.62 -23.15
N LEU F 312 -16.57 -15.93 -24.27
CA LEU F 312 -15.91 -16.61 -25.36
C LEU F 312 -14.79 -15.76 -25.95
N PHE F 313 -15.02 -14.45 -26.05
CA PHE F 313 -13.98 -13.54 -26.53
C PHE F 313 -12.78 -13.54 -25.59
N SER F 314 -13.03 -13.51 -24.28
CA SER F 314 -11.95 -13.55 -23.31
C SER F 314 -11.17 -14.86 -23.41
N GLN F 315 -11.88 -15.98 -23.55
CA GLN F 315 -11.21 -17.28 -23.67
C GLN F 315 -10.35 -17.34 -24.93
N THR F 316 -10.88 -16.83 -26.05
CA THR F 316 -10.11 -16.84 -27.29
C THR F 316 -8.87 -15.96 -27.18
N LEU F 317 -9.02 -14.77 -26.56
CA LEU F 317 -7.87 -13.90 -26.37
C LEU F 317 -6.82 -14.55 -25.48
N ASP F 318 -7.25 -15.19 -24.39
CA ASP F 318 -6.30 -15.88 -23.52
C ASP F 318 -5.58 -16.99 -24.28
N LYS F 319 -6.31 -17.73 -25.11
CA LYS F 319 -5.70 -18.82 -25.86
C LYS F 319 -4.65 -18.30 -26.84
N VAL F 320 -5.00 -17.26 -27.61
CA VAL F 320 -4.05 -16.77 -28.62
C VAL F 320 -2.85 -16.13 -27.96
N VAL F 321 -3.07 -15.42 -26.83
CA VAL F 321 -1.96 -14.81 -26.12
C VAL F 321 -1.04 -15.89 -25.55
N ARG F 322 -1.62 -16.97 -25.02
CA ARG F 322 -0.80 -18.03 -24.45
C ARG F 322 -0.02 -18.78 -25.52
N LYS F 323 -0.61 -18.96 -26.71
CA LYS F 323 0.00 -19.81 -27.72
C LYS F 323 0.91 -19.03 -28.67
N LEU F 324 0.36 -18.05 -29.38
CA LEU F 324 1.04 -17.43 -30.51
C LEU F 324 1.92 -16.25 -30.13
N LYS F 325 1.92 -15.82 -28.87
CA LYS F 325 2.71 -14.65 -28.50
C LYS F 325 4.20 -14.96 -28.55
N GLY F 326 4.96 -13.99 -29.05
CA GLY F 326 6.41 -14.09 -29.09
C GLY F 326 7.02 -12.76 -28.71
N LYS F 327 8.36 -12.77 -28.56
CA LYS F 327 9.06 -11.57 -28.13
C LYS F 327 9.10 -10.53 -29.25
N TYR F 328 9.19 -10.97 -30.50
CA TYR F 328 9.26 -10.05 -31.64
C TYR F 328 7.93 -9.88 -32.36
N GLY F 329 6.90 -10.58 -31.94
CA GLY F 329 5.60 -10.47 -32.59
C GLY F 329 4.76 -11.70 -32.31
N PHE F 330 3.71 -11.85 -33.11
CA PHE F 330 2.79 -12.97 -33.00
C PHE F 330 2.93 -13.87 -34.22
N LYS F 331 3.22 -15.15 -33.99
CA LYS F 331 3.29 -16.11 -35.08
C LYS F 331 1.89 -16.36 -35.64
N ARG F 332 1.83 -16.61 -36.95
CA ARG F 332 0.52 -16.82 -37.59
C ARG F 332 -0.19 -18.04 -37.02
N PHE F 333 0.48 -19.19 -37.00
CA PHE F 333 -0.06 -20.39 -36.39
C PHE F 333 1.09 -21.36 -36.13
N LEU F 334 0.83 -22.34 -35.28
CA LEU F 334 1.86 -23.31 -34.92
C LEU F 334 2.24 -24.15 -36.13
N ARG F 335 3.54 -24.46 -36.23
CA ARG F 335 4.08 -25.32 -37.29
C ARG F 335 3.79 -24.75 -38.67
N ASP F 336 4.33 -23.55 -38.92
CA ASP F 336 4.21 -22.90 -40.21
C ASP F 336 5.59 -22.73 -40.82
N GLY F 337 5.64 -22.75 -42.15
CA GLY F 337 6.91 -22.64 -42.86
C GLY F 337 6.96 -21.50 -43.84
N TYR F 338 6.37 -20.36 -43.47
CA TYR F 338 6.36 -19.19 -44.35
C TYR F 338 7.68 -18.44 -44.21
N ARG F 339 8.49 -18.48 -45.27
CA ARG F 339 9.77 -17.79 -45.33
C ARG F 339 10.74 -18.24 -44.22
N THR F 340 10.61 -19.48 -43.77
CA THR F 340 11.51 -19.97 -42.73
C THR F 340 12.82 -20.44 -43.34
N SER F 341 13.82 -20.63 -42.48
CA SER F 341 15.15 -21.03 -42.96
C SER F 341 15.12 -22.41 -43.59
N LEU F 342 14.37 -23.35 -42.99
CA LEU F 342 14.33 -24.72 -43.49
C LEU F 342 13.43 -24.90 -44.70
N GLU F 343 12.70 -23.86 -45.10
CA GLU F 343 11.81 -23.98 -46.26
C GLU F 343 12.62 -24.16 -47.54
N ASP F 344 12.05 -24.92 -48.47
CA ASP F 344 12.66 -25.13 -49.77
C ASP F 344 11.98 -24.23 -50.78
N PRO F 345 12.65 -23.22 -51.33
CA PRO F 345 12.02 -22.29 -52.28
C PRO F 345 11.98 -22.83 -53.72
N ASN F 346 11.57 -24.09 -53.86
CA ASN F 346 11.42 -24.69 -55.18
C ASN F 346 10.16 -25.53 -55.32
N ARG F 347 9.37 -25.69 -54.26
CA ARG F 347 8.14 -26.48 -54.32
C ARG F 347 7.00 -25.67 -53.70
N CYS F 348 5.88 -25.62 -54.40
CA CYS F 348 4.72 -24.88 -53.88
C CYS F 348 4.03 -25.64 -52.76
N TYR F 349 4.03 -26.97 -52.81
CA TYR F 349 3.34 -27.79 -51.83
C TYR F 349 4.34 -28.43 -50.88
N TYR F 350 3.88 -28.73 -49.68
CA TYR F 350 4.69 -29.40 -48.67
C TYR F 350 4.54 -30.91 -48.81
N LYS F 351 5.13 -31.66 -47.89
CA LYS F 351 5.10 -33.11 -47.87
C LYS F 351 4.66 -33.58 -46.49
N PRO F 352 4.11 -34.80 -46.39
CA PRO F 352 3.74 -35.32 -45.06
C PRO F 352 4.95 -35.39 -44.15
N ALA F 353 4.71 -35.09 -42.86
CA ALA F 353 5.69 -35.07 -41.78
C ALA F 353 6.75 -33.98 -41.96
N GLU F 354 6.66 -33.16 -42.99
CA GLU F 354 7.64 -32.09 -43.19
C GLU F 354 7.40 -30.91 -42.25
N ILE F 355 6.13 -30.66 -41.87
CA ILE F 355 5.81 -29.52 -41.03
C ILE F 355 6.41 -29.64 -39.63
N LYS F 356 6.82 -30.85 -39.24
CA LYS F 356 7.46 -31.02 -37.94
C LYS F 356 8.77 -30.26 -37.86
N LEU F 357 9.48 -30.13 -38.98
CA LEU F 357 10.75 -29.40 -38.99
C LEU F 357 10.58 -27.91 -38.72
N PHE F 358 9.37 -27.38 -38.91
CA PHE F 358 9.10 -25.95 -38.73
C PHE F 358 8.65 -25.62 -37.32
N ASP F 359 9.05 -26.41 -36.32
CA ASP F 359 8.67 -26.18 -34.94
C ASP F 359 9.75 -25.35 -34.24
N GLY F 360 9.34 -24.27 -33.58
CA GLY F 360 10.26 -23.42 -32.87
C GLY F 360 10.99 -22.40 -33.73
N ILE F 361 10.69 -22.33 -35.01
CA ILE F 361 11.35 -21.38 -35.92
C ILE F 361 10.28 -20.55 -36.61
N GLU F 362 9.09 -20.50 -36.00
CA GLU F 362 7.97 -19.77 -36.59
C GLU F 362 8.26 -18.27 -36.61
N CYS F 363 7.92 -17.64 -37.73
CA CYS F 363 8.13 -16.20 -37.87
C CYS F 363 7.09 -15.44 -37.04
N GLU F 364 7.46 -14.21 -36.67
CA GLU F 364 6.62 -13.35 -35.84
C GLU F 364 6.31 -12.06 -36.57
N PHE F 365 5.04 -11.65 -36.52
CA PHE F 365 4.58 -10.47 -37.24
C PHE F 365 4.33 -9.32 -36.27
N PRO F 366 5.06 -8.21 -36.39
CA PRO F 366 4.87 -7.09 -35.45
C PRO F 366 3.51 -6.42 -35.56
N ILE F 367 2.79 -6.59 -36.67
CA ILE F 367 1.52 -5.89 -36.86
C ILE F 367 0.48 -6.31 -35.83
N PHE F 368 0.62 -7.51 -35.26
CA PHE F 368 -0.33 -7.94 -34.25
C PHE F 368 -0.17 -7.17 -32.95
N PHE F 369 1.02 -6.61 -32.69
CA PHE F 369 1.17 -5.68 -31.58
C PHE F 369 0.28 -4.46 -31.78
N LEU F 370 0.25 -3.91 -33.00
CA LEU F 370 -0.63 -2.78 -33.29
C LEU F 370 -2.09 -3.19 -33.22
N TYR F 371 -2.41 -4.40 -33.67
CA TYR F 371 -3.78 -4.92 -33.55
C TYR F 371 -4.21 -4.96 -32.09
N MET F 372 -3.36 -5.52 -31.23
CA MET F 372 -3.67 -5.58 -29.80
C MET F 372 -3.73 -4.19 -29.20
N MET F 373 -2.91 -3.26 -29.71
CA MET F 373 -2.96 -1.87 -29.30
C MET F 373 -4.33 -1.27 -29.55
N ILE F 374 -4.84 -1.43 -30.77
CA ILE F 374 -6.15 -0.86 -31.12
C ILE F 374 -7.24 -1.55 -30.31
N ASP F 375 -7.11 -2.86 -30.08
CA ASP F 375 -8.07 -3.56 -29.24
C ASP F 375 -8.11 -2.97 -27.83
N GLY F 376 -6.93 -2.73 -27.25
CA GLY F 376 -6.89 -2.16 -25.91
C GLY F 376 -7.42 -0.74 -25.86
N VAL F 377 -7.14 0.06 -26.89
CA VAL F 377 -7.65 1.43 -26.93
C VAL F 377 -9.17 1.42 -27.02
N PHE F 378 -9.73 0.54 -27.86
CA PHE F 378 -11.17 0.44 -27.98
C PHE F 378 -11.79 -0.03 -26.66
N ARG F 379 -11.19 -1.01 -26.02
CA ARG F 379 -11.74 -1.55 -24.78
C ARG F 379 -11.53 -0.61 -23.60
N GLY F 380 -10.45 0.17 -23.61
CA GLY F 380 -10.18 1.08 -22.52
C GLY F 380 -9.30 0.49 -21.44
N ASN F 381 -8.15 -0.04 -21.83
CA ASN F 381 -7.18 -0.64 -20.91
C ASN F 381 -5.84 0.04 -21.11
N PRO F 382 -5.60 1.16 -20.42
CA PRO F 382 -4.34 1.91 -20.64
C PRO F 382 -3.09 1.12 -20.33
N LYS F 383 -3.11 0.25 -19.31
CA LYS F 383 -1.92 -0.53 -18.99
C LYS F 383 -1.54 -1.47 -20.12
N GLN F 384 -2.54 -2.08 -20.75
CA GLN F 384 -2.28 -2.93 -21.91
C GLN F 384 -1.68 -2.13 -23.05
N VAL F 385 -2.20 -0.92 -23.28
CA VAL F 385 -1.69 -0.07 -24.36
C VAL F 385 -0.23 0.30 -24.10
N GLN F 386 0.09 0.67 -22.85
CA GLN F 386 1.46 1.10 -22.57
C GLN F 386 2.44 -0.07 -22.62
N GLU F 387 2.04 -1.25 -22.13
CA GLU F 387 2.95 -2.39 -22.20
C GLU F 387 3.18 -2.81 -23.65
N TYR F 388 2.13 -2.72 -24.48
CA TYR F 388 2.32 -3.03 -25.89
C TYR F 388 3.17 -1.97 -26.59
N GLN F 389 3.06 -0.69 -26.18
CA GLN F 389 3.96 0.33 -26.70
C GLN F 389 5.41 0.00 -26.35
N ASP F 390 5.65 -0.39 -25.10
CA ASP F 390 7.00 -0.74 -24.67
C ASP F 390 7.53 -1.94 -25.45
N LEU F 391 6.67 -2.92 -25.71
CA LEU F 391 7.09 -4.08 -26.49
C LEU F 391 7.39 -3.69 -27.94
N LEU F 392 6.56 -2.82 -28.53
CA LEU F 392 6.70 -2.50 -29.95
C LEU F 392 7.85 -1.54 -30.22
N THR F 393 8.20 -0.69 -29.27
CA THR F 393 9.21 0.35 -29.52
C THR F 393 10.55 -0.19 -30.01
N PRO F 394 11.17 -1.20 -29.37
CA PRO F 394 12.51 -1.61 -29.82
C PRO F 394 12.53 -2.26 -31.20
N VAL F 395 11.41 -2.78 -31.69
CA VAL F 395 11.39 -3.52 -32.95
C VAL F 395 11.03 -2.62 -34.13
N LEU F 396 11.09 -1.30 -33.95
CA LEU F 396 10.75 -0.35 -35.00
C LEU F 396 12.02 0.15 -35.68
N HIS F 397 11.94 0.35 -36.99
CA HIS F 397 13.05 0.83 -37.80
C HIS F 397 12.70 2.17 -38.41
N HIS F 398 13.73 2.99 -38.63
CA HIS F 398 13.56 4.34 -39.16
C HIS F 398 14.29 4.49 -40.49
N THR F 399 13.74 5.32 -41.37
CA THR F 399 14.36 5.60 -42.65
C THR F 399 15.45 6.65 -42.49
N THR F 400 15.95 7.17 -43.60
CA THR F 400 16.96 8.23 -43.54
C THR F 400 16.40 9.48 -42.89
N GLU F 401 15.15 9.85 -43.20
CA GLU F 401 14.51 11.01 -42.61
C GLU F 401 13.97 10.75 -41.21
N GLY F 402 13.97 9.50 -40.76
CA GLY F 402 13.47 9.16 -39.44
C GLY F 402 12.05 8.63 -39.39
N TYR F 403 11.42 8.41 -40.53
CA TYR F 403 10.06 7.90 -40.54
C TYR F 403 10.04 6.44 -40.08
N PRO F 404 9.18 6.08 -39.14
CA PRO F 404 9.18 4.70 -38.63
C PRO F 404 8.75 3.70 -39.69
N VAL F 405 9.31 2.49 -39.57
CA VAL F 405 9.02 1.38 -40.48
C VAL F 405 8.71 0.14 -39.65
N VAL F 406 7.62 -0.53 -39.99
CA VAL F 406 7.23 -1.77 -39.32
C VAL F 406 7.65 -2.94 -40.23
N PRO F 407 8.62 -3.74 -39.82
CA PRO F 407 9.01 -4.90 -40.65
C PRO F 407 7.87 -5.90 -40.76
N LYS F 408 7.82 -6.57 -41.91
CA LYS F 408 6.75 -7.56 -42.14
C LYS F 408 6.85 -8.71 -41.16
N TYR F 409 8.05 -9.23 -40.94
CA TYR F 409 8.25 -10.36 -40.04
C TYR F 409 9.71 -10.40 -39.61
N TYR F 410 10.04 -11.40 -38.80
CA TYR F 410 11.40 -11.66 -38.35
C TYR F 410 11.70 -13.13 -38.47
N TYR F 411 12.85 -13.47 -39.03
CA TYR F 411 13.24 -14.85 -39.28
C TYR F 411 14.57 -15.15 -38.59
N VAL F 412 14.65 -16.33 -37.99
CA VAL F 412 15.89 -16.77 -37.34
C VAL F 412 16.94 -17.07 -38.40
N PRO F 413 18.20 -16.68 -38.21
CA PRO F 413 19.24 -17.05 -39.17
C PRO F 413 19.40 -18.57 -39.26
N ALA F 414 19.78 -19.03 -40.45
CA ALA F 414 19.90 -20.46 -40.68
C ALA F 414 20.98 -21.10 -39.82
N ASP F 415 21.99 -20.32 -39.41
CA ASP F 415 23.07 -20.89 -38.60
C ASP F 415 22.64 -21.13 -37.16
N PHE F 416 21.63 -20.39 -36.69
CA PHE F 416 21.18 -20.48 -35.30
C PHE F 416 19.89 -21.26 -35.14
N VAL F 417 19.51 -22.07 -36.14
CA VAL F 417 18.24 -22.80 -36.07
C VAL F 417 18.27 -23.82 -34.94
N GLU F 418 19.39 -24.53 -34.77
CA GLU F 418 19.47 -25.54 -33.73
C GLU F 418 19.48 -24.89 -32.35
N TYR F 419 20.15 -23.73 -32.21
CA TYR F 419 20.14 -23.02 -30.93
C TYR F 419 18.74 -22.52 -30.60
N GLU F 420 18.01 -22.00 -31.60
CA GLU F 420 16.65 -21.55 -31.36
C GLU F 420 15.73 -22.72 -31.00
N LYS F 421 15.90 -23.86 -31.67
CA LYS F 421 15.07 -25.02 -31.35
C LYS F 421 15.35 -25.54 -29.95
N ASN F 422 16.62 -25.58 -29.56
CA ASN F 422 16.98 -26.06 -28.23
C ASN F 422 16.44 -25.14 -27.14
N ASN F 423 16.59 -23.83 -27.32
CA ASN F 423 16.12 -22.83 -26.36
C ASN F 423 15.30 -21.79 -27.12
N PRO F 424 13.97 -21.95 -27.16
CA PRO F 424 13.14 -20.97 -27.86
C PRO F 424 13.29 -19.58 -27.28
N GLY F 425 13.42 -18.59 -28.16
CA GLY F 425 13.54 -17.20 -27.75
C GLY F 425 14.92 -16.77 -27.31
N SER F 426 15.89 -17.70 -27.25
CA SER F 426 17.23 -17.34 -26.81
C SER F 426 17.99 -16.56 -27.88
N GLN F 427 17.85 -16.96 -29.14
CA GLN F 427 18.61 -16.35 -30.22
C GLN F 427 17.98 -15.03 -30.65
N LYS F 428 18.70 -14.29 -31.48
CA LYS F 428 18.24 -13.01 -32.00
C LYS F 428 17.84 -13.17 -33.46
N ARG F 429 16.65 -12.69 -33.80
CA ARG F 429 16.12 -12.81 -35.15
C ARG F 429 16.52 -11.60 -35.99
N PHE F 430 16.43 -11.78 -37.31
CA PHE F 430 16.80 -10.75 -38.27
C PHE F 430 15.55 -10.14 -38.90
N PRO F 431 15.59 -8.86 -39.26
CA PRO F 431 14.42 -8.24 -39.89
C PRO F 431 14.19 -8.76 -41.30
N SER F 432 12.93 -8.67 -41.73
CA SER F 432 12.54 -9.16 -43.04
C SER F 432 13.09 -8.25 -44.14
N ASN F 433 12.80 -8.61 -45.38
CA ASN F 433 13.26 -7.81 -46.51
C ASN F 433 12.65 -6.42 -46.49
N CYS F 434 11.36 -6.32 -46.16
CA CYS F 434 10.68 -5.02 -46.04
C CYS F 434 10.75 -4.48 -44.62
N GLY F 435 11.96 -4.36 -44.09
CA GLY F 435 12.15 -3.86 -42.74
C GLY F 435 13.25 -2.83 -42.62
N ARG F 436 13.51 -2.11 -43.72
CA ARG F 436 14.53 -1.08 -43.75
C ARG F 436 14.18 -0.11 -44.87
N ASP F 437 15.05 0.87 -45.09
CA ASP F 437 14.82 1.86 -46.12
C ASP F 437 14.93 1.20 -47.51
N GLY F 438 14.01 1.55 -48.39
CA GLY F 438 13.98 1.00 -49.73
C GLY F 438 12.74 0.18 -50.01
N LYS F 439 12.31 -0.61 -49.02
CA LYS F 439 11.11 -1.42 -49.13
C LYS F 439 10.24 -1.18 -47.90
N LEU F 440 8.93 -1.14 -48.11
CA LEU F 440 7.98 -0.81 -47.06
C LEU F 440 6.80 -1.79 -47.08
N PHE F 441 6.18 -1.94 -45.92
CA PHE F 441 4.98 -2.75 -45.76
C PHE F 441 3.80 -1.80 -45.55
N LEU F 442 3.03 -1.58 -46.61
CA LEU F 442 1.98 -0.56 -46.57
C LEU F 442 0.92 -0.89 -45.53
N TRP F 443 0.53 -2.17 -45.43
CA TRP F 443 -0.44 -2.58 -44.42
C TRP F 443 0.07 -2.28 -43.03
N GLY F 444 1.34 -2.62 -42.76
CA GLY F 444 1.91 -2.35 -41.46
C GLY F 444 1.98 -0.87 -41.14
N GLN F 445 2.35 -0.06 -42.13
CA GLN F 445 2.42 1.39 -41.92
C GLN F 445 1.04 1.97 -41.66
N ALA F 446 0.02 1.52 -42.39
CA ALA F 446 -1.33 2.00 -42.16
C ALA F 446 -1.81 1.62 -40.77
N LEU F 447 -1.57 0.37 -40.36
CA LEU F 447 -1.96 -0.05 -39.02
C LEU F 447 -1.23 0.74 -37.95
N TYR F 448 0.06 1.01 -38.16
CA TYR F 448 0.81 1.81 -37.21
C TYR F 448 0.25 3.23 -37.11
N ILE F 449 -0.08 3.83 -38.24
CA ILE F 449 -0.64 5.19 -38.23
C ILE F 449 -1.96 5.21 -37.49
N ILE F 450 -2.83 4.23 -37.76
CA ILE F 450 -4.13 4.18 -37.10
C ILE F 450 -3.96 4.00 -35.59
N ALA F 451 -3.07 3.08 -35.19
CA ALA F 451 -2.86 2.82 -33.77
C ALA F 451 -2.28 4.04 -33.06
N LYS F 452 -1.32 4.72 -33.69
CA LYS F 452 -0.72 5.90 -33.07
C LYS F 452 -1.72 7.03 -32.96
N LEU F 453 -2.55 7.23 -33.99
CA LEU F 453 -3.58 8.27 -33.90
C LEU F 453 -4.61 7.95 -32.83
N LEU F 454 -4.95 6.67 -32.68
CA LEU F 454 -5.93 6.29 -31.67
C LEU F 454 -5.36 6.43 -30.26
N ALA F 455 -4.09 6.06 -30.07
CA ALA F 455 -3.49 6.09 -28.74
C ALA F 455 -3.34 7.52 -28.23
N ASP F 456 -2.96 8.45 -29.10
CA ASP F 456 -2.75 9.84 -28.72
C ASP F 456 -4.04 10.61 -28.55
N GLU F 457 -5.19 9.93 -28.54
CA GLU F 457 -6.51 10.53 -28.39
C GLU F 457 -6.82 11.54 -29.50
N LEU F 458 -6.13 11.42 -30.63
CA LEU F 458 -6.44 12.29 -31.77
C LEU F 458 -7.73 11.87 -32.45
N ILE F 459 -8.15 10.62 -32.27
CA ILE F 459 -9.38 10.10 -32.84
C ILE F 459 -10.14 9.36 -31.76
N SER F 460 -11.42 9.70 -31.59
CA SER F 460 -12.26 9.00 -30.64
C SER F 460 -12.71 7.67 -31.23
N PRO F 461 -12.93 6.65 -30.39
CA PRO F 461 -13.45 5.37 -30.90
C PRO F 461 -14.78 5.50 -31.60
N LYS F 462 -15.63 6.42 -31.16
CA LYS F 462 -16.92 6.63 -31.82
C LYS F 462 -16.74 7.17 -33.25
N ASP F 463 -15.68 7.95 -33.48
CA ASP F 463 -15.51 8.60 -34.78
C ASP F 463 -15.30 7.59 -35.90
N ILE F 464 -14.46 6.57 -35.68
CA ILE F 464 -14.18 5.58 -36.70
C ILE F 464 -15.15 4.41 -36.67
N ASP F 465 -16.15 4.45 -35.79
CA ASP F 465 -17.17 3.40 -35.73
C ASP F 465 -18.56 4.02 -35.67
N PRO F 466 -18.98 4.68 -36.75
CA PRO F 466 -20.36 5.23 -36.77
C PRO F 466 -21.44 4.16 -36.67
N VAL F 467 -21.18 2.96 -37.22
CA VAL F 467 -22.17 1.88 -37.18
C VAL F 467 -22.23 1.21 -35.81
N GLN F 468 -21.32 1.56 -34.90
CA GLN F 468 -21.28 1.00 -33.55
C GLN F 468 -21.09 -0.51 -33.59
N ARG F 469 -19.99 -0.93 -34.22
CA ARG F 469 -19.66 -2.35 -34.25
C ARG F 469 -19.33 -2.86 -32.86
N TYR F 470 -18.61 -2.08 -32.06
CA TYR F 470 -18.28 -2.43 -30.69
C TYR F 470 -19.28 -1.80 -29.74
N VAL F 471 -19.84 -2.61 -28.85
CA VAL F 471 -20.85 -2.17 -27.89
C VAL F 471 -20.36 -2.54 -26.50
N PRO F 472 -20.38 -1.63 -25.53
CA PRO F 472 -19.96 -1.97 -24.17
C PRO F 472 -20.98 -2.90 -23.51
N LEU F 473 -20.55 -3.52 -22.41
CA LEU F 473 -21.40 -4.48 -21.70
C LEU F 473 -22.69 -3.82 -21.20
N LYS F 474 -22.63 -2.55 -20.84
CA LYS F 474 -23.79 -1.85 -20.31
C LYS F 474 -24.71 -1.31 -21.39
N ASP F 475 -24.37 -1.48 -22.67
CA ASP F 475 -25.16 -0.95 -23.77
C ASP F 475 -25.69 -2.04 -24.70
N GLN F 476 -25.49 -3.32 -24.36
CA GLN F 476 -26.01 -4.41 -25.16
C GLN F 476 -27.50 -4.62 -24.86
N ARG F 477 -28.29 -3.60 -25.18
CA ARG F 477 -29.71 -3.58 -24.84
C ARG F 477 -30.60 -3.60 -26.07
N ASN F 478 -30.44 -2.66 -26.99
CA ASN F 478 -31.31 -2.54 -28.17
C ASN F 478 -30.44 -2.38 -29.42
N VAL F 479 -30.04 -3.51 -29.99
CA VAL F 479 -29.32 -3.55 -31.26
C VAL F 479 -30.04 -4.53 -32.17
N SER F 480 -30.31 -4.12 -33.40
N SER F 480 -30.31 -4.12 -33.40
CA SER F 480 -30.99 -5.01 -34.35
CA SER F 480 -30.99 -5.01 -34.35
C SER F 480 -30.11 -6.21 -34.68
C SER F 480 -30.11 -6.21 -34.68
N MET F 481 -30.74 -7.38 -34.76
CA MET F 481 -30.14 -8.69 -35.04
C MET F 481 -28.92 -9.01 -34.17
N ARG F 482 -28.72 -8.33 -33.05
CA ARG F 482 -27.61 -8.62 -32.16
C ARG F 482 -28.06 -8.93 -30.74
N PHE F 483 -28.93 -8.10 -30.17
CA PHE F 483 -29.41 -8.28 -28.82
C PHE F 483 -30.91 -8.03 -28.77
N SER F 484 -31.58 -8.65 -27.82
CA SER F 484 -32.99 -8.42 -27.55
C SER F 484 -33.14 -7.36 -26.46
N ASN F 485 -34.33 -6.76 -26.42
CA ASN F 485 -34.58 -5.69 -25.46
C ASN F 485 -34.44 -6.18 -24.02
N GLN F 486 -34.73 -7.46 -23.78
CA GLN F 486 -34.55 -8.01 -22.44
C GLN F 486 -33.09 -8.03 -22.03
N GLY F 487 -32.20 -8.39 -22.96
CA GLY F 487 -30.79 -8.46 -22.70
C GLY F 487 -30.16 -9.72 -23.24
N PRO F 488 -28.84 -9.84 -23.11
CA PRO F 488 -28.13 -11.03 -23.62
C PRO F 488 -28.13 -12.22 -22.67
N LEU F 489 -28.88 -12.18 -21.56
CA LEU F 489 -28.93 -13.29 -20.63
C LEU F 489 -30.37 -13.72 -20.30
N GLU F 490 -31.37 -13.15 -20.97
CA GLU F 490 -32.76 -13.47 -20.71
C GLU F 490 -33.49 -13.73 -22.01
N ASN F 491 -34.28 -14.81 -22.02
CA ASN F 491 -35.03 -15.20 -23.22
C ASN F 491 -36.46 -15.52 -22.79
N ASP F 492 -37.32 -14.51 -22.79
CA ASP F 492 -38.74 -14.67 -22.45
C ASP F 492 -39.59 -13.96 -23.50
N LEU F 493 -39.28 -14.18 -24.77
CA LEU F 493 -39.97 -13.51 -25.85
C LEU F 493 -41.42 -14.00 -25.96
N VAL F 494 -42.34 -13.06 -26.17
CA VAL F 494 -43.75 -13.36 -26.38
C VAL F 494 -44.04 -13.25 -27.87
N VAL F 495 -44.64 -14.30 -28.43
CA VAL F 495 -44.88 -14.40 -29.87
C VAL F 495 -46.34 -14.10 -30.15
N HIS F 496 -46.59 -13.19 -31.09
CA HIS F 496 -47.95 -12.89 -31.51
C HIS F 496 -48.49 -14.02 -32.38
N VAL F 497 -49.70 -14.47 -32.08
CA VAL F 497 -50.34 -15.57 -32.79
C VAL F 497 -51.67 -15.09 -33.34
N ALA F 498 -51.90 -15.33 -34.63
CA ALA F 498 -53.15 -14.98 -35.30
C ALA F 498 -53.76 -16.23 -35.89
N LEU F 499 -55.07 -16.36 -35.77
CA LEU F 499 -55.79 -17.55 -36.24
C LEU F 499 -56.51 -17.24 -37.55
N ILE F 500 -56.39 -18.16 -38.50
CA ILE F 500 -56.98 -18.02 -39.82
C ILE F 500 -57.82 -19.26 -40.12
N ALA F 501 -59.06 -19.05 -40.54
CA ALA F 501 -59.96 -20.12 -40.95
C ALA F 501 -60.28 -19.97 -42.44
N GLU F 502 -60.20 -21.08 -43.18
CA GLU F 502 -60.40 -21.02 -44.62
C GLU F 502 -61.82 -20.61 -44.98
N SER F 503 -62.82 -21.16 -44.28
CA SER F 503 -64.21 -20.96 -44.66
C SER F 503 -65.00 -20.51 -43.44
N GLN F 504 -66.16 -19.90 -43.71
CA GLN F 504 -67.03 -19.43 -42.64
C GLN F 504 -67.60 -20.59 -41.83
N ARG F 505 -67.86 -21.73 -42.48
CA ARG F 505 -68.39 -22.88 -41.77
C ARG F 505 -67.40 -23.40 -40.73
N LEU F 506 -66.12 -23.48 -41.09
CA LEU F 506 -65.10 -23.91 -40.15
C LEU F 506 -64.95 -22.90 -39.01
N GLN F 507 -65.07 -21.61 -39.33
CA GLN F 507 -65.03 -20.59 -38.30
C GLN F 507 -66.18 -20.75 -37.30
N VAL F 508 -67.39 -21.02 -37.81
CA VAL F 508 -68.53 -21.24 -36.92
C VAL F 508 -68.33 -22.49 -36.09
N PHE F 509 -67.79 -23.56 -36.70
CA PHE F 509 -67.53 -24.79 -35.95
C PHE F 509 -66.53 -24.57 -34.83
N LEU F 510 -65.47 -23.80 -35.11
CA LEU F 510 -64.50 -23.48 -34.07
C LEU F 510 -65.11 -22.59 -32.99
N ASN F 511 -65.95 -21.63 -33.39
CA ASN F 511 -66.57 -20.73 -32.41
C ASN F 511 -67.54 -21.48 -31.51
N THR F 512 -68.16 -22.54 -32.02
CA THR F 512 -69.08 -23.33 -31.19
C THR F 512 -68.35 -24.08 -30.07
N TYR F 513 -67.02 -24.14 -30.09
CA TYR F 513 -66.24 -24.81 -29.07
C TYR F 513 -65.30 -23.84 -28.36
N GLY F 514 -65.65 -22.56 -28.32
CA GLY F 514 -64.89 -21.58 -27.57
C GLY F 514 -63.58 -21.14 -28.20
N ILE F 515 -63.44 -21.26 -29.51
CA ILE F 515 -62.22 -20.85 -30.21
C ILE F 515 -62.59 -19.74 -31.19
N GLN F 516 -61.92 -18.60 -31.08
CA GLN F 516 -62.17 -17.45 -31.94
C GLN F 516 -61.21 -17.47 -33.13
N THR F 517 -61.75 -17.41 -34.33
CA THR F 517 -60.96 -17.48 -35.54
C THR F 517 -61.49 -16.45 -36.54
N GLN F 518 -60.61 -16.02 -37.44
CA GLN F 518 -60.95 -15.03 -38.46
C GLN F 518 -60.71 -15.62 -39.85
N THR F 519 -61.54 -15.21 -40.80
CA THR F 519 -61.46 -15.64 -42.18
C THR F 519 -60.79 -14.58 -43.04
N PRO F 520 -60.21 -14.96 -44.18
CA PRO F 520 -59.58 -13.95 -45.05
C PRO F 520 -60.57 -12.90 -45.56
N GLN F 521 -61.85 -13.23 -45.64
CA GLN F 521 -62.84 -12.25 -46.10
C GLN F 521 -63.04 -11.15 -45.07
N GLN F 522 -62.73 -11.42 -43.80
CA GLN F 522 -62.89 -10.43 -42.73
C GLN F 522 -61.67 -9.54 -42.56
N VAL F 523 -60.58 -9.80 -43.28
CA VAL F 523 -59.36 -9.01 -43.16
C VAL F 523 -59.02 -8.42 -44.53
N GLU F 524 -60.06 -8.09 -45.32
CA GLU F 524 -59.92 -7.62 -46.69
C GLU F 524 -58.77 -6.64 -46.93
N PRO F 525 -58.53 -5.62 -46.10
CA PRO F 525 -57.36 -4.75 -46.34
C PRO F 525 -56.02 -5.47 -46.25
N ILE F 526 -55.95 -6.62 -45.58
CA ILE F 526 -54.71 -7.37 -45.41
C ILE F 526 -54.77 -8.63 -46.24
N GLN F 527 -53.75 -8.83 -47.08
CA GLN F 527 -53.66 -9.98 -47.96
C GLN F 527 -52.68 -10.99 -47.39
N ILE F 528 -53.07 -12.26 -47.39
CA ILE F 528 -52.23 -13.36 -46.92
C ILE F 528 -51.62 -14.05 -48.12
N TRP F 529 -50.30 -14.19 -48.12
CA TRP F 529 -49.58 -14.76 -49.25
C TRP F 529 -48.84 -16.03 -48.83
N PRO F 530 -48.66 -16.97 -49.75
CA PRO F 530 -47.79 -18.12 -49.49
C PRO F 530 -46.33 -17.72 -49.69
N GLN F 531 -45.44 -18.68 -49.41
CA GLN F 531 -44.01 -18.42 -49.55
C GLN F 531 -43.59 -18.24 -51.00
N GLN F 532 -44.30 -18.89 -51.93
CA GLN F 532 -43.91 -18.82 -53.33
C GLN F 532 -44.02 -17.39 -53.88
N GLU F 533 -45.08 -16.67 -53.50
CA GLU F 533 -45.23 -15.30 -53.96
C GLU F 533 -44.11 -14.41 -53.44
N LEU F 534 -43.74 -14.57 -52.17
CA LEU F 534 -42.64 -13.78 -51.61
C LEU F 534 -41.32 -14.14 -52.29
N VAL F 535 -41.11 -15.41 -52.58
CA VAL F 535 -39.90 -15.83 -53.27
C VAL F 535 -39.83 -15.21 -54.65
N LYS F 536 -40.95 -15.21 -55.38
CA LYS F 536 -40.99 -14.60 -56.71
C LYS F 536 -40.74 -13.10 -56.62
N ALA F 537 -41.31 -12.44 -55.60
CA ALA F 537 -41.09 -11.00 -55.44
C ALA F 537 -39.62 -10.70 -55.16
N TYR F 538 -38.98 -11.52 -54.31
CA TYR F 538 -37.56 -11.32 -54.04
C TYR F 538 -36.70 -11.66 -55.25
N LEU F 539 -37.19 -12.53 -56.13
CA LEU F 539 -36.45 -12.87 -57.34
C LEU F 539 -36.30 -11.66 -58.26
N GLN F 540 -37.36 -10.85 -58.37
CA GLN F 540 -37.34 -9.69 -59.25
C GLN F 540 -36.48 -8.55 -58.72
N LEU F 541 -35.95 -8.67 -57.51
CA LEU F 541 -35.21 -7.59 -56.86
C LEU F 541 -33.95 -7.21 -57.63
N GLY F 542 -33.04 -8.16 -57.80
CA GLY F 542 -31.74 -7.87 -58.38
C GLY F 542 -31.65 -8.05 -59.88
N ILE F 543 -32.41 -7.27 -60.64
CA ILE F 543 -32.44 -7.35 -62.09
C ILE F 543 -31.63 -6.19 -62.66
N ASN F 544 -30.61 -6.53 -63.47
CA ASN F 544 -29.77 -5.52 -64.10
C ASN F 544 -29.35 -6.09 -65.46
N GLU F 545 -30.05 -5.68 -66.52
CA GLU F 545 -29.79 -6.24 -67.84
C GLU F 545 -28.51 -5.70 -68.47
N LYS F 546 -28.01 -4.56 -67.98
CA LYS F 546 -26.83 -3.96 -68.57
C LYS F 546 -25.60 -4.85 -68.38
N LEU F 547 -25.46 -5.45 -67.20
CA LEU F 547 -24.36 -6.36 -66.91
C LEU F 547 -24.77 -7.82 -66.96
N GLY F 548 -26.01 -8.13 -66.61
CA GLY F 548 -26.48 -9.50 -66.55
C GLY F 548 -26.53 -10.01 -65.12
N LEU F 549 -27.70 -9.97 -64.51
CA LEU F 549 -27.87 -10.31 -63.11
C LEU F 549 -29.19 -11.05 -62.94
N SER F 550 -29.15 -12.19 -62.26
CA SER F 550 -30.33 -13.02 -62.05
C SER F 550 -31.05 -12.72 -60.75
N GLY F 551 -30.52 -11.83 -59.92
CA GLY F 551 -31.16 -11.52 -58.66
C GLY F 551 -31.02 -12.64 -57.65
N ARG F 552 -31.95 -12.64 -56.69
CA ARG F 552 -31.94 -13.67 -55.65
C ARG F 552 -32.34 -15.01 -56.26
N PRO F 553 -31.53 -16.05 -56.09
CA PRO F 553 -31.89 -17.36 -56.63
C PRO F 553 -33.10 -17.94 -55.90
N ASP F 554 -33.81 -18.82 -56.60
CA ASP F 554 -35.03 -19.42 -56.07
C ASP F 554 -34.68 -20.34 -54.90
N ARG F 555 -34.96 -19.88 -53.69
CA ARG F 555 -34.73 -20.64 -52.48
C ARG F 555 -35.89 -20.44 -51.52
N PRO F 556 -36.18 -21.42 -50.68
CA PRO F 556 -37.26 -21.24 -49.69
C PRO F 556 -36.86 -20.25 -48.60
N ILE F 557 -37.89 -19.71 -47.94
CA ILE F 557 -37.72 -18.72 -46.89
C ILE F 557 -38.03 -19.38 -45.56
N GLY F 558 -37.13 -19.20 -44.59
CA GLY F 558 -37.26 -19.84 -43.30
C GLY F 558 -38.33 -19.18 -42.43
N CYS F 559 -38.41 -19.67 -41.19
CA CYS F 559 -39.40 -19.16 -40.26
C CYS F 559 -39.15 -17.71 -39.90
N LEU F 560 -37.89 -17.31 -39.78
CA LEU F 560 -37.56 -15.93 -39.43
C LEU F 560 -38.04 -14.96 -40.51
N GLY F 561 -37.87 -15.32 -41.78
CA GLY F 561 -38.30 -14.45 -42.86
C GLY F 561 -39.80 -14.32 -43.01
N THR F 562 -40.56 -15.30 -42.51
CA THR F 562 -42.00 -15.28 -42.60
C THR F 562 -42.68 -14.65 -41.38
N SER F 563 -41.90 -14.18 -40.42
CA SER F 563 -42.44 -13.55 -39.21
C SER F 563 -42.54 -12.04 -39.32
N LYS F 564 -42.18 -11.46 -40.46
CA LYS F 564 -42.22 -10.02 -40.65
C LYS F 564 -43.51 -9.61 -41.35
N ILE F 565 -43.68 -8.30 -41.52
CA ILE F 565 -44.83 -7.73 -42.20
C ILE F 565 -44.31 -6.89 -43.37
N TYR F 566 -44.82 -7.16 -44.56
CA TYR F 566 -44.37 -6.51 -45.78
C TYR F 566 -45.47 -5.65 -46.39
N ARG F 567 -45.05 -4.59 -47.08
CA ARG F 567 -45.96 -3.69 -47.78
C ARG F 567 -45.54 -3.68 -49.25
N ILE F 568 -46.24 -4.44 -50.08
CA ILE F 568 -45.94 -4.57 -51.49
C ILE F 568 -47.00 -3.83 -52.29
N LEU F 569 -46.57 -2.84 -53.08
CA LEU F 569 -47.47 -2.05 -53.93
C LEU F 569 -48.59 -1.42 -53.12
N GLY F 570 -48.26 -0.95 -51.92
CA GLY F 570 -49.24 -0.31 -51.06
C GLY F 570 -50.19 -1.24 -50.36
N LYS F 571 -49.96 -2.55 -50.41
CA LYS F 571 -50.82 -3.55 -49.80
C LYS F 571 -50.04 -4.27 -48.71
N THR F 572 -50.68 -4.47 -47.55
CA THR F 572 -50.04 -5.18 -46.45
C THR F 572 -49.91 -6.65 -46.78
N VAL F 573 -48.73 -7.21 -46.58
CA VAL F 573 -48.44 -8.61 -46.90
C VAL F 573 -47.96 -9.31 -45.64
N VAL F 574 -48.59 -10.43 -45.30
CA VAL F 574 -48.18 -11.28 -44.19
C VAL F 574 -48.25 -12.72 -44.66
N CYS F 575 -47.16 -13.47 -44.45
CA CYS F 575 -47.03 -14.82 -44.98
C CYS F 575 -47.02 -15.83 -43.84
N TYR F 576 -47.77 -16.92 -44.02
CA TYR F 576 -47.79 -18.01 -43.05
C TYR F 576 -46.57 -18.91 -43.24
N PRO F 577 -46.19 -19.64 -42.19
CA PRO F 577 -44.98 -20.47 -42.29
C PRO F 577 -45.13 -21.61 -43.28
N ILE F 578 -43.98 -22.13 -43.73
CA ILE F 578 -43.93 -23.23 -44.69
C ILE F 578 -44.55 -24.50 -44.13
N ILE F 579 -44.64 -24.63 -42.80
CA ILE F 579 -45.08 -25.86 -42.16
C ILE F 579 -46.48 -26.28 -42.61
N PHE F 580 -47.36 -25.32 -42.88
CA PHE F 580 -48.74 -25.60 -43.21
C PHE F 580 -48.92 -26.09 -44.66
N ASP F 581 -47.84 -26.20 -45.42
CA ASP F 581 -47.89 -26.61 -46.82
C ASP F 581 -47.41 -28.05 -46.95
N LEU F 582 -48.18 -28.85 -47.68
CA LEU F 582 -47.83 -30.24 -47.98
C LEU F 582 -47.83 -30.43 -49.48
N SER F 583 -46.83 -31.15 -50.00
CA SER F 583 -46.71 -31.37 -51.43
C SER F 583 -46.85 -32.84 -51.82
N ASP F 584 -45.98 -33.71 -51.31
CA ASP F 584 -46.02 -35.12 -51.71
C ASP F 584 -45.88 -36.10 -50.55
N PHE F 585 -45.30 -35.72 -49.42
CA PHE F 585 -45.01 -36.67 -48.36
C PHE F 585 -46.22 -36.87 -47.46
N TYR F 586 -46.29 -38.07 -46.87
CA TYR F 586 -47.37 -38.46 -45.98
C TYR F 586 -47.12 -38.06 -44.53
N MET F 587 -45.97 -37.45 -44.23
CA MET F 587 -45.69 -37.03 -42.87
C MET F 587 -46.64 -35.93 -42.40
N SER F 588 -47.28 -35.23 -43.32
CA SER F 588 -48.23 -34.17 -42.98
C SER F 588 -49.63 -34.70 -42.70
N GLN F 589 -49.86 -36.01 -42.85
CA GLN F 589 -51.15 -36.61 -42.59
C GLN F 589 -51.38 -36.93 -41.12
N ASP F 590 -50.39 -36.69 -40.27
CA ASP F 590 -50.48 -36.96 -38.83
C ASP F 590 -50.56 -35.63 -38.10
N VAL F 591 -51.62 -35.44 -37.30
CA VAL F 591 -51.81 -34.19 -36.59
C VAL F 591 -50.76 -34.01 -35.49
N PHE F 592 -50.34 -35.11 -34.85
CA PHE F 592 -49.33 -35.01 -33.81
C PHE F 592 -48.02 -34.49 -34.39
N LEU F 593 -47.66 -34.94 -35.60
CA LEU F 593 -46.47 -34.42 -36.26
C LEU F 593 -46.59 -32.92 -36.51
N LEU F 594 -47.77 -32.47 -36.95
CA LEU F 594 -47.98 -31.04 -37.18
C LEU F 594 -47.85 -30.25 -35.88
N ILE F 595 -48.42 -30.76 -34.79
CA ILE F 595 -48.33 -30.06 -33.50
C ILE F 595 -46.88 -30.00 -33.04
N ASP F 596 -46.15 -31.11 -33.17
CA ASP F 596 -44.75 -31.13 -32.77
C ASP F 596 -43.93 -30.15 -33.61
N ASP F 597 -44.19 -30.09 -34.92
CA ASP F 597 -43.44 -29.19 -35.78
C ASP F 597 -43.77 -27.74 -35.48
N ILE F 598 -45.02 -27.43 -35.15
CA ILE F 598 -45.39 -26.06 -34.80
C ILE F 598 -44.74 -25.67 -33.47
N LYS F 599 -44.65 -26.62 -32.53
CA LYS F 599 -43.95 -26.35 -31.28
C LYS F 599 -42.47 -26.08 -31.53
N ASN F 600 -41.86 -26.88 -32.40
CA ASN F 600 -40.45 -26.68 -32.73
C ASN F 600 -40.24 -25.32 -33.39
N ALA F 601 -41.15 -24.94 -34.29
CA ALA F 601 -41.04 -23.64 -34.95
C ALA F 601 -41.18 -22.51 -33.94
N LEU F 602 -42.13 -22.62 -33.01
CA LEU F 602 -42.29 -21.59 -31.99
C LEU F 602 -41.03 -21.48 -31.12
N GLN F 603 -40.45 -22.61 -30.74
CA GLN F 603 -39.22 -22.59 -29.95
C GLN F 603 -38.08 -21.97 -30.75
N PHE F 604 -37.98 -22.29 -32.04
CA PHE F 604 -36.92 -21.72 -32.87
C PHE F 604 -37.06 -20.20 -32.99
N ILE F 605 -38.30 -19.72 -33.17
CA ILE F 605 -38.52 -18.28 -33.21
C ILE F 605 -38.16 -17.64 -31.87
N LYS F 606 -38.52 -18.30 -30.77
CA LYS F 606 -38.22 -17.75 -29.45
C LYS F 606 -36.71 -17.64 -29.23
N GLN F 607 -35.96 -18.67 -29.64
CA GLN F 607 -34.52 -18.68 -29.36
C GLN F 607 -33.75 -17.74 -30.29
N TYR F 608 -34.17 -17.63 -31.55
CA TYR F 608 -33.37 -16.98 -32.58
C TYR F 608 -34.10 -15.78 -33.20
N TRP F 609 -34.68 -14.93 -32.37
CA TRP F 609 -35.27 -13.68 -32.82
C TRP F 609 -34.61 -12.53 -32.09
N LYS F 610 -33.85 -11.72 -32.83
CA LYS F 610 -33.16 -10.56 -32.26
C LYS F 610 -33.57 -9.26 -32.92
N MET F 611 -34.67 -9.23 -33.67
CA MET F 611 -35.13 -8.04 -34.35
C MET F 611 -35.92 -7.17 -33.38
N HIS F 612 -36.48 -6.07 -33.89
CA HIS F 612 -37.28 -5.15 -33.09
C HIS F 612 -38.76 -5.43 -33.31
N GLY F 613 -39.49 -5.59 -32.22
CA GLY F 613 -40.90 -5.89 -32.30
C GLY F 613 -41.18 -7.36 -32.16
N ARG F 614 -42.35 -7.68 -31.59
CA ARG F 614 -42.73 -9.07 -31.41
C ARG F 614 -42.98 -9.74 -32.77
N PRO F 615 -42.48 -10.96 -32.96
CA PRO F 615 -42.70 -11.63 -34.26
C PRO F 615 -44.15 -12.05 -34.44
N LEU F 616 -44.53 -12.19 -35.70
CA LEU F 616 -45.89 -12.58 -36.07
C LEU F 616 -45.89 -14.04 -36.53
N PHE F 617 -46.84 -14.81 -36.02
CA PHE F 617 -46.96 -16.23 -36.34
C PHE F 617 -48.41 -16.55 -36.65
N LEU F 618 -48.69 -16.92 -37.90
CA LEU F 618 -50.03 -17.32 -38.31
C LEU F 618 -50.25 -18.80 -38.07
N VAL F 619 -51.49 -19.16 -37.77
CA VAL F 619 -51.90 -20.55 -37.63
C VAL F 619 -53.01 -20.82 -38.62
N LEU F 620 -52.77 -21.74 -39.54
CA LEU F 620 -53.75 -22.10 -40.56
C LEU F 620 -54.39 -23.44 -40.20
N ILE F 621 -55.70 -23.42 -39.97
CA ILE F 621 -56.46 -24.61 -39.63
C ILE F 621 -57.18 -25.09 -40.88
N ARG F 622 -56.92 -26.34 -41.26
CA ARG F 622 -57.44 -26.91 -42.50
C ARG F 622 -58.54 -27.91 -42.18
N GLU F 623 -59.54 -27.96 -43.06
CA GLU F 623 -60.66 -28.87 -42.88
C GLU F 623 -60.24 -30.34 -43.01
N ASP F 624 -59.13 -30.61 -43.69
CA ASP F 624 -58.69 -31.99 -43.86
C ASP F 624 -58.08 -32.57 -42.59
N ASN F 625 -57.62 -31.73 -41.67
CA ASN F 625 -57.02 -32.19 -40.43
C ASN F 625 -57.91 -31.92 -39.21
N ILE F 626 -59.23 -31.84 -39.40
CA ILE F 626 -60.16 -31.60 -38.31
C ILE F 626 -61.22 -32.69 -38.31
N ARG F 627 -61.14 -33.59 -39.28
CA ARG F 627 -62.09 -34.69 -39.43
C ARG F 627 -61.56 -35.95 -38.75
N GLY F 628 -62.48 -36.80 -38.31
CA GLY F 628 -62.10 -38.05 -37.69
C GLY F 628 -61.64 -37.93 -36.26
N SER F 629 -60.83 -38.89 -35.81
CA SER F 629 -60.36 -38.93 -34.42
C SER F 629 -59.33 -37.85 -34.11
N ARG F 630 -58.83 -37.15 -35.13
CA ARG F 630 -57.83 -36.09 -34.91
C ARG F 630 -58.46 -34.77 -34.48
N PHE F 631 -59.78 -34.73 -34.32
CA PHE F 631 -60.45 -33.50 -33.92
C PHE F 631 -60.05 -33.06 -32.52
N ASN F 632 -59.93 -34.00 -31.59
CA ASN F 632 -59.59 -33.65 -30.21
C ASN F 632 -58.19 -33.04 -30.05
N PRO F 633 -57.11 -33.62 -30.62
CA PRO F 633 -55.79 -32.99 -30.44
C PRO F 633 -55.71 -31.57 -30.98
N ILE F 634 -56.40 -31.29 -32.09
CA ILE F 634 -56.39 -29.93 -32.63
C ILE F 634 -57.04 -28.96 -31.65
N LEU F 635 -58.17 -29.38 -31.05
CA LEU F 635 -58.81 -28.54 -30.04
C LEU F 635 -57.92 -28.35 -28.83
N ASP F 636 -57.21 -29.39 -28.41
CA ASP F 636 -56.30 -29.26 -27.27
C ASP F 636 -55.18 -28.28 -27.57
N MET F 637 -54.60 -28.36 -28.77
CA MET F 637 -53.54 -27.44 -29.14
C MET F 637 -54.06 -26.01 -29.23
N LEU F 638 -55.26 -25.84 -29.78
CA LEU F 638 -55.84 -24.50 -29.87
C LEU F 638 -56.14 -23.91 -28.49
N ALA F 639 -56.62 -24.75 -27.56
CA ALA F 639 -56.85 -24.28 -26.21
C ALA F 639 -55.55 -23.91 -25.52
N ALA F 640 -54.49 -24.70 -25.75
CA ALA F 640 -53.18 -24.36 -25.20
C ALA F 640 -52.67 -23.03 -25.75
N LEU F 641 -52.87 -22.79 -27.05
CA LEU F 641 -52.49 -21.51 -27.63
C LEU F 641 -53.30 -20.37 -27.03
N LYS F 642 -54.60 -20.58 -26.83
CA LYS F 642 -55.47 -19.54 -26.28
C LYS F 642 -55.13 -19.23 -24.83
N LYS F 643 -54.69 -20.24 -24.06
CA LYS F 643 -54.37 -20.02 -22.66
C LYS F 643 -53.27 -18.98 -22.48
N GLY F 644 -52.23 -19.05 -23.31
CA GLY F 644 -51.18 -18.06 -23.26
C GLY F 644 -49.78 -18.63 -23.40
N ILE F 645 -49.58 -19.86 -22.93
CA ILE F 645 -48.29 -20.53 -23.00
C ILE F 645 -48.49 -21.92 -23.61
N ILE F 646 -47.69 -22.23 -24.63
CA ILE F 646 -47.70 -23.56 -25.25
C ILE F 646 -46.25 -23.99 -25.46
N GLY F 647 -45.92 -25.19 -25.00
CA GLY F 647 -44.57 -25.71 -25.16
C GLY F 647 -43.50 -24.87 -24.49
N GLY F 648 -43.82 -24.27 -23.35
CA GLY F 648 -42.87 -23.42 -22.65
C GLY F 648 -42.65 -22.06 -23.27
N VAL F 649 -43.44 -21.67 -24.26
CA VAL F 649 -43.31 -20.39 -24.94
C VAL F 649 -44.59 -19.60 -24.74
N LYS F 650 -44.44 -18.35 -24.29
CA LYS F 650 -45.60 -17.49 -24.07
C LYS F 650 -46.04 -16.85 -25.37
N VAL F 651 -47.35 -16.90 -25.62
CA VAL F 651 -47.94 -16.36 -26.86
C VAL F 651 -49.14 -15.50 -26.51
N HIS F 652 -49.50 -14.63 -27.45
CA HIS F 652 -50.64 -13.73 -27.30
C HIS F 652 -51.58 -13.93 -28.48
N VAL F 653 -52.88 -13.96 -28.20
CA VAL F 653 -53.90 -14.17 -29.21
C VAL F 653 -54.79 -12.93 -29.26
N ASP F 654 -54.95 -12.37 -30.46
CA ASP F 654 -55.78 -11.19 -30.65
C ASP F 654 -56.13 -11.10 -32.13
N ARG F 655 -56.94 -10.10 -32.48
CA ARG F 655 -57.33 -9.89 -33.86
C ARG F 655 -56.14 -9.47 -34.70
N LEU F 656 -56.15 -9.88 -35.97
CA LEU F 656 -55.04 -9.56 -36.87
C LEU F 656 -54.90 -8.06 -37.08
N GLN F 657 -56.03 -7.36 -37.23
CA GLN F 657 -55.98 -5.93 -37.50
C GLN F 657 -55.31 -5.17 -36.35
N THR F 658 -55.63 -5.55 -35.11
CA THR F 658 -54.99 -4.91 -33.96
C THR F 658 -53.49 -5.16 -33.94
N LEU F 659 -53.07 -6.38 -34.27
CA LEU F 659 -51.65 -6.71 -34.25
C LEU F 659 -50.90 -5.95 -35.34
N ILE F 660 -51.51 -5.83 -36.53
CA ILE F 660 -50.84 -5.15 -37.64
C ILE F 660 -50.62 -3.67 -37.32
N SER F 661 -51.63 -3.01 -36.76
CA SER F 661 -51.53 -1.59 -36.47
C SER F 661 -50.48 -1.33 -35.39
N GLY F 662 -49.67 -0.30 -35.61
CA GLY F 662 -48.65 0.09 -34.65
C GLY F 662 -47.38 -0.72 -34.71
N ALA F 663 -47.24 -1.62 -35.67
CA ALA F 663 -46.06 -2.46 -35.80
C ALA F 663 -45.17 -1.99 -36.94
N VAL F 664 -43.91 -2.41 -36.90
CA VAL F 664 -42.96 -2.07 -37.94
C VAL F 664 -43.25 -2.89 -39.19
N VAL F 665 -43.27 -2.25 -40.34
CA VAL F 665 -43.58 -2.88 -41.61
C VAL F 665 -42.35 -2.83 -42.50
N GLU F 666 -42.10 -3.90 -43.25
CA GLU F 666 -40.98 -3.94 -44.17
C GLU F 666 -41.39 -3.37 -45.52
N GLN F 667 -40.52 -2.53 -46.09
CA GLN F 667 -40.79 -1.86 -47.35
C GLN F 667 -40.00 -2.50 -48.46
N LEU F 668 -40.69 -2.86 -49.55
CA LEU F 668 -40.07 -3.43 -50.74
C LEU F 668 -40.40 -2.50 -51.91
N ASP F 669 -39.57 -1.49 -52.10
CA ASP F 669 -39.79 -0.48 -53.12
C ASP F 669 -39.13 -0.83 -54.46
N PHE F 670 -38.34 -1.91 -54.51
CA PHE F 670 -37.66 -2.27 -55.76
C PHE F 670 -38.65 -2.67 -56.84
N LEU F 671 -39.84 -3.13 -56.47
CA LEU F 671 -40.82 -3.53 -57.47
C LEU F 671 -41.28 -2.34 -58.31
N ARG F 672 -41.48 -1.18 -57.67
CA ARG F 672 -41.87 0.01 -58.43
C ARG F 672 -40.77 0.43 -59.39
N ILE F 673 -39.50 0.36 -58.95
CA ILE F 673 -38.38 0.76 -59.78
C ILE F 673 -38.19 -0.15 -60.99
N SER F 674 -38.74 -1.36 -60.95
CA SER F 674 -38.61 -2.28 -62.08
C SER F 674 -39.23 -1.68 -63.34
N ASP F 675 -38.55 -1.88 -64.47
CA ASP F 675 -38.96 -1.32 -65.75
C ASP F 675 -39.85 -2.26 -66.55
N THR F 676 -40.31 -3.36 -65.96
CA THR F 676 -41.17 -4.28 -66.67
C THR F 676 -42.46 -3.59 -67.09
N GLU F 677 -42.88 -3.83 -68.33
CA GLU F 677 -44.09 -3.20 -68.85
C GLU F 677 -45.33 -3.64 -68.08
N GLU F 678 -45.41 -4.93 -67.75
CA GLU F 678 -46.55 -5.49 -67.03
C GLU F 678 -46.11 -5.91 -65.64
N LEU F 679 -46.77 -5.38 -64.62
CA LEU F 679 -46.46 -5.75 -63.25
C LEU F 679 -46.93 -7.18 -62.98
N PRO F 680 -46.07 -8.04 -62.44
CA PRO F 680 -46.47 -9.43 -62.19
C PRO F 680 -47.61 -9.52 -61.20
N GLU F 681 -48.50 -10.49 -61.42
CA GLU F 681 -49.66 -10.71 -60.58
C GLU F 681 -49.36 -11.81 -59.56
N PHE F 682 -49.66 -11.54 -58.31
CA PHE F 682 -49.41 -12.46 -57.20
C PHE F 682 -50.73 -12.99 -56.67
N LYS F 683 -50.83 -14.31 -56.54
CA LYS F 683 -52.05 -14.94 -56.06
C LYS F 683 -52.05 -15.03 -54.53
N PHE F 685 -54.07 -15.79 -50.69
CA PHE F 685 -54.96 -16.81 -50.12
C PHE F 685 -56.40 -16.33 -50.15
N GLU F 686 -57.29 -17.17 -50.65
CA GLU F 686 -58.69 -16.81 -50.84
C GLU F 686 -59.58 -17.74 -50.05
N GLU F 687 -60.75 -17.22 -49.64
CA GLU F 687 -61.71 -18.03 -48.90
C GLU F 687 -62.26 -19.13 -49.80
N LEU F 688 -62.39 -20.33 -49.22
CA LEU F 688 -62.92 -21.48 -49.95
C LEU F 688 -64.43 -21.49 -49.83
N GLU F 689 -65.12 -21.47 -50.97
CA GLU F 689 -66.57 -21.47 -50.96
C GLU F 689 -67.12 -22.82 -50.51
N PRO F 690 -68.28 -22.83 -49.85
CA PRO F 690 -68.86 -24.11 -49.43
C PRO F 690 -69.28 -24.92 -50.60
N PRO F 691 -69.19 -26.25 -50.54
CA PRO F 691 -69.65 -27.09 -51.65
C PRO F 691 -71.16 -27.04 -51.81
N LYS F 692 -71.61 -27.22 -53.06
CA LYS F 692 -73.03 -27.21 -53.39
C LYS F 692 -73.55 -28.59 -53.76
N HIS F 693 -72.81 -29.64 -53.45
CA HIS F 693 -73.22 -31.00 -53.74
C HIS F 693 -73.54 -31.80 -52.49
N SER F 694 -72.61 -31.85 -51.53
CA SER F 694 -72.84 -32.56 -50.27
C SER F 694 -73.16 -31.62 -49.12
N LYS F 695 -72.60 -30.41 -49.10
CA LYS F 695 -72.85 -29.42 -48.06
C LYS F 695 -72.54 -29.98 -46.68
N VAL F 696 -71.28 -30.35 -46.48
CA VAL F 696 -70.80 -30.85 -45.19
C VAL F 696 -70.59 -29.63 -44.29
N LYS F 697 -71.52 -29.39 -43.38
CA LYS F 697 -71.46 -28.23 -42.50
C LYS F 697 -70.71 -28.54 -41.21
N ARG F 698 -69.51 -29.11 -41.36
CA ARG F 698 -68.60 -29.40 -40.25
C ARG F 698 -69.29 -30.22 -39.16
N GLN F 699 -69.66 -31.44 -39.55
CA GLN F 699 -70.32 -32.38 -38.64
C GLN F 699 -69.40 -32.76 -37.49
N THR F 702 -67.23 -38.07 -35.11
CA THR F 702 -67.66 -39.37 -35.61
C THR F 702 -66.49 -40.34 -35.77
N PRO F 703 -65.99 -40.87 -34.65
CA PRO F 703 -64.84 -41.79 -34.73
C PRO F 703 -65.14 -43.03 -35.56
N SER F 704 -66.18 -43.78 -35.18
CA SER F 704 -66.58 -45.01 -35.86
C SER F 704 -65.43 -46.00 -35.94
N ALA F 705 -65.59 -47.04 -36.77
CA ALA F 705 -64.52 -48.01 -36.97
C ALA F 705 -64.70 -48.74 -38.30
N PRO F 706 -64.55 -48.06 -39.46
CA PRO F 706 -64.64 -48.72 -40.76
C PRO F 706 -63.29 -49.24 -41.26
N GLU F 707 -62.62 -50.02 -40.41
CA GLU F 707 -61.29 -50.52 -40.72
C GLU F 707 -61.17 -51.98 -40.30
N LEU F 708 -60.26 -52.69 -40.97
CA LEU F 708 -59.98 -54.08 -40.65
C LEU F 708 -58.47 -54.29 -40.53
N GLY F 709 -58.05 -55.52 -40.23
CA GLY F 709 -56.63 -55.82 -40.18
C GLY F 709 -56.27 -57.15 -40.78
N GLN F 710 -55.46 -57.13 -41.84
CA GLN F 710 -55.00 -58.36 -42.49
C GLN F 710 -53.55 -58.15 -42.91
N GLN F 711 -52.65 -59.01 -42.42
CA GLN F 711 -51.26 -58.94 -42.84
C GLN F 711 -51.15 -59.36 -44.30
N PRO F 712 -50.21 -58.77 -45.04
CA PRO F 712 -50.05 -59.14 -46.46
C PRO F 712 -49.68 -60.61 -46.61
N ASP F 713 -50.25 -61.25 -47.63
CA ASP F 713 -50.01 -62.65 -47.92
C ASP F 713 -49.03 -62.86 -49.06
N VAL F 714 -48.39 -61.79 -49.55
CA VAL F 714 -47.45 -61.88 -50.67
C VAL F 714 -46.15 -61.21 -50.25
N ASN F 715 -45.05 -61.72 -50.78
CA ASN F 715 -43.73 -61.14 -50.55
C ASN F 715 -42.97 -61.10 -51.87
N ILE F 716 -42.01 -60.18 -51.96
CA ILE F 716 -41.22 -60.03 -53.18
C ILE F 716 -40.40 -61.28 -53.45
N SER F 717 -40.03 -62.01 -52.40
CA SER F 717 -39.18 -63.19 -52.56
C SER F 717 -39.86 -64.34 -53.28
N GLU F 718 -41.19 -64.31 -53.42
CA GLU F 718 -41.92 -65.38 -54.08
C GLU F 718 -42.63 -64.93 -55.35
N TRP F 719 -43.29 -63.78 -55.33
CA TRP F 719 -44.00 -63.26 -56.51
C TRP F 719 -43.04 -62.48 -57.41
N LYS F 720 -42.06 -63.20 -57.96
CA LYS F 720 -41.07 -62.61 -58.85
C LYS F 720 -41.14 -63.17 -60.26
N ASP F 721 -41.07 -64.49 -60.42
CA ASP F 721 -41.02 -65.11 -61.74
C ASP F 721 -42.39 -65.52 -62.25
N LYS F 722 -43.47 -65.22 -61.53
CA LYS F 722 -44.80 -65.58 -61.97
C LYS F 722 -45.18 -64.77 -63.21
N PRO F 723 -46.00 -65.35 -64.10
CA PRO F 723 -46.27 -64.69 -65.38
C PRO F 723 -47.21 -63.50 -65.23
N THR F 724 -47.26 -62.71 -66.32
CA THR F 724 -47.99 -61.45 -66.29
C THR F 724 -49.50 -61.67 -66.09
N HIS F 725 -50.07 -62.65 -66.79
CA HIS F 725 -51.51 -62.87 -66.69
C HIS F 725 -51.91 -63.31 -65.28
N GLU F 726 -51.12 -64.19 -64.66
CA GLU F 726 -51.44 -64.64 -63.31
C GLU F 726 -51.39 -63.48 -62.32
N ILE F 727 -50.37 -62.64 -62.40
CA ILE F 727 -50.27 -61.52 -61.48
C ILE F 727 -51.38 -60.50 -61.74
N LEU F 728 -51.77 -60.34 -63.01
CA LEU F 728 -52.86 -59.41 -63.34
C LEU F 728 -54.18 -59.90 -62.77
N GLN F 729 -54.46 -61.20 -62.90
CA GLN F 729 -55.69 -61.74 -62.32
C GLN F 729 -55.63 -61.70 -60.80
N LYS F 730 -54.43 -61.84 -60.22
CA LYS F 730 -54.28 -61.72 -58.78
C LYS F 730 -54.60 -60.31 -58.31
N LEU F 731 -54.15 -59.30 -59.06
CA LEU F 731 -54.55 -57.92 -58.76
C LEU F 731 -56.05 -57.75 -58.91
N ASN F 732 -56.63 -58.36 -59.95
CA ASN F 732 -58.05 -58.17 -60.22
C ASN F 732 -58.92 -58.74 -59.10
N ASP F 733 -58.57 -59.93 -58.59
CA ASP F 733 -59.44 -60.60 -57.63
C ASP F 733 -59.04 -60.38 -56.17
N CYS F 734 -58.02 -59.57 -55.91
CA CYS F 734 -57.58 -59.35 -54.54
C CYS F 734 -58.18 -58.06 -53.97
N SER F 735 -58.08 -57.93 -52.65
CA SER F 735 -58.57 -56.74 -51.95
C SER F 735 -57.57 -56.16 -50.96
N CYS F 736 -56.53 -56.89 -50.58
CA CYS F 736 -55.54 -56.36 -49.66
C CYS F 736 -54.78 -55.20 -50.29
N LEU F 737 -54.67 -54.10 -49.54
CA LEU F 737 -54.06 -52.90 -50.09
C LEU F 737 -52.55 -53.05 -50.21
N ALA F 738 -51.92 -53.62 -49.18
CA ALA F 738 -50.48 -53.85 -49.21
C ALA F 738 -50.09 -54.82 -50.30
N SER F 739 -50.88 -55.88 -50.49
CA SER F 739 -50.61 -56.83 -51.58
C SER F 739 -50.70 -56.14 -52.93
N GLN F 740 -51.71 -55.29 -53.12
CA GLN F 740 -51.83 -54.54 -54.36
C GLN F 740 -50.60 -53.66 -54.57
N ALA F 741 -50.16 -52.97 -53.52
CA ALA F 741 -48.97 -52.12 -53.65
C ALA F 741 -47.74 -52.92 -54.01
N ILE F 742 -47.55 -54.08 -53.38
CA ILE F 742 -46.37 -54.89 -53.62
C ILE F 742 -46.35 -55.40 -55.06
N LEU F 743 -47.48 -55.95 -55.52
CA LEU F 743 -47.50 -56.48 -56.88
C LEU F 743 -47.43 -55.37 -57.92
N LEU F 744 -47.98 -54.19 -57.60
CA LEU F 744 -47.85 -53.06 -58.52
C LEU F 744 -46.41 -52.58 -58.59
N GLY F 745 -45.69 -52.63 -57.47
CA GLY F 745 -44.26 -52.33 -57.50
C GLY F 745 -43.48 -53.34 -58.33
N ILE F 746 -43.86 -54.62 -58.24
CA ILE F 746 -43.23 -55.65 -59.07
C ILE F 746 -43.48 -55.35 -60.55
N LEU F 747 -44.71 -54.97 -60.89
CA LEU F 747 -45.02 -54.61 -62.27
C LEU F 747 -44.22 -53.39 -62.72
N LEU F 748 -44.07 -52.40 -61.83
CA LEU F 748 -43.22 -51.24 -62.14
C LEU F 748 -41.79 -51.68 -62.45
N LYS F 749 -41.26 -52.61 -61.64
CA LYS F 749 -39.90 -53.09 -61.86
C LYS F 749 -39.80 -53.83 -63.19
N ARG F 750 -40.78 -54.66 -63.52
CA ARG F 750 -40.71 -55.53 -64.69
C ARG F 750 -41.48 -54.98 -65.89
N GLU F 751 -42.79 -54.75 -65.74
CA GLU F 751 -43.63 -54.40 -66.88
C GLU F 751 -43.37 -52.99 -67.39
N GLY F 752 -43.06 -52.04 -66.52
CA GLY F 752 -42.80 -50.68 -66.93
C GLY F 752 -43.92 -49.72 -66.55
N PRO F 753 -43.56 -48.44 -66.39
CA PRO F 753 -44.58 -47.46 -65.98
C PRO F 753 -45.70 -47.26 -66.99
N ASN F 754 -45.44 -47.50 -68.28
CA ASN F 754 -46.43 -47.24 -69.31
C ASN F 754 -47.35 -48.42 -69.59
N PHE F 755 -47.19 -49.52 -68.85
CA PHE F 755 -48.07 -50.67 -69.06
C PHE F 755 -49.49 -50.33 -68.63
N ILE F 756 -50.46 -50.78 -69.41
CA ILE F 756 -51.87 -50.49 -69.17
C ILE F 756 -52.51 -51.65 -68.42
N THR F 757 -53.04 -51.37 -67.24
CA THR F 757 -53.72 -52.39 -66.45
C THR F 757 -55.23 -52.30 -66.68
N LYS F 758 -56.00 -53.04 -65.89
CA LYS F 758 -57.46 -53.00 -66.01
C LYS F 758 -58.01 -51.63 -65.65
N GLU F 759 -57.45 -50.99 -64.63
CA GLU F 759 -57.90 -49.69 -64.16
C GLU F 759 -56.99 -48.55 -64.62
N GLY F 760 -56.45 -48.65 -65.81
CA GLY F 760 -55.60 -47.60 -66.36
C GLY F 760 -54.12 -47.93 -66.25
N THR F 761 -53.32 -46.86 -66.28
CA THR F 761 -51.88 -47.01 -66.16
C THR F 761 -51.50 -47.45 -64.74
N VAL F 762 -50.33 -48.08 -64.63
CA VAL F 762 -49.86 -48.57 -63.35
C VAL F 762 -49.47 -47.41 -62.44
N ASP F 764 -50.95 -44.27 -62.36
CA ASP F 764 -52.18 -43.74 -61.80
C ASP F 764 -52.72 -44.69 -60.72
N HIS F 765 -52.58 -45.99 -60.99
CA HIS F 765 -53.06 -46.99 -60.03
C HIS F 765 -52.29 -46.90 -58.72
N ILE F 766 -50.95 -46.85 -58.78
CA ILE F 766 -50.17 -46.79 -57.54
C ILE F 766 -50.40 -45.47 -56.83
N GLU F 767 -50.58 -44.38 -57.58
CA GLU F 767 -50.88 -43.10 -56.94
C GLU F 767 -52.21 -43.15 -56.20
N ARG F 768 -53.24 -43.75 -56.81
CA ARG F 768 -54.53 -43.90 -56.14
C ARG F 768 -54.41 -44.79 -54.91
N VAL F 769 -53.64 -45.88 -55.02
CA VAL F 769 -53.39 -46.76 -53.88
C VAL F 769 -52.74 -45.99 -52.74
N TYR F 770 -51.72 -45.20 -53.05
CA TYR F 770 -51.04 -44.42 -52.01
C TYR F 770 -51.98 -43.42 -51.37
N ARG F 771 -52.80 -42.73 -52.18
CA ARG F 771 -53.71 -41.74 -51.63
C ARG F 771 -54.76 -42.38 -50.72
N ARG F 772 -55.36 -43.50 -51.16
CA ARG F 772 -56.38 -44.13 -50.34
C ARG F 772 -55.78 -44.74 -49.07
N ALA F 773 -54.56 -45.27 -49.17
CA ALA F 773 -53.91 -45.80 -47.98
C ALA F 773 -53.57 -44.69 -46.98
N GLY F 774 -53.12 -43.54 -47.49
CA GLY F 774 -52.87 -42.41 -46.60
C GLY F 774 -54.14 -41.89 -45.96
N SER F 775 -55.24 -41.86 -46.71
CA SER F 775 -56.51 -41.44 -46.13
C SER F 775 -57.01 -42.45 -45.11
N GLN F 776 -56.64 -43.72 -45.28
CA GLN F 776 -57.06 -44.78 -44.37
C GLN F 776 -56.01 -45.14 -43.32
N LYS F 777 -54.99 -44.30 -43.16
CA LYS F 777 -53.96 -44.44 -42.13
C LYS F 777 -53.36 -45.85 -42.08
N LEU F 778 -53.19 -46.43 -43.26
CA LEU F 778 -52.54 -47.73 -43.44
C LEU F 778 -51.07 -47.46 -43.75
N TRP F 779 -50.23 -47.47 -42.72
CA TRP F 779 -48.86 -46.99 -42.87
C TRP F 779 -48.00 -47.94 -43.70
N LEU F 780 -48.25 -49.24 -43.62
CA LEU F 780 -47.44 -50.21 -44.36
C LEU F 780 -47.57 -50.00 -45.86
N ALA F 781 -48.80 -49.92 -46.36
CA ALA F 781 -49.02 -49.69 -47.79
C ALA F 781 -48.51 -48.33 -48.22
N VAL F 782 -48.66 -47.32 -47.37
CA VAL F 782 -48.17 -45.98 -47.70
C VAL F 782 -46.65 -46.01 -47.85
N ARG F 783 -45.96 -46.66 -46.92
CA ARG F 783 -44.50 -46.75 -46.99
C ARG F 783 -44.06 -47.55 -48.22
N TYR F 784 -44.77 -48.64 -48.52
CA TYR F 784 -44.46 -49.43 -49.70
C TYR F 784 -44.59 -48.59 -50.98
N GLY F 785 -45.69 -47.84 -51.09
CA GLY F 785 -45.89 -47.00 -52.25
C GLY F 785 -44.87 -45.89 -52.37
N ALA F 786 -44.53 -45.26 -51.24
CA ALA F 786 -43.51 -44.21 -51.25
C ALA F 786 -42.15 -44.77 -51.65
N ALA F 787 -41.81 -45.96 -51.16
CA ALA F 787 -40.54 -46.58 -51.51
C ALA F 787 -40.49 -46.93 -52.99
N PHE F 788 -41.57 -47.52 -53.51
CA PHE F 788 -41.58 -47.92 -54.91
C PHE F 788 -41.72 -46.75 -55.87
N THR F 789 -42.23 -45.61 -55.42
CA THR F 789 -42.35 -44.42 -56.26
C THR F 789 -41.11 -43.55 -56.24
N GLN F 790 -40.15 -43.84 -55.37
CA GLN F 790 -38.92 -43.06 -55.23
C GLN F 790 -39.23 -41.59 -54.97
N LYS F 791 -40.10 -41.32 -54.01
CA LYS F 791 -40.50 -39.96 -53.68
C LYS F 791 -39.46 -39.29 -52.78
N PHE F 792 -39.44 -37.96 -52.83
CA PHE F 792 -38.50 -37.17 -52.06
C PHE F 792 -39.22 -36.01 -51.38
N SER F 793 -38.74 -35.66 -50.20
CA SER F 793 -39.18 -34.47 -49.47
C SER F 793 -38.08 -33.43 -49.54
N SER F 794 -38.45 -32.20 -49.91
CA SER F 794 -37.44 -31.16 -50.14
C SER F 794 -36.82 -30.66 -48.84
N SER F 795 -37.38 -31.04 -47.69
CA SER F 795 -36.87 -30.56 -46.41
C SER F 795 -35.63 -31.31 -45.94
N ILE F 796 -35.25 -32.40 -46.60
CA ILE F 796 -34.11 -33.19 -46.14
C ILE F 796 -32.81 -32.45 -46.39
N ALA F 797 -32.68 -31.81 -47.55
CA ALA F 797 -31.45 -31.08 -47.86
C ALA F 797 -31.15 -29.98 -46.85
N PRO F 798 -32.09 -29.10 -46.48
CA PRO F 798 -31.78 -28.17 -45.38
C PRO F 798 -31.44 -28.88 -44.08
N HIS F 799 -32.09 -30.01 -43.80
CA HIS F 799 -31.74 -30.78 -42.61
C HIS F 799 -30.29 -31.24 -42.67
N ILE F 800 -29.84 -31.70 -43.84
CA ILE F 800 -28.45 -32.12 -43.99
C ILE F 800 -27.51 -30.92 -43.83
N THR F 801 -27.94 -29.74 -44.30
CA THR F 801 -27.11 -28.54 -44.10
C THR F 801 -26.95 -28.22 -42.62
N THR F 802 -28.04 -28.29 -41.84
CA THR F 802 -27.92 -28.08 -40.40
C THR F 802 -27.06 -29.17 -39.77
N PHE F 803 -27.20 -30.41 -40.23
CA PHE F 803 -26.36 -31.50 -39.71
C PHE F 803 -24.88 -31.20 -39.89
N LEU F 804 -24.50 -30.78 -41.09
CA LEU F 804 -23.08 -30.52 -41.35
C LEU F 804 -22.62 -29.20 -40.76
N VAL F 805 -23.56 -28.30 -40.44
CA VAL F 805 -23.19 -27.07 -39.76
C VAL F 805 -22.76 -27.36 -38.33
N HIS F 806 -23.53 -28.19 -37.62
CA HIS F 806 -23.26 -28.50 -36.22
C HIS F 806 -22.00 -29.34 -36.02
N GLY F 807 -21.25 -29.63 -37.08
CA GLY F 807 -20.05 -30.43 -36.95
C GLY F 807 -20.28 -31.92 -36.83
N LYS F 808 -21.49 -32.39 -37.09
CA LYS F 808 -21.82 -33.81 -37.02
C LYS F 808 -21.95 -34.39 -38.42
N GLN F 809 -21.22 -35.46 -38.67
CA GLN F 809 -21.25 -36.15 -39.96
C GLN F 809 -22.43 -37.11 -40.01
N VAL F 810 -23.00 -37.29 -41.19
CA VAL F 810 -24.13 -38.18 -41.41
C VAL F 810 -23.73 -39.20 -42.48
N THR F 811 -24.20 -40.43 -42.32
CA THR F 811 -23.93 -41.50 -43.27
C THR F 811 -25.23 -42.21 -43.61
N LEU F 812 -25.45 -42.45 -44.90
CA LEU F 812 -26.65 -43.12 -45.39
C LEU F 812 -26.28 -44.50 -45.89
N GLY F 813 -26.98 -45.51 -45.38
CA GLY F 813 -26.75 -46.88 -45.78
C GLY F 813 -27.39 -47.85 -44.83
N ALA F 814 -27.46 -49.10 -45.28
CA ALA F 814 -28.05 -50.15 -44.46
C ALA F 814 -27.08 -50.58 -43.35
N PHE F 815 -27.64 -51.16 -42.30
CA PHE F 815 -26.82 -51.63 -41.18
C PHE F 815 -25.92 -52.77 -41.62
N GLY F 816 -24.65 -52.66 -41.28
CA GLY F 816 -23.67 -53.68 -41.67
C GLY F 816 -23.52 -53.85 -43.16
N HIS F 817 -23.59 -52.75 -43.91
CA HIS F 817 -23.49 -52.79 -45.37
C HIS F 817 -22.79 -51.53 -45.83
N GLU F 818 -22.79 -51.32 -47.15
CA GLU F 818 -22.13 -50.15 -47.72
C GLU F 818 -22.86 -48.88 -47.32
N GLU F 819 -22.08 -47.84 -47.01
CA GLU F 819 -22.62 -46.54 -46.61
C GLU F 819 -21.86 -45.44 -47.34
N GLU F 820 -22.52 -44.30 -47.49
CA GLU F 820 -21.94 -43.12 -48.11
C GLU F 820 -21.79 -42.02 -47.08
N VAL F 821 -20.63 -41.37 -47.08
CA VAL F 821 -20.30 -40.33 -46.11
C VAL F 821 -20.48 -38.97 -46.77
N ILE F 822 -21.29 -38.11 -46.16
CA ILE F 822 -21.54 -36.77 -46.66
C ILE F 822 -20.64 -35.83 -45.87
N SER F 823 -19.44 -35.58 -46.40
CA SER F 823 -18.50 -34.71 -45.70
C SER F 823 -18.89 -33.24 -45.79
N ASN F 824 -19.37 -32.81 -46.95
CA ASN F 824 -19.72 -31.42 -47.21
C ASN F 824 -21.12 -31.35 -47.78
N PRO F 825 -21.82 -30.22 -47.59
CA PRO F 825 -23.18 -30.10 -48.12
C PRO F 825 -23.21 -30.25 -49.64
N LEU F 826 -24.22 -30.97 -50.12
CA LEU F 826 -24.35 -31.31 -51.53
C LEU F 826 -25.73 -30.93 -52.03
N SER F 827 -25.87 -30.86 -53.35
CA SER F 827 -27.13 -30.51 -53.97
C SER F 827 -28.17 -31.61 -53.74
N PRO F 828 -29.45 -31.26 -53.75
CA PRO F 828 -30.49 -32.29 -53.53
C PRO F 828 -30.47 -33.41 -54.56
N ARG F 829 -30.06 -33.12 -55.80
CA ARG F 829 -30.01 -34.16 -56.82
C ARG F 829 -28.98 -35.24 -56.45
N VAL F 830 -27.80 -34.82 -55.99
CA VAL F 830 -26.79 -35.78 -55.59
C VAL F 830 -27.23 -36.54 -54.35
N ILE F 831 -27.95 -35.88 -53.45
CA ILE F 831 -28.49 -36.57 -52.27
C ILE F 831 -29.47 -37.65 -52.70
N GLN F 832 -30.35 -37.34 -53.67
CA GLN F 832 -31.28 -38.33 -54.19
C GLN F 832 -30.53 -39.49 -54.83
N ASN F 833 -29.50 -39.19 -55.61
CA ASN F 833 -28.69 -40.23 -56.22
C ASN F 833 -28.08 -41.14 -55.17
N ILE F 834 -27.53 -40.56 -54.11
CA ILE F 834 -26.90 -41.34 -53.05
C ILE F 834 -27.92 -42.22 -52.35
N ILE F 835 -29.07 -41.66 -51.99
CA ILE F 835 -30.04 -42.41 -51.19
C ILE F 835 -30.67 -43.53 -52.02
N TYR F 836 -30.98 -43.27 -53.30
CA TYR F 836 -31.74 -44.20 -54.10
C TYR F 836 -30.89 -45.04 -55.05
N TYR F 837 -29.57 -44.88 -55.02
CA TYR F 837 -28.69 -45.71 -55.84
C TYR F 837 -27.59 -46.36 -55.00
N LYS F 838 -27.80 -46.44 -53.68
CA LYS F 838 -26.89 -47.16 -52.82
C LYS F 838 -27.62 -48.15 -51.91
N CYS F 839 -28.89 -48.44 -52.18
CA CYS F 839 -29.67 -49.39 -51.40
C CYS F 839 -30.48 -50.31 -52.30
N ASN F 840 -29.97 -50.58 -53.51
CA ASN F 840 -30.69 -51.41 -54.46
C ASN F 840 -30.83 -52.85 -53.95
N THR F 841 -29.77 -53.38 -53.34
CA THR F 841 -29.78 -54.76 -52.87
C THR F 841 -30.76 -55.00 -51.73
N HIS F 842 -31.25 -53.96 -51.09
CA HIS F 842 -32.18 -54.08 -49.97
C HIS F 842 -33.53 -53.49 -50.35
N ASP F 843 -34.50 -53.67 -49.46
CA ASP F 843 -35.83 -53.12 -49.67
C ASP F 843 -35.78 -51.59 -49.65
N GLU F 844 -36.56 -50.98 -50.56
CA GLU F 844 -36.56 -49.53 -50.68
C GLU F 844 -37.23 -48.83 -49.50
N ARG F 845 -37.93 -49.57 -48.63
CA ARG F 845 -38.51 -48.97 -47.43
C ARG F 845 -37.42 -48.43 -46.51
N GLU F 846 -36.20 -48.98 -46.63
CA GLU F 846 -35.08 -48.48 -45.83
C GLU F 846 -34.80 -47.03 -46.15
N ALA F 847 -34.89 -46.64 -47.42
CA ALA F 847 -34.64 -45.25 -47.79
C ALA F 847 -35.66 -44.31 -47.15
N VAL F 848 -36.94 -44.69 -47.18
CA VAL F 848 -37.98 -43.85 -46.59
C VAL F 848 -37.80 -43.76 -45.09
N ILE F 849 -37.48 -44.88 -44.44
CA ILE F 849 -37.26 -44.88 -43.00
C ILE F 849 -36.07 -44.00 -42.65
N GLN F 850 -34.99 -44.08 -43.44
CA GLN F 850 -33.83 -43.22 -43.21
C GLN F 850 -34.19 -41.75 -43.40
N GLN F 851 -35.02 -41.44 -44.39
CA GLN F 851 -35.47 -40.05 -44.58
C GLN F 851 -36.23 -39.55 -43.36
N GLU F 852 -37.18 -40.35 -42.86
CA GLU F 852 -37.93 -39.95 -41.68
C GLU F 852 -37.00 -39.76 -40.48
N LEU F 853 -36.08 -40.69 -40.28
CA LEU F 853 -35.17 -40.60 -39.14
C LEU F 853 -34.26 -39.39 -39.23
N VAL F 854 -33.73 -39.10 -40.43
CA VAL F 854 -32.83 -37.96 -40.57
C VAL F 854 -33.59 -36.66 -40.36
N ILE F 855 -34.84 -36.60 -40.83
CA ILE F 855 -35.65 -35.40 -40.58
C ILE F 855 -35.88 -35.22 -39.07
N HIS F 856 -36.25 -36.31 -38.40
CA HIS F 856 -36.52 -36.21 -36.96
C HIS F 856 -35.27 -35.82 -36.18
N ILE F 857 -34.14 -36.43 -36.49
CA ILE F 857 -32.91 -36.13 -35.76
C ILE F 857 -32.44 -34.71 -36.06
N GLY F 858 -32.64 -34.25 -37.30
CA GLY F 858 -32.31 -32.87 -37.62
C GLY F 858 -33.15 -31.88 -36.83
N TRP F 859 -34.45 -32.15 -36.72
CA TRP F 859 -35.31 -31.29 -35.92
C TRP F 859 -34.88 -31.32 -34.45
N ILE F 860 -34.55 -32.50 -33.94
CA ILE F 860 -34.16 -32.63 -32.53
C ILE F 860 -32.88 -31.85 -32.27
N ILE F 861 -31.88 -32.02 -33.13
CA ILE F 861 -30.60 -31.33 -32.92
C ILE F 861 -30.76 -29.83 -33.13
N SER F 862 -31.71 -29.40 -33.98
CA SER F 862 -31.99 -27.98 -34.10
C SER F 862 -32.62 -27.44 -32.82
N ASN F 863 -33.49 -28.22 -32.19
CA ASN F 863 -34.14 -27.78 -30.96
C ASN F 863 -33.34 -28.17 -29.71
N ASN F 864 -32.88 -29.42 -29.62
CA ASN F 864 -32.20 -29.92 -28.43
C ASN F 864 -30.87 -30.53 -28.85
N PRO F 865 -29.83 -29.71 -29.05
CA PRO F 865 -28.52 -30.26 -29.41
C PRO F 865 -27.85 -31.04 -28.30
N GLU F 866 -28.26 -30.88 -27.03
CA GLU F 866 -27.58 -31.55 -25.94
C GLU F 866 -27.81 -33.06 -25.98
N LEU F 867 -28.90 -33.52 -26.60
CA LEU F 867 -29.19 -34.95 -26.65
C LEU F 867 -28.13 -35.72 -27.43
N PHE F 868 -27.38 -35.03 -28.31
CA PHE F 868 -26.37 -35.66 -29.12
C PHE F 868 -24.95 -35.26 -28.73
N SER F 869 -24.74 -34.85 -27.48
CA SER F 869 -23.41 -34.50 -27.02
C SER F 869 -22.53 -35.74 -26.93
N GLY F 870 -21.23 -35.56 -27.20
CA GLY F 870 -20.29 -36.66 -27.19
C GLY F 870 -20.25 -37.48 -28.46
N MET F 871 -20.88 -37.02 -29.53
CA MET F 871 -20.93 -37.73 -30.80
C MET F 871 -20.20 -36.93 -31.86
N LEU F 872 -19.60 -37.63 -32.82
CA LEU F 872 -18.94 -36.99 -33.95
C LEU F 872 -19.69 -37.24 -35.26
N LYS F 873 -20.06 -38.49 -35.51
CA LYS F 873 -20.75 -38.88 -36.74
C LYS F 873 -22.06 -39.56 -36.41
N ILE F 874 -23.00 -39.53 -37.36
CA ILE F 874 -24.33 -40.09 -37.21
C ILE F 874 -24.50 -41.19 -38.25
N ARG F 875 -24.87 -42.39 -37.79
CA ARG F 875 -25.12 -43.53 -38.67
C ARG F 875 -26.60 -43.90 -38.56
N ILE F 876 -27.33 -43.71 -39.66
CA ILE F 876 -28.77 -43.97 -39.63
C ILE F 876 -29.06 -45.46 -39.50
N GLY F 877 -28.32 -46.30 -40.24
CA GLY F 877 -28.59 -47.73 -40.21
C GLY F 877 -28.42 -48.34 -38.84
N TRP F 878 -27.38 -47.92 -38.11
CA TRP F 878 -27.20 -48.42 -36.75
C TRP F 878 -28.31 -47.92 -35.84
N ILE F 879 -28.82 -46.72 -36.08
CA ILE F 879 -29.96 -46.22 -35.32
C ILE F 879 -31.18 -47.09 -35.58
N ILE F 880 -31.40 -47.49 -36.83
CA ILE F 880 -32.53 -48.38 -37.15
C ILE F 880 -32.35 -49.73 -36.49
N HIS F 881 -31.11 -50.24 -36.45
CA HIS F 881 -30.85 -51.50 -35.77
C HIS F 881 -31.14 -51.39 -34.28
N ALA F 882 -30.74 -50.28 -33.66
CA ALA F 882 -31.05 -50.06 -32.24
C ALA F 882 -32.55 -49.96 -32.02
N MET F 883 -33.26 -49.30 -32.95
CA MET F 883 -34.71 -49.21 -32.85
C MET F 883 -35.36 -50.59 -32.92
N GLU F 884 -34.89 -51.43 -33.85
CA GLU F 884 -35.42 -52.78 -33.95
C GLU F 884 -35.14 -53.60 -32.68
N TYR F 885 -33.93 -53.46 -32.13
CA TYR F 885 -33.60 -54.17 -30.90
C TYR F 885 -34.46 -53.70 -29.74
N GLU F 886 -34.72 -52.39 -29.66
CA GLU F 886 -35.59 -51.85 -28.63
C GLU F 886 -37.01 -52.40 -28.77
N LEU F 887 -37.51 -52.45 -30.01
CA LEU F 887 -38.84 -53.04 -30.23
C LEU F 887 -38.86 -54.51 -29.81
N GLN F 888 -37.82 -55.26 -30.15
CA GLN F 888 -37.78 -56.68 -29.82
C GLN F 888 -37.75 -56.89 -28.31
N ILE F 889 -36.95 -56.11 -27.60
CA ILE F 889 -36.85 -56.29 -26.15
C ILE F 889 -38.13 -55.80 -25.47
N ARG F 890 -38.79 -54.78 -26.04
CA ARG F 890 -40.08 -54.35 -25.50
C ARG F 890 -41.14 -55.41 -25.69
N GLY F 891 -41.09 -56.13 -26.82
CA GLY F 891 -42.02 -57.22 -27.04
C GLY F 891 -41.89 -58.35 -26.04
N GLY F 892 -40.68 -58.58 -25.52
CA GLY F 892 -40.49 -59.65 -24.56
C GLY F 892 -40.68 -61.00 -25.22
N ASP F 893 -41.45 -61.87 -24.54
CA ASP F 893 -41.75 -63.18 -25.11
C ASP F 893 -42.54 -63.06 -26.41
N LYS F 894 -43.52 -62.15 -26.44
CA LYS F 894 -44.26 -61.92 -27.66
C LYS F 894 -43.38 -61.23 -28.70
N PRO F 895 -43.38 -61.69 -29.94
CA PRO F 895 -42.55 -61.06 -30.97
C PRO F 895 -42.98 -59.63 -31.24
N ALA F 896 -42.01 -58.81 -31.65
CA ALA F 896 -42.29 -57.43 -31.99
C ALA F 896 -43.20 -57.36 -33.22
N LEU F 897 -43.94 -56.26 -33.33
CA LEU F 897 -44.96 -56.15 -34.37
C LEU F 897 -44.35 -55.82 -35.73
N ASP F 898 -43.76 -54.63 -35.86
CA ASP F 898 -43.14 -54.16 -37.10
C ASP F 898 -42.59 -52.77 -36.82
N LEU F 899 -41.62 -52.35 -37.64
CA LEU F 899 -41.09 -51.00 -37.60
C LEU F 899 -41.67 -50.07 -38.66
N TYR F 900 -42.22 -50.62 -39.74
CA TYR F 900 -42.68 -49.82 -40.88
C TYR F 900 -44.17 -49.50 -40.84
N GLN F 901 -44.87 -49.90 -39.77
CA GLN F 901 -46.30 -49.61 -39.67
C GLN F 901 -46.68 -48.89 -38.38
N LEU F 902 -45.70 -48.49 -37.56
CA LEU F 902 -46.02 -47.90 -36.27
C LEU F 902 -46.10 -46.37 -36.31
N SER F 903 -46.05 -45.78 -37.51
CA SER F 903 -46.35 -44.37 -37.76
C SER F 903 -45.22 -43.44 -37.30
N PRO F 904 -45.03 -42.30 -37.97
CA PRO F 904 -43.93 -41.39 -37.60
C PRO F 904 -44.01 -40.86 -36.17
N SER F 905 -45.22 -40.70 -35.62
CA SER F 905 -45.34 -40.22 -34.25
C SER F 905 -44.67 -41.18 -33.27
N GLU F 906 -45.03 -42.46 -33.34
CA GLU F 906 -44.40 -43.44 -32.47
C GLU F 906 -42.94 -43.68 -32.86
N VAL F 907 -42.60 -43.45 -34.13
CA VAL F 907 -41.19 -43.51 -34.54
C VAL F 907 -40.38 -42.48 -33.76
N LYS F 908 -40.86 -41.24 -33.73
CA LYS F 908 -40.18 -40.18 -32.99
C LYS F 908 -40.19 -40.47 -31.49
N GLN F 909 -41.29 -41.02 -30.98
CA GLN F 909 -41.35 -41.37 -29.57
C GLN F 909 -40.28 -42.40 -29.21
N LEU F 910 -40.14 -43.45 -30.04
CA LEU F 910 -39.15 -44.47 -29.77
C LEU F 910 -37.74 -43.93 -29.95
N LEU F 911 -37.54 -43.03 -30.91
CA LEU F 911 -36.24 -42.40 -31.08
C LEU F 911 -35.85 -41.59 -29.84
N LEU F 912 -36.82 -40.84 -29.30
CA LEU F 912 -36.56 -40.09 -28.07
C LEU F 912 -36.29 -41.03 -26.90
N ASP F 913 -37.02 -42.15 -26.83
CA ASP F 913 -36.80 -43.11 -25.75
C ASP F 913 -35.40 -43.72 -25.82
N ILE F 914 -34.94 -44.08 -27.03
CA ILE F 914 -33.61 -44.65 -27.18
C ILE F 914 -32.50 -43.62 -27.16
N LEU F 915 -32.85 -42.33 -27.23
CA LEU F 915 -31.86 -41.26 -27.14
C LEU F 915 -31.64 -40.78 -25.72
N GLN F 916 -32.25 -41.43 -24.73
CA GLN F 916 -32.09 -41.01 -23.35
C GLN F 916 -30.66 -41.23 -22.88
N PRO F 917 -30.16 -40.39 -21.98
CA PRO F 917 -28.77 -40.52 -21.52
C PRO F 917 -28.46 -41.86 -20.86
N GLN F 918 -29.41 -42.43 -20.12
CA GLN F 918 -29.18 -43.71 -19.45
C GLN F 918 -30.47 -44.51 -19.47
N GLN F 919 -30.31 -45.84 -19.44
CA GLN F 919 -31.43 -46.78 -19.49
C GLN F 919 -31.24 -47.88 -18.45
N ASN F 920 -30.95 -47.49 -17.21
CA ASN F 920 -30.75 -48.45 -16.14
C ASN F 920 -31.96 -49.35 -15.99
N GLY F 921 -31.73 -50.56 -15.48
CA GLY F 921 -32.77 -51.57 -15.53
C GLY F 921 -32.28 -52.86 -16.16
N ARG F 922 -32.77 -53.16 -17.36
CA ARG F 922 -32.44 -54.36 -18.11
C ARG F 922 -30.94 -54.64 -18.16
N CYS F 923 -30.58 -55.90 -18.37
CA CYS F 923 -29.20 -56.36 -18.24
C CYS F 923 -28.25 -55.53 -19.12
N TRP F 924 -26.96 -55.58 -18.75
CA TRP F 924 -25.96 -54.72 -19.38
C TRP F 924 -25.76 -55.03 -20.86
N LEU F 925 -26.19 -56.21 -21.33
CA LEU F 925 -26.04 -56.53 -22.75
C LEU F 925 -26.85 -55.56 -23.61
N ASN F 926 -28.09 -55.29 -23.21
CA ASN F 926 -28.93 -54.36 -23.96
C ASN F 926 -28.34 -52.95 -23.92
N ARG F 927 -27.84 -52.52 -22.76
CA ARG F 927 -27.23 -51.20 -22.66
C ARG F 927 -26.02 -51.08 -23.57
N ARG F 928 -25.16 -52.11 -23.56
CA ARG F 928 -23.96 -52.08 -24.41
C ARG F 928 -24.34 -52.06 -25.89
N GLN F 929 -25.37 -52.83 -26.26
CA GLN F 929 -25.84 -52.80 -27.64
C GLN F 929 -26.36 -51.40 -27.99
N ILE F 930 -27.08 -50.76 -27.07
CA ILE F 930 -27.60 -49.43 -27.32
C ILE F 930 -26.48 -48.43 -27.53
N ASP F 931 -25.46 -48.46 -26.66
CA ASP F 931 -24.34 -47.53 -26.83
C ASP F 931 -23.58 -47.81 -28.12
N GLY F 932 -23.36 -49.09 -28.44
CA GLY F 932 -22.61 -49.41 -29.64
C GLY F 932 -23.31 -49.00 -30.92
N SER F 933 -24.62 -49.28 -31.01
CA SER F 933 -25.38 -48.88 -32.19
C SER F 933 -25.57 -47.37 -32.22
N LEU F 934 -25.63 -46.74 -31.05
CA LEU F 934 -25.82 -45.30 -30.95
C LEU F 934 -24.52 -44.52 -31.14
N ASN F 935 -23.38 -45.19 -31.07
CA ASN F 935 -22.07 -44.57 -31.25
C ASN F 935 -21.85 -43.42 -30.26
N ARG F 936 -21.87 -43.77 -28.97
CA ARG F 936 -21.60 -42.83 -27.89
C ARG F 936 -20.26 -43.17 -27.27
N THR F 937 -19.42 -42.16 -27.09
CA THR F 937 -18.10 -42.32 -26.50
C THR F 937 -17.97 -41.44 -25.26
N PRO F 938 -17.16 -41.84 -24.28
CA PRO F 938 -16.97 -41.00 -23.11
C PRO F 938 -16.28 -39.69 -23.46
N THR F 939 -16.55 -38.66 -22.66
CA THR F 939 -15.93 -37.36 -22.89
C THR F 939 -14.42 -37.45 -22.73
N GLY F 940 -13.71 -36.78 -23.63
CA GLY F 940 -12.26 -36.81 -23.63
C GLY F 940 -11.66 -38.09 -24.17
N PHE F 941 -12.45 -38.92 -24.86
CA PHE F 941 -11.95 -40.20 -25.36
C PHE F 941 -10.79 -39.99 -26.33
N TYR F 942 -10.91 -39.01 -27.22
CA TYR F 942 -9.87 -38.79 -28.23
C TYR F 942 -8.57 -38.32 -27.58
N ASP F 943 -8.66 -37.57 -26.50
CA ASP F 943 -7.44 -37.12 -25.82
C ASP F 943 -6.67 -38.30 -25.23
N ARG F 944 -7.36 -39.23 -24.59
CA ARG F 944 -6.68 -40.41 -24.05
C ARG F 944 -6.18 -41.31 -25.16
N VAL F 945 -6.91 -41.37 -26.28
CA VAL F 945 -6.42 -42.13 -27.44
C VAL F 945 -5.12 -41.52 -27.95
N TRP F 946 -5.07 -40.19 -28.03
CA TRP F 946 -3.84 -39.51 -28.46
C TRP F 946 -2.70 -39.76 -27.49
N GLN F 947 -2.99 -39.75 -26.19
CA GLN F 947 -1.95 -40.06 -25.21
C GLN F 947 -1.43 -41.48 -25.37
N ILE F 948 -2.32 -42.44 -25.60
CA ILE F 948 -1.90 -43.82 -25.84
C ILE F 948 -1.01 -43.89 -27.08
N LEU F 949 -1.42 -43.25 -28.16
CA LEU F 949 -0.62 -43.27 -29.39
C LEU F 949 0.73 -42.61 -29.17
N GLU F 950 0.78 -41.57 -28.34
CA GLU F 950 2.03 -40.93 -27.98
C GLU F 950 2.94 -41.90 -27.23
N ARG F 951 2.38 -42.68 -26.31
CA ARG F 951 3.16 -43.61 -25.51
C ARG F 951 3.24 -45.01 -26.11
N THR F 952 2.68 -45.24 -27.29
CA THR F 952 2.71 -46.55 -27.95
C THR F 952 3.54 -46.46 -29.21
N PRO F 953 4.69 -47.12 -29.28
CA PRO F 953 5.40 -47.24 -30.56
C PRO F 953 4.74 -48.24 -31.47
N ASN F 954 5.01 -48.09 -32.77
CA ASN F 954 4.53 -48.95 -33.85
C ASN F 954 3.01 -48.88 -34.03
N GLY F 955 2.31 -48.05 -33.27
CA GLY F 955 0.90 -47.83 -33.50
C GLY F 955 -0.01 -48.94 -32.96
N ILE F 956 -1.28 -48.82 -33.33
CA ILE F 956 -2.33 -49.72 -32.88
C ILE F 956 -3.03 -50.32 -34.10
N ILE F 957 -3.38 -51.59 -33.98
CA ILE F 957 -4.09 -52.32 -35.04
C ILE F 957 -5.39 -52.86 -34.46
N VAL F 958 -6.50 -52.54 -35.11
CA VAL F 958 -7.82 -53.05 -34.70
C VAL F 958 -8.66 -53.28 -35.94
N ALA F 959 -9.30 -54.45 -36.01
CA ALA F 959 -10.19 -54.81 -37.11
C ALA F 959 -9.49 -54.67 -38.46
N GLY F 960 -8.23 -55.03 -38.51
CA GLY F 960 -7.42 -54.93 -39.72
C GLY F 960 -6.79 -53.57 -39.96
N LYS F 961 -7.51 -52.50 -39.61
CA LYS F 961 -6.99 -51.15 -39.80
C LYS F 961 -5.82 -50.90 -38.87
N HIS F 962 -4.83 -50.15 -39.37
CA HIS F 962 -3.61 -49.86 -38.64
C HIS F 962 -3.46 -48.36 -38.45
N LEU F 963 -3.09 -47.95 -37.24
CA LEU F 963 -2.86 -46.55 -36.93
C LEU F 963 -1.38 -46.28 -36.87
N PRO F 964 -0.79 -45.55 -37.82
CA PRO F 964 0.63 -45.21 -37.74
C PRO F 964 0.90 -44.20 -36.65
N GLN F 965 2.14 -44.20 -36.16
CA GLN F 965 2.57 -43.30 -35.11
C GLN F 965 3.43 -42.15 -35.58
N GLN F 966 4.18 -42.31 -36.66
CA GLN F 966 5.08 -41.27 -37.15
C GLN F 966 4.32 -40.11 -37.81
N PRO F 967 3.48 -40.36 -38.86
CA PRO F 967 2.91 -39.21 -39.58
C PRO F 967 1.82 -38.50 -38.79
N THR F 968 1.03 -39.26 -38.03
CA THR F 968 -0.01 -38.65 -37.20
C THR F 968 0.59 -37.73 -36.15
N LEU F 969 1.67 -38.17 -35.50
CA LEU F 969 2.34 -37.32 -34.52
C LEU F 969 3.03 -36.15 -35.19
N SER F 970 3.63 -36.36 -36.36
CA SER F 970 4.37 -35.29 -37.02
C SER F 970 3.44 -34.21 -37.58
N ASP F 971 2.20 -34.57 -37.94
CA ASP F 971 1.27 -33.65 -38.55
C ASP F 971 0.23 -33.11 -37.57
N MET F 972 -0.51 -34.00 -36.91
CA MET F 972 -1.64 -33.61 -36.09
C MET F 972 -1.19 -33.26 -34.67
N THR F 973 -2.10 -32.66 -33.91
CA THR F 973 -1.84 -32.21 -32.55
C THR F 973 -2.77 -32.94 -31.57
N MET F 974 -2.72 -32.52 -30.31
CA MET F 974 -3.49 -33.18 -29.26
C MET F 974 -4.99 -33.00 -29.46
N TYR F 975 -5.44 -31.76 -29.64
CA TYR F 975 -6.86 -31.44 -29.68
C TYR F 975 -7.39 -31.23 -31.09
N GLU F 976 -6.61 -31.56 -32.12
CA GLU F 976 -7.07 -31.38 -33.49
C GLU F 976 -8.23 -32.32 -33.80
N MET F 977 -9.25 -31.78 -34.47
CA MET F 977 -10.40 -32.60 -34.86
C MET F 977 -10.04 -33.62 -35.94
N ASN F 978 -8.95 -33.40 -36.67
CA ASN F 978 -8.52 -34.38 -37.66
C ASN F 978 -8.18 -35.71 -37.01
N PHE F 979 -7.51 -35.66 -35.85
CA PHE F 979 -7.18 -36.89 -35.14
C PHE F 979 -8.45 -37.62 -34.70
N SER F 980 -9.44 -36.89 -34.20
CA SER F 980 -10.70 -37.51 -33.80
C SER F 980 -11.40 -38.15 -35.00
N LEU F 981 -11.41 -37.45 -36.14
CA LEU F 981 -12.03 -38.01 -37.34
C LEU F 981 -11.30 -39.26 -37.79
N LEU F 982 -9.97 -39.26 -37.76
CA LEU F 982 -9.21 -40.44 -38.16
C LEU F 982 -9.47 -41.60 -37.21
N VAL F 983 -9.52 -41.32 -35.91
CA VAL F 983 -9.80 -42.38 -34.93
C VAL F 983 -11.18 -42.97 -35.15
N GLU F 984 -12.18 -42.12 -35.40
CA GLU F 984 -13.53 -42.61 -35.66
C GLU F 984 -13.56 -43.45 -36.94
N ASP F 985 -12.87 -42.99 -37.99
CA ASP F 985 -12.83 -43.76 -39.24
C ASP F 985 -12.20 -45.13 -39.02
N THR F 986 -11.09 -45.18 -38.27
CA THR F 986 -10.46 -46.46 -38.00
C THR F 986 -11.34 -47.37 -37.17
N LEU F 987 -12.00 -46.81 -36.15
CA LEU F 987 -12.83 -47.60 -35.24
C LEU F 987 -14.16 -48.02 -35.87
N GLY F 988 -14.58 -47.37 -36.95
CA GLY F 988 -15.83 -47.75 -37.58
C GLY F 988 -15.80 -49.04 -38.37
N ASN F 989 -14.63 -49.63 -38.55
CA ASN F 989 -14.53 -50.90 -39.26
C ASN F 989 -15.18 -52.06 -38.49
N ILE F 990 -15.38 -51.90 -37.18
CA ILE F 990 -15.98 -52.97 -36.40
C ILE F 990 -17.47 -53.07 -36.72
N ASP F 991 -17.92 -54.29 -37.00
CA ASP F 991 -19.32 -54.55 -37.34
C ASP F 991 -20.21 -54.82 -36.15
N GLN F 992 -19.66 -55.37 -35.06
CA GLN F 992 -20.45 -55.68 -33.88
C GLN F 992 -20.42 -54.52 -32.90
N PRO F 993 -21.56 -53.90 -32.57
CA PRO F 993 -21.54 -52.79 -31.61
C PRO F 993 -20.98 -53.18 -30.25
N GLN F 994 -21.26 -54.39 -29.78
CA GLN F 994 -20.72 -54.83 -28.49
C GLN F 994 -19.20 -54.94 -28.55
N TYR F 995 -18.67 -55.42 -29.68
CA TYR F 995 -17.21 -55.46 -29.85
C TYR F 995 -16.62 -54.07 -29.82
N ARG F 996 -17.29 -53.09 -30.45
CA ARG F 996 -16.81 -51.72 -30.41
C ARG F 996 -16.82 -51.17 -28.98
N GLN F 997 -17.87 -51.46 -28.22
CA GLN F 997 -17.92 -51.02 -26.82
C GLN F 997 -16.80 -51.66 -26.01
N ILE F 998 -16.54 -52.95 -26.23
CA ILE F 998 -15.47 -53.63 -25.51
C ILE F 998 -14.11 -53.03 -25.88
N VAL F 999 -13.93 -52.69 -27.16
CA VAL F 999 -12.68 -52.06 -27.59
C VAL F 999 -12.51 -50.69 -26.94
N VAL F 1000 -13.60 -49.93 -26.86
CA VAL F 1000 -13.54 -48.63 -26.20
C VAL F 1000 -13.18 -48.78 -24.74
N GLU F 1001 -13.77 -49.76 -24.06
CA GLU F 1001 -13.46 -50.00 -22.65
C GLU F 1001 -12.02 -50.43 -22.48
N LEU F 1002 -11.49 -51.26 -23.39
CA LEU F 1002 -10.08 -51.64 -23.32
C LEU F 1002 -9.17 -50.44 -23.52
N LEU F 1003 -9.53 -49.55 -24.46
CA LEU F 1003 -8.73 -48.34 -24.67
C LEU F 1003 -8.76 -47.46 -23.43
N MET F 1004 -9.92 -47.34 -22.78
CA MET F 1004 -10.01 -46.59 -21.53
C MET F 1004 -9.13 -47.20 -20.45
N VAL F 1005 -9.16 -48.53 -20.34
CA VAL F 1005 -8.37 -49.21 -19.33
C VAL F 1005 -6.88 -48.99 -19.56
N VAL F 1006 -6.42 -49.15 -20.80
CA VAL F 1006 -4.99 -48.99 -21.08
C VAL F 1006 -4.57 -47.54 -20.90
N SER F 1007 -5.45 -46.59 -21.24
CA SER F 1007 -5.15 -45.19 -20.99
C SER F 1007 -4.96 -44.92 -19.50
N ILE F 1008 -5.87 -45.43 -18.67
CA ILE F 1008 -5.75 -45.22 -17.23
C ILE F 1008 -4.48 -45.88 -16.70
N VAL F 1009 -4.18 -47.10 -17.16
CA VAL F 1009 -2.99 -47.81 -16.69
C VAL F 1009 -1.73 -47.05 -17.07
N LEU F 1010 -1.65 -46.57 -18.32
CA LEU F 1010 -0.48 -45.83 -18.75
C LEU F 1010 -0.32 -44.52 -17.99
N GLU F 1011 -1.43 -43.82 -17.75
CA GLU F 1011 -1.36 -42.57 -17.00
C GLU F 1011 -0.90 -42.81 -15.57
N ARG F 1012 -1.43 -43.84 -14.91
CA ARG F 1012 -1.07 -44.12 -13.52
C ARG F 1012 0.30 -44.76 -13.38
N ASN F 1013 0.84 -45.34 -14.46
CA ASN F 1013 2.15 -46.01 -14.43
C ASN F 1013 2.99 -45.46 -15.57
N PRO F 1014 3.62 -44.29 -15.37
CA PRO F 1014 4.45 -43.71 -16.44
C PRO F 1014 5.62 -44.59 -16.84
N GLU F 1015 6.17 -45.39 -15.93
CA GLU F 1015 7.34 -46.20 -16.24
C GLU F 1015 7.03 -47.25 -17.30
N LEU F 1016 5.86 -47.88 -17.21
CA LEU F 1016 5.51 -48.94 -18.14
C LEU F 1016 5.33 -48.40 -19.55
N GLU F 1017 5.76 -49.19 -20.53
CA GLU F 1017 5.68 -48.78 -21.93
C GLU F 1017 5.54 -50.03 -22.80
N PHE F 1018 4.84 -49.87 -23.91
CA PHE F 1018 4.64 -50.95 -24.88
C PHE F 1018 5.94 -51.22 -25.62
N GLN F 1019 6.30 -52.51 -25.71
CA GLN F 1019 7.52 -52.88 -26.43
C GLN F 1019 7.32 -52.82 -27.94
N ASP F 1020 6.15 -53.22 -28.41
CA ASP F 1020 5.86 -53.28 -29.84
C ASP F 1020 4.42 -52.85 -30.07
N LYS F 1021 3.94 -53.11 -31.30
CA LYS F 1021 2.56 -52.78 -31.63
C LYS F 1021 1.59 -53.62 -30.81
N VAL F 1022 0.39 -53.08 -30.59
CA VAL F 1022 -0.62 -53.70 -29.75
C VAL F 1022 -1.82 -54.08 -30.62
N ASP F 1023 -2.31 -55.29 -30.46
CA ASP F 1023 -3.49 -55.79 -31.17
C ASP F 1023 -4.62 -55.97 -30.17
N LEU F 1024 -5.64 -55.10 -30.26
CA LEU F 1024 -6.73 -55.16 -29.31
C LEU F 1024 -7.53 -56.45 -29.42
N ASP F 1025 -7.54 -57.07 -30.61
CA ASP F 1025 -8.24 -58.34 -30.79
C ASP F 1025 -7.62 -59.43 -29.91
N ARG F 1026 -6.28 -59.46 -29.84
CA ARG F 1026 -5.62 -60.44 -28.99
C ARG F 1026 -5.97 -60.24 -27.53
N LEU F 1027 -5.99 -58.99 -27.07
CA LEU F 1027 -6.34 -58.70 -25.68
C LEU F 1027 -7.79 -59.10 -25.39
N VAL F 1028 -8.70 -58.81 -26.32
CA VAL F 1028 -10.10 -59.19 -26.13
C VAL F 1028 -10.23 -60.70 -26.06
N LYS F 1029 -9.52 -61.41 -26.95
CA LYS F 1029 -9.57 -62.88 -26.94
C LYS F 1029 -9.02 -63.43 -25.64
N GLU F 1030 -7.91 -62.88 -25.15
CA GLU F 1030 -7.34 -63.34 -23.89
C GLU F 1030 -8.28 -63.10 -22.73
N ALA F 1031 -8.91 -61.91 -22.68
CA ALA F 1031 -9.87 -61.63 -21.62
C ALA F 1031 -11.06 -62.57 -21.68
N PHE F 1032 -11.56 -62.86 -22.88
CA PHE F 1032 -12.67 -63.79 -23.02
C PHE F 1032 -12.28 -65.19 -22.56
N ASN F 1033 -11.07 -65.63 -22.93
CA ASN F 1033 -10.62 -66.95 -22.50
C ASN F 1033 -10.47 -67.02 -20.98
N GLU F 1034 -9.92 -65.96 -20.37
CA GLU F 1034 -9.78 -65.93 -18.92
C GLU F 1034 -11.15 -65.96 -18.23
N PHE F 1035 -12.11 -65.20 -18.75
CA PHE F 1035 -13.46 -65.26 -18.21
C PHE F 1035 -14.06 -66.65 -18.37
N GLN F 1036 -13.80 -67.30 -19.49
CA GLN F 1036 -14.32 -68.64 -19.72
C GLN F 1036 -13.76 -69.64 -18.71
N LYS F 1037 -12.44 -69.60 -18.47
CA LYS F 1037 -11.86 -70.54 -17.52
C LYS F 1037 -12.32 -70.23 -16.11
N ASP F 1038 -12.47 -68.94 -15.77
CA ASP F 1038 -12.99 -68.59 -14.45
C ASP F 1038 -14.41 -69.12 -14.26
N GLN F 1039 -15.27 -68.97 -15.27
CA GLN F 1039 -16.63 -69.47 -15.17
C GLN F 1039 -16.65 -70.99 -15.08
N SER F 1040 -15.79 -71.68 -15.83
CA SER F 1040 -15.74 -73.13 -15.76
C SER F 1040 -15.27 -73.59 -14.38
N ARG F 1041 -14.30 -72.89 -13.80
CA ARG F 1041 -13.82 -73.26 -12.47
C ARG F 1041 -14.88 -72.99 -11.41
N LEU F 1042 -15.64 -71.90 -11.55
CA LEU F 1042 -16.60 -71.53 -10.52
C LEU F 1042 -17.88 -72.35 -10.62
N LYS F 1043 -18.58 -72.25 -11.74
CA LYS F 1043 -19.91 -72.83 -11.89
C LYS F 1043 -19.89 -74.21 -12.54
N GLU F 1044 -18.71 -74.77 -12.83
CA GLU F 1044 -18.57 -76.06 -13.50
C GLU F 1044 -19.33 -76.09 -14.83
N ILE F 1045 -19.24 -75.00 -15.59
CA ILE F 1045 -19.91 -74.90 -16.88
C ILE F 1045 -18.87 -75.12 -17.99
N GLU F 1046 -19.19 -75.98 -18.94
CA GLU F 1046 -18.28 -76.25 -20.03
C GLU F 1046 -18.07 -75.01 -20.88
N LYS F 1047 -16.88 -74.90 -21.46
CA LYS F 1047 -16.55 -73.74 -22.29
C LYS F 1047 -17.47 -73.67 -23.50
N GLN F 1048 -17.99 -72.47 -23.77
CA GLN F 1048 -18.91 -72.23 -24.86
C GLN F 1048 -18.39 -71.10 -25.73
N ASP F 1049 -18.61 -71.22 -27.04
CA ASP F 1049 -18.18 -70.20 -27.98
C ASP F 1049 -19.08 -68.97 -27.86
N ASP F 1050 -18.63 -67.87 -28.48
CA ASP F 1050 -19.33 -66.59 -28.53
C ASP F 1050 -19.35 -65.93 -27.15
N MET F 1051 -19.29 -64.60 -27.12
CA MET F 1051 -19.17 -63.83 -25.90
C MET F 1051 -20.51 -63.32 -25.38
N THR F 1052 -21.58 -64.08 -25.59
CA THR F 1052 -22.91 -63.67 -25.14
C THR F 1052 -22.99 -63.53 -23.63
N PHE F 1054 -20.17 -62.88 -21.77
CA PHE F 1054 -19.14 -61.93 -21.40
C PHE F 1054 -19.67 -60.49 -21.42
N TYR F 1055 -20.63 -60.23 -22.32
CA TYR F 1055 -21.21 -58.90 -22.39
C TYR F 1055 -22.16 -58.64 -21.23
N ASN F 1056 -22.75 -59.69 -20.66
CA ASN F 1056 -23.75 -59.51 -19.61
C ASN F 1056 -23.12 -59.12 -18.27
N THR F 1057 -21.84 -59.40 -18.07
CA THR F 1057 -21.22 -59.09 -16.78
C THR F 1057 -21.14 -57.58 -16.59
N PRO F 1058 -21.29 -57.10 -15.36
CA PRO F 1058 -21.15 -55.66 -15.12
C PRO F 1058 -19.74 -55.21 -15.36
N PRO F 1059 -19.54 -53.97 -15.81
CA PRO F 1059 -18.18 -53.44 -15.98
C PRO F 1059 -17.38 -53.40 -14.68
N LEU F 1060 -18.04 -53.18 -13.56
CA LEU F 1060 -17.37 -53.08 -12.26
C LEU F 1060 -18.07 -53.99 -11.26
N GLY F 1061 -17.30 -54.45 -10.27
CA GLY F 1061 -17.83 -55.35 -9.26
C GLY F 1061 -16.92 -56.54 -9.02
N LYS F 1062 -17.52 -57.70 -8.74
CA LYS F 1062 -16.77 -58.93 -8.52
C LYS F 1062 -16.54 -59.61 -9.87
N ARG F 1063 -15.27 -59.77 -10.24
CA ARG F 1063 -14.88 -60.40 -11.50
C ARG F 1063 -15.56 -59.73 -12.69
N GLY F 1064 -15.59 -58.40 -12.67
CA GLY F 1064 -16.14 -57.63 -13.77
C GLY F 1064 -15.25 -57.69 -15.00
N CYS F 1066 -13.76 -55.16 -16.42
CA CYS F 1066 -12.63 -54.28 -16.19
C CYS F 1066 -11.46 -55.02 -15.54
N SER F 1067 -11.77 -55.95 -14.64
CA SER F 1067 -10.72 -56.74 -13.99
C SER F 1067 -9.95 -57.57 -15.01
N TYR F 1068 -10.67 -58.30 -15.87
CA TYR F 1068 -10.01 -59.12 -16.88
C TYR F 1068 -9.22 -58.27 -17.87
N LEU F 1069 -9.79 -57.13 -18.28
CA LEU F 1069 -9.11 -56.27 -19.23
C LEU F 1069 -7.84 -55.67 -18.62
N THR F 1070 -7.91 -55.28 -17.35
CA THR F 1070 -6.72 -54.80 -16.64
C THR F 1070 -5.67 -55.89 -16.53
N LYS F 1071 -6.08 -57.13 -16.25
CA LYS F 1071 -5.13 -58.22 -16.20
C LYS F 1071 -4.44 -58.43 -17.56
N ALA F 1072 -5.22 -58.38 -18.63
CA ALA F 1072 -4.63 -58.55 -19.96
C ALA F 1072 -3.67 -57.42 -20.29
N VAL F 1073 -4.05 -56.17 -20.01
CA VAL F 1073 -3.19 -55.04 -20.36
C VAL F 1073 -1.92 -55.05 -19.50
N MET F 1074 -2.03 -55.47 -18.23
CA MET F 1074 -0.83 -55.60 -17.41
C MET F 1074 0.07 -56.71 -17.92
N ASN F 1075 -0.51 -57.81 -18.40
CA ASN F 1075 0.31 -58.89 -18.92
C ASN F 1075 1.03 -58.47 -20.19
N LEU F 1076 0.39 -57.62 -20.99
CA LEU F 1076 1.06 -57.11 -22.19
C LEU F 1076 2.14 -56.08 -21.82
N LEU F 1077 1.86 -55.21 -20.85
CA LEU F 1077 2.82 -54.16 -20.48
C LEU F 1077 4.07 -54.75 -19.83
N LEU F 1078 3.89 -55.64 -18.84
CA LEU F 1078 5.02 -56.11 -18.06
C LEU F 1078 5.94 -57.04 -18.84
N GLU F 1079 5.51 -57.50 -20.03
CA GLU F 1079 6.40 -58.29 -20.87
C GLU F 1079 7.59 -57.47 -21.35
N GLY F 1080 7.37 -56.19 -21.65
CA GLY F 1080 8.43 -55.35 -22.15
C GLY F 1080 9.31 -54.78 -21.04
N GLU F 1081 10.21 -53.89 -21.45
CA GLU F 1081 11.16 -53.30 -20.53
C GLU F 1081 10.47 -52.32 -19.58
N VAL F 1082 11.08 -52.12 -18.42
CA VAL F 1082 10.62 -51.17 -17.42
C VAL F 1082 11.71 -50.13 -17.22
N LYS F 1083 11.39 -48.86 -17.46
CA LYS F 1083 12.35 -47.78 -17.31
C LYS F 1083 12.09 -47.03 -16.02
N PRO F 1084 13.02 -47.04 -15.07
CA PRO F 1084 12.80 -46.30 -13.81
C PRO F 1084 13.04 -44.82 -14.01
N ASN F 1085 12.07 -44.01 -13.57
CA ASN F 1085 12.17 -42.56 -13.69
C ASN F 1085 13.08 -42.02 -12.59
N ASN F 1086 14.20 -41.41 -12.99
CA ASN F 1086 15.14 -40.88 -12.00
C ASN F 1086 14.57 -39.70 -11.23
N ASP F 1087 13.56 -39.02 -11.77
CA ASP F 1087 12.95 -37.91 -11.06
C ASP F 1087 12.27 -38.36 -9.77
N ASP F 1088 11.58 -39.49 -9.83
CA ASP F 1088 10.90 -40.00 -8.64
C ASP F 1088 11.93 -40.46 -7.61
N PRO F 1089 11.75 -40.10 -6.34
CA PRO F 1089 12.72 -40.49 -5.32
C PRO F 1089 12.54 -41.91 -4.79
N CYS F 1090 11.59 -42.67 -5.33
CA CYS F 1090 11.37 -44.04 -4.88
C CYS F 1090 12.53 -44.93 -5.32
N LEU F 1091 13.41 -45.25 -4.37
CA LEU F 1091 14.57 -46.10 -4.64
C LEU F 1091 14.15 -47.57 -4.63
N ILE F 1092 15.11 -48.42 -5.00
CA ILE F 1092 14.98 -49.88 -5.04
C ILE F 1092 13.66 -50.30 -5.68
N SER F 1093 13.15 -49.49 -6.60
CA SER F 1093 11.91 -49.79 -7.29
C SER F 1093 11.95 -49.31 -8.74
N SER G 12 -81.51 -44.83 -34.57
CA SER G 12 -81.53 -44.52 -33.15
C SER G 12 -81.92 -43.08 -32.90
N ALA G 13 -81.86 -42.65 -31.63
CA ALA G 13 -82.21 -41.28 -31.28
C ALA G 13 -81.20 -40.29 -31.84
N GLN G 14 -79.93 -40.69 -31.92
CA GLN G 14 -78.90 -39.79 -32.46
C GLN G 14 -79.17 -39.47 -33.92
N ASP G 15 -79.58 -40.47 -34.71
CA ASP G 15 -79.88 -40.24 -36.12
C ASP G 15 -81.05 -39.29 -36.27
N PHE G 16 -82.10 -39.46 -35.46
CA PHE G 16 -83.24 -38.57 -35.53
C PHE G 16 -82.87 -37.15 -35.12
N TYR G 17 -82.03 -37.02 -34.08
CA TYR G 17 -81.60 -35.68 -33.65
C TYR G 17 -80.76 -34.99 -34.71
N GLU G 18 -79.85 -35.73 -35.36
CA GLU G 18 -79.02 -35.15 -36.40
C GLU G 18 -79.78 -34.93 -37.70
N ASN G 19 -80.92 -35.59 -37.87
CA ASN G 19 -81.70 -35.48 -39.10
C ASN G 19 -82.89 -34.53 -38.97
N TYR G 20 -83.48 -34.42 -37.79
CA TYR G 20 -84.63 -33.56 -37.55
C TYR G 20 -84.30 -32.55 -36.48
N GLU G 21 -84.67 -31.29 -36.71
CA GLU G 21 -84.41 -30.20 -35.77
C GLU G 21 -85.70 -29.81 -35.08
N PRO G 22 -85.83 -30.00 -33.75
CA PRO G 22 -87.05 -29.58 -33.06
C PRO G 22 -87.27 -28.08 -33.17
N LYS G 23 -88.53 -27.69 -33.27
CA LYS G 23 -88.90 -26.28 -33.44
C LYS G 23 -90.06 -25.92 -32.53
N GLU G 24 -90.67 -24.76 -32.78
CA GLU G 24 -91.76 -24.28 -31.94
C GLU G 24 -92.96 -25.23 -32.02
N ILE G 25 -93.70 -25.30 -30.92
CA ILE G 25 -94.83 -26.21 -30.82
C ILE G 25 -95.92 -25.78 -31.79
N LEU G 26 -96.46 -26.75 -32.54
CA LEU G 26 -97.54 -26.50 -33.48
C LEU G 26 -98.87 -27.07 -33.04
N GLY G 27 -98.88 -28.00 -32.09
CA GLY G 27 -100.12 -28.59 -31.61
C GLY G 27 -99.89 -29.39 -30.35
N ARG G 28 -100.99 -29.66 -29.65
CA ARG G 28 -100.95 -30.41 -28.41
C ARG G 28 -102.04 -31.47 -28.41
N GLY G 29 -101.79 -32.55 -27.68
CA GLY G 29 -102.76 -33.64 -27.57
C GLY G 29 -102.96 -34.08 -26.14
N VAL G 30 -103.61 -35.23 -25.95
CA VAL G 30 -103.82 -35.77 -24.61
C VAL G 30 -102.48 -36.08 -23.95
N SER G 31 -101.58 -36.73 -24.71
CA SER G 31 -100.23 -37.00 -24.23
C SER G 31 -99.18 -36.79 -25.31
N SER G 32 -99.44 -35.90 -26.28
CA SER G 32 -98.56 -35.70 -27.41
C SER G 32 -98.29 -34.22 -27.62
N VAL G 33 -97.11 -33.92 -28.15
CA VAL G 33 -96.72 -32.57 -28.52
C VAL G 33 -96.27 -32.58 -29.97
N VAL G 34 -96.84 -31.69 -30.78
CA VAL G 34 -96.56 -31.62 -32.21
C VAL G 34 -95.69 -30.38 -32.46
N ARG G 35 -94.51 -30.61 -33.04
CA ARG G 35 -93.58 -29.54 -33.36
C ARG G 35 -93.07 -29.71 -34.79
N ARG G 36 -92.69 -28.59 -35.40
CA ARG G 36 -92.14 -28.64 -36.75
C ARG G 36 -90.70 -29.15 -36.72
N CYS G 37 -90.28 -29.74 -37.83
CA CYS G 37 -88.91 -30.24 -37.99
C CYS G 37 -88.39 -29.87 -39.36
N ILE G 38 -87.07 -29.78 -39.47
CA ILE G 38 -86.39 -29.45 -40.72
C ILE G 38 -85.46 -30.60 -41.08
N HIS G 39 -85.61 -31.12 -42.30
CA HIS G 39 -84.75 -32.19 -42.80
C HIS G 39 -83.45 -31.56 -43.28
N LYS G 40 -82.38 -31.76 -42.51
CA LYS G 40 -81.12 -31.09 -42.81
C LYS G 40 -80.59 -31.37 -44.21
N PRO G 41 -80.56 -32.63 -44.69
CA PRO G 41 -80.10 -32.84 -46.08
C PRO G 41 -80.97 -32.16 -47.12
N THR G 42 -82.27 -32.00 -46.86
CA THR G 42 -83.20 -31.49 -47.86
C THR G 42 -83.74 -30.10 -47.54
N SER G 43 -83.53 -29.59 -46.32
CA SER G 43 -84.08 -28.31 -45.88
C SER G 43 -85.60 -28.29 -46.03
N GLN G 44 -86.25 -29.40 -45.70
CA GLN G 44 -87.68 -29.52 -45.80
C GLN G 44 -88.37 -28.90 -44.59
N GLU G 45 -89.70 -28.86 -44.64
CA GLU G 45 -90.53 -28.27 -43.60
C GLU G 45 -91.53 -29.28 -43.05
N TYR G 46 -91.06 -30.50 -42.77
CA TYR G 46 -91.92 -31.55 -42.26
C TYR G 46 -92.28 -31.28 -40.80
N ALA G 47 -93.04 -32.21 -40.21
CA ALA G 47 -93.47 -32.11 -38.82
C ALA G 47 -93.11 -33.38 -38.08
N VAL G 48 -92.75 -33.23 -36.81
CA VAL G 48 -92.36 -34.35 -35.95
C VAL G 48 -93.29 -34.38 -34.75
N LYS G 49 -93.80 -35.58 -34.43
CA LYS G 49 -94.69 -35.77 -33.29
C LYS G 49 -93.94 -36.51 -32.19
N VAL G 50 -94.03 -35.99 -30.97
CA VAL G 50 -93.34 -36.56 -29.82
C VAL G 50 -94.40 -37.02 -28.82
N ILE G 51 -94.39 -38.31 -28.51
CA ILE G 51 -95.29 -38.91 -27.52
C ILE G 51 -94.44 -39.72 -26.56
N ASP G 52 -94.68 -39.54 -25.26
CA ASP G 52 -93.90 -40.23 -24.25
C ASP G 52 -94.45 -41.64 -23.99
N VAL G 53 -93.79 -42.35 -23.07
CA VAL G 53 -94.14 -43.74 -22.77
C VAL G 53 -94.73 -43.82 -21.37
N THR G 54 -93.93 -43.45 -20.36
CA THR G 54 -94.33 -43.63 -18.97
C THR G 54 -95.32 -42.57 -18.50
N GLY G 55 -95.51 -41.50 -19.26
CA GLY G 55 -96.42 -40.44 -18.85
C GLY G 55 -95.98 -39.74 -17.58
N GLY G 56 -94.67 -39.49 -17.43
CA GLY G 56 -94.16 -38.86 -16.24
C GLY G 56 -94.17 -39.73 -15.01
N GLY G 57 -94.19 -41.05 -15.17
CA GLY G 57 -94.22 -41.95 -14.03
C GLY G 57 -95.55 -41.99 -13.33
N SER G 58 -96.62 -41.55 -14.01
CA SER G 58 -97.95 -41.47 -13.42
C SER G 58 -98.76 -42.74 -13.62
N PHE G 59 -98.28 -43.71 -14.38
CA PHE G 59 -99.05 -44.91 -14.69
C PHE G 59 -98.14 -46.14 -14.61
N SER G 60 -98.78 -47.30 -14.48
CA SER G 60 -98.08 -48.57 -14.39
C SER G 60 -97.49 -48.93 -15.76
N PRO G 61 -96.51 -49.83 -15.79
CA PRO G 61 -95.94 -50.25 -17.08
C PRO G 61 -96.94 -50.91 -18.02
N GLU G 62 -98.07 -51.42 -17.50
CA GLU G 62 -99.10 -51.95 -18.37
C GLU G 62 -99.65 -50.88 -19.30
N GLU G 63 -99.86 -49.67 -18.78
CA GLU G 63 -100.28 -48.56 -19.64
C GLU G 63 -99.22 -48.25 -20.69
N VAL G 64 -97.94 -48.31 -20.30
CA VAL G 64 -96.87 -48.05 -21.25
C VAL G 64 -96.87 -49.08 -22.38
N ARG G 65 -97.02 -50.35 -22.04
CA ARG G 65 -97.03 -51.39 -23.07
C ARG G 65 -98.28 -51.30 -23.95
N GLU G 66 -99.41 -50.91 -23.36
CA GLU G 66 -100.61 -50.70 -24.16
C GLU G 66 -100.43 -49.54 -25.14
N LEU G 67 -99.80 -48.45 -24.68
CA LEU G 67 -99.51 -47.33 -25.56
C LEU G 67 -98.55 -47.74 -26.67
N ARG G 68 -97.55 -48.55 -26.34
CA ARG G 68 -96.61 -49.02 -27.36
C ARG G 68 -97.33 -49.89 -28.39
N GLU G 69 -98.23 -50.77 -27.95
CA GLU G 69 -99.01 -51.58 -28.88
C GLU G 69 -99.88 -50.72 -29.77
N ALA G 70 -100.52 -49.69 -29.19
CA ALA G 70 -101.34 -48.79 -29.99
C ALA G 70 -100.51 -48.06 -31.03
N THR G 71 -99.31 -47.59 -30.64
CA THR G 71 -98.46 -46.87 -31.58
C THR G 71 -97.98 -47.78 -32.71
N LEU G 72 -97.60 -49.01 -32.37
CA LEU G 72 -97.14 -49.93 -33.43
C LEU G 72 -98.28 -50.30 -34.36
N LYS G 73 -99.48 -50.50 -33.83
CA LYS G 73 -100.63 -50.75 -34.69
C LYS G 73 -100.91 -49.55 -35.59
N GLU G 74 -100.79 -48.34 -35.04
CA GLU G 74 -101.00 -47.13 -35.83
C GLU G 74 -100.00 -47.04 -36.98
N VAL G 75 -98.71 -47.24 -36.69
CA VAL G 75 -97.71 -47.11 -37.74
C VAL G 75 -97.87 -48.22 -38.78
N ASP G 76 -98.25 -49.43 -38.34
CA ASP G 76 -98.49 -50.51 -39.29
C ASP G 76 -99.65 -50.18 -40.23
N ILE G 77 -100.77 -49.72 -39.67
CA ILE G 77 -101.92 -49.38 -40.50
C ILE G 77 -101.57 -48.24 -41.45
N LEU G 78 -100.84 -47.24 -40.95
CA LEU G 78 -100.49 -46.10 -41.79
C LEU G 78 -99.56 -46.52 -42.93
N ARG G 79 -98.59 -47.38 -42.64
CA ARG G 79 -97.72 -47.88 -43.69
C ARG G 79 -98.47 -48.77 -44.67
N LYS G 80 -99.57 -49.38 -44.22
CA LYS G 80 -100.40 -50.17 -45.13
C LYS G 80 -101.02 -49.29 -46.21
N VAL G 81 -101.46 -48.09 -45.85
CA VAL G 81 -102.12 -47.18 -46.79
C VAL G 81 -101.19 -46.07 -47.25
N SER G 82 -99.87 -46.29 -47.15
CA SER G 82 -98.92 -45.27 -47.58
C SER G 82 -98.97 -45.09 -49.10
N GLY G 83 -98.73 -43.86 -49.55
CA GLY G 83 -98.73 -43.53 -50.95
C GLY G 83 -99.96 -42.81 -51.46
N HIS G 84 -101.04 -42.80 -50.67
CA HIS G 84 -102.26 -42.10 -51.08
C HIS G 84 -102.06 -40.60 -50.93
N PRO G 85 -102.21 -39.81 -51.99
CA PRO G 85 -102.05 -38.35 -51.84
C PRO G 85 -103.06 -37.73 -50.90
N ASN G 86 -104.29 -38.25 -50.86
CA ASN G 86 -105.31 -37.69 -49.99
C ASN G 86 -105.09 -38.09 -48.53
N ILE G 87 -104.49 -39.24 -48.31
CA ILE G 87 -104.24 -39.76 -46.95
C ILE G 87 -102.88 -39.26 -46.48
N ILE G 88 -102.81 -38.93 -45.18
CA ILE G 88 -101.54 -38.52 -44.59
C ILE G 88 -100.52 -39.64 -44.73
N GLN G 89 -99.26 -39.27 -44.96
CA GLN G 89 -98.20 -40.21 -45.22
C GLN G 89 -97.18 -40.17 -44.09
N LEU G 90 -96.66 -41.34 -43.72
CA LEU G 90 -95.62 -41.45 -42.69
C LEU G 90 -94.29 -41.56 -43.41
N LYS G 91 -93.56 -40.45 -43.44
CA LYS G 91 -92.28 -40.42 -44.16
C LYS G 91 -91.22 -41.25 -43.45
N ASP G 92 -91.09 -41.07 -42.14
CA ASP G 92 -90.10 -41.79 -41.36
C ASP G 92 -90.61 -42.00 -39.95
N THR G 93 -90.28 -43.16 -39.37
CA THR G 93 -90.69 -43.50 -38.01
C THR G 93 -89.47 -43.87 -37.20
N TYR G 94 -89.52 -43.57 -35.90
CA TYR G 94 -88.44 -43.86 -34.97
C TYR G 94 -89.04 -44.29 -33.63
N GLU G 95 -88.30 -45.15 -32.93
CA GLU G 95 -88.73 -45.64 -31.63
C GLU G 95 -87.54 -45.63 -30.67
N THR G 96 -87.74 -45.02 -29.51
CA THR G 96 -86.73 -44.97 -28.46
C THR G 96 -87.31 -45.58 -27.19
N ASN G 97 -86.46 -45.67 -26.16
CA ASN G 97 -86.88 -46.26 -24.90
C ASN G 97 -87.97 -45.44 -24.23
N THR G 98 -87.83 -44.10 -24.23
CA THR G 98 -88.77 -43.23 -23.54
C THR G 98 -89.39 -42.16 -24.42
N PHE G 99 -89.38 -42.33 -25.75
CA PHE G 99 -89.95 -41.34 -26.65
C PHE G 99 -90.27 -41.99 -27.99
N PHE G 100 -91.36 -41.56 -28.61
CA PHE G 100 -91.70 -41.92 -29.98
C PHE G 100 -91.44 -40.73 -30.88
N PHE G 101 -90.75 -40.98 -32.00
CA PHE G 101 -90.47 -39.95 -33.00
C PHE G 101 -91.07 -40.38 -34.33
N LEU G 102 -92.01 -39.58 -34.83
CA LEU G 102 -92.68 -39.84 -36.10
C LEU G 102 -92.59 -38.60 -36.98
N VAL G 103 -92.46 -38.83 -38.29
CA VAL G 103 -92.29 -37.76 -39.26
C VAL G 103 -93.48 -37.78 -40.21
N PHE G 104 -94.08 -36.61 -40.42
CA PHE G 104 -95.21 -36.49 -41.35
C PHE G 104 -95.07 -35.25 -42.21
N ASP G 105 -96.12 -34.91 -42.95
CA ASP G 105 -96.14 -33.73 -43.82
C ASP G 105 -96.86 -32.60 -43.10
N LEU G 106 -96.16 -31.48 -42.94
CA LEU G 106 -96.75 -30.33 -42.26
C LEU G 106 -97.54 -29.47 -43.24
N MET G 107 -98.65 -28.92 -42.77
CA MET G 107 -99.51 -28.06 -43.57
C MET G 107 -99.62 -26.70 -42.90
N LYS G 108 -99.71 -25.64 -43.71
CA LYS G 108 -99.80 -24.29 -43.18
C LYS G 108 -101.19 -23.95 -42.69
N ARG G 109 -102.19 -24.74 -43.05
CA ARG G 109 -103.57 -24.51 -42.64
C ARG G 109 -103.93 -25.37 -41.44
N GLY G 110 -104.91 -24.90 -40.66
CA GLY G 110 -105.35 -25.60 -39.48
C GLY G 110 -106.35 -26.70 -39.81
N GLU G 111 -106.94 -27.25 -38.75
CA GLU G 111 -107.93 -28.31 -38.90
C GLU G 111 -109.24 -27.73 -39.43
N LEU G 112 -110.13 -28.65 -39.84
CA LEU G 112 -111.44 -28.22 -40.34
C LEU G 112 -112.24 -27.52 -39.25
N PHE G 113 -111.96 -27.82 -37.98
CA PHE G 113 -112.66 -27.15 -36.90
C PHE G 113 -112.40 -25.65 -36.92
N ASP G 114 -111.14 -25.25 -37.09
CA ASP G 114 -110.81 -23.83 -37.09
C ASP G 114 -111.41 -23.11 -38.29
N TYR G 115 -111.28 -23.70 -39.48
CA TYR G 115 -111.84 -23.07 -40.68
C TYR G 115 -113.36 -22.98 -40.57
N LEU G 116 -114.01 -24.02 -40.06
CA LEU G 116 -115.46 -24.02 -39.93
C LEU G 116 -115.93 -22.99 -38.91
N THR G 117 -115.23 -22.87 -37.78
CA THR G 117 -115.63 -21.90 -36.77
C THR G 117 -115.32 -20.48 -37.22
N GLU G 118 -114.35 -20.31 -38.10
CA GLU G 118 -114.09 -18.98 -38.66
C GLU G 118 -115.14 -18.61 -39.69
N LYS G 119 -115.52 -19.54 -40.56
CA LYS G 119 -116.45 -19.27 -41.65
C LYS G 119 -117.90 -19.63 -41.32
N VAL G 120 -118.16 -20.18 -40.14
CA VAL G 120 -119.50 -20.56 -39.71
C VAL G 120 -120.07 -21.62 -40.65
N THR G 121 -120.37 -21.23 -41.88
CA THR G 121 -120.89 -22.13 -42.90
C THR G 121 -120.11 -21.96 -44.19
N LEU G 122 -119.78 -23.07 -44.83
CA LEU G 122 -118.98 -23.06 -46.04
C LEU G 122 -119.88 -23.00 -47.28
N SER G 123 -119.24 -22.76 -48.42
CA SER G 123 -119.96 -22.62 -49.68
C SER G 123 -120.34 -23.98 -50.26
N GLU G 124 -121.21 -23.96 -51.26
CA GLU G 124 -121.70 -25.19 -51.86
C GLU G 124 -120.58 -25.95 -52.56
N LYS G 125 -119.71 -25.23 -53.28
CA LYS G 125 -118.57 -25.89 -53.94
C LYS G 125 -117.64 -26.50 -52.91
N GLU G 126 -117.39 -25.79 -51.81
CA GLU G 126 -116.48 -26.28 -50.78
C GLU G 126 -117.01 -27.57 -50.15
N THR G 127 -118.29 -27.57 -49.74
CA THR G 127 -118.85 -28.77 -49.13
C THR G 127 -118.91 -29.91 -50.14
N ARG G 128 -119.23 -29.60 -51.40
CA ARG G 128 -119.25 -30.64 -52.43
C ARG G 128 -117.90 -31.32 -52.55
N LYS G 129 -116.83 -30.53 -52.69
CA LYS G 129 -115.51 -31.14 -52.86
C LYS G 129 -115.05 -31.84 -51.59
N ILE G 130 -115.45 -31.32 -50.42
CA ILE G 130 -115.02 -31.94 -49.17
C ILE G 130 -115.65 -33.31 -48.99
N MET G 131 -116.97 -33.42 -49.21
CA MET G 131 -117.60 -34.73 -49.14
C MET G 131 -117.12 -35.65 -50.26
N ARG G 132 -116.80 -35.10 -51.43
CA ARG G 132 -116.25 -35.94 -52.49
C ARG G 132 -114.92 -36.56 -52.07
N ALA G 133 -114.03 -35.75 -51.50
CA ALA G 133 -112.75 -36.27 -51.04
C ALA G 133 -112.93 -37.25 -49.89
N LEU G 134 -113.84 -36.95 -48.97
CA LEU G 134 -114.08 -37.86 -47.85
C LEU G 134 -114.62 -39.19 -48.33
N LEU G 135 -115.54 -39.17 -49.30
CA LEU G 135 -116.04 -40.41 -49.88
C LEU G 135 -114.92 -41.18 -50.56
N GLU G 136 -114.04 -40.49 -51.27
CA GLU G 136 -112.90 -41.15 -51.90
C GLU G 136 -112.03 -41.86 -50.87
N VAL G 137 -111.69 -41.17 -49.78
CA VAL G 137 -110.79 -41.78 -48.80
C VAL G 137 -111.48 -42.93 -48.07
N ILE G 138 -112.79 -42.79 -47.78
CA ILE G 138 -113.45 -43.88 -47.07
C ILE G 138 -113.62 -45.10 -47.96
N CYS G 139 -113.91 -44.90 -49.25
CA CYS G 139 -114.01 -46.05 -50.14
C CYS G 139 -112.65 -46.70 -50.35
N THR G 140 -111.58 -45.90 -50.40
CA THR G 140 -110.24 -46.48 -50.49
C THR G 140 -109.92 -47.30 -49.24
N LEU G 141 -110.31 -46.81 -48.07
CA LEU G 141 -110.11 -47.56 -46.84
C LEU G 141 -110.92 -48.85 -46.83
N HIS G 142 -112.16 -48.79 -47.33
CA HIS G 142 -113.00 -49.99 -47.40
C HIS G 142 -112.39 -51.02 -48.34
N LYS G 143 -111.78 -50.57 -49.43
CA LYS G 143 -111.13 -51.50 -50.35
C LYS G 143 -110.01 -52.28 -49.67
N LEU G 144 -109.38 -51.70 -48.65
CA LEU G 144 -108.33 -52.36 -47.90
C LEU G 144 -108.82 -52.94 -46.57
N ASN G 145 -110.14 -52.93 -46.33
CA ASN G 145 -110.75 -53.50 -45.13
C ASN G 145 -110.19 -52.84 -43.86
N ILE G 146 -110.37 -51.52 -43.79
CA ILE G 146 -109.93 -50.73 -42.64
C ILE G 146 -111.10 -49.85 -42.21
N VAL G 147 -111.34 -49.81 -40.90
CA VAL G 147 -112.39 -48.98 -40.30
C VAL G 147 -111.72 -47.90 -39.47
N HIS G 148 -112.09 -46.64 -39.71
CA HIS G 148 -111.56 -45.53 -38.93
C HIS G 148 -112.46 -45.21 -37.74
N ARG G 149 -113.77 -45.19 -37.96
CA ARG G 149 -114.83 -45.00 -36.95
C ARG G 149 -114.59 -43.80 -36.04
N ASP G 150 -113.76 -42.85 -36.44
CA ASP G 150 -113.47 -41.66 -35.65
C ASP G 150 -113.45 -40.41 -36.53
N LEU G 151 -114.43 -40.29 -37.43
CA LEU G 151 -114.50 -39.16 -38.35
C LEU G 151 -115.18 -38.00 -37.63
N LYS G 152 -114.40 -36.99 -37.30
CA LYS G 152 -114.87 -35.80 -36.59
C LYS G 152 -114.37 -34.55 -37.29
N PRO G 153 -115.08 -33.42 -37.17
CA PRO G 153 -114.59 -32.19 -37.81
C PRO G 153 -113.26 -31.72 -37.28
N GLU G 154 -112.96 -31.99 -36.01
CA GLU G 154 -111.68 -31.58 -35.45
C GLU G 154 -110.54 -32.48 -35.93
N ASN G 155 -110.85 -33.73 -36.27
CA ASN G 155 -109.84 -34.72 -36.64
C ASN G 155 -109.46 -34.65 -38.12
N ILE G 156 -109.96 -33.68 -38.87
CA ILE G 156 -109.68 -33.56 -40.29
C ILE G 156 -109.05 -32.19 -40.53
N LEU G 157 -107.92 -32.17 -41.24
CA LEU G 157 -107.13 -30.96 -41.45
C LEU G 157 -107.28 -30.46 -42.89
N LEU G 158 -106.59 -29.37 -43.19
CA LEU G 158 -106.59 -28.77 -44.52
C LEU G 158 -105.19 -28.27 -44.84
N ASP G 159 -104.95 -28.02 -46.13
CA ASP G 159 -103.68 -27.50 -46.62
C ASP G 159 -103.93 -26.18 -47.37
N ASP G 160 -102.87 -25.68 -48.01
CA ASP G 160 -102.97 -24.46 -48.80
C ASP G 160 -103.85 -24.64 -50.03
N ASN G 161 -104.04 -25.87 -50.49
CA ASN G 161 -104.86 -26.16 -51.66
C ASN G 161 -106.30 -26.49 -51.30
N MET G 162 -106.70 -26.29 -50.04
CA MET G 162 -108.04 -26.61 -49.56
C MET G 162 -108.38 -28.08 -49.79
N ASN G 163 -107.39 -28.96 -49.59
CA ASN G 163 -107.56 -30.39 -49.71
C ASN G 163 -107.55 -31.01 -48.32
N ILE G 164 -108.52 -31.88 -48.05
CA ILE G 164 -108.70 -32.46 -46.72
C ILE G 164 -107.99 -33.80 -46.66
N LYS G 165 -107.22 -34.01 -45.58
CA LYS G 165 -106.47 -35.23 -45.36
C LYS G 165 -106.82 -35.81 -44.00
N LEU G 166 -107.33 -37.03 -43.99
CA LEU G 166 -107.69 -37.68 -42.73
C LEU G 166 -106.44 -38.06 -41.96
N THR G 167 -106.51 -37.95 -40.64
CA THR G 167 -105.39 -38.26 -39.75
C THR G 167 -105.94 -39.02 -38.55
N ASP G 168 -105.12 -39.14 -37.50
CA ASP G 168 -105.46 -39.89 -36.30
C ASP G 168 -105.74 -41.36 -36.63
N PHE G 169 -104.73 -42.03 -37.16
CA PHE G 169 -104.83 -43.45 -37.49
C PHE G 169 -104.46 -44.35 -36.33
N GLY G 170 -104.15 -43.78 -35.16
CA GLY G 170 -103.93 -44.62 -33.99
C GLY G 170 -105.15 -45.46 -33.64
N PHE G 171 -106.34 -44.90 -33.84
CA PHE G 171 -107.56 -45.65 -33.58
C PHE G 171 -107.77 -46.74 -34.63
N SER G 172 -107.61 -46.40 -35.91
CA SER G 172 -107.96 -47.34 -36.98
C SER G 172 -107.12 -48.61 -36.90
N CYS G 173 -107.78 -49.74 -37.06
CA CYS G 173 -107.14 -51.05 -36.98
C CYS G 173 -107.60 -51.92 -38.13
N GLN G 174 -106.85 -52.99 -38.39
CA GLN G 174 -107.19 -53.91 -39.45
C GLN G 174 -108.38 -54.78 -39.05
N LEU G 175 -109.20 -55.14 -40.04
CA LEU G 175 -110.37 -55.96 -39.81
C LEU G 175 -110.41 -57.11 -40.81
N GLU G 176 -111.13 -58.17 -40.44
CA GLU G 176 -111.36 -59.37 -41.22
C GLU G 176 -112.85 -59.62 -41.36
N PRO G 177 -113.30 -60.17 -42.50
CA PRO G 177 -114.72 -60.51 -42.62
C PRO G 177 -115.14 -61.53 -41.57
N GLY G 178 -116.34 -61.34 -41.03
CA GLY G 178 -116.90 -62.25 -40.06
C GLY G 178 -116.67 -61.90 -38.60
N GLU G 179 -115.88 -60.86 -38.31
CA GLU G 179 -115.63 -60.45 -36.93
C GLU G 179 -116.14 -59.04 -36.72
N ARG G 180 -116.61 -58.77 -35.50
CA ARG G 180 -117.16 -57.48 -35.12
C ARG G 180 -116.54 -57.03 -33.81
N LEU G 181 -116.26 -55.74 -33.69
CA LEU G 181 -115.66 -55.19 -32.47
C LEU G 181 -116.75 -54.75 -31.49
N ARG G 182 -116.36 -54.63 -30.22
CA ARG G 182 -117.31 -54.37 -29.15
C ARG G 182 -116.98 -53.18 -28.26
N GLU G 183 -115.88 -52.48 -28.50
CA GLU G 183 -115.49 -51.38 -27.63
C GLU G 183 -116.46 -50.20 -27.75
N VAL G 184 -116.71 -49.54 -26.63
CA VAL G 184 -117.57 -48.36 -26.56
C VAL G 184 -116.69 -47.14 -26.37
N CYS G 185 -116.87 -46.13 -27.21
CA CYS G 185 -115.92 -45.04 -27.30
C CYS G 185 -116.50 -43.92 -28.16
N GLY G 186 -115.64 -42.95 -28.46
CA GLY G 186 -115.91 -41.93 -29.45
C GLY G 186 -116.67 -40.76 -28.88
N THR G 187 -116.88 -39.77 -29.74
CA THR G 187 -117.69 -38.63 -29.38
C THR G 187 -119.12 -39.09 -29.12
N PRO G 188 -119.76 -38.64 -28.04
CA PRO G 188 -121.10 -39.13 -27.70
C PRO G 188 -122.14 -38.84 -28.77
N SER G 189 -121.91 -37.86 -29.65
CA SER G 189 -122.85 -37.54 -30.72
C SER G 189 -122.52 -38.24 -32.03
N TYR G 190 -121.52 -39.11 -32.04
CA TYR G 190 -121.03 -39.75 -33.27
C TYR G 190 -121.10 -41.27 -33.14
N LEU G 191 -122.22 -41.78 -32.65
CA LEU G 191 -122.42 -43.21 -32.46
C LEU G 191 -123.67 -43.67 -33.20
N ALA G 192 -123.65 -44.91 -33.67
CA ALA G 192 -124.76 -45.50 -34.39
C ALA G 192 -125.69 -46.26 -33.44
N PRO G 193 -126.87 -46.67 -33.91
CA PRO G 193 -127.67 -47.59 -33.08
C PRO G 193 -126.99 -48.92 -32.85
N GLU G 194 -126.03 -49.28 -33.70
CA GLU G 194 -125.35 -50.57 -33.54
C GLU G 194 -124.57 -50.63 -32.24
N ILE G 195 -123.80 -49.60 -31.92
CA ILE G 195 -122.96 -49.64 -30.72
C ILE G 195 -123.82 -49.69 -29.46
N ILE G 196 -124.87 -48.87 -29.41
CA ILE G 196 -125.72 -48.85 -28.23
C ILE G 196 -126.49 -50.16 -28.10
N GLU G 197 -126.89 -50.75 -29.24
CA GLU G 197 -127.53 -52.06 -29.20
C GLU G 197 -126.58 -53.13 -28.67
N CYS G 198 -125.32 -53.10 -29.10
CA CYS G 198 -124.34 -54.07 -28.64
C CYS G 198 -124.06 -53.89 -27.15
N SER G 199 -123.99 -52.65 -26.69
CA SER G 199 -123.60 -52.35 -25.32
C SER G 199 -124.77 -52.31 -24.35
N MET G 200 -125.97 -52.68 -24.77
CA MET G 200 -127.10 -52.65 -23.85
C MET G 200 -126.85 -53.61 -22.70
N ASN G 201 -126.88 -54.93 -22.96
CA ASN G 201 -126.19 -55.88 -22.10
C ASN G 201 -125.22 -56.74 -22.91
N GLU G 202 -125.72 -57.58 -23.82
CA GLU G 202 -124.85 -58.36 -24.70
C GLU G 202 -125.44 -58.63 -26.08
N ASP G 203 -126.63 -58.12 -26.41
CA ASP G 203 -127.45 -58.72 -27.45
C ASP G 203 -126.81 -58.59 -28.84
N HIS G 204 -126.62 -57.36 -29.31
CA HIS G 204 -126.18 -57.17 -30.69
C HIS G 204 -124.74 -57.65 -30.84
N PRO G 205 -124.37 -58.19 -32.01
CA PRO G 205 -123.05 -58.82 -32.18
C PRO G 205 -121.88 -57.88 -31.94
N GLY G 206 -121.79 -56.79 -32.69
CA GLY G 206 -120.64 -55.91 -32.58
C GLY G 206 -120.68 -54.81 -33.63
N TYR G 207 -119.51 -54.24 -33.89
CA TYR G 207 -119.39 -53.14 -34.83
C TYR G 207 -119.62 -53.61 -36.26
N GLY G 208 -119.70 -52.64 -37.18
CA GLY G 208 -119.88 -52.93 -38.58
C GLY G 208 -119.23 -51.93 -39.50
N LYS G 209 -119.94 -51.52 -40.56
CA LYS G 209 -119.44 -50.59 -41.55
C LYS G 209 -120.18 -49.27 -41.59
N GLU G 210 -121.48 -49.24 -41.27
CA GLU G 210 -122.30 -48.05 -41.43
C GLU G 210 -122.02 -46.97 -40.40
N VAL G 211 -121.19 -47.26 -39.40
CA VAL G 211 -120.78 -46.22 -38.45
C VAL G 211 -120.06 -45.10 -39.20
N ASP G 212 -119.20 -45.46 -40.15
CA ASP G 212 -118.54 -44.45 -40.96
C ASP G 212 -119.53 -43.70 -41.83
N MET G 213 -120.59 -44.38 -42.29
CA MET G 213 -121.59 -43.71 -43.10
C MET G 213 -122.35 -42.65 -42.29
N TRP G 214 -122.74 -42.99 -41.07
CA TRP G 214 -123.38 -41.98 -40.23
C TRP G 214 -122.40 -40.89 -39.82
N SER G 215 -121.11 -41.23 -39.68
CA SER G 215 -120.11 -40.21 -39.42
C SER G 215 -120.04 -39.21 -40.57
N THR G 216 -120.05 -39.72 -41.81
CA THR G 216 -120.08 -38.84 -42.97
C THR G 216 -121.35 -37.99 -42.98
N GLY G 217 -122.50 -38.60 -42.64
CA GLY G 217 -123.75 -37.86 -42.61
C GLY G 217 -123.73 -36.73 -41.60
N VAL G 218 -123.25 -37.00 -40.39
CA VAL G 218 -123.23 -35.96 -39.37
C VAL G 218 -122.18 -34.90 -39.70
N ILE G 219 -121.09 -35.30 -40.36
CA ILE G 219 -120.11 -34.31 -40.83
C ILE G 219 -120.78 -33.35 -41.81
N MET G 220 -121.51 -33.90 -42.78
CA MET G 220 -122.18 -33.07 -43.77
C MET G 220 -123.22 -32.17 -43.11
N TYR G 221 -124.00 -32.72 -42.18
CA TYR G 221 -125.02 -31.93 -41.50
C TYR G 221 -124.40 -30.79 -40.70
N THR G 222 -123.32 -31.08 -39.98
CA THR G 222 -122.65 -30.05 -39.19
C THR G 222 -122.06 -28.97 -40.09
N LEU G 223 -121.47 -29.36 -41.22
CA LEU G 223 -120.86 -28.38 -42.11
C LEU G 223 -121.92 -27.51 -42.78
N LEU G 224 -123.07 -28.10 -43.13
CA LEU G 224 -124.10 -27.36 -43.84
C LEU G 224 -124.94 -26.50 -42.90
N ALA G 225 -125.63 -27.15 -41.94
CA ALA G 225 -126.51 -26.41 -41.04
C ALA G 225 -125.74 -25.55 -40.05
N GLY G 226 -124.45 -25.83 -39.83
CA GLY G 226 -123.65 -25.07 -38.90
C GLY G 226 -123.63 -25.63 -37.48
N SER G 227 -124.46 -26.62 -37.18
CA SER G 227 -124.53 -27.22 -35.86
C SER G 227 -124.70 -28.73 -36.01
N PRO G 228 -124.24 -29.50 -35.02
CA PRO G 228 -124.47 -30.95 -35.06
C PRO G 228 -125.95 -31.27 -35.08
N PRO G 229 -126.34 -32.34 -35.79
CA PRO G 229 -127.78 -32.67 -35.84
C PRO G 229 -128.38 -32.99 -34.50
N PHE G 230 -127.63 -33.59 -33.59
CA PHE G 230 -128.13 -33.96 -32.26
C PHE G 230 -127.27 -33.28 -31.20
N TRP G 231 -127.93 -32.57 -30.28
CA TRP G 231 -127.24 -31.92 -29.18
C TRP G 231 -128.26 -31.58 -28.11
N HIS G 232 -127.93 -31.90 -26.85
CA HIS G 232 -128.82 -31.62 -25.73
C HIS G 232 -127.97 -31.30 -24.51
N ARG G 233 -128.63 -30.78 -23.47
CA ARG G 233 -127.95 -30.46 -22.23
C ARG G 233 -127.69 -31.67 -21.36
N LYS G 234 -128.31 -32.81 -21.66
CA LYS G 234 -128.15 -34.03 -20.88
C LYS G 234 -127.63 -35.14 -21.78
N GLN G 235 -126.71 -35.94 -21.25
CA GLN G 235 -126.16 -37.06 -22.02
C GLN G 235 -127.26 -38.08 -22.34
N MET G 236 -128.10 -38.39 -21.36
CA MET G 236 -129.15 -39.40 -21.56
C MET G 236 -130.13 -38.96 -22.64
N LEU G 237 -130.55 -37.68 -22.62
CA LEU G 237 -131.48 -37.20 -23.62
C LEU G 237 -130.88 -37.29 -25.02
N MET G 238 -129.60 -36.91 -25.16
CA MET G 238 -128.98 -36.94 -26.47
C MET G 238 -128.76 -38.36 -26.98
N LEU G 239 -128.40 -39.31 -26.10
CA LEU G 239 -128.24 -40.68 -26.56
C LEU G 239 -129.58 -41.29 -26.92
N ARG G 240 -130.64 -40.96 -26.17
CA ARG G 240 -131.97 -41.42 -26.52
C ARG G 240 -132.41 -40.87 -27.86
N MET G 241 -132.15 -39.58 -28.11
CA MET G 241 -132.52 -38.99 -29.39
C MET G 241 -131.73 -39.61 -30.54
N ILE G 242 -130.45 -39.87 -30.33
CA ILE G 242 -129.64 -40.50 -31.38
C ILE G 242 -130.12 -41.92 -31.66
N MET G 243 -130.43 -42.69 -30.62
CA MET G 243 -130.93 -44.05 -30.82
C MET G 243 -132.28 -44.04 -31.52
N SER G 244 -133.16 -43.12 -31.15
CA SER G 244 -134.47 -43.04 -31.78
C SER G 244 -134.40 -42.60 -33.24
N GLY G 245 -133.36 -41.87 -33.62
CA GLY G 245 -133.23 -41.39 -34.99
C GLY G 245 -134.32 -40.43 -35.39
N ASN G 246 -134.63 -39.46 -34.53
CA ASN G 246 -135.69 -38.49 -34.75
C ASN G 246 -135.14 -37.13 -35.17
N TYR G 247 -134.10 -37.13 -36.00
CA TYR G 247 -133.50 -35.89 -36.46
C TYR G 247 -134.47 -35.13 -37.37
N GLN G 248 -134.36 -33.80 -37.35
CA GLN G 248 -135.22 -32.93 -38.13
C GLN G 248 -134.37 -31.85 -38.80
N PHE G 249 -134.88 -31.34 -39.92
CA PHE G 249 -134.24 -30.27 -40.67
C PHE G 249 -134.79 -28.93 -40.19
N GLY G 250 -133.89 -27.98 -39.98
CA GLY G 250 -134.33 -26.66 -39.51
C GLY G 250 -135.21 -25.98 -40.53
N SER G 251 -136.25 -25.28 -40.03
CA SER G 251 -137.17 -24.60 -40.95
C SER G 251 -136.53 -23.37 -41.59
N PRO G 252 -135.97 -22.41 -40.85
CA PRO G 252 -135.45 -21.20 -41.51
C PRO G 252 -134.01 -21.35 -42.01
N GLU G 253 -133.41 -22.53 -41.92
CA GLU G 253 -132.03 -22.73 -42.32
C GLU G 253 -131.89 -23.61 -43.56
N TRP G 254 -132.72 -24.65 -43.68
CA TRP G 254 -132.62 -25.61 -44.77
C TRP G 254 -133.55 -25.30 -45.94
N ASP G 255 -134.25 -24.16 -45.89
CA ASP G 255 -135.20 -23.83 -46.95
C ASP G 255 -134.47 -23.54 -48.26
N ASP G 256 -133.42 -22.71 -48.20
CA ASP G 256 -132.76 -22.20 -49.40
C ASP G 256 -131.62 -23.09 -49.87
N TYR G 257 -131.90 -24.38 -50.06
CA TYR G 257 -130.91 -25.33 -50.53
C TYR G 257 -131.55 -26.25 -51.56
N SER G 258 -130.73 -26.80 -52.46
CA SER G 258 -131.21 -27.75 -53.44
C SER G 258 -131.61 -29.06 -52.78
N ASP G 259 -132.58 -29.75 -53.38
CA ASP G 259 -133.15 -30.95 -52.76
C ASP G 259 -132.17 -32.12 -52.72
N THR G 260 -131.15 -32.09 -53.58
CA THR G 260 -130.22 -33.21 -53.64
C THR G 260 -129.45 -33.35 -52.33
N VAL G 261 -129.12 -32.23 -51.68
CA VAL G 261 -128.39 -32.32 -50.42
C VAL G 261 -129.28 -32.83 -49.30
N LYS G 262 -130.57 -32.45 -49.31
CA LYS G 262 -131.49 -33.05 -48.34
C LYS G 262 -131.57 -34.55 -48.53
N ASP G 263 -131.70 -35.00 -49.79
CA ASP G 263 -131.80 -36.44 -50.03
C ASP G 263 -130.52 -37.16 -49.60
N LEU G 264 -129.35 -36.59 -49.93
CA LEU G 264 -128.09 -37.22 -49.57
C LEU G 264 -127.94 -37.31 -48.06
N VAL G 265 -128.26 -36.23 -47.34
CA VAL G 265 -128.18 -36.25 -45.89
C VAL G 265 -129.15 -37.28 -45.32
N SER G 266 -130.38 -37.33 -45.87
CA SER G 266 -131.38 -38.24 -45.35
C SER G 266 -130.95 -39.70 -45.50
N ARG G 267 -130.40 -40.06 -46.65
CA ARG G 267 -129.95 -41.44 -46.81
C ARG G 267 -128.65 -41.69 -46.06
N PHE G 268 -127.90 -40.63 -45.75
CA PHE G 268 -126.68 -40.80 -44.97
C PHE G 268 -126.94 -40.94 -43.48
N LEU G 269 -128.12 -40.54 -43.01
CA LEU G 269 -128.47 -40.64 -41.60
C LEU G 269 -129.46 -41.76 -41.32
N VAL G 270 -129.59 -42.73 -42.22
CA VAL G 270 -130.57 -43.81 -42.04
C VAL G 270 -130.18 -44.64 -40.84
N VAL G 271 -131.16 -44.92 -39.97
CA VAL G 271 -130.90 -45.68 -38.75
C VAL G 271 -130.56 -47.13 -39.09
N GLN G 272 -131.21 -47.69 -40.10
CA GLN G 272 -130.98 -49.10 -40.46
C GLN G 272 -129.68 -49.23 -41.22
N PRO G 273 -128.72 -50.03 -40.75
CA PRO G 273 -127.47 -50.21 -41.50
C PRO G 273 -127.66 -50.81 -42.88
N GLN G 274 -128.65 -51.70 -43.04
CA GLN G 274 -128.89 -52.31 -44.36
C GLN G 274 -129.34 -51.28 -45.37
N ASN G 275 -130.21 -50.35 -44.97
CA ASN G 275 -130.75 -49.36 -45.90
C ASN G 275 -129.82 -48.18 -46.13
N ARG G 276 -128.74 -48.06 -45.37
CA ARG G 276 -127.82 -46.95 -45.55
C ARG G 276 -127.09 -47.07 -46.88
N TYR G 277 -126.91 -45.94 -47.55
CA TYR G 277 -126.27 -45.94 -48.86
C TYR G 277 -124.78 -46.27 -48.72
N THR G 278 -124.27 -47.05 -49.67
CA THR G 278 -122.87 -47.39 -49.72
C THR G 278 -122.06 -46.23 -50.30
N ALA G 279 -120.75 -46.25 -50.05
CA ALA G 279 -119.88 -45.19 -50.57
C ALA G 279 -119.90 -45.16 -52.10
N GLU G 280 -119.89 -46.34 -52.73
CA GLU G 280 -119.99 -46.39 -54.19
C GLU G 280 -121.33 -45.84 -54.66
N GLU G 281 -122.41 -46.15 -53.94
CA GLU G 281 -123.72 -45.60 -54.30
C GLU G 281 -123.73 -44.08 -54.14
N ALA G 282 -123.09 -43.56 -53.09
CA ALA G 282 -123.02 -42.11 -52.91
C ALA G 282 -122.23 -41.46 -54.02
N LEU G 283 -121.14 -42.10 -54.45
CA LEU G 283 -120.34 -41.55 -55.55
C LEU G 283 -121.13 -41.52 -56.85
N ALA G 284 -122.03 -42.50 -57.05
CA ALA G 284 -122.82 -42.58 -58.27
C ALA G 284 -123.93 -41.54 -58.34
N HIS G 285 -124.19 -40.82 -57.26
CA HIS G 285 -125.26 -39.83 -57.27
C HIS G 285 -124.90 -38.68 -58.21
N PRO G 286 -125.91 -38.06 -58.85
CA PRO G 286 -125.62 -36.92 -59.75
C PRO G 286 -124.97 -35.72 -59.06
N PHE G 287 -125.03 -35.65 -57.73
CA PHE G 287 -124.39 -34.54 -57.02
C PHE G 287 -122.89 -34.52 -57.28
N PHE G 288 -122.25 -35.68 -57.24
CA PHE G 288 -120.82 -35.79 -57.54
C PHE G 288 -120.55 -36.07 -59.01
N GLN G 289 -121.59 -36.23 -59.83
CA GLN G 289 -121.42 -36.50 -61.25
C GLN G 289 -121.22 -35.19 -62.01
N GLN G 290 -120.24 -35.18 -62.92
CA GLN G 290 -119.95 -34.01 -63.73
C GLN G 290 -119.84 -34.43 -65.19
N TYR G 291 -120.16 -33.50 -66.08
CA TYR G 291 -120.10 -33.73 -67.52
C TYR G 291 -119.27 -32.63 -68.17
N LEU G 292 -118.53 -33.00 -69.21
CA LEU G 292 -117.71 -32.06 -69.96
C LEU G 292 -118.22 -31.82 -71.36
N VAL G 293 -118.37 -32.88 -72.16
CA VAL G 293 -118.89 -32.75 -73.52
C VAL G 293 -119.36 -34.13 -73.97
N GLU G 294 -120.47 -34.16 -74.70
CA GLU G 294 -121.02 -35.41 -75.22
C GLU G 294 -121.64 -35.14 -76.58
N GLU G 295 -121.69 -36.19 -77.41
CA GLU G 295 -122.23 -36.10 -78.76
C GLU G 295 -123.26 -37.17 -79.05
N VAL G 296 -123.73 -37.90 -78.04
CA VAL G 296 -124.72 -38.96 -78.22
C VAL G 296 -126.12 -38.49 -77.85
N ARG G 297 -126.31 -37.19 -77.64
CA ARG G 297 -127.62 -36.64 -77.26
C ARG G 297 -128.45 -36.45 -78.53
N HIS G 298 -128.93 -37.56 -79.05
CA HIS G 298 -129.77 -37.57 -80.24
C HIS G 298 -131.06 -38.33 -79.95
N PHE G 299 -132.18 -37.81 -80.44
CA PHE G 299 -133.48 -38.43 -80.18
C PHE G 299 -134.44 -38.00 -81.30
N SER G 300 -135.72 -38.34 -81.11
CA SER G 300 -136.79 -38.01 -82.03
C SER G 300 -137.15 -36.54 -81.91
N PRO G 301 -137.88 -35.97 -82.88
CA PRO G 301 -138.29 -34.56 -82.74
C PRO G 301 -139.13 -34.29 -81.50
N ARG G 302 -139.76 -35.32 -80.92
CA ARG G 302 -140.44 -35.15 -79.64
C ARG G 302 -139.46 -34.73 -78.55
N GLY G 303 -138.27 -35.34 -78.54
CA GLY G 303 -137.25 -34.92 -77.58
C GLY G 303 -136.81 -33.48 -77.78
N LYS G 304 -136.67 -33.06 -79.04
CA LYS G 304 -136.32 -31.68 -79.32
C LYS G 304 -137.41 -30.72 -78.84
N PHE G 305 -138.68 -31.10 -79.06
CA PHE G 305 -139.79 -30.28 -78.58
C PHE G 305 -139.78 -30.19 -77.07
N LYS G 306 -139.53 -31.30 -76.39
CA LYS G 306 -139.47 -31.29 -74.93
C LYS G 306 -138.32 -30.42 -74.43
N VAL G 307 -137.16 -30.50 -75.09
CA VAL G 307 -136.03 -29.67 -74.71
C VAL G 307 -136.34 -28.20 -74.91
N ILE G 308 -136.97 -27.86 -76.03
CA ILE G 308 -137.34 -26.47 -76.30
C ILE G 308 -138.33 -25.96 -75.25
N ALA G 309 -139.32 -26.79 -74.90
CA ALA G 309 -140.29 -26.40 -73.89
C ALA G 309 -139.63 -26.18 -72.53
N LEU G 310 -138.71 -27.08 -72.15
CA LEU G 310 -138.01 -26.92 -70.88
C LEU G 310 -137.13 -25.68 -70.88
N THR G 311 -136.48 -25.38 -72.01
CA THR G 311 -135.68 -24.17 -72.11
C THR G 311 -136.54 -22.93 -71.97
N VAL G 312 -137.72 -22.92 -72.61
CA VAL G 312 -138.64 -21.79 -72.49
C VAL G 312 -139.10 -21.63 -71.05
N LEU G 313 -139.42 -22.76 -70.39
CA LEU G 313 -139.85 -22.70 -69.00
C LEU G 313 -138.75 -22.14 -68.10
N ALA G 314 -137.50 -22.58 -68.32
CA ALA G 314 -136.39 -22.07 -67.50
C ALA G 314 -136.15 -20.59 -67.76
N SER G 315 -136.27 -20.15 -69.02
CA SER G 315 -136.11 -18.74 -69.34
C SER G 315 -137.20 -17.91 -68.67
N VAL G 316 -138.44 -18.39 -68.69
CA VAL G 316 -139.53 -17.65 -68.04
C VAL G 316 -139.31 -17.63 -66.53
N ARG G 317 -138.81 -18.73 -65.97
CA ARG G 317 -138.53 -18.77 -64.53
C ARG G 317 -137.47 -17.75 -64.15
N ILE G 318 -136.39 -17.66 -64.92
CA ILE G 318 -135.33 -16.71 -64.58
C ILE G 318 -135.76 -15.29 -64.91
N TYR G 319 -136.75 -15.13 -65.79
CA TYR G 319 -137.30 -13.81 -66.09
C TYR G 319 -138.06 -13.23 -64.90
N TYR G 320 -138.43 -14.10 -63.95
CA TYR G 320 -139.16 -13.68 -62.77
C TYR G 320 -138.31 -13.54 -61.52
N GLN G 321 -137.00 -13.77 -61.60
CA GLN G 321 -136.17 -13.75 -60.40
C GLN G 321 -136.01 -12.34 -59.86
N TYR G 322 -135.71 -11.38 -60.73
CA TYR G 322 -135.45 -10.02 -60.26
C TYR G 322 -136.72 -9.35 -59.74
N ARG G 323 -137.86 -9.63 -60.37
CA ARG G 323 -139.11 -9.01 -59.92
C ARG G 323 -139.64 -9.64 -58.64
N ARG G 324 -139.15 -10.82 -58.26
CA ARG G 324 -139.58 -11.48 -57.04
C ARG G 324 -138.73 -11.13 -55.83
N VAL G 325 -137.70 -10.30 -56.01
CA VAL G 325 -136.85 -9.92 -54.87
C VAL G 325 -137.65 -9.04 -53.93
N LYS G 326 -137.34 -9.11 -52.64
CA LYS G 326 -138.04 -8.32 -51.65
C LYS G 326 -137.24 -7.07 -51.30
N PRO G 327 -137.91 -5.97 -50.95
CA PRO G 327 -137.19 -4.76 -50.54
C PRO G 327 -136.60 -4.90 -49.14
N VAL G 328 -136.05 -3.82 -48.61
CA VAL G 328 -135.43 -3.86 -47.28
C VAL G 328 -136.45 -4.30 -46.24
N THR G 329 -137.67 -3.75 -46.31
CA THR G 329 -138.75 -4.07 -45.38
C THR G 329 -138.31 -3.87 -43.94
N ARG G 330 -138.01 -2.60 -43.61
CA ARG G 330 -137.53 -2.28 -42.28
C ARG G 330 -138.54 -2.65 -41.20
N GLU G 331 -139.85 -2.52 -41.50
CA GLU G 331 -140.87 -2.89 -40.53
C GLU G 331 -140.79 -4.36 -40.19
N ILE G 332 -140.58 -5.22 -41.19
CA ILE G 332 -140.40 -6.65 -40.94
C ILE G 332 -139.18 -6.88 -40.06
N VAL G 333 -138.12 -6.09 -40.27
CA VAL G 333 -136.94 -6.18 -39.42
C VAL G 333 -137.30 -5.85 -37.98
N ILE G 334 -138.16 -4.84 -37.78
CA ILE G 334 -138.62 -4.54 -36.42
C ILE G 334 -139.38 -5.72 -35.84
N ARG G 335 -140.30 -6.32 -36.62
CA ARG G 335 -141.08 -7.43 -36.10
C ARG G 335 -140.25 -8.70 -35.99
N ASP G 336 -139.40 -8.98 -36.98
CA ASP G 336 -138.59 -10.19 -36.95
C ASP G 336 -137.32 -10.01 -37.78
N PRO G 337 -136.15 -10.02 -37.13
CA PRO G 337 -134.89 -9.89 -37.90
C PRO G 337 -134.44 -11.16 -38.58
N TYR G 338 -135.10 -12.29 -38.31
CA TYR G 338 -134.73 -13.55 -38.94
C TYR G 338 -135.30 -13.71 -40.34
N ALA G 339 -136.22 -12.83 -40.75
CA ALA G 339 -136.77 -12.92 -42.10
C ALA G 339 -135.71 -12.67 -43.16
N LEU G 340 -134.83 -11.70 -42.93
CA LEU G 340 -133.79 -11.36 -43.89
C LEU G 340 -132.62 -12.34 -43.71
N ARG G 341 -132.37 -13.16 -44.73
CA ARG G 341 -131.26 -14.11 -44.67
C ARG G 341 -129.90 -13.44 -44.50
N PRO G 342 -129.55 -12.40 -45.27
CA PRO G 342 -128.25 -11.73 -45.01
C PRO G 342 -128.14 -11.16 -43.60
N LEU G 343 -129.23 -10.61 -43.07
CA LEU G 343 -129.19 -10.08 -41.71
C LEU G 343 -128.99 -11.19 -40.69
N ARG G 344 -129.68 -12.33 -40.89
CA ARG G 344 -129.49 -13.46 -39.99
C ARG G 344 -128.06 -13.99 -40.05
N ARG G 345 -127.50 -14.08 -41.25
CA ARG G 345 -126.11 -14.52 -41.38
C ARG G 345 -125.16 -13.55 -40.69
N LEU G 346 -125.39 -12.24 -40.86
CA LEU G 346 -124.52 -11.24 -40.25
C LEU G 346 -124.59 -11.31 -38.72
N ILE G 347 -125.80 -11.42 -38.16
CA ILE G 347 -125.91 -11.46 -36.70
C ILE G 347 -125.33 -12.76 -36.16
N ASP G 348 -125.51 -13.88 -36.87
CA ASP G 348 -124.91 -15.13 -36.44
C ASP G 348 -123.40 -15.05 -36.47
N ALA G 349 -122.83 -14.45 -37.53
CA ALA G 349 -121.38 -14.29 -37.59
C ALA G 349 -120.86 -13.40 -36.48
N TYR G 350 -121.57 -12.31 -36.20
CA TYR G 350 -121.16 -11.42 -35.11
C TYR G 350 -121.21 -12.13 -33.76
N ALA G 351 -122.28 -12.90 -33.51
CA ALA G 351 -122.38 -13.63 -32.27
C ALA G 351 -121.27 -14.67 -32.14
N PHE G 352 -120.95 -15.36 -33.23
CA PHE G 352 -119.87 -16.34 -33.20
C PHE G 352 -118.52 -15.66 -32.95
N ARG G 353 -118.30 -14.50 -33.57
CA ARG G 353 -117.05 -13.78 -33.37
C ARG G 353 -116.92 -13.29 -31.93
N ILE G 354 -118.05 -12.91 -31.31
CA ILE G 354 -118.03 -12.50 -29.90
C ILE G 354 -117.60 -13.67 -29.02
N TYR G 355 -118.10 -14.87 -29.31
CA TYR G 355 -117.85 -16.06 -28.50
C TYR G 355 -117.13 -17.15 -29.30
N GLY G 356 -116.10 -16.76 -30.04
CA GLY G 356 -115.33 -17.70 -30.82
C GLY G 356 -114.18 -18.38 -30.11
N HIS G 357 -113.99 -18.12 -28.82
CA HIS G 357 -112.90 -18.72 -28.06
C HIS G 357 -113.37 -19.86 -27.17
N TRP G 358 -114.61 -20.31 -27.32
CA TRP G 358 -115.15 -21.42 -26.52
C TRP G 358 -115.61 -22.55 -27.44
N VAL G 359 -114.84 -22.84 -28.48
CA VAL G 359 -115.14 -23.91 -29.42
C VAL G 359 -113.90 -24.79 -29.53
N LYS G 360 -113.84 -25.83 -28.70
CA LYS G 360 -112.72 -26.76 -28.67
C LYS G 360 -113.27 -28.18 -28.60
N LYS G 361 -112.36 -29.13 -28.35
CA LYS G 361 -112.76 -30.53 -28.24
C LYS G 361 -113.62 -30.74 -27.01
N GLY G 362 -114.64 -31.59 -27.15
CA GLY G 362 -115.54 -31.90 -26.05
C GLY G 362 -117.00 -31.79 -26.39
N GLN G 363 -117.80 -32.77 -25.95
CA GLN G 363 -119.23 -32.76 -26.20
C GLN G 363 -119.96 -31.73 -25.33
N GLN G 364 -119.36 -31.33 -24.20
CA GLN G 364 -120.02 -30.40 -23.29
C GLN G 364 -120.28 -29.06 -23.98
N GLN G 365 -119.30 -28.55 -24.72
CA GLN G 365 -119.42 -27.29 -25.44
C GLN G 365 -119.14 -27.52 -26.92
N ASN G 366 -120.07 -27.12 -27.78
CA ASN G 366 -119.92 -27.29 -29.21
C ASN G 366 -120.64 -26.14 -29.92
N ARG G 367 -120.77 -26.25 -31.24
CA ARG G 367 -121.41 -25.19 -32.01
C ARG G 367 -122.89 -25.09 -31.69
N ALA G 368 -123.56 -26.23 -31.54
CA ALA G 368 -125.00 -26.21 -31.29
C ALA G 368 -125.35 -25.65 -29.92
N ALA G 369 -124.38 -25.55 -29.01
CA ALA G 369 -124.64 -24.91 -27.73
C ALA G 369 -124.95 -23.42 -27.91
N LEU G 370 -124.25 -22.76 -28.84
CA LEU G 370 -124.47 -21.34 -29.09
C LEU G 370 -125.85 -21.06 -29.67
N PHE G 371 -126.44 -22.00 -30.38
CA PHE G 371 -127.76 -21.82 -30.99
C PHE G 371 -128.83 -22.44 -30.10
N GLU G 372 -129.91 -21.69 -29.87
CA GLU G 372 -131.04 -22.14 -29.06
C GLU G 372 -132.31 -21.91 -29.88
N ASN G 373 -132.67 -22.89 -30.71
CA ASN G 373 -133.90 -22.79 -31.49
C ASN G 373 -135.14 -23.04 -30.64
N THR G 374 -135.03 -23.89 -29.62
CA THR G 374 -136.17 -24.20 -28.77
C THR G 374 -136.54 -22.97 -27.94
N PRO G 375 -137.84 -22.77 -27.70
CA PRO G 375 -138.26 -21.62 -26.88
C PRO G 375 -138.08 -21.92 -25.39
N LYS G 376 -137.52 -20.93 -24.67
CA LYS G 376 -137.28 -21.08 -23.23
C LYS G 376 -138.54 -20.68 -22.46
N ALA G 377 -139.52 -21.58 -22.48
CA ALA G 377 -140.80 -21.35 -21.82
C ALA G 377 -141.12 -22.50 -20.87
N VAL G 378 -142.35 -22.53 -20.36
CA VAL G 378 -142.76 -23.59 -19.43
C VAL G 378 -142.66 -24.96 -20.08
N LEU G 379 -142.69 -25.02 -21.41
CA LEU G 379 -142.67 -26.31 -22.11
C LEU G 379 -141.32 -27.00 -21.97
N LEU G 380 -140.26 -26.27 -21.60
CA LEU G 380 -138.95 -26.89 -21.47
C LEU G 380 -138.88 -27.77 -20.22
N SER G 381 -139.74 -27.52 -19.24
CA SER G 381 -139.73 -28.33 -18.02
C SER G 381 -140.11 -29.77 -18.31
N LEU G 382 -141.09 -29.98 -19.20
CA LEU G 382 -141.49 -31.33 -19.54
C LEU G 382 -140.38 -32.06 -20.28
N ALA G 383 -140.19 -33.33 -19.95
CA ALA G 383 -139.15 -34.14 -20.57
C ALA G 383 -139.53 -35.62 -20.55
N GLN H 23 -136.77 -36.86 -58.44
CA GLN H 23 -135.62 -37.34 -59.19
C GLN H 23 -135.60 -36.76 -60.60
N LEU H 24 -134.40 -36.56 -61.14
CA LEU H 24 -134.23 -36.00 -62.47
C LEU H 24 -134.22 -37.13 -63.50
N THR H 25 -134.06 -36.78 -64.78
CA THR H 25 -134.04 -37.75 -65.85
C THR H 25 -132.95 -37.37 -66.85
N GLU H 26 -132.55 -38.35 -67.66
CA GLU H 26 -131.53 -38.10 -68.66
C GLU H 26 -132.00 -37.08 -69.69
N GLU H 27 -133.26 -37.17 -70.11
CA GLU H 27 -133.80 -36.19 -71.05
C GLU H 27 -133.81 -34.80 -70.45
N GLN H 28 -134.17 -34.68 -69.17
CA GLN H 28 -134.15 -33.39 -68.50
C GLN H 28 -132.73 -32.83 -68.42
N ILE H 29 -131.75 -33.69 -68.13
CA ILE H 29 -130.35 -33.24 -68.07
C ILE H 29 -129.89 -32.76 -69.44
N ALA H 30 -130.24 -33.51 -70.49
CA ALA H 30 -129.86 -33.09 -71.84
C ALA H 30 -130.51 -31.77 -72.22
N GLU H 31 -131.79 -31.59 -71.86
CA GLU H 31 -132.47 -30.34 -72.15
C GLU H 31 -131.83 -29.18 -71.40
N PHE H 32 -131.46 -29.39 -70.13
CA PHE H 32 -130.80 -28.34 -69.37
C PHE H 32 -129.45 -27.99 -69.97
N LYS H 33 -128.69 -29.00 -70.40
CA LYS H 33 -127.41 -28.74 -71.05
C LYS H 33 -127.59 -27.96 -72.34
N GLU H 34 -128.59 -28.32 -73.15
CA GLU H 34 -128.87 -27.58 -74.37
C GLU H 34 -129.27 -26.15 -74.09
N ALA H 35 -130.09 -25.94 -73.05
CA ALA H 35 -130.48 -24.58 -72.68
C ALA H 35 -129.28 -23.76 -72.23
N PHE H 36 -128.39 -24.37 -71.43
CA PHE H 36 -127.18 -23.66 -71.01
C PHE H 36 -126.29 -23.32 -72.18
N SER H 37 -126.15 -24.24 -73.14
CA SER H 37 -125.33 -23.96 -74.32
C SER H 37 -125.94 -22.85 -75.16
N LEU H 38 -127.27 -22.84 -75.32
CA LEU H 38 -127.92 -21.83 -76.13
C LEU H 38 -128.03 -20.49 -75.40
N PHE H 39 -127.86 -20.47 -74.09
CA PHE H 39 -127.98 -19.22 -73.34
C PHE H 39 -126.91 -18.21 -73.75
N ASP H 40 -125.68 -18.67 -73.95
CA ASP H 40 -124.56 -17.81 -74.30
C ASP H 40 -124.19 -18.02 -75.76
N LYS H 41 -123.91 -16.91 -76.45
CA LYS H 41 -123.50 -17.00 -77.85
C LYS H 41 -122.17 -17.72 -78.00
N ASP H 42 -121.22 -17.45 -77.09
CA ASP H 42 -119.92 -18.08 -77.11
C ASP H 42 -119.79 -19.04 -75.92
N GLY H 43 -119.16 -20.19 -76.17
CA GLY H 43 -119.02 -21.19 -75.13
C GLY H 43 -117.89 -20.90 -74.16
N ASP H 44 -118.24 -20.49 -72.94
CA ASP H 44 -117.26 -20.22 -71.92
C ASP H 44 -117.66 -20.72 -70.53
N GLY H 45 -118.79 -21.42 -70.40
CA GLY H 45 -119.25 -21.90 -69.12
C GLY H 45 -120.00 -20.91 -68.28
N THR H 46 -120.20 -19.68 -68.77
CA THR H 46 -120.90 -18.64 -68.03
C THR H 46 -121.96 -18.01 -68.94
N ILE H 47 -123.12 -17.73 -68.35
CA ILE H 47 -124.19 -17.09 -69.10
C ILE H 47 -123.79 -15.68 -69.53
N THR H 48 -123.03 -14.98 -68.67
CA THR H 48 -122.46 -13.67 -68.94
C THR H 48 -123.54 -12.58 -68.92
N THR H 49 -123.23 -11.44 -68.30
CA THR H 49 -124.20 -10.35 -68.22
C THR H 49 -124.48 -9.77 -69.61
N LYS H 50 -123.46 -9.62 -70.45
CA LYS H 50 -123.66 -9.05 -71.77
C LYS H 50 -124.52 -9.95 -72.64
N GLU H 51 -124.26 -11.26 -72.60
CA GLU H 51 -125.07 -12.20 -73.39
C GLU H 51 -126.52 -12.22 -72.92
N LEU H 52 -126.72 -12.20 -71.60
CA LEU H 52 -128.08 -12.17 -71.07
C LEU H 52 -128.80 -10.89 -71.48
N GLY H 53 -128.09 -9.76 -71.44
CA GLY H 53 -128.70 -8.51 -71.88
C GLY H 53 -129.06 -8.52 -73.35
N THR H 54 -128.17 -9.06 -74.19
CA THR H 54 -128.47 -9.15 -75.62
C THR H 54 -129.66 -10.07 -75.87
N VAL H 55 -129.75 -11.19 -75.14
CA VAL H 55 -130.89 -12.08 -75.28
C VAL H 55 -132.17 -11.37 -74.87
N MET H 56 -132.13 -10.63 -73.77
CA MET H 56 -133.31 -9.90 -73.32
C MET H 56 -133.75 -8.85 -74.35
N ARG H 57 -132.79 -8.13 -74.93
CA ARG H 57 -133.12 -7.15 -75.95
C ARG H 57 -133.70 -7.82 -77.20
N SER H 58 -133.16 -8.97 -77.58
CA SER H 58 -133.69 -9.70 -78.72
C SER H 58 -135.11 -10.17 -78.47
N LEU H 59 -135.39 -10.63 -77.25
CA LEU H 59 -136.75 -11.07 -76.92
C LEU H 59 -137.74 -9.91 -76.96
N GLY H 60 -137.29 -8.71 -76.63
CA GLY H 60 -138.16 -7.54 -76.65
C GLY H 60 -138.27 -6.87 -75.30
N GLN H 61 -137.27 -7.07 -74.44
CA GLN H 61 -137.24 -6.49 -73.11
C GLN H 61 -135.98 -5.67 -72.92
N ASN H 62 -136.07 -4.62 -72.13
CA ASN H 62 -134.95 -3.72 -71.85
C ASN H 62 -134.82 -3.55 -70.34
N PRO H 63 -134.29 -4.56 -69.64
CA PRO H 63 -134.11 -4.43 -68.19
C PRO H 63 -133.07 -3.38 -67.85
N THR H 64 -133.24 -2.75 -66.70
CA THR H 64 -132.29 -1.74 -66.25
C THR H 64 -130.99 -2.40 -65.79
N GLU H 65 -129.91 -1.63 -65.81
CA GLU H 65 -128.61 -2.14 -65.37
C GLU H 65 -128.64 -2.49 -63.89
N ALA H 66 -129.26 -1.64 -63.06
CA ALA H 66 -129.38 -1.93 -61.64
C ALA H 66 -130.22 -3.19 -61.41
N GLU H 67 -131.32 -3.32 -62.14
CA GLU H 67 -132.16 -4.52 -62.00
C GLU H 67 -131.40 -5.77 -62.42
N LEU H 68 -130.64 -5.68 -63.52
CA LEU H 68 -129.84 -6.83 -63.96
C LEU H 68 -128.78 -7.20 -62.93
N GLN H 69 -128.11 -6.20 -62.35
CA GLN H 69 -127.12 -6.49 -61.33
C GLN H 69 -127.75 -7.12 -60.09
N ASP H 70 -128.93 -6.63 -59.69
CA ASP H 70 -129.63 -7.22 -58.56
C ASP H 70 -130.03 -8.66 -58.85
N MET H 71 -130.50 -8.93 -60.08
CA MET H 71 -130.84 -10.30 -60.45
C MET H 71 -129.62 -11.21 -60.42
N ILE H 72 -128.49 -10.73 -60.93
CA ILE H 72 -127.26 -11.53 -60.91
C ILE H 72 -126.83 -11.82 -59.48
N ASN H 73 -126.89 -10.81 -58.60
CA ASN H 73 -126.51 -11.01 -57.21
C ASN H 73 -127.45 -11.99 -56.51
N GLU H 74 -128.75 -11.88 -56.77
CA GLU H 74 -129.72 -12.76 -56.10
C GLU H 74 -129.58 -14.20 -56.58
N VAL H 75 -129.42 -14.40 -57.89
CA VAL H 75 -129.27 -15.76 -58.42
C VAL H 75 -127.99 -16.39 -57.89
N ASP H 76 -126.89 -15.64 -57.90
CA ASP H 76 -125.62 -16.17 -57.45
C ASP H 76 -125.62 -16.36 -55.93
N ALA H 77 -124.86 -17.35 -55.47
CA ALA H 77 -124.74 -17.63 -54.04
C ALA H 77 -123.76 -16.70 -53.34
N ASP H 78 -122.95 -15.94 -54.08
CA ASP H 78 -122.00 -15.02 -53.50
C ASP H 78 -121.83 -13.84 -54.46
N GLY H 79 -120.77 -13.06 -54.25
CA GLY H 79 -120.55 -11.86 -55.03
C GLY H 79 -119.57 -12.01 -56.18
N ASN H 80 -119.33 -13.23 -56.64
CA ASN H 80 -118.39 -13.44 -57.74
C ASN H 80 -118.91 -12.86 -59.05
N GLY H 81 -120.23 -12.75 -59.21
CA GLY H 81 -120.78 -12.12 -60.40
C GLY H 81 -120.83 -12.98 -61.63
N THR H 82 -120.72 -14.30 -61.50
CA THR H 82 -120.81 -15.21 -62.63
C THR H 82 -121.79 -16.32 -62.33
N ILE H 83 -122.45 -16.81 -63.37
CA ILE H 83 -123.45 -17.86 -63.27
C ILE H 83 -122.91 -19.11 -63.95
N ASP H 84 -122.97 -20.23 -63.24
CA ASP H 84 -122.51 -21.52 -63.75
C ASP H 84 -123.70 -22.42 -64.04
N PHE H 85 -123.42 -23.49 -64.80
CA PHE H 85 -124.47 -24.46 -65.11
C PHE H 85 -125.10 -25.09 -63.88
N PRO H 86 -124.36 -25.50 -62.83
CA PRO H 86 -125.04 -26.00 -61.63
C PRO H 86 -125.96 -24.97 -61.00
N GLU H 87 -125.60 -23.69 -61.04
CA GLU H 87 -126.47 -22.64 -60.52
C GLU H 87 -127.77 -22.57 -61.31
N PHE H 88 -127.68 -22.66 -62.63
CA PHE H 88 -128.89 -22.66 -63.47
C PHE H 88 -129.75 -23.89 -63.17
N LEU H 89 -129.12 -25.05 -63.00
CA LEU H 89 -129.87 -26.26 -62.69
C LEU H 89 -130.58 -26.14 -61.33
N THR H 90 -129.89 -25.58 -60.33
CA THR H 90 -130.51 -25.38 -59.03
C THR H 90 -131.67 -24.39 -59.11
N MET H 91 -131.50 -23.32 -59.88
CA MET H 91 -132.57 -22.34 -60.05
C MET H 91 -133.78 -22.97 -60.73
N MET H 92 -133.55 -23.81 -61.75
CA MET H 92 -134.66 -24.45 -62.44
C MET H 92 -135.31 -25.53 -61.58
N ALA H 93 -134.64 -25.95 -60.51
CA ALA H 93 -135.18 -26.99 -59.64
C ALA H 93 -136.12 -26.45 -58.58
N ARG H 94 -136.33 -25.14 -58.53
CA ARG H 94 -137.22 -24.56 -57.51
C ARG H 94 -138.66 -24.98 -57.77
N LYS H 95 -139.45 -25.04 -56.69
CA LYS H 95 -140.85 -25.43 -56.76
C LYS H 95 -141.70 -24.18 -56.67
N MET H 96 -142.57 -23.98 -57.67
CA MET H 96 -143.44 -22.81 -57.73
C MET H 96 -144.80 -23.05 -57.08
N LYS H 97 -145.08 -24.26 -56.60
CA LYS H 97 -146.36 -24.56 -56.00
C LYS H 97 -147.46 -24.59 -57.07
N ASP H 98 -148.55 -23.88 -56.83
CA ASP H 98 -149.70 -23.86 -57.74
C ASP H 98 -149.94 -22.49 -58.36
N THR H 99 -150.10 -21.45 -57.54
CA THR H 99 -150.44 -20.12 -58.06
C THR H 99 -149.32 -19.57 -58.93
N ASP H 100 -148.07 -19.73 -58.50
CA ASP H 100 -146.95 -19.24 -59.29
C ASP H 100 -146.86 -19.99 -60.62
N SER H 101 -147.19 -21.28 -60.63
CA SER H 101 -147.14 -22.05 -61.86
C SER H 101 -148.15 -21.54 -62.88
N GLU H 102 -149.39 -21.32 -62.46
CA GLU H 102 -150.40 -20.83 -63.39
C GLU H 102 -150.10 -19.40 -63.83
N GLU H 103 -149.59 -18.57 -62.92
CA GLU H 103 -149.17 -17.23 -63.31
C GLU H 103 -148.06 -17.29 -64.35
N GLU H 104 -147.09 -18.18 -64.16
CA GLU H 104 -145.99 -18.31 -65.11
C GLU H 104 -146.47 -18.78 -66.47
N ILE H 105 -147.35 -19.78 -66.50
CA ILE H 105 -147.83 -20.29 -67.80
C ILE H 105 -148.69 -19.25 -68.48
N ARG H 106 -149.47 -18.49 -67.71
CA ARG H 106 -150.27 -17.41 -68.30
C ARG H 106 -149.37 -16.33 -68.89
N GLU H 107 -148.30 -15.95 -68.18
CA GLU H 107 -147.37 -14.97 -68.71
C GLU H 107 -146.68 -15.47 -69.98
N ALA H 108 -146.28 -16.74 -69.98
CA ALA H 108 -145.65 -17.32 -71.17
C ALA H 108 -146.61 -17.33 -72.35
N PHE H 109 -147.87 -17.69 -72.12
CA PHE H 109 -148.85 -17.67 -73.19
C PHE H 109 -149.07 -16.26 -73.71
N ARG H 110 -149.15 -15.28 -72.81
CA ARG H 110 -149.35 -13.89 -73.22
C ARG H 110 -148.17 -13.39 -74.05
N VAL H 111 -146.95 -13.74 -73.64
CA VAL H 111 -145.77 -13.36 -74.42
C VAL H 111 -145.80 -14.02 -75.79
N PHE H 112 -146.14 -15.32 -75.84
CA PHE H 112 -146.21 -16.02 -77.11
C PHE H 112 -147.35 -15.52 -77.99
N ASP H 113 -148.48 -15.17 -77.39
CA ASP H 113 -149.65 -14.72 -78.14
C ASP H 113 -149.59 -13.22 -78.42
N LYS H 114 -148.53 -12.79 -79.11
CA LYS H 114 -148.40 -11.38 -79.48
C LYS H 114 -149.50 -10.97 -80.45
N ASP H 115 -149.78 -11.82 -81.44
CA ASP H 115 -150.83 -11.52 -82.40
C ASP H 115 -152.21 -11.69 -81.77
N GLY H 116 -153.18 -10.94 -82.28
CA GLY H 116 -154.54 -11.02 -81.79
C GLY H 116 -155.33 -12.17 -82.37
N ASN H 117 -154.91 -13.40 -82.08
CA ASN H 117 -155.57 -14.59 -82.58
C ASN H 117 -156.09 -15.52 -81.50
N GLY H 118 -155.61 -15.38 -80.26
CA GLY H 118 -156.08 -16.23 -79.18
C GLY H 118 -155.44 -17.59 -79.10
N TYR H 119 -154.45 -17.89 -79.94
CA TYR H 119 -153.79 -19.18 -79.92
C TYR H 119 -152.28 -19.03 -80.05
N SER I 5 51.62 -18.94 56.02
CA SER I 5 52.64 -19.93 55.69
C SER I 5 54.04 -19.35 55.82
N ASN I 6 54.99 -20.17 56.30
CA ASN I 6 56.36 -19.71 56.45
C ASN I 6 56.97 -19.35 55.11
N SER I 7 56.72 -20.17 54.09
CA SER I 7 57.22 -19.87 52.77
C SER I 7 56.68 -18.54 52.30
N GLY I 8 55.40 -18.26 52.52
CA GLY I 8 54.87 -16.95 52.15
C GLY I 8 55.60 -15.81 52.84
N VAL I 9 55.90 -15.97 54.13
CA VAL I 9 56.60 -14.93 54.88
C VAL I 9 58.00 -14.71 54.30
N ARG I 10 58.70 -15.80 53.97
CA ARG I 10 60.00 -15.65 53.33
C ARG I 10 59.89 -14.92 52.00
N LEU I 11 58.82 -15.21 51.24
CA LEU I 11 58.61 -14.52 49.97
C LEU I 11 58.37 -13.03 50.18
N ASP I 12 57.57 -12.66 51.18
CA ASP I 12 57.36 -11.23 51.44
C ASP I 12 58.66 -10.57 51.88
N GLY I 13 59.46 -11.25 52.69
CA GLY I 13 60.74 -10.69 53.08
C GLY I 13 61.67 -10.48 51.91
N TYR I 14 61.74 -11.45 51.00
CA TYR I 14 62.55 -11.29 49.80
C TYR I 14 62.03 -10.17 48.92
N ALA I 15 60.71 -10.05 48.80
CA ALA I 15 60.12 -8.98 48.01
C ALA I 15 60.44 -7.61 48.61
N ARG I 16 60.36 -7.50 49.93
CA ARG I 16 60.70 -6.24 50.59
C ARG I 16 62.17 -5.90 50.38
N LEU I 17 63.06 -6.89 50.49
CA LEU I 17 64.48 -6.65 50.26
C LEU I 17 64.74 -6.20 48.83
N VAL I 18 64.08 -6.85 47.87
CA VAL I 18 64.24 -6.48 46.47
C VAL I 18 63.73 -5.06 46.23
N GLN I 19 62.57 -4.72 46.78
CA GLN I 19 62.02 -3.38 46.60
C GLN I 19 62.95 -2.33 47.22
N GLN I 20 63.51 -2.62 48.40
CA GLN I 20 64.39 -1.68 49.06
C GLN I 20 65.73 -1.51 48.33
N THR I 21 66.24 -2.56 47.70
CA THR I 21 67.55 -2.50 47.05
C THR I 21 67.49 -2.14 45.57
N ILE I 22 66.78 -2.91 44.75
CA ILE I 22 66.83 -2.76 43.30
C ILE I 22 65.70 -1.87 42.81
N LEU I 23 64.46 -2.23 43.16
CA LEU I 23 63.29 -1.58 42.58
C LEU I 23 63.11 -0.13 43.00
N CYS I 24 63.87 0.35 43.99
CA CYS I 24 63.72 1.73 44.43
C CYS I 24 64.21 2.72 43.38
N HIS I 25 65.08 2.29 42.47
CA HIS I 25 65.62 3.14 41.41
C HIS I 25 65.08 2.73 40.04
N GLN I 26 63.79 2.40 39.99
CA GLN I 26 63.20 1.90 38.75
C GLN I 26 63.27 2.93 37.63
N ASN I 27 63.28 4.22 37.97
CA ASN I 27 63.37 5.30 36.99
C ASN I 27 62.22 5.21 36.00
N PRO I 28 60.99 5.56 36.41
CA PRO I 28 59.82 5.38 35.53
C PRO I 28 59.92 6.24 34.28
N VAL I 29 58.87 6.14 33.46
CA VAL I 29 58.77 6.73 32.13
C VAL I 29 59.61 5.93 31.14
N THR I 30 60.86 5.64 31.51
CA THR I 30 61.74 4.84 30.68
C THR I 30 62.00 3.45 31.25
N GLY I 31 62.28 3.34 32.55
CA GLY I 31 62.47 2.05 33.18
C GLY I 31 63.91 1.58 33.27
N LEU I 32 64.89 2.43 32.97
CA LEU I 32 66.30 2.06 33.03
C LEU I 32 66.90 2.60 34.32
N LEU I 33 67.34 1.68 35.20
CA LEU I 33 67.91 2.09 36.46
C LEU I 33 69.29 2.71 36.27
N PRO I 34 69.66 3.68 37.11
CA PRO I 34 71.04 4.18 37.10
C PRO I 34 71.99 3.12 37.63
N ALA I 35 73.24 3.19 37.17
CA ALA I 35 74.24 2.21 37.57
C ALA I 35 74.90 2.59 38.89
N SER I 36 74.07 2.83 39.92
CA SER I 36 74.52 3.14 41.26
C SER I 36 75.32 4.44 41.33
N TYR I 37 75.62 4.89 42.55
CA TYR I 37 76.41 6.09 42.79
C TYR I 37 75.82 7.32 42.10
N ASP I 38 76.62 8.38 41.97
CA ASP I 38 76.19 9.60 41.28
C ASP I 38 76.67 9.58 39.83
N GLN I 39 76.25 8.54 39.11
CA GLN I 39 76.62 8.36 37.72
C GLN I 39 75.55 8.85 36.75
N LYS I 40 74.27 8.59 37.04
CA LYS I 40 73.16 8.99 36.19
C LYS I 40 73.29 8.44 34.77
N ASP I 41 73.85 7.25 34.64
CA ASP I 41 74.03 6.58 33.36
C ASP I 41 73.57 5.14 33.47
N ALA I 42 73.05 4.60 32.37
CA ALA I 42 72.49 3.26 32.32
C ALA I 42 73.38 2.36 31.47
N TRP I 43 73.77 1.22 32.04
CA TRP I 43 74.53 0.20 31.32
C TRP I 43 73.58 -0.95 30.96
N VAL I 44 73.63 -1.38 29.71
CA VAL I 44 72.75 -2.46 29.25
C VAL I 44 73.04 -3.74 30.01
N ARG I 45 74.33 -4.11 30.12
CA ARG I 45 74.69 -5.32 30.82
C ARG I 45 74.30 -5.26 32.29
N ASP I 46 74.57 -4.13 32.94
CA ASP I 46 74.20 -3.97 34.35
C ASP I 46 72.70 -4.07 34.54
N ASN I 47 71.93 -3.45 33.64
CA ASN I 47 70.47 -3.49 33.76
C ASN I 47 69.93 -4.90 33.57
N VAL I 48 70.43 -5.61 32.55
CA VAL I 48 69.91 -6.96 32.30
C VAL I 48 70.33 -7.93 33.40
N TYR I 49 71.49 -7.69 34.01
CA TYR I 49 71.91 -8.55 35.11
C TYR I 49 71.16 -8.20 36.40
N SER I 50 70.74 -6.94 36.56
CA SER I 50 69.99 -6.54 37.73
C SER I 50 68.54 -7.03 37.65
N ILE I 51 67.98 -7.07 36.44
CA ILE I 51 66.60 -7.51 36.26
C ILE I 51 66.40 -8.98 36.58
N LEU I 52 67.50 -9.75 36.73
CA LEU I 52 67.37 -11.18 36.97
C LEU I 52 66.71 -11.47 38.32
N ALA I 53 67.06 -10.70 39.35
CA ALA I 53 66.49 -10.95 40.67
C ALA I 53 64.98 -10.72 40.67
N VAL I 54 64.53 -9.59 40.10
CA VAL I 54 63.11 -9.30 40.06
C VAL I 54 62.38 -10.29 39.17
N TRP I 55 63.02 -10.74 38.08
CA TRP I 55 62.41 -11.76 37.23
C TRP I 55 62.21 -13.06 37.98
N GLY I 56 63.24 -13.50 38.71
CA GLY I 56 63.11 -14.71 39.51
C GLY I 56 62.06 -14.58 40.60
N LEU I 57 61.97 -13.39 41.20
CA LEU I 57 60.92 -13.13 42.17
C LEU I 57 59.54 -13.25 41.53
N GLY I 58 59.39 -12.74 40.31
CA GLY I 58 58.13 -12.87 39.61
C GLY I 58 57.76 -14.30 39.32
N LEU I 59 58.73 -15.10 38.86
CA LEU I 59 58.46 -16.52 38.64
C LEU I 59 58.09 -17.22 39.95
N ALA I 60 58.77 -16.89 41.04
CA ALA I 60 58.45 -17.50 42.33
C ALA I 60 57.03 -17.13 42.77
N TYR I 61 56.64 -15.87 42.58
CA TYR I 61 55.33 -15.42 43.03
C TYR I 61 54.21 -15.95 42.14
N ARG I 62 54.51 -16.20 40.86
CA ARG I 62 53.48 -16.67 39.94
C ARG I 62 52.96 -18.05 40.34
N LYS I 63 53.81 -18.89 40.94
CA LYS I 63 53.39 -20.23 41.33
C LYS I 63 52.27 -20.19 42.37
N ASN I 64 52.38 -19.29 43.34
CA ASN I 64 51.37 -19.15 44.39
C ASN I 64 50.22 -18.27 43.87
N ALA I 65 49.44 -18.86 42.98
CA ALA I 65 48.33 -18.17 42.33
C ALA I 65 47.07 -18.31 43.19
N ASP I 66 45.91 -17.98 42.62
CA ASP I 66 44.58 -18.10 43.22
C ASP I 66 44.33 -17.06 44.31
N ARG I 67 45.16 -16.03 44.42
CA ARG I 67 44.93 -14.93 45.35
C ARG I 67 45.15 -13.61 44.62
N ASP I 68 44.34 -12.61 44.96
CA ASP I 68 44.42 -11.32 44.29
C ASP I 68 45.75 -10.63 44.55
N GLU I 69 46.22 -10.67 45.79
CA GLU I 69 47.46 -9.96 46.14
C GLU I 69 48.67 -10.59 45.46
N ASP I 70 48.76 -11.91 45.51
CA ASP I 70 49.89 -12.59 44.87
C ASP I 70 49.86 -12.40 43.36
N LYS I 71 48.68 -12.48 42.75
CA LYS I 71 48.56 -12.24 41.32
C LYS I 71 48.99 -10.83 40.97
N ALA I 72 48.55 -9.84 41.76
CA ALA I 72 48.93 -8.46 41.51
C ALA I 72 50.44 -8.27 41.63
N LYS I 73 51.06 -8.87 42.65
CA LYS I 73 52.50 -8.73 42.83
C LYS I 73 53.27 -9.36 41.67
N ALA I 74 52.87 -10.57 41.28
CA ALA I 74 53.54 -11.23 40.15
C ALA I 74 53.37 -10.44 38.87
N TYR I 75 52.16 -9.92 38.63
CA TYR I 75 51.92 -9.09 37.47
C TYR I 75 52.79 -7.84 37.49
N GLU I 76 52.90 -7.19 38.66
CA GLU I 76 53.73 -5.99 38.76
C GLU I 76 55.19 -6.29 38.46
N LEU I 77 55.71 -7.39 39.00
CA LEU I 77 57.12 -7.72 38.76
C LEU I 77 57.36 -8.04 37.28
N GLU I 78 56.47 -8.86 36.69
CA GLU I 78 56.62 -9.21 35.28
C GLU I 78 56.52 -7.97 34.39
N GLN I 79 55.60 -7.06 34.72
CA GLN I 79 55.42 -5.88 33.89
C GLN I 79 56.57 -4.90 34.06
N SER I 80 57.18 -4.84 35.25
CA SER I 80 58.39 -4.04 35.41
C SER I 80 59.52 -4.59 34.55
N VAL I 81 59.67 -5.91 34.52
CA VAL I 81 60.68 -6.52 33.65
C VAL I 81 60.39 -6.19 32.19
N VAL I 82 59.12 -6.30 31.80
CA VAL I 82 58.73 -6.01 30.41
C VAL I 82 59.01 -4.55 30.06
N LYS I 83 58.71 -3.64 30.98
CA LYS I 83 58.96 -2.22 30.73
C LYS I 83 60.44 -1.93 30.57
N LEU I 84 61.28 -2.53 31.42
CA LEU I 84 62.72 -2.35 31.27
C LEU I 84 63.20 -2.90 29.92
N MET I 85 62.70 -4.07 29.53
CA MET I 85 63.13 -4.66 28.27
C MET I 85 62.69 -3.80 27.09
N ARG I 86 61.48 -3.25 27.16
CA ARG I 86 60.99 -2.36 26.10
C ARG I 86 61.82 -1.09 26.02
N GLY I 87 62.20 -0.53 27.17
CA GLY I 87 63.06 0.65 27.16
C GLY I 87 64.40 0.37 26.53
N LEU I 88 64.99 -0.77 26.86
CA LEU I 88 66.26 -1.14 26.25
C LEU I 88 66.10 -1.35 24.74
N LEU I 89 64.99 -1.98 24.34
CA LEU I 89 64.74 -2.20 22.91
C LEU I 89 64.61 -0.88 22.17
N HIS I 90 63.91 0.10 22.76
CA HIS I 90 63.82 1.41 22.15
C HIS I 90 65.19 2.09 22.07
N CYS I 91 65.99 1.96 23.12
CA CYS I 91 67.32 2.54 23.11
C CYS I 91 68.17 1.97 21.98
N MET I 92 68.09 0.66 21.77
CA MET I 92 68.84 0.05 20.66
C MET I 92 68.25 0.44 19.31
N ILE I 93 66.93 0.56 19.23
CA ILE I 93 66.28 0.98 17.99
C ILE I 93 66.74 2.38 17.58
N ARG I 94 67.06 3.22 18.57
CA ARG I 94 67.48 4.59 18.27
C ARG I 94 68.77 4.66 17.45
N GLN I 95 69.54 3.57 17.35
CA GLN I 95 70.77 3.55 16.58
C GLN I 95 70.70 2.54 15.44
N VAL I 96 69.56 2.52 14.73
CA VAL I 96 69.38 1.58 13.62
C VAL I 96 70.33 1.93 12.48
N ASP I 97 70.59 3.22 12.26
CA ASP I 97 71.54 3.62 11.23
C ASP I 97 72.94 3.13 11.55
N LYS I 98 73.35 3.26 12.82
CA LYS I 98 74.67 2.77 13.22
C LYS I 98 74.76 1.26 13.08
N VAL I 99 73.68 0.54 13.43
CA VAL I 99 73.69 -0.91 13.28
C VAL I 99 73.83 -1.30 11.81
N GLU I 100 73.04 -0.66 10.95
CA GLU I 100 73.07 -0.95 9.52
C GLU I 100 74.43 -0.64 8.91
N PHE I 102 77.27 -0.69 10.58
CA PHE I 102 78.20 -1.67 11.13
C PHE I 102 78.07 -2.99 10.38
N LYS I 103 76.87 -3.24 9.84
CA LYS I 103 76.64 -4.49 9.11
C LYS I 103 77.64 -4.67 7.98
N TYR I 104 78.13 -3.57 7.41
CA TYR I 104 79.20 -3.63 6.41
C TYR I 104 80.46 -2.94 6.94
N GLN I 106 83.02 -3.90 9.56
CA GLN I 106 82.97 -3.83 11.02
C GLN I 106 84.11 -2.98 11.57
N THR I 108 85.28 0.10 15.00
CA THR I 108 85.05 0.58 16.35
C THR I 108 84.10 1.78 16.35
N LYS I 109 84.20 2.60 15.31
CA LYS I 109 83.39 3.81 15.19
C LYS I 109 82.05 3.57 14.51
N ASP I 110 81.53 2.34 14.55
CA ASP I 110 80.34 2.01 13.79
C ASP I 110 79.25 1.36 14.63
N LEU I 112 76.80 0.55 18.06
CA LEU I 112 76.00 1.35 18.96
C LEU I 112 76.74 1.63 20.27
N HIS I 113 76.45 2.77 20.89
CA HIS I 113 77.13 3.14 22.12
C HIS I 113 76.71 2.23 23.27
N ALA I 114 77.69 1.77 24.04
CA ALA I 114 77.40 0.93 25.19
C ALA I 114 76.84 1.73 26.36
N LYS I 115 77.27 2.97 26.51
CA LYS I 115 76.79 3.84 27.58
C LYS I 115 75.52 4.53 27.11
N TYR I 116 74.40 4.23 27.74
CA TYR I 116 73.12 4.86 27.44
C TYR I 116 72.68 5.73 28.60
N ASN I 117 72.10 6.88 28.28
CA ASN I 117 71.75 7.84 29.31
C ASN I 117 70.47 7.43 30.04
N THR I 118 70.02 8.31 30.93
CA THR I 118 68.79 8.13 31.70
C THR I 118 67.59 8.46 30.83
N LYS I 119 66.45 8.74 31.48
CA LYS I 119 65.20 9.05 30.80
C LYS I 119 65.41 10.04 29.65
N THR I 120 64.51 9.96 28.66
CA THR I 120 64.51 10.58 27.32
C THR I 120 65.41 9.83 26.35
N CYS I 121 66.12 8.79 26.79
CA CYS I 121 66.79 7.81 25.92
C CYS I 121 67.65 8.49 24.85
N ALA I 122 68.68 9.19 25.31
CA ALA I 122 69.59 9.90 24.45
C ALA I 122 71.00 9.35 24.59
N THR I 123 71.93 9.91 23.82
CA THR I 123 73.33 9.54 23.93
C THR I 123 74.06 10.49 24.87
N VAL I 124 74.79 9.94 25.82
CA VAL I 124 75.45 10.72 26.86
C VAL I 124 76.96 10.84 26.63
N VAL I 125 77.54 10.00 25.77
CA VAL I 125 78.96 10.10 25.42
C VAL I 125 79.08 10.15 23.90
N GLY I 126 80.16 10.77 23.45
CA GLY I 126 80.45 10.82 22.02
C GLY I 126 80.96 9.50 21.49
N ASP I 127 81.22 9.49 20.18
CA ASP I 127 81.66 8.28 19.50
C ASP I 127 83.16 8.01 19.68
N ASP I 128 83.91 8.95 20.24
CA ASP I 128 85.35 8.77 20.39
C ASP I 128 85.83 8.91 21.84
N GLN I 129 84.96 9.28 22.76
CA GLN I 129 85.34 9.46 24.16
C GLN I 129 85.11 8.21 25.00
N TRP I 130 84.65 7.12 24.40
CA TRP I 130 84.40 5.88 25.13
C TRP I 130 84.51 4.72 24.15
N GLY I 131 84.66 3.52 24.71
CA GLY I 131 84.75 2.33 23.90
C GLY I 131 83.38 1.76 23.58
N HIS I 132 82.86 2.06 22.40
CA HIS I 132 81.53 1.62 21.99
C HIS I 132 81.61 0.33 21.18
N LEU I 133 82.19 -0.69 21.81
CA LEU I 133 82.29 -2.01 21.21
C LEU I 133 82.20 -3.03 22.35
N GLN I 134 81.00 -3.52 22.61
CA GLN I 134 80.74 -4.53 23.64
C GLN I 134 79.67 -5.47 23.11
N LEU I 135 80.12 -6.54 22.45
CA LEU I 135 79.18 -7.52 21.91
C LEU I 135 78.65 -8.46 23.00
N ASP I 136 79.34 -8.55 24.13
CA ASP I 136 78.87 -9.41 25.22
C ASP I 136 77.54 -8.92 25.77
N ALA I 137 77.39 -7.60 25.95
CA ALA I 137 76.14 -7.07 26.47
C ALA I 137 74.98 -7.33 25.52
N THR I 138 75.19 -7.10 24.22
CA THR I 138 74.14 -7.35 23.25
C THR I 138 73.78 -8.84 23.21
N SER I 139 74.79 -9.70 23.25
CA SER I 139 74.51 -11.14 23.21
C SER I 139 73.73 -11.60 24.43
N VAL I 140 74.12 -11.14 25.62
CA VAL I 140 73.41 -11.56 26.83
C VAL I 140 72.00 -10.98 26.83
N TYR I 141 71.84 -9.76 26.30
CA TYR I 141 70.50 -9.19 26.19
C TYR I 141 69.61 -10.02 25.27
N LEU I 142 70.14 -10.40 24.11
CA LEU I 142 69.36 -11.21 23.18
C LEU I 142 69.01 -12.56 23.79
N LEU I 143 69.98 -13.19 24.45
CA LEU I 143 69.75 -14.51 25.05
C LEU I 143 68.68 -14.42 26.14
N PHE I 144 68.77 -13.40 26.99
CA PHE I 144 67.78 -13.26 28.06
C PHE I 144 66.40 -12.90 27.51
N LEU I 145 66.36 -12.10 26.44
CA LEU I 145 65.09 -11.83 25.77
C LEU I 145 64.48 -13.13 25.25
N ALA I 146 65.30 -13.99 24.65
CA ALA I 146 64.81 -15.28 24.19
C ALA I 146 64.31 -16.13 25.35
N GLN I 147 65.05 -16.14 26.46
CA GLN I 147 64.65 -16.93 27.62
C GLN I 147 63.31 -16.45 28.17
N MET I 148 63.14 -15.14 28.29
CA MET I 148 61.87 -14.61 28.79
C MET I 148 60.73 -14.84 27.81
N THR I 149 61.02 -14.77 26.51
CA THR I 149 59.99 -15.08 25.52
C THR I 149 59.54 -16.53 25.62
N ALA I 150 60.49 -17.45 25.80
CA ALA I 150 60.15 -18.85 25.97
C ALA I 150 59.41 -19.09 27.29
N SER I 151 59.73 -18.29 28.31
CA SER I 151 59.05 -18.43 29.60
C SER I 151 57.56 -18.10 29.49
N GLY I 152 57.22 -17.06 28.73
CA GLY I 152 55.84 -16.68 28.55
C GLY I 152 55.62 -15.19 28.49
N LEU I 153 56.61 -14.42 28.92
CA LEU I 153 56.52 -12.96 28.89
C LEU I 153 56.54 -12.46 27.45
N HIS I 154 55.78 -11.40 27.19
CA HIS I 154 55.71 -10.79 25.87
C HIS I 154 56.56 -9.52 25.84
N ILE I 155 57.60 -9.53 25.02
CA ILE I 155 58.48 -8.38 24.89
C ILE I 155 58.52 -7.93 23.44
N ILE I 156 58.95 -8.81 22.53
CA ILE I 156 58.90 -8.50 21.11
C ILE I 156 57.43 -8.39 20.69
N HIS I 157 57.11 -7.34 19.96
CA HIS I 157 55.74 -6.90 19.85
C HIS I 157 55.19 -6.73 18.43
N SER I 158 56.01 -6.36 17.45
CA SER I 158 55.52 -6.27 16.08
C SER I 158 56.59 -6.72 15.10
N LEU I 159 56.21 -6.78 13.83
CA LEU I 159 57.12 -7.20 12.78
C LEU I 159 58.28 -6.22 12.62
N ASP I 160 58.08 -4.94 12.98
CA ASP I 160 59.17 -3.99 12.94
C ASP I 160 60.27 -4.36 13.93
N GLU I 161 59.89 -4.67 15.16
CA GLU I 161 60.87 -5.12 16.14
C GLU I 161 61.43 -6.49 15.77
N VAL I 162 60.64 -7.31 15.08
CA VAL I 162 61.17 -8.59 14.59
C VAL I 162 62.28 -8.35 13.57
N ASN I 163 62.06 -7.43 12.63
CA ASN I 163 63.09 -7.10 11.64
C ASN I 163 64.31 -6.48 12.30
N PHE I 164 64.09 -5.62 13.29
CA PHE I 164 65.22 -5.03 14.00
C PHE I 164 66.02 -6.09 14.74
N ILE I 165 65.33 -7.06 15.36
CA ILE I 165 66.03 -8.13 16.06
C ILE I 165 66.81 -8.99 15.07
N GLN I 166 66.23 -9.26 13.91
CA GLN I 166 66.96 -10.01 12.88
C GLN I 166 68.21 -9.25 12.43
N ASN I 167 68.09 -7.95 12.22
CA ASN I 167 69.23 -7.14 11.81
C ASN I 167 70.30 -7.12 12.90
N LEU I 168 69.89 -7.01 14.16
CA LEU I 168 70.85 -7.01 15.26
C LEU I 168 71.51 -8.36 15.41
N VAL I 169 70.78 -9.44 15.11
CA VAL I 169 71.36 -10.78 15.12
C VAL I 169 72.42 -10.90 14.04
N PHE I 170 72.12 -10.39 12.85
CA PHE I 170 73.14 -10.35 11.79
C PHE I 170 74.34 -9.50 12.23
N TYR I 171 74.08 -8.43 12.97
CA TYR I 171 75.14 -7.56 13.45
C TYR I 171 76.05 -8.28 14.44
N ILE I 172 75.48 -9.10 15.33
CA ILE I 172 76.28 -9.80 16.33
C ILE I 172 76.94 -11.06 15.77
N GLU I 173 76.39 -11.63 14.70
CA GLU I 173 76.87 -12.92 14.21
C GLU I 173 78.34 -12.91 13.80
N ALA I 174 78.95 -11.72 13.58
CA ALA I 174 80.34 -11.62 13.20
C ALA I 174 81.26 -11.43 14.40
N ALA I 175 80.89 -12.00 15.56
CA ALA I 175 81.68 -11.84 16.78
C ALA I 175 82.95 -12.67 16.79
N TYR I 176 83.03 -13.74 16.01
CA TYR I 176 84.16 -14.65 16.07
C TYR I 176 85.39 -14.13 15.32
N LYS I 177 85.26 -13.06 14.54
CA LYS I 177 86.38 -12.53 13.78
C LYS I 177 86.51 -11.02 13.93
N THR I 178 86.11 -10.48 15.08
CA THR I 178 86.23 -9.06 15.36
C THR I 178 86.79 -8.85 16.77
N ALA I 179 87.42 -7.70 16.97
CA ALA I 179 88.01 -7.35 18.25
C ALA I 179 87.18 -6.28 18.93
N ASP I 180 86.87 -6.50 20.21
CA ASP I 180 86.09 -5.57 21.02
C ASP I 180 86.88 -5.20 22.27
N PHE I 181 86.31 -4.27 23.04
CA PHE I 181 86.95 -3.81 24.27
C PHE I 181 86.71 -4.75 25.45
N GLY I 182 85.86 -5.77 25.29
CA GLY I 182 85.63 -6.72 26.34
C GLY I 182 84.66 -6.24 27.40
N ILE I 183 84.48 -7.08 28.42
CA ILE I 183 83.56 -6.76 29.50
C ILE I 183 84.09 -5.59 30.33
N TRP I 184 85.41 -5.53 30.52
CA TRP I 184 86.01 -4.48 31.34
C TRP I 184 86.16 -3.16 30.59
N GLU I 185 85.84 -3.13 29.29
CA GLU I 185 85.90 -1.91 28.48
C GLU I 185 87.30 -1.29 28.49
N ARG I 186 88.34 -2.14 28.55
CA ARG I 186 89.71 -1.64 28.59
C ARG I 186 90.64 -2.45 27.68
N GLY I 187 90.10 -3.34 26.85
CA GLY I 187 90.94 -4.15 25.99
C GLY I 187 91.83 -5.06 26.80
N ASP I 188 93.13 -5.02 26.51
CA ASP I 188 94.11 -5.83 27.22
C ASP I 188 94.46 -5.14 28.55
N LYS I 189 95.53 -5.60 29.20
CA LYS I 189 95.93 -5.04 30.48
C LYS I 189 96.26 -3.56 30.35
N THR I 190 96.99 -3.19 29.30
CA THR I 190 97.25 -1.78 29.00
C THR I 190 96.22 -1.29 27.99
N ASN I 191 95.52 -0.22 28.34
CA ASN I 191 94.47 0.30 27.47
C ASN I 191 95.03 0.74 26.14
N GLN I 192 95.83 1.81 26.14
CA GLN I 192 96.54 2.33 24.97
C GLN I 192 95.63 2.45 23.74
N GLY I 193 94.32 2.56 23.94
CA GLY I 193 93.38 2.62 22.84
C GLY I 193 93.44 1.40 21.93
N ILE I 194 93.54 0.21 22.51
CA ILE I 194 93.63 -1.03 21.74
C ILE I 194 92.53 -1.98 22.20
N SER I 195 92.13 -2.86 21.28
CA SER I 195 91.13 -3.88 21.55
C SER I 195 91.61 -5.23 21.03
N GLU I 196 91.07 -6.30 21.60
CA GLU I 196 91.46 -7.64 21.22
C GLU I 196 90.29 -8.59 21.42
N LEU I 197 90.40 -9.77 20.81
CA LEU I 197 89.35 -10.78 20.91
C LEU I 197 89.22 -11.27 22.34
N ASN I 198 87.99 -11.58 22.74
CA ASN I 198 87.70 -12.07 24.08
C ASN I 198 86.86 -13.34 23.98
N ALA I 199 87.16 -14.31 24.86
CA ALA I 199 86.42 -15.56 24.86
C ALA I 199 85.00 -15.37 25.35
N SER I 200 84.79 -14.48 26.30
CA SER I 200 83.46 -14.22 26.85
C SER I 200 82.53 -13.70 25.77
N VAL I 202 82.64 -14.10 22.38
CA VAL I 202 82.27 -15.11 21.39
C VAL I 202 81.39 -16.18 22.02
N GLY I 203 81.64 -16.52 23.29
CA GLY I 203 80.78 -17.48 23.96
C GLY I 203 79.36 -16.97 24.12
N MET I 204 79.22 -15.72 24.56
CA MET I 204 77.90 -15.11 24.68
C MET I 204 77.22 -15.01 23.32
N ALA I 205 77.97 -14.66 22.28
CA ALA I 205 77.39 -14.58 20.94
C ALA I 205 76.89 -15.93 20.46
N LYS I 206 77.68 -16.99 20.68
CA LYS I 206 77.26 -18.33 20.28
C LYS I 206 76.01 -18.75 21.04
N ALA I 207 75.96 -18.46 22.34
CA ALA I 207 74.78 -18.82 23.13
C ALA I 207 73.55 -18.05 22.67
N ALA I 208 73.72 -16.76 22.35
CA ALA I 208 72.59 -15.96 21.85
C ALA I 208 72.11 -16.50 20.50
N LEU I 209 73.04 -16.88 19.61
CA LEU I 209 72.64 -17.42 18.33
C LEU I 209 71.90 -18.74 18.48
N GLU I 210 72.35 -19.61 19.38
CA GLU I 210 71.68 -20.90 19.53
C GLU I 210 70.32 -20.76 20.21
N ALA I 211 70.22 -19.87 21.20
CA ALA I 211 68.98 -19.75 21.97
C ALA I 211 67.83 -19.26 21.09
N LEU I 212 68.11 -18.28 20.23
CA LEU I 212 67.09 -17.69 19.36
C LEU I 212 67.09 -18.34 17.97
N ASP I 213 67.48 -19.62 17.88
CA ASP I 213 67.67 -20.25 16.58
C ASP I 213 66.35 -20.41 15.84
N GLU I 214 65.32 -20.93 16.52
CA GLU I 214 64.00 -21.06 15.88
C GLU I 214 62.89 -20.61 16.82
N LEU I 215 63.19 -19.70 17.74
CA LEU I 215 62.19 -19.24 18.70
C LEU I 215 61.16 -18.35 18.03
N ASP I 216 59.90 -18.53 18.42
CA ASP I 216 58.81 -17.67 17.99
C ASP I 216 58.67 -16.53 19.00
N LEU I 217 59.03 -15.32 18.58
CA LEU I 217 59.05 -14.18 19.48
C LEU I 217 57.66 -13.74 19.94
N PHE I 218 56.61 -14.11 19.21
CA PHE I 218 55.26 -13.72 19.55
C PHE I 218 54.59 -14.71 20.50
N GLY I 219 55.30 -15.76 20.92
CA GLY I 219 54.73 -16.73 21.82
C GLY I 219 53.99 -17.84 21.11
N VAL I 220 53.01 -18.42 21.82
CA VAL I 220 52.23 -19.51 21.26
C VAL I 220 51.36 -19.04 20.10
N LYS I 221 50.83 -17.82 20.19
CA LYS I 221 49.95 -17.28 19.17
C LYS I 221 50.68 -16.79 17.93
N GLY I 222 52.02 -16.80 17.95
CA GLY I 222 52.75 -16.31 16.80
C GLY I 222 52.62 -17.22 15.60
N GLY I 223 52.77 -16.62 14.42
CA GLY I 223 52.65 -17.35 13.17
C GLY I 223 54.01 -17.60 12.54
N PRO I 224 54.00 -18.17 11.33
CA PRO I 224 55.27 -18.44 10.64
C PRO I 224 56.03 -17.19 10.23
N GLN I 225 55.39 -16.03 10.22
CA GLN I 225 56.04 -14.79 9.82
C GLN I 225 56.79 -14.11 10.96
N SER I 226 56.73 -14.65 12.17
CA SER I 226 57.37 -14.02 13.31
C SER I 226 58.40 -14.94 13.96
N VAL I 227 59.19 -15.63 13.13
CA VAL I 227 60.25 -16.52 13.61
C VAL I 227 61.57 -16.06 13.01
N ILE I 228 62.63 -16.15 13.81
CA ILE I 228 63.96 -15.70 13.38
C ILE I 228 64.76 -16.92 12.92
N HIS I 229 65.40 -16.79 11.77
CA HIS I 229 66.25 -17.84 11.23
C HIS I 229 67.71 -17.40 11.27
N VAL I 230 68.57 -18.26 11.81
CA VAL I 230 70.00 -17.97 11.94
C VAL I 230 70.79 -19.14 11.38
N LEU I 231 72.06 -18.91 11.07
CA LEU I 231 72.90 -19.96 10.52
C LEU I 231 73.65 -20.70 11.64
N ALA I 232 73.76 -22.02 11.47
CA ALA I 232 74.52 -22.84 12.40
C ALA I 232 76.01 -22.85 12.10
N ASP I 233 76.42 -22.39 10.91
CA ASP I 233 77.84 -22.31 10.61
C ASP I 233 78.55 -21.33 11.52
N GLU I 234 77.91 -20.20 11.82
CA GLU I 234 78.49 -19.24 12.75
C GLU I 234 78.58 -19.83 14.15
N VAL I 235 77.57 -20.58 14.58
CA VAL I 235 77.59 -21.18 15.91
C VAL I 235 78.73 -22.18 16.02
N GLN I 236 78.90 -23.04 15.01
CA GLN I 236 79.97 -24.02 15.04
C GLN I 236 81.33 -23.35 14.96
N HIS I 237 81.46 -22.29 14.16
CA HIS I 237 82.71 -21.55 14.09
C HIS I 237 83.06 -20.92 15.44
N CYS I 238 82.07 -20.34 16.12
CA CYS I 238 82.30 -19.78 17.44
C CYS I 238 82.70 -20.86 18.43
N GLN I 239 82.04 -22.01 18.37
CA GLN I 239 82.37 -23.13 19.24
C GLN I 239 83.81 -23.58 19.04
N ILE I 241 86.29 -21.81 17.73
CA ILE I 241 87.16 -20.72 18.15
C ILE I 241 87.33 -20.76 19.67
N LEU I 242 86.22 -20.96 20.38
CA LEU I 242 86.29 -21.05 21.83
C LEU I 242 87.10 -22.27 22.28
N ASN I 243 86.89 -23.41 21.63
CA ASN I 243 87.62 -24.62 22.00
C ASN I 243 89.12 -24.47 21.77
N SER I 244 89.50 -23.86 20.66
CA SER I 244 90.91 -23.61 20.38
C SER I 244 91.45 -22.40 21.13
N LEU I 245 90.58 -21.63 21.79
CA LEU I 245 91.00 -20.42 22.50
C LEU I 245 90.61 -20.48 23.98
N LEU I 246 90.56 -21.67 24.57
CA LEU I 246 90.29 -21.72 25.99
C LEU I 246 91.31 -22.57 26.75
N PRO I 247 92.61 -22.25 26.67
CA PRO I 247 93.52 -22.61 27.76
C PRO I 247 93.79 -21.45 28.70
N ARG I 248 93.32 -20.25 28.35
CA ARG I 248 93.62 -19.03 29.07
C ARG I 248 92.50 -18.03 28.75
N ALA I 249 92.68 -16.78 29.18
CA ALA I 249 91.64 -15.77 28.99
C ALA I 249 91.55 -15.30 27.54
N SER I 250 92.63 -14.71 27.04
CA SER I 250 92.65 -14.17 25.68
C SER I 250 94.08 -14.19 25.17
N THR I 251 94.32 -13.50 24.06
CA THR I 251 95.66 -13.46 23.48
C THR I 251 96.68 -12.78 24.39
N SER I 252 96.24 -11.81 25.19
CA SER I 252 97.14 -11.08 26.09
C SER I 252 96.98 -11.44 27.55
N LYS I 253 95.78 -11.85 27.97
CA LYS I 253 95.49 -12.17 29.36
C LYS I 253 95.66 -13.66 29.58
N GLU I 254 96.50 -14.03 30.55
CA GLU I 254 96.70 -15.45 30.85
C GLU I 254 95.52 -16.03 31.63
N VAL I 255 94.75 -15.17 32.31
CA VAL I 255 93.63 -15.63 33.12
C VAL I 255 92.72 -14.44 33.38
N ASP I 256 91.40 -14.69 33.35
CA ASP I 256 90.40 -13.67 33.62
C ASP I 256 89.21 -14.33 34.32
N ALA I 257 88.73 -13.69 35.39
CA ALA I 257 87.60 -14.21 36.12
C ALA I 257 86.30 -14.12 35.33
N SER I 258 86.27 -13.38 34.22
CA SER I 258 85.08 -13.31 33.39
C SER I 258 84.83 -14.62 32.64
N LEU I 259 85.83 -15.50 32.58
CA LEU I 259 85.63 -16.80 31.93
C LEU I 259 84.62 -17.67 32.67
N LEU I 260 84.39 -17.39 33.96
CA LEU I 260 83.38 -18.15 34.70
C LEU I 260 81.98 -17.94 34.13
N SER I 261 81.72 -16.75 33.58
CA SER I 261 80.41 -16.45 33.04
C SER I 261 80.11 -17.20 31.74
N VAL I 262 81.05 -18.02 31.25
CA VAL I 262 80.86 -18.77 30.02
C VAL I 262 80.69 -20.24 30.36
N VAL I 263 81.26 -20.66 31.49
CA VAL I 263 81.30 -22.06 31.87
C VAL I 263 80.41 -22.32 33.08
N SER I 264 79.35 -21.53 33.21
CA SER I 264 78.47 -21.62 34.37
C SER I 264 77.05 -21.29 33.93
N PHE I 265 76.19 -20.96 34.89
CA PHE I 265 74.79 -20.67 34.62
C PHE I 265 74.57 -19.63 33.52
N PRO I 266 75.28 -18.50 33.49
CA PRO I 266 75.03 -17.53 32.40
C PRO I 266 75.50 -18.08 31.06
N ALA I 267 74.55 -18.29 30.16
CA ALA I 267 74.70 -18.61 28.74
C ALA I 267 75.16 -20.04 28.49
N PHE I 268 75.65 -20.77 29.50
CA PHE I 268 76.09 -22.15 29.40
C PHE I 268 76.78 -22.48 28.07
N ALA I 269 77.67 -21.61 27.60
CA ALA I 269 78.24 -21.75 26.26
C ALA I 269 79.59 -22.45 26.33
N VAL I 270 79.53 -23.74 26.65
CA VAL I 270 80.74 -24.55 26.79
C VAL I 270 80.40 -26.03 26.75
N GLU I 271 81.37 -26.85 26.33
CA GLU I 271 81.25 -28.29 26.38
C GLU I 271 82.54 -28.87 26.97
N ASP I 272 82.67 -30.20 26.96
CA ASP I 272 83.87 -30.88 27.45
C ASP I 272 84.13 -30.52 28.92
N SER I 273 83.22 -31.00 29.76
CA SER I 273 83.19 -30.69 31.20
C SER I 273 84.55 -30.77 31.88
N GLN I 274 85.44 -31.60 31.35
CA GLN I 274 86.81 -31.64 31.88
C GLN I 274 87.51 -30.30 31.70
N LEU I 275 87.32 -29.66 30.55
CA LEU I 275 87.87 -28.33 30.34
C LEU I 275 87.25 -27.33 31.31
N VAL I 276 85.96 -27.47 31.60
CA VAL I 276 85.31 -26.58 32.57
C VAL I 276 85.93 -26.74 33.95
N GLU I 277 86.15 -27.99 34.36
CA GLU I 277 86.76 -28.24 35.66
C GLU I 277 88.19 -27.69 35.71
N LEU I 278 88.94 -27.86 34.63
CA LEU I 278 90.30 -27.33 34.58
C LEU I 278 90.30 -25.80 34.67
N THR I 279 89.38 -25.16 33.96
CA THR I 279 89.29 -23.70 34.02
C THR I 279 88.90 -23.22 35.40
N LYS I 280 87.96 -23.90 36.05
CA LYS I 280 87.57 -23.52 37.41
C LYS I 280 88.73 -23.69 38.38
N GLN I 281 89.47 -24.80 38.26
CA GLN I 281 90.63 -25.01 39.12
C GLN I 281 91.69 -23.94 38.90
N GLU I 282 91.93 -23.57 37.64
CA GLU I 282 92.90 -22.53 37.34
C GLU I 282 92.45 -21.19 37.92
N ILE I 283 91.17 -20.86 37.80
CA ILE I 283 90.66 -19.59 38.31
C ILE I 283 90.78 -19.55 39.84
N ILE I 284 90.55 -20.70 40.48
CA ILE I 284 90.67 -20.77 41.94
C ILE I 284 92.13 -20.62 42.35
N THR I 285 93.04 -21.28 41.64
CA THR I 285 94.45 -21.22 41.99
C THR I 285 95.03 -19.83 41.78
N LYS I 286 94.58 -19.13 40.73
CA LYS I 286 95.23 -17.89 40.32
C LYS I 286 94.50 -16.63 40.76
N LEU I 287 93.25 -16.72 41.22
CA LEU I 287 92.50 -15.51 41.53
C LEU I 287 91.78 -15.52 42.87
N GLN I 288 91.57 -16.68 43.49
CA GLN I 288 90.81 -16.73 44.74
C GLN I 288 91.55 -16.00 45.85
N GLY I 289 90.82 -15.19 46.60
CA GLY I 289 91.38 -14.44 47.71
C GLY I 289 90.52 -14.49 48.96
N ARG I 290 90.84 -13.64 49.93
CA ARG I 290 90.09 -13.62 51.19
C ARG I 290 88.79 -12.83 51.11
N TYR I 291 88.61 -12.00 50.08
CA TYR I 291 87.42 -11.19 49.92
C TYR I 291 86.91 -11.28 48.49
N GLY I 292 86.90 -12.47 47.92
CA GLY I 292 86.48 -12.69 46.55
C GLY I 292 87.68 -12.97 45.65
N CYS I 293 87.42 -12.91 44.35
CA CYS I 293 88.43 -13.17 43.33
C CYS I 293 88.77 -11.90 42.59
N CYS I 294 90.03 -11.78 42.17
CA CYS I 294 90.45 -10.64 41.37
C CYS I 294 89.94 -10.76 39.95
N ARG I 295 89.78 -9.62 39.29
CA ARG I 295 89.30 -9.63 37.90
C ARG I 295 90.29 -10.35 36.99
N PHE I 296 91.56 -9.95 37.03
CA PHE I 296 92.62 -10.58 36.26
C PHE I 296 93.95 -10.09 36.79
N LEU I 297 95.01 -10.80 36.42
CA LEU I 297 96.36 -10.44 36.87
C LEU I 297 96.80 -9.11 36.27
N ARG I 298 97.51 -8.33 37.07
CA ARG I 298 98.10 -7.06 36.66
C ARG I 298 97.03 -6.08 36.16
N ASP I 299 96.13 -5.69 37.07
CA ASP I 299 95.11 -4.70 36.80
C ASP I 299 95.30 -3.52 37.74
N GLY I 300 95.18 -2.31 37.21
CA GLY I 300 95.38 -1.09 37.96
C GLY I 300 94.11 -0.37 38.37
N TYR I 301 92.96 -1.05 38.39
CA TYR I 301 91.71 -0.40 38.74
C TYR I 301 91.58 -0.27 40.26
N LYS I 302 91.28 0.94 40.72
CA LYS I 302 91.04 1.24 42.13
C LYS I 302 92.23 0.86 43.00
N THR I 303 93.34 1.55 42.76
CA THR I 303 94.56 1.39 43.51
C THR I 303 94.98 2.72 44.14
N PRO I 304 95.75 2.70 45.23
CA PRO I 304 96.13 3.95 45.88
C PRO I 304 97.28 4.66 45.17
N LYS I 305 97.53 4.28 43.93
CA LYS I 305 98.68 4.79 43.18
C LYS I 305 98.23 5.05 41.74
N GLU I 306 99.20 5.16 40.83
CA GLU I 306 99.00 5.33 39.38
C GLU I 306 98.02 6.46 39.04
N ASP I 307 97.92 7.47 39.93
CA ASP I 307 97.24 8.73 39.63
C ASP I 307 95.86 8.52 39.03
N PRO I 308 94.85 8.14 39.84
CA PRO I 308 93.51 7.85 39.31
C PRO I 308 92.97 8.85 38.30
N ASN I 309 93.47 10.09 38.35
CA ASN I 309 93.09 11.11 37.37
C ASN I 309 93.99 11.01 36.14
N ARG I 310 93.78 9.93 35.39
CA ARG I 310 94.48 9.70 34.13
C ARG I 310 93.89 8.48 33.44
N LEU I 311 94.21 8.33 32.16
CA LEU I 311 93.79 7.19 31.37
C LEU I 311 94.94 6.74 30.48
N TYR I 312 94.80 5.55 29.92
CA TYR I 312 95.81 4.96 29.04
C TYR I 312 97.16 4.84 29.76
N TYR I 313 97.18 4.00 30.79
CA TYR I 313 98.36 3.84 31.63
C TYR I 313 99.56 3.41 30.79
N GLU I 314 100.69 4.06 31.02
CA GLU I 314 101.91 3.76 30.29
C GLU I 314 102.46 2.40 30.71
N PRO I 315 103.25 1.75 29.85
CA PRO I 315 103.79 0.43 30.21
C PRO I 315 104.83 0.50 31.32
N ALA I 316 104.35 0.72 32.55
CA ALA I 316 105.22 0.73 33.72
C ALA I 316 104.61 -0.09 34.86
N GLU I 317 103.97 -1.20 34.53
CA GLU I 317 103.27 -2.04 35.49
C GLU I 317 104.05 -3.30 35.83
N LEU I 318 105.37 -3.18 35.90
CA LEU I 318 106.21 -4.33 36.23
C LEU I 318 105.88 -4.86 37.62
N LYS I 319 105.69 -3.96 38.59
CA LYS I 319 105.38 -4.36 39.95
C LYS I 319 104.26 -3.55 40.58
N LEU I 320 103.92 -2.38 40.03
CA LEU I 320 103.02 -1.46 40.73
C LEU I 320 101.65 -2.06 40.96
N PHE I 321 101.17 -2.91 40.04
CA PHE I 321 99.85 -3.51 40.15
C PHE I 321 99.91 -5.01 40.42
N GLU I 322 101.03 -5.51 40.92
CA GLU I 322 101.20 -6.94 41.17
C GLU I 322 100.99 -7.24 42.65
N ASN I 323 100.26 -8.32 42.92
CA ASN I 323 99.98 -8.89 44.24
C ASN I 323 99.12 -7.99 45.12
N ILE I 324 98.61 -6.86 44.60
CA ILE I 324 97.75 -5.99 45.39
C ILE I 324 96.46 -5.71 44.63
N GLU I 325 96.10 -6.60 43.73
CA GLU I 325 94.88 -6.42 42.95
C GLU I 325 93.64 -6.59 43.82
N CYS I 326 92.60 -5.83 43.49
CA CYS I 326 91.36 -5.89 44.24
C CYS I 326 90.60 -7.18 43.96
N GLU I 327 89.65 -7.49 44.83
CA GLU I 327 88.86 -8.71 44.74
C GLU I 327 87.38 -8.35 44.69
N TRP I 328 86.61 -9.13 43.92
CA TRP I 328 85.20 -8.86 43.70
C TRP I 328 84.36 -10.03 44.19
N PRO I 329 83.38 -9.81 45.08
CA PRO I 329 82.50 -10.92 45.49
C PRO I 329 81.53 -11.37 44.41
N LEU I 330 81.46 -10.65 43.28
CA LEU I 330 80.58 -11.06 42.19
C LEU I 330 80.97 -12.44 41.67
N PHE I 331 82.28 -12.71 41.57
CA PHE I 331 82.72 -14.03 41.18
C PHE I 331 82.37 -15.09 42.22
N TRP I 332 82.35 -14.72 43.51
CA TRP I 332 81.89 -15.64 44.53
C TRP I 332 80.41 -15.99 44.35
N THR I 333 79.59 -14.98 44.05
CA THR I 333 78.17 -15.26 43.78
C THR I 333 78.01 -16.11 42.53
N TYR I 334 78.85 -15.87 41.51
CA TYR I 334 78.82 -16.71 40.31
C TYR I 334 79.17 -18.15 40.65
N PHE I 335 80.16 -18.35 41.53
CA PHE I 335 80.51 -19.69 41.99
C PHE I 335 79.33 -20.33 42.72
N ILE I 336 78.64 -19.56 43.56
CA ILE I 336 77.48 -20.08 44.29
C ILE I 336 76.40 -20.54 43.30
N LEU I 337 76.11 -19.72 42.29
CA LEU I 337 75.08 -20.06 41.32
C LEU I 337 75.48 -21.29 40.51
N ASP I 338 76.74 -21.36 40.08
CA ASP I 338 77.21 -22.52 39.35
C ASP I 338 77.10 -23.78 40.19
N GLY I 339 77.42 -23.69 41.48
CA GLY I 339 77.30 -24.84 42.35
C GLY I 339 75.86 -25.29 42.53
N VAL I 340 74.94 -24.36 42.80
CA VAL I 340 73.55 -24.75 43.03
C VAL I 340 72.89 -25.27 41.77
N PHE I 341 73.23 -24.72 40.61
CA PHE I 341 72.51 -25.09 39.39
C PHE I 341 72.74 -26.55 39.00
N SER I 342 73.97 -26.91 38.67
CA SER I 342 74.22 -28.22 38.09
C SER I 342 73.97 -29.38 39.06
N GLY I 343 74.86 -29.58 40.04
CA GLY I 343 74.69 -30.68 40.96
C GLY I 343 75.27 -30.53 42.36
N ASN I 344 75.78 -29.35 42.71
CA ASN I 344 76.62 -29.20 43.89
C ASN I 344 75.81 -28.65 45.06
N ALA I 345 76.03 -29.20 46.24
CA ALA I 345 75.36 -28.77 47.45
C ALA I 345 76.33 -28.28 48.52
N GLU I 346 77.38 -29.05 48.81
CA GLU I 346 78.33 -28.64 49.85
C GLU I 346 79.16 -27.44 49.39
N GLN I 347 79.42 -27.34 48.09
CA GLN I 347 80.11 -26.17 47.56
C GLN I 347 79.30 -24.91 47.78
N VAL I 348 77.99 -24.99 47.59
CA VAL I 348 77.12 -23.85 47.83
C VAL I 348 77.17 -23.44 49.30
N GLN I 349 77.12 -24.42 50.20
CA GLN I 349 77.16 -24.11 51.63
C GLN I 349 78.47 -23.43 52.01
N GLU I 350 79.60 -23.98 51.54
CA GLU I 350 80.89 -23.40 51.89
C GLU I 350 81.06 -22.01 51.30
N TYR I 351 80.60 -21.81 50.05
CA TYR I 351 80.75 -20.50 49.43
C TYR I 351 79.83 -19.46 50.07
N LYS I 352 78.62 -19.86 50.47
CA LYS I 352 77.73 -18.95 51.18
C LYS I 352 78.32 -18.59 52.54
N GLU I 353 78.92 -19.56 53.23
CA GLU I 353 79.56 -19.27 54.51
C GLU I 353 80.73 -18.29 54.32
N ALA I 354 81.51 -18.47 53.26
CA ALA I 354 82.59 -17.54 52.97
C ALA I 354 82.06 -16.15 52.63
N LEU I 355 80.96 -16.09 51.87
CA LEU I 355 80.46 -14.81 51.38
C LEU I 355 79.76 -14.00 52.46
N GLU I 356 79.05 -14.66 53.38
CA GLU I 356 78.29 -13.90 54.38
C GLU I 356 79.20 -13.11 55.30
N ALA I 357 80.47 -13.48 55.39
CA ALA I 357 81.42 -12.75 56.24
C ALA I 357 81.87 -11.44 55.60
N VAL I 358 81.97 -11.39 54.28
CA VAL I 358 82.48 -10.21 53.58
C VAL I 358 81.37 -9.22 53.33
N LEU I 359 80.14 -9.58 53.67
CA LEU I 359 79.00 -8.72 53.49
C LEU I 359 79.05 -7.54 54.47
N ILE I 360 78.55 -6.39 54.02
CA ILE I 360 78.52 -5.17 54.82
C ILE I 360 77.07 -4.77 55.02
N LYS I 361 76.71 -4.49 56.28
CA LYS I 361 75.34 -4.12 56.60
C LYS I 361 75.02 -2.71 56.15
N GLY I 362 73.73 -2.44 55.96
CA GLY I 362 73.28 -1.13 55.52
C GLY I 362 72.17 -0.57 56.38
N LYS I 363 71.25 0.16 55.76
CA LYS I 363 70.14 0.76 56.50
C LYS I 363 69.17 -0.32 56.97
N ASN I 364 68.79 -0.25 58.24
CA ASN I 364 67.89 -1.22 58.87
C ASN I 364 68.42 -2.65 58.74
N GLY I 365 69.74 -2.79 58.77
CA GLY I 365 70.35 -4.12 58.68
C GLY I 365 70.11 -4.82 57.35
N VAL I 366 70.19 -4.09 56.25
CA VAL I 366 69.96 -4.65 54.92
C VAL I 366 71.28 -5.22 54.41
N PRO I 367 71.30 -6.44 53.88
CA PRO I 367 72.54 -6.95 53.27
C PRO I 367 72.87 -6.18 51.99
N LEU I 368 74.14 -5.83 51.86
CA LEU I 368 74.62 -5.05 50.73
C LEU I 368 75.98 -5.56 50.29
N LEU I 369 76.18 -5.68 48.97
CA LEU I 369 77.40 -6.25 48.43
C LEU I 369 78.32 -5.16 47.94
N PRO I 370 79.48 -4.96 48.55
CA PRO I 370 80.42 -3.94 48.05
C PRO I 370 80.97 -4.29 46.69
N GLU I 371 81.31 -3.26 45.93
CA GLU I 371 81.83 -3.47 44.57
C GLU I 371 83.16 -4.22 44.59
N LEU I 372 84.07 -3.81 45.47
CA LEU I 372 85.40 -4.41 45.52
C LEU I 372 86.07 -3.99 46.83
N TYR I 373 87.12 -4.72 47.18
CA TYR I 373 87.92 -4.41 48.36
C TYR I 373 89.30 -3.90 47.96
N VAL I 375 93.30 -2.47 48.96
CA VAL I 375 94.39 -2.52 49.92
C VAL I 375 94.76 -1.12 50.39
N PRO I 376 94.88 -0.93 51.70
CA PRO I 376 95.30 0.38 52.22
C PRO I 376 96.68 0.75 51.70
N PRO I 377 96.91 2.04 51.42
CA PRO I 377 98.22 2.44 50.88
C PRO I 377 99.39 2.15 51.81
N ASP I 378 99.18 2.22 53.12
CA ASP I 378 100.27 2.00 54.06
C ASP I 378 100.76 0.55 54.01
N ARG I 379 99.83 -0.40 53.94
CA ARG I 379 100.17 -1.82 53.98
C ARG I 379 100.26 -2.41 52.56
N VAL I 380 101.25 -1.92 51.81
CA VAL I 380 101.52 -2.41 50.47
C VAL I 380 102.73 -3.33 50.45
N ASP I 381 103.82 -2.94 51.12
CA ASP I 381 105.00 -3.79 51.19
C ASP I 381 104.70 -5.09 51.92
N GLU I 382 103.88 -5.03 52.98
CA GLU I 382 103.50 -6.24 53.69
C GLU I 382 102.73 -7.19 52.78
N GLU I 383 101.80 -6.66 51.99
CA GLU I 383 101.06 -7.50 51.06
C GLU I 383 101.96 -8.08 49.99
N TYR I 384 102.92 -7.29 49.50
CA TYR I 384 103.86 -7.80 48.49
C TYR I 384 104.70 -8.93 49.06
N GLN I 385 105.33 -8.72 50.22
CA GLN I 385 106.17 -9.76 50.80
C GLN I 385 105.34 -10.93 51.32
N ASN I 386 104.14 -10.65 51.84
CA ASN I 386 103.24 -11.67 52.36
C ASN I 386 101.91 -11.55 51.63
N PRO I 387 101.72 -12.27 50.52
CA PRO I 387 100.48 -12.17 49.77
C PRO I 387 99.28 -12.67 50.57
N HIS I 388 98.14 -12.03 50.36
CA HIS I 388 96.88 -12.40 51.00
C HIS I 388 97.01 -12.46 52.52
N THR I 389 97.62 -11.41 53.09
CA THR I 389 97.84 -11.37 54.53
C THR I 389 97.25 -10.09 55.14
N VAL I 390 97.32 -8.98 54.41
CA VAL I 390 96.81 -7.71 54.90
C VAL I 390 95.30 -7.69 54.78
N ASP I 391 94.66 -6.73 55.44
CA ASP I 391 93.20 -6.58 55.43
C ASP I 391 92.82 -5.40 54.57
N ARG I 392 91.88 -5.62 53.65
CA ARG I 392 91.43 -4.58 52.74
C ARG I 392 90.24 -3.83 53.33
N VAL I 393 89.78 -2.82 52.60
CA VAL I 393 88.65 -2.00 53.04
C VAL I 393 87.66 -1.90 51.89
N PRO I 394 86.37 -1.76 52.21
CA PRO I 394 85.36 -1.61 51.15
C PRO I 394 85.59 -0.35 50.33
N MET I 395 85.30 -0.44 49.04
CA MET I 395 85.48 0.67 48.12
C MET I 395 84.50 0.53 46.97
N GLY I 396 84.38 1.59 46.18
CA GLY I 396 83.50 1.57 45.03
C GLY I 396 82.04 1.73 45.40
N LYS I 397 81.19 1.37 44.43
CA LYS I 397 79.74 1.46 44.62
C LYS I 397 79.29 0.48 45.69
N LEU I 398 78.88 1.01 46.85
CA LEU I 398 78.42 0.15 47.94
C LEU I 398 77.19 -0.65 47.56
N PRO I 399 76.12 -0.08 46.99
CA PRO I 399 75.01 -0.93 46.55
C PRO I 399 75.19 -1.44 45.11
N HIS I 400 76.12 -2.37 44.94
CA HIS I 400 76.38 -2.93 43.62
C HIS I 400 75.17 -3.68 43.09
N MET I 401 74.56 -3.15 42.03
CA MET I 401 73.32 -3.73 41.50
C MET I 401 73.56 -5.14 40.98
N TRP I 402 74.65 -5.34 40.22
CA TRP I 402 74.97 -6.63 39.63
C TRP I 402 75.18 -7.69 40.70
N GLY I 403 76.07 -7.41 41.67
CA GLY I 403 76.36 -8.39 42.70
C GLY I 403 75.18 -8.68 43.59
N GLN I 404 74.43 -7.64 43.97
CA GLN I 404 73.26 -7.85 44.81
C GLN I 404 72.20 -8.67 44.10
N SER I 405 71.94 -8.39 42.82
CA SER I 405 70.95 -9.15 42.08
C SER I 405 71.39 -10.61 41.94
N LEU I 406 72.68 -10.84 41.63
CA LEU I 406 73.17 -12.20 41.50
C LEU I 406 73.08 -12.95 42.83
N TYR I 407 73.41 -12.28 43.94
CA TYR I 407 73.31 -12.91 45.24
C TYR I 407 71.86 -13.24 45.59
N ILE I 408 70.93 -12.34 45.26
CA ILE I 408 69.52 -12.60 45.53
C ILE I 408 69.05 -13.80 44.72
N LEU I 409 69.41 -13.88 43.44
CA LEU I 409 69.01 -15.01 42.64
C LEU I 409 69.60 -16.32 43.16
N GLY I 410 70.88 -16.29 43.56
CA GLY I 410 71.50 -17.49 44.10
C GLY I 410 70.86 -17.95 45.40
N SER I 411 70.55 -17.00 46.29
CA SER I 411 69.91 -17.35 47.54
C SER I 411 68.51 -17.90 47.30
N LEU I 412 67.75 -17.30 46.38
CA LEU I 412 66.42 -17.81 46.07
C LEU I 412 66.49 -19.21 45.49
N MET I 413 67.46 -19.47 44.61
CA MET I 413 67.62 -20.81 44.06
C MET I 413 68.02 -21.81 45.14
N ALA I 414 68.90 -21.42 46.05
CA ALA I 414 69.37 -22.33 47.09
C ALA I 414 68.26 -22.65 48.09
N GLU I 415 67.41 -21.66 48.39
CA GLU I 415 66.35 -21.87 49.37
C GLU I 415 65.28 -22.84 48.88
N GLY I 416 65.26 -23.17 47.60
CA GLY I 416 64.30 -24.09 47.04
C GLY I 416 63.02 -23.47 46.53
N PHE I 417 62.84 -22.16 46.69
CA PHE I 417 61.65 -21.50 46.18
C PHE I 417 61.62 -21.48 44.66
N LEU I 418 62.77 -21.67 44.01
CA LEU I 418 62.85 -21.66 42.55
C LEU I 418 63.61 -22.89 42.09
N ALA I 419 63.28 -23.35 40.88
CA ALA I 419 63.89 -24.52 40.28
C ALA I 419 64.80 -24.14 39.12
N PRO I 420 65.81 -24.95 38.83
CA PRO I 420 66.69 -24.65 37.68
C PRO I 420 65.95 -24.62 36.36
N GLY I 421 64.84 -25.34 36.23
CA GLY I 421 64.07 -25.36 35.00
C GLY I 421 63.21 -24.14 34.76
N GLU I 422 63.07 -23.27 35.75
CA GLU I 422 62.28 -22.06 35.60
C GLU I 422 63.06 -20.94 34.90
N ILE I 423 64.26 -20.63 35.40
CA ILE I 423 65.12 -19.65 34.75
C ILE I 423 65.59 -20.10 33.38
N ASP I 424 65.71 -21.41 33.16
CA ASP I 424 66.19 -21.97 31.90
C ASP I 424 65.11 -22.88 31.33
N PRO I 425 64.15 -22.32 30.58
CA PRO I 425 63.16 -23.16 29.90
C PRO I 425 63.67 -23.75 28.60
N LEU I 426 64.83 -23.30 28.10
CA LEU I 426 65.39 -23.82 26.87
C LEU I 426 66.23 -25.07 27.07
N ASN I 427 66.36 -25.55 28.31
CA ASN I 427 67.10 -26.77 28.63
C ASN I 427 68.56 -26.66 28.22
N ARG I 428 69.23 -25.63 28.76
CA ARG I 428 70.65 -25.42 28.52
C ARG I 428 71.53 -26.08 29.57
N ARG I 429 70.95 -26.70 30.59
CA ARG I 429 71.74 -27.36 31.62
C ARG I 429 72.46 -28.59 31.07
N PHE I 430 71.88 -29.24 30.06
CA PHE I 430 72.45 -30.47 29.50
C PHE I 430 73.34 -30.21 28.29
N SER I 431 73.97 -29.04 28.21
CA SER I 431 74.87 -28.76 27.10
C SER I 431 76.15 -29.58 27.15
N THR I 432 76.48 -30.13 28.32
CA THR I 432 77.69 -30.93 28.49
C THR I 432 77.44 -32.42 28.30
N VAL I 433 76.22 -32.83 28.00
CA VAL I 433 75.91 -34.26 27.81
C VAL I 433 76.62 -34.75 26.56
N PRO I 434 77.38 -35.85 26.64
CA PRO I 434 78.08 -36.34 25.43
C PRO I 434 77.10 -36.74 24.35
N LYS I 435 77.50 -36.51 23.09
CA LYS I 435 76.68 -36.84 21.93
C LYS I 435 77.02 -38.25 21.45
N PRO I 436 76.04 -39.16 21.37
CA PRO I 436 76.35 -40.56 21.04
C PRO I 436 76.95 -40.75 19.66
N ASP I 437 76.25 -40.31 18.62
CA ASP I 437 76.69 -40.53 17.24
C ASP I 437 75.71 -39.81 16.31
N VAL I 438 76.05 -39.82 15.02
CA VAL I 438 75.20 -39.24 13.98
C VAL I 438 75.49 -39.96 12.67
N VAL I 439 74.45 -40.15 11.87
CA VAL I 439 74.55 -40.82 10.56
C VAL I 439 74.37 -39.78 9.48
N VAL I 440 75.31 -39.74 8.53
CA VAL I 440 75.28 -38.79 7.42
C VAL I 440 74.77 -39.49 6.19
N GLN I 441 73.84 -38.86 5.49
CA GLN I 441 73.20 -39.43 4.30
C GLN I 441 73.61 -38.64 3.07
N VAL I 442 73.92 -39.34 1.98
CA VAL I 442 74.31 -38.73 0.72
C VAL I 442 73.50 -39.37 -0.39
N SER I 443 73.07 -38.56 -1.36
CA SER I 443 72.41 -39.03 -2.57
C SER I 443 73.24 -38.64 -3.77
N ILE I 444 73.50 -39.60 -4.65
CA ILE I 444 74.33 -39.39 -5.84
C ILE I 444 73.40 -39.18 -7.03
N LEU I 445 73.60 -38.08 -7.75
CA LEU I 445 72.76 -37.69 -8.86
C LEU I 445 73.60 -37.60 -10.14
N ALA I 446 72.95 -37.87 -11.27
CA ALA I 446 73.60 -37.81 -12.57
C ALA I 446 73.00 -36.67 -13.39
N GLU I 447 73.87 -35.89 -14.04
CA GLU I 447 73.39 -34.76 -14.81
C GLU I 447 72.68 -35.20 -16.10
N THR I 448 73.28 -36.15 -16.81
CA THR I 448 72.75 -36.58 -18.11
C THR I 448 72.56 -38.08 -18.10
N GLU I 449 72.02 -38.60 -19.20
CA GLU I 449 71.71 -40.03 -19.30
C GLU I 449 72.99 -40.86 -19.43
N GLU I 450 74.02 -40.32 -20.08
CA GLU I 450 75.25 -41.07 -20.28
C GLU I 450 75.93 -41.38 -18.95
N ILE I 451 75.94 -40.42 -18.03
CA ILE I 451 76.54 -40.65 -16.72
C ILE I 451 75.76 -41.72 -15.95
N LYS I 452 74.43 -41.67 -16.02
CA LYS I 452 73.61 -42.68 -15.35
C LYS I 452 73.88 -44.07 -15.93
N THR I 453 73.97 -44.16 -17.26
CA THR I 453 74.26 -45.45 -17.88
C THR I 453 75.64 -45.97 -17.48
N ILE I 454 76.64 -45.08 -17.43
CA ILE I 454 77.98 -45.49 -17.05
C ILE I 454 78.00 -45.99 -15.61
N LEU I 455 77.33 -45.27 -14.71
CA LEU I 455 77.27 -45.71 -13.31
C LEU I 455 76.52 -47.03 -13.18
N LYS I 456 75.44 -47.21 -13.96
CA LYS I 456 74.70 -48.47 -13.92
C LYS I 456 75.56 -49.63 -14.41
N ASP I 457 76.38 -49.39 -15.43
CA ASP I 457 77.26 -50.44 -15.94
C ASP I 457 78.25 -50.91 -14.87
N LYS I 458 78.66 -50.03 -13.97
CA LYS I 458 79.59 -50.36 -12.91
C LYS I 458 78.90 -50.84 -11.63
N GLY I 459 77.65 -51.30 -11.74
CA GLY I 459 76.94 -51.82 -10.58
C GLY I 459 76.51 -50.79 -9.57
N ILE I 460 76.34 -49.53 -9.99
CA ILE I 460 75.91 -48.46 -9.12
C ILE I 460 74.61 -47.89 -9.66
N TYR I 461 73.60 -47.79 -8.80
CA TYR I 461 72.29 -47.30 -9.20
C TYR I 461 72.11 -45.87 -8.68
N VAL I 462 71.96 -44.93 -9.61
CA VAL I 462 71.77 -43.52 -9.29
C VAL I 462 70.57 -43.02 -10.07
N GLU I 463 70.19 -41.77 -9.82
CA GLU I 463 69.06 -41.12 -10.49
C GLU I 463 69.56 -39.91 -11.26
N THR I 464 68.93 -39.63 -12.40
CA THR I 464 69.31 -38.50 -13.22
C THR I 464 68.76 -37.20 -12.64
N ILE I 465 69.21 -36.08 -13.20
CA ILE I 465 68.74 -34.78 -12.74
C ILE I 465 67.26 -34.60 -13.10
N ALA I 466 66.78 -35.37 -14.07
CA ALA I 466 65.37 -35.36 -14.42
C ALA I 466 64.58 -36.24 -13.45
N GLU I 467 63.32 -36.49 -13.81
CA GLU I 467 62.36 -37.33 -13.08
C GLU I 467 62.34 -37.06 -11.57
N VAL I 468 62.73 -35.87 -11.14
CA VAL I 468 62.73 -35.50 -9.73
C VAL I 468 61.98 -34.18 -9.59
N TYR I 469 61.04 -33.94 -10.51
CA TYR I 469 60.31 -32.68 -10.64
C TYR I 469 59.86 -32.05 -9.32
N PRO I 470 59.33 -32.80 -8.33
CA PRO I 470 58.99 -32.14 -7.05
C PRO I 470 60.18 -31.52 -6.35
N ILE I 471 61.40 -31.97 -6.64
CA ILE I 471 62.60 -31.44 -6.02
C ILE I 471 63.43 -30.71 -7.06
N ARG I 472 64.22 -29.74 -6.61
CA ARG I 472 65.09 -28.97 -7.48
C ARG I 472 66.48 -28.90 -6.88
N VAL I 473 67.49 -28.92 -7.75
CA VAL I 473 68.89 -28.88 -7.35
C VAL I 473 69.50 -27.62 -7.95
N GLN I 474 70.08 -26.78 -7.11
CA GLN I 474 70.68 -25.53 -7.51
C GLN I 474 71.96 -25.30 -6.72
N PRO I 475 72.91 -24.53 -7.27
CA PRO I 475 74.15 -24.26 -6.54
C PRO I 475 73.90 -23.38 -5.33
N ALA I 476 74.94 -23.29 -4.48
CA ALA I 476 74.85 -22.54 -3.23
C ALA I 476 74.81 -21.03 -3.45
N ARG I 477 75.23 -20.54 -4.61
CA ARG I 477 75.19 -19.10 -4.87
C ARG I 477 73.75 -18.60 -4.90
N ILE I 478 72.84 -19.35 -5.52
CA ILE I 478 71.44 -18.97 -5.54
C ILE I 478 70.87 -18.94 -4.13
N LEU I 479 71.23 -19.93 -3.32
CA LEU I 479 70.79 -19.99 -1.93
C LEU I 479 71.33 -18.80 -1.12
N HIS I 481 72.13 -15.82 -2.37
CA HIS I 481 71.38 -14.65 -2.85
C HIS I 481 69.98 -14.63 -2.22
N ILE I 482 69.41 -15.82 -2.05
CA ILE I 482 68.09 -15.95 -1.42
C ILE I 482 68.16 -15.50 0.04
N TYR I 483 69.16 -15.97 0.77
CA TYR I 483 69.28 -15.61 2.18
C TYR I 483 69.69 -14.16 2.36
N SER I 484 70.28 -13.54 1.33
CA SER I 484 70.66 -12.14 1.42
C SER I 484 69.44 -11.22 1.52
N SER I 485 68.24 -11.71 1.18
CA SER I 485 67.01 -10.94 1.24
C SER I 485 66.21 -11.25 2.50
N LEU I 486 66.88 -11.51 3.61
CA LEU I 486 66.23 -11.82 4.88
C LEU I 486 66.31 -10.61 5.81
N GLY I 487 65.18 -10.25 6.42
CA GLY I 487 65.15 -9.10 7.30
C GLY I 487 65.37 -7.78 6.58
N CYS I 488 64.73 -7.60 5.43
CA CYS I 488 64.87 -6.39 4.64
C CYS I 488 63.65 -5.50 4.86
N ASN I 489 63.89 -4.27 5.31
CA ASN I 489 62.83 -3.29 5.52
C ASN I 489 63.24 -1.96 4.90
N ASN I 490 62.43 -1.50 3.96
CA ASN I 490 62.69 -0.25 3.25
C ASN I 490 62.35 0.99 4.06
N ARG I 491 61.50 0.86 5.09
CA ARG I 491 61.12 2.03 5.89
C ARG I 491 62.27 2.49 6.77
N MET I 492 62.94 1.54 7.43
CA MET I 492 64.07 1.87 8.29
C MET I 492 65.40 1.86 7.54
N LYS I 493 65.38 1.65 6.23
CA LYS I 493 66.58 1.59 5.40
C LYS I 493 67.48 0.44 5.85
N LEU I 494 66.88 -0.74 5.91
CA LEU I 494 67.59 -1.96 6.30
C LEU I 494 67.88 -2.79 5.07
N SER I 495 69.15 -3.14 4.87
CA SER I 495 69.59 -3.86 3.69
C SER I 495 69.58 -5.38 3.87
N GLY I 496 69.20 -5.87 5.04
CA GLY I 496 69.16 -7.29 5.28
C GLY I 496 70.54 -7.89 5.51
N ARG I 497 70.58 -9.21 5.49
CA ARG I 497 71.83 -9.93 5.73
C ARG I 497 72.79 -9.69 4.58
N PRO I 498 74.04 -9.30 4.85
CA PRO I 498 75.02 -9.13 3.77
C PRO I 498 75.34 -10.47 3.12
N TYR I 499 75.72 -10.40 1.84
CA TYR I 499 76.08 -11.60 1.10
C TYR I 499 77.31 -12.26 1.72
N ARG I 500 77.24 -13.57 1.92
CA ARG I 500 78.34 -14.32 2.51
C ARG I 500 78.28 -15.75 2.04
N HIS I 501 79.41 -16.45 2.13
CA HIS I 501 79.46 -17.85 1.78
C HIS I 501 78.82 -18.70 2.87
N MET I 502 78.38 -19.90 2.48
CA MET I 502 77.77 -20.84 3.41
C MET I 502 78.52 -22.18 3.33
N GLY I 503 78.79 -22.76 4.49
CA GLY I 503 79.54 -23.99 4.56
C GLY I 503 78.71 -25.23 4.26
N VAL I 504 79.32 -26.38 4.53
CA VAL I 504 78.64 -27.65 4.28
C VAL I 504 77.45 -27.82 5.23
N LEU I 505 77.57 -27.32 6.46
CA LEU I 505 76.49 -27.47 7.44
C LEU I 505 75.24 -26.68 7.05
N GLY I 506 75.36 -25.72 6.14
CA GLY I 506 74.22 -24.92 5.74
C GLY I 506 73.44 -25.50 4.58
N THR I 507 74.15 -26.00 3.57
CA THR I 507 73.50 -26.56 2.39
C THR I 507 72.99 -27.97 2.62
N SER I 508 73.37 -28.61 3.73
CA SER I 508 72.95 -29.98 3.98
C SER I 508 71.46 -30.07 4.26
N LYS I 509 70.93 -29.15 5.07
CA LYS I 509 69.53 -29.21 5.46
C LYS I 509 68.63 -28.88 4.28
N LEU I 510 67.51 -29.59 4.19
CA LEU I 510 66.52 -29.38 3.14
C LEU I 510 65.73 -28.11 3.42
N TYR I 511 65.19 -27.51 2.36
CA TYR I 511 64.47 -26.25 2.44
C TYR I 511 63.11 -26.38 1.77
N ASP I 512 62.13 -25.65 2.28
CA ASP I 512 60.80 -25.59 1.71
C ASP I 512 60.52 -24.15 1.27
N ILE I 513 60.51 -23.92 -0.04
CA ILE I 513 60.26 -22.60 -0.60
C ILE I 513 59.06 -22.69 -1.53
N ARG I 514 58.04 -21.87 -1.27
CA ARG I 514 56.82 -21.84 -2.08
C ARG I 514 56.20 -23.22 -2.19
N LYS I 515 56.14 -23.93 -1.06
CA LYS I 515 55.59 -25.29 -0.99
C LYS I 515 56.35 -26.26 -1.90
N THR I 516 57.65 -26.01 -2.08
CA THR I 516 58.49 -26.87 -2.91
C THR I 516 59.78 -27.17 -2.16
N ILE I 517 60.20 -28.42 -2.19
CA ILE I 517 61.41 -28.86 -1.50
C ILE I 517 62.62 -28.53 -2.36
N PHE I 518 63.58 -27.81 -1.78
CA PHE I 518 64.78 -27.39 -2.48
C PHE I 518 66.01 -27.98 -1.79
N THR I 519 66.89 -28.59 -2.58
CA THR I 519 68.16 -29.11 -2.09
C THR I 519 69.29 -28.44 -2.86
N PHE I 520 70.37 -28.11 -2.17
CA PHE I 520 71.48 -27.36 -2.74
C PHE I 520 72.77 -28.16 -2.61
N THR I 521 73.55 -28.19 -3.68
CA THR I 521 74.83 -28.86 -3.68
C THR I 521 75.83 -28.08 -2.81
N PRO I 522 76.82 -28.76 -2.26
CA PRO I 522 77.84 -28.07 -1.45
C PRO I 522 78.59 -27.03 -2.29
N GLN I 523 79.02 -25.95 -1.62
CA GLN I 523 79.63 -24.83 -2.31
C GLN I 523 81.03 -25.15 -2.83
N PHE I 524 81.66 -26.21 -2.33
CA PHE I 524 83.05 -26.50 -2.66
C PHE I 524 83.23 -27.20 -3.99
N ILE I 525 82.15 -27.55 -4.69
CA ILE I 525 82.25 -28.22 -5.98
C ILE I 525 81.97 -27.24 -7.13
N ASP I 526 82.07 -25.95 -6.88
CA ASP I 526 81.84 -24.93 -7.92
C ASP I 526 83.16 -24.65 -8.62
N GLN I 527 83.29 -25.14 -9.86
CA GLN I 527 84.50 -24.92 -10.63
C GLN I 527 84.59 -23.50 -11.17
N GLN I 528 83.45 -22.83 -11.34
CA GLN I 528 83.47 -21.46 -11.85
C GLN I 528 84.16 -20.51 -10.87
N GLN I 529 83.91 -20.67 -9.57
CA GLN I 529 84.50 -19.78 -8.59
C GLN I 529 86.02 -19.94 -8.54
N PHE I 530 86.51 -21.17 -8.55
CA PHE I 530 87.94 -21.41 -8.47
C PHE I 530 88.25 -22.78 -9.07
N TYR I 531 89.53 -23.02 -9.33
CA TYR I 531 89.97 -24.23 -10.01
C TYR I 531 90.35 -25.36 -9.05
N LEU I 532 90.12 -25.19 -7.74
CA LEU I 532 90.42 -26.27 -6.80
C LEU I 532 89.56 -27.50 -7.07
N ALA I 533 88.29 -27.29 -7.42
CA ALA I 533 87.39 -28.41 -7.66
C ALA I 533 87.75 -29.24 -8.89
N LEU I 534 88.63 -28.73 -9.76
CA LEU I 534 89.00 -29.47 -10.96
C LEU I 534 89.74 -30.76 -10.64
N ASP I 535 90.63 -30.71 -9.65
CA ASP I 535 91.46 -31.87 -9.33
C ASP I 535 90.63 -32.94 -8.63
N ASN I 536 90.82 -34.20 -9.08
CA ASN I 536 90.05 -35.31 -8.51
C ASN I 536 90.50 -35.61 -7.08
N LYS I 537 91.82 -35.71 -6.87
CA LYS I 537 92.33 -36.00 -5.52
C LYS I 537 91.95 -34.87 -4.56
N MET I 538 92.07 -33.63 -5.00
CA MET I 538 91.70 -32.51 -4.14
C MET I 538 90.21 -32.56 -3.80
N ILE I 539 89.35 -32.81 -4.79
CA ILE I 539 87.91 -32.75 -4.53
C ILE I 539 87.48 -33.89 -3.62
N VAL I 540 88.08 -35.08 -3.78
CA VAL I 540 87.74 -36.17 -2.88
C VAL I 540 88.28 -35.89 -1.48
N GLU I 541 89.42 -35.20 -1.38
CA GLU I 541 89.93 -34.82 -0.06
C GLU I 541 88.98 -33.85 0.64
N MET I 542 88.49 -32.83 -0.08
CA MET I 542 87.55 -31.91 0.55
C MET I 542 86.24 -32.63 0.88
N LEU I 543 85.82 -33.58 0.06
CA LEU I 543 84.63 -34.36 0.37
C LEU I 543 84.81 -35.13 1.67
N ARG I 544 85.96 -35.80 1.83
CA ARG I 544 86.19 -36.55 3.06
C ARG I 544 86.27 -35.63 4.27
N THR I 545 86.91 -34.46 4.12
CA THR I 545 87.09 -33.59 5.29
C THR I 545 85.78 -32.91 5.68
N ASP I 546 84.94 -32.54 4.71
CA ASP I 546 83.67 -31.93 5.07
C ASP I 546 82.68 -32.97 5.58
N LEU I 547 82.80 -34.21 5.11
CA LEU I 547 82.05 -35.31 5.70
C LEU I 547 82.42 -35.46 7.17
N TYR I 549 83.75 -33.17 9.14
CA TYR I 549 83.28 -31.98 9.84
C TYR I 549 81.78 -32.06 10.15
N LEU I 550 81.00 -32.49 9.16
CA LEU I 550 79.56 -32.64 9.38
C LEU I 550 79.28 -33.70 10.43
N CYS I 551 80.00 -34.83 10.38
CA CYS I 551 79.81 -35.88 11.37
C CYS I 551 80.25 -35.46 12.76
N SER I 552 81.16 -34.49 12.87
CA SER I 552 81.72 -34.14 14.18
C SER I 552 80.68 -33.45 15.06
N ARG I 553 80.25 -32.25 14.67
CA ARG I 553 79.36 -31.44 15.53
C ARG I 553 77.89 -31.83 15.35
N TRP I 554 77.35 -31.57 14.16
CA TRP I 554 75.92 -31.72 13.87
C TRP I 554 75.04 -31.30 15.05
N ARG I 555 75.17 -30.03 15.43
CA ARG I 555 74.43 -29.52 16.58
C ARG I 555 72.98 -29.21 16.27
N MET I 556 72.50 -29.49 15.07
CA MET I 556 71.11 -29.20 14.71
C MET I 556 70.24 -30.45 14.87
N THR I 557 68.96 -30.20 15.14
CA THR I 557 67.97 -31.27 15.16
C THR I 557 67.78 -31.85 13.77
N GLY I 558 67.54 -33.16 13.72
CA GLY I 558 67.24 -33.84 12.48
C GLY I 558 68.46 -34.47 11.82
N GLN I 559 68.19 -35.27 10.78
CA GLN I 559 69.22 -35.95 10.02
C GLN I 559 69.67 -35.10 8.83
N PRO I 560 70.96 -35.18 8.46
CA PRO I 560 71.44 -34.37 7.33
C PRO I 560 71.32 -35.08 5.99
N THR I 561 71.58 -34.35 4.91
CA THR I 561 71.52 -34.92 3.57
C THR I 561 72.52 -34.18 2.69
N ILE I 562 73.29 -34.91 1.89
CA ILE I 562 74.31 -34.35 1.03
C ILE I 562 74.03 -34.81 -0.40
N THR I 563 74.07 -33.87 -1.34
CA THR I 563 73.85 -34.14 -2.75
C THR I 563 75.16 -34.02 -3.51
N PHE I 564 75.54 -35.09 -4.21
CA PHE I 564 76.79 -35.12 -4.99
C PHE I 564 76.46 -35.35 -6.45
N PRO I 565 76.47 -34.32 -7.29
CA PRO I 565 76.33 -34.54 -8.73
C PRO I 565 77.68 -34.88 -9.37
N ILE I 566 77.63 -35.76 -10.36
CA ILE I 566 78.81 -36.20 -11.10
C ILE I 566 78.92 -35.33 -12.34
N SER I 567 79.93 -34.47 -12.38
CA SER I 567 80.09 -33.51 -13.46
C SER I 567 80.77 -34.15 -14.67
N HIS I 568 80.68 -33.48 -15.82
CA HIS I 568 81.30 -33.93 -17.05
C HIS I 568 82.82 -33.86 -17.02
N SER I 569 83.39 -32.86 -16.33
CA SER I 569 84.84 -32.71 -16.26
C SER I 569 85.51 -33.78 -15.41
N MET I 570 84.75 -34.60 -14.69
CA MET I 570 85.28 -35.65 -13.84
C MET I 570 85.53 -36.95 -14.61
N LEU I 571 85.19 -37.00 -15.89
CA LEU I 571 85.38 -38.20 -16.68
C LEU I 571 86.86 -38.37 -17.05
N ASP I 572 87.18 -39.53 -17.62
CA ASP I 572 88.56 -39.83 -17.98
C ASP I 572 88.93 -39.12 -19.28
N GLU I 573 90.10 -39.47 -19.82
CA GLU I 573 90.59 -38.86 -21.04
C GLU I 573 89.68 -39.19 -22.22
N ASP I 574 89.22 -40.44 -22.31
CA ASP I 574 88.36 -40.85 -23.41
C ASP I 574 86.90 -40.44 -23.20
N GLY I 575 86.54 -39.99 -22.01
CA GLY I 575 85.16 -39.60 -21.75
C GLY I 575 84.18 -40.75 -21.80
N THR I 576 84.58 -41.93 -21.33
CA THR I 576 83.72 -43.10 -21.32
C THR I 576 83.54 -43.73 -19.94
N SER I 577 84.32 -43.34 -18.95
CA SER I 577 84.20 -43.90 -17.61
C SER I 577 84.66 -42.86 -16.59
N LEU I 578 84.23 -43.04 -15.34
CA LEU I 578 84.62 -42.13 -14.28
C LEU I 578 86.02 -42.45 -13.79
N ASN I 579 86.62 -41.49 -13.08
CA ASN I 579 87.97 -41.63 -12.61
C ASN I 579 88.06 -42.67 -11.49
N SER I 580 89.27 -43.19 -11.28
CA SER I 580 89.46 -44.25 -10.30
C SER I 580 89.23 -43.76 -8.87
N SER I 581 89.69 -42.55 -8.56
CA SER I 581 89.54 -42.03 -7.20
C SER I 581 88.08 -41.83 -6.83
N ILE I 582 87.29 -41.24 -7.74
CA ILE I 582 85.88 -41.01 -7.47
C ILE I 582 85.14 -42.34 -7.38
N LEU I 583 85.49 -43.30 -8.23
CA LEU I 583 84.86 -44.62 -8.16
C LEU I 583 85.16 -45.30 -6.83
N ALA I 584 86.41 -45.21 -6.36
CA ALA I 584 86.77 -45.79 -5.07
C ALA I 584 86.04 -45.11 -3.94
N ALA I 585 85.92 -43.78 -3.99
CA ALA I 585 85.19 -43.06 -2.95
C ALA I 585 83.71 -43.47 -2.94
N LEU I 586 83.11 -43.60 -4.12
CA LEU I 586 81.72 -44.04 -4.19
C LEU I 586 81.55 -45.45 -3.66
N ARG I 587 82.48 -46.35 -3.99
CA ARG I 587 82.40 -47.71 -3.49
C ARG I 587 82.55 -47.75 -1.97
N LYS I 588 83.44 -46.92 -1.42
CA LYS I 588 83.57 -46.82 0.03
C LYS I 588 82.28 -46.28 0.66
N MET I 589 81.64 -45.32 0.00
CA MET I 589 80.37 -44.81 0.50
C MET I 589 79.29 -45.88 0.46
N GLN I 590 79.32 -46.75 -0.56
CA GLN I 590 78.35 -47.83 -0.65
C GLN I 590 78.50 -48.80 0.52
N ASP I 591 79.73 -49.00 0.98
CA ASP I 591 80.02 -49.77 2.18
C ASP I 591 79.36 -49.16 3.40
N GLY I 592 79.28 -47.83 3.43
CA GLY I 592 78.75 -47.13 4.58
C GLY I 592 79.84 -46.52 5.44
N TYR I 593 81.05 -46.38 4.90
CA TYR I 593 82.16 -45.83 5.66
C TYR I 593 83.09 -45.04 4.75
N PHE I 594 83.14 -43.72 4.93
CA PHE I 594 84.06 -42.88 4.19
C PHE I 594 84.56 -41.78 5.12
N GLY I 595 85.87 -41.55 5.10
CA GLY I 595 86.46 -40.60 6.02
C GLY I 595 86.36 -41.04 7.45
N GLY I 596 85.49 -40.38 8.22
CA GLY I 596 85.28 -40.75 9.61
C GLY I 596 83.83 -40.78 10.01
N ALA I 597 82.94 -41.16 9.08
CA ALA I 597 81.51 -41.16 9.33
C ALA I 597 80.88 -42.42 8.77
N ARG I 598 79.75 -42.79 9.35
CA ARG I 598 78.92 -43.88 8.84
C ARG I 598 77.89 -43.31 7.88
N VAL I 599 77.79 -43.90 6.69
CA VAL I 599 76.99 -43.37 5.61
C VAL I 599 75.96 -44.41 5.19
N GLN I 600 74.90 -43.95 4.53
CA GLN I 600 73.87 -44.85 4.01
C GLN I 600 73.34 -44.24 2.72
N THR I 601 73.80 -44.75 1.58
CA THR I 601 73.37 -44.25 0.28
C THR I 601 71.93 -44.68 0.00
N GLY I 602 71.17 -43.77 -0.59
CA GLY I 602 69.80 -44.06 -0.93
C GLY I 602 69.17 -42.97 -1.76
N LYS I 603 67.89 -43.15 -2.06
CA LYS I 603 67.12 -42.19 -2.85
C LYS I 603 66.72 -41.00 -2.00
N LEU I 604 66.62 -39.84 -2.64
CA LEU I 604 66.23 -38.63 -1.93
C LEU I 604 64.76 -38.67 -1.52
N SER I 605 63.95 -39.47 -2.21
CA SER I 605 62.55 -39.59 -1.85
C SER I 605 62.38 -40.22 -0.47
N GLU I 606 63.15 -41.27 -0.19
CA GLU I 606 63.13 -41.85 1.15
C GLU I 606 63.84 -40.96 2.15
N PHE I 607 64.83 -40.19 1.68
CA PHE I 607 65.54 -39.27 2.56
C PHE I 607 64.63 -38.15 3.05
N LEU I 608 63.65 -37.75 2.24
CA LEU I 608 62.73 -36.68 2.61
C LEU I 608 61.86 -37.04 3.82
N THR I 609 61.63 -38.33 4.05
CA THR I 609 60.77 -38.74 5.15
C THR I 609 61.31 -38.28 6.50
N THR I 610 62.61 -38.45 6.72
CA THR I 610 63.26 -38.03 7.96
C THR I 610 64.49 -37.21 7.61
N SER I 611 64.40 -35.90 7.75
CA SER I 611 65.51 -35.00 7.46
C SER I 611 65.21 -33.66 8.10
N CYS I 612 66.16 -32.74 7.99
CA CYS I 612 66.02 -31.40 8.52
C CYS I 612 65.43 -30.50 7.44
N CYS I 613 64.19 -30.05 7.66
CA CYS I 613 63.48 -29.20 6.71
C CYS I 613 63.24 -27.83 7.33
N THR I 614 63.58 -26.79 6.57
CA THR I 614 63.40 -25.41 7.01
C THR I 614 62.48 -24.69 6.03
N HIS I 615 61.50 -23.97 6.56
CA HIS I 615 60.52 -23.25 5.77
C HIS I 615 60.84 -21.75 5.82
N LEU I 616 60.94 -21.14 4.64
CA LEU I 616 61.24 -19.72 4.52
C LEU I 616 59.93 -18.98 4.26
N SER I 617 59.39 -18.36 5.31
CA SER I 617 58.13 -17.63 5.17
C SER I 617 58.32 -16.30 4.47
N PHE I 618 59.51 -15.71 4.56
CA PHE I 618 59.76 -14.40 3.98
C PHE I 618 59.85 -14.43 2.46
N MET I 619 59.88 -15.61 1.85
CA MET I 619 59.86 -15.73 0.39
C MET I 619 58.44 -15.76 -0.18
N ASP I 620 57.42 -15.79 0.68
CA ASP I 620 56.05 -15.80 0.20
C ASP I 620 55.71 -14.47 -0.48
N PRO I 621 54.91 -14.52 -1.55
CA PRO I 621 54.51 -13.31 -2.29
C PRO I 621 53.63 -12.38 -1.45
N ASP I 762 98.30 -0.07 -33.06
CA ASP I 762 97.06 -0.33 -33.79
C ASP I 762 96.23 -1.39 -33.07
N PHE I 763 95.03 -1.00 -32.63
CA PHE I 763 94.15 -1.95 -31.94
C PHE I 763 93.70 -3.06 -32.87
N LYS I 764 93.40 -2.73 -34.13
CA LYS I 764 92.94 -3.73 -35.09
C LYS I 764 94.04 -4.76 -35.36
N ALA I 765 95.28 -4.30 -35.53
CA ALA I 765 96.39 -5.22 -35.78
C ALA I 765 96.61 -6.15 -34.60
N LEU I 766 96.56 -5.60 -33.38
CA LEU I 766 96.73 -6.44 -32.19
C LEU I 766 95.59 -7.45 -32.06
N VAL I 767 94.36 -7.02 -32.38
CA VAL I 767 93.22 -7.93 -32.32
C VAL I 767 93.39 -9.07 -33.33
N LEU I 768 93.81 -8.74 -34.55
CA LEU I 768 94.04 -9.76 -35.56
C LEU I 768 95.14 -10.72 -35.14
N GLN I 769 96.23 -10.18 -34.57
CA GLN I 769 97.31 -11.03 -34.09
C GLN I 769 96.84 -11.97 -32.98
N LEU I 770 96.04 -11.45 -32.04
CA LEU I 770 95.49 -12.29 -30.99
C LEU I 770 94.60 -13.38 -31.56
N LYS I 771 93.79 -13.04 -32.56
CA LYS I 771 92.92 -14.03 -33.17
C LYS I 771 93.72 -15.11 -33.88
N GLU I 772 94.80 -14.74 -34.55
CA GLU I 772 95.54 -15.68 -35.39
C GLU I 772 96.72 -16.34 -34.70
N THR I 773 97.04 -15.96 -33.47
CA THR I 773 98.24 -16.49 -32.83
C THR I 773 98.00 -17.89 -32.26
N SER I 774 99.03 -18.72 -32.34
CA SER I 774 99.06 -20.03 -31.70
C SER I 774 99.69 -19.89 -30.31
N SER I 775 100.04 -21.03 -29.70
CA SER I 775 100.73 -21.04 -28.41
C SER I 775 99.88 -20.35 -27.33
N LEU I 776 98.78 -21.04 -26.98
CA LEU I 776 97.74 -20.54 -26.09
C LEU I 776 98.27 -19.76 -24.89
N GLN I 777 99.43 -20.16 -24.36
CA GLN I 777 100.04 -19.37 -23.30
C GLN I 777 100.40 -17.97 -23.81
N GLU I 778 100.98 -17.88 -25.01
CA GLU I 778 101.25 -16.57 -25.58
C GLU I 778 99.96 -15.82 -25.87
N GLN I 779 98.90 -16.54 -26.22
CA GLN I 779 97.60 -15.90 -26.43
C GLN I 779 97.10 -15.26 -25.13
N ALA I 780 97.24 -15.98 -24.01
CA ALA I 780 96.90 -15.40 -22.72
C ALA I 780 97.81 -14.22 -22.40
N ASP I 781 99.06 -14.27 -22.86
CA ASP I 781 99.94 -13.12 -22.66
C ASP I 781 99.40 -11.90 -23.39
N ILE I 782 99.03 -12.05 -24.67
CA ILE I 782 98.46 -10.93 -25.43
C ILE I 782 97.19 -10.43 -24.76
N LEU I 783 96.39 -11.36 -24.24
CA LEU I 783 95.22 -10.96 -23.47
C LEU I 783 95.62 -10.11 -22.27
N TYR I 784 96.74 -10.47 -21.62
CA TYR I 784 97.20 -9.71 -20.47
C TYR I 784 97.60 -8.29 -20.85
N MET I 785 98.40 -8.13 -21.91
CA MET I 785 98.77 -6.78 -22.31
C MET I 785 97.56 -5.98 -22.77
N LEU I 786 96.63 -6.61 -23.48
CA LEU I 786 95.46 -5.86 -23.94
C LEU I 786 94.58 -5.45 -22.76
N TYR I 787 94.48 -6.30 -21.75
CA TYR I 787 93.75 -5.93 -20.53
C TYR I 787 94.43 -4.79 -19.80
N THR I 788 95.76 -4.83 -19.70
CA THR I 788 96.48 -3.80 -18.95
C THR I 788 96.50 -2.47 -19.68
N MET I 789 96.46 -2.49 -21.01
CA MET I 789 96.64 -1.27 -21.79
C MET I 789 95.30 -0.57 -22.09
N LYS I 790 94.39 -1.26 -22.76
CA LYS I 790 93.20 -0.61 -23.29
C LYS I 790 91.93 -1.42 -23.06
N GLY I 791 92.03 -2.61 -22.48
CA GLY I 791 90.90 -3.52 -22.43
C GLY I 791 90.34 -3.91 -21.08
N PRO I 792 90.13 -2.95 -20.15
CA PRO I 792 89.44 -3.31 -18.91
C PRO I 792 88.00 -3.71 -19.17
N ASP I 793 87.30 -2.90 -19.95
CA ASP I 793 85.95 -3.21 -20.37
C ASP I 793 85.71 -2.83 -21.83
N TRP I 794 86.72 -2.36 -22.55
CA TRP I 794 86.55 -1.97 -23.94
C TRP I 794 86.29 -3.19 -24.82
N ASN I 795 85.33 -3.07 -25.73
CA ASN I 795 84.97 -4.17 -26.60
C ASN I 795 86.07 -4.42 -27.62
N THR I 796 86.66 -5.61 -27.59
CA THR I 796 87.79 -5.94 -28.44
C THR I 796 87.42 -6.09 -29.91
N GLU I 797 86.13 -6.17 -30.24
CA GLU I 797 85.66 -6.28 -31.62
C GLU I 797 86.22 -7.51 -32.31
N LEU I 798 86.36 -8.61 -31.58
CA LEU I 798 86.82 -9.86 -32.20
C LEU I 798 85.79 -10.39 -33.19
N TYR I 799 84.51 -10.32 -32.83
CA TYR I 799 83.44 -10.80 -33.68
C TYR I 799 82.65 -9.64 -34.27
N ASN I 800 81.99 -9.91 -35.40
CA ASN I 800 81.20 -8.91 -36.10
C ASN I 800 79.70 -9.06 -35.84
N GLU I 801 79.20 -10.29 -35.80
CA GLU I 801 77.77 -10.51 -35.57
C GLU I 801 77.36 -10.05 -34.17
N ARG I 802 78.18 -10.36 -33.17
CA ARG I 802 77.89 -10.00 -31.79
C ARG I 802 79.09 -9.30 -31.18
N SER I 803 78.82 -8.26 -30.39
CA SER I 803 79.86 -7.52 -29.69
C SER I 803 80.21 -8.26 -28.41
N ALA I 804 81.42 -8.82 -28.35
CA ALA I 804 81.87 -9.62 -27.22
C ALA I 804 82.86 -8.80 -26.39
N THR I 805 82.57 -8.68 -25.10
CA THR I 805 83.47 -7.97 -24.20
C THR I 805 84.68 -8.83 -23.88
N VAL I 806 85.69 -8.19 -23.26
CA VAL I 806 86.91 -8.89 -22.91
C VAL I 806 86.64 -9.95 -21.84
N ARG I 807 85.71 -9.66 -20.93
CA ARG I 807 85.39 -10.63 -19.88
C ARG I 807 84.82 -11.91 -20.46
N GLU I 808 83.98 -11.80 -21.48
CA GLU I 808 83.43 -12.99 -22.12
C GLU I 808 84.54 -13.82 -22.77
N LEU I 809 85.49 -13.16 -23.43
CA LEU I 809 86.61 -13.88 -24.02
C LEU I 809 87.45 -14.56 -22.95
N LEU I 810 87.67 -13.89 -21.82
CA LEU I 810 88.41 -14.50 -20.71
C LEU I 810 87.68 -15.73 -20.18
N THR I 811 86.36 -15.64 -20.03
CA THR I 811 85.59 -16.79 -19.56
C THR I 811 85.66 -17.94 -20.55
N GLU I 812 85.56 -17.63 -21.86
CA GLU I 812 85.66 -18.68 -22.87
C GLU I 812 87.03 -19.33 -22.86
N LEU I 813 88.10 -18.53 -22.70
CA LEU I 813 89.44 -19.10 -22.63
C LEU I 813 89.60 -19.97 -21.40
N TYR I 814 89.05 -19.54 -20.26
CA TYR I 814 89.11 -20.36 -19.04
C TYR I 814 88.38 -21.69 -19.26
N GLY I 815 87.21 -21.64 -19.87
CA GLY I 815 86.47 -22.87 -20.13
C GLY I 815 87.21 -23.80 -21.08
N LYS I 816 87.83 -23.24 -22.12
CA LYS I 816 88.60 -24.05 -23.05
C LYS I 816 89.80 -24.69 -22.37
N VAL I 817 90.51 -23.93 -21.54
CA VAL I 817 91.68 -24.45 -20.85
C VAL I 817 91.29 -25.52 -19.84
N GLY I 818 90.15 -25.35 -19.16
CA GLY I 818 89.71 -26.33 -18.19
C GLY I 818 89.48 -27.71 -18.77
N GLU I 819 89.12 -27.80 -20.05
CA GLU I 819 88.89 -29.09 -20.67
C GLU I 819 90.20 -29.81 -20.96
N ILE I 820 91.21 -29.09 -21.48
CA ILE I 820 92.47 -29.73 -21.83
C ILE I 820 93.32 -30.00 -20.59
N ARG I 821 93.04 -29.30 -19.49
CA ARG I 821 93.65 -29.57 -18.19
C ARG I 821 95.18 -29.46 -18.24
N HIS I 822 95.64 -28.27 -18.60
CA HIS I 822 97.07 -27.95 -18.59
C HIS I 822 97.26 -26.70 -17.76
N TRP I 823 98.01 -26.81 -16.67
CA TRP I 823 98.21 -25.72 -15.72
C TRP I 823 99.35 -24.79 -16.14
N GLY I 824 99.16 -24.10 -17.27
CA GLY I 824 100.17 -23.20 -17.77
C GLY I 824 99.69 -21.77 -17.90
N LEU I 825 98.38 -21.58 -17.98
CA LEU I 825 97.77 -20.27 -18.08
C LEU I 825 96.57 -20.09 -17.17
N ILE I 826 96.24 -21.10 -16.35
CA ILE I 826 95.12 -20.97 -15.42
C ILE I 826 95.41 -19.89 -14.39
N ARG I 827 96.63 -19.86 -13.86
CA ARG I 827 96.99 -18.87 -12.85
C ARG I 827 96.88 -17.45 -13.40
N TYR I 828 97.37 -17.24 -14.63
CA TYR I 828 97.33 -15.90 -15.22
C TYR I 828 95.90 -15.42 -15.42
N ILE I 829 95.03 -16.29 -15.94
CA ILE I 829 93.64 -15.90 -16.16
C ILE I 829 92.94 -15.66 -14.84
N SER I 830 93.23 -16.49 -13.83
CA SER I 830 92.64 -16.29 -12.51
C SER I 830 93.06 -14.96 -11.92
N GLY I 831 94.33 -14.59 -12.11
CA GLY I 831 94.79 -13.29 -11.64
C GLY I 831 94.15 -12.14 -12.39
N ILE I 832 93.96 -12.30 -13.71
CA ILE I 832 93.32 -11.26 -14.51
C ILE I 832 91.88 -11.05 -14.04
N LEU I 833 91.15 -12.15 -13.81
CA LEU I 833 89.79 -12.04 -13.30
C LEU I 833 89.76 -11.66 -11.82
N ARG I 834 90.90 -11.65 -11.13
CA ARG I 834 90.99 -11.28 -9.72
C ARG I 834 90.13 -12.18 -8.85
N LYS I 835 90.03 -13.47 -9.22
CA LYS I 835 89.24 -14.42 -8.44
C LYS I 835 89.92 -14.67 -7.10
N LYS I 836 89.13 -14.70 -6.03
CA LYS I 836 89.62 -14.92 -4.68
C LYS I 836 89.01 -16.21 -4.12
N VAL I 837 89.83 -16.98 -3.42
CA VAL I 837 89.35 -18.20 -2.79
C VAL I 837 88.28 -17.85 -1.77
N GLU I 838 87.21 -18.64 -1.73
CA GLU I 838 86.13 -18.37 -0.80
C GLU I 838 86.60 -18.58 0.65
N ALA I 839 86.07 -17.73 1.54
CA ALA I 839 86.32 -17.81 2.97
C ALA I 839 87.80 -17.60 3.32
N LEU I 840 88.41 -16.54 2.80
CA LEU I 840 89.76 -16.18 3.23
C LEU I 840 89.75 -15.65 4.66
N ASP I 841 88.71 -14.91 5.04
CA ASP I 841 88.62 -14.39 6.40
C ASP I 841 88.48 -15.53 7.42
N GLU I 842 87.67 -16.54 7.08
CA GLU I 842 87.55 -17.71 7.95
C GLU I 842 88.89 -18.41 8.10
N ALA I 843 89.62 -18.56 6.99
CA ALA I 843 90.94 -19.18 7.05
C ALA I 843 91.89 -18.38 7.92
N CYS I 844 91.88 -17.05 7.77
CA CYS I 844 92.78 -16.21 8.55
C CYS I 844 92.45 -16.27 10.04
N THR I 845 91.17 -16.22 10.40
CA THR I 845 90.82 -16.24 11.81
C THR I 845 91.08 -17.62 12.42
N ASP I 846 90.87 -18.69 11.66
CA ASP I 846 91.23 -20.02 12.15
C ASP I 846 92.74 -20.14 12.35
N LEU I 847 93.52 -19.52 11.46
CA LEU I 847 94.97 -19.53 11.61
C LEU I 847 95.41 -18.75 12.84
N LEU I 848 94.83 -17.57 13.05
CA LEU I 848 95.29 -16.69 14.13
C LEU I 848 94.66 -17.01 15.48
N SER I 849 93.69 -17.92 15.53
CA SER I 849 93.14 -18.33 16.82
C SER I 849 94.16 -19.06 17.67
N HIS I 850 95.26 -19.52 17.07
CA HIS I 850 96.33 -20.21 17.79
C HIS I 850 97.50 -19.29 18.11
N GLN I 851 97.27 -17.98 18.11
CA GLN I 851 98.29 -16.97 18.41
C GLN I 851 99.46 -17.05 17.43
N LYS I 852 99.14 -16.83 16.15
CA LYS I 852 100.12 -16.81 15.08
C LYS I 852 100.04 -15.49 14.33
N HIS I 853 101.09 -15.18 13.57
CA HIS I 853 101.20 -13.92 12.84
C HIS I 853 101.38 -14.18 11.36
N LEU I 854 100.69 -13.41 10.53
CA LEU I 854 100.79 -13.56 9.09
C LEU I 854 101.72 -12.50 8.49
N VAL I 856 103.27 -11.60 4.39
CA VAL I 856 103.20 -12.02 3.00
C VAL I 856 104.22 -11.33 2.08
N GLY I 857 104.86 -12.14 1.22
CA GLY I 857 105.77 -11.64 0.23
C GLY I 857 107.23 -11.85 0.60
N LEU I 858 108.10 -11.68 -0.41
CA LEU I 858 109.53 -11.68 -0.16
C LEU I 858 109.87 -10.53 0.78
N PRO I 859 110.86 -10.71 1.66
CA PRO I 859 111.14 -9.71 2.69
C PRO I 859 112.08 -8.60 2.22
N PRO I 860 111.58 -7.38 2.02
CA PRO I 860 112.39 -6.20 2.30
C PRO I 860 112.04 -5.66 3.68
N GLU I 861 112.79 -4.63 4.10
CA GLU I 861 112.50 -4.00 5.39
C GLU I 861 111.15 -3.30 5.44
N PRO I 862 110.80 -2.36 4.53
CA PRO I 862 109.64 -1.49 4.77
C PRO I 862 108.28 -2.19 4.70
N ARG I 863 108.02 -2.94 3.64
CA ARG I 863 106.68 -3.40 3.33
C ARG I 863 106.32 -4.64 4.14
N GLU I 864 105.26 -5.33 3.71
CA GLU I 864 104.57 -6.40 4.45
C GLU I 864 104.36 -6.04 5.91
N LYS I 865 103.49 -5.06 6.15
CA LYS I 865 103.00 -4.82 7.49
C LYS I 865 102.38 -6.09 8.05
N THR I 866 102.79 -6.47 9.25
CA THR I 866 102.41 -7.75 9.82
C THR I 866 100.92 -7.77 10.17
N ILE I 867 100.36 -8.97 10.25
CA ILE I 867 98.95 -9.19 10.58
C ILE I 867 98.88 -9.77 11.97
N SER I 868 98.16 -9.10 12.87
CA SER I 868 98.01 -9.55 14.24
C SER I 868 96.56 -9.62 14.70
N ALA I 869 95.62 -9.03 13.98
CA ALA I 869 94.21 -9.02 14.35
C ALA I 869 93.38 -9.42 13.14
N PRO I 870 92.22 -10.04 13.36
CA PRO I 870 91.34 -10.39 12.23
C PRO I 870 90.85 -9.14 11.51
N LEU I 871 90.68 -9.28 10.20
CA LEU I 871 90.27 -8.19 9.33
C LEU I 871 89.24 -8.67 8.32
N PRO I 872 88.27 -7.83 7.98
CA PRO I 872 87.27 -8.19 6.96
C PRO I 872 87.89 -8.60 5.64
N TYR I 873 87.02 -9.10 4.76
CA TYR I 873 87.46 -9.63 3.47
C TYR I 873 88.10 -8.55 2.61
N GLU I 874 87.51 -7.35 2.58
CA GLU I 874 88.02 -6.29 1.71
C GLU I 874 89.44 -5.88 2.11
N ALA I 875 89.68 -5.74 3.42
CA ALA I 875 91.00 -5.32 3.87
C ALA I 875 92.06 -6.36 3.54
N LEU I 876 91.76 -7.63 3.74
CA LEU I 876 92.75 -8.67 3.45
C LEU I 876 92.99 -8.80 1.95
N THR I 877 91.93 -8.63 1.14
CA THR I 877 92.13 -8.64 -0.31
C THR I 877 93.00 -7.48 -0.75
N GLN I 878 92.77 -6.29 -0.20
CA GLN I 878 93.62 -5.15 -0.53
C GLN I 878 95.06 -5.40 -0.10
N LEU I 879 95.25 -6.00 1.08
CA LEU I 879 96.61 -6.27 1.57
C LEU I 879 97.33 -7.27 0.67
N ILE I 880 96.65 -8.34 0.28
CA ILE I 880 97.31 -9.34 -0.55
C ILE I 880 97.61 -8.78 -1.94
N ASP I 881 96.70 -7.96 -2.48
CA ASP I 881 96.98 -7.32 -3.76
C ASP I 881 98.19 -6.39 -3.66
N GLU I 882 98.26 -5.60 -2.60
CA GLU I 882 99.39 -4.69 -2.42
C GLU I 882 100.69 -5.45 -2.27
N ALA I 883 100.66 -6.57 -1.53
CA ALA I 883 101.87 -7.36 -1.35
C ALA I 883 102.30 -8.04 -2.64
N SER I 884 101.33 -8.48 -3.45
CA SER I 884 101.67 -9.13 -4.71
C SER I 884 102.22 -8.13 -5.72
N GLU I 885 101.74 -6.89 -5.66
CA GLU I 885 102.23 -5.83 -6.55
C GLU I 885 102.02 -6.19 -8.02
N GLY I 886 103.02 -5.94 -8.85
CA GLY I 886 102.96 -6.21 -10.26
C GLY I 886 103.12 -7.67 -10.67
N ASP I 887 103.53 -8.54 -9.74
CA ASP I 887 103.65 -9.95 -10.06
C ASP I 887 102.31 -10.55 -10.44
N MET I 888 101.25 -10.22 -9.69
CA MET I 888 99.86 -10.49 -10.05
C MET I 888 99.52 -11.97 -9.90
N SER I 889 100.53 -12.82 -9.69
CA SER I 889 100.28 -14.23 -9.41
C SER I 889 100.68 -14.61 -7.99
N ILE I 890 101.61 -13.85 -7.41
CA ILE I 890 102.02 -14.11 -6.03
C ILE I 890 100.82 -14.06 -5.10
N SER I 891 99.84 -13.22 -5.43
CA SER I 891 98.59 -13.22 -4.66
C SER I 891 97.89 -14.56 -4.73
N ILE I 892 97.84 -15.18 -5.91
CA ILE I 892 97.17 -16.47 -6.06
C ILE I 892 97.91 -17.56 -5.30
N LEU I 893 99.24 -17.62 -5.47
CA LEU I 893 100.00 -18.63 -4.73
C LEU I 893 99.88 -18.42 -3.22
N THR I 894 99.89 -17.16 -2.77
CA THR I 894 99.75 -16.88 -1.35
C THR I 894 98.39 -17.31 -0.83
N GLN I 895 97.32 -17.02 -1.58
CA GLN I 895 95.99 -17.47 -1.17
C GLN I 895 95.96 -18.99 -1.08
N GLU I 896 96.57 -19.67 -2.05
CA GLU I 896 96.59 -21.13 -2.05
C GLU I 896 97.28 -21.68 -0.80
N ILE I 897 98.49 -21.22 -0.53
CA ILE I 897 99.24 -21.76 0.61
C ILE I 897 98.56 -21.40 1.92
N MET I 898 97.98 -20.20 1.99
CA MET I 898 97.30 -19.78 3.21
C MET I 898 96.09 -20.65 3.50
N VAL I 899 95.23 -20.87 2.50
CA VAL I 899 94.05 -21.71 2.75
C VAL I 899 94.47 -23.15 3.03
N TYR I 900 95.55 -23.61 2.37
CA TYR I 900 96.08 -24.94 2.62
C TYR I 900 96.44 -25.13 4.08
N LEU I 901 97.38 -24.31 4.58
CA LEU I 901 97.79 -24.44 5.97
C LEU I 901 96.64 -24.12 6.91
N ALA I 902 95.67 -23.34 6.44
CA ALA I 902 94.51 -23.03 7.25
C ALA I 902 93.66 -24.27 7.52
N MET I 903 93.33 -25.04 6.48
CA MET I 903 92.49 -26.21 6.73
C MET I 903 93.32 -27.40 7.18
N TYR I 904 94.65 -27.28 7.17
CA TYR I 904 95.44 -28.33 7.79
C TYR I 904 95.86 -28.00 9.22
N MET I 905 95.60 -26.78 9.70
CA MET I 905 95.76 -26.52 11.13
C MET I 905 94.74 -27.32 11.93
N ARG I 906 93.54 -27.49 11.39
CA ARG I 906 92.50 -28.23 12.09
C ARG I 906 92.79 -29.73 12.12
N THR I 907 93.21 -30.29 10.98
CA THR I 907 93.38 -31.73 10.88
C THR I 907 94.53 -32.23 11.73
N GLN I 908 95.70 -31.60 11.60
CA GLN I 908 96.91 -32.02 12.30
C GLN I 908 97.58 -30.80 12.92
N PRO I 909 97.15 -30.40 14.12
CA PRO I 909 97.73 -29.22 14.79
C PRO I 909 99.02 -29.54 15.56
N GLY I 910 99.93 -30.26 14.91
CA GLY I 910 101.19 -30.63 15.53
C GLY I 910 102.41 -30.18 14.77
N LEU I 911 102.28 -30.01 13.45
CA LEU I 911 103.43 -29.61 12.64
C LEU I 911 103.67 -28.11 12.70
N PHE I 912 102.64 -27.32 12.99
CA PHE I 912 102.78 -25.87 13.10
C PHE I 912 103.19 -25.43 14.49
N ALA I 913 103.38 -26.37 15.42
CA ALA I 913 103.92 -26.03 16.73
C ALA I 913 105.39 -25.64 16.61
N GLU I 914 105.98 -25.31 17.75
CA GLU I 914 107.35 -24.81 17.92
C GLU I 914 107.72 -23.75 16.88
N MET I 915 106.76 -22.98 16.39
CA MET I 915 106.98 -21.97 15.36
C MET I 915 106.13 -20.76 15.70
N PHE I 916 106.60 -19.57 15.32
CA PHE I 916 105.97 -18.34 15.76
C PHE I 916 105.30 -17.55 14.64
N ARG I 917 106.01 -17.26 13.55
CA ARG I 917 105.49 -16.38 12.51
C ARG I 917 105.47 -17.08 11.17
N LEU I 918 104.47 -16.73 10.36
CA LEU I 918 104.29 -17.27 9.02
C LEU I 918 104.71 -16.22 8.01
N ARG I 919 105.67 -16.57 7.15
CA ARG I 919 106.15 -15.69 6.10
C ARG I 919 105.96 -16.40 4.76
N ILE I 920 104.98 -15.92 3.98
CA ILE I 920 104.64 -16.59 2.73
C ILE I 920 105.80 -16.53 1.75
N GLY I 921 106.47 -15.39 1.66
CA GLY I 921 107.57 -15.24 0.71
C GLY I 921 108.71 -16.19 0.98
N LEU I 922 109.03 -16.39 2.26
CA LEU I 922 110.11 -17.32 2.61
C LEU I 922 109.75 -18.75 2.22
N ILE I 923 108.51 -19.16 2.47
CA ILE I 923 108.08 -20.51 2.09
C ILE I 923 108.10 -20.67 0.58
N ILE I 924 107.68 -19.65 -0.15
CA ILE I 924 107.68 -19.72 -1.62
C ILE I 924 109.11 -19.81 -2.15
N GLN I 925 110.02 -19.02 -1.58
CA GLN I 925 111.42 -19.06 -2.01
C GLN I 925 112.05 -20.41 -1.70
N VAL I 926 111.75 -20.97 -0.53
CA VAL I 926 112.24 -22.30 -0.18
C VAL I 926 111.66 -23.34 -1.15
N MET I 927 110.39 -23.16 -1.53
CA MET I 927 109.76 -24.03 -2.50
C MET I 927 110.50 -24.02 -3.83
N ALA I 928 110.78 -22.82 -4.34
CA ALA I 928 111.51 -22.70 -5.60
C ALA I 928 112.92 -23.26 -5.49
N THR I 929 113.60 -23.01 -4.37
CA THR I 929 114.95 -23.53 -4.19
C THR I 929 114.96 -25.05 -4.16
N GLU I 930 114.01 -25.65 -3.46
CA GLU I 930 113.93 -27.11 -3.40
C GLU I 930 113.62 -27.69 -4.78
N LEU I 931 112.71 -27.06 -5.52
CA LEU I 931 112.39 -27.55 -6.86
C LEU I 931 113.59 -27.44 -7.79
N ALA I 932 114.33 -26.33 -7.71
CA ALA I 932 115.52 -26.16 -8.53
C ALA I 932 116.59 -27.19 -8.17
N HIS I 933 116.76 -27.46 -6.88
CA HIS I 933 117.74 -28.46 -6.46
C HIS I 933 117.35 -29.84 -6.95
N SER I 934 116.06 -30.18 -6.86
CA SER I 934 115.60 -31.49 -7.31
C SER I 934 115.76 -31.65 -8.81
N LEU I 935 115.40 -30.62 -9.57
CA LEU I 935 115.46 -30.69 -11.03
C LEU I 935 116.79 -30.24 -11.60
N ARG I 936 117.69 -29.70 -10.78
CA ARG I 936 118.99 -29.20 -11.23
C ARG I 936 118.83 -28.20 -12.36
N CYS I 937 117.85 -27.32 -12.24
CA CYS I 937 117.52 -26.32 -13.25
C CYS I 937 117.70 -24.92 -12.68
N SER I 938 117.43 -23.92 -13.52
CA SER I 938 117.57 -22.54 -13.12
C SER I 938 116.37 -22.08 -12.29
N ALA I 939 116.46 -20.86 -11.78
CA ALA I 939 115.37 -20.31 -10.97
C ALA I 939 114.11 -20.12 -11.80
N GLU I 940 114.26 -19.63 -13.04
CA GLU I 940 113.09 -19.46 -13.90
C GLU I 940 112.43 -20.80 -14.21
N GLU I 941 113.23 -21.83 -14.49
CA GLU I 941 112.67 -23.16 -14.74
C GLU I 941 111.99 -23.71 -13.49
N ALA I 942 112.58 -23.46 -12.31
CA ALA I 942 111.96 -23.90 -11.07
C ALA I 942 110.61 -23.22 -10.86
N THR I 943 110.54 -21.92 -11.12
CA THR I 943 109.26 -21.21 -10.98
C THR I 943 108.24 -21.73 -11.97
N GLU I 944 108.67 -21.99 -13.22
CA GLU I 944 107.75 -22.53 -14.21
C GLU I 944 107.24 -23.90 -13.80
N GLY I 945 108.11 -24.74 -13.25
CA GLY I 945 107.67 -26.04 -12.76
C GLY I 945 106.71 -25.94 -11.60
N LEU I 946 106.99 -25.01 -10.67
CA LEU I 946 106.09 -24.82 -9.54
C LEU I 946 104.72 -24.35 -10.00
N MET I 947 104.69 -23.43 -10.97
CA MET I 947 103.41 -22.96 -11.51
C MET I 947 102.69 -24.08 -12.27
N ASN I 948 103.44 -24.92 -12.98
CA ASN I 948 102.85 -25.98 -13.80
C ASN I 948 102.39 -27.17 -12.97
N LEU I 949 102.67 -27.19 -11.67
CA LEU I 949 102.26 -28.30 -10.83
C LEU I 949 100.74 -28.35 -10.71
N SER I 950 100.22 -29.54 -10.41
CA SER I 950 98.82 -29.65 -10.03
C SER I 950 98.62 -29.16 -8.60
N PRO I 951 97.41 -28.72 -8.26
CA PRO I 951 97.15 -28.39 -6.85
C PRO I 951 97.44 -29.54 -5.90
N SER I 952 97.13 -30.76 -6.31
CA SER I 952 97.48 -31.93 -5.51
C SER I 952 98.99 -32.10 -5.42
N ALA I 953 99.70 -31.90 -6.54
CA ALA I 953 101.15 -32.01 -6.52
C ALA I 953 101.77 -30.93 -5.64
N MET I 954 101.31 -29.67 -5.80
CA MET I 954 101.73 -28.63 -4.88
C MET I 954 101.52 -29.05 -3.44
N LYS I 955 100.32 -29.56 -3.12
CA LYS I 955 99.98 -29.87 -1.74
C LYS I 955 100.88 -30.98 -1.19
N ASN I 956 101.11 -32.04 -1.96
CA ASN I 956 102.03 -33.07 -1.51
C ASN I 956 103.42 -32.47 -1.26
N LEU I 957 103.84 -31.54 -2.11
CA LEU I 957 105.16 -30.94 -1.93
C LEU I 957 105.22 -30.08 -0.66
N LEU I 958 104.20 -29.25 -0.42
CA LEU I 958 104.20 -28.45 0.81
C LEU I 958 104.15 -29.35 2.04
N HIS I 959 103.36 -30.43 1.99
CA HIS I 959 103.29 -31.35 3.12
C HIS I 959 104.66 -31.96 3.39
N HIS I 960 105.36 -32.40 2.34
CA HIS I 960 106.69 -32.97 2.50
C HIS I 960 107.66 -31.95 3.08
N ILE I 961 107.59 -30.70 2.61
CA ILE I 961 108.52 -29.68 3.08
C ILE I 961 108.23 -29.31 4.54
N LEU I 962 106.95 -29.16 4.89
CA LEU I 962 106.56 -28.80 6.24
C LEU I 962 106.93 -29.89 7.22
N GLY I 964 109.47 -31.59 6.83
CA GLY I 964 110.92 -31.55 6.84
C GLY I 964 111.53 -32.90 6.54
N LYS I 965 111.03 -33.53 5.49
CA LYS I 965 111.47 -34.87 5.11
C LYS I 965 111.92 -34.87 3.65
N GLU I 966 112.77 -35.84 3.32
CA GLU I 966 113.29 -35.99 1.97
C GLU I 966 113.18 -37.43 1.49
N GLN I 1053 124.42 -32.04 2.80
CA GLN I 1053 123.09 -32.36 3.29
C GLN I 1053 122.75 -31.56 4.54
N TRP I 1054 123.74 -31.42 5.44
CA TRP I 1054 123.51 -30.69 6.67
C TRP I 1054 123.38 -29.19 6.43
N GLN I 1055 124.09 -28.68 5.42
CA GLN I 1055 123.95 -27.27 5.07
C GLN I 1055 122.53 -26.95 4.59
N ARG I 1056 121.98 -27.79 3.72
CA ARG I 1056 120.60 -27.61 3.28
C ARG I 1056 119.63 -27.75 4.44
N ARG I 1057 119.91 -28.70 5.35
CA ARG I 1057 119.05 -28.88 6.52
C ARG I 1057 119.03 -27.63 7.39
N ARG I 1058 120.20 -27.06 7.66
CA ARG I 1058 120.28 -25.85 8.46
C ARG I 1058 119.59 -24.68 7.76
N ARG I 1059 119.79 -24.56 6.44
CA ARG I 1059 119.15 -23.46 5.71
C ARG I 1059 117.63 -23.56 5.77
N LEU I 1060 117.09 -24.77 5.56
CA LEU I 1060 115.64 -24.91 5.58
C LEU I 1060 115.08 -24.77 6.99
N ASP I 1061 115.84 -25.19 8.00
CA ASP I 1061 115.39 -25.01 9.37
C ASP I 1061 115.35 -23.53 9.75
N GLY I 1062 116.40 -22.78 9.40
CA GLY I 1062 116.41 -21.36 9.70
C GLY I 1062 115.38 -20.58 8.91
N ALA I 1063 115.12 -21.00 7.66
CA ALA I 1063 114.20 -20.26 6.80
C ALA I 1063 112.79 -20.24 7.38
N LEU I 1064 112.36 -21.36 7.95
CA LEU I 1064 111.05 -21.44 8.59
C LEU I 1064 111.09 -21.04 10.07
N ASN I 1065 112.23 -20.53 10.53
CA ASN I 1065 112.44 -20.07 11.90
C ASN I 1065 111.85 -21.04 12.93
N ARG I 1066 112.35 -22.27 12.89
CA ARG I 1066 111.93 -23.30 13.82
C ARG I 1066 112.82 -23.25 15.06
N VAL I 1067 112.19 -23.03 16.22
CA VAL I 1067 112.91 -22.91 17.48
C VAL I 1067 112.32 -23.90 18.48
N PRO I 1068 113.10 -24.29 19.49
CA PRO I 1068 112.58 -25.19 20.52
C PRO I 1068 111.48 -24.52 21.34
N VAL I 1069 110.67 -25.35 21.99
CA VAL I 1069 109.53 -24.85 22.76
C VAL I 1069 109.99 -23.96 23.90
N GLY I 1070 111.05 -24.38 24.61
CA GLY I 1070 111.52 -23.63 25.75
C GLY I 1070 112.55 -22.58 25.40
N PHE I 1071 112.66 -22.25 24.11
CA PHE I 1071 113.64 -21.26 23.67
C PHE I 1071 113.35 -19.89 24.28
N TYR I 1072 112.07 -19.50 24.31
CA TYR I 1072 111.71 -18.19 24.88
C TYR I 1072 112.05 -18.13 26.37
N GLN I 1073 111.75 -19.21 27.11
CA GLN I 1073 112.07 -19.23 28.53
C GLN I 1073 113.57 -19.20 28.76
N LYS I 1074 114.33 -19.93 27.94
CA LYS I 1074 115.79 -19.92 28.07
C LYS I 1074 116.35 -18.53 27.79
N VAL I 1075 115.84 -17.86 26.75
CA VAL I 1075 116.31 -16.52 26.43
C VAL I 1075 115.96 -15.55 27.56
N TRP I 1076 114.76 -15.68 28.12
CA TRP I 1076 114.36 -14.82 29.24
C TRP I 1076 115.26 -15.03 30.44
N LYS I 1077 115.57 -16.29 30.75
CA LYS I 1077 116.46 -16.58 31.88
C LYS I 1077 117.86 -16.03 31.64
N VAL I 1078 118.37 -16.16 30.42
CA VAL I 1078 119.69 -15.64 30.09
C VAL I 1078 119.70 -14.12 30.24
N LEU I 1079 118.66 -13.45 29.75
CA LEU I 1079 118.58 -12.00 29.87
C LEU I 1079 118.47 -11.58 31.34
N GLN I 1080 117.80 -12.41 32.16
CA GLN I 1080 117.77 -12.14 33.59
C GLN I 1080 119.17 -12.27 34.20
N LYS I 1081 119.94 -13.26 33.76
CA LYS I 1081 121.25 -13.54 34.33
C LYS I 1081 122.39 -12.82 33.62
N CYS I 1082 122.11 -12.05 32.57
CA CYS I 1082 123.16 -11.35 31.83
C CYS I 1082 122.72 -9.92 31.57
N HIS I 1083 123.71 -9.05 31.34
CA HIS I 1083 123.42 -7.65 31.08
C HIS I 1083 122.77 -7.45 29.72
N GLY I 1084 123.13 -8.28 28.74
CA GLY I 1084 122.54 -8.18 27.43
C GLY I 1084 123.23 -9.10 26.45
N LEU I 1085 122.74 -9.07 25.22
CA LEU I 1085 123.28 -9.88 24.14
C LEU I 1085 123.60 -8.99 22.94
N SER I 1086 124.69 -9.31 22.26
CA SER I 1086 125.12 -8.58 21.07
C SER I 1086 125.02 -9.50 19.86
N VAL I 1087 124.40 -9.00 18.79
CA VAL I 1087 124.17 -9.79 17.58
C VAL I 1087 124.85 -9.08 16.41
N GLU I 1088 125.97 -8.41 16.70
CA GLU I 1088 126.79 -7.67 15.73
C GLU I 1088 126.05 -6.42 15.22
N GLY I 1089 124.89 -6.17 15.81
CA GLY I 1089 124.11 -4.98 15.49
C GLY I 1089 123.11 -4.66 16.58
N PHE I 1090 122.94 -3.37 16.89
CA PHE I 1090 122.04 -2.93 17.94
C PHE I 1090 122.38 -3.58 19.28
N VAL I 1091 121.42 -3.64 20.19
CA VAL I 1091 121.64 -4.23 21.50
C VAL I 1091 120.29 -4.67 22.06
N LEU I 1092 120.32 -5.67 22.94
CA LEU I 1092 119.13 -6.16 23.64
C LEU I 1092 119.33 -5.94 25.12
N PRO I 1093 118.72 -4.90 25.71
CA PRO I 1093 118.92 -4.64 27.13
C PRO I 1093 118.22 -5.68 28.00
N SER I 1094 118.77 -5.86 29.20
CA SER I 1094 118.18 -6.76 30.18
C SER I 1094 117.12 -6.09 31.05
N SER I 1095 116.95 -4.78 30.93
CA SER I 1095 115.93 -4.08 31.72
C SER I 1095 114.51 -4.39 31.25
N THR I 1096 114.36 -5.05 30.10
CA THR I 1096 113.04 -5.36 29.57
C THR I 1096 112.45 -6.64 30.14
N THR I 1097 113.21 -7.39 30.95
CA THR I 1097 112.69 -8.64 31.49
C THR I 1097 111.60 -8.39 32.53
N ARG I 1098 111.67 -7.24 33.23
CA ARG I 1098 110.65 -6.93 34.22
C ARG I 1098 109.36 -6.43 33.57
N GLU I 1099 109.48 -5.77 32.42
CA GLU I 1099 108.30 -5.22 31.76
C GLU I 1099 107.35 -6.32 31.30
N MET I 1100 107.88 -7.41 30.78
CA MET I 1100 107.09 -8.48 30.18
C MET I 1100 107.35 -9.79 30.91
N THR I 1101 106.69 -10.84 30.44
CA THR I 1101 106.74 -12.17 31.05
C THR I 1101 107.09 -13.20 29.99
N PRO I 1102 107.68 -14.34 30.39
CA PRO I 1102 108.00 -15.38 29.39
C PRO I 1102 106.79 -15.90 28.66
N GLY I 1103 105.64 -15.96 29.31
CA GLY I 1103 104.42 -16.39 28.65
C GLY I 1103 103.74 -15.35 27.81
N GLU I 1104 104.27 -14.13 27.78
CA GLU I 1104 103.71 -13.05 26.99
C GLU I 1104 104.17 -13.17 25.54
N ILE I 1105 103.25 -12.95 24.60
CA ILE I 1105 103.59 -12.97 23.19
C ILE I 1105 104.56 -11.83 22.84
N LYS I 1106 104.55 -10.76 23.64
CA LYS I 1106 105.41 -9.61 23.38
C LYS I 1106 106.88 -10.01 23.48
N PHE I 1107 107.24 -10.79 24.50
CA PHE I 1107 108.62 -11.21 24.65
C PHE I 1107 109.08 -12.07 23.48
N SER I 1108 108.24 -13.01 23.06
CA SER I 1108 108.61 -13.88 21.95
C SER I 1108 108.75 -13.10 20.65
N VAL I 1109 107.83 -12.17 20.39
CA VAL I 1109 107.93 -11.39 19.16
C VAL I 1109 109.14 -10.46 19.19
N HIS I 1110 109.46 -9.91 20.37
CA HIS I 1110 110.64 -9.07 20.48
C HIS I 1110 111.91 -9.87 20.24
N VAL I 1111 111.99 -11.08 20.80
CA VAL I 1111 113.16 -11.93 20.58
C VAL I 1111 113.28 -12.30 19.12
N GLU I 1112 112.16 -12.65 18.48
CA GLU I 1112 112.19 -13.00 17.06
C GLU I 1112 112.64 -11.82 16.21
N SER I 1113 112.14 -10.62 16.51
CA SER I 1113 112.57 -9.43 15.76
C SER I 1113 114.05 -9.15 15.96
N VAL I 1114 114.54 -9.33 17.19
CA VAL I 1114 115.96 -9.12 17.46
C VAL I 1114 116.81 -10.11 16.67
N LEU I 1115 116.41 -11.38 16.65
CA LEU I 1115 117.18 -12.40 15.95
C LEU I 1115 116.96 -12.37 14.44
N ASN I 1116 115.98 -11.62 13.95
CA ASN I 1116 115.67 -11.57 12.52
C ASN I 1116 116.51 -10.55 11.76
N ARG I 1117 117.41 -9.83 12.44
CA ARG I 1117 118.24 -8.85 11.76
C ARG I 1117 119.17 -9.51 10.75
N VAL I 1118 119.72 -10.67 11.11
CA VAL I 1118 120.57 -11.41 10.18
C VAL I 1118 119.73 -11.92 9.02
N PRO I 1119 120.12 -11.66 7.77
CA PRO I 1119 119.29 -12.06 6.62
C PRO I 1119 119.49 -13.49 6.15
N GLN I 1120 120.55 -14.19 6.58
CA GLN I 1120 120.77 -15.55 6.14
C GLN I 1120 120.26 -16.52 7.21
N PRO I 1121 119.35 -17.43 6.87
CA PRO I 1121 118.73 -18.30 7.90
C PRO I 1121 119.72 -19.18 8.63
N GLU I 1122 120.78 -19.63 7.95
CA GLU I 1122 121.73 -20.54 8.58
C GLU I 1122 122.42 -19.89 9.76
N TYR I 1123 122.82 -18.62 9.61
CA TYR I 1123 123.38 -17.89 10.76
C TYR I 1123 122.36 -17.76 11.88
N ARG I 1124 121.07 -17.65 11.54
CA ARG I 1124 120.05 -17.65 12.58
C ARG I 1124 120.05 -18.97 13.34
N GLN I 1125 120.21 -20.08 12.63
CA GLN I 1125 120.30 -21.38 13.30
C GLN I 1125 121.54 -21.46 14.20
N LEU I 1126 122.68 -20.97 13.70
CA LEU I 1126 123.89 -20.97 14.52
C LEU I 1126 123.71 -20.11 15.77
N LEU I 1127 123.05 -18.95 15.62
CA LEU I 1127 122.78 -18.10 16.78
C LEU I 1127 121.86 -18.80 17.77
N VAL I 1128 120.87 -19.54 17.25
CA VAL I 1128 119.93 -20.24 18.13
C VAL I 1128 120.66 -21.31 18.95
N GLU I 1129 121.47 -22.13 18.28
CA GLU I 1129 122.19 -23.17 19.02
C GLU I 1129 123.24 -22.58 19.95
N ALA I 1130 123.89 -21.48 19.55
CA ALA I 1130 124.82 -20.81 20.44
C ALA I 1130 124.11 -20.29 21.68
N ILE I 1131 122.94 -19.68 21.51
CA ILE I 1131 122.17 -19.23 22.65
C ILE I 1131 121.79 -20.40 23.55
N LEU I 1132 121.46 -21.55 22.94
CA LEU I 1132 121.11 -22.73 23.71
C LEU I 1132 122.29 -23.17 24.59
N VAL I 1133 123.50 -23.21 24.03
CA VAL I 1133 124.63 -23.62 24.84
C VAL I 1133 125.00 -22.54 25.86
N LEU I 1134 124.67 -21.27 25.57
CA LEU I 1134 124.83 -20.23 26.58
C LEU I 1134 123.90 -20.47 27.77
N THR I 1135 122.65 -20.86 27.49
CA THR I 1135 121.75 -21.19 28.59
C THR I 1135 122.24 -22.39 29.37
N MET I 1136 122.80 -23.38 28.66
CA MET I 1136 123.37 -24.54 29.35
C MET I 1136 124.52 -24.11 30.27
N LEU I 1137 125.41 -23.25 29.79
CA LEU I 1137 126.52 -22.77 30.60
C LEU I 1137 126.02 -21.96 31.80
N ALA I 1138 125.01 -21.12 31.58
CA ALA I 1138 124.45 -20.32 32.67
C ALA I 1138 123.79 -21.20 33.72
N ASP I 1139 123.17 -22.30 33.29
CA ASP I 1139 122.68 -23.29 34.24
C ASP I 1139 123.82 -23.93 35.01
N ILE I 1140 124.91 -24.24 34.32
CA ILE I 1140 126.06 -24.86 34.99
C ILE I 1140 126.76 -23.86 35.91
N GLU I 1141 126.98 -22.64 35.44
CA GLU I 1141 127.73 -21.64 36.19
C GLU I 1141 126.77 -20.74 36.98
N ILE I 1142 126.95 -20.72 38.29
CA ILE I 1142 126.09 -19.94 39.18
C ILE I 1142 126.84 -18.65 39.49
N HIS I 1143 126.61 -17.63 38.67
CA HIS I 1143 127.22 -16.32 38.83
C HIS I 1143 126.50 -15.35 37.91
N SER I 1144 126.93 -14.08 37.96
CA SER I 1144 126.38 -13.02 37.13
C SER I 1144 127.45 -12.55 36.15
N ILE I 1145 127.12 -12.56 34.86
CA ILE I 1145 128.09 -12.12 33.84
C ILE I 1145 128.36 -10.63 33.97
N GLY I 1146 127.30 -9.82 34.09
CA GLY I 1146 127.45 -8.40 34.31
C GLY I 1146 128.15 -7.66 33.17
N SER I 1147 127.91 -8.07 31.93
CA SER I 1147 128.51 -7.42 30.78
C SER I 1147 127.76 -7.85 29.53
N ILE I 1148 128.09 -7.21 28.42
CA ILE I 1148 127.51 -7.51 27.12
C ILE I 1148 128.33 -8.61 26.48
N ILE I 1149 127.66 -9.69 26.06
CA ILE I 1149 128.30 -10.85 25.45
C ILE I 1149 127.88 -10.91 23.99
N ALA I 1150 128.86 -11.09 23.11
CA ALA I 1150 128.64 -11.06 21.66
C ALA I 1150 128.59 -12.49 21.14
N VAL I 1151 127.42 -12.90 20.63
CA VAL I 1151 127.28 -14.22 20.02
C VAL I 1151 128.09 -14.30 18.73
N GLU I 1152 128.17 -13.19 18.00
CA GLU I 1152 128.97 -13.17 16.77
C GLU I 1152 130.45 -13.44 17.07
N LYS I 1153 130.97 -12.83 18.14
CA LYS I 1153 132.34 -13.10 18.53
C LYS I 1153 132.51 -14.56 18.93
N ILE I 1154 131.50 -15.13 19.60
CA ILE I 1154 131.58 -16.54 20.00
C ILE I 1154 131.65 -17.45 18.79
N VAL I 1155 130.78 -17.22 17.80
CA VAL I 1155 130.79 -18.08 16.62
C VAL I 1155 132.05 -17.86 15.79
N HIS I 1156 132.58 -16.64 15.78
CA HIS I 1156 133.84 -16.40 15.10
C HIS I 1156 134.99 -17.15 15.77
N ILE I 1157 135.02 -17.14 17.10
CA ILE I 1157 136.04 -17.90 17.84
C ILE I 1157 135.90 -19.38 17.55
N ALA I 1158 134.67 -19.89 17.53
CA ALA I 1158 134.45 -21.30 17.22
C ALA I 1158 134.94 -21.64 15.82
N ASN I 1159 134.66 -20.78 14.84
CA ASN I 1159 135.12 -21.01 13.47
C ASN I 1159 136.64 -21.00 13.40
N ASP I 1160 137.27 -20.05 14.10
CA ASP I 1160 138.74 -19.99 14.10
C ASP I 1160 139.34 -21.25 14.72
N LEU I 1161 138.78 -21.71 15.84
CA LEU I 1161 139.28 -22.92 16.47
C LEU I 1161 139.08 -24.14 15.57
N PHE I 1162 137.94 -24.20 14.89
CA PHE I 1162 137.69 -25.31 13.97
C PHE I 1162 138.71 -25.30 12.82
N LEU I 1163 138.99 -24.12 12.27
CA LEU I 1163 139.98 -24.02 11.20
C LEU I 1163 141.36 -24.42 11.70
N GLN I 1164 141.73 -23.99 12.91
CA GLN I 1164 143.03 -24.35 13.46
C GLN I 1164 143.15 -25.87 13.66
N GLU I 1165 142.09 -26.50 14.19
CA GLU I 1165 142.12 -27.94 14.39
C GLU I 1165 142.17 -28.67 13.05
N GLN I 1166 141.45 -28.19 12.06
CA GLN I 1166 141.50 -28.80 10.74
C GLN I 1166 142.89 -28.69 10.13
N LYS I 1167 143.54 -27.54 10.29
CA LYS I 1167 144.91 -27.39 9.82
C LYS I 1167 145.85 -28.33 10.54
N THR I 1168 145.67 -28.49 11.86
CA THR I 1168 146.50 -29.39 12.62
C THR I 1168 146.32 -30.83 12.18
N LEU I 1169 145.08 -31.22 11.88
CA LEU I 1169 144.80 -32.60 11.47
C LEU I 1169 145.48 -32.94 10.15
N GLY I 1170 145.50 -32.01 9.22
CA GLY I 1170 146.11 -32.25 7.92
C GLY I 1170 145.24 -31.84 6.75
N ALA I 1171 144.17 -31.10 7.03
CA ALA I 1171 143.28 -30.64 5.98
C ALA I 1171 144.00 -29.68 5.05
N ASP I 1172 143.68 -29.75 3.76
CA ASP I 1172 144.32 -28.91 2.77
C ASP I 1172 143.44 -27.68 2.48
N ASP I 1173 143.89 -26.85 1.55
CA ASP I 1173 143.27 -25.55 1.31
C ASP I 1173 141.89 -25.62 0.65
N MET I 1175 139.31 -27.73 1.21
CA MET I 1175 138.18 -28.04 2.08
C MET I 1175 138.05 -27.04 3.23
N LEU I 1176 139.04 -26.15 3.35
CA LEU I 1176 138.97 -25.05 4.31
C LEU I 1176 138.42 -23.81 3.58
N ALA I 1177 137.23 -23.99 3.02
CA ALA I 1177 136.59 -22.94 2.24
C ALA I 1177 136.09 -21.82 3.14
N LYS I 1178 135.91 -20.65 2.54
CA LYS I 1178 135.42 -19.46 3.25
C LYS I 1178 134.11 -19.03 2.60
N ASP I 1179 133.14 -18.65 3.43
CA ASP I 1179 131.85 -18.21 2.92
C ASP I 1179 132.03 -16.90 2.15
N PRO I 1180 131.36 -16.74 1.00
CA PRO I 1180 131.51 -15.49 0.24
C PRO I 1180 131.06 -14.25 1.00
N ALA I 1181 130.07 -14.36 1.88
CA ALA I 1181 129.50 -13.20 2.55
C ALA I 1181 129.44 -13.38 4.07
N SER I 1182 130.02 -14.44 4.61
CA SER I 1182 129.98 -14.67 6.05
C SER I 1182 131.28 -15.14 6.67
N GLY I 1183 132.25 -15.61 5.87
CA GLY I 1183 133.52 -16.05 6.42
C GLY I 1183 133.43 -17.24 7.36
N ILE I 1184 132.64 -18.25 6.98
CA ILE I 1184 132.46 -19.45 7.78
C ILE I 1184 132.78 -20.67 6.93
N CYS I 1185 133.39 -21.67 7.56
CA CYS I 1185 133.79 -22.87 6.84
C CYS I 1185 132.56 -23.69 6.44
N THR I 1186 132.61 -24.24 5.22
CA THR I 1186 131.51 -25.08 4.75
C THR I 1186 131.48 -26.42 5.48
N LEU I 1187 132.64 -26.91 5.91
CA LEU I 1187 132.69 -28.16 6.66
C LEU I 1187 131.98 -28.04 8.01
N LEU I 1188 132.11 -26.88 8.67
CA LEU I 1188 131.37 -26.66 9.90
C LEU I 1188 129.87 -26.67 9.65
N TYR I 1189 129.44 -26.14 8.51
CA TYR I 1189 128.04 -26.20 8.12
C TYR I 1189 127.60 -27.64 7.90
N ASP I 1190 128.44 -28.45 7.24
CA ASP I 1190 128.10 -29.85 7.00
C ASP I 1190 128.33 -30.71 8.23
N SER I 1191 128.95 -30.17 9.28
CA SER I 1191 129.18 -30.92 10.50
C SER I 1191 127.86 -31.26 11.19
N ALA I 1192 127.77 -32.48 11.71
CA ALA I 1192 126.58 -32.91 12.41
C ALA I 1192 126.43 -32.14 13.72
N PRO I 1193 125.20 -31.92 14.19
CA PRO I 1193 124.94 -31.18 15.43
C PRO I 1193 125.59 -31.81 16.66
N GLY I 1195 128.37 -35.08 18.31
CA GLY I 1195 129.54 -35.91 18.03
C GLY I 1195 130.80 -35.43 18.70
N ARG I 1196 131.89 -36.18 18.50
CA ARG I 1196 133.17 -35.81 19.08
C ARG I 1196 133.70 -34.50 18.50
N PHE I 1197 133.46 -34.26 17.20
CA PHE I 1197 133.90 -33.05 16.54
C PHE I 1197 132.70 -32.24 16.03
N GLY I 1198 131.61 -32.25 16.78
CA GLY I 1198 130.41 -31.54 16.35
C GLY I 1198 130.47 -30.05 16.63
N THR I 1199 129.44 -29.36 16.13
CA THR I 1199 129.36 -27.92 16.33
C THR I 1199 129.08 -27.56 17.79
N MET I 1200 128.37 -28.43 18.51
CA MET I 1200 128.02 -28.15 19.90
C MET I 1200 129.26 -28.02 20.78
N THR I 1201 130.24 -28.90 20.60
CA THR I 1201 131.45 -28.84 21.40
C THR I 1201 132.21 -27.53 21.14
N TYR I 1202 132.30 -27.13 19.88
CA TYR I 1202 133.01 -25.89 19.56
C TYR I 1202 132.26 -24.67 20.08
N LEU I 1203 130.92 -24.69 20.02
CA LEU I 1203 130.14 -23.60 20.57
C LEU I 1203 130.35 -23.49 22.08
N SER I 1204 130.35 -24.62 22.78
CA SER I 1204 130.61 -24.59 24.22
C SER I 1204 132.01 -24.10 24.53
N LYS I 1205 133.01 -24.54 23.75
CA LYS I 1205 134.38 -24.08 23.95
C LYS I 1205 134.50 -22.58 23.74
N ALA I 1206 133.87 -22.05 22.69
CA ALA I 1206 133.92 -20.62 22.42
C ALA I 1206 133.20 -19.83 23.50
N ALA I 1207 132.05 -20.34 23.97
CA ALA I 1207 131.35 -19.67 25.05
C ALA I 1207 132.19 -19.63 26.32
N ALA I 1208 132.86 -20.74 26.65
CA ALA I 1208 133.73 -20.76 27.81
C ALA I 1208 134.90 -19.79 27.64
N THR I 1209 135.48 -19.73 26.44
CA THR I 1209 136.57 -18.80 26.20
C THR I 1209 136.12 -17.36 26.35
N TYR I 1210 134.94 -17.02 25.82
CA TYR I 1210 134.42 -15.67 25.96
C TYR I 1210 134.15 -15.32 27.42
N VAL I 1211 133.57 -16.27 28.16
CA VAL I 1211 133.29 -16.04 29.58
C VAL I 1211 134.60 -15.82 30.35
N GLN I 1212 135.62 -16.63 30.06
CA GLN I 1212 136.91 -16.43 30.70
C GLN I 1212 137.52 -15.09 30.34
N GLU I 1213 137.36 -14.66 29.08
CA GLU I 1213 137.80 -13.34 28.67
C GLU I 1213 137.07 -12.23 29.40
N PHE I 1214 135.82 -12.48 29.81
CA PHE I 1214 135.01 -11.49 30.52
C PHE I 1214 134.80 -11.90 31.98
N LEU I 1215 135.83 -12.47 32.59
CA LEU I 1215 135.84 -12.83 34.00
C LEU I 1215 137.12 -12.30 34.63
N PRO I 1216 137.10 -12.02 35.95
CA PRO I 1216 138.30 -11.46 36.60
C PRO I 1216 139.43 -12.48 36.74
N HIS I 1217 140.02 -12.87 35.62
CA HIS I 1217 141.21 -13.74 35.59
C HIS I 1217 141.01 -15.06 36.32
N ILE I 1219 137.78 -18.56 36.96
CA ILE I 1219 136.53 -19.19 36.56
C ILE I 1219 135.62 -19.32 37.78
N CYS I 1220 134.32 -19.11 37.56
CA CYS I 1220 133.32 -19.19 38.61
C CYS I 1220 132.28 -20.27 38.28
N ALA I 1221 132.75 -21.41 37.79
CA ALA I 1221 131.90 -22.55 37.45
C ALA I 1221 131.92 -23.53 38.61
N MET I 1222 130.77 -23.67 39.28
CA MET I 1222 130.66 -24.57 40.42
C MET I 1222 129.23 -25.11 40.48
N GLN I 1223 129.13 -26.39 40.84
CA GLN I 1223 127.83 -27.05 40.99
C GLN I 1223 127.96 -28.33 41.81
N TRP J 13 6.40 13.78 21.57
CA TRP J 13 7.63 13.42 20.87
C TRP J 13 8.35 14.66 20.35
N LYS J 14 9.28 14.45 19.43
CA LYS J 14 10.02 15.56 18.85
C LYS J 14 9.09 16.46 18.04
N VAL J 15 9.45 17.76 18.01
CA VAL J 15 8.73 18.80 17.29
C VAL J 15 7.42 19.15 17.99
N LEU J 16 6.66 18.12 18.38
CA LEU J 16 5.42 18.36 19.11
C LEU J 16 5.69 18.89 20.52
N GLU J 17 6.81 18.49 21.12
CA GLU J 17 7.06 18.83 22.52
C GLU J 17 7.40 20.31 22.69
N ARG J 18 8.20 20.87 21.76
CA ARG J 18 8.75 22.21 21.98
C ARG J 18 7.65 23.25 22.06
N ARG J 19 6.78 23.30 21.04
CA ARG J 19 5.65 24.22 20.92
C ARG J 19 5.98 25.62 21.47
N ALA J 20 7.18 26.12 21.15
CA ALA J 20 7.66 27.38 21.71
C ALA J 20 7.83 28.46 20.65
N ARG J 21 7.21 28.27 19.47
CA ARG J 21 7.27 29.28 18.41
C ARG J 21 6.31 30.41 18.76
N THR J 22 6.79 31.30 19.64
CA THR J 22 5.96 32.40 20.10
C THR J 22 5.59 33.34 18.96
N LYS J 23 6.56 33.65 18.09
CA LYS J 23 6.35 34.56 16.96
C LYS J 23 6.60 33.78 15.67
N ARG J 24 5.52 33.49 14.95
CA ARG J 24 5.59 32.75 13.69
C ARG J 24 6.32 31.42 13.85
N GLY J 26 10.50 29.73 14.09
CA GLY J 26 11.92 29.96 14.18
C GLY J 26 12.63 28.91 15.01
N VAL J 28 14.38 27.46 18.11
CA VAL J 28 14.44 27.68 19.55
C VAL J 28 15.71 27.03 20.11
N TYR J 29 16.44 27.76 20.96
CA TYR J 29 17.68 27.26 21.55
C TYR J 29 17.52 27.30 23.08
N GLU J 30 16.77 26.32 23.61
CA GLU J 30 16.45 26.12 25.02
C GLU J 30 16.52 24.63 25.34
N PRO J 31 16.77 24.26 26.59
CA PRO J 31 16.58 22.86 26.98
C PRO J 31 15.11 22.48 26.94
N LEU J 32 14.84 21.21 26.64
CA LEU J 32 13.49 20.70 26.53
C LEU J 32 13.16 19.62 27.55
N LYS J 33 14.14 18.82 27.98
CA LYS J 33 13.93 17.71 28.91
C LYS J 33 12.91 16.71 28.38
N ILE J 35 10.43 15.37 30.92
CA ILE J 35 9.37 15.36 31.92
C ILE J 35 8.18 16.15 31.39
N ASN J 36 8.45 17.11 30.50
CA ASN J 36 7.39 17.92 29.91
C ASN J 36 6.74 17.26 28.70
N LEU J 37 7.19 16.06 28.32
CA LEU J 37 6.62 15.38 27.18
C LEU J 37 5.17 14.99 27.46
N PRO J 38 4.34 14.88 26.42
CA PRO J 38 2.98 14.35 26.62
C PRO J 38 3.03 12.95 27.18
N ARG J 39 2.08 12.63 28.06
CA ARG J 39 2.21 11.43 28.85
C ARG J 39 0.90 10.63 28.89
N PRO J 40 0.97 9.30 29.10
CA PRO J 40 -0.21 8.44 28.90
C PRO J 40 -1.34 8.62 29.91
N ASP J 41 -2.34 7.74 29.80
CA ASP J 41 -3.56 7.78 30.61
C ASP J 41 -3.27 8.00 32.08
N ASN J 42 -4.22 8.65 32.76
CA ASN J 42 -4.02 9.13 34.13
C ASN J 42 -4.04 7.94 35.10
N GLU J 43 -2.86 7.38 35.35
CA GLU J 43 -2.70 6.31 36.35
C GLU J 43 -1.23 6.21 36.70
N THR J 44 -0.89 6.52 37.95
CA THR J 44 0.49 6.35 38.39
C THR J 44 0.81 4.87 38.57
N LEU J 45 2.12 4.55 38.52
CA LEU J 45 2.54 3.16 38.67
C LEU J 45 2.19 2.62 40.05
N TRP J 46 2.02 3.49 41.04
CA TRP J 46 1.66 3.05 42.38
C TRP J 46 0.28 2.39 42.38
N ASP J 47 -0.68 2.97 41.66
CA ASP J 47 -2.02 2.40 41.61
C ASP J 47 -2.02 1.02 40.96
N LYS J 48 -1.28 0.88 39.84
CA LYS J 48 -1.19 -0.42 39.19
C LYS J 48 -0.51 -1.45 40.08
N LEU J 49 0.57 -1.05 40.75
CA LEU J 49 1.26 -1.97 41.64
C LEU J 49 0.37 -2.38 42.81
N ASP J 50 -0.41 -1.44 43.34
CA ASP J 50 -1.34 -1.78 44.43
C ASP J 50 -2.44 -2.70 43.94
N HIS J 51 -2.93 -2.50 42.72
CA HIS J 51 -3.94 -3.39 42.16
C HIS J 51 -3.40 -4.80 42.01
N TYR J 52 -2.19 -4.93 41.47
CA TYR J 52 -1.56 -6.24 41.34
C TYR J 52 -1.32 -6.86 42.71
N TYR J 53 -0.91 -6.06 43.69
CA TYR J 53 -0.67 -6.57 45.03
C TYR J 53 -1.96 -7.08 45.67
N ARG J 54 -3.06 -6.35 45.50
CA ARG J 54 -4.34 -6.83 46.00
C ARG J 54 -4.75 -8.13 45.32
N ILE J 55 -4.57 -8.19 43.99
CA ILE J 55 -4.93 -9.40 43.25
C ILE J 55 -4.15 -10.59 43.77
N VAL J 56 -2.83 -10.43 43.95
CA VAL J 56 -2.01 -11.56 44.37
C VAL J 56 -2.31 -11.93 45.83
N LYS J 57 -2.54 -10.93 46.67
CA LYS J 57 -2.78 -11.21 48.09
C LYS J 57 -4.10 -11.94 48.29
N SER J 58 -5.11 -11.61 47.47
CA SER J 58 -6.39 -12.30 47.60
C SER J 58 -6.45 -13.61 46.82
N THR J 59 -5.40 -13.96 46.08
CA THR J 59 -5.44 -15.14 45.22
C THR J 59 -4.39 -16.20 45.58
N LEU J 60 -3.13 -15.81 45.72
CA LEU J 60 -2.02 -16.76 45.79
C LEU J 60 -1.40 -16.81 47.18
N LEU J 61 -0.99 -15.66 47.72
CA LEU J 61 -0.40 -15.63 49.06
C LEU J 61 -1.39 -15.99 50.15
N LEU J 62 -2.69 -15.97 49.85
CA LEU J 62 -3.70 -16.38 50.81
C LEU J 62 -3.63 -17.88 51.11
N TYR J 63 -3.05 -18.66 50.20
CA TYR J 63 -2.93 -20.11 50.35
C TYR J 63 -1.44 -20.45 50.49
N GLN J 64 -0.95 -20.42 51.73
CA GLN J 64 0.44 -20.77 52.01
C GLN J 64 0.53 -21.20 53.47
N SER J 65 1.07 -22.38 53.71
CA SER J 65 1.18 -22.89 55.07
C SER J 65 2.32 -22.18 55.80
N PRO J 66 2.05 -21.53 56.94
CA PRO J 66 3.14 -20.85 57.67
C PRO J 66 4.24 -21.79 58.12
N THR J 67 3.91 -23.05 58.42
CA THR J 67 4.91 -23.98 58.95
C THR J 67 6.00 -24.27 57.92
N THR J 68 5.62 -24.48 56.66
CA THR J 68 6.57 -24.87 55.63
C THR J 68 6.62 -23.95 54.43
N GLY J 69 5.63 -23.07 54.25
CA GLY J 69 5.62 -22.20 53.08
C GLY J 69 5.27 -22.90 51.78
N LEU J 70 4.57 -24.03 51.87
CA LEU J 70 4.20 -24.81 50.69
C LEU J 70 2.78 -24.45 50.26
N PHE J 71 2.65 -24.00 49.02
CA PHE J 71 1.32 -23.73 48.47
C PHE J 71 0.58 -25.04 48.21
N PRO J 72 -0.66 -25.16 48.63
CA PRO J 72 -1.43 -26.39 48.38
C PRO J 72 -2.07 -26.40 47.00
N THR J 73 -2.12 -27.60 46.42
CA THR J 73 -2.69 -27.75 45.09
C THR J 73 -4.21 -27.59 45.11
N LYS J 74 -4.85 -27.89 46.23
CA LYS J 74 -6.29 -27.77 46.37
C LYS J 74 -6.60 -26.74 47.44
N THR J 75 -7.51 -25.80 47.12
CA THR J 75 -7.83 -24.69 48.00
C THR J 75 -9.06 -24.97 48.88
N CYS J 76 -9.64 -26.15 48.81
CA CYS J 76 -10.83 -26.47 49.58
C CYS J 76 -10.84 -27.94 49.93
N GLY J 77 -11.63 -28.29 50.93
CA GLY J 77 -11.75 -29.66 51.38
C GLY J 77 -10.67 -30.13 52.33
N GLY J 78 -9.74 -29.26 52.71
CA GLY J 78 -8.68 -29.66 53.64
C GLY J 78 -7.72 -30.68 53.07
N ASP J 79 -7.36 -30.55 51.80
CA ASP J 79 -6.41 -31.47 51.19
C ASP J 79 -5.02 -31.23 51.76
N GLN J 80 -4.28 -32.32 51.95
CA GLN J 80 -2.95 -32.25 52.54
C GLN J 80 -1.82 -32.38 51.52
N LYS J 81 -2.08 -32.95 50.35
CA LYS J 81 -1.05 -33.10 49.35
C LYS J 81 -0.67 -31.75 48.75
N ALA J 82 0.58 -31.63 48.31
CA ALA J 82 1.08 -30.39 47.72
C ALA J 82 2.19 -30.74 46.74
N LYS J 83 2.05 -30.28 45.51
CA LYS J 83 3.04 -30.57 44.47
C LYS J 83 4.21 -29.59 44.56
N ILE J 84 5.26 -29.88 43.80
CA ILE J 84 6.47 -29.08 43.81
C ILE J 84 6.48 -28.07 42.66
N GLN J 85 6.01 -28.47 41.48
CA GLN J 85 6.03 -27.58 40.33
C GLN J 85 5.16 -26.35 40.56
N ASP J 86 3.96 -26.55 41.11
CA ASP J 86 3.07 -25.43 41.39
C ASP J 86 3.68 -24.47 42.41
N SER J 87 4.29 -25.03 43.46
CA SER J 87 4.94 -24.19 44.47
C SER J 87 6.08 -23.39 43.87
N LEU J 88 6.90 -24.01 43.03
CA LEU J 88 7.99 -23.30 42.38
C LEU J 88 7.48 -22.19 41.48
N TYR J 89 6.42 -22.46 40.71
CA TYR J 89 5.89 -21.45 39.81
C TYR J 89 5.29 -20.28 40.58
N CYS J 90 4.57 -20.56 41.67
CA CYS J 90 4.00 -19.49 42.48
C CYS J 90 5.09 -18.66 43.14
N ALA J 91 6.16 -19.32 43.62
CA ALA J 91 7.28 -18.59 44.19
C ALA J 91 7.96 -17.71 43.14
N ALA J 92 8.10 -18.22 41.91
CA ALA J 92 8.66 -17.41 40.83
C ALA J 92 7.79 -16.21 40.53
N GLY J 93 6.46 -16.40 40.53
CA GLY J 93 5.57 -15.27 40.32
C GLY J 93 5.67 -14.22 41.42
N ALA J 94 5.75 -14.67 42.67
CA ALA J 94 5.91 -13.74 43.78
C ALA J 94 7.23 -12.97 43.67
N TRP J 95 8.30 -13.68 43.32
CA TRP J 95 9.59 -13.01 43.13
C TRP J 95 9.52 -11.99 42.00
N ALA J 96 8.83 -12.33 40.90
CA ALA J 96 8.71 -11.40 39.79
C ALA J 96 7.93 -10.16 40.21
N LEU J 97 6.86 -10.34 40.99
CA LEU J 97 6.13 -9.19 41.48
C LEU J 97 6.98 -8.32 42.40
N ALA J 98 7.78 -8.95 43.27
CA ALA J 98 8.69 -8.19 44.12
C ALA J 98 9.71 -7.42 43.29
N LEU J 99 10.23 -8.04 42.23
CA LEU J 99 11.16 -7.37 41.34
C LEU J 99 10.49 -6.18 40.65
N ALA J 100 9.23 -6.34 40.25
CA ALA J 100 8.49 -5.22 39.66
C ALA J 100 8.32 -4.09 40.67
N TYR J 101 7.98 -4.43 41.91
CA TYR J 101 7.81 -3.44 42.97
C TYR J 101 9.13 -2.77 43.36
N ARG J 102 10.26 -3.41 43.08
CA ARG J 102 11.56 -2.83 43.38
C ARG J 102 11.83 -1.51 42.67
N ARG J 103 10.91 -1.05 41.81
CA ARG J 103 11.07 0.20 41.08
C ARG J 103 10.78 1.43 41.92
N ILE J 104 10.24 1.27 43.12
CA ILE J 104 9.87 2.39 43.99
C ILE J 104 10.59 2.27 45.32
N ASP J 105 11.26 3.35 45.72
CA ASP J 105 11.91 3.40 47.03
C ASP J 105 10.91 3.33 48.17
N ASP J 106 9.79 4.05 48.06
CA ASP J 106 8.75 4.03 49.09
C ASP J 106 7.80 2.87 48.81
N ASP J 107 8.30 1.66 49.09
CA ASP J 107 7.55 0.44 48.81
C ASP J 107 6.56 0.09 49.92
N LYS J 108 6.57 0.82 51.04
CA LYS J 108 5.70 0.56 52.18
C LYS J 108 5.87 -0.87 52.71
N GLY J 109 7.08 -1.40 52.60
CA GLY J 109 7.36 -2.75 53.09
C GLY J 109 6.62 -3.86 52.36
N ARG J 110 6.58 -3.81 51.04
CA ARG J 110 5.89 -4.83 50.26
C ARG J 110 6.82 -5.70 49.42
N THR J 111 7.90 -5.14 48.89
CA THR J 111 8.88 -5.95 48.17
C THR J 111 9.51 -6.99 49.09
N HIS J 112 9.84 -6.57 50.31
CA HIS J 112 10.45 -7.48 51.29
C HIS J 112 9.54 -8.67 51.57
N GLU J 113 8.24 -8.41 51.71
CA GLU J 113 7.29 -9.48 52.02
C GLU J 113 7.26 -10.53 50.92
N LEU J 114 7.19 -10.10 49.66
CA LEU J 114 7.13 -11.06 48.55
C LEU J 114 8.44 -11.81 48.40
N GLU J 115 9.57 -11.10 48.52
CA GLU J 115 10.87 -11.77 48.43
C GLU J 115 11.01 -12.83 49.51
N HIS J 116 10.62 -12.50 50.75
CA HIS J 116 10.75 -13.46 51.83
C HIS J 116 9.70 -14.57 51.72
N SER J 117 8.58 -14.29 51.05
CA SER J 117 7.62 -15.36 50.78
C SER J 117 8.21 -16.40 49.84
N ALA J 118 8.87 -15.95 48.76
CA ALA J 118 9.55 -16.88 47.87
C ALA J 118 10.68 -17.61 48.60
N ILE J 119 11.42 -16.87 49.44
CA ILE J 119 12.49 -17.48 50.22
C ILE J 119 11.94 -18.58 51.13
N LYS J 120 10.81 -18.30 51.79
CA LYS J 120 10.21 -19.29 52.69
C LYS J 120 9.71 -20.50 51.93
N CYS J 121 9.08 -20.29 50.77
CA CYS J 121 8.63 -21.42 49.97
C CYS J 121 9.79 -22.34 49.61
N MET J 122 10.89 -21.75 49.13
CA MET J 122 11.98 -22.59 48.65
C MET J 122 12.83 -23.12 49.80
N ARG J 123 12.81 -22.44 50.96
CA ARG J 123 13.37 -23.06 52.16
C ARG J 123 12.56 -24.28 52.60
N GLY J 124 11.23 -24.20 52.50
CA GLY J 124 10.40 -25.34 52.86
C GLY J 124 10.61 -26.51 51.93
N ILE J 125 10.69 -26.25 50.63
CA ILE J 125 10.92 -27.35 49.69
C ILE J 125 12.33 -27.92 49.86
N LEU J 126 13.30 -27.06 50.15
CA LEU J 126 14.65 -27.55 50.43
C LEU J 126 14.68 -28.41 51.69
N TYR J 127 13.91 -28.02 52.71
CA TYR J 127 13.80 -28.83 53.92
C TYR J 127 13.15 -30.18 53.62
N CYS J 128 12.10 -30.18 52.78
CA CYS J 128 11.44 -31.42 52.42
C CYS J 128 12.40 -32.36 51.68
N TYR J 129 13.21 -31.82 50.77
CA TYR J 129 14.21 -32.65 50.10
C TYR J 129 15.31 -33.08 51.07
N MET J 130 15.64 -32.22 52.02
CA MET J 130 16.69 -32.53 53.00
C MET J 130 16.28 -33.67 53.92
N ARG J 131 14.98 -33.79 54.22
CA ARG J 131 14.53 -34.86 55.10
C ARG J 131 14.79 -36.23 54.52
N GLN J 132 15.00 -36.32 53.20
CA GLN J 132 15.31 -37.58 52.53
C GLN J 132 16.72 -37.53 51.95
N ALA J 133 17.69 -37.93 52.79
CA ALA J 133 19.08 -37.99 52.34
C ALA J 133 19.48 -39.39 51.94
N ASP J 134 18.99 -40.40 52.66
CA ASP J 134 19.26 -41.78 52.27
C ASP J 134 18.66 -42.09 50.90
N LYS J 135 17.51 -41.47 50.59
CA LYS J 135 16.93 -41.63 49.27
C LYS J 135 17.84 -41.07 48.20
N VAL J 136 18.46 -39.91 48.45
CA VAL J 136 19.41 -39.33 47.50
C VAL J 136 20.62 -40.26 47.35
N GLN J 137 21.12 -40.79 48.46
CA GLN J 137 22.27 -41.69 48.40
C GLN J 137 21.95 -42.93 47.58
N GLN J 138 20.77 -43.51 47.77
CA GLN J 138 20.37 -44.68 47.00
C GLN J 138 20.18 -44.33 45.52
N PHE J 139 19.57 -43.18 45.23
CA PHE J 139 19.37 -42.78 43.85
C PHE J 139 20.68 -42.51 43.13
N LYS J 140 21.71 -42.09 43.88
CA LYS J 140 23.02 -41.88 43.26
C LYS J 140 23.59 -43.18 42.72
N GLN J 141 23.41 -44.28 43.44
CA GLN J 141 24.00 -45.56 43.02
C GLN J 141 23.17 -46.22 41.93
N ASP J 142 21.91 -46.56 42.24
CA ASP J 142 21.02 -47.24 41.31
C ASP J 142 19.73 -46.44 41.20
N PRO J 143 19.65 -45.49 40.27
CA PRO J 143 18.43 -44.69 40.10
C PRO J 143 17.30 -45.54 39.56
N ARG J 144 16.29 -45.77 40.40
CA ARG J 144 15.14 -46.58 40.04
C ARG J 144 13.90 -45.93 40.62
N PRO J 145 12.72 -46.20 40.05
CA PRO J 145 11.49 -45.61 40.60
C PRO J 145 11.23 -45.98 42.05
N THR J 146 11.67 -47.15 42.49
CA THR J 146 11.50 -47.55 43.88
C THR J 146 12.46 -46.86 44.82
N THR J 147 13.51 -46.21 44.29
CA THR J 147 14.49 -45.53 45.13
C THR J 147 14.69 -44.09 44.69
N CYS J 148 13.60 -43.37 44.45
CA CYS J 148 13.65 -41.99 43.99
C CYS J 148 12.99 -41.08 45.02
N LEU J 149 13.32 -39.80 44.93
CA LEU J 149 12.75 -38.81 45.84
C LEU J 149 11.25 -38.65 45.59
N HIS J 150 10.50 -38.45 46.67
CA HIS J 150 9.07 -38.22 46.55
C HIS J 150 8.80 -36.86 45.91
N SER J 151 7.66 -36.77 45.22
CA SER J 151 7.27 -35.54 44.54
C SER J 151 6.16 -34.78 45.27
N VAL J 152 5.43 -35.43 46.15
CA VAL J 152 4.34 -34.79 46.90
C VAL J 152 4.57 -35.05 48.39
N PHE J 153 4.42 -34.03 49.21
CA PHE J 153 4.54 -34.13 50.65
C PHE J 153 3.35 -33.45 51.32
N ASN J 154 3.26 -33.64 52.64
CA ASN J 154 2.18 -33.02 53.40
C ASN J 154 2.33 -31.51 53.40
N VAL J 155 1.21 -30.81 53.21
CA VAL J 155 1.24 -29.36 53.16
C VAL J 155 1.35 -28.73 54.55
N HIS J 156 1.07 -29.49 55.61
CA HIS J 156 1.10 -28.95 56.96
C HIS J 156 2.32 -29.40 57.76
N THR J 157 2.81 -30.62 57.52
CA THR J 157 3.95 -31.13 58.28
C THR J 157 5.15 -31.47 57.41
N GLY J 158 5.04 -31.40 56.09
CA GLY J 158 6.15 -31.78 55.22
C GLY J 158 6.50 -33.25 55.31
N ASP J 159 5.49 -34.12 55.33
CA ASP J 159 5.68 -35.55 55.45
C ASP J 159 5.21 -36.24 54.17
N GLU J 160 5.81 -37.40 53.90
CA GLU J 160 5.41 -38.19 52.75
C GLU J 160 3.96 -38.66 52.92
N LEU J 161 3.20 -38.62 51.82
CA LEU J 161 1.78 -38.95 51.84
C LEU J 161 1.45 -40.19 51.03
N LEU J 162 1.89 -40.26 49.78
CA LEU J 162 1.57 -41.36 48.89
C LEU J 162 2.80 -42.24 48.68
N SER J 163 2.59 -43.55 48.73
CA SER J 163 3.68 -44.51 48.59
C SER J 163 4.05 -44.69 47.11
N TYR J 164 5.06 -45.51 46.87
CA TYR J 164 5.53 -45.76 45.52
C TYR J 164 4.56 -46.60 44.71
N GLU J 165 3.65 -47.31 45.36
CA GLU J 165 2.71 -48.20 44.67
C GLU J 165 1.48 -47.47 44.15
N GLU J 166 1.36 -46.17 44.42
CA GLU J 166 0.20 -45.40 43.96
C GLU J 166 0.56 -44.08 43.30
N TYR J 167 1.82 -43.65 43.34
CA TYR J 167 2.22 -42.37 42.77
C TYR J 167 3.39 -42.45 41.80
N GLY J 168 4.32 -43.38 41.99
CA GLY J 168 5.50 -43.44 41.15
C GLY J 168 6.65 -42.60 41.68
N HIS J 169 6.37 -41.32 41.91
CA HIS J 169 7.29 -40.35 42.52
C HIS J 169 8.53 -40.07 41.68
N LEU J 170 8.61 -40.62 40.48
CA LEU J 170 9.79 -40.45 39.62
C LEU J 170 9.56 -39.22 38.73
N GLN J 171 10.00 -38.07 39.20
CA GLN J 171 9.87 -36.82 38.44
C GLN J 171 11.14 -36.02 38.65
N ILE J 172 11.96 -35.90 37.59
CA ILE J 172 13.21 -35.17 37.67
C ILE J 172 13.07 -33.74 37.17
N ASN J 173 12.04 -33.45 36.35
CA ASN J 173 11.85 -32.10 35.85
C ASN J 173 11.61 -31.12 37.00
N ALA J 174 10.93 -31.56 38.05
CA ALA J 174 10.71 -30.70 39.20
C ALA J 174 12.02 -30.30 39.86
N VAL J 175 12.92 -31.27 40.05
CA VAL J 175 14.22 -30.98 40.64
C VAL J 175 15.03 -30.05 39.74
N SER J 176 15.01 -30.31 38.43
CA SER J 176 15.75 -29.45 37.51
C SER J 176 15.23 -28.01 37.56
N LEU J 177 13.91 -27.84 37.55
CA LEU J 177 13.33 -26.50 37.61
C LEU J 177 13.65 -25.82 38.94
N TYR J 178 13.64 -26.58 40.04
CA TYR J 178 14.00 -26.01 41.34
C TYR J 178 15.43 -25.49 41.32
N LEU J 179 16.36 -26.31 40.82
CA LEU J 179 17.76 -25.88 40.77
C LEU J 179 17.91 -24.64 39.88
N LEU J 180 17.24 -24.64 38.73
CA LEU J 180 17.36 -23.52 37.80
C LEU J 180 16.81 -22.24 38.42
N TYR J 181 15.66 -22.31 39.08
CA TYR J 181 15.07 -21.11 39.68
C TYR J 181 15.92 -20.61 40.85
N LEU J 182 16.46 -21.53 41.65
CA LEU J 182 17.33 -21.14 42.75
C LEU J 182 18.56 -20.42 42.23
N VAL J 183 19.19 -20.95 41.18
CA VAL J 183 20.35 -20.30 40.59
C VAL J 183 19.96 -18.94 40.02
N GLU J 184 18.81 -18.87 39.34
CA GLU J 184 18.34 -17.62 38.75
C GLU J 184 18.20 -16.53 39.81
N MET J 185 17.55 -16.84 40.92
CA MET J 185 17.27 -15.80 41.91
C MET J 185 18.50 -15.48 42.75
N ILE J 186 19.38 -16.45 42.95
CA ILE J 186 20.63 -16.14 43.64
C ILE J 186 21.49 -15.22 42.77
N SER J 187 21.46 -15.41 41.46
CA SER J 187 22.10 -14.45 40.57
C SER J 187 21.43 -13.09 40.65
N SER J 188 20.09 -13.07 40.69
CA SER J 188 19.34 -11.82 40.78
C SER J 188 19.55 -11.11 42.11
N GLY J 189 19.96 -11.82 43.15
CA GLY J 189 20.20 -11.23 44.47
C GLY J 189 19.18 -11.68 45.50
N LEU J 190 19.56 -12.68 46.29
CA LEU J 190 18.74 -13.20 47.38
C LEU J 190 19.63 -14.09 48.25
N GLN J 191 19.05 -14.61 49.33
CA GLN J 191 19.75 -15.48 50.26
C GLN J 191 18.92 -16.73 50.49
N ILE J 192 19.32 -17.84 49.86
CA ILE J 192 18.63 -19.10 50.03
C ILE J 192 19.47 -20.18 50.69
N ILE J 193 20.79 -20.17 50.54
CA ILE J 193 21.67 -21.19 51.11
C ILE J 193 22.37 -20.57 52.31
N TYR J 194 22.37 -21.28 53.43
CA TYR J 194 22.89 -20.78 54.69
C TYR J 194 24.19 -21.45 55.10
N ASN J 195 24.21 -22.78 55.20
CA ASN J 195 25.37 -23.49 55.71
C ASN J 195 26.03 -24.30 54.61
N THR J 196 27.17 -24.91 54.93
CA THR J 196 27.91 -25.71 53.97
C THR J 196 27.22 -27.05 53.69
N ASP J 197 26.47 -27.57 54.66
CA ASP J 197 25.73 -28.81 54.43
C ASP J 197 24.70 -28.64 53.32
N GLU J 198 24.08 -27.46 53.23
CA GLU J 198 23.16 -27.18 52.15
C GLU J 198 23.89 -27.20 50.80
N VAL J 199 25.11 -26.65 50.77
CA VAL J 199 25.90 -26.68 49.54
C VAL J 199 26.22 -28.12 49.16
N SER J 200 26.58 -28.94 50.14
CA SER J 200 26.87 -30.35 49.87
C SER J 200 25.64 -31.07 49.34
N PHE J 201 24.47 -30.79 49.91
CA PHE J 201 23.25 -31.42 49.42
C PHE J 201 22.91 -30.96 48.01
N ILE J 202 23.14 -29.68 47.70
CA ILE J 202 22.92 -29.19 46.35
C ILE J 202 23.87 -29.88 45.38
N GLN J 203 25.12 -30.08 45.77
CA GLN J 203 26.07 -30.80 44.93
C GLN J 203 25.63 -32.25 44.72
N ASN J 204 25.11 -32.90 45.76
CA ASN J 204 24.64 -34.27 45.62
C ASN J 204 23.41 -34.34 44.72
N LEU J 205 22.52 -33.35 44.80
CA LEU J 205 21.40 -33.28 43.87
C LEU J 205 21.88 -33.09 42.43
N VAL J 206 22.92 -32.27 42.25
CA VAL J 206 23.51 -32.11 40.92
C VAL J 206 24.05 -33.45 40.43
N PHE J 207 24.71 -34.20 41.32
CA PHE J 207 25.24 -35.51 40.95
C PHE J 207 24.12 -36.47 40.57
N CYS J 208 23.01 -36.45 41.30
CA CYS J 208 21.91 -37.37 41.00
C CYS J 208 21.25 -37.02 39.67
N VAL J 209 21.07 -35.71 39.40
CA VAL J 209 20.55 -35.29 38.10
C VAL J 209 21.56 -35.52 36.98
N GLU J 210 22.84 -35.65 37.31
CA GLU J 210 23.89 -35.80 36.30
C GLU J 210 23.70 -37.02 35.41
N ARG J 211 22.97 -38.03 35.86
CA ARG J 211 22.77 -39.26 35.10
C ARG J 211 21.31 -39.42 34.69
N VAL J 212 20.70 -38.31 34.23
CA VAL J 212 19.29 -38.34 33.84
C VAL J 212 19.09 -38.88 32.43
N TYR J 213 20.15 -39.00 31.64
CA TYR J 213 20.02 -39.45 30.25
C TYR J 213 19.84 -40.96 30.13
N ARG J 214 19.82 -41.69 31.23
CA ARG J 214 19.63 -43.14 31.20
C ARG J 214 18.33 -43.58 31.86
N VAL J 215 18.03 -43.08 33.04
CA VAL J 215 16.85 -43.52 33.79
C VAL J 215 15.59 -42.88 33.23
N PRO J 216 14.59 -43.67 32.86
CA PRO J 216 13.32 -43.10 32.40
C PRO J 216 12.57 -42.44 33.55
N ASP J 217 11.68 -41.50 33.21
CA ASP J 217 10.90 -40.77 34.19
C ASP J 217 9.43 -40.76 33.76
N PHE J 218 8.56 -40.61 34.75
CA PHE J 218 7.12 -40.60 34.50
C PHE J 218 6.65 -39.34 33.78
N GLY J 219 7.47 -38.29 33.74
CA GLY J 219 7.10 -37.06 33.07
C GLY J 219 6.31 -36.11 33.97
N VAL J 220 6.07 -34.91 33.43
CA VAL J 220 5.35 -33.90 34.18
C VAL J 220 3.88 -34.30 34.34
N TRP J 221 3.30 -34.92 33.32
CA TRP J 221 1.89 -35.30 33.38
C TRP J 221 1.64 -36.47 34.33
N GLU J 222 2.69 -37.14 34.81
CA GLU J 222 2.61 -38.12 35.89
C GLU J 222 1.99 -39.43 35.42
N ARG J 223 1.43 -39.43 34.20
CA ARG J 223 0.81 -40.64 33.69
C ARG J 223 1.85 -41.63 33.19
N GLY J 224 2.95 -41.14 32.65
CA GLY J 224 4.03 -42.00 32.18
C GLY J 224 4.07 -42.16 30.67
N SER J 225 2.91 -42.30 30.06
CA SER J 225 2.80 -42.47 28.61
C SER J 225 1.35 -42.26 28.22
N LYS J 226 1.09 -42.30 26.91
CA LYS J 226 -0.28 -42.16 26.41
C LYS J 226 -1.16 -43.32 26.86
N TYR J 227 -0.61 -44.54 26.87
CA TYR J 227 -1.41 -45.70 27.23
C TYR J 227 -1.77 -45.70 28.72
N ASN J 228 -0.93 -45.12 29.56
CA ASN J 228 -1.14 -45.08 31.01
C ASN J 228 -1.27 -46.50 31.57
N ASN J 229 -0.19 -47.25 31.44
CA ASN J 229 -0.12 -48.63 31.92
C ASN J 229 1.03 -48.82 32.90
N GLY J 230 1.41 -47.76 33.60
CA GLY J 230 2.51 -47.83 34.55
C GLY J 230 3.85 -48.13 33.91
N SER J 231 4.14 -47.50 32.77
CA SER J 231 5.39 -47.68 32.06
C SER J 231 6.13 -46.36 31.95
N THR J 232 7.43 -46.39 32.22
CA THR J 232 8.27 -45.21 32.17
C THR J 232 9.03 -45.16 30.85
N GLU J 233 9.26 -43.94 30.37
CA GLU J 233 9.98 -43.73 29.12
C GLU J 233 10.69 -42.39 29.17
N LEU J 234 11.71 -42.25 28.33
CA LEU J 234 12.47 -41.01 28.27
C LEU J 234 11.62 -39.89 27.67
N HIS J 235 11.72 -38.70 28.26
CA HIS J 235 10.98 -37.53 27.82
C HIS J 235 11.95 -36.42 27.44
N SER J 236 11.67 -35.77 26.32
CA SER J 236 12.54 -34.69 25.84
C SER J 236 12.53 -33.51 26.79
N SER J 237 11.38 -33.18 27.35
CA SER J 237 11.24 -32.03 28.24
C SER J 237 12.11 -32.16 29.48
N VAL J 239 14.86 -34.01 29.86
CA VAL J 239 16.25 -33.93 29.46
C VAL J 239 16.65 -32.46 29.21
N GLY J 240 15.77 -31.73 28.53
CA GLY J 240 16.05 -30.32 28.27
C GLY J 240 16.13 -29.49 29.54
N LEU J 241 15.19 -29.73 30.47
CA LEU J 241 15.22 -29.01 31.74
C LEU J 241 16.47 -29.35 32.54
N ALA J 242 16.87 -30.63 32.56
CA ALA J 242 18.07 -31.02 33.25
C ALA J 242 19.31 -30.38 32.62
N LYS J 243 19.36 -30.33 31.29
CA LYS J 243 20.48 -29.69 30.62
C LYS J 243 20.55 -28.21 30.93
N ALA J 244 19.40 -27.52 30.93
CA ALA J 244 19.38 -26.11 31.26
C ALA J 244 19.84 -25.86 32.70
N ALA J 245 19.34 -26.67 33.64
CA ALA J 245 19.75 -26.53 35.03
C ALA J 245 21.24 -26.79 35.21
N LEU J 246 21.76 -27.79 34.51
CA LEU J 246 23.19 -28.08 34.59
C LEU J 246 24.02 -26.94 34.01
N GLU J 247 23.57 -26.35 32.90
CA GLU J 247 24.29 -25.23 32.31
C GLU J 247 24.28 -24.02 33.23
N ALA J 248 23.16 -23.77 33.90
CA ALA J 248 23.07 -22.58 34.75
C ALA J 248 23.88 -22.75 36.03
N ILE J 249 23.98 -23.96 36.55
CA ILE J 249 24.57 -24.20 37.86
C ILE J 249 26.08 -24.46 37.76
N ASN J 250 26.63 -24.54 36.55
CA ASN J 250 28.04 -24.85 36.36
C ASN J 250 28.87 -23.62 36.75
N GLY J 251 29.68 -23.77 37.80
CA GLY J 251 30.52 -22.69 38.27
C GLY J 251 29.81 -21.60 39.03
N PHE J 252 28.53 -21.77 39.33
CA PHE J 252 27.77 -20.74 40.03
C PHE J 252 28.11 -20.73 41.51
N ASN J 253 28.10 -19.54 42.10
CA ASN J 253 28.37 -19.35 43.52
C ASN J 253 27.04 -19.26 44.25
N LEU J 254 26.83 -20.18 45.20
CA LEU J 254 25.58 -20.25 45.94
C LEU J 254 25.47 -19.21 47.05
N PHE J 255 26.57 -18.55 47.41
CA PHE J 255 26.57 -17.56 48.47
C PHE J 255 26.36 -16.14 47.97
N GLY J 256 26.15 -15.96 46.66
CA GLY J 256 25.94 -14.64 46.12
C GLY J 256 27.22 -13.81 46.15
N ASN J 257 27.05 -12.50 46.37
CA ASN J 257 28.19 -11.60 46.44
C ASN J 257 29.10 -11.95 47.60
N GLN J 258 28.52 -12.28 48.76
CA GLN J 258 29.28 -12.65 49.94
C GLN J 258 29.66 -14.14 49.90
N GLY J 259 30.51 -14.47 48.92
CA GLY J 259 30.94 -15.83 48.74
C GLY J 259 32.42 -15.90 48.49
N CYS J 260 32.98 -17.08 48.74
CA CYS J 260 34.39 -17.37 48.55
C CYS J 260 34.57 -18.48 47.53
N SER J 261 35.81 -18.92 47.36
CA SER J 261 36.14 -19.95 46.38
C SER J 261 35.72 -21.35 46.81
N TRP J 262 35.37 -21.55 48.07
CA TRP J 262 34.98 -22.87 48.58
C TRP J 262 33.46 -23.03 48.66
N SER J 263 32.72 -22.25 47.87
CA SER J 263 31.26 -22.37 47.83
C SER J 263 30.76 -22.47 46.40
N VAL J 264 31.48 -23.17 45.53
CA VAL J 264 31.14 -23.28 44.13
C VAL J 264 30.67 -24.71 43.86
N ILE J 265 29.82 -24.85 42.83
CA ILE J 265 29.29 -26.14 42.41
C ILE J 265 29.96 -26.52 41.10
N PHE J 266 30.54 -27.72 41.07
CA PHE J 266 31.26 -28.21 39.90
C PHE J 266 30.38 -29.13 39.06
N VAL J 267 30.59 -29.09 37.75
CA VAL J 267 29.76 -29.82 36.79
C VAL J 267 30.65 -30.63 35.86
N ASP J 268 30.31 -31.90 35.68
CA ASP J 268 31.06 -32.79 34.82
C ASP J 268 30.68 -32.56 33.36
N LEU J 269 31.69 -32.58 32.49
CA LEU J 269 31.47 -32.27 31.07
C LEU J 269 30.80 -33.41 30.33
N ASP J 270 31.22 -34.65 30.59
CA ASP J 270 30.80 -35.78 29.76
C ASP J 270 29.29 -36.02 29.88
N ALA J 271 28.73 -35.91 31.08
CA ALA J 271 27.30 -36.11 31.25
C ALA J 271 26.50 -35.02 30.57
N HIS J 272 26.98 -33.78 30.62
CA HIS J 272 26.31 -32.70 29.90
C HIS J 272 26.33 -32.94 28.40
N ASN J 273 27.46 -33.40 27.87
CA ASN J 273 27.55 -33.72 26.46
C ASN J 273 26.59 -34.85 26.10
N ARG J 274 26.51 -35.87 26.96
CA ARG J 274 25.59 -36.98 26.72
C ARG J 274 24.14 -36.50 26.71
N ASN J 275 23.79 -35.61 27.66
CA ASN J 275 22.44 -35.06 27.69
C ASN J 275 22.13 -34.27 26.43
N ARG J 276 23.09 -33.47 25.98
CA ARG J 276 22.89 -32.71 24.74
C ARG J 276 22.71 -33.64 23.55
N GLN J 277 23.49 -34.72 23.48
CA GLN J 277 23.40 -35.67 22.39
C GLN J 277 22.07 -36.41 22.40
N LEU J 279 19.30 -35.19 23.69
CA LEU J 279 18.25 -34.21 23.44
C LEU J 279 18.16 -33.84 21.97
N CYS J 280 19.31 -33.71 21.31
CA CYS J 280 19.35 -33.21 19.94
C CYS J 280 18.93 -34.26 18.90
N LEU J 282 15.93 -36.61 19.91
CA LEU J 282 14.55 -36.94 20.27
C LEU J 282 13.76 -35.64 20.29
N LEU J 283 14.46 -34.54 19.97
CA LEU J 283 13.86 -33.21 20.05
C LEU J 283 12.63 -33.05 19.17
N PRO J 284 12.62 -33.47 17.90
CA PRO J 284 11.40 -33.27 17.08
C PRO J 284 10.16 -33.93 17.67
N ARG J 285 10.31 -35.05 18.34
CA ARG J 285 9.20 -35.72 19.01
C ARG J 285 9.21 -35.40 20.50
N GLU J 286 8.28 -36.02 21.23
CA GLU J 286 8.27 -35.89 22.68
C GLU J 286 8.87 -37.12 23.33
N SER J 287 8.45 -38.30 22.90
CA SER J 287 8.96 -39.57 23.44
C SER J 287 8.73 -40.64 22.38
N ARG J 288 8.96 -41.89 22.77
CA ARG J 288 8.75 -43.01 21.84
C ARG J 288 7.28 -43.14 21.45
N SER J 289 6.38 -43.01 22.42
CA SER J 289 4.96 -43.19 22.18
C SER J 289 4.21 -41.89 21.90
N HIS J 290 4.84 -40.74 22.12
CA HIS J 290 4.21 -39.44 21.92
C HIS J 290 4.82 -38.76 20.70
N ASN J 291 4.02 -38.58 19.65
CA ASN J 291 4.48 -37.84 18.48
C ASN J 291 4.77 -36.38 18.83
N THR J 292 3.89 -35.76 19.60
CA THR J 292 4.07 -34.39 20.05
C THR J 292 3.32 -34.20 21.36
N ASP J 293 3.77 -33.24 22.15
CA ASP J 293 3.19 -32.99 23.46
C ASP J 293 3.30 -31.50 23.77
N ALA J 294 2.39 -31.02 24.62
CA ALA J 294 2.45 -29.65 25.10
C ALA J 294 3.42 -29.50 26.27
N ALA J 295 3.95 -30.60 26.80
CA ALA J 295 4.93 -30.54 27.87
C ALA J 295 6.28 -30.02 27.38
N LEU J 296 6.53 -30.08 26.07
CA LEU J 296 7.76 -29.51 25.53
C LEU J 296 7.73 -27.99 25.49
N LEU J 297 6.55 -27.39 25.68
CA LEU J 297 6.44 -25.93 25.62
C LEU J 297 7.31 -25.23 26.66
N PRO J 298 7.29 -25.61 27.95
CA PRO J 298 8.22 -24.98 28.89
C PRO J 298 9.67 -25.28 28.59
N CYS J 299 9.96 -26.37 27.87
CA CYS J 299 11.34 -26.76 27.62
C CYS J 299 12.04 -25.78 26.67
N ILE J 300 11.30 -25.18 25.74
CA ILE J 300 11.91 -24.27 24.77
C ILE J 300 11.43 -22.84 24.95
N TYR J 302 10.20 -19.80 28.28
CA TYR J 302 10.77 -19.01 29.36
C TYR J 302 11.47 -19.79 30.47
N PRO J 303 10.81 -20.80 31.08
CA PRO J 303 11.42 -21.45 32.25
C PRO J 303 12.75 -22.14 31.95
N ALA J 304 12.94 -22.66 30.74
CA ALA J 304 14.13 -23.42 30.42
C ALA J 304 15.03 -22.72 29.41
N PHE J 305 14.51 -22.38 28.23
CA PHE J 305 15.31 -21.78 27.15
C PHE J 305 16.54 -22.65 26.84
N ALA J 306 16.32 -23.96 26.76
CA ALA J 306 17.41 -24.91 26.62
C ALA J 306 17.73 -25.26 25.17
N LEU J 307 17.07 -24.63 24.20
CA LEU J 307 17.29 -24.92 22.79
C LEU J 307 18.04 -23.76 22.14
N ASP J 308 19.36 -23.91 22.04
CA ASP J 308 20.22 -22.93 21.35
C ASP J 308 20.38 -23.35 19.89
N ASP J 309 19.23 -23.59 19.26
CA ASP J 309 19.19 -24.33 18.01
C ASP J 309 18.20 -23.76 16.98
N GLU J 310 17.44 -22.71 17.34
CA GLU J 310 16.51 -21.97 16.49
C GLU J 310 15.70 -22.80 15.49
N VAL J 311 16.34 -23.51 14.55
CA VAL J 311 15.60 -24.05 13.40
C VAL J 311 14.57 -25.09 13.87
N LEU J 312 15.03 -26.14 14.53
CA LEU J 312 14.09 -27.15 15.02
C LEU J 312 13.26 -26.62 16.18
N PHE J 313 13.72 -25.54 16.84
CA PHE J 313 12.82 -24.88 17.78
C PHE J 313 11.60 -24.32 17.07
N SER J 314 11.82 -23.66 15.93
CA SER J 314 10.71 -23.17 15.12
C SER J 314 9.86 -24.32 14.60
N GLN J 315 10.51 -25.39 14.15
CA GLN J 315 9.75 -26.53 13.64
C GLN J 315 8.88 -27.15 14.74
N THR J 316 9.43 -27.29 15.94
CA THR J 316 8.68 -27.90 17.04
C THR J 316 7.52 -27.01 17.46
N LEU J 317 7.73 -25.69 17.51
CA LEU J 317 6.61 -24.80 17.82
C LEU J 317 5.55 -24.87 16.73
N ASP J 318 5.96 -24.99 15.47
CA ASP J 318 5.00 -25.10 14.38
C ASP J 318 4.19 -26.39 14.49
N LYS J 319 4.85 -27.49 14.81
CA LYS J 319 4.13 -28.76 14.98
C LYS J 319 3.17 -28.69 16.16
N VAL J 320 3.60 -28.10 17.26
CA VAL J 320 2.73 -27.97 18.43
C VAL J 320 1.50 -27.14 18.10
N VAL J 321 1.70 -26.02 17.40
CA VAL J 321 0.58 -25.17 17.03
C VAL J 321 -0.35 -25.89 16.06
N ARG J 322 0.21 -26.63 15.11
CA ARG J 322 -0.62 -27.30 14.11
C ARG J 322 -1.42 -28.44 14.73
N LYS J 323 -0.87 -29.10 15.74
CA LYS J 323 -1.50 -30.29 16.30
C LYS J 323 -2.41 -29.97 17.49
N LEU J 324 -1.85 -29.39 18.55
CA LEU J 324 -2.55 -29.31 19.83
C LEU J 324 -3.27 -27.99 20.07
N LYS J 325 -3.26 -27.08 19.11
CA LYS J 325 -3.94 -25.80 19.32
C LYS J 325 -5.45 -25.99 19.30
N GLY J 326 -6.14 -25.27 20.19
CA GLY J 326 -7.58 -25.31 20.25
C GLY J 326 -8.14 -23.96 20.65
N LYS J 327 -9.45 -23.83 20.54
CA LYS J 327 -10.11 -22.55 20.85
C LYS J 327 -9.99 -22.22 22.34
N TYR J 328 -10.20 -23.20 23.21
CA TYR J 328 -10.20 -22.97 24.65
C TYR J 328 -8.85 -23.21 25.30
N GLY J 329 -7.85 -23.65 24.54
CA GLY J 329 -6.54 -23.91 25.09
C GLY J 329 -5.80 -24.92 24.23
N PHE J 330 -4.73 -25.47 24.80
CA PHE J 330 -3.88 -26.44 24.11
C PHE J 330 -4.00 -27.79 24.80
N LYS J 331 -4.27 -28.83 24.01
CA LYS J 331 -4.35 -30.18 24.53
C LYS J 331 -2.96 -30.66 24.96
N ARG J 332 -2.93 -31.48 26.02
CA ARG J 332 -1.66 -32.00 26.50
C ARG J 332 -1.00 -32.88 25.45
N PHE J 333 -1.72 -33.86 24.93
CA PHE J 333 -1.23 -34.71 23.84
C PHE J 333 -2.43 -35.41 23.22
N LEU J 334 -2.23 -35.91 22.00
CA LEU J 334 -3.30 -36.57 21.29
C LEU J 334 -3.71 -37.87 21.98
N ARG J 335 -5.01 -38.14 21.99
CA ARG J 335 -5.59 -39.36 22.57
C ARG J 335 -5.27 -39.46 24.06
N ASP J 336 -5.74 -38.45 24.80
CA ASP J 336 -5.60 -38.43 26.25
C ASP J 336 -6.97 -38.46 26.91
N GLY J 337 -7.03 -39.06 28.09
CA GLY J 337 -8.29 -39.20 28.80
C GLY J 337 -8.28 -38.61 30.19
N TYR J 338 -7.63 -37.46 30.36
CA TYR J 338 -7.56 -36.80 31.65
C TYR J 338 -8.86 -36.05 31.90
N ARG J 339 -9.66 -36.54 32.84
CA ARG J 339 -10.93 -35.93 33.24
C ARG J 339 -11.90 -35.79 32.07
N THR J 340 -11.85 -36.71 31.11
CA THR J 340 -12.77 -36.66 29.98
C THR J 340 -14.10 -37.33 30.35
N SER J 341 -15.10 -37.08 29.51
CA SER J 341 -16.44 -37.61 29.77
C SER J 341 -16.46 -39.13 29.75
N LEU J 342 -15.77 -39.73 28.78
CA LEU J 342 -15.78 -41.19 28.63
C LEU J 342 -14.87 -41.90 29.59
N GLU J 343 -14.08 -41.17 30.38
CA GLU J 343 -13.20 -41.81 31.35
C GLU J 343 -14.00 -42.51 32.45
N ASP J 344 -13.46 -43.63 32.92
CA ASP J 344 -14.07 -44.38 34.01
C ASP J 344 -13.35 -44.05 35.30
N PRO J 345 -14.00 -43.37 36.26
CA PRO J 345 -13.34 -42.99 37.53
C PRO J 345 -13.32 -44.11 38.55
N ASN J 346 -12.96 -45.32 38.10
CA ASN J 346 -12.83 -46.46 39.00
C ASN J 346 -11.60 -47.30 38.73
N ARG J 347 -10.82 -47.00 37.69
CA ARG J 347 -9.63 -47.76 37.36
C ARG J 347 -8.47 -46.80 37.15
N CYS J 348 -7.33 -47.10 37.77
CA CYS J 348 -6.15 -46.25 37.60
C CYS J 348 -5.48 -46.47 36.24
N TYR J 349 -5.53 -47.70 35.74
CA TYR J 349 -4.88 -48.04 34.48
C TYR J 349 -5.91 -48.20 33.37
N TYR J 350 -5.47 -47.91 32.15
CA TYR J 350 -6.33 -48.04 30.98
C TYR J 350 -6.26 -49.47 30.43
N LYS J 351 -6.84 -49.68 29.26
CA LYS J 351 -6.87 -50.97 28.58
C LYS J 351 -6.46 -50.77 27.13
N PRO J 352 -5.97 -51.84 26.48
CA PRO J 352 -5.64 -51.72 25.06
C PRO J 352 -6.86 -51.34 24.24
N ALA J 353 -6.62 -50.52 23.21
CA ALA J 353 -7.62 -50.00 22.27
C ALA J 353 -8.61 -49.05 22.92
N GLU J 354 -8.47 -48.75 24.22
CA GLU J 354 -9.40 -47.85 24.88
C GLU J 354 -9.14 -46.39 24.54
N ILE J 355 -7.89 -46.00 24.31
CA ILE J 355 -7.54 -44.61 24.10
C ILE J 355 -8.13 -44.05 22.81
N LYS J 356 -8.57 -44.94 21.90
CA LYS J 356 -9.23 -44.47 20.68
C LYS J 356 -10.52 -43.73 21.00
N LEU J 357 -11.24 -44.16 22.05
CA LEU J 357 -12.47 -43.49 22.44
C LEU J 357 -12.23 -42.06 22.90
N PHE J 358 -11.00 -41.72 23.27
CA PHE J 358 -10.66 -40.37 23.74
C PHE J 358 -10.20 -39.45 22.62
N ASP J 359 -10.64 -39.70 21.39
CA ASP J 359 -10.24 -38.90 20.24
C ASP J 359 -11.30 -37.83 19.97
N GLY J 360 -10.87 -36.58 19.86
CA GLY J 360 -11.76 -35.47 19.57
C GLY J 360 -12.42 -34.85 20.79
N ILE J 361 -12.19 -35.39 21.99
CA ILE J 361 -12.77 -34.85 23.21
C ILE J 361 -11.66 -34.51 24.19
N GLU J 362 -10.47 -34.21 23.66
CA GLU J 362 -9.33 -33.92 24.51
C GLU J 362 -9.51 -32.59 25.24
N CYS J 363 -9.11 -32.56 26.50
CA CYS J 363 -9.20 -31.33 27.29
C CYS J 363 -8.14 -30.33 26.84
N GLU J 364 -8.45 -29.05 27.03
CA GLU J 364 -7.59 -27.96 26.63
C GLU J 364 -7.23 -27.10 27.83
N PHE J 365 -5.96 -26.75 27.96
CA PHE J 365 -5.44 -26.02 29.11
C PHE J 365 -5.16 -24.57 28.73
N PRO J 366 -5.85 -23.59 29.32
CA PRO J 366 -5.59 -22.19 28.96
C PRO J 366 -4.22 -21.68 29.37
N ILE J 367 -3.50 -22.39 30.26
CA ILE J 367 -2.20 -21.93 30.73
C ILE J 367 -1.19 -21.85 29.60
N PHE J 368 -1.36 -22.67 28.55
CA PHE J 368 -0.46 -22.58 27.41
C PHE J 368 -0.63 -21.28 26.65
N PHE J 369 -1.80 -20.64 26.73
CA PHE J 369 -1.94 -19.30 26.19
C PHE J 369 -1.02 -18.32 26.91
N LEU J 370 -0.92 -18.43 28.24
CA LEU J 370 0.01 -17.60 28.99
C LEU J 370 1.45 -17.97 28.68
N TYR J 371 1.70 -19.25 28.41
CA TYR J 371 3.04 -19.68 28.02
C TYR J 371 3.45 -19.01 26.71
N MET J 372 2.55 -19.00 25.73
CA MET J 372 2.82 -18.29 24.47
C MET J 372 2.92 -16.78 24.71
N MET J 373 2.14 -16.27 25.66
CA MET J 373 2.26 -14.86 26.05
C MET J 373 3.68 -14.52 26.48
N ILE J 374 4.24 -15.31 27.40
CA ILE J 374 5.58 -15.03 27.90
C ILE J 374 6.62 -15.26 26.81
N ASP J 375 6.44 -16.30 26.00
CA ASP J 375 7.36 -16.54 24.90
C ASP J 375 7.37 -15.38 23.93
N GLY J 376 6.19 -14.83 23.63
CA GLY J 376 6.10 -13.71 22.70
C GLY J 376 6.74 -12.45 23.24
N VAL J 377 6.48 -12.13 24.51
CA VAL J 377 7.09 -10.91 25.06
C VAL J 377 8.60 -11.07 25.15
N PHE J 378 9.07 -12.28 25.47
CA PHE J 378 10.50 -12.53 25.51
C PHE J 378 11.13 -12.38 24.12
N ARG J 379 10.49 -12.96 23.10
CA ARG J 379 11.06 -12.92 21.75
C ARG J 379 10.88 -11.55 21.09
N GLY J 380 9.84 -10.81 21.47
CA GLY J 380 9.61 -9.50 20.89
C GLY J 380 8.70 -9.53 19.67
N ASN J 381 7.51 -10.10 19.82
CA ASN J 381 6.54 -10.20 18.74
C ASN J 381 5.22 -9.60 19.21
N PRO J 382 5.07 -8.27 19.09
CA PRO J 382 3.84 -7.63 19.57
C PRO J 382 2.57 -8.13 18.88
N LYS J 383 2.65 -8.51 17.60
CA LYS J 383 1.49 -9.06 16.93
C LYS J 383 1.03 -10.35 17.61
N GLN J 384 1.98 -11.24 17.92
CA GLN J 384 1.66 -12.45 18.66
C GLN J 384 1.16 -12.11 20.05
N VAL J 385 1.76 -11.09 20.68
CA VAL J 385 1.29 -10.60 21.97
C VAL J 385 -0.21 -10.31 21.92
N GLN J 386 -0.61 -9.45 20.99
CA GLN J 386 -2.01 -9.05 20.91
C GLN J 386 -2.91 -10.22 20.52
N GLU J 387 -2.45 -11.07 19.60
CA GLU J 387 -3.28 -12.18 19.16
C GLU J 387 -3.60 -13.13 20.32
N TYR J 388 -2.57 -13.56 21.06
CA TYR J 388 -2.83 -14.48 22.16
C TYR J 388 -3.52 -13.78 23.33
N GLN J 389 -3.30 -12.48 23.53
CA GLN J 389 -4.06 -11.77 24.56
C GLN J 389 -5.54 -11.74 24.22
N ASP J 390 -5.87 -11.47 22.95
CA ASP J 390 -7.27 -11.46 22.53
C ASP J 390 -7.88 -12.85 22.63
N LEU J 391 -7.10 -13.89 22.31
CA LEU J 391 -7.60 -15.25 22.44
C LEU J 391 -7.87 -15.60 23.90
N LEU J 392 -7.00 -15.15 24.80
CA LEU J 392 -7.14 -15.47 26.23
C LEU J 392 -8.26 -14.68 26.90
N THR J 393 -8.55 -13.48 26.41
CA THR J 393 -9.50 -12.61 27.11
C THR J 393 -10.86 -13.25 27.37
N PRO J 394 -11.54 -13.86 26.41
CA PRO J 394 -12.91 -14.34 26.68
C PRO J 394 -12.98 -15.58 27.56
N VAL J 395 -11.87 -16.28 27.77
CA VAL J 395 -11.88 -17.54 28.49
C VAL J 395 -11.61 -17.33 29.99
N LEU J 396 -11.45 -16.09 30.42
CA LEU J 396 -11.13 -15.77 31.80
C LEU J 396 -12.42 -15.60 32.62
N HIS J 397 -12.35 -16.00 33.88
CA HIS J 397 -13.46 -15.86 34.82
C HIS J 397 -13.05 -14.94 35.97
N HIS J 398 -14.05 -14.30 36.57
CA HIS J 398 -13.82 -13.32 37.63
C HIS J 398 -14.55 -13.75 38.90
N THR J 399 -13.96 -13.40 40.04
CA THR J 399 -14.55 -13.70 41.34
C THR J 399 -15.59 -12.65 41.68
N THR J 400 -16.05 -12.65 42.94
CA THR J 400 -17.01 -11.64 43.37
C THR J 400 -16.40 -10.24 43.34
N GLU J 401 -15.14 -10.12 43.75
CA GLU J 401 -14.46 -8.83 43.74
C GLU J 401 -13.93 -8.45 42.35
N GLY J 402 -13.99 -9.36 41.39
CA GLY J 402 -13.52 -9.07 40.05
C GLY J 402 -12.13 -9.59 39.73
N TYR J 403 -11.51 -10.34 40.64
CA TYR J 403 -10.18 -10.87 40.39
C TYR J 403 -10.24 -11.96 39.33
N PRO J 404 -9.44 -11.88 38.27
CA PRO J 404 -9.51 -12.90 37.21
C PRO J 404 -9.06 -14.26 37.70
N VAL J 405 -9.67 -15.29 37.11
CA VAL J 405 -9.36 -16.68 37.42
C VAL J 405 -9.15 -17.45 36.11
N VAL J 406 -8.09 -18.23 36.06
CA VAL J 406 -7.74 -19.03 34.89
C VAL J 406 -8.19 -20.46 35.17
N PRO J 407 -9.20 -20.98 34.46
CA PRO J 407 -9.60 -22.37 34.65
C PRO J 407 -8.49 -23.33 34.26
N LYS J 408 -8.42 -24.47 34.95
CA LYS J 408 -7.38 -25.45 34.67
C LYS J 408 -7.58 -26.08 33.29
N TYR J 409 -8.80 -26.46 32.97
CA TYR J 409 -9.09 -27.13 31.70
C TYR J 409 -10.56 -26.94 31.37
N TYR J 410 -10.92 -27.37 30.15
CA TYR J 410 -12.30 -27.33 29.68
C TYR J 410 -12.67 -28.71 29.15
N TYR J 411 -13.85 -29.19 29.54
CA TYR J 411 -14.31 -30.52 29.18
C TYR J 411 -15.65 -30.43 28.46
N VAL J 412 -15.79 -31.22 27.39
CA VAL J 412 -17.06 -31.27 26.66
C VAL J 412 -18.11 -31.95 27.52
N PRO J 413 -19.35 -31.47 27.54
CA PRO J 413 -20.40 -32.17 28.29
C PRO J 413 -20.65 -33.55 27.71
N ALA J 414 -21.07 -34.46 28.59
CA ALA J 414 -21.25 -35.86 28.20
C ALA J 414 -22.37 -36.02 27.16
N ASP J 415 -23.31 -35.07 27.11
CA ASP J 415 -24.41 -35.19 26.17
C ASP J 415 -24.01 -34.71 24.78
N PHE J 416 -22.88 -34.03 24.65
CA PHE J 416 -22.43 -33.48 23.37
C PHE J 416 -21.16 -34.14 22.86
N VAL J 417 -20.79 -35.32 23.39
CA VAL J 417 -19.56 -35.97 22.98
C VAL J 417 -19.63 -36.40 21.52
N GLU J 418 -20.77 -36.95 21.10
CA GLU J 418 -20.91 -37.39 19.71
C GLU J 418 -20.91 -36.19 18.76
N TYR J 419 -21.55 -35.09 19.16
CA TYR J 419 -21.54 -33.90 18.32
C TYR J 419 -20.14 -33.32 18.20
N GLU J 420 -19.38 -33.31 19.30
CA GLU J 420 -18.01 -32.84 19.24
C GLU J 420 -17.14 -33.74 18.36
N LYS J 421 -17.35 -35.06 18.47
CA LYS J 421 -16.58 -35.98 17.64
C LYS J 421 -16.89 -35.81 16.16
N ASN J 422 -18.17 -35.62 15.82
CA ASN J 422 -18.54 -35.45 14.42
C ASN J 422 -17.95 -34.15 13.86
N ASN J 423 -18.08 -33.04 14.59
CA ASN J 423 -17.56 -31.74 14.18
C ASN J 423 -16.69 -31.20 15.30
N PRO J 424 -15.37 -31.42 15.23
CA PRO J 424 -14.49 -30.92 16.30
C PRO J 424 -14.54 -29.41 16.40
N GLY J 425 -14.63 -28.92 17.63
CA GLY J 425 -14.65 -27.50 17.91
C GLY J 425 -15.97 -26.81 17.68
N SER J 426 -17.00 -27.54 17.23
CA SER J 426 -18.30 -26.92 16.98
C SER J 426 -19.07 -26.67 18.28
N GLN J 427 -18.96 -27.59 19.24
CA GLN J 427 -19.74 -27.49 20.46
C GLN J 427 -19.03 -26.59 21.48
N LYS J 428 -19.77 -26.26 22.54
CA LYS J 428 -19.28 -25.40 23.60
C LYS J 428 -18.88 -26.25 24.81
N ARG J 429 -17.68 -25.99 25.33
CA ARG J 429 -17.16 -26.74 26.47
C ARG J 429 -17.46 -26.01 27.77
N PHE J 430 -17.34 -26.74 28.88
CA PHE J 430 -17.62 -26.23 30.21
C PHE J 430 -16.32 -26.03 30.98
N PRO J 431 -16.25 -25.04 31.87
CA PRO J 431 -15.03 -24.83 32.64
C PRO J 431 -14.86 -25.90 33.72
N SER J 432 -13.61 -26.03 34.17
CA SER J 432 -13.27 -27.04 35.17
C SER J 432 -13.82 -26.64 36.54
N ASN J 433 -13.51 -27.47 37.53
CA ASN J 433 -13.97 -27.20 38.90
C ASN J 433 -13.36 -25.90 39.43
N CYS J 434 -12.07 -25.69 39.18
CA CYS J 434 -11.40 -24.46 39.63
C CYS J 434 -11.43 -23.38 38.56
N GLY J 435 -12.61 -23.09 38.06
CA GLY J 435 -12.80 -22.04 37.07
C GLY J 435 -13.83 -21.02 37.51
N ARG J 436 -14.06 -20.94 38.82
CA ARG J 436 -15.04 -20.03 39.40
C ARG J 436 -14.62 -19.74 40.83
N ASP J 437 -15.45 -18.97 41.53
CA ASP J 437 -15.16 -18.63 42.92
C ASP J 437 -15.32 -19.86 43.80
N GLY J 438 -14.36 -20.06 44.71
CA GLY J 438 -14.40 -21.19 45.62
C GLY J 438 -13.25 -22.15 45.42
N LYS J 439 -12.91 -22.42 44.17
CA LYS J 439 -11.79 -23.28 43.82
C LYS J 439 -10.86 -22.52 42.89
N LEU J 440 -9.57 -22.53 43.22
CA LEU J 440 -8.58 -21.74 42.50
C LEU J 440 -7.44 -22.64 42.03
N PHE J 441 -6.74 -22.16 41.00
CA PHE J 441 -5.64 -22.89 40.37
C PHE J 441 -4.41 -22.01 40.53
N LEU J 442 -3.59 -22.31 41.54
CA LEU J 442 -2.50 -21.42 41.90
C LEU J 442 -1.45 -21.31 40.80
N TRP J 443 -1.09 -22.44 40.18
CA TRP J 443 -0.12 -22.41 39.09
C TRP J 443 -0.61 -21.57 37.92
N GLY J 444 -1.88 -21.75 37.54
CA GLY J 444 -2.42 -20.99 36.42
C GLY J 444 -2.47 -19.50 36.70
N GLN J 445 -2.83 -19.12 37.92
CA GLN J 445 -2.94 -17.70 38.23
C GLN J 445 -1.57 -17.06 38.40
N ALA J 446 -0.58 -17.83 38.88
CA ALA J 446 0.79 -17.34 38.88
C ALA J 446 1.28 -17.10 37.46
N LEU J 447 0.96 -18.02 36.55
CA LEU J 447 1.28 -17.79 35.14
C LEU J 447 0.56 -16.56 34.61
N TYR J 448 -0.70 -16.37 35.02
CA TYR J 448 -1.45 -15.20 34.57
C TYR J 448 -0.77 -13.91 35.02
N ILE J 449 -0.36 -13.83 36.29
CA ILE J 449 0.20 -12.58 36.79
C ILE J 449 1.56 -12.31 36.16
N ILE J 450 2.39 -13.36 36.00
CA ILE J 450 3.70 -13.13 35.38
C ILE J 450 3.54 -12.71 33.92
N ALA J 451 2.60 -13.34 33.20
CA ALA J 451 2.38 -12.97 31.80
C ALA J 451 1.85 -11.56 31.68
N LYS J 452 0.90 -11.18 32.54
CA LYS J 452 0.36 -9.82 32.49
C LYS J 452 1.41 -8.79 32.84
N LEU J 453 2.27 -9.09 33.83
CA LEU J 453 3.33 -8.17 34.20
C LEU J 453 4.34 -7.99 33.06
N LEU J 454 4.68 -9.09 32.39
CA LEU J 454 5.61 -9.00 31.26
C LEU J 454 4.98 -8.23 30.09
N ALA J 455 3.70 -8.47 29.83
CA ALA J 455 3.03 -7.81 28.70
C ALA J 455 2.97 -6.30 28.89
N ASP J 456 2.66 -5.86 30.11
CA ASP J 456 2.54 -4.43 30.41
C ASP J 456 3.89 -3.75 30.62
N GLU J 457 5.00 -4.43 30.27
CA GLU J 457 6.35 -3.91 30.44
C GLU J 457 6.66 -3.56 31.89
N LEU J 458 6.01 -4.23 32.84
CA LEU J 458 6.30 -3.98 34.25
C LEU J 458 7.59 -4.65 34.69
N ILE J 459 8.07 -5.64 33.92
CA ILE J 459 9.39 -6.21 34.11
C ILE J 459 10.01 -6.42 32.73
N SER J 460 11.22 -5.88 32.54
CA SER J 460 11.99 -6.18 31.34
C SER J 460 12.46 -7.63 31.38
N PRO J 461 12.63 -8.27 30.22
CA PRO J 461 13.07 -9.67 30.23
C PRO J 461 14.41 -9.89 30.91
N LYS J 462 15.26 -8.86 30.98
CA LYS J 462 16.58 -9.02 31.59
C LYS J 462 16.50 -9.21 33.11
N ASP J 463 15.55 -8.55 33.77
CA ASP J 463 15.50 -8.60 35.23
C ASP J 463 15.18 -10.00 35.73
N ILE J 464 14.15 -10.65 35.15
CA ILE J 464 13.80 -12.01 35.56
C ILE J 464 14.75 -13.05 34.99
N ASP J 465 15.67 -12.66 34.11
CA ASP J 465 16.65 -13.57 33.52
C ASP J 465 18.05 -12.99 33.66
N PRO J 466 18.63 -13.05 34.86
CA PRO J 466 19.99 -12.52 35.05
C PRO J 466 21.07 -13.43 34.49
N VAL J 467 20.83 -14.74 34.40
CA VAL J 467 21.86 -15.66 33.92
C VAL J 467 21.88 -15.77 32.41
N GLN J 468 21.06 -15.00 31.70
CA GLN J 468 21.01 -14.97 30.25
C GLN J 468 20.70 -16.36 29.68
N ARG J 469 19.60 -16.94 30.14
CA ARG J 469 19.14 -18.21 29.60
C ARG J 469 18.74 -18.06 28.14
N TYR J 470 18.04 -16.98 27.80
CA TYR J 470 17.67 -16.69 26.43
C TYR J 470 18.69 -15.73 25.82
N VAL J 471 19.24 -16.11 24.68
CA VAL J 471 20.27 -15.33 23.99
C VAL J 471 19.76 -15.04 22.59
N PRO J 472 19.74 -13.78 22.16
CA PRO J 472 19.29 -13.47 20.80
C PRO J 472 20.24 -14.01 19.76
N LEU J 473 19.74 -14.12 18.51
CA LEU J 473 20.52 -14.70 17.43
C LEU J 473 21.80 -13.91 17.16
N LYS J 474 21.83 -12.63 17.55
CA LYS J 474 23.00 -11.79 17.33
C LYS J 474 23.99 -11.82 18.49
N ASP J 475 23.72 -12.61 19.53
CA ASP J 475 24.57 -12.63 20.72
C ASP J 475 25.05 -14.04 21.07
N GLN J 476 24.75 -15.05 20.26
CA GLN J 476 25.17 -16.42 20.52
C GLN J 476 26.64 -16.61 20.15
N ARG J 477 27.51 -15.85 20.83
CA ARG J 477 28.92 -15.83 20.49
C ARG J 477 29.80 -16.35 21.62
N ASN J 478 29.69 -15.78 22.83
CA ASN J 478 30.55 -16.16 23.95
C ASN J 478 29.69 -16.57 25.13
N VAL J 479 29.27 -17.83 25.15
CA VAL J 479 28.59 -18.43 26.29
C VAL J 479 29.27 -19.76 26.60
N SER J 480 29.61 -19.97 27.86
N SER J 480 29.61 -19.97 27.86
CA SER J 480 30.29 -21.20 28.26
CA SER J 480 30.29 -21.20 28.26
C SER J 480 29.36 -22.39 28.09
C SER J 480 29.36 -22.39 28.09
N MET J 481 29.89 -23.48 27.52
CA MET J 481 29.20 -24.74 27.26
C MET J 481 28.03 -24.61 26.29
N ARG J 482 27.80 -23.44 25.69
CA ARG J 482 26.71 -23.25 24.77
C ARG J 482 27.19 -22.86 23.37
N PHE J 483 28.08 -21.88 23.27
CA PHE J 483 28.57 -21.42 21.99
C PHE J 483 30.08 -21.23 22.05
N SER J 484 30.72 -21.35 20.89
CA SER J 484 32.15 -21.10 20.75
C SER J 484 32.37 -19.72 20.12
N ASN J 485 33.61 -19.24 20.23
CA ASN J 485 33.95 -17.92 19.70
C ASN J 485 33.73 -17.86 18.19
N GLN J 486 33.87 -18.99 17.50
CA GLN J 486 33.60 -19.02 16.07
C GLN J 486 32.14 -18.70 15.77
N GLY J 487 31.23 -19.26 16.56
CA GLY J 487 29.81 -19.05 16.35
C GLY J 487 29.05 -20.35 16.30
N PRO J 488 27.75 -20.29 16.05
CA PRO J 488 26.92 -21.50 15.97
C PRO J 488 26.92 -22.18 14.61
N LEU J 489 27.65 -21.66 13.63
CA LEU J 489 27.66 -22.24 12.28
C LEU J 489 29.07 -22.57 11.80
N GLU J 490 30.10 -22.31 12.60
CA GLU J 490 31.48 -22.54 12.19
C GLU J 490 32.17 -23.44 13.20
N ASN J 491 33.09 -24.26 12.71
CA ASN J 491 33.87 -25.17 13.56
C ASN J 491 35.30 -25.18 13.03
N ASP J 492 36.14 -24.31 13.59
CA ASP J 492 37.55 -24.22 13.22
C ASP J 492 38.39 -24.22 14.49
N LEU J 493 38.10 -25.17 15.37
CA LEU J 493 38.78 -25.24 16.66
C LEU J 493 40.22 -25.69 16.48
N VAL J 494 41.12 -25.12 17.28
CA VAL J 494 42.53 -25.46 17.28
C VAL J 494 42.85 -26.09 18.64
N VAL J 495 43.46 -27.27 18.61
CA VAL J 495 43.75 -28.03 19.83
C VAL J 495 45.24 -27.89 20.14
N HIS J 496 45.53 -27.46 21.37
CA HIS J 496 46.92 -27.39 21.83
C HIS J 496 47.42 -28.79 22.17
N VAL J 497 48.59 -29.14 21.65
CA VAL J 497 49.16 -30.47 21.80
C VAL J 497 50.55 -30.33 22.40
N ALA J 498 50.81 -31.11 23.46
CA ALA J 498 52.12 -31.18 24.09
C ALA J 498 52.58 -32.63 24.11
N LEU J 499 53.82 -32.87 23.68
CA LEU J 499 54.38 -34.20 23.62
C LEU J 499 55.21 -34.49 24.87
N ILE J 500 55.06 -35.69 25.41
CA ILE J 500 55.72 -36.11 26.64
C ILE J 500 56.50 -37.38 26.37
N ALA J 501 57.79 -37.37 26.71
CA ALA J 501 58.66 -38.53 26.61
C ALA J 501 59.00 -39.02 28.01
N GLU J 502 58.81 -40.31 28.26
CA GLU J 502 59.01 -40.80 29.62
C GLU J 502 60.47 -40.68 30.03
N SER J 503 61.39 -40.94 29.10
CA SER J 503 62.79 -41.10 29.45
C SER J 503 63.64 -40.18 28.58
N GLN J 504 64.81 -39.83 29.11
CA GLN J 504 65.73 -38.97 28.37
C GLN J 504 66.27 -39.66 27.12
N ARG J 505 66.45 -40.98 27.18
CA ARG J 505 66.88 -41.71 26.00
C ARG J 505 65.84 -41.65 24.90
N LEU J 506 64.56 -41.78 25.25
CA LEU J 506 63.49 -41.64 24.27
C LEU J 506 63.47 -40.23 23.69
N GLN J 507 63.67 -39.22 24.52
CA GLN J 507 63.71 -37.85 24.03
C GLN J 507 64.86 -37.65 23.05
N VAL J 508 66.03 -38.20 23.37
CA VAL J 508 67.18 -38.08 22.48
C VAL J 508 66.92 -38.80 21.16
N PHE J 509 66.32 -40.00 21.23
CA PHE J 509 66.03 -40.74 20.01
C PHE J 509 65.03 -40.00 19.13
N LEU J 510 64.01 -39.39 19.75
CA LEU J 510 63.04 -38.62 18.97
C LEU J 510 63.68 -37.36 18.39
N ASN J 511 64.55 -36.71 19.16
CA ASN J 511 65.21 -35.49 18.69
C ASN J 511 66.17 -35.78 17.53
N THR J 512 66.79 -36.97 17.53
CA THR J 512 67.67 -37.33 16.44
C THR J 512 66.95 -37.43 15.09
N TYR J 513 65.63 -37.54 15.10
CA TYR J 513 64.83 -37.66 13.87
C TYR J 513 63.93 -36.44 13.68
N GLY J 514 64.27 -35.32 14.29
CA GLY J 514 63.54 -34.09 14.07
C GLY J 514 62.23 -33.96 14.80
N ILE J 515 62.03 -34.70 15.89
CA ILE J 515 60.83 -34.61 16.71
C ILE J 515 61.23 -34.11 18.09
N GLN J 516 60.62 -33.00 18.52
CA GLN J 516 60.94 -32.39 19.80
C GLN J 516 59.94 -32.86 20.85
N THR J 517 60.47 -33.38 21.96
CA THR J 517 59.65 -33.90 23.05
C THR J 517 60.23 -33.46 24.38
N GLN J 518 59.38 -33.40 25.38
CA GLN J 518 59.77 -32.98 26.73
C GLN J 518 59.53 -34.11 27.72
N THR J 519 60.38 -34.19 28.73
CA THR J 519 60.31 -35.19 29.78
C THR J 519 59.68 -34.60 31.04
N PRO J 520 59.05 -35.44 31.88
CA PRO J 520 58.45 -34.91 33.12
C PRO J 520 59.46 -34.26 34.05
N GLN J 521 60.74 -34.64 33.96
CA GLN J 521 61.74 -34.03 34.83
C GLN J 521 62.08 -32.61 34.39
N GLN J 522 61.68 -32.23 33.18
CA GLN J 522 61.91 -30.88 32.68
C GLN J 522 60.75 -29.94 32.94
N VAL J 523 59.65 -30.43 33.51
CA VAL J 523 58.48 -29.60 33.78
C VAL J 523 58.16 -29.65 35.26
N GLU J 524 59.21 -29.73 36.09
CA GLU J 524 59.09 -29.91 37.55
C GLU J 524 57.95 -29.12 38.21
N PRO J 525 57.73 -27.83 37.93
CA PRO J 525 56.60 -27.14 38.57
C PRO J 525 55.24 -27.70 38.17
N ILE J 526 55.14 -28.41 37.05
CA ILE J 526 53.89 -28.97 36.57
C ILE J 526 53.90 -30.48 36.77
N GLN J 527 52.88 -31.00 37.44
CA GLN J 527 52.76 -32.42 37.71
C GLN J 527 51.74 -33.04 36.77
N ILE J 528 52.08 -34.19 36.19
CA ILE J 528 51.20 -34.92 35.29
C ILE J 528 50.55 -36.05 36.06
N TRP J 529 49.23 -36.12 36.01
CA TRP J 529 48.47 -37.10 36.78
C TRP J 529 47.69 -38.03 35.86
N PRO J 530 47.45 -39.27 36.27
CA PRO J 530 46.56 -40.15 35.53
C PRO J 530 45.11 -39.87 35.90
N GLN J 531 44.19 -40.59 35.24
CA GLN J 531 42.77 -40.41 35.50
C GLN J 531 42.38 -40.85 36.91
N GLN J 532 43.07 -41.86 37.45
CA GLN J 532 42.70 -42.39 38.75
C GLN J 532 42.86 -41.36 39.86
N GLU J 533 43.94 -40.58 39.81
CA GLU J 533 44.15 -39.56 40.83
C GLU J 533 43.07 -38.48 40.78
N LEU J 534 42.70 -38.05 39.57
CA LEU J 534 41.62 -37.07 39.44
C LEU J 534 40.29 -37.62 39.92
N VAL J 535 40.03 -38.90 39.63
CA VAL J 535 38.79 -39.53 40.09
C VAL J 535 38.76 -39.58 41.61
N LYS J 536 39.88 -39.95 42.23
CA LYS J 536 39.95 -39.99 43.69
C LYS J 536 39.77 -38.59 44.28
N ALA J 537 40.37 -37.57 43.66
CA ALA J 537 40.21 -36.21 44.14
C ALA J 537 38.76 -35.76 44.06
N TYR J 538 38.08 -36.08 42.96
CA TYR J 538 36.68 -35.72 42.83
C TYR J 538 35.79 -36.52 43.78
N LEU J 539 36.24 -37.72 44.16
CA LEU J 539 35.47 -38.52 45.11
C LEU J 539 35.39 -37.86 46.48
N GLN J 540 36.49 -37.25 46.92
CA GLN J 540 36.56 -36.63 48.24
C GLN J 540 35.75 -35.34 48.33
N LEU J 541 35.23 -34.83 47.22
CA LEU J 541 34.53 -33.55 47.19
C LEU J 541 33.24 -33.59 48.01
N GLY J 542 32.42 -34.62 47.80
CA GLY J 542 31.11 -34.69 48.43
C GLY J 542 31.05 -35.45 49.73
N ILE J 543 31.74 -34.96 50.77
CA ILE J 543 31.76 -35.60 52.07
C ILE J 543 30.90 -34.78 53.03
N ASN J 544 29.92 -35.43 53.66
CA ASN J 544 29.06 -34.77 54.63
C ASN J 544 28.62 -35.84 55.64
N GLU J 545 29.30 -35.90 56.77
CA GLU J 545 29.03 -36.95 57.75
C GLU J 545 27.73 -36.70 58.51
N LYS J 546 27.27 -35.44 58.57
CA LYS J 546 26.05 -35.14 59.31
C LYS J 546 24.84 -35.84 58.70
N LEU J 547 24.72 -35.83 57.38
CA LEU J 547 23.63 -36.51 56.69
C LEU J 547 24.05 -37.85 56.10
N GLY J 548 25.27 -37.94 55.57
CA GLY J 548 25.76 -39.17 54.98
C GLY J 548 25.72 -39.14 53.47
N LEU J 549 26.86 -38.84 52.85
CA LEU J 549 26.97 -38.77 51.40
C LEU J 549 28.29 -39.38 50.97
N SER J 550 28.27 -40.14 49.88
CA SER J 550 29.45 -40.81 49.37
C SER J 550 30.21 -39.97 48.33
N GLY J 551 29.72 -38.78 48.00
CA GLY J 551 30.39 -37.96 47.01
C GLY J 551 30.16 -38.44 45.60
N ARG J 552 31.03 -37.97 44.70
CA ARG J 552 30.95 -38.36 43.31
C ARG J 552 31.24 -39.86 43.17
N PRO J 553 30.40 -40.62 42.49
CA PRO J 553 30.67 -42.05 42.32
C PRO J 553 31.95 -42.29 41.53
N ASP J 554 32.60 -43.42 41.80
CA ASP J 554 33.84 -43.78 41.13
C ASP J 554 33.53 -44.11 39.68
N ARG J 555 33.74 -43.15 38.80
CA ARG J 555 33.45 -43.28 37.38
C ARG J 555 34.59 -42.70 36.58
N PRO J 556 34.83 -43.20 35.37
CA PRO J 556 35.91 -42.66 34.55
C PRO J 556 35.59 -41.26 34.03
N ILE J 557 36.64 -40.54 33.64
CA ILE J 557 36.53 -39.18 33.15
C ILE J 557 36.80 -39.19 31.64
N GLY J 558 35.91 -38.58 30.88
CA GLY J 558 36.02 -38.57 29.43
C GLY J 558 37.10 -37.64 28.93
N CYS J 559 37.17 -37.53 27.60
CA CYS J 559 38.18 -36.70 26.97
C CYS J 559 37.99 -35.23 27.33
N LEU J 560 36.73 -34.77 27.39
CA LEU J 560 36.47 -33.37 27.70
C LEU J 560 36.95 -33.01 29.10
N GLY J 561 36.71 -33.89 30.07
CA GLY J 561 37.11 -33.62 31.44
C GLY J 561 38.61 -33.68 31.67
N THR J 562 39.33 -34.41 30.84
CA THR J 562 40.78 -34.52 30.96
C THR J 562 41.52 -33.45 30.18
N SER J 563 40.82 -32.59 29.46
CA SER J 563 41.44 -31.56 28.63
C SER J 563 41.62 -30.24 29.36
N LYS J 564 41.18 -30.13 30.61
CA LYS J 564 41.34 -28.92 31.39
C LYS J 564 42.69 -28.94 32.11
N ILE J 565 42.94 -27.88 32.88
CA ILE J 565 44.10 -27.78 33.75
C ILE J 565 43.62 -27.42 35.15
N TYR J 566 44.12 -28.13 36.15
CA TYR J 566 43.66 -27.98 37.52
C TYR J 566 44.80 -27.55 38.43
N ARG J 567 44.43 -26.85 39.50
CA ARG J 567 45.37 -26.41 40.53
C ARG J 567 44.91 -27.02 41.86
N ILE J 568 45.55 -28.12 42.25
CA ILE J 568 45.19 -28.85 43.47
C ILE J 568 46.31 -28.64 44.48
N LEU J 569 45.94 -28.10 45.65
CA LEU J 569 46.89 -27.83 46.73
C LEU J 569 48.04 -26.95 46.25
N GLY J 570 47.73 -25.98 45.40
CA GLY J 570 48.73 -25.06 44.89
C GLY J 570 49.63 -25.61 43.82
N LYS J 571 49.34 -26.81 43.30
CA LYS J 571 50.16 -27.45 42.28
C LYS J 571 49.34 -27.61 41.00
N THR J 572 49.93 -27.24 39.87
CA THR J 572 49.27 -27.40 38.59
C THR J 572 49.18 -28.88 38.23
N VAL J 573 48.01 -29.32 37.80
CA VAL J 573 47.76 -30.72 37.48
C VAL J 573 47.24 -30.81 36.04
N VAL J 574 47.87 -31.67 35.24
CA VAL J 574 47.44 -31.96 33.88
C VAL J 574 47.29 -33.46 33.74
N CYS J 575 46.19 -33.91 33.13
CA CYS J 575 45.88 -35.32 32.99
C CYS J 575 45.85 -35.70 31.52
N TYR J 576 46.57 -36.76 31.16
CA TYR J 576 46.57 -37.28 29.81
C TYR J 576 45.30 -38.08 29.56
N PRO J 577 44.88 -38.22 28.30
CA PRO J 577 43.65 -38.94 28.00
C PRO J 577 43.73 -40.42 28.40
N ILE J 578 42.56 -40.99 28.70
CA ILE J 578 42.47 -42.38 29.13
C ILE J 578 42.89 -43.35 28.02
N ILE J 579 42.95 -42.87 26.77
CA ILE J 579 43.30 -43.75 25.66
C ILE J 579 44.76 -44.19 25.71
N PHE J 580 45.56 -43.59 26.59
CA PHE J 580 46.99 -43.88 26.67
C PHE J 580 47.33 -44.93 27.71
N ASP J 581 46.35 -45.51 28.39
CA ASP J 581 46.60 -46.54 29.40
C ASP J 581 46.00 -47.86 28.95
N LEU J 582 46.71 -48.95 29.22
CA LEU J 582 46.29 -50.29 28.87
C LEU J 582 46.24 -51.15 30.12
N SER J 583 45.19 -51.96 30.25
CA SER J 583 45.01 -52.78 31.45
C SER J 583 45.09 -54.27 31.15
N ASP J 584 44.19 -54.81 30.32
CA ASP J 584 44.16 -56.25 30.09
C ASP J 584 44.01 -56.67 28.62
N PHE J 585 43.48 -55.82 27.75
CA PHE J 585 43.16 -56.24 26.40
C PHE J 585 44.34 -56.03 25.46
N TYR J 586 44.27 -56.71 24.31
CA TYR J 586 45.33 -56.68 23.31
C TYR J 586 45.09 -55.63 22.23
N MET J 587 44.03 -54.82 22.34
CA MET J 587 43.79 -53.77 21.37
C MET J 587 44.87 -52.70 21.39
N SER J 588 45.55 -52.53 22.54
CA SER J 588 46.60 -51.53 22.67
C SER J 588 47.94 -51.98 22.09
N GLN J 589 48.04 -53.23 21.63
CA GLN J 589 49.29 -53.73 21.07
C GLN J 589 49.45 -53.38 19.60
N ASP J 590 48.47 -52.74 18.98
CA ASP J 590 48.55 -52.32 17.58
C ASP J 590 48.67 -50.80 17.54
N VAL J 591 49.72 -50.31 16.88
CA VAL J 591 49.94 -48.87 16.80
C VAL J 591 48.89 -48.22 15.91
N PHE J 592 48.40 -48.94 14.90
CA PHE J 592 47.36 -48.38 14.04
C PHE J 592 46.09 -48.10 14.83
N LEU J 593 45.73 -48.99 15.73
CA LEU J 593 44.57 -48.76 16.59
C LEU J 593 44.79 -47.54 17.48
N LEU J 594 46.00 -47.38 18.01
CA LEU J 594 46.30 -46.21 18.84
C LEU J 594 46.19 -44.92 18.05
N ILE J 595 46.70 -44.92 16.82
CA ILE J 595 46.62 -43.73 15.97
C ILE J 595 45.17 -43.42 15.64
N ASP J 596 44.37 -44.45 15.34
CA ASP J 596 42.96 -44.25 15.06
C ASP J 596 42.24 -43.68 16.28
N ASP J 597 42.56 -44.18 17.47
CA ASP J 597 41.95 -43.65 18.69
C ASP J 597 42.36 -42.20 18.92
N ILE J 598 43.62 -41.86 18.65
CA ILE J 598 44.08 -40.49 18.82
C ILE J 598 43.32 -39.56 17.88
N LYS J 599 43.20 -39.95 16.61
CA LYS J 599 42.47 -39.14 15.64
C LYS J 599 41.01 -39.00 16.03
N ASN J 600 40.40 -40.10 16.48
CA ASN J 600 38.99 -40.07 16.84
C ASN J 600 38.75 -39.18 18.06
N ALA J 601 39.64 -39.25 19.04
CA ALA J 601 39.52 -38.39 20.21
C ALA J 601 39.72 -36.92 19.85
N LEU J 602 40.67 -36.64 18.94
CA LEU J 602 40.87 -35.26 18.48
C LEU J 602 39.62 -34.73 17.78
N GLN J 603 39.01 -35.56 16.93
CA GLN J 603 37.79 -35.14 16.25
C GLN J 603 36.65 -34.92 17.24
N PHE J 604 36.53 -35.80 18.24
CA PHE J 604 35.49 -35.64 19.25
C PHE J 604 35.70 -34.36 20.04
N ILE J 605 36.95 -34.05 20.40
CA ILE J 605 37.24 -32.82 21.13
C ILE J 605 36.90 -31.60 20.27
N LYS J 606 37.27 -31.64 18.99
CA LYS J 606 36.96 -30.52 18.11
C LYS J 606 35.46 -30.32 17.96
N GLN J 607 34.71 -31.41 17.85
CA GLN J 607 33.27 -31.30 17.60
C GLN J 607 32.51 -30.82 18.84
N TYR J 608 32.93 -31.23 20.03
CA TYR J 608 32.13 -31.00 21.23
C TYR J 608 32.88 -30.19 22.28
N TRP J 609 33.52 -29.10 21.89
CA TRP J 609 34.16 -28.18 22.82
C TRP J 609 33.52 -26.81 22.67
N LYS J 610 33.00 -26.27 23.77
CA LYS J 610 32.28 -25.00 23.74
C LYS J 610 32.68 -24.07 24.88
N MET J 611 33.90 -24.18 25.40
CA MET J 611 34.32 -23.37 26.54
C MET J 611 35.24 -22.24 26.08
N HIS J 612 35.79 -21.51 27.04
CA HIS J 612 36.73 -20.42 26.78
C HIS J 612 38.15 -20.95 26.93
N GLY J 613 38.97 -20.68 25.92
CA GLY J 613 40.34 -21.16 25.92
C GLY J 613 40.50 -22.43 25.13
N ARG J 614 41.65 -22.58 24.49
CA ARG J 614 41.91 -23.76 23.67
C ARG J 614 42.10 -24.98 24.55
N PRO J 615 41.54 -26.13 24.16
CA PRO J 615 41.73 -27.35 24.96
C PRO J 615 43.16 -27.84 24.90
N LEU J 616 43.56 -28.56 25.94
CA LEU J 616 44.91 -29.09 26.07
C LEU J 616 44.88 -30.60 25.84
N PHE J 617 45.76 -31.08 24.96
CA PHE J 617 45.86 -32.50 24.64
C PHE J 617 47.30 -32.95 24.89
N LEU J 618 47.45 -33.96 25.73
CA LEU J 618 48.77 -34.49 26.06
C LEU J 618 48.96 -35.85 25.39
N VAL J 619 50.13 -36.02 24.75
CA VAL J 619 50.47 -37.25 24.04
C VAL J 619 51.59 -37.94 24.81
N LEU J 620 51.37 -39.20 25.18
CA LEU J 620 52.35 -40.01 25.89
C LEU J 620 52.95 -41.02 24.94
N ILE J 621 54.28 -41.11 24.92
CA ILE J 621 55.01 -42.00 24.04
C ILE J 621 55.74 -43.02 24.89
N ARG J 622 55.56 -44.31 24.56
CA ARG J 622 56.14 -45.42 25.30
C ARG J 622 57.14 -46.15 24.42
N GLU J 623 58.22 -46.65 25.04
CA GLU J 623 59.21 -47.38 24.26
C GLU J 623 58.66 -48.70 23.74
N ASP J 624 57.60 -49.21 24.37
CA ASP J 624 57.02 -50.49 23.97
C ASP J 624 56.27 -50.41 22.66
N ASN J 625 55.86 -49.22 22.23
CA ASN J 625 55.13 -49.05 20.98
C ASN J 625 55.96 -48.34 19.91
N ILE J 626 57.28 -48.33 20.05
CA ILE J 626 58.15 -47.74 19.03
C ILE J 626 59.18 -48.77 18.59
N ARG J 627 59.11 -49.98 19.14
CA ARG J 627 60.05 -51.04 18.81
C ARG J 627 59.51 -51.88 17.65
N GLY J 628 60.43 -52.45 16.87
CA GLY J 628 60.06 -53.27 15.74
C GLY J 628 59.60 -52.48 14.54
N SER J 629 58.73 -53.09 13.72
CA SER J 629 58.24 -52.46 12.50
C SER J 629 57.22 -51.35 12.76
N ARG J 630 56.75 -51.20 14.00
CA ARG J 630 55.75 -50.19 14.33
C ARG J 630 56.37 -48.81 14.52
N PHE J 631 57.69 -48.68 14.41
CA PHE J 631 58.33 -47.38 14.62
C PHE J 631 57.93 -46.38 13.54
N ASN J 632 57.83 -46.83 12.29
CA ASN J 632 57.53 -45.91 11.20
C ASN J 632 56.16 -45.24 11.33
N PRO J 633 55.06 -45.95 11.62
CA PRO J 633 53.77 -45.24 11.79
C PRO J 633 53.80 -44.22 12.91
N ILE J 634 54.52 -44.49 13.99
CA ILE J 634 54.62 -43.51 15.08
C ILE J 634 55.32 -42.25 14.60
N LEU J 635 56.41 -42.42 13.84
CA LEU J 635 57.12 -41.26 13.30
C LEU J 635 56.25 -40.48 12.33
N ASP J 636 55.47 -41.19 11.50
CA ASP J 636 54.57 -40.51 10.58
C ASP J 636 53.50 -39.72 11.32
N MET J 637 52.93 -40.30 12.38
CA MET J 637 51.93 -39.59 13.16
C MET J 637 52.53 -38.38 13.85
N LEU J 638 53.75 -38.51 14.39
CA LEU J 638 54.41 -37.38 15.02
C LEU J 638 54.70 -36.26 14.02
N ALA J 639 55.13 -36.63 12.80
CA ALA J 639 55.38 -35.62 11.77
C ALA J 639 54.08 -34.92 11.37
N ALA J 640 52.99 -35.68 11.24
CA ALA J 640 51.70 -35.06 10.93
C ALA J 640 51.26 -34.12 12.04
N LEU J 641 51.48 -34.52 13.29
CA LEU J 641 51.14 -33.65 14.43
C LEU J 641 51.97 -32.37 14.40
N LYS J 642 53.27 -32.49 14.10
CA LYS J 642 54.14 -31.33 14.05
C LYS J 642 53.79 -30.41 12.88
N LYS J 643 53.29 -30.98 11.77
CA LYS J 643 52.96 -30.17 10.60
C LYS J 643 51.89 -29.13 10.93
N GLY J 644 50.86 -29.52 11.69
CA GLY J 644 49.84 -28.58 12.09
C GLY J 644 48.42 -29.10 11.97
N ILE J 645 48.17 -29.97 10.99
CA ILE J 645 46.86 -30.54 10.76
C ILE J 645 46.98 -32.06 10.68
N ILE J 646 46.14 -32.75 11.45
CA ILE J 646 46.07 -34.21 11.42
C ILE J 646 44.60 -34.61 11.41
N GLY J 647 44.22 -35.44 10.44
CA GLY J 647 42.85 -35.90 10.35
C GLY J 647 41.83 -34.80 10.18
N GLY J 648 42.19 -33.74 9.46
CA GLY J 648 41.30 -32.62 9.26
C GLY J 648 41.14 -31.69 10.45
N VAL J 649 41.96 -31.86 11.49
CA VAL J 649 41.90 -31.04 12.68
C VAL J 649 43.23 -30.31 12.84
N LYS J 650 43.17 -29.00 13.01
CA LYS J 650 44.37 -28.20 13.19
C LYS J 650 44.84 -28.28 14.64
N VAL J 651 46.16 -28.47 14.81
CA VAL J 651 46.76 -28.58 16.13
C VAL J 651 48.00 -27.71 16.19
N HIS J 652 48.39 -27.36 17.42
CA HIS J 652 49.58 -26.56 17.68
C HIS J 652 50.45 -27.28 18.70
N VAL J 653 51.73 -27.39 18.41
CA VAL J 653 52.68 -28.10 19.26
C VAL J 653 53.71 -27.10 19.77
N ASP J 654 53.61 -26.74 21.04
CA ASP J 654 54.55 -25.81 21.68
C ASP J 654 54.97 -26.41 23.00
N ARG J 655 55.82 -25.67 23.72
CA ARG J 655 56.27 -26.10 25.04
C ARG J 655 55.11 -26.09 26.02
N LEU J 656 55.14 -27.03 26.97
CA LEU J 656 54.08 -27.12 27.97
C LEU J 656 54.04 -25.89 28.85
N GLN J 657 55.21 -25.37 29.24
CA GLN J 657 55.25 -24.19 30.10
C GLN J 657 54.64 -22.97 29.41
N THR J 658 54.91 -22.80 28.11
CA THR J 658 54.34 -21.67 27.39
C THR J 658 52.82 -21.80 27.30
N LEU J 659 52.31 -23.01 27.06
CA LEU J 659 50.87 -23.21 26.96
C LEU J 659 50.19 -23.00 28.31
N ILE J 660 50.85 -23.42 29.39
CA ILE J 660 50.23 -23.33 30.71
C ILE J 660 50.15 -21.88 31.17
N SER J 661 50.97 -21.00 30.58
CA SER J 661 50.97 -19.60 30.97
C SER J 661 49.88 -18.84 30.26
N GLY J 662 49.14 -18.01 31.01
CA GLY J 662 48.09 -17.19 30.45
C GLY J 662 46.79 -17.90 30.17
N ALA J 663 46.65 -19.15 30.59
CA ALA J 663 45.43 -19.92 30.36
C ALA J 663 44.57 -19.95 31.62
N VAL J 664 43.28 -20.17 31.42
CA VAL J 664 42.34 -20.27 32.53
C VAL J 664 42.55 -21.60 33.24
N VAL J 665 42.70 -21.54 34.56
CA VAL J 665 42.98 -22.72 35.37
C VAL J 665 41.75 -23.00 36.25
N GLU J 666 41.41 -24.28 36.39
CA GLU J 666 40.31 -24.66 37.26
C GLU J 666 40.82 -24.83 38.69
N GLN J 667 39.99 -24.40 39.65
CA GLN J 667 40.37 -24.38 41.05
C GLN J 667 39.52 -25.38 41.82
N LEU J 668 40.17 -26.18 42.67
CA LEU J 668 39.51 -27.19 43.49
C LEU J 668 39.90 -26.93 44.94
N ASP J 669 39.11 -26.11 45.64
CA ASP J 669 39.39 -25.76 47.03
C ASP J 669 38.64 -26.63 48.04
N PHE J 670 37.86 -27.62 47.57
CA PHE J 670 37.16 -28.48 48.52
C PHE J 670 38.13 -29.37 49.29
N LEU J 671 39.30 -29.65 48.72
CA LEU J 671 40.31 -30.45 49.42
C LEU J 671 40.83 -29.72 50.65
N ARG J 672 41.03 -28.40 50.54
CA ARG J 672 41.52 -27.63 51.68
C ARG J 672 40.50 -27.63 52.82
N ILE J 673 39.21 -27.48 52.49
CA ILE J 673 38.16 -27.45 53.50
C ILE J 673 37.94 -28.80 54.15
N SER J 674 38.44 -29.88 53.56
CA SER J 674 38.26 -31.21 54.12
C SER J 674 38.86 -31.29 55.52
N ASP J 675 38.15 -31.95 56.43
CA ASP J 675 38.55 -32.05 57.82
C ASP J 675 39.39 -33.28 58.11
N THR J 676 39.79 -34.03 57.08
CA THR J 676 40.61 -35.21 57.29
C THR J 676 41.93 -34.84 57.94
N GLU J 677 42.33 -35.63 58.94
CA GLU J 677 43.57 -35.36 59.67
C GLU J 677 44.79 -35.46 58.75
N GLU J 678 44.83 -36.48 57.90
CA GLU J 678 45.93 -36.70 56.98
C GLU J 678 45.45 -36.46 55.55
N LEU J 679 46.12 -35.55 54.85
CA LEU J 679 45.76 -35.28 53.47
C LEU J 679 46.15 -36.47 52.58
N PRO J 680 45.27 -36.90 51.68
CA PRO J 680 45.60 -38.03 50.81
C PRO J 680 46.78 -37.71 49.90
N GLU J 681 47.57 -38.73 49.60
CA GLU J 681 48.74 -38.59 48.75
C GLU J 681 48.40 -39.07 47.34
N PHE J 682 48.73 -38.25 46.35
CA PHE J 682 48.45 -38.55 44.94
C PHE J 682 49.75 -38.85 44.23
N LYS J 683 49.78 -39.96 43.49
CA LYS J 683 50.97 -40.37 42.75
C LYS J 683 50.96 -39.78 41.34
N PHE J 685 52.94 -38.87 37.51
CA PHE J 685 53.78 -39.56 36.53
C PHE J 685 55.24 -39.19 36.74
N GLU J 686 56.11 -40.19 36.78
CA GLU J 686 57.52 -40.01 37.07
C GLU J 686 58.37 -40.53 35.92
N GLU J 687 59.53 -39.90 35.73
CA GLU J 687 60.46 -40.33 34.69
C GLU J 687 60.99 -41.73 34.98
N LEU J 688 61.07 -42.55 33.95
CA LEU J 688 61.55 -43.91 34.07
C LEU J 688 63.06 -43.94 33.96
N GLU J 689 63.72 -44.43 34.99
CA GLU J 689 65.17 -44.50 34.99
C GLU J 689 65.66 -45.53 33.97
N PRO J 690 66.80 -45.27 33.31
CA PRO J 690 67.32 -46.24 32.35
C PRO J 690 67.75 -47.51 33.04
N PRO J 691 67.61 -48.66 32.38
CA PRO J 691 68.03 -49.92 33.00
C PRO J 691 69.54 -49.98 33.15
N LYS J 692 69.99 -50.74 34.16
CA LYS J 692 71.40 -50.92 34.44
C LYS J 692 71.87 -52.34 34.15
N HIS J 693 71.09 -53.11 33.40
CA HIS J 693 71.46 -54.48 33.05
C HIS J 693 71.74 -54.63 31.57
N SER J 694 70.80 -54.23 30.71
CA SER J 694 70.99 -54.31 29.26
C SER J 694 71.33 -52.98 28.63
N LYS J 695 70.81 -51.88 29.16
CA LYS J 695 71.07 -50.53 28.66
C LYS J 695 70.71 -50.40 27.19
N VAL J 696 69.42 -50.60 26.91
CA VAL J 696 68.89 -50.46 25.56
C VAL J 696 68.64 -48.97 25.32
N LYS J 697 69.60 -48.31 24.68
CA LYS J 697 69.52 -46.87 24.44
C LYS J 697 68.74 -46.53 23.18
N ARG J 698 67.54 -47.09 23.07
CA ARG J 698 66.63 -46.85 21.96
C ARG J 698 67.32 -47.09 20.61
N GLN J 699 67.68 -48.35 20.41
CA GLN J 699 68.35 -48.77 19.18
C GLN J 699 67.45 -48.62 17.96
N THR J 702 65.09 -52.30 13.50
CA THR J 702 65.48 -53.69 13.32
C THR J 702 64.27 -54.58 13.04
N PRO J 703 63.75 -54.53 11.80
CA PRO J 703 62.58 -55.34 11.45
C PRO J 703 62.83 -56.83 11.64
N SER J 704 63.84 -57.36 10.95
CA SER J 704 64.20 -58.77 10.99
C SER J 704 63.02 -59.67 10.65
N ALA J 705 63.14 -60.97 10.93
CA ALA J 705 62.03 -61.90 10.70
C ALA J 705 62.18 -63.15 11.57
N PRO J 706 62.07 -63.02 12.90
CA PRO J 706 62.13 -64.20 13.78
C PRO J 706 60.76 -64.84 14.02
N GLU J 707 60.05 -65.13 12.95
CA GLU J 707 58.70 -65.67 13.02
C GLU J 707 58.52 -66.80 12.03
N LEU J 708 57.60 -67.70 12.35
CA LEU J 708 57.26 -68.81 11.46
C LEU J 708 55.75 -68.87 11.27
N GLY J 709 55.28 -69.86 10.51
CA GLY J 709 53.85 -70.01 10.28
C GLY J 709 53.40 -71.45 10.25
N GLN J 710 52.41 -71.79 11.08
CA GLN J 710 51.87 -73.15 11.11
C GLN J 710 50.44 -73.09 11.63
N GLN J 711 49.57 -73.89 11.03
CA GLN J 711 48.20 -73.99 11.51
C GLN J 711 48.13 -75.04 12.63
N PRO J 712 47.33 -74.78 13.66
CA PRO J 712 47.19 -75.78 14.73
C PRO J 712 46.63 -77.10 14.19
N ASP J 713 47.17 -78.20 14.71
CA ASP J 713 46.79 -79.53 14.28
C ASP J 713 45.82 -80.21 15.24
N VAL J 714 45.32 -79.48 16.25
CA VAL J 714 44.43 -80.02 17.26
C VAL J 714 43.20 -79.14 17.34
N ASN J 715 42.02 -79.77 17.33
CA ASN J 715 40.76 -79.07 17.47
C ASN J 715 40.02 -79.58 18.69
N ILE J 716 39.09 -78.76 19.20
CA ILE J 716 38.35 -79.13 20.40
C ILE J 716 37.46 -80.34 20.14
N SER J 717 37.11 -80.58 18.87
CA SER J 717 36.25 -81.72 18.54
C SER J 717 36.99 -83.05 18.60
N GLU J 718 38.32 -83.05 18.73
CA GLU J 718 39.12 -84.27 18.78
C GLU J 718 39.77 -84.49 20.13
N TRP J 719 40.51 -83.50 20.64
CA TRP J 719 41.18 -83.62 21.94
C TRP J 719 40.22 -83.27 23.08
N LYS J 720 39.18 -84.08 23.21
CA LYS J 720 38.16 -83.88 24.23
C LYS J 720 38.11 -85.02 25.24
N ASP J 721 38.02 -86.26 24.77
CA ASP J 721 37.93 -87.42 25.64
C ASP J 721 39.28 -88.07 25.92
N LYS J 722 40.37 -87.46 25.46
CA LYS J 722 41.70 -88.01 25.69
C LYS J 722 42.04 -87.97 27.18
N PRO J 723 42.82 -88.94 27.65
CA PRO J 723 43.15 -88.97 29.08
C PRO J 723 44.14 -87.87 29.46
N THR J 724 44.19 -87.59 30.76
CA THR J 724 44.95 -86.45 31.26
C THR J 724 46.45 -86.61 30.99
N HIS J 725 46.98 -87.82 31.21
CA HIS J 725 48.42 -88.01 31.02
C HIS J 725 48.82 -87.80 29.57
N GLU J 726 48.01 -88.28 28.61
CA GLU J 726 48.35 -88.14 27.20
C GLU J 726 48.35 -86.68 26.77
N ILE J 727 47.34 -85.91 27.16
CA ILE J 727 47.30 -84.50 26.78
C ILE J 727 48.40 -83.72 27.48
N LEU J 728 48.71 -84.08 28.72
CA LEU J 728 49.83 -83.44 29.42
C LEU J 728 51.15 -83.68 28.69
N GLN J 729 51.39 -84.93 28.27
CA GLN J 729 52.59 -85.23 27.51
C GLN J 729 52.60 -84.49 26.18
N LYS J 730 51.45 -84.41 25.52
CA LYS J 730 51.37 -83.68 24.25
C LYS J 730 51.70 -82.21 24.44
N LEU J 731 51.20 -81.60 25.52
CA LEU J 731 51.56 -80.22 25.83
C LEU J 731 53.06 -80.11 26.10
N ASN J 732 53.62 -81.10 26.81
CA ASN J 732 55.04 -81.04 27.15
C ASN J 732 55.92 -81.08 25.91
N ASP J 733 55.59 -81.93 24.94
CA ASP J 733 56.44 -82.10 23.77
C ASP J 733 56.02 -81.27 22.56
N CYS J 734 55.02 -80.41 22.69
CA CYS J 734 54.58 -79.59 21.59
C CYS J 734 55.23 -78.21 21.64
N SER J 735 55.15 -77.50 20.51
CA SER J 735 55.68 -76.15 20.40
C SER J 735 54.72 -75.15 19.77
N CYS J 736 53.60 -75.60 19.20
CA CYS J 736 52.66 -74.67 18.58
C CYS J 736 51.98 -73.82 19.63
N LEU J 737 51.82 -72.52 19.33
CA LEU J 737 51.20 -71.61 20.26
C LEU J 737 49.70 -71.86 20.36
N ALA J 738 49.03 -72.00 19.22
CA ALA J 738 47.59 -72.26 19.23
C ALA J 738 47.26 -73.60 19.86
N SER J 739 48.08 -74.61 19.59
CA SER J 739 47.88 -75.92 20.23
C SER J 739 48.02 -75.82 21.74
N GLN J 740 49.02 -75.10 22.21
CA GLN J 740 49.18 -74.90 23.65
C GLN J 740 47.98 -74.16 24.23
N ALA J 741 47.49 -73.14 23.53
CA ALA J 741 46.35 -72.38 24.02
C ALA J 741 45.11 -73.26 24.12
N ILE J 742 44.82 -74.04 23.08
CA ILE J 742 43.61 -74.87 23.09
C ILE J 742 43.72 -75.97 24.14
N LEU J 743 44.93 -76.51 24.33
CA LEU J 743 45.11 -77.56 25.32
C LEU J 743 44.97 -77.01 26.73
N LEU J 744 45.51 -75.81 26.98
CA LEU J 744 45.32 -75.18 28.27
C LEU J 744 43.84 -74.86 28.50
N GLY J 745 43.13 -74.43 27.46
CA GLY J 745 41.71 -74.18 27.60
C GLY J 745 40.92 -75.42 27.96
N ILE J 746 41.18 -76.53 27.28
CA ILE J 746 40.48 -77.77 27.60
C ILE J 746 40.87 -78.27 28.99
N LEU J 747 42.13 -78.04 29.39
CA LEU J 747 42.56 -78.47 30.71
C LEU J 747 41.86 -77.68 31.80
N LEU J 748 41.72 -76.37 31.63
CA LEU J 748 41.02 -75.57 32.62
C LEU J 748 39.52 -75.83 32.59
N LYS J 749 39.00 -76.25 31.42
CA LYS J 749 37.59 -76.60 31.33
C LYS J 749 37.30 -77.90 32.08
N ARG J 750 38.20 -78.88 31.98
CA ARG J 750 37.97 -80.20 32.57
C ARG J 750 38.68 -80.36 33.91
N GLU J 751 40.00 -80.20 33.94
CA GLU J 751 40.76 -80.46 35.17
C GLU J 751 40.72 -79.30 36.14
N GLY J 752 40.32 -78.10 35.70
CA GLY J 752 40.23 -76.96 36.57
C GLY J 752 41.43 -76.05 36.48
N PRO J 753 41.22 -74.76 36.74
CA PRO J 753 42.34 -73.81 36.68
C PRO J 753 43.42 -74.05 37.72
N ASN J 754 43.08 -74.66 38.86
CA ASN J 754 44.03 -74.84 39.94
C ASN J 754 44.93 -76.06 39.77
N PHE J 755 44.72 -76.85 38.71
CA PHE J 755 45.57 -78.00 38.47
C PHE J 755 47.01 -77.57 38.21
N ILE J 756 47.95 -78.32 38.77
CA ILE J 756 49.37 -77.99 38.65
C ILE J 756 49.93 -78.71 37.43
N THR J 757 50.48 -77.94 36.50
CA THR J 757 51.12 -78.49 35.31
C THR J 757 52.63 -78.51 35.55
N LYS J 758 53.40 -78.98 34.57
CA LYS J 758 54.85 -79.03 34.74
C LYS J 758 55.45 -77.65 34.90
N GLU J 759 54.90 -76.65 34.20
CA GLU J 759 55.39 -75.29 34.25
C GLU J 759 54.53 -74.40 35.17
N GLY J 760 54.00 -74.96 36.24
CA GLY J 760 53.21 -74.21 37.19
C GLY J 760 51.72 -74.43 37.02
N THR J 761 50.96 -73.47 37.53
CA THR J 761 49.51 -73.53 37.43
C THR J 761 49.06 -73.29 35.99
N VAL J 762 47.83 -73.72 35.70
CA VAL J 762 47.28 -73.61 34.36
C VAL J 762 46.99 -72.16 34.01
N ASP J 764 48.54 -69.47 35.22
CA ASP J 764 49.81 -68.82 34.97
C ASP J 764 50.34 -69.16 33.58
N HIS J 765 50.22 -70.44 33.21
CA HIS J 765 50.69 -70.87 31.90
C HIS J 765 49.91 -70.22 30.76
N ILE J 766 48.58 -70.15 30.90
CA ILE J 766 47.78 -69.55 29.84
C ILE J 766 48.03 -68.05 29.77
N GLU J 767 48.21 -67.40 30.91
CA GLU J 767 48.57 -65.98 30.89
C GLU J 767 49.91 -65.75 30.21
N ARG J 768 50.89 -66.61 30.51
CA ARG J 768 52.21 -66.46 29.91
C ARG J 768 52.17 -66.68 28.41
N VAL J 769 51.45 -67.70 27.95
CA VAL J 769 51.40 -67.96 26.52
C VAL J 769 50.61 -66.87 25.81
N TYR J 770 49.57 -66.34 26.45
CA TYR J 770 48.84 -65.21 25.86
C TYR J 770 49.73 -63.99 25.72
N ARG J 771 50.52 -63.68 26.75
CA ARG J 771 51.42 -62.54 26.68
C ARG J 771 52.48 -62.73 25.61
N ARG J 772 53.05 -63.95 25.52
CA ARG J 772 54.06 -64.23 24.50
C ARG J 772 53.48 -64.10 23.10
N ALA J 773 52.27 -64.61 22.89
CA ALA J 773 51.63 -64.49 21.58
C ALA J 773 51.33 -63.03 21.26
N GLY J 774 50.90 -62.25 22.25
CA GLY J 774 50.67 -60.83 22.01
C GLY J 774 51.94 -60.09 21.64
N SER J 775 53.05 -60.45 22.30
CA SER J 775 54.32 -59.80 21.98
C SER J 775 54.87 -60.27 20.64
N GLN J 776 54.51 -61.48 20.22
CA GLN J 776 55.08 -62.09 19.02
C GLN J 776 54.15 -62.02 17.81
N LYS J 777 53.08 -61.23 17.87
CA LYS J 777 52.16 -61.04 16.74
C LYS J 777 51.52 -62.38 16.33
N LEU J 778 50.80 -62.97 17.28
CA LEU J 778 50.07 -64.22 17.06
C LEU J 778 48.61 -63.97 17.46
N TRP J 779 47.81 -63.49 16.51
CA TRP J 779 46.44 -63.09 16.83
C TRP J 779 45.55 -64.28 17.15
N LEU J 780 45.76 -65.42 16.49
CA LEU J 780 44.91 -66.58 16.73
C LEU J 780 45.04 -67.06 18.17
N ALA J 781 46.28 -67.26 18.64
CA ALA J 781 46.49 -67.69 20.01
C ALA J 781 46.03 -66.64 21.02
N VAL J 782 46.24 -65.36 20.71
CA VAL J 782 45.82 -64.29 21.62
C VAL J 782 44.31 -64.32 21.78
N ARG J 783 43.57 -64.43 20.68
CA ARG J 783 42.12 -64.44 20.75
C ARG J 783 41.61 -65.71 21.42
N TYR J 784 42.26 -66.84 21.17
CA TYR J 784 41.89 -68.08 21.86
C TYR J 784 42.05 -67.93 23.37
N GLY J 785 43.19 -67.39 23.80
CA GLY J 785 43.43 -67.21 25.23
C GLY J 785 42.47 -66.23 25.85
N ALA J 786 42.19 -65.12 25.15
CA ALA J 786 41.25 -64.13 25.68
C ALA J 786 39.85 -64.72 25.80
N ALA J 787 39.43 -65.52 24.80
CA ALA J 787 38.11 -66.14 24.86
C ALA J 787 38.02 -67.15 25.99
N PHE J 788 39.07 -67.97 26.18
CA PHE J 788 39.04 -68.99 27.22
C PHE J 788 39.26 -68.42 28.62
N THR J 789 39.83 -67.23 28.74
CA THR J 789 40.00 -66.59 30.04
C THR J 789 38.82 -65.69 30.41
N GLN J 790 37.86 -65.54 29.51
CA GLN J 790 36.66 -64.72 29.75
C GLN J 790 37.02 -63.30 30.17
N LYS J 791 38.00 -62.70 29.51
CA LYS J 791 38.40 -61.34 29.78
C LYS J 791 37.36 -60.35 29.25
N PHE J 792 37.28 -59.19 29.91
CA PHE J 792 36.29 -58.18 29.58
C PHE J 792 36.97 -56.82 29.48
N SER J 793 36.39 -55.95 28.67
CA SER J 793 36.91 -54.60 28.46
C SER J 793 35.98 -53.59 29.13
N SER J 794 36.56 -52.71 29.93
CA SER J 794 35.76 -51.71 30.65
C SER J 794 35.14 -50.70 29.69
N SER J 795 35.70 -50.56 28.49
CA SER J 795 35.17 -49.62 27.52
C SER J 795 33.94 -50.16 26.79
N ILE J 796 33.57 -51.42 27.01
CA ILE J 796 32.39 -51.99 26.35
C ILE J 796 31.12 -51.29 26.84
N ALA J 797 31.02 -51.09 28.15
CA ALA J 797 29.80 -50.49 28.71
C ALA J 797 29.53 -49.08 28.18
N PRO J 798 30.50 -48.15 28.15
CA PRO J 798 30.18 -46.84 27.53
C PRO J 798 29.83 -46.94 26.06
N HIS J 799 30.39 -47.92 25.34
CA HIS J 799 30.05 -48.07 23.93
C HIS J 799 28.59 -48.48 23.75
N ILE J 800 28.13 -49.47 24.51
CA ILE J 800 26.72 -49.87 24.45
C ILE J 800 25.83 -48.74 24.93
N THR J 801 26.31 -47.98 25.93
CA THR J 801 25.53 -46.85 26.44
C THR J 801 25.35 -45.78 25.38
N THR J 802 26.40 -45.48 24.63
CA THR J 802 26.28 -44.54 23.51
C THR J 802 25.40 -45.11 22.42
N PHE J 803 25.48 -46.42 22.17
CA PHE J 803 24.58 -47.07 21.22
C PHE J 803 23.13 -46.80 21.58
N LEU J 804 22.78 -47.01 22.86
CA LEU J 804 21.40 -46.81 23.28
C LEU J 804 21.05 -45.33 23.37
N VAL J 805 22.05 -44.45 23.50
CA VAL J 805 21.79 -43.02 23.48
C VAL J 805 21.30 -42.58 22.10
N HIS J 806 21.99 -43.03 21.05
CA HIS J 806 21.67 -42.62 19.69
C HIS J 806 20.38 -43.24 19.16
N GLY J 807 19.63 -43.95 20.00
CA GLY J 807 18.39 -44.55 19.55
C GLY J 807 18.53 -45.82 18.76
N LYS J 808 19.72 -46.44 18.76
CA LYS J 808 19.97 -47.68 18.04
C LYS J 808 20.06 -48.84 19.02
N GLN J 809 19.26 -49.88 18.78
CA GLN J 809 19.26 -51.08 19.60
C GLN J 809 20.40 -52.00 19.20
N VAL J 810 21.00 -52.65 20.19
CA VAL J 810 22.13 -53.55 19.99
C VAL J 810 21.74 -54.92 20.51
N THR J 811 22.01 -55.95 19.71
CA THR J 811 21.73 -57.34 20.07
C THR J 811 23.02 -58.14 20.02
N LEU J 812 23.23 -58.99 21.03
CA LEU J 812 24.42 -59.81 21.14
C LEU J 812 24.05 -61.28 21.00
N GLY J 813 24.74 -61.98 20.12
CA GLY J 813 24.50 -63.40 19.91
C GLY J 813 25.07 -63.86 18.60
N ALA J 814 25.15 -65.18 18.47
CA ALA J 814 25.67 -65.79 17.24
C ALA J 814 24.65 -65.65 16.11
N PHE J 815 25.15 -65.76 14.88
CA PHE J 815 24.29 -65.63 13.71
C PHE J 815 23.32 -66.81 13.63
N GLY J 816 22.04 -66.49 13.45
CA GLY J 816 21.02 -67.52 13.35
C GLY J 816 20.85 -68.36 14.60
N HIS J 817 21.02 -67.74 15.77
CA HIS J 817 20.89 -68.45 17.04
C HIS J 817 20.24 -67.50 18.05
N GLU J 818 20.29 -67.90 19.32
CA GLU J 818 19.69 -67.09 20.37
C GLU J 818 20.45 -65.79 20.55
N GLU J 819 19.69 -64.69 20.68
CA GLU J 819 20.26 -63.37 20.88
C GLU J 819 19.53 -62.66 22.00
N GLU J 820 20.22 -61.72 22.64
CA GLU J 820 19.66 -60.92 23.73
C GLU J 820 19.55 -59.48 23.28
N VAL J 821 18.42 -58.85 23.59
CA VAL J 821 18.14 -57.47 23.19
C VAL J 821 18.40 -56.57 24.37
N ILE J 822 19.27 -55.58 24.20
CA ILE J 822 19.60 -54.60 25.24
C ILE J 822 18.71 -53.39 24.98
N SER J 823 17.53 -53.37 25.61
CA SER J 823 16.60 -52.27 25.41
C SER J 823 17.07 -51.03 26.15
N ASN J 824 17.57 -51.19 27.37
CA ASN J 824 17.98 -50.08 28.22
C ASN J 824 19.40 -50.33 28.72
N PRO J 825 20.13 -49.26 29.07
CA PRO J 825 21.49 -49.45 29.57
C PRO J 825 21.52 -50.29 30.83
N LEU J 826 22.54 -51.14 30.93
CA LEU J 826 22.70 -52.07 32.03
C LEU J 826 24.10 -51.95 32.62
N SER J 827 24.25 -52.41 33.86
CA SER J 827 25.53 -52.41 34.52
C SER J 827 26.49 -53.35 33.81
N PRO J 828 27.80 -53.06 33.86
CA PRO J 828 28.77 -53.90 33.12
C PRO J 828 28.74 -55.36 33.53
N ARG J 829 28.46 -55.66 34.80
CA ARG J 829 28.40 -57.05 35.24
C ARG J 829 27.28 -57.81 34.53
N VAL J 830 26.11 -57.17 34.41
CA VAL J 830 24.97 -57.84 33.77
C VAL J 830 25.26 -58.09 32.30
N ILE J 831 25.82 -57.11 31.60
CA ILE J 831 26.10 -57.28 30.18
C ILE J 831 27.21 -58.31 29.98
N GLN J 832 28.18 -58.36 30.89
CA GLN J 832 29.22 -59.39 30.81
C GLN J 832 28.62 -60.78 31.00
N ASN J 833 27.71 -60.93 31.97
CA ASN J 833 27.03 -62.20 32.15
C ASN J 833 26.23 -62.58 30.91
N ILE J 834 25.57 -61.59 30.29
CA ILE J 834 24.78 -61.87 29.10
C ILE J 834 25.67 -62.34 27.96
N ILE J 835 26.79 -61.66 27.73
CA ILE J 835 27.63 -62.00 26.59
C ILE J 835 28.34 -63.33 26.82
N TYR J 836 28.72 -63.64 28.06
CA TYR J 836 29.46 -64.85 28.34
C TYR J 836 28.57 -66.01 28.79
N TYR J 837 27.25 -65.84 28.82
CA TYR J 837 26.35 -66.90 29.26
C TYR J 837 25.21 -67.11 28.27
N LYS J 838 25.40 -66.71 27.02
CA LYS J 838 24.39 -66.94 25.99
C LYS J 838 24.97 -67.57 24.73
N CYS J 839 26.27 -67.90 24.71
CA CYS J 839 26.92 -68.52 23.57
C CYS J 839 27.79 -69.69 24.01
N ASN J 840 27.35 -70.43 25.03
CA ASN J 840 28.15 -71.54 25.55
C ASN J 840 28.22 -72.69 24.53
N THR J 841 27.16 -72.90 23.76
CA THR J 841 27.13 -74.00 22.81
C THR J 841 28.10 -73.83 21.65
N HIS J 842 28.64 -72.63 21.45
CA HIS J 842 29.61 -72.36 20.40
C HIS J 842 30.97 -72.05 21.00
N ASP J 843 31.94 -71.83 20.11
CA ASP J 843 33.27 -71.43 20.54
C ASP J 843 33.21 -70.05 21.18
N GLU J 844 34.13 -69.80 22.12
CA GLU J 844 34.12 -68.55 22.86
C GLU J 844 34.72 -67.38 22.08
N ARG J 845 35.30 -67.63 20.90
CA ARG J 845 35.93 -66.57 20.13
C ARG J 845 34.92 -65.54 19.63
N GLU J 846 33.67 -65.96 19.43
CA GLU J 846 32.66 -65.02 18.95
C GLU J 846 32.40 -63.92 19.98
N ALA J 847 32.63 -64.22 21.27
CA ALA J 847 32.48 -63.20 22.29
C ALA J 847 33.49 -62.06 22.10
N VAL J 848 34.77 -62.43 21.91
CA VAL J 848 35.81 -61.42 21.68
C VAL J 848 35.56 -60.70 20.36
N ILE J 849 35.09 -61.42 19.35
CA ILE J 849 34.77 -60.79 18.07
C ILE J 849 33.66 -59.76 18.25
N GLN J 850 32.63 -60.11 19.04
CA GLN J 850 31.55 -59.18 19.31
C GLN J 850 32.03 -57.96 20.09
N GLN J 851 32.95 -58.15 21.04
CA GLN J 851 33.50 -57.01 21.76
C GLN J 851 34.26 -56.08 20.82
N GLU J 852 35.09 -56.64 19.94
CA GLU J 852 35.83 -55.82 18.98
C GLU J 852 34.87 -55.07 18.06
N LEU J 853 33.85 -55.76 17.56
CA LEU J 853 32.89 -55.13 16.67
C LEU J 853 32.12 -54.03 17.39
N VAL J 854 31.76 -54.26 18.66
CA VAL J 854 31.06 -53.25 19.43
C VAL J 854 31.92 -52.01 19.60
N ILE J 855 33.20 -52.21 19.93
CA ILE J 855 34.10 -51.06 20.10
C ILE J 855 34.20 -50.27 18.79
N HIS J 856 34.44 -50.98 17.69
CA HIS J 856 34.63 -50.29 16.41
C HIS J 856 33.36 -49.56 15.98
N ILE J 857 32.22 -50.22 16.05
CA ILE J 857 30.97 -49.61 15.63
C ILE J 857 30.60 -48.45 16.54
N GLY J 858 30.90 -48.56 17.84
CA GLY J 858 30.64 -47.46 18.76
C GLY J 858 31.47 -46.23 18.43
N TRP J 859 32.75 -46.44 18.14
CA TRP J 859 33.59 -45.32 17.73
C TRP J 859 33.08 -44.71 16.43
N ILE J 860 32.65 -45.55 15.49
CA ILE J 860 32.16 -45.06 14.21
C ILE J 860 30.91 -44.21 14.39
N ILE J 861 29.94 -44.71 15.18
CA ILE J 861 28.71 -43.97 15.37
C ILE J 861 28.98 -42.68 16.16
N SER J 862 29.92 -42.73 17.11
CA SER J 862 30.28 -41.51 17.84
C SER J 862 30.88 -40.47 16.91
N ASN J 863 31.67 -40.89 15.92
CA ASN J 863 32.35 -39.93 15.06
C ASN J 863 31.63 -39.70 13.73
N ASN J 864 31.11 -40.76 13.10
CA ASN J 864 30.45 -40.65 11.80
C ASN J 864 29.08 -41.32 11.87
N PRO J 865 28.08 -40.62 12.42
CA PRO J 865 26.73 -41.21 12.51
C PRO J 865 26.06 -41.42 11.16
N GLU J 866 26.54 -40.77 10.09
CA GLU J 866 25.88 -40.86 8.80
C GLU J 866 25.98 -42.26 8.20
N LEU J 867 27.04 -43.01 8.52
CA LEU J 867 27.24 -44.32 7.91
C LEU J 867 26.15 -45.31 8.31
N PHE J 868 25.48 -45.08 9.44
CA PHE J 868 24.46 -46.00 9.94
C PHE J 868 23.05 -45.44 9.78
N SER J 869 22.83 -44.50 8.88
CA SER J 869 21.49 -43.99 8.62
C SER J 869 20.63 -45.07 7.99
N GLY J 870 19.37 -45.12 8.40
CA GLY J 870 18.44 -46.11 7.90
C GLY J 870 18.42 -47.42 8.66
N MET J 871 19.27 -47.59 9.67
CA MET J 871 19.32 -48.80 10.46
C MET J 871 18.81 -48.50 11.87
N LEU J 872 17.82 -49.28 12.32
CA LEU J 872 17.23 -49.09 13.64
C LEU J 872 17.95 -49.93 14.69
N LYS J 873 18.10 -51.22 14.45
CA LYS J 873 18.77 -52.12 15.37
C LYS J 873 20.01 -52.70 14.70
N ILE J 874 21.01 -53.03 15.52
CA ILE J 874 22.29 -53.54 15.04
C ILE J 874 22.46 -54.96 15.58
N ARG J 875 22.66 -55.91 14.66
CA ARG J 875 22.88 -57.31 15.00
C ARG J 875 24.34 -57.65 14.72
N ILE J 876 25.10 -57.94 15.78
CA ILE J 876 26.52 -58.21 15.62
C ILE J 876 26.75 -59.51 14.88
N GLY J 877 25.93 -60.53 15.15
CA GLY J 877 26.11 -61.81 14.49
C GLY J 877 25.92 -61.73 12.98
N TRP J 878 24.91 -60.97 12.54
CA TRP J 878 24.71 -60.79 11.11
C TRP J 878 25.85 -60.01 10.48
N ILE J 879 26.42 -59.06 11.21
CA ILE J 879 27.59 -58.33 10.71
C ILE J 879 28.78 -59.28 10.58
N ILE J 880 28.91 -60.22 11.51
CA ILE J 880 30.00 -61.21 11.42
C ILE J 880 29.76 -62.13 10.23
N HIS J 881 28.51 -62.50 9.97
CA HIS J 881 28.20 -63.29 8.79
C HIS J 881 28.55 -62.54 7.51
N ALA J 882 28.24 -61.24 7.47
CA ALA J 882 28.62 -60.41 6.33
C ALA J 882 30.14 -60.33 6.21
N MET J 883 30.84 -60.24 7.34
CA MET J 883 32.31 -60.30 7.34
C MET J 883 32.81 -61.57 6.64
N GLU J 884 32.27 -62.72 7.06
CA GLU J 884 32.72 -63.99 6.49
C GLU J 884 32.40 -64.07 5.00
N TYR J 885 31.20 -63.63 4.61
CA TYR J 885 30.84 -63.68 3.20
C TYR J 885 31.73 -62.75 2.37
N GLU J 886 32.02 -61.56 2.88
CA GLU J 886 32.90 -60.64 2.16
C GLU J 886 34.29 -61.22 2.02
N LEU J 887 34.82 -61.83 3.08
CA LEU J 887 36.13 -62.46 2.98
C LEU J 887 36.12 -63.60 1.97
N GLN J 888 35.05 -64.41 1.97
CA GLN J 888 34.96 -65.53 1.03
C GLN J 888 34.93 -65.05 -0.41
N ILE J 889 34.13 -64.01 -0.69
CA ILE J 889 34.02 -63.53 -2.06
C ILE J 889 35.29 -62.81 -2.49
N ARG J 890 35.98 -62.15 -1.56
CA ARG J 890 37.27 -61.55 -1.89
C ARG J 890 38.30 -62.63 -2.19
N GLY J 891 38.21 -63.77 -1.50
CA GLY J 891 39.10 -64.89 -1.80
C GLY J 891 38.92 -65.44 -3.19
N GLY J 892 37.70 -65.42 -3.72
CA GLY J 892 37.48 -65.94 -5.06
C GLY J 892 37.63 -67.45 -5.10
N ASP J 893 38.35 -67.93 -6.11
CA ASP J 893 38.61 -69.37 -6.22
C ASP J 893 39.41 -69.87 -5.03
N LYS J 894 40.43 -69.12 -4.62
CA LYS J 894 41.20 -69.49 -3.45
C LYS J 894 40.34 -69.32 -2.19
N PRO J 895 40.35 -70.30 -1.28
CA PRO J 895 39.57 -70.17 -0.05
C PRO J 895 40.06 -69.01 0.81
N ALA J 896 39.13 -68.43 1.55
CA ALA J 896 39.46 -67.32 2.43
C ALA J 896 40.40 -67.79 3.55
N LEU J 897 41.21 -66.86 4.03
CA LEU J 897 42.24 -67.20 5.01
C LEU J 897 41.64 -67.53 6.37
N ASP J 898 40.99 -66.56 7.00
CA ASP J 898 40.37 -66.73 8.31
C ASP J 898 39.68 -65.43 8.68
N LEU J 899 38.97 -65.46 9.82
CA LEU J 899 38.38 -64.27 10.40
C LEU J 899 38.96 -63.91 11.76
N TYR J 900 39.57 -64.86 12.46
CA TYR J 900 40.07 -64.64 13.82
C TYR J 900 41.57 -64.40 13.87
N GLN J 901 42.21 -64.14 12.73
CA GLN J 901 43.66 -63.93 12.71
C GLN J 901 44.08 -62.75 11.85
N LEU J 902 43.13 -61.96 11.32
CA LEU J 902 43.49 -60.89 10.40
C LEU J 902 43.71 -59.55 11.08
N SER J 903 43.71 -59.51 12.42
CA SER J 903 44.06 -58.37 13.26
C SER J 903 42.95 -57.32 13.30
N PRO J 904 42.80 -56.61 14.42
CA PRO J 904 41.73 -55.61 14.53
C PRO J 904 41.84 -54.48 13.52
N SER J 905 43.05 -54.14 13.07
CA SER J 905 43.19 -53.10 12.06
C SER J 905 42.47 -53.49 10.77
N GLU J 906 42.74 -54.69 10.27
CA GLU J 906 42.05 -55.15 9.07
C GLU J 906 40.58 -55.43 9.35
N VAL J 907 40.25 -55.79 10.60
CA VAL J 907 38.84 -55.93 10.98
C VAL J 907 38.10 -54.62 10.75
N LYS J 908 38.67 -53.52 11.26
CA LYS J 908 38.07 -52.20 11.10
C LYS J 908 38.06 -51.78 9.64
N GLN J 909 39.13 -52.09 8.90
CA GLN J 909 39.17 -51.75 7.48
C GLN J 909 38.06 -52.45 6.71
N LEU J 910 37.86 -53.75 6.97
CA LEU J 910 36.81 -54.50 6.29
C LEU J 910 35.43 -54.02 6.73
N LEU J 911 35.30 -53.61 7.99
CA LEU J 911 34.03 -53.06 8.46
C LEU J 911 33.69 -51.77 7.71
N LEU J 912 34.67 -50.88 7.56
CA LEU J 912 34.45 -49.66 6.79
C LEU J 912 34.14 -49.98 5.33
N ASP J 913 34.80 -51.01 4.78
CA ASP J 913 34.52 -51.42 3.41
C ASP J 913 33.09 -51.92 3.25
N ILE J 914 32.58 -52.68 4.22
CA ILE J 914 31.25 -53.24 4.10
C ILE J 914 30.15 -52.30 4.55
N LEU J 915 30.49 -51.19 5.20
CA LEU J 915 29.50 -50.16 5.53
C LEU J 915 29.38 -49.09 4.44
N GLN J 916 29.97 -49.31 3.26
CA GLN J 916 29.85 -48.35 2.19
C GLN J 916 28.40 -48.26 1.69
N PRO J 917 27.96 -47.06 1.31
CA PRO J 917 26.54 -46.91 0.89
C PRO J 917 26.14 -47.78 -0.28
N GLN J 918 27.02 -47.99 -1.25
CA GLN J 918 26.69 -48.78 -2.42
C GLN J 918 27.90 -49.60 -2.84
N GLN J 919 27.64 -50.73 -3.49
CA GLN J 919 28.67 -51.68 -3.90
C GLN J 919 28.44 -52.12 -5.35
N ASN J 920 28.25 -51.15 -6.24
CA ASN J 920 28.05 -51.45 -7.65
C ASN J 920 29.24 -52.26 -8.19
N GLY J 921 28.95 -53.17 -9.11
CA GLY J 921 29.95 -54.14 -9.53
C GLY J 921 29.43 -55.56 -9.54
N ARG J 922 29.95 -56.39 -8.63
CA ARG J 922 29.63 -57.81 -8.56
C ARG J 922 28.13 -58.09 -8.51
N CYS J 923 27.75 -59.34 -8.75
CA CYS J 923 26.35 -59.72 -8.97
C CYS J 923 25.46 -59.29 -7.82
N TRP J 924 24.16 -59.19 -8.12
CA TRP J 924 23.18 -58.67 -7.16
C TRP J 924 22.98 -59.60 -5.97
N LEU J 925 23.37 -60.87 -6.08
CA LEU J 925 23.19 -61.80 -4.97
C LEU J 925 24.01 -61.36 -3.76
N ASN J 926 25.27 -60.98 -3.99
CA ASN J 926 26.12 -60.52 -2.90
C ASN J 926 25.61 -59.22 -2.31
N ARG J 927 25.12 -58.31 -3.14
CA ARG J 927 24.54 -57.07 -2.64
C ARG J 927 23.32 -57.35 -1.77
N ARG J 928 22.46 -58.27 -2.21
CA ARG J 928 21.28 -58.63 -1.43
C ARG J 928 21.69 -59.24 -0.09
N GLN J 929 22.68 -60.14 -0.10
CA GLN J 929 23.12 -60.75 1.15
C GLN J 929 23.71 -59.71 2.10
N ILE J 930 24.51 -58.78 1.56
CA ILE J 930 25.12 -57.75 2.40
C ILE J 930 24.05 -56.84 3.00
N ASP J 931 23.09 -56.41 2.18
CA ASP J 931 22.03 -55.54 2.67
C ASP J 931 21.21 -56.25 3.74
N GLY J 932 20.86 -57.52 3.50
CA GLY J 932 20.11 -58.26 4.51
C GLY J 932 20.88 -58.45 5.80
N SER J 933 22.19 -58.69 5.70
CA SER J 933 22.99 -58.86 6.90
C SER J 933 23.15 -57.55 7.67
N LEU J 934 23.15 -56.42 6.94
CA LEU J 934 23.28 -55.13 7.60
C LEU J 934 21.95 -54.60 8.12
N ASN J 935 20.83 -55.27 7.81
CA ASN J 935 19.49 -54.82 8.22
C ASN J 935 19.25 -53.37 7.81
N ARG J 936 19.47 -53.11 6.52
CA ARG J 936 19.31 -51.78 5.95
C ARG J 936 18.00 -51.70 5.18
N THR J 937 17.25 -50.63 5.42
CA THR J 937 15.99 -50.39 4.73
C THR J 937 15.97 -48.99 4.15
N PRO J 938 15.33 -48.80 3.01
CA PRO J 938 15.23 -47.46 2.42
C PRO J 938 14.38 -46.54 3.28
N THR J 939 14.62 -45.24 3.14
CA THR J 939 13.94 -44.25 3.97
C THR J 939 12.44 -44.26 3.73
N GLY J 940 11.67 -44.07 4.80
CA GLY J 940 10.24 -44.02 4.72
C GLY J 940 9.55 -45.37 4.65
N PHE J 941 10.29 -46.46 4.80
CA PHE J 941 9.71 -47.79 4.65
C PHE J 941 8.65 -48.05 5.72
N TYR J 942 8.88 -47.59 6.94
CA TYR J 942 7.91 -47.79 8.01
C TYR J 942 6.60 -47.07 7.71
N ASP J 943 6.67 -45.90 7.07
CA ASP J 943 5.45 -45.20 6.69
C ASP J 943 4.65 -46.00 5.66
N ARG J 944 5.34 -46.61 4.69
CA ARG J 944 4.64 -47.44 3.73
C ARG J 944 4.03 -48.67 4.39
N VAL J 945 4.73 -49.26 5.36
CA VAL J 945 4.18 -50.40 6.09
C VAL J 945 2.93 -49.98 6.86
N TRP J 946 2.97 -48.80 7.48
CA TRP J 946 1.81 -48.31 8.20
C TRP J 946 0.63 -48.07 7.26
N GLN J 947 0.90 -47.51 6.08
CA GLN J 947 -0.17 -47.30 5.11
C GLN J 947 -0.78 -48.62 4.66
N ILE J 948 0.07 -49.62 4.41
CA ILE J 948 -0.41 -50.94 4.00
C ILE J 948 -1.28 -51.55 5.09
N LEU J 949 -0.81 -51.48 6.34
CA LEU J 949 -1.59 -52.02 7.45
C LEU J 949 -2.92 -51.28 7.60
N GLU J 950 -2.92 -49.97 7.32
CA GLU J 950 -4.18 -49.21 7.34
C GLU J 950 -5.12 -49.70 6.25
N ARG J 951 -4.60 -49.99 5.07
CA ARG J 951 -5.43 -50.39 3.94
C ARG J 951 -5.62 -51.90 3.80
N THR J 952 -5.01 -52.69 4.68
CA THR J 952 -5.14 -54.15 4.62
C THR J 952 -5.83 -54.67 5.87
N PRO J 953 -7.07 -55.14 5.77
CA PRO J 953 -7.73 -55.75 6.94
C PRO J 953 -7.13 -57.11 7.26
N ASN J 954 -7.42 -57.57 8.47
CA ASN J 954 -7.02 -58.87 9.01
C ASN J 954 -5.52 -59.01 9.20
N GLY J 955 -4.75 -57.95 8.98
CA GLY J 955 -3.33 -57.98 9.25
C GLY J 955 -2.51 -58.72 8.21
N ILE J 956 -1.22 -58.86 8.53
CA ILE J 956 -0.25 -59.50 7.65
C ILE J 956 0.48 -60.58 8.45
N ILE J 957 0.71 -61.72 7.79
CA ILE J 957 1.42 -62.84 8.38
C ILE J 957 2.76 -62.97 7.69
N VAL J 958 3.85 -62.91 8.46
CA VAL J 958 5.20 -63.01 7.92
C VAL J 958 5.98 -64.03 8.74
N ALA J 959 6.42 -65.10 8.07
CA ALA J 959 7.28 -66.12 8.68
C ALA J 959 6.67 -66.67 9.96
N GLY J 960 5.37 -66.90 9.94
CA GLY J 960 4.64 -67.37 11.11
C GLY J 960 4.14 -66.26 12.02
N LYS J 961 4.93 -65.21 12.19
CA LYS J 961 4.51 -64.06 12.98
C LYS J 961 3.36 -63.35 12.28
N HIS J 962 2.36 -62.95 13.05
CA HIS J 962 1.19 -62.25 12.54
C HIS J 962 1.13 -60.86 13.15
N LEU J 963 0.89 -59.86 12.31
CA LEU J 963 0.78 -58.49 12.77
C LEU J 963 -0.69 -58.07 12.77
N PRO J 964 -1.30 -57.90 13.94
CA PRO J 964 -2.72 -57.53 13.97
C PRO J 964 -2.94 -56.11 13.44
N GLN J 965 -4.20 -55.83 13.11
CA GLN J 965 -4.57 -54.54 12.56
C GLN J 965 -5.34 -53.64 13.53
N GLN J 966 -6.34 -54.17 14.23
CA GLN J 966 -7.20 -53.38 15.11
C GLN J 966 -6.42 -52.67 16.23
N PRO J 967 -5.58 -53.37 17.03
CA PRO J 967 -4.94 -52.68 18.15
C PRO J 967 -3.88 -51.69 17.70
N THR J 968 -3.23 -51.98 16.56
CA THR J 968 -2.21 -51.09 16.04
C THR J 968 -2.78 -49.74 15.67
N LEU J 969 -3.93 -49.73 14.98
CA LEU J 969 -4.56 -48.46 14.63
C LEU J 969 -5.25 -47.84 15.84
N SER J 970 -5.73 -48.66 16.77
CA SER J 970 -6.42 -48.14 17.94
C SER J 970 -5.47 -47.42 18.90
N ASP J 971 -4.24 -47.91 19.02
CA ASP J 971 -3.30 -47.38 20.01
C ASP J 971 -2.20 -46.53 19.38
N MET J 972 -1.71 -46.92 18.21
CA MET J 972 -0.50 -46.33 17.67
C MET J 972 -0.82 -45.36 16.52
N THR J 973 0.18 -44.56 16.17
CA THR J 973 0.04 -43.50 15.18
C THR J 973 0.95 -43.78 13.98
N MET J 974 0.92 -42.85 13.01
CA MET J 974 1.67 -43.05 11.76
C MET J 974 3.17 -42.92 11.99
N TYR J 975 3.60 -41.87 12.69
CA TYR J 975 5.01 -41.57 12.85
C TYR J 975 5.58 -42.04 14.19
N GLU J 976 4.81 -42.82 14.96
CA GLU J 976 5.32 -43.32 16.22
C GLU J 976 6.46 -44.31 16.00
N MET J 977 7.54 -44.16 16.76
CA MET J 977 8.65 -45.09 16.68
C MET J 977 8.26 -46.49 17.13
N ASN J 978 7.27 -46.60 18.03
CA ASN J 978 6.83 -47.91 18.51
C ASN J 978 6.39 -48.79 17.35
N PHE J 979 5.77 -48.20 16.33
CA PHE J 979 5.40 -48.97 15.15
C PHE J 979 6.64 -49.50 14.43
N SER J 980 7.69 -48.67 14.35
CA SER J 980 8.92 -49.12 13.72
C SER J 980 9.53 -50.29 14.48
N LEU J 981 9.59 -50.19 15.81
CA LEU J 981 10.11 -51.31 16.60
C LEU J 981 9.25 -52.55 16.44
N LEU J 982 7.92 -52.39 16.43
CA LEU J 982 7.03 -53.53 16.29
C LEU J 982 7.21 -54.22 14.95
N VAL J 983 7.27 -53.45 13.87
CA VAL J 983 7.42 -54.07 12.54
C VAL J 983 8.80 -54.69 12.40
N GLU J 984 9.83 -54.08 13.01
CA GLU J 984 11.15 -54.69 13.00
C GLU J 984 11.15 -56.02 13.73
N ASP J 985 10.49 -56.07 14.90
CA ASP J 985 10.40 -57.33 15.64
C ASP J 985 9.65 -58.38 14.84
N THR J 986 8.55 -57.99 14.19
CA THR J 986 7.78 -58.93 13.39
C THR J 986 8.62 -59.47 12.22
N LEU J 987 9.36 -58.59 11.55
CA LEU J 987 10.12 -58.96 10.36
C LEU J 987 11.45 -59.65 10.69
N GLY J 988 11.91 -59.55 11.93
CA GLY J 988 13.19 -60.17 12.28
C GLY J 988 13.16 -61.68 12.41
N ASN J 989 11.97 -62.30 12.33
CA ASN J 989 11.89 -63.75 12.41
C ASN J 989 12.52 -64.43 11.20
N ILE J 990 12.73 -63.70 10.11
CA ILE J 990 13.34 -64.28 8.91
C ILE J 990 14.82 -64.54 9.17
N ASP J 991 15.26 -65.75 8.84
CA ASP J 991 16.64 -66.17 9.03
C ASP J 991 17.54 -65.89 7.83
N GLN J 992 17.00 -65.93 6.62
CA GLN J 992 17.79 -65.72 5.42
C GLN J 992 17.80 -64.24 5.06
N PRO J 993 18.97 -63.59 4.98
CA PRO J 993 18.99 -62.17 4.60
C PRO J 993 18.38 -61.90 3.24
N GLN J 994 18.57 -62.80 2.27
CA GLN J 994 17.98 -62.62 0.96
C GLN J 994 16.46 -62.67 1.03
N TYR J 995 15.93 -63.58 1.85
CA TYR J 995 14.48 -63.63 2.04
C TYR J 995 13.95 -62.35 2.65
N ARG J 996 14.68 -61.79 3.62
CA ARG J 996 14.29 -60.51 4.21
C ARG J 996 14.30 -59.39 3.17
N GLN J 997 15.33 -59.36 2.33
CA GLN J 997 15.38 -58.35 1.27
C GLN J 997 14.22 -58.51 0.29
N ILE J 998 13.88 -59.74 -0.06
CA ILE J 998 12.75 -59.98 -0.96
C ILE J 998 11.45 -59.54 -0.30
N VAL J 999 11.33 -59.77 1.02
CA VAL J 999 10.14 -59.32 1.75
C VAL J 999 10.04 -57.80 1.70
N VAL J 1000 11.16 -57.11 1.91
CA VAL J 1000 11.16 -55.64 1.86
C VAL J 1000 10.78 -55.16 0.45
N GLU J 1001 11.34 -55.82 -0.57
CA GLU J 1001 11.00 -55.51 -1.96
C GLU J 1001 9.51 -55.65 -2.19
N LEU J 1002 8.92 -56.76 -1.73
CA LEU J 1002 7.50 -57.00 -1.93
C LEU J 1002 6.66 -55.97 -1.20
N LEU J 1003 7.05 -55.61 0.02
CA LEU J 1003 6.29 -54.61 0.77
C LEU J 1003 6.32 -53.25 0.07
N MET J 1004 7.49 -52.87 -0.47
CA MET J 1004 7.58 -51.61 -1.20
C MET J 1004 6.73 -51.66 -2.48
N VAL J 1005 6.73 -52.80 -3.18
CA VAL J 1005 5.93 -52.93 -4.38
C VAL J 1005 4.44 -52.82 -4.02
N VAL J 1006 4.02 -53.47 -2.93
CA VAL J 1006 2.63 -53.37 -2.49
C VAL J 1006 2.28 -51.93 -2.16
N SER J 1007 3.18 -51.22 -1.47
CA SER J 1007 2.92 -49.82 -1.12
C SER J 1007 2.75 -48.97 -2.37
N ILE J 1008 3.64 -49.14 -3.35
CA ILE J 1008 3.54 -48.35 -4.57
C ILE J 1008 2.24 -48.66 -5.32
N VAL J 1009 1.90 -49.94 -5.43
CA VAL J 1009 0.71 -50.33 -6.16
C VAL J 1009 -0.55 -49.79 -5.49
N LEU J 1010 -0.63 -49.90 -4.16
CA LEU J 1010 -1.83 -49.45 -3.46
C LEU J 1010 -1.93 -47.93 -3.45
N GLU J 1011 -0.80 -47.23 -3.36
CA GLU J 1011 -0.84 -45.77 -3.39
C GLU J 1011 -1.25 -45.27 -4.77
N ARG J 1012 -0.76 -45.91 -5.83
CA ARG J 1012 -1.14 -45.50 -7.19
C ARG J 1012 -2.58 -45.86 -7.52
N ASN J 1013 -3.11 -46.95 -6.98
CA ASN J 1013 -4.48 -47.41 -7.26
C ASN J 1013 -5.26 -47.43 -5.96
N PRO J 1014 -5.88 -46.31 -5.58
CA PRO J 1014 -6.65 -46.28 -4.33
C PRO J 1014 -7.84 -47.22 -4.31
N GLU J 1015 -8.46 -47.47 -5.46
CA GLU J 1015 -9.70 -48.23 -5.50
C GLU J 1015 -9.51 -49.67 -5.02
N LEU J 1016 -8.44 -50.32 -5.46
CA LEU J 1016 -8.23 -51.73 -5.16
C LEU J 1016 -7.89 -51.92 -3.69
N GLU J 1017 -8.42 -53.01 -3.12
CA GLU J 1017 -8.22 -53.32 -1.71
C GLU J 1017 -8.11 -54.83 -1.56
N PHE J 1018 -7.39 -55.25 -0.51
CA PHE J 1018 -7.19 -56.66 -0.22
C PHE J 1018 -8.44 -57.24 0.45
N GLN J 1019 -8.88 -58.39 -0.04
CA GLN J 1019 -10.10 -59.01 0.51
C GLN J 1019 -9.86 -59.57 1.91
N ASP J 1020 -8.72 -60.24 2.11
CA ASP J 1020 -8.43 -60.89 3.37
C ASP J 1020 -6.96 -60.66 3.71
N LYS J 1021 -6.48 -61.36 4.74
CA LYS J 1021 -5.09 -61.22 5.16
C LYS J 1021 -4.16 -61.75 4.07
N VAL J 1022 -3.06 -61.03 3.85
CA VAL J 1022 -2.07 -61.39 2.85
C VAL J 1022 -0.97 -62.19 3.52
N ASP J 1023 -0.29 -63.03 2.74
CA ASP J 1023 0.80 -63.86 3.23
C ASP J 1023 2.01 -63.68 2.34
N LEU J 1024 3.16 -63.37 2.96
CA LEU J 1024 4.39 -63.17 2.20
C LEU J 1024 4.86 -64.46 1.53
N ASP J 1025 4.79 -65.58 2.25
CA ASP J 1025 5.36 -66.83 1.74
C ASP J 1025 4.62 -67.33 0.51
N ARG J 1026 3.29 -67.28 0.52
CA ARG J 1026 2.53 -67.75 -0.64
C ARG J 1026 2.86 -66.93 -1.88
N LEU J 1027 2.90 -65.61 -1.74
CA LEU J 1027 3.17 -64.76 -2.90
C LEU J 1027 4.60 -64.93 -3.39
N VAL J 1028 5.56 -65.07 -2.47
CA VAL J 1028 6.93 -65.25 -2.90
C VAL J 1028 7.11 -66.60 -3.59
N LYS J 1029 6.39 -67.62 -3.14
CA LYS J 1029 6.46 -68.92 -3.82
C LYS J 1029 5.80 -68.85 -5.19
N GLU J 1030 4.72 -68.08 -5.32
CA GLU J 1030 4.10 -67.89 -6.63
C GLU J 1030 5.05 -67.16 -7.58
N ALA J 1031 5.74 -66.13 -7.09
CA ALA J 1031 6.71 -65.42 -7.91
C ALA J 1031 7.87 -66.32 -8.32
N PHE J 1032 8.36 -67.14 -7.39
CA PHE J 1032 9.44 -68.07 -7.71
C PHE J 1032 8.99 -69.09 -8.76
N ASN J 1033 7.77 -69.60 -8.63
CA ASN J 1033 7.25 -70.54 -9.63
C ASN J 1033 7.12 -69.88 -10.99
N GLU J 1034 6.64 -68.64 -11.03
CA GLU J 1034 6.53 -67.92 -12.30
C GLU J 1034 7.90 -67.70 -12.93
N PHE J 1035 8.89 -67.32 -12.11
CA PHE J 1035 10.24 -67.12 -12.64
C PHE J 1035 10.82 -68.42 -13.16
N GLN J 1036 10.59 -69.53 -12.45
CA GLN J 1036 11.08 -70.82 -12.91
C GLN J 1036 10.43 -71.22 -14.23
N LYS J 1037 9.12 -70.99 -14.35
CA LYS J 1037 8.43 -71.31 -15.59
C LYS J 1037 8.95 -70.46 -16.75
N ASP J 1038 9.17 -69.17 -16.49
CA ASP J 1038 9.70 -68.30 -17.54
C ASP J 1038 11.10 -68.73 -17.97
N GLN J 1039 11.96 -69.07 -17.01
CA GLN J 1039 13.31 -69.52 -17.35
C GLN J 1039 13.27 -70.82 -18.13
N SER J 1040 12.42 -71.76 -17.72
CA SER J 1040 12.31 -73.02 -18.43
C SER J 1040 11.82 -72.83 -19.86
N ARG J 1041 10.85 -71.93 -20.05
CA ARG J 1041 10.35 -71.67 -21.39
C ARG J 1041 11.41 -70.98 -22.25
N LEU J 1042 12.15 -70.04 -21.67
CA LEU J 1042 13.09 -69.25 -22.46
C LEU J 1042 14.35 -70.06 -22.82
N LYS J 1043 14.91 -70.79 -21.86
CA LYS J 1043 16.21 -71.42 -22.04
C LYS J 1043 16.17 -72.95 -21.97
N GLU J 1044 14.98 -73.55 -21.93
CA GLU J 1044 14.84 -75.01 -21.88
C GLU J 1044 15.60 -75.62 -20.71
N ILE J 1045 15.58 -74.95 -19.56
CA ILE J 1045 16.25 -75.44 -18.36
C ILE J 1045 15.23 -76.08 -17.45
N GLU J 1046 15.52 -77.29 -16.98
CA GLU J 1046 14.60 -78.00 -16.09
C GLU J 1046 14.45 -77.25 -14.77
N LYS J 1047 13.27 -77.36 -14.18
CA LYS J 1047 12.99 -76.70 -12.91
C LYS J 1047 13.92 -77.22 -11.83
N GLN J 1048 14.51 -76.31 -11.06
CA GLN J 1048 15.45 -76.64 -10.00
C GLN J 1048 14.98 -76.04 -8.69
N ASP J 1049 15.20 -76.77 -7.60
CA ASP J 1049 14.84 -76.28 -6.28
C ASP J 1049 15.78 -75.15 -5.86
N ASP J 1050 15.35 -74.41 -4.83
CA ASP J 1050 16.07 -73.26 -4.28
C ASP J 1050 16.06 -72.10 -5.26
N MET J 1051 16.01 -70.87 -4.73
CA MET J 1051 15.88 -69.66 -5.53
C MET J 1051 17.20 -68.90 -5.64
N THR J 1052 18.32 -69.61 -5.71
CA THR J 1052 19.63 -68.97 -5.85
C THR J 1052 19.75 -68.19 -7.16
N PHE J 1054 17.13 -66.81 -8.61
CA PHE J 1054 16.16 -65.72 -8.52
C PHE J 1054 16.79 -64.47 -7.92
N TYR J 1055 17.72 -64.66 -6.97
CA TYR J 1055 18.38 -63.53 -6.35
C TYR J 1055 19.31 -62.81 -7.32
N ASN J 1056 19.93 -63.55 -8.25
CA ASN J 1056 20.85 -62.93 -9.19
C ASN J 1056 20.14 -62.01 -10.18
N THR J 1057 18.83 -62.15 -10.33
CA THR J 1057 18.11 -61.29 -11.25
C THR J 1057 18.14 -59.85 -10.75
N PRO J 1058 18.46 -58.91 -11.66
CA PRO J 1058 18.38 -57.53 -11.17
C PRO J 1058 16.97 -57.26 -10.71
N PRO J 1059 16.75 -56.16 -10.00
CA PRO J 1059 15.37 -55.98 -9.61
C PRO J 1059 14.62 -55.36 -10.75
N LEU J 1060 15.20 -54.36 -11.42
CA LEU J 1060 14.54 -53.71 -12.55
C LEU J 1060 15.18 -54.07 -13.88
N GLY J 1061 14.48 -53.88 -14.99
CA GLY J 1061 14.93 -54.24 -16.32
C GLY J 1061 13.99 -55.16 -17.05
N LYS J 1062 14.53 -56.12 -17.80
CA LYS J 1062 13.71 -57.07 -18.55
C LYS J 1062 13.47 -58.30 -17.67
N ARG J 1063 12.20 -58.58 -17.40
CA ARG J 1063 11.79 -59.73 -16.60
C ARG J 1063 12.49 -59.75 -15.24
N GLY J 1064 12.59 -58.56 -14.63
CA GLY J 1064 13.19 -58.44 -13.31
C GLY J 1064 12.28 -58.97 -12.22
N CYS J 1066 10.87 -57.19 -9.87
CA CYS J 1066 9.79 -56.23 -9.65
C CYS J 1066 8.57 -56.58 -10.49
N SER J 1067 8.80 -57.00 -11.74
CA SER J 1067 7.70 -57.37 -12.62
C SER J 1067 6.90 -58.54 -12.06
N TYR J 1068 7.61 -59.60 -11.62
CA TYR J 1068 6.92 -60.74 -11.04
C TYR J 1068 6.19 -60.36 -9.76
N LEU J 1069 6.84 -59.53 -8.92
CA LEU J 1069 6.22 -59.13 -7.66
C LEU J 1069 4.93 -58.34 -7.90
N THR J 1070 4.97 -57.39 -8.84
CA THR J 1070 3.77 -56.59 -9.10
C THR J 1070 2.69 -57.42 -9.79
N LYS J 1071 3.08 -58.34 -10.68
CA LYS J 1071 2.12 -59.27 -11.25
C LYS J 1071 1.40 -60.05 -10.15
N ALA J 1072 2.17 -60.59 -9.21
CA ALA J 1072 1.58 -61.39 -8.14
C ALA J 1072 0.66 -60.54 -7.25
N VAL J 1073 1.11 -59.35 -6.85
CA VAL J 1073 0.30 -58.55 -5.93
C VAL J 1073 -0.99 -58.12 -6.59
N MET J 1074 -0.94 -57.72 -7.87
CA MET J 1074 -2.15 -57.25 -8.53
C MET J 1074 -3.08 -58.43 -8.86
N ASN J 1075 -2.51 -59.59 -9.20
CA ASN J 1075 -3.33 -60.78 -9.36
C ASN J 1075 -4.03 -61.14 -8.04
N LEU J 1076 -3.36 -60.91 -6.91
CA LEU J 1076 -3.98 -61.15 -5.63
C LEU J 1076 -5.11 -60.17 -5.35
N LEU J 1077 -4.86 -58.87 -5.56
CA LEU J 1077 -5.83 -57.87 -5.13
C LEU J 1077 -7.03 -57.80 -6.08
N LEU J 1078 -6.84 -58.16 -7.36
CA LEU J 1078 -7.97 -58.12 -8.28
C LEU J 1078 -8.96 -59.24 -8.03
N GLU J 1079 -8.61 -60.23 -7.21
CA GLU J 1079 -9.57 -61.28 -6.87
C GLU J 1079 -10.67 -60.75 -5.97
N GLY J 1080 -10.39 -59.67 -5.23
CA GLY J 1080 -11.38 -59.09 -4.36
C GLY J 1080 -12.26 -58.06 -5.05
N GLU J 1081 -13.14 -57.46 -4.26
CA GLU J 1081 -14.04 -56.45 -4.78
C GLU J 1081 -13.30 -55.17 -5.15
N VAL J 1082 -13.80 -54.48 -6.17
CA VAL J 1082 -13.26 -53.21 -6.61
C VAL J 1082 -14.30 -52.13 -6.32
N LYS J 1083 -13.94 -51.17 -5.46
CA LYS J 1083 -14.86 -50.10 -5.08
C LYS J 1083 -14.59 -48.87 -5.92
N PRO J 1084 -15.54 -48.42 -6.74
CA PRO J 1084 -15.31 -47.21 -7.55
C PRO J 1084 -15.45 -45.96 -6.70
N ASN J 1085 -14.43 -45.10 -6.75
CA ASN J 1085 -14.47 -43.84 -6.02
C ASN J 1085 -15.34 -42.84 -6.77
N ASN J 1086 -16.44 -42.42 -6.13
CA ASN J 1086 -17.36 -41.48 -6.76
C ASN J 1086 -16.73 -40.10 -6.95
N ASP J 1087 -15.69 -39.77 -6.19
CA ASP J 1087 -15.04 -38.48 -6.34
C ASP J 1087 -14.40 -38.35 -7.72
N ASP J 1088 -13.75 -39.40 -8.19
CA ASP J 1088 -13.14 -39.37 -9.51
C ASP J 1088 -14.23 -39.31 -10.59
N PRO J 1089 -14.08 -38.42 -11.58
CA PRO J 1089 -15.11 -38.30 -12.62
C PRO J 1089 -15.02 -39.35 -13.72
N CYS J 1090 -14.10 -40.32 -13.60
CA CYS J 1090 -13.98 -41.36 -14.60
C CYS J 1090 -15.20 -42.28 -14.56
N LEU J 1091 -15.77 -42.56 -15.73
CA LEU J 1091 -16.95 -43.40 -15.83
C LEU J 1091 -16.62 -44.73 -16.48
N ILE J 1092 -17.59 -45.65 -16.43
CA ILE J 1092 -17.53 -47.01 -16.96
C ILE J 1092 -16.16 -47.66 -16.77
N SER J 1093 -15.51 -47.35 -15.65
CA SER J 1093 -14.20 -47.92 -15.34
C SER J 1093 -13.95 -47.89 -13.83
N SER K 12 79.11 -58.55 9.61
CA SER K 12 79.14 -57.61 8.49
C SER K 12 79.59 -56.23 8.95
N ALA K 13 79.56 -55.27 8.04
CA ALA K 13 79.97 -53.91 8.37
C ALA K 13 78.99 -53.24 9.32
N GLN K 14 77.70 -53.60 9.24
CA GLN K 14 76.71 -53.01 10.14
C GLN K 14 76.99 -53.38 11.59
N ASP K 15 77.33 -54.64 11.84
CA ASP K 15 77.67 -55.06 13.20
C ASP K 15 78.92 -54.34 13.71
N PHE K 16 79.92 -54.19 12.85
CA PHE K 16 81.14 -53.49 13.24
C PHE K 16 80.85 -52.04 13.59
N TYR K 17 80.02 -51.37 12.79
CA TYR K 17 79.66 -49.98 13.07
C TYR K 17 78.86 -49.88 14.37
N GLU K 18 77.93 -50.81 14.59
CA GLU K 18 77.13 -50.78 15.80
C GLU K 18 77.94 -51.14 17.05
N ASN K 19 79.06 -51.84 16.88
CA ASN K 19 79.88 -52.24 18.02
C ASN K 19 81.15 -51.42 18.17
N TYR K 20 81.70 -50.90 17.07
CA TYR K 20 82.91 -50.08 17.10
C TYR K 20 82.58 -48.68 16.63
N GLU K 21 83.00 -47.68 17.42
CA GLU K 21 82.74 -46.28 17.10
C GLU K 21 84.02 -45.62 16.61
N PRO K 22 84.09 -45.18 15.36
CA PRO K 22 85.30 -44.50 14.88
C PRO K 22 85.56 -43.23 15.66
N LYS K 23 86.86 -42.96 15.89
CA LYS K 23 87.27 -41.79 16.67
C LYS K 23 88.43 -41.08 15.99
N GLU K 24 89.09 -40.18 16.71
CA GLU K 24 90.21 -39.44 16.16
C GLU K 24 91.35 -40.37 15.78
N ILE K 25 92.07 -40.01 14.73
CA ILE K 25 93.15 -40.85 14.22
C ILE K 25 94.28 -40.91 15.24
N LEU K 26 94.76 -42.11 15.52
CA LEU K 26 95.87 -42.33 16.44
C LEU K 26 97.18 -42.65 15.75
N GLY K 27 97.16 -43.05 14.49
CA GLY K 27 98.38 -43.36 13.78
C GLY K 27 98.11 -43.52 12.30
N ARG K 28 99.19 -43.47 11.52
CA ARG K 28 99.12 -43.59 10.08
C ARG K 28 100.15 -44.60 9.59
N GLY K 29 99.82 -45.26 8.48
CA GLY K 29 100.71 -46.25 7.89
C GLY K 29 100.92 -46.03 6.40
N VAL K 30 101.48 -47.02 5.73
CA VAL K 30 101.71 -46.91 4.28
C VAL K 30 100.37 -46.82 3.55
N SER K 31 99.41 -47.66 3.95
CA SER K 31 98.09 -47.64 3.34
C SER K 31 96.97 -47.83 4.36
N SER K 32 97.25 -47.66 5.65
CA SER K 32 96.27 -47.88 6.69
C SER K 32 96.31 -46.75 7.71
N VAL K 33 95.17 -46.52 8.37
CA VAL K 33 95.04 -45.51 9.40
C VAL K 33 94.48 -46.17 10.65
N VAL K 34 95.08 -45.89 11.79
CA VAL K 34 94.68 -46.48 13.07
C VAL K 34 93.94 -45.42 13.89
N ARG K 35 92.76 -45.77 14.38
CA ARG K 35 91.94 -44.86 15.17
C ARG K 35 91.39 -45.61 16.38
N ARG K 36 91.04 -44.85 17.42
CA ARG K 36 90.46 -45.44 18.62
C ARG K 36 89.02 -45.87 18.38
N CYS K 37 88.58 -46.84 19.15
CA CYS K 37 87.23 -47.37 19.07
C CYS K 37 86.66 -47.59 20.46
N ILE K 38 85.33 -47.54 20.57
CA ILE K 38 84.63 -47.77 21.81
C ILE K 38 83.61 -48.88 21.58
N HIS K 39 83.63 -49.90 22.44
CA HIS K 39 82.67 -51.00 22.36
C HIS K 39 81.45 -50.62 23.19
N LYS K 40 80.31 -50.43 22.52
CA LYS K 40 79.10 -49.98 23.21
C LYS K 40 78.67 -50.91 24.33
N PRO K 41 78.61 -52.25 24.15
CA PRO K 41 78.20 -53.10 25.28
C PRO K 41 79.12 -53.00 26.50
N THR K 42 80.42 -52.78 26.30
CA THR K 42 81.38 -52.79 27.39
C THR K 42 81.99 -51.44 27.70
N SER K 43 81.76 -50.42 26.88
CA SER K 43 82.34 -49.09 27.06
C SER K 43 83.86 -49.16 27.15
N GLN K 44 84.47 -49.99 26.31
CA GLN K 44 85.91 -50.18 26.32
C GLN K 44 86.59 -49.07 25.52
N GLU K 45 87.92 -49.11 25.51
CA GLU K 45 88.75 -48.13 24.80
C GLU K 45 89.74 -48.83 23.87
N TYR K 46 89.25 -49.79 23.09
CA TYR K 46 90.11 -50.53 22.17
C TYR K 46 90.48 -49.64 20.98
N ALA K 47 91.29 -50.21 20.08
CA ALA K 47 91.74 -49.53 18.87
C ALA K 47 91.35 -50.35 17.64
N VAL K 48 90.94 -49.66 16.58
CA VAL K 48 90.54 -50.30 15.34
C VAL K 48 91.50 -49.85 14.24
N LYS K 49 92.02 -50.82 13.49
CA LYS K 49 92.92 -50.55 12.38
C LYS K 49 92.20 -50.86 11.07
N VAL K 50 92.16 -49.87 10.18
CA VAL K 50 91.44 -49.97 8.91
C VAL K 50 92.47 -49.91 7.78
N ILE K 51 92.43 -50.90 6.90
CA ILE K 51 93.36 -51.00 5.77
C ILE K 51 92.55 -51.01 4.49
N ASP K 52 92.88 -50.11 3.57
CA ASP K 52 92.23 -50.09 2.27
C ASP K 52 92.77 -51.21 1.38
N VAL K 53 91.86 -51.86 0.66
CA VAL K 53 92.25 -52.94 -0.24
C VAL K 53 92.44 -52.39 -1.64
N THR K 54 91.51 -51.54 -2.10
CA THR K 54 91.63 -50.94 -3.42
C THR K 54 92.62 -49.80 -3.46
N GLY K 55 92.92 -49.18 -2.31
CA GLY K 55 93.89 -48.10 -2.25
C GLY K 55 93.54 -46.93 -3.15
N GLY K 56 92.26 -46.57 -3.21
CA GLY K 56 91.84 -45.51 -4.10
C GLY K 56 91.85 -45.88 -5.56
N GLY K 57 91.83 -47.16 -5.88
CA GLY K 57 91.89 -47.59 -7.28
C GLY K 57 93.19 -47.22 -7.96
N SER K 58 94.31 -47.37 -7.26
CA SER K 58 95.62 -46.98 -7.77
C SER K 58 96.42 -48.15 -8.32
N PHE K 59 95.86 -49.35 -8.34
CA PHE K 59 96.59 -50.52 -8.82
C PHE K 59 95.62 -51.56 -9.34
N SER K 60 96.17 -52.55 -10.03
CA SER K 60 95.38 -53.62 -10.64
C SER K 60 94.80 -54.54 -9.56
N PRO K 61 93.77 -55.31 -9.90
CA PRO K 61 93.20 -56.24 -8.90
C PRO K 61 94.17 -57.29 -8.40
N GLU K 62 95.27 -57.54 -9.12
CA GLU K 62 96.31 -58.44 -8.61
C GLU K 62 96.90 -57.90 -7.32
N GLU K 63 97.13 -56.58 -7.25
CA GLU K 63 97.60 -55.97 -6.01
C GLU K 63 96.58 -56.13 -4.90
N VAL K 64 95.29 -55.97 -5.21
CA VAL K 64 94.25 -56.16 -4.21
C VAL K 64 94.27 -57.59 -3.69
N ARG K 65 94.44 -58.56 -4.59
CA ARG K 65 94.52 -59.96 -4.19
C ARG K 65 95.72 -60.22 -3.29
N GLU K 66 96.87 -59.64 -3.62
CA GLU K 66 98.06 -59.88 -2.81
C GLU K 66 97.93 -59.22 -1.44
N LEU K 67 97.33 -58.03 -1.37
CA LEU K 67 97.08 -57.41 -0.07
C LEU K 67 96.09 -58.24 0.75
N ARG K 68 95.05 -58.77 0.10
CA ARG K 68 94.09 -59.61 0.81
C ARG K 68 94.77 -60.87 1.36
N GLU K 69 95.65 -61.48 0.56
CA GLU K 69 96.38 -62.65 1.04
C GLU K 69 97.29 -62.29 2.20
N ALA K 70 97.96 -61.13 2.13
CA ALA K 70 98.82 -60.70 3.23
C ALA K 70 98.01 -60.50 4.51
N THR K 71 96.84 -59.86 4.40
CA THR K 71 96.01 -59.64 5.59
C THR K 71 95.47 -60.96 6.12
N LEU K 72 95.15 -61.91 5.24
CA LEU K 72 94.70 -63.22 5.69
C LEU K 72 95.79 -63.95 6.47
N LYS K 73 97.02 -63.92 5.94
CA LYS K 73 98.14 -64.51 6.67
C LYS K 73 98.36 -63.80 8.00
N GLU K 74 98.19 -62.47 8.01
CA GLU K 74 98.35 -61.71 9.25
C GLU K 74 97.34 -62.14 10.31
N VAL K 75 96.06 -62.19 9.94
CA VAL K 75 95.05 -62.57 10.93
C VAL K 75 95.25 -64.02 11.37
N ASP K 76 95.69 -64.88 10.44
CA ASP K 76 95.98 -66.25 10.81
C ASP K 76 97.08 -66.33 11.86
N ILE K 77 98.17 -65.58 11.67
CA ILE K 77 99.29 -65.67 12.59
C ILE K 77 98.95 -64.99 13.92
N LEU K 78 98.12 -63.94 13.88
CA LEU K 78 97.64 -63.36 15.14
C LEU K 78 96.77 -64.34 15.91
N ARG K 79 95.89 -65.06 15.22
CA ARG K 79 95.04 -66.04 15.89
C ARG K 79 95.86 -67.20 16.43
N LYS K 80 96.92 -67.60 15.74
CA LYS K 80 97.74 -68.71 16.20
C LYS K 80 98.44 -68.38 17.52
N VAL K 81 98.94 -67.15 17.65
CA VAL K 81 99.72 -66.75 18.82
C VAL K 81 98.86 -66.00 19.84
N SER K 82 97.53 -65.98 19.64
CA SER K 82 96.65 -65.26 20.55
C SER K 82 96.68 -65.85 21.95
N GLY K 83 96.51 -64.99 22.94
CA GLY K 83 96.54 -65.38 24.34
C GLY K 83 97.82 -65.01 25.08
N HIS K 84 98.87 -64.63 24.37
CA HIS K 84 100.12 -64.22 25.01
C HIS K 84 99.98 -62.81 25.55
N PRO K 85 100.17 -62.59 26.85
CA PRO K 85 100.09 -61.21 27.37
C PRO K 85 101.11 -60.26 26.76
N ASN K 86 102.29 -60.76 26.40
CA ASN K 86 103.32 -59.89 25.84
C ASN K 86 103.10 -59.64 24.35
N ILE K 87 102.13 -60.32 23.74
CA ILE K 87 101.84 -60.19 22.33
C ILE K 87 100.47 -59.56 22.14
N ILE K 88 100.30 -58.81 21.06
CA ILE K 88 99.01 -58.21 20.75
C ILE K 88 97.96 -59.30 20.59
N GLN K 89 96.76 -59.02 21.09
CA GLN K 89 95.64 -59.95 21.00
C GLN K 89 94.60 -59.38 20.04
N LEU K 90 94.23 -60.19 19.05
CA LEU K 90 93.23 -59.78 18.06
C LEU K 90 91.86 -60.16 18.58
N LYS K 91 91.20 -59.20 19.25
CA LYS K 91 89.92 -59.48 19.88
C LYS K 91 88.85 -59.81 18.84
N ASP K 92 88.78 -59.02 17.77
CA ASP K 92 87.77 -59.22 16.74
C ASP K 92 88.31 -58.77 15.39
N THR K 93 87.91 -59.49 14.35
CA THR K 93 88.32 -59.18 12.98
C THR K 93 87.08 -59.14 12.09
N TYR K 94 87.07 -58.19 11.15
CA TYR K 94 85.98 -58.02 10.22
C TYR K 94 86.55 -57.79 8.82
N GLU K 95 85.86 -58.36 7.82
CA GLU K 95 86.26 -58.23 6.43
C GLU K 95 85.07 -57.81 5.60
N THR K 96 85.25 -56.75 4.82
CA THR K 96 84.23 -56.25 3.91
C THR K 96 84.77 -56.27 2.49
N ASN K 97 83.91 -55.89 1.54
CA ASN K 97 84.30 -55.89 0.13
C ASN K 97 85.41 -54.88 -0.13
N THR K 98 85.31 -53.68 0.44
CA THR K 98 86.27 -52.61 0.18
C THR K 98 87.03 -52.14 1.40
N PHE K 99 86.73 -52.66 2.59
CA PHE K 99 87.39 -52.22 3.81
C PHE K 99 87.71 -53.42 4.68
N PHE K 100 88.77 -53.29 5.48
CA PHE K 100 89.18 -54.32 6.44
C PHE K 100 89.17 -53.72 7.83
N PHE K 101 88.48 -54.37 8.76
CA PHE K 101 88.35 -53.90 10.13
C PHE K 101 88.99 -54.91 11.07
N LEU K 102 89.95 -54.44 11.86
CA LEU K 102 90.62 -55.26 12.87
C LEU K 102 90.58 -54.53 14.20
N VAL K 103 90.44 -55.30 15.28
CA VAL K 103 90.33 -54.77 16.62
C VAL K 103 91.55 -55.23 17.43
N PHE K 104 92.24 -54.27 18.06
CA PHE K 104 93.39 -54.58 18.89
C PHE K 104 93.23 -53.97 20.27
N ASP K 105 94.29 -54.03 21.07
CA ASP K 105 94.32 -53.41 22.40
C ASP K 105 95.04 -52.08 22.29
N LEU K 106 94.40 -51.02 22.77
CA LEU K 106 94.98 -49.69 22.67
C LEU K 106 95.82 -49.36 23.91
N MET K 107 96.95 -48.69 23.69
CA MET K 107 97.83 -48.26 24.76
C MET K 107 97.89 -46.73 24.77
N LYS K 108 98.07 -46.15 25.95
CA LYS K 108 98.18 -44.71 26.06
C LYS K 108 99.59 -44.20 25.79
N ARG K 109 100.57 -45.10 25.70
CA ARG K 109 101.96 -44.74 25.47
C ARG K 109 102.31 -44.88 24.00
N GLY K 110 103.35 -44.17 23.58
CA GLY K 110 103.81 -44.20 22.22
C GLY K 110 104.73 -45.38 21.95
N GLU K 111 105.31 -45.38 20.75
CA GLU K 111 106.23 -46.43 20.35
C GLU K 111 107.59 -46.25 21.03
N LEU K 112 108.41 -47.30 20.93
CA LEU K 112 109.77 -47.22 21.47
C LEU K 112 110.58 -46.15 20.77
N PHE K 113 110.22 -45.80 19.54
CA PHE K 113 110.94 -44.76 18.81
C PHE K 113 110.84 -43.42 19.53
N ASP K 114 109.61 -42.98 19.84
CA ASP K 114 109.43 -41.68 20.47
C ASP K 114 110.03 -41.63 21.86
N TYR K 115 109.81 -42.68 22.67
CA TYR K 115 110.37 -42.71 24.01
C TYR K 115 111.89 -42.73 23.98
N LEU K 116 112.47 -43.50 23.05
CA LEU K 116 113.92 -43.57 22.94
C LEU K 116 114.51 -42.23 22.51
N THR K 117 113.87 -41.54 21.57
CA THR K 117 114.40 -40.25 21.14
C THR K 117 114.15 -39.17 22.18
N GLU K 118 113.15 -39.37 23.04
CA GLU K 118 112.93 -38.42 24.14
C GLU K 118 113.96 -38.60 25.24
N LYS K 119 114.28 -39.85 25.58
CA LYS K 119 115.22 -40.14 26.66
C LYS K 119 116.66 -40.30 26.17
N VAL K 120 116.89 -40.29 24.86
CA VAL K 120 118.21 -40.42 24.26
C VAL K 120 118.83 -41.76 24.64
N THR K 121 119.17 -41.92 25.93
CA THR K 121 119.73 -43.15 26.46
C THR K 121 118.91 -43.60 27.66
N LEU K 122 118.66 -44.90 27.74
CA LEU K 122 117.80 -45.47 28.76
C LEU K 122 118.61 -46.14 29.85
N SER K 123 118.01 -46.27 31.03
CA SER K 123 118.68 -46.83 32.20
C SER K 123 118.90 -48.33 32.02
N GLU K 124 119.75 -48.88 32.90
CA GLU K 124 120.16 -50.28 32.77
C GLU K 124 119.04 -51.23 33.16
N LYS K 125 118.34 -50.95 34.26
CA LYS K 125 117.27 -51.84 34.69
C LYS K 125 116.14 -51.89 33.68
N GLU K 126 115.76 -50.74 33.15
CA GLU K 126 114.68 -50.69 32.16
C GLU K 126 115.06 -51.50 30.92
N THR K 127 116.25 -51.25 30.36
CA THR K 127 116.65 -51.96 29.16
C THR K 127 116.82 -53.44 29.43
N ARG K 128 117.22 -53.81 30.65
CA ARG K 128 117.26 -55.23 31.00
C ARG K 128 115.86 -55.83 30.97
N LYS K 129 114.86 -55.09 31.47
CA LYS K 129 113.49 -55.58 31.41
C LYS K 129 113.02 -55.75 29.97
N ILE K 130 113.31 -54.77 29.11
CA ILE K 130 112.92 -54.89 27.70
C ILE K 130 113.62 -56.09 27.06
N MET K 131 114.92 -56.27 27.32
CA MET K 131 115.64 -57.38 26.73
C MET K 131 115.08 -58.72 27.18
N ARG K 132 114.76 -58.85 28.47
CA ARG K 132 114.17 -60.08 28.97
C ARG K 132 112.81 -60.35 28.33
N ALA K 133 111.98 -59.31 28.22
CA ALA K 133 110.65 -59.49 27.64
C ALA K 133 110.73 -59.89 26.17
N LEU K 134 111.61 -59.25 25.40
CA LEU K 134 111.71 -59.60 23.99
C LEU K 134 112.36 -60.96 23.80
N LEU K 135 113.27 -61.34 24.70
CA LEU K 135 113.82 -62.69 24.65
C LEU K 135 112.75 -63.73 24.90
N GLU K 136 111.87 -63.48 25.88
CA GLU K 136 110.75 -64.38 26.11
C GLU K 136 109.84 -64.44 24.89
N VAL K 137 109.58 -63.30 24.27
CA VAL K 137 108.71 -63.26 23.09
C VAL K 137 109.32 -64.07 21.95
N ILE K 138 110.61 -63.89 21.67
CA ILE K 138 111.23 -64.59 20.56
C ILE K 138 111.33 -66.08 20.85
N CYS K 139 111.58 -66.46 22.11
CA CYS K 139 111.56 -67.87 22.46
C CYS K 139 110.18 -68.46 22.26
N THR K 140 109.13 -67.74 22.65
CA THR K 140 107.77 -68.23 22.48
C THR K 140 107.43 -68.43 21.01
N LEU K 141 107.81 -67.46 20.15
CA LEU K 141 107.49 -67.59 18.74
C LEU K 141 108.37 -68.64 18.05
N HIS K 142 109.57 -68.89 18.59
CA HIS K 142 110.39 -69.95 18.05
C HIS K 142 109.86 -71.32 18.46
N LYS K 143 109.22 -71.40 19.62
CA LYS K 143 108.59 -72.66 20.04
C LYS K 143 107.49 -73.07 19.08
N LEU K 144 106.68 -72.12 18.62
CA LEU K 144 105.64 -72.38 17.64
C LEU K 144 106.08 -72.07 16.21
N ASN K 145 107.39 -72.06 15.96
CA ASN K 145 108.00 -71.89 14.63
C ASN K 145 107.38 -70.75 13.83
N ILE K 146 107.56 -69.52 14.33
CA ILE K 146 107.32 -68.30 13.56
C ILE K 146 108.59 -67.48 13.59
N VAL K 147 108.82 -66.70 12.54
CA VAL K 147 109.97 -65.80 12.44
C VAL K 147 109.48 -64.46 11.91
N HIS K 148 109.94 -63.37 12.53
CA HIS K 148 109.41 -62.04 12.26
C HIS K 148 110.25 -61.26 11.26
N ARG K 149 111.54 -61.09 11.54
CA ARG K 149 112.52 -60.40 10.71
C ARG K 149 112.27 -58.91 10.58
N ASP K 150 111.47 -58.31 11.47
CA ASP K 150 111.15 -56.89 11.34
C ASP K 150 111.21 -56.20 12.70
N LEU K 151 112.26 -56.46 13.47
CA LEU K 151 112.40 -55.86 14.80
C LEU K 151 112.98 -54.46 14.64
N LYS K 152 112.15 -53.44 14.72
CA LYS K 152 112.63 -52.10 14.59
C LYS K 152 111.74 -51.22 15.46
N PRO K 153 112.35 -50.26 16.18
CA PRO K 153 111.53 -49.45 17.10
C PRO K 153 110.23 -49.10 16.43
N GLU K 154 110.26 -48.79 15.14
CA GLU K 154 109.03 -48.55 14.40
C GLU K 154 108.23 -49.83 14.29
N ASN K 155 108.03 -50.52 15.40
CA ASN K 155 107.25 -51.75 15.40
C ASN K 155 106.97 -52.22 16.81
N ILE K 156 107.80 -51.82 17.75
CA ILE K 156 107.53 -52.18 19.15
C ILE K 156 106.89 -50.99 19.84
N LEU K 157 105.95 -51.25 20.74
CA LEU K 157 105.18 -50.24 21.43
C LEU K 157 105.37 -50.37 22.94
N LEU K 158 104.98 -49.31 23.66
CA LEU K 158 104.98 -49.33 25.12
C LEU K 158 103.55 -49.11 25.62
N ASP K 159 103.35 -49.43 26.89
CA ASP K 159 102.07 -49.21 27.56
C ASP K 159 102.31 -48.44 28.85
N ASP K 160 101.29 -48.35 29.70
CA ASP K 160 101.44 -47.67 30.97
C ASP K 160 102.48 -48.35 31.86
N ASN K 161 102.51 -49.68 31.88
CA ASN K 161 103.41 -50.43 32.75
C ASN K 161 104.80 -50.62 32.16
N MET K 162 105.18 -49.85 31.14
CA MET K 162 106.50 -49.95 30.52
C MET K 162 106.77 -51.34 29.98
N ASN K 163 105.76 -51.96 29.37
CA ASN K 163 105.86 -53.30 28.84
C ASN K 163 105.83 -53.23 27.32
N ILE K 164 106.76 -53.91 26.67
CA ILE K 164 106.89 -53.87 25.22
C ILE K 164 105.91 -54.86 24.61
N LYS K 165 105.28 -54.47 23.50
CA LYS K 165 104.38 -55.33 22.75
C LYS K 165 104.80 -55.33 21.29
N LEU K 166 104.97 -56.52 20.73
CA LEU K 166 105.39 -56.64 19.34
C LEU K 166 104.17 -56.73 18.42
N THR K 167 104.20 -55.97 17.33
CA THR K 167 103.09 -55.92 16.40
C THR K 167 103.64 -56.03 14.98
N ASP K 168 102.78 -55.78 13.99
CA ASP K 168 103.10 -55.93 12.58
C ASP K 168 103.55 -57.37 12.27
N PHE K 169 102.62 -58.29 12.48
CA PHE K 169 102.87 -59.71 12.22
C PHE K 169 102.58 -60.10 10.78
N GLY K 170 102.16 -59.15 9.94
CA GLY K 170 101.91 -59.47 8.55
C GLY K 170 103.15 -59.93 7.82
N PHE K 171 104.29 -59.30 8.10
CA PHE K 171 105.55 -59.73 7.50
C PHE K 171 105.93 -61.15 7.96
N SER K 172 105.71 -61.44 9.25
CA SER K 172 106.02 -62.77 9.76
C SER K 172 105.06 -63.80 9.16
N CYS K 173 105.61 -64.97 8.81
CA CYS K 173 104.82 -66.05 8.25
C CYS K 173 105.29 -67.37 8.84
N GLN K 174 104.37 -68.34 8.86
CA GLN K 174 104.70 -69.66 9.38
C GLN K 174 105.67 -70.37 8.45
N LEU K 175 106.60 -71.12 9.03
CA LEU K 175 107.58 -71.87 8.26
C LEU K 175 107.70 -73.28 8.82
N GLU K 176 108.12 -74.21 7.95
CA GLU K 176 108.32 -75.59 8.30
C GLU K 176 109.80 -75.94 8.31
N PRO K 177 110.21 -76.94 9.10
CA PRO K 177 111.62 -77.36 9.08
C PRO K 177 112.04 -77.82 7.69
N GLY K 178 113.27 -77.49 7.33
CA GLY K 178 113.81 -77.86 6.03
C GLY K 178 113.52 -76.88 4.91
N GLU K 179 112.77 -75.82 5.17
CA GLU K 179 112.47 -74.80 4.17
C GLU K 179 113.16 -73.49 4.53
N ARG K 180 113.62 -72.77 3.52
CA ARG K 180 114.33 -71.50 3.70
C ARG K 180 113.69 -70.45 2.81
N LEU K 181 113.44 -69.27 3.37
CA LEU K 181 112.84 -68.18 2.63
C LEU K 181 113.91 -67.42 1.83
N ARG K 182 113.46 -66.78 0.74
CA ARG K 182 114.36 -66.05 -0.13
C ARG K 182 114.02 -64.57 -0.30
N GLU K 183 112.82 -64.14 0.07
CA GLU K 183 112.45 -62.74 -0.10
C GLU K 183 113.24 -61.85 0.85
N VAL K 184 113.52 -60.63 0.40
CA VAL K 184 114.29 -59.65 1.17
C VAL K 184 113.40 -58.44 1.41
N CYS K 185 113.25 -58.06 2.69
CA CYS K 185 112.42 -56.93 3.06
C CYS K 185 112.87 -56.39 4.41
N GLY K 186 112.44 -55.18 4.71
CA GLY K 186 112.76 -54.54 5.97
C GLY K 186 113.79 -53.43 5.80
N THR K 187 114.17 -52.86 6.93
CA THR K 187 115.19 -51.83 6.93
C THR K 187 116.53 -52.40 6.46
N PRO K 188 117.20 -51.76 5.50
CA PRO K 188 118.42 -52.35 4.93
C PRO K 188 119.54 -52.55 5.93
N SER K 189 119.49 -51.91 7.10
CA SER K 189 120.51 -52.05 8.12
C SER K 189 120.25 -53.21 9.07
N TYR K 190 119.23 -54.02 8.81
CA TYR K 190 118.82 -55.12 9.70
C TYR K 190 118.84 -56.44 8.94
N LEU K 191 119.90 -56.69 8.18
CA LEU K 191 120.03 -57.90 7.38
C LEU K 191 121.25 -58.69 7.83
N ALA K 192 121.08 -60.00 7.98
CA ALA K 192 122.17 -60.92 8.27
C ALA K 192 123.00 -61.15 7.02
N PRO K 193 124.25 -61.63 7.17
CA PRO K 193 125.04 -61.97 5.98
C PRO K 193 124.44 -63.07 5.14
N GLU K 194 123.54 -63.88 5.73
CA GLU K 194 122.85 -64.90 4.96
C GLU K 194 122.01 -64.25 3.86
N ILE K 195 121.40 -63.11 4.14
CA ILE K 195 120.54 -62.44 3.15
C ILE K 195 121.35 -62.03 1.93
N ILE K 196 122.47 -61.33 2.17
CA ILE K 196 123.29 -60.87 1.04
C ILE K 196 123.94 -62.05 0.33
N GLU K 197 124.27 -63.11 1.07
CA GLU K 197 124.80 -64.31 0.42
C GLU K 197 123.77 -64.95 -0.50
N CYS K 198 122.51 -65.07 -0.04
CA CYS K 198 121.46 -65.64 -0.86
C CYS K 198 121.17 -64.76 -2.07
N SER K 199 121.18 -63.45 -1.89
CA SER K 199 120.79 -62.51 -2.93
C SER K 199 121.95 -62.09 -3.81
N MET K 200 123.14 -62.65 -3.62
CA MET K 200 124.27 -62.28 -4.47
C MET K 200 123.97 -62.66 -5.92
N ASN K 201 123.96 -63.96 -6.23
CA ASN K 201 123.22 -64.45 -7.40
C ASN K 201 122.22 -65.54 -7.01
N GLU K 202 122.71 -66.71 -6.55
CA GLU K 202 121.83 -67.76 -6.07
C GLU K 202 122.44 -68.63 -4.98
N ASP K 203 123.67 -68.33 -4.51
CA ASP K 203 124.49 -69.35 -3.88
C ASP K 203 123.89 -69.86 -2.57
N HIS K 204 123.71 -68.98 -1.60
CA HIS K 204 123.26 -69.42 -0.28
C HIS K 204 121.82 -69.90 -0.36
N PRO K 205 121.45 -70.92 0.43
CA PRO K 205 120.10 -71.52 0.30
C PRO K 205 118.95 -70.55 0.55
N GLY K 206 118.90 -69.94 1.72
CA GLY K 206 117.78 -69.07 2.05
C GLY K 206 117.87 -68.57 3.48
N TYR K 207 116.73 -68.10 3.99
CA TYR K 207 116.66 -67.54 5.33
C TYR K 207 116.82 -68.63 6.38
N GLY K 208 117.10 -68.19 7.60
CA GLY K 208 117.24 -69.09 8.73
C GLY K 208 116.50 -68.62 9.96
N LYS K 209 117.16 -68.67 11.12
CA LYS K 209 116.57 -68.23 12.37
C LYS K 209 117.38 -67.16 13.11
N GLU K 210 118.54 -66.76 12.58
CA GLU K 210 119.36 -65.76 13.25
C GLU K 210 119.06 -64.33 12.78
N VAL K 211 118.08 -64.15 11.90
CA VAL K 211 117.70 -62.80 11.48
C VAL K 211 117.16 -62.02 12.68
N ASP K 212 116.24 -62.64 13.43
CA ASP K 212 115.75 -62.02 14.65
C ASP K 212 116.87 -61.87 15.66
N MET K 213 117.86 -62.74 15.60
CA MET K 213 118.99 -62.68 16.53
C MET K 213 119.81 -61.42 16.31
N TRP K 214 120.19 -61.16 15.06
CA TRP K 214 120.91 -59.92 14.78
C TRP K 214 120.01 -58.70 14.90
N SER K 215 118.71 -58.86 14.68
CA SER K 215 117.80 -57.74 14.95
C SER K 215 117.83 -57.37 16.44
N THR K 216 117.82 -58.37 17.31
CA THR K 216 117.94 -58.11 18.74
C THR K 216 119.29 -57.48 19.08
N GLY K 217 120.36 -57.96 18.45
CA GLY K 217 121.68 -57.36 18.68
C GLY K 217 121.73 -55.90 18.27
N VAL K 218 121.16 -55.57 17.11
CA VAL K 218 121.16 -54.20 16.63
C VAL K 218 120.28 -53.32 17.52
N ILE K 219 119.15 -53.87 17.98
CA ILE K 219 118.29 -53.13 18.91
C ILE K 219 119.05 -52.82 20.20
N MET K 220 119.80 -53.81 20.70
CA MET K 220 120.59 -53.60 21.91
C MET K 220 121.65 -52.53 21.70
N TYR K 221 122.33 -52.55 20.54
CA TYR K 221 123.33 -51.53 20.26
C TYR K 221 122.70 -50.15 20.18
N THR K 222 121.54 -50.04 19.52
CA THR K 222 120.86 -48.76 19.40
C THR K 222 120.45 -48.24 20.78
N LEU K 223 119.95 -49.14 21.64
CA LEU K 223 119.51 -48.71 22.96
C LEU K 223 120.68 -48.30 23.84
N LEU K 224 121.79 -49.02 23.75
CA LEU K 224 122.93 -48.74 24.63
C LEU K 224 123.72 -47.52 24.14
N ALA K 225 124.26 -47.59 22.93
CA ALA K 225 125.10 -46.51 22.42
C ALA K 225 124.29 -45.28 22.00
N GLY K 226 122.98 -45.43 21.82
CA GLY K 226 122.15 -44.34 21.36
C GLY K 226 122.08 -44.18 19.87
N SER K 227 122.86 -44.95 19.12
CA SER K 227 122.90 -44.88 17.66
C SER K 227 123.02 -46.28 17.09
N PRO K 228 122.59 -46.49 15.86
CA PRO K 228 122.78 -47.79 15.21
C PRO K 228 124.26 -48.16 15.13
N PRO K 229 124.59 -49.45 15.26
CA PRO K 229 126.01 -49.84 15.21
C PRO K 229 126.69 -49.47 13.91
N PHE K 230 125.96 -49.47 12.79
CA PHE K 230 126.51 -49.11 11.49
C PHE K 230 125.71 -47.96 10.91
N TRP K 231 126.42 -46.97 10.36
CA TRP K 231 125.79 -45.85 9.68
C TRP K 231 126.79 -45.23 8.72
N HIS K 232 126.41 -45.15 7.45
CA HIS K 232 127.24 -44.49 6.44
C HIS K 232 126.32 -43.85 5.41
N ARG K 233 126.83 -42.79 4.79
CA ARG K 233 126.03 -42.02 3.84
C ARG K 233 125.78 -42.76 2.53
N LYS K 234 126.48 -43.88 2.29
CA LYS K 234 126.34 -44.65 1.07
C LYS K 234 125.72 -46.01 1.38
N GLN K 235 124.74 -46.41 0.59
CA GLN K 235 124.09 -47.71 0.80
C GLN K 235 125.06 -48.85 0.53
N MET K 236 125.89 -48.71 -0.52
CA MET K 236 126.85 -49.76 -0.83
C MET K 236 127.87 -49.93 0.29
N LEU K 237 128.39 -48.82 0.81
CA LEU K 237 129.32 -48.89 1.94
C LEU K 237 128.63 -49.48 3.17
N MET K 238 127.36 -49.11 3.38
CA MET K 238 126.58 -49.69 4.47
C MET K 238 126.49 -51.21 4.36
N LEU K 239 126.12 -51.71 3.17
CA LEU K 239 126.00 -53.15 2.99
C LEU K 239 127.34 -53.85 3.15
N ARG K 240 128.41 -53.24 2.61
CA ARG K 240 129.73 -53.84 2.74
C ARG K 240 130.16 -53.92 4.19
N MET K 241 129.93 -52.85 4.97
CA MET K 241 130.29 -52.86 6.38
C MET K 241 129.47 -53.86 7.17
N ILE K 242 128.17 -53.95 6.88
CA ILE K 242 127.31 -54.88 7.63
C ILE K 242 127.65 -56.32 7.27
N MET K 243 128.12 -56.56 6.04
CA MET K 243 128.51 -57.91 5.66
C MET K 243 129.87 -58.28 6.25
N SER K 244 130.79 -57.32 6.31
CA SER K 244 132.12 -57.61 6.84
C SER K 244 132.11 -57.80 8.36
N GLY K 245 131.14 -57.23 9.06
CA GLY K 245 131.08 -57.35 10.50
C GLY K 245 132.24 -56.69 11.22
N ASN K 246 132.57 -55.47 10.80
CA ASN K 246 133.68 -54.71 11.37
C ASN K 246 133.21 -53.69 12.41
N TYR K 247 132.18 -54.04 13.18
CA TYR K 247 131.64 -53.13 14.17
C TYR K 247 132.65 -52.85 15.27
N GLN K 248 132.55 -51.67 15.87
CA GLN K 248 133.43 -51.24 16.94
C GLN K 248 132.61 -50.55 18.03
N PHE K 249 133.14 -50.57 19.24
CA PHE K 249 132.51 -49.95 20.40
C PHE K 249 133.07 -48.54 20.59
N GLY K 250 132.17 -47.59 20.89
CA GLY K 250 132.62 -46.23 21.11
C GLY K 250 133.54 -46.14 22.31
N SER K 251 134.70 -45.49 22.11
CA SER K 251 135.65 -45.35 23.21
C SER K 251 135.09 -44.51 24.36
N PRO K 252 134.52 -43.31 24.13
CA PRO K 252 134.03 -42.53 25.26
C PRO K 252 132.60 -42.83 25.66
N GLU K 253 131.88 -43.64 24.88
CA GLU K 253 130.49 -43.98 25.19
C GLU K 253 130.35 -45.27 25.99
N TRP K 254 131.10 -46.31 25.64
CA TRP K 254 131.02 -47.60 26.30
C TRP K 254 131.94 -47.70 27.51
N ASP K 255 132.86 -46.75 27.70
CA ASP K 255 133.87 -46.88 28.75
C ASP K 255 133.24 -47.04 30.12
N ASP K 256 132.16 -46.29 30.39
CA ASP K 256 131.46 -46.39 31.67
C ASP K 256 130.31 -47.39 31.61
N TYR K 257 130.61 -48.62 31.16
CA TYR K 257 129.62 -49.67 31.05
C TYR K 257 130.22 -50.99 31.52
N SER K 258 129.34 -51.92 31.90
CA SER K 258 129.79 -53.23 32.37
C SER K 258 130.28 -54.08 31.20
N ASP K 259 131.11 -55.06 31.53
CA ASP K 259 131.63 -55.97 30.51
C ASP K 259 130.60 -57.02 30.09
N THR K 260 129.66 -57.36 30.98
CA THR K 260 128.72 -58.43 30.68
C THR K 260 127.77 -58.04 29.55
N VAL K 261 127.32 -56.79 29.51
CA VAL K 261 126.43 -56.35 28.44
C VAL K 261 127.19 -56.34 27.11
N LYS K 262 128.45 -55.92 27.13
CA LYS K 262 129.26 -55.96 25.92
C LYS K 262 129.44 -57.38 25.41
N ASP K 263 129.71 -58.32 26.32
CA ASP K 263 129.86 -59.72 25.92
C ASP K 263 128.56 -60.26 25.34
N LEU K 264 127.43 -59.95 25.98
CA LEU K 264 126.14 -60.43 25.48
C LEU K 264 125.82 -59.87 24.11
N VAL K 265 126.05 -58.57 23.90
CA VAL K 265 125.74 -57.96 22.62
C VAL K 265 126.72 -58.44 21.54
N SER K 266 127.95 -58.79 21.94
CA SER K 266 128.90 -59.34 20.98
C SER K 266 128.49 -60.74 20.55
N ARG K 267 128.04 -61.56 21.51
CA ARG K 267 127.54 -62.90 21.15
C ARG K 267 126.28 -62.80 20.30
N PHE K 268 125.44 -61.81 20.57
CA PHE K 268 124.24 -61.62 19.76
C PHE K 268 124.55 -61.06 18.37
N LEU K 269 125.76 -60.53 18.17
CA LEU K 269 126.14 -59.90 16.92
C LEU K 269 127.02 -60.79 16.04
N VAL K 270 127.28 -62.02 16.49
CA VAL K 270 128.21 -62.90 15.77
C VAL K 270 127.74 -63.08 14.33
N VAL K 271 128.69 -62.92 13.39
CA VAL K 271 128.35 -63.04 11.97
C VAL K 271 127.90 -64.45 11.64
N GLN K 272 128.62 -65.45 12.14
CA GLN K 272 128.28 -66.83 11.85
C GLN K 272 126.99 -67.22 12.56
N PRO K 273 125.96 -67.68 11.84
CA PRO K 273 124.71 -68.06 12.52
C PRO K 273 124.87 -69.21 13.51
N GLN K 274 125.80 -70.14 13.25
CA GLN K 274 125.96 -71.28 14.13
C GLN K 274 126.51 -70.86 15.50
N ASN K 275 127.44 -69.90 15.52
CA ASN K 275 128.09 -69.51 16.76
C ASN K 275 127.27 -68.52 17.59
N ARG K 276 126.15 -68.03 17.08
CA ARG K 276 125.34 -67.07 17.81
C ARG K 276 124.65 -67.75 18.98
N TYR K 277 124.70 -67.09 20.15
CA TYR K 277 124.11 -67.65 21.36
C TYR K 277 122.59 -67.74 21.24
N THR K 278 122.07 -68.95 21.42
CA THR K 278 120.65 -69.20 21.23
C THR K 278 119.84 -68.57 22.37
N ALA K 279 118.52 -68.53 22.18
CA ALA K 279 117.63 -67.89 23.14
C ALA K 279 117.69 -68.59 24.50
N GLU K 280 117.74 -69.93 24.51
CA GLU K 280 117.85 -70.65 25.76
C GLU K 280 119.17 -70.35 26.46
N GLU K 281 120.27 -70.32 25.70
CA GLU K 281 121.56 -69.96 26.28
C GLU K 281 121.56 -68.51 26.77
N ALA K 282 120.91 -67.61 26.02
CA ALA K 282 120.82 -66.22 26.45
C ALA K 282 120.05 -66.09 27.76
N LEU K 283 118.95 -66.83 27.90
CA LEU K 283 118.20 -66.79 29.15
C LEU K 283 119.04 -67.32 30.31
N ALA K 284 119.99 -68.21 30.03
CA ALA K 284 120.88 -68.72 31.06
C ALA K 284 122.05 -67.81 31.35
N HIS K 285 122.17 -66.69 30.64
CA HIS K 285 123.26 -65.76 30.89
C HIS K 285 123.10 -65.14 32.27
N PRO K 286 124.22 -64.84 32.95
CA PRO K 286 124.13 -64.25 34.29
C PRO K 286 123.46 -62.88 34.32
N PHE K 287 123.23 -62.25 33.16
CA PHE K 287 122.59 -60.94 33.16
C PHE K 287 121.15 -61.01 33.65
N PHE K 288 120.40 -62.02 33.21
CA PHE K 288 118.97 -62.09 33.51
C PHE K 288 118.64 -62.93 34.74
N GLN K 289 119.62 -63.55 35.38
CA GLN K 289 119.33 -64.40 36.53
C GLN K 289 119.08 -63.56 37.77
N GLN K 290 118.22 -64.07 38.65
CA GLN K 290 117.90 -63.40 39.91
C GLN K 290 117.82 -64.44 41.02
N TYR K 291 118.32 -64.07 42.19
CA TYR K 291 118.28 -64.94 43.36
C TYR K 291 117.51 -64.25 44.48
N LEU K 292 116.65 -65.00 45.15
CA LEU K 292 115.83 -64.49 46.23
C LEU K 292 116.33 -64.91 47.60
N VAL K 293 116.49 -66.20 47.84
CA VAL K 293 117.02 -66.70 49.11
C VAL K 293 117.49 -68.13 48.88
N GLU K 294 118.63 -68.48 49.49
CA GLU K 294 119.20 -69.81 49.38
C GLU K 294 119.84 -70.19 50.70
N GLU K 295 119.91 -71.50 50.96
CA GLU K 295 120.48 -72.01 52.20
C GLU K 295 121.41 -73.20 51.96
N VAL K 296 122.02 -73.30 50.77
CA VAL K 296 122.92 -74.40 50.45
C VAL K 296 124.36 -73.93 50.29
N ARG K 297 124.72 -72.79 50.87
CA ARG K 297 126.06 -72.24 50.75
C ARG K 297 126.86 -72.62 52.01
N HIS K 298 127.29 -73.88 52.05
CA HIS K 298 128.14 -74.38 53.12
C HIS K 298 129.45 -74.86 52.51
N PHE K 299 130.56 -74.35 53.05
CA PHE K 299 131.87 -74.57 52.46
C PHE K 299 132.86 -74.91 53.57
N SER K 300 134.00 -75.56 53.27
CA SER K 300 135.07 -75.67 54.27
C SER K 300 135.50 -74.30 54.77
N PRO K 301 136.53 -74.08 55.54
CA PRO K 301 137.17 -72.84 55.92
C PRO K 301 137.65 -72.04 54.72
N ARG K 302 138.34 -72.68 53.78
CA ARG K 302 138.91 -71.95 52.63
C ARG K 302 137.84 -71.10 51.97
N GLY K 303 136.63 -71.66 51.81
CA GLY K 303 135.55 -70.88 51.20
C GLY K 303 135.15 -69.68 52.04
N LYS K 304 135.04 -69.87 53.35
CA LYS K 304 134.71 -68.76 54.24
C LYS K 304 135.81 -67.71 54.23
N PHE K 305 137.07 -68.15 54.24
CA PHE K 305 138.18 -67.19 54.17
C PHE K 305 138.16 -66.41 52.87
N LYS K 306 137.88 -67.09 51.75
CA LYS K 306 137.79 -66.40 50.47
C LYS K 306 136.63 -65.40 50.46
N VAL K 307 135.50 -65.78 51.05
CA VAL K 307 134.36 -64.87 51.11
C VAL K 307 134.70 -63.64 51.93
N ILE K 308 135.37 -63.83 53.08
CA ILE K 308 135.77 -62.71 53.92
C ILE K 308 136.75 -61.81 53.19
N ALA K 309 137.72 -62.41 52.49
CA ALA K 309 138.71 -61.63 51.75
C ALA K 309 138.06 -60.84 50.63
N LEU K 310 137.10 -61.45 49.91
CA LEU K 310 136.40 -60.72 48.86
C LEU K 310 135.56 -59.59 49.42
N THR K 311 134.92 -59.81 50.58
CA THR K 311 134.17 -58.75 51.24
C THR K 311 135.09 -57.59 51.62
N VAL K 312 136.26 -57.90 52.17
CA VAL K 312 137.21 -56.86 52.54
C VAL K 312 137.69 -56.11 51.31
N LEU K 313 137.98 -56.84 50.23
CA LEU K 313 138.44 -56.19 49.00
C LEU K 313 137.37 -55.27 48.43
N ALA K 314 136.12 -55.71 48.42
CA ALA K 314 135.03 -54.86 47.94
C ALA K 314 134.86 -53.63 48.82
N SER K 315 134.97 -53.81 50.14
CA SER K 315 134.85 -52.66 51.04
C SER K 315 135.96 -51.65 50.79
N VAL K 316 137.20 -52.12 50.59
CA VAL K 316 138.31 -51.21 50.33
C VAL K 316 138.13 -50.53 48.98
N ARG K 317 137.62 -51.27 47.99
CA ARG K 317 137.36 -50.66 46.68
C ARG K 317 136.33 -49.55 46.78
N ILE K 318 135.25 -49.77 47.52
CA ILE K 318 134.23 -48.75 47.69
C ILE K 318 134.78 -47.58 48.51
N TYR K 319 135.68 -47.86 49.46
CA TYR K 319 136.28 -46.83 50.29
C TYR K 319 137.08 -45.83 49.46
N TYR K 320 137.45 -46.23 48.23
CA TYR K 320 138.21 -45.37 47.34
C TYR K 320 137.34 -44.53 46.41
N GLN K 321 136.04 -44.80 46.34
CA GLN K 321 135.21 -44.19 45.29
C GLN K 321 135.07 -42.68 45.48
N TYR K 322 134.82 -42.24 46.72
CA TYR K 322 134.53 -40.83 46.94
C TYR K 322 135.78 -39.97 46.76
N ARG K 323 136.96 -40.50 47.08
CA ARG K 323 138.19 -39.75 46.87
C ARG K 323 138.64 -39.78 45.42
N ARG K 324 138.11 -40.68 44.61
CA ARG K 324 138.46 -40.78 43.20
C ARG K 324 137.63 -39.87 42.32
N VAL K 325 136.65 -39.16 42.87
CA VAL K 325 135.82 -38.27 42.08
C VAL K 325 136.66 -37.08 41.63
N LYS K 326 136.34 -36.55 40.45
CA LYS K 326 137.06 -35.40 39.92
C LYS K 326 136.24 -34.13 40.10
N PRO K 327 136.92 -32.99 40.29
CA PRO K 327 136.19 -31.72 40.35
C PRO K 327 135.71 -31.27 38.98
N VAL K 328 135.15 -30.06 38.89
CA VAL K 328 134.64 -29.57 37.62
C VAL K 328 135.79 -29.46 36.61
N THR K 329 136.93 -28.95 37.04
CA THR K 329 138.13 -28.80 36.20
C THR K 329 137.80 -28.04 34.92
N ARG K 330 137.47 -26.76 35.09
CA ARG K 330 137.08 -25.92 33.95
C ARG K 330 138.16 -25.84 32.89
N GLU K 331 139.41 -26.12 33.26
CA GLU K 331 140.48 -26.16 32.27
C GLU K 331 140.23 -27.27 31.25
N ILE K 332 139.90 -28.47 31.72
CA ILE K 332 139.60 -29.56 30.79
C ILE K 332 138.29 -29.29 30.05
N VAL K 333 137.37 -28.54 30.69
CA VAL K 333 136.12 -28.20 30.03
C VAL K 333 136.38 -27.30 28.82
N ILE K 334 137.24 -26.29 29.01
CA ILE K 334 137.59 -25.41 27.90
C ILE K 334 138.52 -26.14 26.92
N ARG K 335 139.14 -27.24 27.38
CA ARG K 335 140.00 -28.02 26.49
C ARG K 335 139.18 -29.09 25.77
N ASP K 336 138.32 -29.79 26.49
CA ASP K 336 137.48 -30.83 25.89
C ASP K 336 136.21 -31.02 26.70
N PRO K 337 135.04 -30.67 26.16
CA PRO K 337 133.80 -30.83 26.94
C PRO K 337 133.28 -32.26 27.01
N TYR K 338 133.86 -33.18 26.26
CA TYR K 338 133.43 -34.58 26.29
C TYR K 338 133.99 -35.35 27.47
N ALA K 339 134.97 -34.78 28.19
CA ALA K 339 135.54 -35.48 29.33
C ALA K 339 134.52 -35.66 30.45
N LEU K 340 133.72 -34.63 30.71
CA LEU K 340 132.71 -34.69 31.77
C LEU K 340 131.49 -35.45 31.25
N ARG K 341 131.23 -36.61 31.85
CA ARG K 341 130.08 -37.42 31.41
C ARG K 341 128.75 -36.73 31.62
N PRO K 342 128.42 -36.15 32.79
CA PRO K 342 127.14 -35.45 32.90
C PRO K 342 127.01 -34.27 31.95
N LEU K 343 128.09 -33.51 31.75
CA LEU K 343 128.06 -32.39 30.82
C LEU K 343 127.83 -32.88 29.39
N ARG K 344 128.52 -33.96 29.00
CA ARG K 344 128.34 -34.51 27.68
C ARG K 344 126.91 -35.00 27.47
N ARG K 345 126.35 -35.68 28.47
CA ARG K 345 124.97 -36.14 28.37
C ARG K 345 124.00 -34.97 28.24
N LEU K 346 124.22 -33.92 29.04
CA LEU K 346 123.32 -32.77 28.99
C LEU K 346 123.38 -32.07 27.63
N ILE K 347 124.59 -31.85 27.10
CA ILE K 347 124.70 -31.16 25.82
C ILE K 347 124.17 -32.04 24.69
N ASP K 348 124.37 -33.36 24.78
CA ASP K 348 123.79 -34.26 23.78
C ASP K 348 122.27 -34.22 23.82
N ALA K 349 121.69 -34.20 25.02
CA ALA K 349 120.24 -34.10 25.14
C ALA K 349 119.74 -32.77 24.57
N TYR K 350 120.47 -31.69 24.81
CA TYR K 350 120.08 -30.40 24.25
C TYR K 350 120.13 -30.43 22.72
N ALA K 351 121.19 -31.02 22.16
CA ALA K 351 121.29 -31.13 20.71
C ALA K 351 120.17 -31.97 20.13
N PHE K 352 119.83 -33.08 20.80
CA PHE K 352 118.71 -33.90 20.35
C PHE K 352 117.40 -33.13 20.41
N ARG K 353 117.18 -32.37 21.49
CA ARG K 353 115.95 -31.60 21.63
C ARG K 353 115.86 -30.50 20.57
N ILE K 354 117.01 -29.97 20.15
CA ILE K 354 117.01 -28.96 19.10
C ILE K 354 116.46 -29.53 17.80
N TYR K 355 116.87 -30.75 17.45
CA TYR K 355 116.43 -31.42 16.24
C TYR K 355 115.59 -32.66 16.55
N GLY K 356 114.71 -32.56 17.55
CA GLY K 356 113.86 -33.65 17.94
C GLY K 356 112.70 -33.96 17.01
N HIS K 357 112.43 -33.08 16.06
CA HIS K 357 111.35 -33.27 15.09
C HIS K 357 111.82 -33.97 13.82
N TRP K 358 113.09 -34.40 13.78
CA TRP K 358 113.68 -34.97 12.58
C TRP K 358 114.25 -36.35 12.87
N VAL K 359 113.47 -37.19 13.54
CA VAL K 359 113.85 -38.58 13.80
C VAL K 359 112.60 -39.42 13.56
N LYS K 360 112.52 -40.03 12.38
CA LYS K 360 111.35 -40.80 11.97
C LYS K 360 111.82 -42.05 11.22
N LYS K 361 110.87 -42.69 10.53
CA LYS K 361 111.18 -43.90 9.79
C LYS K 361 112.06 -43.58 8.59
N GLY K 362 112.94 -44.53 8.23
CA GLY K 362 113.82 -44.36 7.09
C GLY K 362 115.28 -44.39 7.46
N GLN K 363 116.09 -45.09 6.66
CA GLN K 363 117.52 -45.16 6.92
C GLN K 363 118.24 -43.89 6.50
N GLN K 364 117.62 -43.06 5.64
CA GLN K 364 118.27 -41.86 5.15
C GLN K 364 118.61 -40.92 6.30
N GLN K 365 117.72 -40.79 7.28
CA GLN K 365 117.98 -40.03 8.50
C GLN K 365 117.58 -40.87 9.70
N ASN K 366 118.48 -40.96 10.67
CA ASN K 366 118.24 -41.77 11.87
C ASN K 366 118.98 -41.13 13.03
N ARG K 367 119.06 -41.87 14.14
CA ARG K 367 119.73 -41.35 15.34
C ARG K 367 121.22 -41.12 15.09
N ALA K 368 121.87 -42.05 14.39
CA ALA K 368 123.30 -41.92 14.14
C ALA K 368 123.62 -40.79 13.18
N ALA K 369 122.62 -40.27 12.47
CA ALA K 369 122.86 -39.14 11.58
C ALA K 369 123.28 -37.90 12.36
N LEU K 370 122.69 -37.70 13.54
CA LEU K 370 123.04 -36.56 14.37
C LEU K 370 124.45 -36.67 14.97
N PHE K 371 125.02 -37.87 15.00
CA PHE K 371 126.34 -38.10 15.55
C PHE K 371 127.37 -38.16 14.42
N GLU K 372 128.48 -37.45 14.60
CA GLU K 372 129.61 -37.50 13.67
C GLU K 372 130.87 -37.74 14.49
N ASN K 373 131.17 -39.02 14.77
CA ASN K 373 132.38 -39.34 15.51
C ASN K 373 133.62 -39.27 14.63
N THR K 374 133.49 -39.56 13.34
CA THR K 374 134.61 -39.49 12.43
C THR K 374 135.03 -38.04 12.22
N PRO K 375 136.34 -37.78 12.06
CA PRO K 375 136.80 -36.41 11.83
C PRO K 375 136.59 -36.00 10.38
N LYS K 376 136.08 -34.78 10.18
CA LYS K 376 135.83 -34.25 8.85
C LYS K 376 137.13 -33.66 8.29
N ALA K 377 138.02 -34.57 7.90
CA ALA K 377 139.33 -34.19 7.39
C ALA K 377 139.61 -34.82 6.04
N VAL K 378 140.86 -34.73 5.59
CA VAL K 378 141.22 -35.29 4.28
C VAL K 378 141.04 -36.80 4.26
N LEU K 379 141.13 -37.46 5.42
CA LEU K 379 140.97 -38.90 5.47
C LEU K 379 139.54 -39.33 5.10
N LEU K 380 138.58 -38.41 5.20
CA LEU K 380 137.20 -38.74 4.85
C LEU K 380 137.04 -38.95 3.35
N SER K 381 137.88 -38.29 2.54
CA SER K 381 137.79 -38.45 1.09
C SER K 381 138.11 -39.87 0.67
N LEU K 382 139.10 -40.49 1.30
CA LEU K 382 139.48 -41.85 0.96
C LEU K 382 138.35 -42.83 1.31
N ALA K 383 138.12 -43.79 0.44
CA ALA K 383 137.07 -44.78 0.64
C ALA K 383 137.43 -46.11 -0.01
N GLN L 23 134.73 -64.05 33.33
CA GLN L 23 133.55 -64.78 33.81
C GLN L 23 133.56 -64.89 35.32
N LEU L 24 132.37 -64.90 35.92
CA LEU L 24 132.24 -65.00 37.37
C LEU L 24 132.19 -66.47 37.78
N THR L 25 132.04 -66.73 39.09
CA THR L 25 131.98 -68.08 39.60
C THR L 25 130.91 -68.14 40.68
N GLU L 26 130.46 -69.37 40.97
CA GLU L 26 129.46 -69.57 42.02
C GLU L 26 129.97 -69.12 43.38
N GLU L 27 131.24 -69.44 43.68
CA GLU L 27 131.83 -69.00 44.95
C GLU L 27 131.90 -67.48 45.03
N GLN L 28 132.25 -66.82 43.93
CA GLN L 28 132.28 -65.37 43.92
C GLN L 28 130.89 -64.78 44.14
N ILE L 29 129.87 -65.37 43.50
CA ILE L 29 128.50 -64.90 43.69
C ILE L 29 128.06 -65.07 45.14
N ALA L 30 128.38 -66.22 45.74
CA ALA L 30 128.03 -66.46 47.13
C ALA L 30 128.74 -65.47 48.05
N GLU L 31 130.02 -65.20 47.78
CA GLU L 31 130.76 -64.24 48.59
C GLU L 31 130.17 -62.83 48.46
N PHE L 32 129.79 -62.44 47.24
CA PHE L 32 129.17 -61.14 47.04
C PHE L 32 127.83 -61.04 47.78
N LYS L 33 127.03 -62.10 47.73
CA LYS L 33 125.76 -62.10 48.45
C LYS L 33 125.98 -62.01 49.95
N GLU L 34 126.98 -62.74 50.46
CA GLU L 34 127.29 -62.67 51.89
C GLU L 34 127.75 -61.27 52.29
N ALA L 35 128.57 -60.64 51.44
CA ALA L 35 129.02 -59.28 51.73
C ALA L 35 127.84 -58.31 51.75
N PHE L 36 126.94 -58.45 50.77
CA PHE L 36 125.76 -57.57 50.73
C PHE L 36 124.89 -57.77 51.96
N SER L 37 124.70 -59.02 52.39
CA SER L 37 123.90 -59.29 53.58
C SER L 37 124.57 -58.73 54.83
N LEU L 38 125.89 -58.89 54.96
CA LEU L 38 126.59 -58.43 56.15
C LEU L 38 126.77 -56.92 56.18
N PHE L 39 126.64 -56.25 55.03
CA PHE L 39 126.83 -54.80 55.00
C PHE L 39 125.72 -54.08 55.76
N ASP L 40 124.63 -54.77 56.06
CA ASP L 40 123.47 -54.17 56.72
C ASP L 40 123.14 -54.92 58.00
N LYS L 41 122.80 -54.16 59.05
CA LYS L 41 122.26 -54.76 60.26
C LYS L 41 120.88 -55.34 60.01
N ASP L 42 120.06 -54.65 59.22
CA ASP L 42 118.72 -55.10 58.88
C ASP L 42 118.62 -55.38 57.40
N GLY L 43 117.91 -56.45 57.04
CA GLY L 43 117.78 -56.85 55.65
C GLY L 43 116.66 -56.15 54.92
N ASP L 44 117.01 -55.22 54.02
CA ASP L 44 116.02 -54.51 53.22
C ASP L 44 116.42 -54.36 51.75
N GLY L 45 117.55 -54.90 51.33
CA GLY L 45 117.98 -54.81 49.95
C GLY L 45 118.74 -53.56 49.59
N THR L 46 118.88 -52.61 50.52
CA THR L 46 119.60 -51.37 50.27
C THR L 46 120.68 -51.20 51.33
N ILE L 47 121.87 -50.78 50.88
CA ILE L 47 122.99 -50.59 51.80
C ILE L 47 122.68 -49.48 52.80
N THR L 48 121.97 -48.44 52.35
CA THR L 48 121.47 -47.36 53.19
C THR L 48 122.58 -46.45 53.68
N THR L 49 122.32 -45.14 53.71
CA THR L 49 123.33 -44.19 54.17
C THR L 49 123.63 -44.36 55.65
N LYS L 50 122.61 -44.59 56.47
CA LYS L 50 122.81 -44.73 57.91
C LYS L 50 123.64 -45.95 58.24
N GLU L 51 123.34 -47.09 57.61
CA GLU L 51 124.10 -48.30 57.88
C GLU L 51 125.56 -48.16 57.43
N LEU L 52 125.77 -47.54 56.26
CA LEU L 52 127.13 -47.32 55.79
C LEU L 52 127.90 -46.39 56.73
N GLY L 53 127.25 -45.34 57.21
CA GLY L 53 127.89 -44.45 58.16
C GLY L 53 128.24 -45.13 59.46
N THR L 54 127.33 -45.96 59.98
CA THR L 54 127.63 -46.70 61.20
C THR L 54 128.78 -47.67 61.00
N VAL L 55 128.82 -48.34 59.84
CA VAL L 55 129.93 -49.25 59.55
C VAL L 55 131.25 -48.49 59.48
N MET L 56 131.23 -47.32 58.83
CA MET L 56 132.44 -46.51 58.74
C MET L 56 132.91 -46.05 60.11
N ARG L 57 131.98 -45.63 60.97
CA ARG L 57 132.36 -45.22 62.33
C ARG L 57 132.91 -46.40 63.12
N SER L 58 132.32 -47.58 62.96
CA SER L 58 132.82 -48.77 63.65
C SER L 58 134.23 -49.12 63.18
N LEU L 59 134.49 -49.00 61.88
CA LEU L 59 135.82 -49.28 61.36
C LEU L 59 136.85 -48.31 61.89
N GLY L 60 136.46 -47.07 62.15
CA GLY L 60 137.37 -46.07 62.67
C GLY L 60 137.51 -44.87 61.75
N GLN L 61 136.50 -44.62 60.93
CA GLN L 61 136.49 -43.50 60.00
C GLN L 61 135.25 -42.65 60.22
N ASN L 62 135.39 -41.35 59.98
CA ASN L 62 134.31 -40.39 60.16
C ASN L 62 134.18 -39.54 58.89
N PRO L 63 133.63 -40.12 57.82
CA PRO L 63 133.44 -39.35 56.58
C PRO L 63 132.41 -38.25 56.78
N THR L 64 132.61 -37.15 56.04
CA THR L 64 131.67 -36.04 56.10
C THR L 64 130.36 -36.41 55.42
N GLU L 65 129.30 -35.70 55.82
CA GLU L 65 127.98 -35.93 55.22
C GLU L 65 128.00 -35.59 53.73
N ALA L 66 128.64 -34.48 53.36
CA ALA L 66 128.74 -34.11 51.96
C ALA L 66 129.54 -35.15 51.18
N GLU L 67 130.63 -35.65 51.76
CA GLU L 67 131.42 -36.69 51.09
C GLU L 67 130.61 -37.97 50.91
N LEU L 68 129.85 -38.36 51.92
CA LEU L 68 129.01 -39.56 51.81
C LEU L 68 127.94 -39.38 50.73
N GLN L 69 127.31 -38.20 50.69
CA GLN L 69 126.32 -37.94 49.66
C GLN L 69 126.93 -37.96 48.27
N ASP L 70 128.12 -37.39 48.12
CA ASP L 70 128.81 -37.41 46.83
C ASP L 70 129.14 -38.84 46.42
N MET L 71 129.61 -39.66 47.37
CA MET L 71 129.91 -41.05 47.07
C MET L 71 128.66 -41.81 46.64
N ILE L 72 127.54 -41.59 47.35
CA ILE L 72 126.29 -42.26 47.02
C ILE L 72 125.83 -41.85 45.62
N ASN L 73 125.92 -40.56 45.31
CA ASN L 73 125.51 -40.08 43.99
C ASN L 73 126.40 -40.64 42.88
N GLU L 74 127.71 -40.69 43.12
CA GLU L 74 128.64 -41.16 42.10
C GLU L 74 128.48 -42.65 41.85
N VAL L 75 128.39 -43.45 42.91
CA VAL L 75 128.24 -44.89 42.74
C VAL L 75 126.91 -45.22 42.07
N ASP L 76 125.84 -44.55 42.49
CA ASP L 76 124.54 -44.77 41.89
C ASP L 76 124.51 -44.26 40.46
N ALA L 77 123.69 -44.91 39.63
CA ALA L 77 123.55 -44.50 38.23
C ALA L 77 122.61 -43.33 38.05
N ASP L 78 121.83 -42.96 39.06
CA ASP L 78 120.92 -41.83 38.99
C ASP L 78 120.82 -41.20 40.37
N GLY L 79 119.84 -40.31 40.54
CA GLY L 79 119.69 -39.57 41.78
C GLY L 79 118.65 -40.12 42.73
N ASN L 80 118.28 -41.39 42.57
CA ASN L 80 117.26 -41.98 43.43
C ASN L 80 117.71 -42.08 44.88
N GLY L 81 119.03 -42.06 45.14
CA GLY L 81 119.51 -42.05 46.50
C GLY L 81 119.63 -43.41 47.16
N THR L 82 119.34 -44.48 46.44
CA THR L 82 119.44 -45.83 46.98
C THR L 82 120.30 -46.69 46.07
N ILE L 83 121.13 -47.53 46.68
CA ILE L 83 122.03 -48.43 45.96
C ILE L 83 121.55 -49.85 46.19
N ASP L 84 121.86 -50.74 45.25
CA ASP L 84 121.34 -52.09 45.27
C ASP L 84 122.47 -53.12 45.12
N PHE L 85 122.11 -54.39 45.32
CA PHE L 85 123.07 -55.47 45.14
C PHE L 85 123.64 -55.55 43.73
N PRO L 86 122.85 -55.43 42.64
CA PRO L 86 123.48 -55.38 41.32
C PRO L 86 124.47 -54.24 41.16
N GLU L 87 124.17 -53.09 41.76
CA GLU L 87 125.13 -51.98 41.74
C GLU L 87 126.39 -52.34 42.51
N PHE L 88 126.25 -53.04 43.64
CA PHE L 88 127.40 -53.52 44.38
C PHE L 88 128.26 -54.44 43.52
N LEU L 89 127.63 -55.38 42.81
CA LEU L 89 128.37 -56.30 41.96
C LEU L 89 129.06 -55.56 40.82
N THR L 90 128.38 -54.58 40.22
CA THR L 90 128.98 -53.81 39.13
C THR L 90 130.18 -53.01 39.63
N MET L 91 130.06 -52.41 40.81
CA MET L 91 131.19 -51.67 41.38
C MET L 91 132.35 -52.60 41.70
N MET L 92 132.06 -53.79 42.23
CA MET L 92 133.13 -54.74 42.53
C MET L 92 133.74 -55.33 41.26
N ALA L 93 133.06 -55.20 40.13
CA ALA L 93 133.56 -55.76 38.88
C ALA L 93 134.54 -54.83 38.15
N ARG L 94 134.79 -53.64 38.69
CA ARG L 94 135.71 -52.71 38.03
C ARG L 94 137.14 -53.26 38.05
N LYS L 95 137.92 -52.87 37.06
CA LYS L 95 139.30 -53.30 36.93
C LYS L 95 140.22 -52.17 37.36
N MET L 96 141.10 -52.45 38.32
CA MET L 96 142.03 -51.46 38.85
C MET L 96 143.38 -51.47 38.15
N LYS L 97 143.59 -52.36 37.19
CA LYS L 97 144.88 -52.46 36.50
C LYS L 97 145.95 -53.01 37.44
N ASP L 98 147.08 -52.32 37.54
CA ASP L 98 148.20 -52.76 38.36
C ASP L 98 148.52 -51.80 39.50
N THR L 99 148.72 -50.52 39.19
CA THR L 99 149.11 -49.56 40.23
C THR L 99 148.01 -49.37 41.26
N ASP L 100 146.77 -49.25 40.81
CA ASP L 100 145.67 -49.04 41.74
C ASP L 100 145.48 -50.26 42.66
N SER L 101 145.61 -51.46 42.11
CA SER L 101 145.51 -52.66 42.93
C SER L 101 146.62 -52.71 43.98
N GLU L 102 147.85 -52.36 43.58
CA GLU L 102 148.96 -52.32 44.52
C GLU L 102 148.71 -51.32 45.63
N GLU L 103 148.24 -50.11 45.28
CA GLU L 103 147.94 -49.11 46.29
C GLU L 103 146.83 -49.58 47.23
N GLU L 104 145.80 -50.22 46.67
CA GLU L 104 144.68 -50.69 47.47
C GLU L 104 145.12 -51.76 48.45
N ILE L 105 145.92 -52.74 48.00
CA ILE L 105 146.35 -53.79 48.91
C ILE L 105 147.32 -53.26 49.94
N ARG L 106 148.16 -52.29 49.55
CA ARG L 106 149.06 -51.66 50.53
C ARG L 106 148.26 -50.93 51.61
N GLU L 107 147.22 -50.19 51.20
CA GLU L 107 146.38 -49.49 52.18
C GLU L 107 145.64 -50.47 53.07
N ALA L 108 145.16 -51.58 52.50
CA ALA L 108 144.48 -52.59 53.31
C ALA L 108 145.43 -53.21 54.33
N PHE L 109 146.66 -53.50 53.92
CA PHE L 109 147.65 -54.03 54.85
C PHE L 109 147.97 -53.02 55.95
N ARG L 110 148.11 -51.74 55.57
CA ARG L 110 148.40 -50.71 56.56
C ARG L 110 147.26 -50.58 57.58
N VAL L 111 146.02 -50.63 57.10
CA VAL L 111 144.87 -50.56 58.01
C VAL L 111 144.85 -51.79 58.93
N PHE L 112 145.10 -52.97 58.36
CA PHE L 112 145.10 -54.18 59.17
C PHE L 112 146.29 -54.21 60.13
N ASP L 113 147.41 -53.58 59.76
CA ASP L 113 148.60 -53.56 60.60
C ASP L 113 148.60 -52.35 61.54
N LYS L 114 147.55 -52.24 62.35
CA LYS L 114 147.47 -51.14 63.31
C LYS L 114 148.58 -51.25 64.35
N ASP L 115 148.85 -52.45 64.86
CA ASP L 115 149.91 -52.66 65.82
C ASP L 115 151.27 -52.58 65.14
N GLY L 116 152.27 -52.16 65.91
CA GLY L 116 153.63 -52.05 65.40
C GLY L 116 154.37 -53.37 65.38
N ASN L 117 153.90 -54.32 64.57
CA ASN L 117 154.51 -55.64 64.48
C ASN L 117 155.00 -56.00 63.07
N GLY L 118 154.52 -55.30 62.04
CA GLY L 118 154.95 -55.58 60.69
C GLY L 118 154.25 -56.74 60.01
N TYR L 119 153.26 -57.34 60.66
CA TYR L 119 152.54 -58.46 60.07
C TYR L 119 151.03 -58.33 60.30
N SER M 5 47.94 -10.80 61.22
CA SER M 5 47.72 -10.01 62.42
C SER M 5 47.42 -10.91 63.62
N ASN M 6 47.86 -10.48 64.80
CA ASN M 6 47.62 -11.25 66.01
C ASN M 6 46.12 -11.34 66.32
N SER M 7 45.39 -10.25 66.07
CA SER M 7 43.94 -10.28 66.29
C SER M 7 43.27 -11.30 65.38
N GLY M 8 43.70 -11.38 64.12
CA GLY M 8 43.17 -12.41 63.24
C GLY M 8 43.49 -13.81 63.70
N VAL M 9 44.70 -14.01 64.23
CA VAL M 9 45.08 -15.32 64.75
C VAL M 9 44.18 -15.70 65.93
N ARG M 10 43.97 -14.77 66.85
CA ARG M 10 43.08 -15.05 67.97
C ARG M 10 41.65 -15.31 67.50
N LEU M 11 41.19 -14.57 66.50
CA LEU M 11 39.83 -14.76 66.00
C LEU M 11 39.66 -16.14 65.37
N ASP M 12 40.62 -16.57 64.55
CA ASP M 12 40.49 -17.88 63.93
C ASP M 12 40.65 -19.00 64.98
N GLY M 13 41.47 -18.75 66.01
CA GLY M 13 41.54 -19.71 67.11
C GLY M 13 40.21 -19.86 67.82
N TYR M 14 39.56 -18.74 68.14
CA TYR M 14 38.25 -18.80 68.79
C TYR M 14 37.23 -19.46 67.88
N ALA M 15 37.30 -19.19 66.57
CA ALA M 15 36.41 -19.86 65.63
C ALA M 15 36.64 -21.38 65.65
N ARG M 16 37.89 -21.81 65.72
CA ARG M 16 38.18 -23.24 65.81
C ARG M 16 37.60 -23.83 67.09
N LEU M 17 37.77 -23.14 68.22
CA LEU M 17 37.23 -23.65 69.47
C LEU M 17 35.71 -23.77 69.41
N VAL M 18 35.03 -22.75 68.89
CA VAL M 18 33.57 -22.77 68.86
C VAL M 18 33.08 -23.85 67.89
N GLN M 19 33.77 -24.02 66.76
CA GLN M 19 33.39 -25.05 65.82
C GLN M 19 33.57 -26.44 66.42
N GLN M 20 34.66 -26.66 67.16
CA GLN M 20 34.91 -27.96 67.77
C GLN M 20 34.03 -28.21 68.98
N THR M 21 33.49 -27.18 69.60
CA THR M 21 32.68 -27.33 70.82
C THR M 21 31.18 -27.32 70.57
N ILE M 22 30.64 -26.26 69.98
CA ILE M 22 29.19 -26.09 69.88
C ILE M 22 28.72 -26.38 68.46
N LEU M 23 29.37 -25.76 67.47
CA LEU M 23 28.92 -25.85 66.08
C LEU M 23 29.03 -27.27 65.51
N CYS M 24 29.77 -28.17 66.17
CA CYS M 24 29.87 -29.53 65.68
C CYS M 24 28.54 -30.28 65.78
N HIS M 25 27.63 -29.82 66.63
CA HIS M 25 26.31 -30.42 66.81
C HIS M 25 25.22 -29.52 66.24
N GLN M 26 25.48 -28.89 65.10
CA GLN M 26 24.53 -27.94 64.53
C GLN M 26 23.19 -28.59 64.20
N ASN M 27 23.20 -29.90 63.90
CA ASN M 27 21.99 -30.65 63.60
C ASN M 27 21.26 -30.03 62.41
N PRO M 28 21.77 -30.20 61.19
CA PRO M 28 21.13 -29.59 60.02
C PRO M 28 19.72 -30.09 59.81
N VAL M 29 19.08 -29.57 58.75
CA VAL M 29 17.68 -29.76 58.40
C VAL M 29 16.82 -28.89 59.31
N THR M 30 16.97 -29.05 60.62
CA THR M 30 16.24 -28.24 61.59
C THR M 30 17.08 -27.11 62.16
N GLY M 31 18.29 -27.40 62.63
CA GLY M 31 19.15 -26.38 63.20
C GLY M 31 19.14 -26.29 64.71
N LEU M 32 18.47 -27.22 65.39
CA LEU M 32 18.39 -27.21 66.85
C LEU M 32 19.36 -28.24 67.40
N LEU M 33 20.32 -27.79 68.19
CA LEU M 33 21.31 -28.69 68.76
C LEU M 33 20.68 -29.55 69.85
N PRO M 34 21.20 -30.77 70.06
CA PRO M 34 20.77 -31.55 71.22
C PRO M 34 21.28 -30.93 72.51
N ALA M 35 20.65 -31.30 73.62
CA ALA M 35 21.03 -30.77 74.92
C ALA M 35 22.11 -31.62 75.57
N SER M 36 23.20 -31.88 74.84
CA SER M 36 24.35 -32.63 75.33
C SER M 36 23.99 -34.08 75.68
N TYR M 37 25.01 -34.90 75.93
CA TYR M 37 24.84 -36.30 76.32
C TYR M 37 23.99 -37.07 75.32
N ASP M 38 23.47 -38.22 75.74
CA ASP M 38 22.58 -39.03 74.90
C ASP M 38 21.12 -38.74 75.23
N GLN M 39 20.75 -37.46 75.07
CA GLN M 39 19.40 -37.00 75.37
C GLN M 39 18.49 -36.95 74.16
N LYS M 40 19.01 -36.56 73.00
CA LYS M 40 18.24 -36.45 71.75
C LYS M 40 17.04 -35.51 71.92
N ASP M 41 17.19 -34.49 72.76
CA ASP M 41 16.15 -33.51 73.01
C ASP M 41 16.72 -32.11 72.95
N ALA M 42 15.91 -31.17 72.51
CA ALA M 42 16.32 -29.78 72.34
C ALA M 42 15.55 -28.90 73.32
N TRP M 43 16.29 -28.10 74.10
CA TRP M 43 15.70 -27.12 75.00
C TRP M 43 15.79 -25.74 74.37
N VAL M 44 14.69 -24.99 74.42
CA VAL M 44 14.67 -23.66 73.81
C VAL M 44 15.68 -22.75 74.50
N ARG M 45 15.64 -22.71 75.84
CA ARG M 45 16.54 -21.84 76.59
C ARG M 45 17.99 -22.23 76.38
N ASP M 46 18.29 -23.53 76.39
CA ASP M 46 19.66 -23.99 76.21
C ASP M 46 20.20 -23.59 74.83
N ASN M 47 19.40 -23.82 73.79
CA ASN M 47 19.84 -23.46 72.44
C ASN M 47 20.01 -21.95 72.30
N VAL M 48 19.07 -21.17 72.84
CA VAL M 48 19.16 -19.72 72.75
C VAL M 48 20.42 -19.21 73.45
N TYR M 49 20.71 -19.75 74.63
CA TYR M 49 21.91 -19.31 75.35
C TYR M 49 23.19 -19.79 74.66
N SER M 50 23.14 -20.97 74.03
CA SER M 50 24.33 -21.49 73.36
C SER M 50 24.65 -20.70 72.10
N ILE M 51 23.62 -20.22 71.39
CA ILE M 51 23.86 -19.49 70.14
C ILE M 51 24.44 -18.11 70.38
N LEU M 52 24.51 -17.66 71.63
CA LEU M 52 25.04 -16.33 71.94
C LEU M 52 26.51 -16.21 71.54
N ALA M 53 27.30 -17.26 71.83
CA ALA M 53 28.72 -17.23 71.47
C ALA M 53 28.90 -17.14 69.96
N VAL M 54 28.10 -17.90 69.20
CA VAL M 54 28.19 -17.86 67.75
C VAL M 54 27.80 -16.48 67.23
N TRP M 55 26.74 -15.90 67.80
CA TRP M 55 26.33 -14.55 67.39
C TRP M 55 27.41 -13.52 67.68
N GLY M 56 28.03 -13.61 68.86
CA GLY M 56 29.10 -12.68 69.18
C GLY M 56 30.30 -12.83 68.28
N LEU M 57 30.68 -14.07 67.96
CA LEU M 57 31.79 -14.29 67.05
C LEU M 57 31.48 -13.76 65.65
N GLY M 58 30.24 -13.95 65.19
CA GLY M 58 29.85 -13.39 63.91
C GLY M 58 29.90 -11.87 63.90
N LEU M 59 29.43 -11.24 64.98
CA LEU M 59 29.50 -9.79 65.08
C LEU M 59 30.95 -9.30 65.07
N ALA M 60 31.83 -10.02 65.78
CA ALA M 60 33.25 -9.64 65.78
C ALA M 60 33.86 -9.81 64.40
N TYR M 61 33.50 -10.88 63.69
CA TYR M 61 34.06 -11.12 62.36
C TYR M 61 33.56 -10.11 61.35
N ARG M 62 32.32 -9.63 61.51
CA ARG M 62 31.76 -8.68 60.56
C ARG M 62 32.56 -7.39 60.51
N LYS M 63 33.19 -7.00 61.62
CA LYS M 63 33.95 -5.75 61.64
C LYS M 63 35.12 -5.80 60.67
N ASN M 64 35.83 -6.93 60.60
CA ASN M 64 36.97 -7.08 59.70
C ASN M 64 36.46 -7.52 58.32
N ALA M 65 35.86 -6.55 57.62
CA ALA M 65 35.28 -6.77 56.31
C ALA M 65 36.36 -6.56 55.24
N ASP M 66 35.94 -6.45 53.98
CA ASP M 66 36.77 -6.19 52.80
C ASP M 66 37.65 -7.38 52.43
N ARG M 67 37.36 -8.57 52.94
CA ARG M 67 38.07 -9.79 52.55
C ARG M 67 37.06 -10.90 52.32
N ASP M 68 37.30 -11.71 51.28
CA ASP M 68 36.35 -12.75 50.91
C ASP M 68 36.20 -13.79 52.01
N GLU M 69 37.32 -14.21 52.62
CA GLU M 69 37.27 -15.26 53.63
C GLU M 69 36.52 -14.78 54.88
N ASP M 70 36.86 -13.58 55.36
CA ASP M 70 36.20 -13.06 56.56
C ASP M 70 34.73 -12.79 56.29
N LYS M 71 34.40 -12.25 55.12
CA LYS M 71 33.00 -12.04 54.76
C LYS M 71 32.23 -13.35 54.71
N ALA M 72 32.84 -14.39 54.12
CA ALA M 72 32.19 -15.68 54.06
C ALA M 72 31.97 -16.27 55.45
N LYS M 73 32.97 -16.15 56.33
CA LYS M 73 32.83 -16.67 57.69
C LYS M 73 31.72 -15.94 58.45
N ALA M 74 31.70 -14.60 58.36
CA ALA M 74 30.66 -13.84 59.03
C ALA M 74 29.29 -14.18 58.49
N TYR M 75 29.16 -14.31 57.17
CA TYR M 75 27.89 -14.71 56.59
C TYR M 75 27.45 -16.07 57.04
N GLU M 76 28.39 -17.01 57.10
CA GLU M 76 28.05 -18.35 57.55
C GLU M 76 27.57 -18.34 58.99
N LEU M 77 28.24 -17.59 59.87
CA LEU M 77 27.82 -17.53 61.27
C LEU M 77 26.44 -16.89 61.40
N GLU M 78 26.20 -15.79 60.68
CA GLU M 78 24.91 -15.12 60.74
C GLU M 78 23.81 -16.02 60.20
N GLN M 79 24.07 -16.73 59.10
CA GLN M 79 23.05 -17.62 58.55
C GLN M 79 22.81 -18.82 59.47
N SER M 80 23.85 -19.27 60.18
CA SER M 80 23.66 -20.36 61.14
C SER M 80 22.76 -19.93 62.28
N VAL M 81 23.01 -18.75 62.86
CA VAL M 81 22.15 -18.30 63.95
C VAL M 81 20.73 -18.03 63.45
N VAL M 82 20.61 -17.53 62.22
CA VAL M 82 19.29 -17.30 61.64
C VAL M 82 18.56 -18.63 61.45
N LYS M 83 19.27 -19.66 60.98
CA LYS M 83 18.65 -20.97 60.80
C LYS M 83 18.21 -21.56 62.13
N LEU M 84 19.03 -21.42 63.17
CA LEU M 84 18.62 -21.90 64.49
C LEU M 84 17.36 -21.19 64.96
N MET M 85 17.31 -19.86 64.81
CA MET M 85 16.16 -19.11 65.28
C MET M 85 14.92 -19.44 64.46
N ARG M 86 15.08 -19.66 63.15
CA ARG M 86 13.95 -20.09 62.32
C ARG M 86 13.44 -21.46 62.75
N GLY M 87 14.35 -22.38 63.09
CA GLY M 87 13.91 -23.68 63.56
C GLY M 87 13.13 -23.60 64.86
N LEU M 88 13.63 -22.82 65.81
CA LEU M 88 12.89 -22.61 67.06
C LEU M 88 11.55 -21.93 66.79
N LEU M 89 11.53 -21.00 65.85
CA LEU M 89 10.30 -20.29 65.51
C LEU M 89 9.26 -21.24 64.91
N HIS M 90 9.70 -22.15 64.04
CA HIS M 90 8.78 -23.18 63.51
C HIS M 90 8.29 -24.08 64.63
N CYS M 91 9.17 -24.47 65.54
CA CYS M 91 8.74 -25.27 66.69
C CYS M 91 7.65 -24.56 67.47
N MET M 92 7.80 -23.25 67.66
CA MET M 92 6.77 -22.49 68.37
C MET M 92 5.48 -22.38 67.57
N ILE M 93 5.57 -22.24 66.25
CA ILE M 93 4.36 -22.23 65.42
C ILE M 93 3.63 -23.55 65.52
N ARG M 94 4.36 -24.65 65.77
CA ARG M 94 3.71 -25.95 65.81
C ARG M 94 2.71 -26.09 66.96
N GLN M 95 2.51 -25.05 67.77
CA GLN M 95 1.53 -25.07 68.86
C GLN M 95 0.70 -23.78 68.90
N VAL M 96 0.22 -23.34 67.74
CA VAL M 96 -0.62 -22.15 67.70
C VAL M 96 -1.94 -22.39 68.45
N ASP M 97 -2.49 -23.60 68.33
CA ASP M 97 -3.72 -23.92 69.05
C ASP M 97 -3.49 -23.89 70.55
N LYS M 98 -2.36 -24.43 71.01
CA LYS M 98 -2.04 -24.39 72.43
C LYS M 98 -1.87 -22.96 72.92
N VAL M 99 -1.19 -22.13 72.13
CA VAL M 99 -1.00 -20.73 72.53
C VAL M 99 -2.36 -20.02 72.61
N GLU M 100 -3.20 -20.22 71.61
CA GLU M 100 -4.52 -19.59 71.57
C GLU M 100 -5.40 -20.03 72.73
N PHE M 102 -4.23 -21.09 75.62
CA PHE M 102 -3.64 -20.56 76.84
C PHE M 102 -4.01 -19.08 76.99
N LYS M 103 -4.26 -18.41 75.86
CA LYS M 103 -4.62 -16.99 75.89
C LYS M 103 -5.84 -16.74 76.79
N TYR M 104 -6.73 -17.72 76.89
CA TYR M 104 -7.86 -17.64 77.81
C TYR M 104 -7.74 -18.72 78.88
N GLN M 106 -5.57 -19.19 82.07
CA GLN M 106 -4.19 -19.62 82.20
C GLN M 106 -4.09 -20.90 83.03
N THR M 108 -1.64 -24.82 83.54
CA THR M 108 -0.41 -25.56 83.26
C THR M 108 -0.58 -26.55 82.11
N LYS M 109 -1.80 -27.03 81.91
CA LYS M 109 -2.11 -27.99 80.87
C LYS M 109 -2.42 -27.33 79.52
N ASP M 110 -1.97 -26.10 79.31
CA ASP M 110 -2.33 -25.37 78.10
C ASP M 110 -1.12 -24.77 77.39
N LEU M 112 2.67 -24.26 75.72
CA LEU M 112 3.48 -25.03 74.78
C LEU M 112 4.55 -25.84 75.51
N HIS M 113 4.91 -26.99 74.96
CA HIS M 113 5.88 -27.85 75.61
C HIS M 113 7.27 -27.23 75.56
N ALA M 114 7.91 -27.14 76.72
CA ALA M 114 9.27 -26.64 76.78
C ALA M 114 10.27 -27.61 76.18
N LYS M 115 10.02 -28.92 76.33
CA LYS M 115 10.88 -29.95 75.76
C LYS M 115 10.48 -30.18 74.31
N TYR M 116 11.37 -29.87 73.38
CA TYR M 116 11.11 -30.05 71.96
C TYR M 116 12.11 -31.05 71.39
N ASN M 117 11.66 -31.83 70.41
CA ASN M 117 12.45 -32.92 69.89
C ASN M 117 13.49 -32.41 68.90
N THR M 118 14.22 -33.36 68.30
CA THR M 118 15.21 -33.09 67.27
C THR M 118 14.53 -32.89 65.93
N LYS M 119 15.30 -33.01 64.84
CA LYS M 119 14.80 -32.83 63.48
C LYS M 119 13.46 -33.51 63.27
N THR M 120 12.68 -32.95 62.33
CA THR M 120 11.26 -33.17 62.05
C THR M 120 10.37 -32.37 63.00
N CYS M 121 10.93 -31.69 64.00
CA CYS M 121 10.23 -30.70 64.82
C CYS M 121 8.90 -31.23 65.33
N ALA M 122 8.98 -32.27 66.16
CA ALA M 122 7.80 -32.90 66.74
C ALA M 122 7.84 -32.79 68.25
N THR M 123 6.77 -33.27 68.89
CA THR M 123 6.72 -33.28 70.34
C THR M 123 7.24 -34.61 70.88
N VAL M 124 8.12 -34.56 71.86
CA VAL M 124 8.76 -35.74 72.42
C VAL M 124 8.14 -36.19 73.74
N VAL M 125 7.41 -35.32 74.42
CA VAL M 125 6.80 -35.64 75.71
C VAL M 125 5.40 -35.07 75.76
N GLY M 126 4.47 -35.88 76.29
CA GLY M 126 3.09 -35.48 76.42
C GLY M 126 2.89 -34.31 77.36
N ASP M 127 1.62 -34.01 77.62
CA ASP M 127 1.25 -32.82 78.39
C ASP M 127 1.24 -33.07 79.90
N ASP M 128 1.49 -34.29 80.35
CA ASP M 128 1.44 -34.59 81.78
C ASP M 128 2.70 -35.26 82.30
N GLN M 129 3.64 -35.64 81.44
CA GLN M 129 4.87 -36.29 81.87
C GLN M 129 6.00 -35.29 82.12
N TRP M 130 5.75 -34.00 81.95
CA TRP M 130 6.77 -32.99 82.18
C TRP M 130 6.08 -31.67 82.50
N GLY M 131 6.85 -30.73 83.05
CA GLY M 131 6.33 -29.41 83.33
C GLY M 131 6.44 -28.50 82.13
N HIS M 132 5.36 -28.36 81.38
CA HIS M 132 5.35 -27.57 80.15
C HIS M 132 4.84 -26.15 80.42
N LEU M 133 5.52 -25.46 81.33
CA LEU M 133 5.18 -24.09 81.66
C LEU M 133 6.46 -23.38 82.09
N GLN M 134 7.09 -22.67 81.16
CA GLN M 134 8.34 -21.94 81.41
C GLN M 134 8.28 -20.63 80.64
N LEU M 135 7.83 -19.56 81.31
CA LEU M 135 7.75 -18.25 80.67
C LEU M 135 9.13 -17.65 80.46
N ASP M 136 10.11 -18.03 81.27
CA ASP M 136 11.44 -17.43 81.16
C ASP M 136 12.09 -17.75 79.81
N ALA M 137 11.95 -18.99 79.35
CA ALA M 137 12.55 -19.38 78.07
C ALA M 137 11.94 -18.57 76.92
N THR M 138 10.60 -18.47 76.89
CA THR M 138 9.95 -17.72 75.83
C THR M 138 10.33 -16.23 75.89
N SER M 139 10.36 -15.67 77.09
CA SER M 139 10.69 -14.26 77.23
C SER M 139 12.13 -13.96 76.80
N VAL M 140 13.08 -14.83 77.19
CA VAL M 140 14.46 -14.62 76.79
C VAL M 140 14.62 -14.84 75.28
N TYR M 141 13.85 -15.76 74.71
CA TYR M 141 13.84 -15.95 73.27
C TYR M 141 13.39 -14.67 72.57
N LEU M 142 12.29 -14.07 73.06
CA LEU M 142 11.79 -12.83 72.48
C LEU M 142 12.81 -11.71 72.62
N LEU M 143 13.45 -11.60 73.79
CA LEU M 143 14.43 -10.54 74.01
C LEU M 143 15.61 -10.68 73.06
N PHE M 144 16.14 -11.89 72.91
CA PHE M 144 17.30 -12.07 72.04
C PHE M 144 16.93 -11.89 70.58
N LEU M 145 15.73 -12.34 70.18
CA LEU M 145 15.26 -12.09 68.82
C LEU M 145 15.16 -10.59 68.55
N ALA M 146 14.63 -9.84 69.52
CA ALA M 146 14.56 -8.39 69.39
C ALA M 146 15.94 -7.78 69.26
N GLN M 147 16.90 -8.24 70.08
CA GLN M 147 18.24 -7.67 70.06
C GLN M 147 18.92 -7.91 68.72
N MET M 148 18.80 -9.13 68.17
CA MET M 148 19.44 -9.39 66.89
C MET M 148 18.72 -8.68 65.75
N THR M 149 17.39 -8.54 65.84
CA THR M 149 16.66 -7.78 64.84
C THR M 149 17.11 -6.32 64.83
N ALA M 150 17.31 -5.74 66.02
CA ALA M 150 17.86 -4.40 66.09
C ALA M 150 19.29 -4.35 65.58
N SER M 151 20.04 -5.45 65.74
CA SER M 151 21.41 -5.50 65.24
C SER M 151 21.46 -5.37 63.72
N GLY M 152 20.53 -6.02 63.02
CA GLY M 152 20.49 -5.95 61.58
C GLY M 152 20.12 -7.26 60.92
N LEU M 153 20.07 -8.33 61.70
CA LEU M 153 19.74 -9.65 61.17
C LEU M 153 18.25 -9.74 60.85
N HIS M 154 17.93 -10.54 59.84
CA HIS M 154 16.55 -10.75 59.42
C HIS M 154 16.11 -12.15 59.84
N ILE M 155 15.05 -12.21 60.65
CA ILE M 155 14.54 -13.48 61.15
C ILE M 155 13.06 -13.61 60.81
N ILE M 156 12.27 -12.61 61.17
CA ILE M 156 10.85 -12.61 60.85
C ILE M 156 10.67 -12.30 59.37
N HIS M 157 9.91 -13.14 58.68
CA HIS M 157 9.82 -13.07 57.22
C HIS M 157 8.42 -12.82 56.68
N SER M 158 7.37 -13.08 57.45
CA SER M 158 6.02 -13.00 56.92
C SER M 158 5.13 -12.23 57.88
N LEU M 159 4.02 -11.71 57.34
CA LEU M 159 3.03 -11.02 58.16
C LEU M 159 2.37 -11.97 59.16
N ASP M 160 2.11 -13.21 58.74
CA ASP M 160 1.58 -14.20 59.68
C ASP M 160 2.56 -14.43 60.83
N GLU M 161 3.87 -14.32 60.56
CA GLU M 161 4.85 -14.42 61.62
C GLU M 161 4.70 -13.26 62.61
N VAL M 162 4.45 -12.06 62.11
CA VAL M 162 4.22 -10.91 62.97
C VAL M 162 2.97 -11.12 63.82
N ASN M 163 1.91 -11.65 63.22
CA ASN M 163 0.69 -11.93 63.96
C ASN M 163 0.93 -12.97 65.05
N PHE M 164 1.68 -14.02 64.73
CA PHE M 164 1.99 -15.05 65.73
C PHE M 164 2.84 -14.47 66.86
N ILE M 165 3.80 -13.59 66.52
CA ILE M 165 4.62 -12.96 67.53
C ILE M 165 3.76 -12.09 68.45
N GLN M 166 2.82 -11.34 67.87
CA GLN M 166 1.93 -10.51 68.69
C GLN M 166 1.06 -11.37 69.60
N ASN M 167 0.53 -12.47 69.08
CA ASN M 167 -0.30 -13.36 69.91
C ASN M 167 0.52 -13.97 71.03
N LEU M 168 1.76 -14.39 70.75
CA LEU M 168 2.59 -14.98 71.77
C LEU M 168 3.03 -13.95 72.81
N VAL M 169 3.20 -12.70 72.37
CA VAL M 169 3.47 -11.61 73.32
C VAL M 169 2.28 -11.39 74.24
N PHE M 170 1.07 -11.42 73.68
CA PHE M 170 -0.12 -11.35 74.52
C PHE M 170 -0.17 -12.50 75.50
N TYR M 171 0.23 -13.70 75.05
CA TYR M 171 0.25 -14.86 75.93
C TYR M 171 1.26 -14.69 77.07
N ILE M 172 2.44 -14.15 76.77
CA ILE M 172 3.47 -13.98 77.80
C ILE M 172 3.25 -12.77 78.68
N GLU M 173 2.39 -11.84 78.28
CA GLU M 173 2.18 -10.62 79.06
C GLU M 173 1.54 -10.88 80.42
N ALA M 174 0.95 -12.07 80.63
CA ALA M 174 0.28 -12.40 81.88
C ALA M 174 1.18 -13.17 82.84
N ALA M 175 2.50 -12.94 82.78
CA ALA M 175 3.44 -13.65 83.62
C ALA M 175 3.48 -13.13 85.05
N TYR M 176 2.96 -11.93 85.31
CA TYR M 176 3.04 -11.34 86.64
C TYR M 176 1.99 -11.87 87.60
N LYS M 177 1.01 -12.63 87.11
CA LYS M 177 -0.05 -13.16 87.97
C LYS M 177 -0.30 -14.64 87.70
N THR M 178 0.73 -15.38 87.30
CA THR M 178 0.62 -16.81 87.05
C THR M 178 1.79 -17.54 87.70
N ALA M 179 1.56 -18.81 88.03
CA ALA M 179 2.57 -19.64 88.66
C ALA M 179 3.13 -20.63 87.65
N ASP M 180 4.44 -20.66 87.52
CA ASP M 180 5.13 -21.53 86.57
C ASP M 180 6.10 -22.43 87.31
N PHE M 181 6.74 -23.32 86.56
CA PHE M 181 7.68 -24.28 87.13
C PHE M 181 9.08 -23.69 87.31
N GLY M 182 9.34 -22.49 86.80
CA GLY M 182 10.64 -21.87 86.94
C GLY M 182 11.66 -22.40 85.95
N ILE M 183 12.89 -21.92 86.12
CA ILE M 183 13.98 -22.33 85.24
C ILE M 183 14.35 -23.79 85.48
N TRP M 184 14.35 -24.21 86.74
CA TRP M 184 14.72 -25.58 87.09
C TRP M 184 13.62 -26.59 86.80
N GLU M 185 12.43 -26.13 86.38
CA GLU M 185 11.30 -27.00 86.06
C GLU M 185 10.93 -27.91 87.22
N ARG M 186 11.05 -27.39 88.45
CA ARG M 186 10.74 -28.19 89.63
C ARG M 186 9.93 -27.41 90.66
N GLY M 187 9.46 -26.21 90.32
CA GLY M 187 8.69 -25.42 91.26
C GLY M 187 9.54 -25.02 92.45
N ASP M 188 9.02 -25.29 93.65
CA ASP M 188 9.72 -24.98 94.89
C ASP M 188 10.76 -26.06 95.18
N LYS M 189 11.30 -26.07 96.40
CA LYS M 189 12.33 -27.03 96.76
C LYS M 189 11.81 -28.46 96.65
N THR M 190 10.60 -28.71 97.12
CA THR M 190 9.94 -30.00 96.94
C THR M 190 9.05 -29.92 95.70
N ASN M 191 9.23 -30.85 94.77
CA ASN M 191 8.48 -30.80 93.52
C ASN M 191 6.98 -30.93 93.79
N GLN M 192 6.56 -32.11 94.24
CA GLN M 192 5.18 -32.37 94.68
C GLN M 192 4.13 -31.89 93.68
N GLY M 193 4.51 -31.71 92.42
CA GLY M 193 3.61 -31.18 91.41
C GLY M 193 3.06 -29.81 91.76
N ILE M 194 3.90 -28.93 92.29
CA ILE M 194 3.49 -27.59 92.69
C ILE M 194 4.33 -26.56 91.95
N SER M 195 3.65 -25.52 91.48
CA SER M 195 4.29 -24.40 90.79
C SER M 195 4.06 -23.13 91.57
N GLU M 196 5.02 -22.21 91.50
CA GLU M 196 4.95 -20.96 92.24
C GLU M 196 5.58 -19.85 91.42
N LEU M 197 5.27 -18.62 91.80
CA LEU M 197 5.80 -17.45 91.09
C LEU M 197 7.31 -17.36 91.29
N ASN M 198 8.00 -16.92 90.23
CA ASN M 198 9.45 -16.78 90.24
C ASN M 198 9.83 -15.39 89.78
N ALA M 199 10.82 -14.80 90.45
CA ALA M 199 11.27 -13.45 90.08
C ALA M 199 11.94 -13.44 88.71
N SER M 200 12.65 -14.51 88.38
CA SER M 200 13.35 -14.61 87.10
C SER M 200 12.37 -14.51 85.94
N VAL M 202 9.19 -13.22 85.79
CA VAL M 202 8.55 -11.92 85.63
C VAL M 202 9.57 -10.88 85.16
N GLY M 203 10.80 -10.97 85.66
CA GLY M 203 11.83 -10.05 85.18
C GLY M 203 12.13 -10.23 83.71
N MET M 204 12.25 -11.48 83.27
CA MET M 204 12.49 -11.77 81.86
C MET M 204 11.33 -11.30 81.00
N ALA M 205 10.09 -11.53 81.46
CA ALA M 205 8.93 -11.10 80.70
C ALA M 205 8.88 -9.57 80.60
N LYS M 206 9.17 -8.87 81.69
CA LYS M 206 9.17 -7.42 81.65
C LYS M 206 10.26 -6.89 80.71
N ALA M 207 11.44 -7.49 80.75
CA ALA M 207 12.52 -7.07 79.86
C ALA M 207 12.16 -7.32 78.40
N ALA M 208 11.54 -8.47 78.11
CA ALA M 208 11.13 -8.78 76.75
C ALA M 208 10.07 -7.79 76.26
N LEU M 209 9.11 -7.45 77.13
CA LEU M 209 8.08 -6.48 76.75
C LEU M 209 8.69 -5.11 76.50
N GLU M 210 9.62 -4.67 77.36
CA GLU M 210 10.24 -3.36 77.19
C GLU M 210 11.08 -3.32 75.91
N ALA M 211 11.85 -4.37 75.65
CA ALA M 211 12.72 -4.38 74.48
C ALA M 211 11.92 -4.43 73.18
N LEU M 212 10.66 -4.85 73.25
CA LEU M 212 9.80 -5.01 72.08
C LEU M 212 8.69 -3.97 72.05
N ASP M 213 9.01 -2.71 72.34
CA ASP M 213 7.98 -1.69 72.45
C ASP M 213 7.50 -1.23 71.08
N GLU M 214 8.43 -0.90 70.18
CA GLU M 214 8.10 -0.24 68.93
C GLU M 214 8.85 -0.84 67.75
N LEU M 215 9.82 -1.71 68.03
CA LEU M 215 10.77 -2.15 67.01
C LEU M 215 10.08 -2.78 65.81
N ASP M 216 10.72 -2.68 64.65
CA ASP M 216 10.21 -3.23 63.40
C ASP M 216 10.98 -4.51 63.09
N LEU M 217 10.26 -5.62 62.92
CA LEU M 217 10.90 -6.90 62.63
C LEU M 217 11.46 -6.97 61.21
N PHE M 218 11.00 -6.10 60.31
CA PHE M 218 11.44 -6.12 58.92
C PHE M 218 12.65 -5.22 58.67
N GLY M 219 13.18 -4.60 59.71
CA GLY M 219 14.32 -3.71 59.54
C GLY M 219 13.92 -2.34 59.02
N VAL M 220 14.87 -1.70 58.32
CA VAL M 220 14.64 -0.37 57.79
C VAL M 220 13.57 -0.38 56.71
N LYS M 221 13.54 -1.43 55.89
CA LYS M 221 12.59 -1.52 54.78
C LYS M 221 11.16 -1.79 55.24
N GLY M 222 10.95 -2.10 56.51
CA GLY M 222 9.61 -2.37 56.99
C GLY M 222 8.75 -1.13 57.06
N GLY M 223 7.44 -1.33 57.07
CA GLY M 223 6.49 -0.25 57.11
C GLY M 223 5.70 -0.23 58.40
N PRO M 224 4.69 0.64 58.48
CA PRO M 224 3.87 0.73 59.70
C PRO M 224 3.07 -0.52 59.98
N GLN M 225 2.88 -1.40 59.01
CA GLN M 225 2.09 -2.61 59.21
C GLN M 225 2.90 -3.75 59.82
N SER M 226 4.20 -3.56 60.06
CA SER M 226 5.02 -4.64 60.60
C SER M 226 5.61 -4.25 61.95
N VAL M 227 4.91 -3.42 62.71
CA VAL M 227 5.34 -2.99 64.03
C VAL M 227 4.47 -3.70 65.07
N ILE M 228 4.99 -3.85 66.28
CA ILE M 228 4.31 -4.55 67.35
C ILE M 228 4.11 -3.61 68.52
N HIS M 229 2.88 -3.56 69.05
CA HIS M 229 2.54 -2.67 70.14
C HIS M 229 2.35 -3.46 71.42
N VAL M 230 2.94 -2.96 72.51
CA VAL M 230 2.84 -3.59 73.82
C VAL M 230 2.35 -2.54 74.81
N LEU M 231 1.56 -2.97 75.79
CA LEU M 231 0.99 -2.05 76.76
C LEU M 231 2.05 -1.61 77.77
N ALA M 232 1.80 -0.46 78.38
CA ALA M 232 2.68 0.08 79.41
C ALA M 232 2.32 -0.40 80.82
N ASP M 233 1.06 -0.77 81.05
CA ASP M 233 0.65 -1.19 82.38
C ASP M 233 1.32 -2.50 82.78
N GLU M 234 1.45 -3.43 81.84
CA GLU M 234 2.03 -4.73 82.16
C GLU M 234 3.49 -4.59 82.61
N VAL M 235 4.26 -3.75 81.90
CA VAL M 235 5.68 -3.59 82.24
C VAL M 235 5.82 -2.99 83.64
N GLN M 236 5.03 -1.95 83.92
CA GLN M 236 5.13 -1.30 85.23
C GLN M 236 4.65 -2.24 86.35
N HIS M 237 3.60 -3.01 86.10
CA HIS M 237 3.14 -3.97 87.09
C HIS M 237 4.20 -5.04 87.35
N CYS M 238 4.85 -5.53 86.29
CA CYS M 238 5.92 -6.50 86.46
C CYS M 238 7.08 -5.91 87.24
N GLN M 239 7.44 -4.66 86.96
CA GLN M 239 8.53 -4.01 87.67
C GLN M 239 8.19 -3.82 89.15
N ILE M 241 6.07 -5.70 90.89
CA ILE M 241 6.07 -7.03 91.48
C ILE M 241 7.51 -7.47 91.76
N LEU M 242 8.42 -7.14 90.83
CA LEU M 242 9.82 -7.46 91.03
C LEU M 242 10.41 -6.68 92.21
N ASN M 243 10.06 -5.39 92.32
CA ASN M 243 10.58 -4.58 93.41
C ASN M 243 10.08 -5.07 94.76
N SER M 244 8.81 -5.44 94.84
CA SER M 244 8.25 -6.00 96.06
C SER M 244 8.59 -7.47 96.25
N LEU M 245 9.23 -8.10 95.27
CA LEU M 245 9.50 -9.53 95.29
C LEU M 245 11.00 -9.81 95.23
N LEU M 246 11.83 -8.84 95.56
CA LEU M 246 13.26 -9.15 95.59
C LEU M 246 13.90 -8.72 96.92
N PRO M 247 13.46 -9.28 98.05
CA PRO M 247 14.38 -9.45 99.18
C PRO M 247 14.95 -10.86 99.27
N ARG M 248 14.43 -11.77 98.44
CA ARG M 248 14.80 -13.18 98.47
C ARG M 248 14.64 -13.72 97.05
N ALA M 249 14.59 -15.05 96.92
CA ALA M 249 14.38 -15.66 95.62
C ALA M 249 12.89 -15.69 95.25
N SER M 250 12.08 -16.36 96.05
CA SER M 250 10.66 -16.47 95.81
C SER M 250 9.94 -16.59 97.15
N THR M 251 8.67 -17.02 97.11
CA THR M 251 7.89 -17.16 98.34
C THR M 251 8.44 -18.24 99.25
N SER M 252 9.03 -19.30 98.69
CA SER M 252 9.57 -20.40 99.48
C SER M 252 11.09 -20.46 99.49
N LYS M 253 11.75 -19.99 98.44
CA LYS M 253 13.20 -20.02 98.34
C LYS M 253 13.77 -18.73 98.93
N GLU M 254 14.68 -18.89 99.90
CA GLU M 254 15.28 -17.72 100.53
C GLU M 254 16.30 -17.04 99.62
N VAL M 255 16.96 -17.80 98.76
CA VAL M 255 17.93 -17.23 97.83
C VAL M 255 18.14 -18.22 96.69
N ASP M 256 18.24 -17.69 95.47
CA ASP M 256 18.50 -18.51 94.29
C ASP M 256 19.57 -17.81 93.45
N ALA M 257 20.52 -18.59 92.94
CA ALA M 257 21.55 -18.03 92.09
C ALA M 257 21.03 -17.65 90.70
N SER M 258 19.81 -18.07 90.35
CA SER M 258 19.22 -17.66 89.08
C SER M 258 18.85 -16.18 89.06
N LEU M 259 18.80 -15.53 90.23
CA LEU M 259 18.55 -14.09 90.27
C LEU M 259 19.67 -13.30 89.63
N LEU M 260 20.86 -13.89 89.49
CA LEU M 260 21.96 -13.22 88.81
C LEU M 260 21.62 -12.95 87.35
N SER M 261 20.77 -13.78 86.74
CA SER M 261 20.37 -13.60 85.36
C SER M 261 19.41 -12.44 85.16
N VAL M 262 18.94 -11.81 86.23
CA VAL M 262 17.96 -10.73 86.13
C VAL M 262 18.64 -9.40 86.41
N VAL M 263 19.69 -9.42 87.22
CA VAL M 263 20.32 -8.20 87.72
C VAL M 263 21.70 -8.01 87.08
N SER M 264 21.88 -8.52 85.87
CA SER M 264 23.18 -8.48 85.22
C SER M 264 22.96 -8.36 83.71
N PHE M 265 24.00 -8.70 82.94
CA PHE M 265 23.96 -8.56 81.48
C PHE M 265 22.73 -9.18 80.83
N PRO M 266 22.28 -10.38 81.18
CA PRO M 266 21.09 -10.92 80.51
C PRO M 266 19.85 -10.13 80.90
N ALA M 267 19.32 -9.37 79.94
CA ALA M 267 18.07 -8.62 79.94
C ALA M 267 18.09 -7.38 80.82
N PHE M 268 19.11 -7.18 81.67
CA PHE M 268 19.24 -5.99 82.51
C PHE M 268 17.93 -5.52 83.12
N ALA M 269 17.10 -6.45 83.60
CA ALA M 269 15.74 -6.13 84.04
C ALA M 269 15.74 -5.86 85.55
N VAL M 270 16.34 -4.72 85.91
CA VAL M 270 16.40 -4.32 87.31
C VAL M 270 16.77 -2.84 87.42
N GLU M 271 16.35 -2.21 88.52
CA GLU M 271 16.73 -0.85 88.84
C GLU M 271 17.20 -0.79 90.29
N ASP M 272 17.45 0.41 90.81
CA ASP M 272 17.87 0.62 92.20
C ASP M 272 19.15 -0.17 92.50
N SER M 273 20.23 0.28 91.85
CA SER M 273 21.53 -0.38 91.89
C SER M 273 21.96 -0.82 93.29
N GLN M 274 21.52 -0.10 94.32
CA GLN M 274 21.81 -0.54 95.68
C GLN M 274 21.16 -1.89 95.99
N LEU M 275 19.93 -2.09 95.52
CA LEU M 275 19.28 -3.38 95.68
C LEU M 275 20.02 -4.46 94.90
N VAL M 276 20.55 -4.10 93.72
CA VAL M 276 21.33 -5.05 92.94
C VAL M 276 22.58 -5.49 93.70
N GLU M 277 23.28 -4.52 94.29
CA GLU M 277 24.48 -4.83 95.07
C GLU M 277 24.14 -5.68 96.29
N LEU M 278 23.02 -5.37 96.95
CA LEU M 278 22.61 -6.16 98.11
C LEU M 278 22.31 -7.59 97.71
N THR M 279 21.59 -7.78 96.59
CA THR M 279 21.28 -9.12 96.13
C THR M 279 22.54 -9.89 95.75
N LYS M 280 23.49 -9.21 95.08
CA LYS M 280 24.74 -9.86 94.72
C LYS M 280 25.52 -10.27 95.97
N GLN M 281 25.56 -9.40 96.98
CA GLN M 281 26.25 -9.73 98.22
C GLN M 281 25.59 -10.92 98.93
N GLU M 282 24.26 -10.93 98.97
CA GLU M 282 23.55 -12.06 99.59
C GLU M 282 23.84 -13.36 98.86
N ILE M 283 23.83 -13.32 97.52
CA ILE M 283 24.12 -14.51 96.74
C ILE M 283 25.54 -15.00 96.99
N ILE M 284 26.49 -14.06 97.04
CA ILE M 284 27.88 -14.43 97.30
C ILE M 284 28.02 -15.07 98.68
N THR M 285 27.38 -14.48 99.69
CA THR M 285 27.50 -15.01 101.04
C THR M 285 26.86 -16.38 101.18
N LYS M 286 25.69 -16.59 100.55
CA LYS M 286 24.91 -17.78 100.81
C LYS M 286 25.12 -18.90 99.78
N LEU M 287 25.85 -18.65 98.70
CA LEU M 287 25.96 -19.64 97.63
C LEU M 287 27.37 -19.89 97.11
N GLN M 288 28.32 -18.98 97.31
CA GLN M 288 29.65 -19.15 96.73
C GLN M 288 30.36 -20.34 97.35
N GLY M 289 31.11 -21.06 96.51
CA GLY M 289 31.88 -22.21 96.94
C GLY M 289 33.23 -22.30 96.28
N ARG M 290 33.92 -23.42 96.46
CA ARG M 290 35.25 -23.60 95.87
C ARG M 290 35.21 -23.99 94.41
N TYR M 291 34.06 -24.42 93.88
CA TYR M 291 33.93 -24.81 92.48
C TYR M 291 32.68 -24.21 91.87
N GLY M 292 32.45 -22.93 92.13
CA GLY M 292 31.27 -22.24 91.64
C GLY M 292 30.26 -22.01 92.76
N CYS M 293 29.09 -21.51 92.34
CA CYS M 293 28.00 -21.22 93.25
C CYS M 293 26.91 -22.27 93.13
N CYS M 294 26.23 -22.54 94.24
CA CYS M 294 25.14 -23.50 94.25
C CYS M 294 23.86 -22.86 93.72
N ARG M 295 22.93 -23.70 93.27
CA ARG M 295 21.65 -23.21 92.79
C ARG M 295 20.88 -22.48 93.88
N PHE M 296 20.48 -23.21 94.92
CA PHE M 296 19.74 -22.66 96.05
C PHE M 296 19.86 -23.63 97.21
N LEU M 297 19.53 -23.15 98.39
CA LEU M 297 19.60 -23.97 99.59
C LEU M 297 18.59 -25.12 99.51
N ARG M 298 19.00 -26.28 100.03
CA ARG M 298 18.16 -27.47 100.09
C ARG M 298 17.70 -27.92 98.71
N ASP M 299 18.68 -28.31 97.88
CA ASP M 299 18.41 -28.89 96.58
C ASP M 299 19.02 -30.28 96.53
N GLY M 300 18.28 -31.23 95.97
CA GLY M 300 18.71 -32.61 95.88
C GLY M 300 19.10 -33.10 94.50
N TYR M 301 19.61 -32.21 93.64
CA TYR M 301 19.95 -32.61 92.28
C TYR M 301 21.31 -33.30 92.25
N LYS M 302 21.32 -34.53 91.73
CA LYS M 302 22.54 -35.31 91.52
C LYS M 302 23.32 -35.49 92.82
N THR M 303 22.71 -36.20 93.75
CA THR M 303 23.30 -36.54 95.04
C THR M 303 23.48 -38.05 95.13
N PRO M 304 24.37 -38.53 96.01
CA PRO M 304 24.60 -39.97 96.12
C PRO M 304 23.53 -40.70 96.93
N LYS M 305 22.37 -40.07 97.09
CA LYS M 305 21.31 -40.57 97.95
C LYS M 305 19.97 -40.23 97.31
N GLU M 306 18.92 -40.25 98.13
CA GLU M 306 17.53 -39.93 97.75
C GLU M 306 17.09 -40.64 96.47
N ASP M 307 17.60 -41.85 96.23
CA ASP M 307 17.10 -42.72 95.16
C ASP M 307 17.07 -41.99 93.82
N PRO M 308 18.24 -41.81 93.17
CA PRO M 308 18.31 -40.95 91.97
C PRO M 308 17.28 -41.29 90.90
N ASN M 309 16.94 -42.56 90.75
CA ASN M 309 15.90 -42.98 89.79
C ASN M 309 14.52 -42.87 90.43
N ARG M 310 14.18 -41.66 90.86
CA ARG M 310 12.89 -41.39 91.47
C ARG M 310 12.55 -39.91 91.31
N LEU M 311 11.26 -39.60 91.45
CA LEU M 311 10.78 -38.24 91.45
C LEU M 311 9.82 -38.04 92.61
N TYR M 312 9.29 -36.82 92.72
CA TYR M 312 8.31 -36.47 93.75
C TYR M 312 8.88 -36.72 95.15
N TYR M 313 9.93 -35.95 95.46
CA TYR M 313 10.64 -36.12 96.72
C TYR M 313 9.70 -35.88 97.90
N GLU M 314 9.72 -36.82 98.86
CA GLU M 314 8.91 -36.68 100.06
C GLU M 314 9.56 -35.69 101.01
N PRO M 315 8.77 -35.07 101.89
CA PRO M 315 9.35 -34.10 102.85
C PRO M 315 10.20 -34.78 103.91
N ALA M 316 11.39 -35.21 103.52
CA ALA M 316 12.33 -35.83 104.45
C ALA M 316 13.74 -35.28 104.27
N GLU M 317 13.85 -33.98 103.94
CA GLU M 317 15.13 -33.32 103.65
C GLU M 317 15.59 -32.44 104.81
N LEU M 318 15.39 -32.92 106.03
CA LEU M 318 15.74 -32.11 107.19
C LEU M 318 17.23 -31.75 107.20
N LYS M 319 18.08 -32.73 106.91
CA LYS M 319 19.51 -32.48 106.80
C LYS M 319 20.19 -33.27 105.69
N LEU M 320 19.45 -34.04 104.91
CA LEU M 320 20.06 -34.91 103.91
C LEU M 320 20.77 -34.10 102.82
N PHE M 321 20.13 -33.03 102.34
CA PHE M 321 20.67 -32.25 101.23
C PHE M 321 21.30 -30.94 101.69
N GLU M 322 21.51 -30.77 102.99
CA GLU M 322 22.07 -29.55 103.53
C GLU M 322 23.60 -29.63 103.54
N ASN M 323 24.24 -28.53 103.15
CA ASN M 323 25.69 -28.32 103.18
C ASN M 323 26.46 -29.20 102.19
N ILE M 324 25.79 -29.97 101.35
CA ILE M 324 26.48 -30.81 100.38
C ILE M 324 25.92 -30.55 98.99
N GLU M 325 25.33 -29.37 98.80
CA GLU M 325 24.75 -29.02 97.50
C GLU M 325 25.85 -28.80 96.47
N CYS M 326 25.54 -29.17 95.22
CA CYS M 326 26.49 -29.02 94.13
C CYS M 326 26.62 -27.57 93.72
N GLU M 327 27.74 -27.26 93.06
CA GLU M 327 28.07 -25.91 92.64
C GLU M 327 28.24 -25.87 91.13
N TRP M 328 27.73 -24.81 90.51
CA TRP M 328 27.77 -24.66 89.05
C TRP M 328 28.68 -23.51 88.66
N PRO M 329 29.67 -23.73 87.79
CA PRO M 329 30.54 -22.63 87.36
C PRO M 329 29.86 -21.65 86.41
N LEU M 330 28.67 -21.98 85.90
CA LEU M 330 27.98 -21.06 85.01
C LEU M 330 27.58 -19.78 85.74
N PHE M 331 27.36 -19.87 87.06
CA PHE M 331 27.17 -18.67 87.85
C PHE M 331 28.44 -17.83 87.92
N TRP M 332 29.60 -18.48 87.97
CA TRP M 332 30.87 -17.75 87.89
C TRP M 332 31.00 -17.05 86.54
N THR M 333 30.60 -17.73 85.46
CA THR M 333 30.63 -17.09 84.15
C THR M 333 29.68 -15.90 84.09
N TYR M 334 28.50 -16.03 84.70
CA TYR M 334 27.56 -14.91 84.76
C TYR M 334 28.16 -13.74 85.53
N PHE M 335 28.85 -14.03 86.63
CA PHE M 335 29.52 -12.97 87.39
C PHE M 335 30.60 -12.31 86.54
N ILE M 336 31.33 -13.10 85.76
CA ILE M 336 32.35 -12.55 84.87
C ILE M 336 31.71 -11.60 83.86
N LEU M 337 30.60 -12.02 83.27
CA LEU M 337 29.90 -11.17 82.30
C LEU M 337 29.42 -9.88 82.96
N ASP M 338 28.84 -9.99 84.15
CA ASP M 338 28.33 -8.80 84.84
C ASP M 338 29.46 -7.83 85.18
N GLY M 339 30.60 -8.36 85.64
CA GLY M 339 31.73 -7.49 85.93
C GLY M 339 32.30 -6.84 84.69
N VAL M 340 32.47 -7.61 83.62
CA VAL M 340 33.08 -7.09 82.40
C VAL M 340 32.16 -6.15 81.64
N PHE M 341 30.85 -6.18 81.91
CA PHE M 341 29.94 -5.33 81.15
C PHE M 341 29.90 -3.90 81.71
N SER M 342 29.42 -3.74 82.94
CA SER M 342 29.14 -2.41 83.45
C SER M 342 30.38 -1.54 83.64
N GLY M 343 31.20 -1.83 84.65
CA GLY M 343 32.37 -1.02 84.90
C GLY M 343 33.57 -1.69 85.54
N ASN M 344 33.53 -3.00 85.72
CA ASN M 344 34.50 -3.68 86.58
C ASN M 344 35.60 -4.32 85.75
N ALA M 345 36.83 -4.23 86.25
CA ALA M 345 37.99 -4.84 85.62
C ALA M 345 38.70 -5.82 86.55
N GLU M 346 38.99 -5.42 87.78
CA GLU M 346 39.67 -6.30 88.72
C GLU M 346 38.83 -7.52 89.07
N GLN M 347 37.51 -7.32 89.24
CA GLN M 347 36.62 -8.44 89.53
C GLN M 347 36.64 -9.47 88.41
N VAL M 348 36.66 -8.99 87.16
CA VAL M 348 36.72 -9.90 86.02
C VAL M 348 38.00 -10.72 86.07
N GLN M 349 39.13 -10.07 86.36
CA GLN M 349 40.40 -10.78 86.42
C GLN M 349 40.40 -11.84 87.51
N GLU M 350 39.91 -11.48 88.71
CA GLU M 350 39.91 -12.44 89.81
C GLU M 350 38.96 -13.60 89.53
N TYR M 351 37.80 -13.32 88.93
CA TYR M 351 36.86 -14.40 88.63
C TYR M 351 37.38 -15.30 87.52
N LYS M 352 38.06 -14.74 86.53
CA LYS M 352 38.68 -15.56 85.49
C LYS M 352 39.78 -16.43 86.07
N GLU M 353 40.59 -15.87 86.97
CA GLU M 353 41.62 -16.67 87.62
C GLU M 353 41.01 -17.81 88.44
N ALA M 354 39.92 -17.53 89.15
CA ALA M 354 39.24 -18.58 89.91
C ALA M 354 38.66 -19.65 88.99
N LEU M 355 38.07 -19.24 87.87
CA LEU M 355 37.40 -20.18 86.98
C LEU M 355 38.39 -21.02 86.18
N GLU M 356 39.58 -20.50 85.92
CA GLU M 356 40.55 -21.25 85.13
C GLU M 356 40.97 -22.55 85.82
N ALA M 357 40.92 -22.57 87.16
CA ALA M 357 41.35 -23.75 87.90
C ALA M 357 40.31 -24.86 87.86
N VAL M 358 39.02 -24.51 87.77
CA VAL M 358 37.95 -25.51 87.86
C VAL M 358 37.67 -26.10 86.48
N LEU M 359 38.31 -25.54 85.45
CA LEU M 359 38.12 -26.04 84.09
C LEU M 359 38.82 -27.40 83.92
N ILE M 360 38.20 -28.25 83.10
CA ILE M 360 38.70 -29.59 82.83
C ILE M 360 39.03 -29.68 81.34
N LYS M 361 40.24 -30.18 81.04
CA LYS M 361 40.68 -30.28 79.66
C LYS M 361 39.95 -31.38 78.92
N GLY M 362 39.91 -31.25 77.59
CA GLY M 362 39.25 -32.24 76.75
C GLY M 362 40.13 -32.75 75.63
N LYS M 363 39.53 -33.10 74.50
CA LYS M 363 40.28 -33.60 73.37
C LYS M 363 41.13 -32.48 72.76
N ASN M 364 42.39 -32.80 72.47
CA ASN M 364 43.35 -31.85 71.90
C ASN M 364 43.52 -30.63 72.80
N GLY M 365 43.34 -30.81 74.11
CA GLY M 365 43.51 -29.73 75.06
C GLY M 365 42.53 -28.59 74.89
N VAL M 366 41.27 -28.89 74.58
CA VAL M 366 40.23 -27.88 74.44
C VAL M 366 39.61 -27.65 75.81
N PRO M 367 39.42 -26.41 76.24
CA PRO M 367 38.73 -26.16 77.52
C PRO M 367 37.30 -26.66 77.47
N LEU M 368 36.85 -27.23 78.59
CA LEU M 368 35.49 -27.72 78.75
C LEU M 368 34.99 -27.36 80.14
N LEU M 369 33.75 -26.88 80.22
CA LEU M 369 33.17 -26.51 81.50
C LEU M 369 32.30 -27.64 81.99
N PRO M 370 32.60 -28.27 83.13
CA PRO M 370 31.74 -29.33 83.66
C PRO M 370 30.42 -28.78 84.14
N GLU M 371 29.39 -29.63 84.09
CA GLU M 371 28.06 -29.21 84.49
C GLU M 371 28.01 -28.85 85.97
N LEU M 372 28.60 -29.68 86.83
CA LEU M 372 28.51 -29.46 88.27
C LEU M 372 29.60 -30.29 88.95
N TYR M 373 29.86 -29.95 90.21
CA TYR M 373 30.77 -30.71 91.05
C TYR M 373 30.01 -31.34 92.20
N VAL M 375 29.89 -33.99 95.72
CA VAL M 375 30.65 -34.53 96.83
C VAL M 375 30.68 -36.06 96.77
N PRO M 376 31.85 -36.64 96.99
CA PRO M 376 31.97 -38.11 97.02
C PRO M 376 31.14 -38.69 98.15
N PRO M 377 30.55 -39.87 97.94
CA PRO M 377 29.73 -40.47 99.00
C PRO M 377 30.50 -40.77 100.28
N ASP M 378 31.79 -41.10 100.17
CA ASP M 378 32.57 -41.40 101.37
C ASP M 378 32.81 -40.15 102.20
N ARG M 379 33.18 -39.04 101.55
CA ARG M 379 33.44 -37.79 102.25
C ARG M 379 32.19 -36.92 102.31
N VAL M 380 31.25 -37.35 103.15
CA VAL M 380 29.98 -36.67 103.33
C VAL M 380 29.81 -36.14 104.75
N ASP M 381 30.13 -36.96 105.75
CA ASP M 381 30.08 -36.49 107.13
C ASP M 381 31.12 -35.41 107.38
N GLU M 382 32.28 -35.52 106.72
CA GLU M 382 33.30 -34.48 106.84
C GLU M 382 32.79 -33.16 106.28
N GLU M 383 32.10 -33.20 105.15
CA GLU M 383 31.51 -31.98 104.59
C GLU M 383 30.42 -31.44 105.50
N TYR M 384 29.64 -32.33 106.12
CA TYR M 384 28.64 -31.88 107.09
C TYR M 384 29.30 -31.13 108.24
N GLN M 385 30.33 -31.71 108.84
CA GLN M 385 30.98 -31.07 109.98
C GLN M 385 31.84 -29.89 109.56
N ASN M 386 32.54 -30.01 108.42
CA ASN M 386 33.42 -28.96 107.92
C ASN M 386 32.93 -28.54 106.53
N PRO M 387 32.12 -27.49 106.45
CA PRO M 387 31.63 -27.05 105.14
C PRO M 387 32.74 -26.53 104.25
N HIS M 388 32.60 -26.78 102.94
CA HIS M 388 33.52 -26.30 101.92
C HIS M 388 34.97 -26.71 102.25
N THR M 389 35.14 -27.99 102.61
CA THR M 389 36.45 -28.49 102.98
C THR M 389 36.84 -29.70 102.14
N VAL M 390 35.86 -30.54 101.80
CA VAL M 390 36.12 -31.74 101.01
C VAL M 390 36.27 -31.35 99.55
N ASP M 391 36.80 -32.26 98.74
CA ASP M 391 37.02 -32.03 97.32
C ASP M 391 35.99 -32.78 96.50
N ARG M 392 35.36 -32.08 95.56
CA ARG M 392 34.33 -32.67 94.72
C ARG M 392 34.94 -33.17 93.41
N VAL M 393 34.13 -33.88 92.63
CA VAL M 393 34.57 -34.43 91.35
C VAL M 393 33.58 -34.00 90.27
N PRO M 394 34.05 -33.83 89.03
CA PRO M 394 33.15 -33.32 87.98
C PRO M 394 32.18 -34.38 87.50
N MET M 395 30.89 -34.04 87.57
CA MET M 395 29.83 -34.90 87.06
C MET M 395 29.02 -34.12 86.03
N GLY M 396 27.92 -34.74 85.60
CA GLY M 396 27.03 -34.10 84.65
C GLY M 396 27.57 -34.10 83.24
N LYS M 397 26.92 -33.30 82.39
CA LYS M 397 27.33 -33.18 81.00
C LYS M 397 28.67 -32.46 80.90
N LEU M 398 29.72 -33.19 80.52
CA LEU M 398 31.04 -32.57 80.39
C LEU M 398 31.06 -31.46 79.35
N PRO M 399 30.52 -31.63 78.12
CA PRO M 399 30.48 -30.48 77.20
C PRO M 399 29.20 -29.68 77.35
N HIS M 400 29.07 -28.99 78.49
CA HIS M 400 27.91 -28.16 78.75
C HIS M 400 27.94 -26.93 77.87
N MET M 401 27.12 -26.93 76.80
CA MET M 401 27.17 -25.85 75.82
C MET M 401 26.67 -24.53 76.42
N TRP M 402 25.82 -24.60 77.44
CA TRP M 402 25.34 -23.38 78.10
C TRP M 402 26.50 -22.63 78.74
N GLY M 403 27.12 -23.25 79.74
CA GLY M 403 28.22 -22.59 80.44
C GLY M 403 29.41 -22.32 79.53
N GLN M 404 29.69 -23.25 78.61
CA GLN M 404 30.80 -23.05 77.68
C GLN M 404 30.55 -21.85 76.78
N SER M 405 29.32 -21.70 76.28
CA SER M 405 28.99 -20.57 75.42
C SER M 405 29.09 -19.26 76.18
N LEU M 406 28.56 -19.21 77.40
CA LEU M 406 28.69 -17.98 78.18
C LEU M 406 30.14 -17.67 78.52
N TYR M 407 30.94 -18.69 78.81
CA TYR M 407 32.36 -18.47 79.09
C TYR M 407 33.09 -17.94 77.86
N ILE M 408 32.78 -18.50 76.68
CA ILE M 408 33.40 -18.03 75.45
C ILE M 408 33.01 -16.58 75.17
N LEU M 409 31.74 -16.24 75.36
CA LEU M 409 31.30 -14.86 75.16
C LEU M 409 31.99 -13.91 76.14
N GLY M 410 32.12 -14.33 77.39
CA GLY M 410 32.80 -13.49 78.37
C GLY M 410 34.27 -13.30 78.04
N SER M 411 34.94 -14.36 77.60
CA SER M 411 36.35 -14.24 77.20
C SER M 411 36.49 -13.31 76.00
N LEU M 412 35.59 -13.43 75.03
CA LEU M 412 35.64 -12.55 73.86
C LEU M 412 35.43 -11.09 74.27
N MET M 413 34.48 -10.84 75.17
CA MET M 413 34.23 -9.47 75.63
C MET M 413 35.42 -8.93 76.40
N ALA M 414 36.05 -9.76 77.24
CA ALA M 414 37.17 -9.30 78.06
C ALA M 414 38.41 -9.04 77.21
N GLU M 415 38.60 -9.84 76.15
CA GLU M 415 39.77 -9.66 75.31
C GLU M 415 39.73 -8.38 74.50
N GLY M 416 38.58 -7.70 74.45
CA GLY M 416 38.44 -6.45 73.74
C GLY M 416 38.01 -6.58 72.29
N PHE M 417 37.87 -7.81 71.78
CA PHE M 417 37.44 -7.99 70.40
C PHE M 417 35.98 -7.57 70.20
N LEU M 418 35.20 -7.47 71.27
CA LEU M 418 33.80 -7.07 71.18
C LEU M 418 33.52 -6.02 72.23
N ALA M 419 32.55 -5.15 71.92
CA ALA M 419 32.16 -4.06 72.79
C ALA M 419 30.81 -4.33 73.44
N PRO M 420 30.56 -3.76 74.62
CA PRO M 420 29.24 -3.96 75.26
C PRO M 420 28.09 -3.43 74.43
N GLY M 421 28.33 -2.42 73.58
CA GLY M 421 27.28 -1.87 72.75
C GLY M 421 26.93 -2.67 71.52
N GLU M 422 27.68 -3.74 71.23
CA GLU M 422 27.38 -4.58 70.08
C GLU M 422 26.32 -5.63 70.41
N ILE M 423 26.46 -6.32 71.54
CA ILE M 423 25.45 -7.28 71.97
C ILE M 423 24.16 -6.62 72.41
N ASP M 424 24.21 -5.34 72.79
CA ASP M 424 23.04 -4.61 73.28
C ASP M 424 22.86 -3.33 72.48
N PRO M 425 22.32 -3.44 71.25
CA PRO M 425 22.03 -2.23 70.48
C PRO M 425 20.89 -1.41 71.05
N LEU M 426 20.07 -1.98 71.93
CA LEU M 426 18.95 -1.28 72.52
C LEU M 426 19.34 -0.42 73.72
N ASN M 427 20.62 -0.43 74.11
CA ASN M 427 21.12 0.39 75.21
C ASN M 427 20.39 0.07 76.51
N ARG M 428 20.45 -1.20 76.93
CA ARG M 428 19.87 -1.64 78.18
C ARG M 428 20.84 -1.54 79.35
N ARG M 429 22.09 -1.14 79.11
CA ARG M 429 23.07 -1.02 80.19
C ARG M 429 22.74 0.15 81.11
N PHE M 430 22.09 1.18 80.60
CA PHE M 430 21.75 2.37 81.38
C PHE M 430 20.38 2.28 82.04
N SER M 431 19.90 1.06 82.31
CA SER M 431 18.61 0.91 82.97
C SER M 431 18.64 1.36 84.43
N THR M 432 19.83 1.46 85.03
CA THR M 432 19.97 1.89 86.41
C THR M 432 20.17 3.39 86.56
N VAL M 433 20.18 4.13 85.46
CA VAL M 433 20.35 5.59 85.54
C VAL M 433 19.11 6.20 86.17
N PRO M 434 19.24 6.98 87.25
CA PRO M 434 18.05 7.57 87.87
C PRO M 434 17.34 8.55 86.94
N LYS M 435 16.01 8.58 87.05
CA LYS M 435 15.20 9.53 86.29
C LYS M 435 15.11 10.85 87.03
N PRO M 436 15.48 11.98 86.40
CA PRO M 436 15.47 13.26 87.12
C PRO M 436 14.09 13.68 87.58
N ASP M 437 13.15 13.81 86.65
CA ASP M 437 11.78 14.23 86.95
C ASP M 437 10.97 14.15 85.66
N VAL M 438 9.65 14.14 85.81
CA VAL M 438 8.73 14.15 84.68
C VAL M 438 7.58 15.09 85.02
N VAL M 439 7.14 15.85 84.02
CA VAL M 439 6.04 16.80 84.17
C VAL M 439 4.83 16.25 83.44
N VAL M 440 3.74 16.06 84.17
CA VAL M 440 2.49 15.55 83.62
C VAL M 440 1.60 16.74 83.27
N GLN M 441 0.93 16.64 82.13
CA GLN M 441 0.02 17.69 81.67
C GLN M 441 -1.42 17.22 81.83
N VAL M 442 -2.30 18.12 82.25
CA VAL M 442 -3.71 17.82 82.44
C VAL M 442 -4.53 18.78 81.58
N SER M 443 -5.70 18.32 81.14
CA SER M 443 -6.63 19.12 80.35
C SER M 443 -7.99 19.09 81.02
N ILE M 444 -8.59 20.26 81.20
CA ILE M 444 -9.88 20.40 81.88
C ILE M 444 -10.93 20.65 80.81
N LEU M 445 -11.99 19.83 80.80
CA LEU M 445 -13.03 19.88 79.80
C LEU M 445 -14.39 20.11 80.45
N ALA M 446 -15.29 20.74 79.71
CA ALA M 446 -16.65 21.02 80.17
C ALA M 446 -17.63 20.19 79.36
N GLU M 447 -18.53 19.50 80.07
CA GLU M 447 -19.51 18.66 79.38
C GLU M 447 -20.56 19.49 78.66
N THR M 448 -21.02 20.58 79.27
CA THR M 448 -22.09 21.39 78.71
C THR M 448 -21.71 22.86 78.81
N GLU M 449 -22.53 23.71 78.19
CA GLU M 449 -22.27 25.15 78.21
C GLU M 449 -22.44 25.72 79.62
N GLU M 450 -23.39 25.18 80.39
CA GLU M 450 -23.59 25.67 81.76
C GLU M 450 -22.37 25.42 82.63
N ILE M 451 -21.73 24.25 82.46
CA ILE M 451 -20.52 23.95 83.23
C ILE M 451 -19.41 24.93 82.87
N LYS M 452 -19.24 25.21 81.58
CA LYS M 452 -18.22 26.17 81.16
C LYS M 452 -18.50 27.55 81.71
N THR M 453 -19.76 27.98 81.68
CA THR M 453 -20.12 29.29 82.22
C THR M 453 -19.85 29.36 83.71
N ILE M 454 -20.21 28.31 84.45
CA ILE M 454 -19.96 28.29 85.90
C ILE M 454 -18.47 28.34 86.18
N LEU M 455 -17.67 27.58 85.43
CA LEU M 455 -16.23 27.61 85.62
C LEU M 455 -15.64 28.97 85.30
N LYS M 456 -16.13 29.61 84.24
CA LYS M 456 -15.66 30.95 83.89
C LYS M 456 -16.02 31.94 84.98
N ASP M 457 -17.20 31.81 85.58
CA ASP M 457 -17.58 32.68 86.69
C ASP M 457 -16.63 32.53 87.87
N LYS M 458 -16.09 31.33 88.07
CA LYS M 458 -15.15 31.06 89.16
C LYS M 458 -13.70 31.29 88.75
N GLY M 459 -13.46 32.08 87.71
CA GLY M 459 -12.09 32.37 87.28
C GLY M 459 -11.37 31.21 86.65
N ILE M 460 -12.09 30.27 86.03
CA ILE M 460 -11.50 29.09 85.42
C ILE M 460 -11.87 29.09 83.94
N TYR M 461 -10.85 29.03 83.08
CA TYR M 461 -11.04 29.06 81.63
C TYR M 461 -10.86 27.66 81.07
N VAL M 462 -11.95 27.08 80.57
CA VAL M 462 -11.99 25.72 80.07
C VAL M 462 -12.66 25.73 78.69
N GLU M 463 -12.66 24.57 78.05
CA GLU M 463 -13.29 24.38 76.74
C GLU M 463 -14.31 23.26 76.83
N THR M 464 -15.39 23.39 76.05
CA THR M 464 -16.44 22.39 76.05
C THR M 464 -16.05 21.19 75.19
N ILE M 465 -16.93 20.19 75.15
CA ILE M 465 -16.68 19.01 74.33
C ILE M 465 -16.66 19.38 72.85
N ALA M 466 -17.50 20.33 72.46
CA ALA M 466 -17.47 20.85 71.10
C ALA M 466 -16.27 21.77 70.91
N GLU M 467 -16.18 22.36 69.72
CA GLU M 467 -15.14 23.33 69.34
C GLU M 467 -13.77 22.67 69.19
N VAL M 468 -13.65 21.39 69.52
CA VAL M 468 -12.38 20.68 69.44
C VAL M 468 -12.52 19.55 68.42
N TYR M 469 -13.36 19.80 67.40
CA TYR M 469 -13.70 18.82 66.35
C TYR M 469 -12.53 17.96 65.86
N PRO M 470 -11.32 18.47 65.64
CA PRO M 470 -10.22 17.58 65.24
C PRO M 470 -9.91 16.51 66.28
N ILE M 471 -10.25 16.74 67.56
CA ILE M 471 -10.00 15.78 68.62
C ILE M 471 -11.33 15.19 69.07
N ARG M 472 -11.29 13.93 69.50
CA ARG M 472 -12.47 13.23 69.97
C ARG M 472 -12.19 12.63 71.33
N VAL M 473 -13.17 12.74 72.23
CA VAL M 473 -13.07 12.24 73.60
C VAL M 473 -14.08 11.12 73.77
N GLN M 474 -13.60 9.95 74.19
CA GLN M 474 -14.43 8.77 74.38
C GLN M 474 -13.92 7.99 75.58
N PRO M 475 -14.77 7.17 76.20
CA PRO M 475 -14.33 6.36 77.34
C PRO M 475 -13.33 5.30 76.91
N ALA M 476 -12.56 4.82 77.91
CA ALA M 476 -11.50 3.85 77.66
C ALA M 476 -12.02 2.48 77.26
N ARG M 477 -13.31 2.20 77.47
CA ARG M 477 -13.86 0.93 76.99
C ARG M 477 -13.78 0.85 75.47
N ILE M 478 -13.84 2.00 74.79
CA ILE M 478 -13.73 2.01 73.33
C ILE M 478 -12.32 1.58 72.90
N LEU M 479 -11.29 2.11 73.54
CA LEU M 479 -9.93 1.74 73.16
C LEU M 479 -9.68 0.30 73.56
N HIS M 481 -11.95 -2.15 73.47
CA HIS M 481 -12.57 -2.92 72.40
C HIS M 481 -11.72 -2.87 71.12
N ILE M 482 -11.13 -1.71 70.86
CA ILE M 482 -10.28 -1.56 69.67
C ILE M 482 -9.03 -2.43 69.79
N TYR M 483 -8.37 -2.39 70.94
CA TYR M 483 -7.17 -3.18 71.15
C TYR M 483 -7.48 -4.66 71.21
N SER M 484 -8.72 -5.02 71.53
CA SER M 484 -9.12 -6.42 71.49
C SER M 484 -9.05 -7.00 70.08
N SER M 485 -9.02 -6.14 69.07
CA SER M 485 -8.91 -6.56 67.67
C SER M 485 -7.48 -6.41 67.13
N LEU M 486 -6.47 -6.58 67.99
CA LEU M 486 -5.08 -6.46 67.60
C LEU M 486 -4.47 -7.85 67.44
N GLY M 487 -3.78 -8.06 66.33
CA GLY M 487 -3.23 -9.38 66.04
C GLY M 487 -4.29 -10.41 65.76
N CYS M 488 -5.35 -10.03 65.06
CA CYS M 488 -6.46 -10.91 64.74
C CYS M 488 -6.32 -11.42 63.31
N ASN M 489 -6.29 -12.74 63.16
CA ASN M 489 -6.24 -13.38 61.85
C ASN M 489 -7.12 -14.62 61.87
N ASN M 490 -7.92 -14.78 60.82
CA ASN M 490 -8.86 -15.89 60.74
C ASN M 490 -8.22 -17.17 60.22
N ARG M 491 -7.13 -17.07 59.47
CA ARG M 491 -6.55 -18.24 58.84
C ARG M 491 -5.92 -19.17 59.88
N MET M 492 -5.11 -18.64 60.78
CA MET M 492 -4.50 -19.43 61.84
C MET M 492 -5.33 -19.45 63.11
N LYS M 493 -6.60 -19.03 63.03
CA LYS M 493 -7.56 -19.11 64.15
C LYS M 493 -7.02 -18.39 65.38
N LEU M 494 -6.67 -17.13 65.20
CA LEU M 494 -6.19 -16.27 66.28
C LEU M 494 -7.28 -15.27 66.63
N SER M 495 -7.62 -15.18 67.92
CA SER M 495 -8.67 -14.31 68.39
C SER M 495 -8.17 -12.95 68.85
N GLY M 496 -6.87 -12.69 68.75
CA GLY M 496 -6.32 -11.42 69.15
C GLY M 496 -6.22 -11.28 70.67
N ARG M 497 -5.90 -10.07 71.10
CA ARG M 497 -5.75 -9.79 72.52
C ARG M 497 -7.09 -9.92 73.23
N PRO M 498 -7.17 -10.66 74.33
CA PRO M 498 -8.43 -10.74 75.08
C PRO M 498 -8.79 -9.39 75.69
N TYR M 499 -10.09 -9.16 75.84
CA TYR M 499 -10.56 -7.93 76.45
C TYR M 499 -10.11 -7.83 77.90
N ARG M 500 -9.60 -6.66 78.29
CA ARG M 500 -9.09 -6.46 79.63
C ARG M 500 -9.16 -4.98 79.97
N HIS M 501 -9.18 -4.69 81.27
CA HIS M 501 -9.22 -3.31 81.74
C HIS M 501 -7.94 -2.57 81.36
N MET M 502 -8.06 -1.26 81.23
CA MET M 502 -6.96 -0.41 80.79
C MET M 502 -6.60 0.56 81.90
N GLY M 503 -5.32 0.63 82.25
CA GLY M 503 -4.85 1.48 83.33
C GLY M 503 -4.87 2.96 82.96
N VAL M 504 -3.94 3.70 83.56
CA VAL M 504 -3.89 5.14 83.36
C VAL M 504 -2.64 5.54 82.59
N LEU M 505 -1.66 4.64 82.50
CA LEU M 505 -0.40 4.99 81.83
C LEU M 505 -0.53 5.02 80.32
N GLY M 506 -1.56 4.38 79.76
CA GLY M 506 -1.75 4.37 78.32
C GLY M 506 -2.88 5.26 77.86
N THR M 507 -3.90 5.41 78.71
CA THR M 507 -4.98 6.35 78.41
C THR M 507 -4.47 7.78 78.32
N SER M 508 -3.42 8.12 79.07
CA SER M 508 -2.82 9.44 78.96
C SER M 508 -2.12 9.61 77.61
N LYS M 509 -1.57 8.52 77.08
CA LYS M 509 -0.93 8.58 75.77
C LYS M 509 -1.94 8.89 74.68
N LEU M 510 -1.51 9.68 73.70
CA LEU M 510 -2.36 10.04 72.57
C LEU M 510 -2.34 8.95 71.52
N TYR M 511 -3.46 8.78 70.84
CA TYR M 511 -3.62 7.76 69.81
C TYR M 511 -4.11 8.39 68.52
N ASP M 512 -3.57 7.94 67.41
CA ASP M 512 -3.95 8.43 66.09
C ASP M 512 -4.61 7.30 65.31
N ILE M 513 -5.89 7.45 65.00
CA ILE M 513 -6.66 6.45 64.28
C ILE M 513 -7.28 7.12 63.06
N ARG M 514 -7.03 6.57 61.89
CA ARG M 514 -7.58 7.08 60.62
C ARG M 514 -7.24 8.55 60.44
N LYS M 515 -5.99 8.91 60.70
CA LYS M 515 -5.50 10.28 60.58
C LYS M 515 -6.27 11.25 61.47
N THR M 516 -6.77 10.75 62.60
CA THR M 516 -7.50 11.56 63.57
C THR M 516 -6.94 11.31 64.96
N ILE M 517 -6.65 12.39 65.68
CA ILE M 517 -6.11 12.30 67.03
C ILE M 517 -7.24 11.93 67.98
N PHE M 518 -7.05 10.86 68.74
CA PHE M 518 -8.04 10.37 69.69
C PHE M 518 -7.50 10.49 71.10
N THR M 519 -8.26 11.17 71.96
CA THR M 519 -7.93 11.31 73.37
C THR M 519 -9.04 10.67 74.19
N PHE M 520 -8.67 9.88 75.19
CA PHE M 520 -9.62 9.10 75.96
C PHE M 520 -9.53 9.48 77.43
N THR M 521 -10.70 9.62 78.07
CA THR M 521 -10.74 9.86 79.50
C THR M 521 -10.31 8.62 80.27
N PRO M 522 -9.73 8.80 81.46
CA PRO M 522 -9.34 7.64 82.27
C PRO M 522 -10.56 6.82 82.67
N GLN M 523 -10.33 5.52 82.86
CA GLN M 523 -11.43 4.58 83.07
C GLN M 523 -12.10 4.74 84.43
N PHE M 524 -11.51 5.49 85.36
CA PHE M 524 -12.03 5.55 86.72
C PHE M 524 -13.21 6.50 86.89
N ILE M 525 -13.56 7.28 85.86
CA ILE M 525 -14.70 8.17 85.92
C ILE M 525 -15.95 7.52 85.35
N ASP M 526 -15.96 6.21 85.20
CA ASP M 526 -17.10 5.48 84.64
C ASP M 526 -18.04 5.11 85.78
N GLN M 527 -19.07 5.93 85.97
CA GLN M 527 -20.06 5.65 87.01
C GLN M 527 -20.93 4.45 86.66
N GLN M 528 -21.09 4.15 85.37
CA GLN M 528 -21.92 3.03 84.96
C GLN M 528 -21.32 1.70 85.42
N GLN M 529 -19.99 1.57 85.34
CA GLN M 529 -19.36 0.30 85.72
C GLN M 529 -19.50 0.03 87.22
N PHE M 530 -19.22 1.02 88.05
CA PHE M 530 -19.26 0.84 89.50
C PHE M 530 -19.47 2.19 90.16
N TYR M 531 -19.97 2.15 91.40
CA TYR M 531 -20.55 3.32 92.05
C TYR M 531 -19.56 4.11 92.90
N LEU M 532 -18.28 3.74 92.92
CA LEU M 532 -17.31 4.54 93.66
C LEU M 532 -17.10 5.90 93.01
N ALA M 533 -17.43 6.01 91.72
CA ALA M 533 -17.26 7.27 91.00
C ALA M 533 -18.25 8.34 91.45
N LEU M 534 -19.28 7.97 92.21
CA LEU M 534 -20.25 8.97 92.66
C LEU M 534 -19.67 9.84 93.76
N ASP M 535 -18.89 9.26 94.67
CA ASP M 535 -18.40 10.01 95.81
C ASP M 535 -17.33 11.02 95.39
N ASN M 536 -17.49 12.25 95.86
CA ASN M 536 -16.56 13.32 95.50
C ASN M 536 -15.18 13.10 96.12
N LYS M 537 -15.14 12.81 97.41
CA LYS M 537 -13.88 12.66 98.12
C LYS M 537 -13.08 11.48 97.58
N MET M 538 -13.76 10.36 97.32
CA MET M 538 -13.08 9.20 96.75
C MET M 538 -12.48 9.55 95.39
N ILE M 539 -13.24 10.26 94.56
CA ILE M 539 -12.74 10.62 93.22
C ILE M 539 -11.50 11.48 93.33
N VAL M 540 -11.53 12.53 94.16
CA VAL M 540 -10.36 13.41 94.22
C VAL M 540 -9.17 12.67 94.82
N GLU M 541 -9.41 11.82 95.82
CA GLU M 541 -8.32 11.10 96.46
C GLU M 541 -7.65 10.13 95.50
N MET M 542 -8.45 9.31 94.80
CA MET M 542 -7.83 8.34 93.91
C MET M 542 -7.29 8.99 92.64
N LEU M 543 -7.83 10.17 92.29
CA LEU M 543 -7.22 10.94 91.21
C LEU M 543 -5.83 11.44 91.61
N ARG M 544 -5.69 11.89 92.85
CA ARG M 544 -4.37 12.23 93.37
C ARG M 544 -3.45 11.01 93.35
N THR M 545 -3.96 9.85 93.76
CA THR M 545 -3.16 8.63 93.76
C THR M 545 -2.71 8.26 92.35
N ASP M 546 -3.62 8.34 91.38
CA ASP M 546 -3.29 8.02 89.99
C ASP M 546 -2.29 9.01 89.42
N LEU M 547 -2.42 10.29 89.77
CA LEU M 547 -1.48 11.31 89.32
C LEU M 547 -0.08 11.00 89.88
N TYR M 549 1.03 8.01 90.79
CA TYR M 549 1.49 6.81 90.10
C TYR M 549 2.05 7.15 88.73
N LEU M 550 1.35 8.01 88.00
CA LEU M 550 1.82 8.44 86.68
C LEU M 550 3.13 9.21 86.78
N CYS M 551 3.24 10.10 87.77
CA CYS M 551 4.46 10.88 87.93
C CYS M 551 5.63 10.02 88.41
N SER M 552 5.36 8.89 89.06
CA SER M 552 6.44 8.10 89.65
C SER M 552 7.29 7.43 88.57
N ARG M 553 6.70 6.51 87.80
CA ARG M 553 7.48 5.70 86.86
C ARG M 553 7.64 6.42 85.52
N TRP M 554 6.54 6.61 84.79
CA TRP M 554 6.52 7.19 83.45
C TRP M 554 7.70 6.71 82.60
N ARG M 555 7.78 5.39 82.43
CA ARG M 555 8.89 4.80 81.69
C ARG M 555 8.83 5.09 80.19
N MET M 556 7.67 5.46 79.67
CA MET M 556 7.51 5.63 78.24
C MET M 556 8.04 7.00 77.78
N THR M 557 8.26 7.11 76.47
CA THR M 557 8.79 8.32 75.87
C THR M 557 7.71 9.40 75.82
N GLY M 558 8.15 10.65 75.83
CA GLY M 558 7.28 11.78 75.63
C GLY M 558 6.56 12.23 76.89
N GLN M 559 5.87 13.36 76.75
CA GLN M 559 5.10 13.92 77.85
C GLN M 559 3.70 13.30 77.91
N PRO M 560 3.10 13.22 79.10
CA PRO M 560 1.74 12.67 79.20
C PRO M 560 0.67 13.74 79.09
N THR M 561 -0.59 13.32 79.00
CA THR M 561 -1.71 14.25 78.88
C THR M 561 -2.95 13.60 79.46
N ILE M 562 -3.55 14.24 80.47
CA ILE M 562 -4.72 13.71 81.17
C ILE M 562 -5.90 14.64 80.90
N THR M 563 -7.02 14.07 80.50
CA THR M 563 -8.25 14.81 80.24
C THR M 563 -9.26 14.50 81.34
N PHE M 564 -9.74 15.55 82.00
CA PHE M 564 -10.69 15.40 83.11
C PHE M 564 -11.98 16.13 82.77
N PRO M 565 -13.01 15.42 82.29
CA PRO M 565 -14.30 16.08 82.03
C PRO M 565 -15.07 16.30 83.32
N ILE M 566 -15.95 17.31 83.30
CA ILE M 566 -16.79 17.66 84.43
C ILE M 566 -18.21 17.21 84.12
N SER M 567 -18.67 16.17 84.81
CA SER M 567 -19.99 15.61 84.59
C SER M 567 -21.04 16.38 85.40
N HIS M 568 -22.31 16.10 85.14
CA HIS M 568 -23.41 16.74 85.85
C HIS M 568 -23.76 16.06 87.16
N SER M 569 -23.20 14.88 87.44
CA SER M 569 -23.46 14.18 88.69
C SER M 569 -22.62 14.70 89.85
N MET M 570 -21.71 15.63 89.58
CA MET M 570 -20.77 16.14 90.59
C MET M 570 -21.18 17.50 91.15
N LEU M 571 -22.32 18.02 90.73
CA LEU M 571 -22.77 19.34 91.14
C LEU M 571 -23.36 19.31 92.54
N ASP M 572 -23.64 20.50 93.07
CA ASP M 572 -24.20 20.61 94.40
C ASP M 572 -25.70 20.26 94.38
N GLU M 573 -26.35 20.45 95.53
CA GLU M 573 -27.76 20.13 95.65
C GLU M 573 -28.61 21.00 94.72
N ASP M 574 -28.29 22.28 94.63
CA ASP M 574 -29.04 23.19 93.77
C ASP M 574 -28.65 23.07 92.31
N GLY M 575 -27.55 22.39 91.99
CA GLY M 575 -27.12 22.25 90.61
C GLY M 575 -26.72 23.57 89.97
N THR M 576 -26.01 24.43 90.71
CA THR M 576 -25.59 25.72 90.21
C THR M 576 -24.10 25.99 90.37
N SER M 577 -23.37 25.18 91.14
CA SER M 577 -21.95 25.39 91.35
C SER M 577 -21.27 24.06 91.61
N LEU M 578 -19.95 24.04 91.42
CA LEU M 578 -19.19 22.81 91.62
C LEU M 578 -19.02 22.52 93.10
N ASN M 579 -18.68 21.27 93.40
CA ASN M 579 -18.45 20.85 94.78
C ASN M 579 -17.17 21.47 95.32
N SER M 580 -17.10 21.58 96.65
CA SER M 580 -15.93 22.19 97.28
C SER M 580 -14.67 21.38 97.02
N SER M 581 -14.76 20.05 97.08
CA SER M 581 -13.57 19.22 96.89
C SER M 581 -13.03 19.35 95.47
N ILE M 582 -13.91 19.29 94.47
CA ILE M 582 -13.47 19.40 93.08
C ILE M 582 -12.90 20.79 92.81
N LEU M 583 -13.55 21.83 93.34
CA LEU M 583 -13.05 23.19 93.16
C LEU M 583 -11.67 23.36 93.80
N ALA M 584 -11.48 22.81 95.00
CA ALA M 584 -10.17 22.91 95.64
C ALA M 584 -9.12 22.12 94.87
N ALA M 585 -9.48 20.95 94.35
CA ALA M 585 -8.54 20.17 93.55
C ALA M 585 -8.13 20.92 92.29
N LEU M 586 -9.09 21.56 91.63
CA LEU M 586 -8.77 22.31 90.41
C LEU M 586 -7.96 23.55 90.73
N ARG M 587 -8.23 24.19 91.87
CA ARG M 587 -7.43 25.34 92.28
C ARG M 587 -5.99 24.93 92.57
N LYS M 588 -5.80 23.77 93.21
CA LYS M 588 -4.46 23.23 93.37
C LYS M 588 -3.82 22.90 92.03
N MET M 589 -4.64 22.43 91.08
CA MET M 589 -4.15 22.17 89.73
C MET M 589 -3.62 23.44 89.08
N GLN M 590 -4.33 24.55 89.25
CA GLN M 590 -3.89 25.80 88.64
C GLN M 590 -2.59 26.30 89.23
N ASP M 591 -2.32 25.96 90.49
CA ASP M 591 -1.09 26.35 91.17
C ASP M 591 0.10 25.46 90.81
N GLY M 592 -0.10 24.50 89.92
CA GLY M 592 0.98 23.62 89.49
C GLY M 592 1.50 22.68 90.55
N TYR M 593 0.62 22.18 91.43
CA TYR M 593 1.01 21.21 92.43
C TYR M 593 -0.21 20.49 92.99
N PHE M 594 -0.17 19.15 93.00
CA PHE M 594 -1.26 18.36 93.55
C PHE M 594 -0.70 17.01 93.96
N GLY M 595 -0.75 16.72 95.26
CA GLY M 595 -0.17 15.49 95.78
C GLY M 595 1.34 15.48 95.69
N GLY M 596 1.87 14.67 94.78
CA GLY M 596 3.30 14.60 94.59
C GLY M 596 3.71 14.71 93.14
N ALA M 597 2.98 15.50 92.36
CA ALA M 597 3.25 15.65 90.94
C ALA M 597 3.18 17.12 90.55
N ARG M 598 3.90 17.46 89.49
CA ARG M 598 3.89 18.81 88.93
C ARG M 598 3.08 18.81 87.63
N VAL M 599 2.09 19.70 87.55
CA VAL M 599 1.20 19.77 86.41
C VAL M 599 1.14 21.20 85.91
N GLN M 600 0.88 21.34 84.61
CA GLN M 600 0.69 22.65 83.99
C GLN M 600 -0.60 22.59 83.17
N THR M 601 -1.64 23.25 83.67
CA THR M 601 -2.92 23.25 82.98
C THR M 601 -2.84 24.04 81.68
N GLY M 602 -3.50 23.53 80.66
CA GLY M 602 -3.49 24.18 79.37
C GLY M 602 -4.50 23.57 78.42
N LYS M 603 -4.41 23.98 77.17
CA LYS M 603 -5.31 23.52 76.12
C LYS M 603 -4.80 22.23 75.49
N LEU M 604 -5.74 21.44 74.96
CA LEU M 604 -5.36 20.19 74.31
C LEU M 604 -4.54 20.45 73.06
N SER M 605 -4.86 21.51 72.32
CA SER M 605 -4.08 21.83 71.13
C SER M 605 -2.64 22.16 71.47
N GLU M 606 -2.42 22.89 72.58
CA GLU M 606 -1.07 23.20 73.00
C GLU M 606 -0.31 21.94 73.38
N PHE M 607 -0.97 21.00 74.07
CA PHE M 607 -0.31 19.74 74.44
C PHE M 607 -0.07 18.86 73.22
N LEU M 608 -0.84 19.05 72.15
CA LEU M 608 -0.64 18.27 70.94
C LEU M 608 0.72 18.51 70.31
N THR M 609 1.32 19.69 70.54
CA THR M 609 2.61 19.99 69.94
C THR M 609 3.69 19.03 70.44
N THR M 610 3.69 18.72 71.74
CA THR M 610 4.69 17.83 72.32
C THR M 610 3.98 16.85 73.24
N SER M 611 3.87 15.60 72.79
CA SER M 611 3.25 14.53 73.57
C SER M 611 3.59 13.21 72.90
N CYS M 612 3.21 12.12 73.53
CA CYS M 612 3.43 10.78 72.99
C CYS M 612 2.21 10.38 72.17
N CYS M 613 2.40 10.22 70.87
CA CYS M 613 1.34 9.83 69.95
C CYS M 613 1.65 8.46 69.35
N THR M 614 0.66 7.58 69.38
CA THR M 614 0.80 6.23 68.84
C THR M 614 -0.17 6.05 67.68
N HIS M 615 0.34 5.51 66.58
CA HIS M 615 -0.45 5.28 65.37
C HIS M 615 -0.79 3.80 65.25
N LEU M 616 -2.07 3.50 65.09
CA LEU M 616 -2.56 2.13 64.98
C LEU M 616 -2.74 1.81 63.50
N SER M 617 -1.79 1.06 62.94
CA SER M 617 -1.87 0.69 61.53
C SER M 617 -2.90 -0.39 61.27
N PHE M 618 -3.22 -1.20 62.28
CA PHE M 618 -4.14 -2.32 62.10
C PHE M 618 -5.59 -1.86 61.93
N MET M 619 -5.90 -0.60 62.22
CA MET M 619 -7.25 -0.09 62.07
C MET M 619 -7.52 0.47 60.68
N ASP M 620 -6.52 0.50 59.81
CA ASP M 620 -6.71 0.97 58.45
C ASP M 620 -7.63 0.03 57.68
N PRO M 621 -8.58 0.57 56.91
CA PRO M 621 -9.51 -0.24 56.11
C PRO M 621 -8.80 -1.00 55.00
N ASP M 762 -49.76 -14.33 90.84
CA ASP M 762 -50.16 -13.66 89.62
C ASP M 762 -49.09 -12.68 89.15
N PHE M 763 -48.56 -12.91 87.95
CA PHE M 763 -47.53 -12.03 87.41
C PHE M 763 -48.06 -10.62 87.18
N LYS M 764 -49.29 -10.52 86.64
CA LYS M 764 -49.87 -9.20 86.39
C LYS M 764 -50.08 -8.43 87.69
N ALA M 765 -50.58 -9.11 88.72
CA ALA M 765 -50.78 -8.45 90.01
C ALA M 765 -49.46 -7.98 90.60
N LEU M 766 -48.43 -8.82 90.52
CA LEU M 766 -47.12 -8.42 91.03
C LEU M 766 -46.56 -7.23 90.26
N VAL M 767 -46.73 -7.22 88.94
CA VAL M 767 -46.25 -6.10 88.13
C VAL M 767 -46.98 -4.82 88.49
N LEU M 768 -48.31 -4.91 88.66
CA LEU M 768 -49.09 -3.73 89.05
C LEU M 768 -48.67 -3.22 90.42
N GLN M 769 -48.45 -4.13 91.37
CA GLN M 769 -48.01 -3.73 92.71
C GLN M 769 -46.64 -3.06 92.64
N LEU M 770 -45.71 -3.62 91.86
CA LEU M 770 -44.39 -3.02 91.73
C LEU M 770 -44.47 -1.63 91.10
N LYS M 771 -45.36 -1.46 90.11
CA LYS M 771 -45.52 -0.15 89.49
C LYS M 771 -46.11 0.86 90.47
N GLU M 772 -47.07 0.42 91.30
CA GLU M 772 -47.80 1.34 92.15
C GLU M 772 -47.22 1.49 93.56
N THR M 773 -46.23 0.69 93.93
CA THR M 773 -45.74 0.72 95.30
C THR M 773 -44.84 1.93 95.54
N SER M 774 -44.93 2.47 96.75
CA SER M 774 -44.02 3.51 97.23
C SER M 774 -42.86 2.82 97.97
N SER M 775 -42.07 3.59 98.73
CA SER M 775 -40.98 3.05 99.52
C SER M 775 -39.96 2.32 98.63
N LEU M 776 -39.26 3.13 97.83
CA LEU M 776 -38.33 2.67 96.80
C LEU M 776 -37.47 1.50 97.23
N GLN M 777 -37.11 1.44 98.52
CA GLN M 777 -36.40 0.26 99.02
C GLN M 777 -37.25 -1.00 98.87
N GLU M 778 -38.53 -0.91 99.21
CA GLU M 778 -39.43 -2.05 99.01
C GLU M 778 -39.62 -2.33 97.53
N GLN M 779 -39.58 -1.29 96.69
CA GLN M 779 -39.66 -1.50 95.25
C GLN M 779 -38.47 -2.31 94.75
N ALA M 780 -37.26 -1.97 95.20
CA ALA M 780 -36.07 -2.75 94.84
C ALA M 780 -36.16 -4.16 95.40
N ASP M 781 -36.70 -4.33 96.60
CA ASP M 781 -36.88 -5.66 97.17
C ASP M 781 -37.80 -6.51 96.30
N ILE M 782 -38.93 -5.93 95.88
CA ILE M 782 -39.88 -6.67 95.04
C ILE M 782 -39.25 -6.98 93.69
N LEU M 783 -38.45 -6.05 93.16
CA LEU M 783 -37.72 -6.31 91.92
C LEU M 783 -36.77 -7.48 92.10
N TYR M 784 -36.10 -7.57 93.25
CA TYR M 784 -35.21 -8.69 93.52
C TYR M 784 -35.97 -10.00 93.59
N MET M 785 -37.14 -10.00 94.24
CA MET M 785 -37.94 -11.23 94.30
C MET M 785 -38.40 -11.64 92.89
N LEU M 786 -38.81 -10.67 92.08
CA LEU M 786 -39.21 -10.99 90.71
C LEU M 786 -38.03 -11.55 89.91
N TYR M 787 -36.84 -10.95 90.09
CA TYR M 787 -35.65 -11.44 89.40
C TYR M 787 -35.34 -12.88 89.81
N THR M 788 -35.45 -13.19 91.10
CA THR M 788 -35.12 -14.52 91.58
C THR M 788 -36.15 -15.56 91.16
N MET M 789 -37.44 -15.20 91.16
CA MET M 789 -38.50 -16.17 90.93
C MET M 789 -38.72 -16.44 89.43
N LYS M 790 -39.11 -15.40 88.67
CA LYS M 790 -39.49 -15.61 87.28
C LYS M 790 -39.02 -14.49 86.36
N GLY M 791 -38.08 -13.66 86.80
CA GLY M 791 -37.63 -12.54 86.00
C GLY M 791 -36.15 -12.50 85.64
N PRO M 792 -35.55 -13.65 85.23
CA PRO M 792 -34.12 -13.62 84.88
C PRO M 792 -33.87 -12.71 83.68
N ASP M 793 -34.59 -12.97 82.59
CA ASP M 793 -34.57 -12.10 81.42
C ASP M 793 -35.94 -11.90 80.80
N TRP M 794 -37.00 -12.44 81.40
CA TRP M 794 -38.34 -12.29 80.86
C TRP M 794 -38.82 -10.85 80.99
N ASN M 795 -39.55 -10.39 79.98
CA ASN M 795 -40.10 -9.03 79.99
C ASN M 795 -41.18 -8.92 81.05
N THR M 796 -41.14 -7.84 81.83
CA THR M 796 -42.12 -7.61 82.88
C THR M 796 -43.47 -7.11 82.34
N GLU M 797 -43.52 -6.68 81.08
CA GLU M 797 -44.75 -6.18 80.46
C GLU M 797 -45.34 -5.00 81.22
N LEU M 798 -44.48 -4.24 81.90
CA LEU M 798 -44.95 -3.06 82.64
C LEU M 798 -45.50 -2.00 81.68
N TYR M 799 -44.80 -1.78 80.57
CA TYR M 799 -45.22 -0.80 79.57
C TYR M 799 -45.95 -1.50 78.43
N ASN M 800 -46.75 -0.72 77.70
CA ASN M 800 -47.54 -1.23 76.58
C ASN M 800 -46.96 -0.82 75.23
N GLU M 801 -46.55 0.43 75.08
CA GLU M 801 -46.01 0.89 73.81
C GLU M 801 -44.71 0.18 73.46
N ARG M 802 -43.82 0.01 74.45
CA ARG M 802 -42.53 -0.63 74.24
C ARG M 802 -42.33 -1.72 75.29
N SER M 803 -41.77 -2.85 74.85
CA SER M 803 -41.49 -3.97 75.74
C SER M 803 -40.08 -3.82 76.28
N ALA M 804 -39.98 -3.49 77.57
CA ALA M 804 -38.70 -3.30 78.24
C ALA M 804 -38.41 -4.48 79.16
N THR M 805 -37.21 -5.05 79.02
CA THR M 805 -36.85 -6.20 79.83
C THR M 805 -36.55 -5.78 81.27
N VAL M 806 -36.25 -6.78 82.11
CA VAL M 806 -35.96 -6.51 83.51
C VAL M 806 -34.66 -5.72 83.64
N ARG M 807 -33.70 -5.98 82.76
CA ARG M 807 -32.41 -5.28 82.84
C ARG M 807 -32.58 -3.79 82.58
N GLU M 808 -33.44 -3.41 81.62
CA GLU M 808 -33.68 -2.01 81.36
C GLU M 808 -34.31 -1.32 82.57
N LEU M 809 -35.27 -1.98 83.22
CA LEU M 809 -35.88 -1.42 84.42
C LEU M 809 -34.86 -1.28 85.54
N LEU M 810 -33.99 -2.27 85.70
CA LEU M 810 -32.95 -2.19 86.72
C LEU M 810 -31.99 -1.02 86.45
N THR M 811 -31.60 -0.84 85.19
CA THR M 811 -30.73 0.27 84.83
C THR M 811 -31.42 1.62 85.08
N GLU M 812 -32.70 1.71 84.74
CA GLU M 812 -33.44 2.95 85.00
C GLU M 812 -33.53 3.25 86.48
N LEU M 813 -33.80 2.21 87.29
CA LEU M 813 -33.86 2.41 88.74
C LEU M 813 -32.51 2.82 89.31
N TYR M 814 -31.44 2.21 88.82
CA TYR M 814 -30.10 2.58 89.27
C TYR M 814 -29.79 4.03 88.91
N GLY M 815 -30.14 4.44 87.69
CA GLY M 815 -29.92 5.83 87.31
C GLY M 815 -30.73 6.80 88.14
N LYS M 816 -31.98 6.45 88.44
CA LYS M 816 -32.81 7.31 89.29
C LYS M 816 -32.24 7.41 90.69
N VAL M 817 -31.77 6.29 91.25
CA VAL M 817 -31.22 6.32 92.60
C VAL M 817 -29.91 7.10 92.64
N GLY M 818 -29.10 7.03 91.57
CA GLY M 818 -27.85 7.77 91.54
C GLY M 818 -28.02 9.26 91.65
N GLU M 819 -29.17 9.79 91.24
CA GLU M 819 -29.42 11.23 91.36
C GLU M 819 -29.73 11.62 92.80
N ILE M 820 -30.53 10.82 93.50
CA ILE M 820 -30.91 11.17 94.87
C ILE M 820 -29.75 10.93 95.83
N ARG M 821 -28.76 10.13 95.40
CA ARG M 821 -27.56 9.85 96.20
C ARG M 821 -27.92 9.28 97.57
N HIS M 822 -28.72 8.22 97.55
CA HIS M 822 -29.18 7.54 98.75
C HIS M 822 -28.67 6.11 98.72
N TRP M 823 -27.77 5.78 99.64
CA TRP M 823 -27.15 4.45 99.69
C TRP M 823 -28.01 3.47 100.48
N GLY M 824 -29.20 3.18 99.96
CA GLY M 824 -30.11 2.25 100.63
C GLY M 824 -30.36 0.99 99.83
N LEU M 825 -30.30 1.10 98.50
CA LEU M 825 -30.50 -0.04 97.62
C LEU M 825 -29.45 -0.14 96.52
N ILE M 826 -28.42 0.72 96.54
CA ILE M 826 -27.37 0.65 95.54
C ILE M 826 -26.59 -0.65 95.68
N ARG M 827 -26.32 -1.07 96.92
CA ARG M 827 -25.63 -2.35 97.14
C ARG M 827 -26.46 -3.51 96.62
N TYR M 828 -27.78 -3.49 96.88
CA TYR M 828 -28.65 -4.54 96.38
C TYR M 828 -28.68 -4.58 94.86
N ILE M 829 -28.74 -3.41 94.22
CA ILE M 829 -28.76 -3.35 92.76
C ILE M 829 -27.44 -3.87 92.20
N SER M 830 -26.32 -3.49 92.81
CA SER M 830 -25.02 -3.97 92.34
C SER M 830 -24.91 -5.47 92.50
N GLY M 831 -25.41 -6.02 93.61
CA GLY M 831 -25.40 -7.46 93.78
C GLY M 831 -26.27 -8.18 92.77
N ILE M 832 -27.44 -7.64 92.48
CA ILE M 832 -28.34 -8.25 91.50
C ILE M 832 -27.71 -8.23 90.12
N LEU M 833 -27.14 -7.08 89.73
CA LEU M 833 -26.51 -6.96 88.42
C LEU M 833 -25.20 -7.72 88.32
N ARG M 834 -24.68 -8.24 89.44
CA ARG M 834 -23.41 -8.98 89.47
C ARG M 834 -22.25 -8.13 88.98
N LYS M 835 -22.30 -6.83 89.25
CA LYS M 835 -21.20 -5.94 88.88
C LYS M 835 -19.98 -6.24 89.74
N LYS M 836 -18.84 -6.37 89.09
CA LYS M 836 -17.58 -6.72 89.76
C LYS M 836 -16.61 -5.56 89.65
N VAL M 837 -15.84 -5.33 90.71
CA VAL M 837 -14.86 -4.25 90.71
C VAL M 837 -13.80 -4.53 89.66
N GLU M 838 -13.46 -3.51 88.88
CA GLU M 838 -12.46 -3.65 87.83
C GLU M 838 -11.08 -3.91 88.44
N ALA M 839 -10.28 -4.70 87.71
CA ALA M 839 -8.92 -5.06 88.12
C ALA M 839 -8.89 -5.73 89.49
N LEU M 840 -9.88 -6.59 89.77
CA LEU M 840 -9.88 -7.33 91.03
C LEU M 840 -8.72 -8.32 91.09
N ASP M 841 -8.40 -8.96 89.97
CA ASP M 841 -7.26 -9.88 89.94
C ASP M 841 -5.96 -9.14 90.20
N GLU M 842 -5.84 -7.92 89.67
CA GLU M 842 -4.66 -7.09 89.97
C GLU M 842 -4.54 -6.83 91.45
N ALA M 843 -5.66 -6.44 92.09
CA ALA M 843 -5.64 -6.19 93.53
C ALA M 843 -5.25 -7.44 94.30
N CYS M 844 -5.81 -8.59 93.91
CA CYS M 844 -5.48 -9.83 94.58
C CYS M 844 -4.00 -10.16 94.43
N THR M 845 -3.42 -9.89 93.25
CA THR M 845 -2.02 -10.27 93.05
C THR M 845 -1.07 -9.34 93.79
N ASP M 846 -1.39 -8.04 93.90
CA ASP M 846 -0.50 -7.21 94.72
C ASP M 846 -0.67 -7.54 96.19
N LEU M 847 -1.87 -7.95 96.60
CA LEU M 847 -2.04 -8.40 97.98
C LEU M 847 -1.23 -9.66 98.26
N LEU M 848 -1.21 -10.59 97.31
CA LEU M 848 -0.47 -11.84 97.50
C LEU M 848 1.04 -11.66 97.33
N SER M 849 1.48 -10.60 96.65
CA SER M 849 2.91 -10.40 96.41
C SER M 849 3.70 -10.18 97.69
N HIS M 850 3.04 -9.84 98.80
CA HIS M 850 3.70 -9.57 100.06
C HIS M 850 3.59 -10.74 101.04
N GLN M 851 3.43 -11.96 100.53
CA GLN M 851 3.34 -13.16 101.35
C GLN M 851 2.19 -13.07 102.36
N LYS M 852 0.98 -12.90 101.82
CA LYS M 852 -0.22 -12.78 102.62
C LYS M 852 -1.26 -13.79 102.16
N HIS M 853 -2.16 -14.15 103.08
CA HIS M 853 -3.23 -15.09 102.80
C HIS M 853 -4.59 -14.38 102.92
N LEU M 854 -5.48 -14.68 101.99
CA LEU M 854 -6.80 -14.04 101.96
C LEU M 854 -7.91 -15.04 102.28
N VAL M 856 -12.36 -15.24 102.65
CA VAL M 856 -13.61 -14.57 102.37
C VAL M 856 -14.75 -15.08 103.26
N GLY M 857 -15.53 -14.15 103.80
CA GLY M 857 -16.73 -14.48 104.55
C GLY M 857 -16.44 -14.89 105.99
N LEU M 858 -17.53 -15.14 106.71
CA LEU M 858 -17.42 -15.61 108.08
C LEU M 858 -16.73 -16.98 108.10
N PRO M 859 -15.98 -17.29 109.15
CA PRO M 859 -15.28 -18.58 109.23
C PRO M 859 -16.14 -19.67 109.83
N PRO M 860 -16.61 -20.63 109.04
CA PRO M 860 -16.84 -21.98 109.56
C PRO M 860 -15.65 -22.87 109.22
N GLU M 861 -15.71 -24.11 109.71
CA GLU M 861 -14.64 -25.07 109.42
C GLU M 861 -14.60 -25.49 107.95
N PRO M 862 -15.69 -26.03 107.34
CA PRO M 862 -15.55 -26.61 106.00
C PRO M 862 -15.29 -25.61 104.88
N ARG M 863 -16.10 -24.56 104.80
CA ARG M 863 -16.08 -23.65 103.67
C ARG M 863 -14.93 -22.64 103.81
N GLU M 864 -15.01 -21.57 103.01
CA GLU M 864 -13.99 -20.50 102.93
C GLU M 864 -12.58 -21.08 102.82
N LYS M 865 -12.32 -21.78 101.72
CA LYS M 865 -10.98 -22.28 101.45
C LYS M 865 -10.02 -21.11 101.26
N THR M 866 -8.82 -21.24 101.81
CA THR M 866 -7.84 -20.16 101.75
C THR M 866 -7.30 -19.99 100.34
N ILE M 867 -6.76 -18.80 100.07
CA ILE M 867 -6.17 -18.47 98.78
C ILE M 867 -4.67 -18.30 98.98
N SER M 868 -3.89 -19.06 98.24
CA SER M 868 -2.43 -19.03 98.37
C SER M 868 -1.70 -18.67 97.09
N ALA M 869 -2.32 -18.81 95.92
CA ALA M 869 -1.71 -18.54 94.64
C ALA M 869 -2.63 -17.65 93.81
N PRO M 870 -2.06 -16.85 92.90
CA PRO M 870 -2.91 -16.03 92.03
C PRO M 870 -3.81 -16.89 91.16
N LEU M 871 -5.02 -16.40 90.95
CA LEU M 871 -6.06 -17.11 90.22
C LEU M 871 -6.72 -16.16 89.22
N PRO M 872 -7.28 -16.68 88.13
CA PRO M 872 -7.87 -15.82 87.11
C PRO M 872 -9.08 -15.06 87.63
N TYR M 873 -9.52 -14.09 86.83
CA TYR M 873 -10.65 -13.24 87.21
C TYR M 873 -11.93 -14.07 87.35
N GLU M 874 -12.17 -14.99 86.42
CA GLU M 874 -13.37 -15.82 86.50
C GLU M 874 -13.37 -16.69 87.75
N ALA M 875 -12.23 -17.32 88.05
CA ALA M 875 -12.13 -18.14 89.24
C ALA M 875 -12.30 -17.31 90.51
N LEU M 876 -11.71 -16.12 90.54
CA LEU M 876 -11.85 -15.25 91.69
C LEU M 876 -13.30 -14.84 91.91
N THR M 877 -13.99 -14.48 90.82
CA THR M 877 -15.40 -14.11 90.93
C THR M 877 -16.24 -15.29 91.39
N GLN M 878 -15.96 -16.48 90.86
CA GLN M 878 -16.71 -17.67 91.28
C GLN M 878 -16.50 -17.96 92.77
N LEU M 879 -15.25 -17.85 93.24
CA LEU M 879 -14.97 -18.08 94.66
C LEU M 879 -15.65 -17.02 95.53
N ILE M 880 -15.63 -15.77 95.08
CA ILE M 880 -16.29 -14.70 95.85
C ILE M 880 -17.79 -14.96 95.94
N ASP M 881 -18.41 -15.34 94.81
CA ASP M 881 -19.84 -15.62 94.83
C ASP M 881 -20.17 -16.83 95.71
N GLU M 882 -19.34 -17.87 95.64
CA GLU M 882 -19.58 -19.05 96.47
C GLU M 882 -19.48 -18.72 97.96
N ALA M 883 -18.48 -17.92 98.33
CA ALA M 883 -18.36 -17.50 99.73
C ALA M 883 -19.50 -16.59 100.13
N SER M 884 -19.98 -15.75 99.21
CA SER M 884 -21.06 -14.82 99.52
C SER M 884 -22.37 -15.55 99.75
N GLU M 885 -22.63 -16.59 98.96
CA GLU M 885 -23.86 -17.38 99.05
C GLU M 885 -25.09 -16.52 98.79
N GLY M 886 -26.12 -16.66 99.61
CA GLY M 886 -27.40 -16.03 99.38
C GLY M 886 -27.58 -14.63 99.94
N ASP M 887 -26.56 -14.04 100.55
CA ASP M 887 -26.72 -12.70 101.11
C ASP M 887 -26.46 -11.62 100.07
N MET M 888 -25.89 -11.99 98.92
CA MET M 888 -25.70 -11.10 97.78
C MET M 888 -24.81 -9.91 98.08
N SER M 889 -25.26 -9.00 98.95
CA SER M 889 -24.51 -7.78 99.22
C SER M 889 -23.18 -8.06 99.92
N ILE M 890 -23.02 -9.23 100.52
CA ILE M 890 -21.76 -9.57 101.17
C ILE M 890 -20.64 -9.64 100.15
N SER M 891 -20.95 -10.08 98.92
CA SER M 891 -19.94 -10.12 97.87
C SER M 891 -19.45 -8.71 97.54
N ILE M 892 -20.37 -7.75 97.42
CA ILE M 892 -19.98 -6.38 97.12
C ILE M 892 -19.17 -5.79 98.27
N LEU M 893 -19.61 -6.02 99.51
CA LEU M 893 -18.86 -5.54 100.66
C LEU M 893 -17.47 -6.14 100.70
N THR M 894 -17.35 -7.44 100.41
CA THR M 894 -16.04 -8.09 100.38
C THR M 894 -15.15 -7.49 99.30
N GLN M 895 -15.70 -7.25 98.11
CA GLN M 895 -14.90 -6.65 97.04
C GLN M 895 -14.41 -5.27 97.44
N GLU M 896 -15.28 -4.48 98.09
CA GLU M 896 -14.86 -3.18 98.60
C GLU M 896 -13.72 -3.35 99.60
N ILE M 897 -13.83 -4.35 100.48
CA ILE M 897 -12.80 -4.56 101.50
C ILE M 897 -11.46 -4.90 100.85
N MET M 898 -11.46 -5.81 99.88
CA MET M 898 -10.19 -6.19 99.25
C MET M 898 -9.59 -5.03 98.46
N VAL M 899 -10.43 -4.25 97.76
CA VAL M 899 -9.87 -3.13 97.01
C VAL M 899 -9.30 -2.07 97.95
N TYR M 900 -9.97 -1.84 99.08
CA TYR M 900 -9.46 -0.88 100.06
C TYR M 900 -8.13 -1.35 100.63
N LEU M 901 -8.04 -2.62 101.03
CA LEU M 901 -6.76 -3.13 101.52
C LEU M 901 -5.69 -3.05 100.44
N ALA M 902 -6.06 -3.32 99.18
CA ALA M 902 -5.09 -3.32 98.10
C ALA M 902 -4.49 -1.94 97.89
N MET M 903 -5.32 -0.91 97.76
CA MET M 903 -4.74 0.40 97.44
C MET M 903 -4.26 1.12 98.69
N TYR M 904 -4.61 0.60 99.88
CA TYR M 904 -3.97 1.07 101.10
C TYR M 904 -2.59 0.46 101.31
N MET M 905 -2.36 -0.75 100.77
CA MET M 905 -1.05 -1.37 100.88
C MET M 905 0.01 -0.54 100.17
N ARG M 906 -0.30 -0.05 98.96
CA ARG M 906 0.69 0.67 98.18
C ARG M 906 1.11 1.97 98.85
N THR M 907 0.14 2.74 99.34
CA THR M 907 0.45 4.04 99.94
C THR M 907 1.17 3.89 101.27
N GLN M 908 0.64 3.04 102.15
CA GLN M 908 1.17 2.85 103.50
C GLN M 908 1.38 1.37 103.76
N PRO M 909 2.53 0.82 103.36
CA PRO M 909 2.87 -0.58 103.65
C PRO M 909 3.47 -0.77 105.04
N GLY M 910 2.87 -0.12 106.04
CA GLY M 910 3.31 -0.27 107.42
C GLY M 910 2.18 -0.73 108.32
N LEU M 911 0.94 -0.44 107.90
CA LEU M 911 -0.22 -0.91 108.66
C LEU M 911 -0.51 -2.38 108.38
N PHE M 912 0.04 -2.92 107.31
CA PHE M 912 -0.19 -4.30 106.92
C PHE M 912 0.94 -5.24 107.31
N ALA M 913 1.84 -4.80 108.20
CA ALA M 913 2.88 -5.68 108.71
C ALA M 913 2.42 -6.35 110.00
N GLU M 914 3.17 -7.37 110.41
CA GLU M 914 3.05 -8.12 111.67
C GLU M 914 1.89 -9.10 111.71
N MET M 915 1.04 -9.15 110.69
CA MET M 915 0.01 -10.18 110.58
C MET M 915 0.26 -10.99 109.31
N PHE M 916 -0.27 -12.22 109.30
CA PHE M 916 0.01 -13.16 108.23
C PHE M 916 -1.17 -13.38 107.28
N ARG M 917 -2.39 -13.30 107.78
CA ARG M 917 -3.57 -13.60 106.98
C ARG M 917 -4.60 -12.49 107.11
N LEU M 918 -5.40 -12.31 106.06
CA LEU M 918 -6.48 -11.33 106.02
C LEU M 918 -7.80 -12.08 105.94
N ARG M 919 -8.72 -11.77 106.87
CA ARG M 919 -10.04 -12.39 106.91
C ARG M 919 -11.07 -11.31 106.66
N ILE M 920 -11.64 -11.31 105.45
CA ILE M 920 -12.62 -10.28 105.08
C ILE M 920 -13.87 -10.39 105.94
N GLY M 921 -14.37 -11.61 106.15
CA GLY M 921 -15.57 -11.79 106.95
C GLY M 921 -15.38 -11.38 108.40
N LEU M 922 -14.23 -11.74 108.98
CA LEU M 922 -13.93 -11.32 110.33
C LEU M 922 -13.82 -9.81 110.43
N ILE M 923 -13.22 -9.18 109.41
CA ILE M 923 -13.12 -7.72 109.39
C ILE M 923 -14.51 -7.10 109.34
N ILE M 924 -15.39 -7.65 108.51
CA ILE M 924 -16.76 -7.12 108.40
C ILE M 924 -17.50 -7.29 109.72
N GLN M 925 -17.34 -8.43 110.38
CA GLN M 925 -17.97 -8.64 111.67
C GLN M 925 -17.43 -7.65 112.70
N VAL M 926 -16.12 -7.37 112.66
CA VAL M 926 -15.52 -6.38 113.56
C VAL M 926 -16.13 -5.01 113.31
N MET M 927 -16.28 -4.63 112.03
CA MET M 927 -16.90 -3.35 111.71
C MET M 927 -18.33 -3.27 112.23
N ALA M 928 -19.10 -4.34 112.05
CA ALA M 928 -20.48 -4.35 112.52
C ALA M 928 -20.53 -4.24 114.04
N THR M 929 -19.66 -4.95 114.75
CA THR M 929 -19.62 -4.88 116.21
C THR M 929 -19.24 -3.47 116.67
N GLU M 930 -18.26 -2.85 116.03
CA GLU M 930 -17.86 -1.50 116.40
C GLU M 930 -18.98 -0.50 116.14
N LEU M 931 -19.68 -0.64 115.02
CA LEU M 931 -20.81 0.24 114.73
C LEU M 931 -21.92 0.06 115.76
N ALA M 932 -22.21 -1.19 116.13
CA ALA M 932 -23.24 -1.45 117.14
C ALA M 932 -22.85 -0.84 118.48
N HIS M 933 -21.58 -0.97 118.86
CA HIS M 933 -21.13 -0.40 120.13
C HIS M 933 -21.21 1.13 120.10
N SER M 934 -20.81 1.75 118.98
CA SER M 934 -20.83 3.20 118.88
C SER M 934 -22.25 3.74 118.90
N LEU M 935 -23.16 3.10 118.17
CA LEU M 935 -24.54 3.56 118.09
C LEU M 935 -25.44 2.97 119.17
N ARG M 936 -24.94 2.01 119.96
CA ARG M 936 -25.72 1.37 121.00
C ARG M 936 -27.03 0.80 120.45
N CYS M 937 -26.94 0.19 119.27
CA CYS M 937 -28.08 -0.36 118.57
C CYS M 937 -27.92 -1.87 118.40
N SER M 938 -28.92 -2.48 117.77
CA SER M 938 -28.91 -3.92 117.54
C SER M 938 -28.02 -4.28 116.35
N ALA M 939 -27.87 -5.59 116.13
CA ALA M 939 -27.05 -6.06 115.02
C ALA M 939 -27.64 -5.67 113.67
N GLU M 940 -28.96 -5.79 113.54
CA GLU M 940 -29.61 -5.39 112.29
C GLU M 940 -29.45 -3.90 112.03
N GLU M 941 -29.62 -3.07 113.06
CA GLU M 941 -29.41 -1.64 112.92
C GLU M 941 -27.95 -1.32 112.59
N ALA M 942 -27.02 -2.07 113.19
CA ALA M 942 -25.60 -1.88 112.88
C ALA M 942 -25.32 -2.20 111.42
N THR M 943 -25.89 -3.28 110.90
CA THR M 943 -25.69 -3.63 109.50
C THR M 943 -26.33 -2.58 108.59
N GLU M 944 -27.49 -2.07 108.96
CA GLU M 944 -28.13 -1.02 108.17
C GLU M 944 -27.28 0.24 108.13
N GLY M 945 -26.72 0.63 109.28
CA GLY M 945 -25.83 1.78 109.31
C GLY M 945 -24.56 1.56 108.51
N LEU M 946 -24.03 0.33 108.55
CA LEU M 946 -22.83 0.03 107.78
C LEU M 946 -23.11 0.12 106.27
N MET M 947 -24.24 -0.41 105.83
CA MET M 947 -24.53 -0.41 104.40
C MET M 947 -24.97 0.97 103.92
N ASN M 948 -25.53 1.78 104.82
CA ASN M 948 -25.99 3.11 104.44
C ASN M 948 -24.86 4.14 104.35
N LEU M 949 -23.71 3.85 104.93
CA LEU M 949 -22.61 4.81 104.94
C LEU M 949 -21.94 4.90 103.58
N SER M 950 -21.34 6.05 103.28
CA SER M 950 -20.71 6.29 102.00
C SER M 950 -19.40 5.50 101.88
N PRO M 951 -18.94 5.24 100.65
CA PRO M 951 -17.65 4.56 100.49
C PRO M 951 -16.49 5.29 101.12
N SER M 952 -16.50 6.64 101.12
CA SER M 952 -15.48 7.39 101.83
C SER M 952 -15.52 7.12 103.31
N ALA M 953 -16.73 7.03 103.88
CA ALA M 953 -16.86 6.67 105.29
C ALA M 953 -16.35 5.25 105.54
N MET M 954 -16.58 4.33 104.60
CA MET M 954 -16.03 2.99 104.72
C MET M 954 -14.50 3.01 104.73
N LYS M 955 -13.90 3.81 103.84
CA LYS M 955 -12.46 3.94 103.83
C LYS M 955 -11.92 4.49 105.15
N ASN M 956 -12.57 5.55 105.66
CA ASN M 956 -12.12 6.14 106.91
C ASN M 956 -12.27 5.15 108.07
N LEU M 957 -13.37 4.42 108.10
CA LEU M 957 -13.58 3.43 109.16
C LEU M 957 -12.55 2.32 109.10
N LEU M 958 -12.25 1.83 107.88
CA LEU M 958 -11.24 0.78 107.76
C LEU M 958 -9.87 1.28 108.16
N HIS M 959 -9.54 2.53 107.79
CA HIS M 959 -8.27 3.11 108.21
C HIS M 959 -8.19 3.20 109.73
N HIS M 960 -9.27 3.67 110.37
CA HIS M 960 -9.28 3.77 111.83
C HIS M 960 -9.14 2.41 112.48
N ILE M 961 -9.82 1.39 111.94
CA ILE M 961 -9.74 0.04 112.50
C ILE M 961 -8.34 -0.53 112.33
N LEU M 962 -7.74 -0.34 111.17
CA LEU M 962 -6.41 -0.84 110.89
C LEU M 962 -5.36 -0.19 111.78
N GLY M 964 -6.12 0.85 114.69
CA GLY M 964 -6.48 0.42 116.03
C GLY M 964 -6.55 1.59 117.00
N LYS M 965 -7.25 2.64 116.60
CA LYS M 965 -7.36 3.86 117.38
C LYS M 965 -8.83 4.21 117.58
N GLU M 966 -9.10 4.96 118.64
CA GLU M 966 -10.46 5.38 118.95
C GLU M 966 -10.53 6.91 119.11
N GLN M 1053 -12.67 -1.11 128.52
CA GLN M 1053 -11.89 -0.64 127.39
C GLN M 1053 -10.84 -1.65 126.98
N TRP M 1054 -10.19 -2.26 127.97
CA TRP M 1054 -9.13 -3.22 127.67
C TRP M 1054 -9.68 -4.52 127.09
N GLN M 1055 -10.89 -4.91 127.53
CA GLN M 1055 -11.51 -6.10 126.94
C GLN M 1055 -11.80 -5.91 125.46
N ARG M 1056 -12.33 -4.75 125.09
CA ARG M 1056 -12.58 -4.47 123.68
C ARG M 1056 -11.28 -4.41 122.89
N ARG M 1057 -10.23 -3.84 123.48
CA ARG M 1057 -8.94 -3.79 122.80
C ARG M 1057 -8.38 -5.20 122.57
N ARG M 1058 -8.50 -6.06 123.58
CA ARG M 1058 -8.02 -7.44 123.44
C ARG M 1058 -8.84 -8.19 122.39
N ARG M 1059 -10.16 -7.97 122.35
CA ARG M 1059 -10.99 -8.59 121.33
C ARG M 1059 -10.59 -8.10 119.94
N LEU M 1060 -10.31 -6.80 119.80
CA LEU M 1060 -9.87 -6.26 118.52
C LEU M 1060 -8.55 -6.87 118.08
N ASP M 1061 -7.60 -6.99 119.01
CA ASP M 1061 -6.30 -7.57 118.67
C ASP M 1061 -6.43 -9.04 118.28
N GLY M 1062 -7.24 -9.80 119.02
CA GLY M 1062 -7.41 -11.21 118.71
C GLY M 1062 -8.14 -11.45 117.40
N ALA M 1063 -9.14 -10.62 117.11
CA ALA M 1063 -9.94 -10.81 115.90
C ALA M 1063 -9.09 -10.65 114.65
N LEU M 1064 -8.18 -9.67 114.64
CA LEU M 1064 -7.30 -9.42 113.50
C LEU M 1064 -6.02 -10.23 113.56
N ASN M 1065 -5.89 -11.14 114.53
CA ASN M 1065 -4.73 -12.02 114.72
C ASN M 1065 -3.42 -11.26 114.54
N ARG M 1066 -3.27 -10.20 115.33
CA ARG M 1066 -2.07 -9.39 115.32
C ARG M 1066 -1.05 -9.98 116.28
N VAL M 1067 0.15 -10.26 115.77
CA VAL M 1067 1.21 -10.90 116.55
C VAL M 1067 2.50 -10.13 116.34
N PRO M 1068 3.42 -10.22 117.31
CA PRO M 1068 4.73 -9.57 117.13
C PRO M 1068 5.53 -10.20 116.00
N VAL M 1069 6.50 -9.44 115.51
CA VAL M 1069 7.30 -9.87 114.38
C VAL M 1069 8.10 -11.13 114.72
N GLY M 1070 8.69 -11.16 115.92
CA GLY M 1070 9.51 -12.29 116.32
C GLY M 1070 8.74 -13.41 116.98
N PHE M 1071 7.41 -13.37 116.86
CA PHE M 1071 6.57 -14.40 117.47
C PHE M 1071 6.86 -15.77 116.87
N TYR M 1072 7.03 -15.83 115.54
CA TYR M 1072 7.33 -17.11 114.89
C TYR M 1072 8.66 -17.68 115.36
N GLN M 1073 9.68 -16.82 115.47
CA GLN M 1073 10.98 -17.28 115.95
C GLN M 1073 10.90 -17.74 117.40
N LYS M 1074 10.14 -17.01 118.24
CA LYS M 1074 9.98 -17.42 119.63
C LYS M 1074 9.29 -18.77 119.73
N VAL M 1075 8.23 -18.98 118.92
CA VAL M 1075 7.53 -20.25 118.94
C VAL M 1075 8.43 -21.38 118.46
N TRP M 1076 9.24 -21.12 117.43
CA TRP M 1076 10.17 -22.13 116.93
C TRP M 1076 11.20 -22.49 117.99
N LYS M 1077 11.74 -21.49 118.69
CA LYS M 1077 12.71 -21.77 119.75
C LYS M 1077 12.07 -22.54 120.90
N VAL M 1078 10.83 -22.19 121.25
CA VAL M 1078 10.14 -22.92 122.32
C VAL M 1078 9.92 -24.37 121.92
N LEU M 1079 9.49 -24.60 120.69
CA LEU M 1079 9.32 -25.97 120.21
C LEU M 1079 10.64 -26.72 120.17
N GLN M 1080 11.74 -26.02 119.87
CA GLN M 1080 13.05 -26.65 119.93
C GLN M 1080 13.41 -27.05 121.36
N LYS M 1081 13.09 -26.21 122.33
CA LYS M 1081 13.48 -26.42 123.72
C LYS M 1081 12.43 -27.19 124.53
N CYS M 1082 11.32 -27.58 123.92
CA CYS M 1082 10.26 -28.29 124.63
C CYS M 1082 9.75 -29.45 123.78
N HIS M 1083 9.17 -30.43 124.45
CA HIS M 1083 8.61 -31.59 123.73
C HIS M 1083 7.42 -31.19 122.88
N GLY M 1084 6.60 -30.26 123.37
CA GLY M 1084 5.45 -29.81 122.60
C GLY M 1084 4.61 -28.86 123.42
N LEU M 1085 3.54 -28.38 122.78
CA LEU M 1085 2.59 -27.46 123.40
C LEU M 1085 1.19 -28.05 123.31
N SER M 1086 0.43 -27.92 124.40
CA SER M 1086 -0.94 -28.39 124.47
C SER M 1086 -1.88 -27.20 124.48
N VAL M 1087 -2.86 -27.21 123.57
CA VAL M 1087 -3.77 -26.09 123.37
C VAL M 1087 -5.18 -26.55 123.72
N GLU M 1088 -5.29 -27.42 124.73
CA GLU M 1088 -6.53 -28.03 125.19
C GLU M 1088 -7.29 -28.70 124.03
N GLY M 1089 -6.52 -29.43 123.21
CA GLY M 1089 -7.04 -30.15 122.08
C GLY M 1089 -5.95 -30.38 121.05
N PHE M 1090 -5.90 -31.59 120.50
CA PHE M 1090 -4.83 -31.99 119.59
C PHE M 1090 -3.45 -31.80 120.23
N VAL M 1091 -2.40 -31.73 119.43
CA VAL M 1091 -1.06 -31.51 119.95
C VAL M 1091 -0.19 -30.99 118.81
N LEU M 1092 0.85 -30.24 119.18
CA LEU M 1092 1.83 -29.73 118.21
C LEU M 1092 3.18 -30.35 118.52
N PRO M 1093 3.59 -31.38 117.77
CA PRO M 1093 4.87 -32.04 118.08
C PRO M 1093 6.06 -31.16 117.76
N SER M 1094 7.17 -31.44 118.47
CA SER M 1094 8.41 -30.72 118.25
C SER M 1094 9.24 -31.32 117.12
N SER M 1095 8.80 -32.42 116.51
CA SER M 1095 9.55 -33.03 115.42
C SER M 1095 9.51 -32.20 114.15
N THR M 1096 8.66 -31.18 114.09
CA THR M 1096 8.56 -30.35 112.90
C THR M 1096 9.64 -29.29 112.81
N THR M 1097 10.43 -29.10 113.87
CA THR M 1097 11.45 -28.05 113.84
C THR M 1097 12.64 -28.45 112.98
N ARG M 1098 12.92 -29.75 112.87
CA ARG M 1098 14.01 -30.20 112.01
C ARG M 1098 13.61 -30.17 110.54
N GLU M 1099 12.32 -30.37 110.26
CA GLU M 1099 11.86 -30.42 108.88
C GLU M 1099 11.69 -29.02 108.31
N MET M 1100 11.78 -28.00 109.15
CA MET M 1100 11.49 -26.63 108.71
C MET M 1100 12.48 -25.64 109.30
N THR M 1101 12.38 -24.41 108.83
CA THR M 1101 13.18 -23.27 109.24
C THR M 1101 12.26 -22.15 109.68
N PRO M 1102 12.71 -21.27 110.57
CA PRO M 1102 11.83 -20.19 111.05
C PRO M 1102 11.38 -19.24 109.95
N GLY M 1103 12.16 -19.08 108.89
CA GLY M 1103 11.85 -18.12 107.85
C GLY M 1103 10.90 -18.59 106.78
N GLU M 1104 10.34 -19.80 106.89
CA GLU M 1104 9.46 -20.34 105.86
C GLU M 1104 8.00 -20.14 106.25
N ILE M 1105 7.15 -19.95 105.24
CA ILE M 1105 5.77 -19.53 105.46
C ILE M 1105 4.92 -20.63 106.09
N LYS M 1106 5.09 -21.87 105.64
CA LYS M 1106 4.18 -22.94 106.06
C LYS M 1106 4.31 -23.22 107.54
N PHE M 1107 5.50 -22.98 108.12
CA PHE M 1107 5.62 -23.09 109.57
C PHE M 1107 4.74 -22.06 110.27
N SER M 1108 4.73 -20.82 109.76
CA SER M 1108 3.88 -19.78 110.33
C SER M 1108 2.41 -20.14 110.18
N VAL M 1109 2.02 -20.67 109.02
CA VAL M 1109 0.62 -21.01 108.81
C VAL M 1109 0.21 -22.17 109.71
N HIS M 1110 1.12 -23.12 109.95
CA HIS M 1110 0.85 -24.22 110.87
C HIS M 1110 0.68 -23.70 112.29
N VAL M 1111 1.54 -22.77 112.72
CA VAL M 1111 1.40 -22.19 114.05
C VAL M 1111 0.07 -21.45 114.18
N GLU M 1112 -0.29 -20.68 113.15
CA GLU M 1112 -1.56 -19.95 113.19
C GLU M 1112 -2.75 -20.91 113.24
N SER M 1113 -2.71 -21.98 112.45
CA SER M 1113 -3.81 -22.95 112.46
C SER M 1113 -3.93 -23.64 113.81
N VAL M 1114 -2.79 -23.97 114.42
CA VAL M 1114 -2.80 -24.56 115.75
C VAL M 1114 -3.41 -23.59 116.76
N LEU M 1115 -3.03 -22.31 116.67
CA LEU M 1115 -3.56 -21.30 117.58
C LEU M 1115 -4.96 -20.83 117.21
N ASN M 1116 -5.47 -21.18 116.03
CA ASN M 1116 -6.79 -20.75 115.60
C ASN M 1116 -7.90 -21.69 116.04
N ARG M 1117 -7.57 -22.79 116.73
CA ARG M 1117 -8.60 -23.71 117.18
C ARG M 1117 -9.55 -23.04 118.18
N VAL M 1118 -9.01 -22.24 119.08
CA VAL M 1118 -9.86 -21.53 120.05
C VAL M 1118 -10.58 -20.40 119.33
N PRO M 1119 -11.91 -20.35 119.39
CA PRO M 1119 -12.66 -19.29 118.70
C PRO M 1119 -12.84 -18.00 119.48
N GLN M 1120 -12.13 -17.81 120.58
CA GLN M 1120 -12.25 -16.60 121.38
C GLN M 1120 -11.05 -15.70 121.14
N PRO M 1121 -11.22 -14.53 120.53
CA PRO M 1121 -10.05 -13.65 120.31
C PRO M 1121 -9.33 -13.26 121.59
N GLU M 1122 -10.08 -13.02 122.67
CA GLU M 1122 -9.45 -12.71 123.95
C GLU M 1122 -8.63 -13.90 124.45
N TYR M 1123 -9.17 -15.12 124.31
CA TYR M 1123 -8.41 -16.30 124.67
C TYR M 1123 -7.20 -16.48 123.77
N ARG M 1124 -7.32 -16.11 122.49
CA ARG M 1124 -6.18 -16.19 121.58
C ARG M 1124 -5.07 -15.24 122.03
N GLN M 1125 -5.43 -14.02 122.42
CA GLN M 1125 -4.44 -13.08 122.93
C GLN M 1125 -3.82 -13.58 124.24
N LEU M 1126 -4.64 -14.18 125.10
CA LEU M 1126 -4.11 -14.76 126.34
C LEU M 1126 -3.11 -15.87 126.06
N LEU M 1127 -3.42 -16.73 125.09
CA LEU M 1127 -2.48 -17.79 124.72
C LEU M 1127 -1.20 -17.20 124.12
N VAL M 1128 -1.33 -16.13 123.33
CA VAL M 1128 -0.16 -15.51 122.73
C VAL M 1128 0.77 -14.94 123.80
N GLU M 1129 0.19 -14.23 124.78
CA GLU M 1129 1.03 -13.66 125.83
C GLU M 1129 1.57 -14.73 126.76
N ALA M 1130 0.83 -15.82 126.97
CA ALA M 1130 1.36 -16.95 127.73
C ALA M 1130 2.55 -17.58 127.01
N ILE M 1131 2.45 -17.72 125.67
CA ILE M 1131 3.57 -18.25 124.90
C ILE M 1131 4.77 -17.31 124.99
N LEU M 1132 4.52 -16.00 124.96
CA LEU M 1132 5.61 -15.03 125.06
C LEU M 1132 6.31 -15.13 126.41
N VAL M 1133 5.53 -15.22 127.50
CA VAL M 1133 6.16 -15.32 128.82
C VAL M 1133 6.85 -16.66 129.00
N LEU M 1134 6.33 -17.74 128.39
CA LEU M 1134 7.02 -19.02 128.43
C LEU M 1134 8.35 -18.95 127.68
N THR M 1135 8.36 -18.24 126.54
CA THR M 1135 9.60 -18.05 125.81
C THR M 1135 10.61 -17.26 126.63
N MET M 1136 10.13 -16.22 127.33
CA MET M 1136 11.02 -15.45 128.19
C MET M 1136 11.60 -16.32 129.30
N LEU M 1137 10.77 -17.15 129.91
CA LEU M 1137 11.25 -18.06 130.95
C LEU M 1137 12.27 -19.06 130.39
N ALA M 1138 12.01 -19.59 129.19
CA ALA M 1138 12.94 -20.53 128.58
C ALA M 1138 14.26 -19.85 128.23
N ASP M 1139 14.21 -18.56 127.87
CA ASP M 1139 15.44 -17.81 127.69
C ASP M 1139 16.18 -17.66 129.01
N ILE M 1140 15.45 -17.40 130.09
CA ILE M 1140 16.08 -17.26 131.40
C ILE M 1140 16.58 -18.61 131.90
N GLU M 1141 15.79 -19.66 131.73
CA GLU M 1141 16.06 -20.97 132.30
C GLU M 1141 16.75 -21.85 131.28
N ILE M 1142 17.93 -22.35 131.62
CA ILE M 1142 18.77 -23.10 130.67
C ILE M 1142 18.70 -24.57 131.05
N HIS M 1143 17.73 -25.28 130.47
CA HIS M 1143 17.62 -26.73 130.53
C HIS M 1143 16.50 -27.14 129.58
N SER M 1144 16.24 -28.44 129.53
CA SER M 1144 15.19 -29.01 128.69
C SER M 1144 13.99 -29.37 129.54
N ILE M 1145 12.81 -28.92 129.11
CA ILE M 1145 11.59 -29.24 129.83
C ILE M 1145 11.31 -30.73 129.78
N GLY M 1146 11.44 -31.33 128.60
CA GLY M 1146 11.26 -32.76 128.46
C GLY M 1146 9.85 -33.26 128.74
N SER M 1147 8.85 -32.45 128.39
CA SER M 1147 7.45 -32.83 128.57
C SER M 1147 6.59 -31.86 127.78
N ILE M 1148 5.29 -32.17 127.72
CA ILE M 1148 4.31 -31.35 127.03
C ILE M 1148 3.72 -30.35 128.02
N ILE M 1149 3.78 -29.07 127.68
CA ILE M 1149 3.27 -28.00 128.52
C ILE M 1149 1.94 -27.52 127.95
N ALA M 1150 0.94 -27.38 128.83
CA ALA M 1150 -0.39 -26.95 128.43
C ALA M 1150 -0.56 -25.47 128.79
N VAL M 1151 -0.76 -24.64 127.77
CA VAL M 1151 -0.99 -23.22 128.02
C VAL M 1151 -2.34 -22.99 128.67
N GLU M 1152 -3.32 -23.85 128.39
CA GLU M 1152 -4.62 -23.73 129.03
C GLU M 1152 -4.52 -23.91 130.54
N LYS M 1153 -3.74 -24.89 130.98
CA LYS M 1153 -3.55 -25.09 132.41
C LYS M 1153 -2.87 -23.88 133.04
N ILE M 1154 -1.88 -23.31 132.35
CA ILE M 1154 -1.18 -22.14 132.86
C ILE M 1154 -2.14 -20.96 133.00
N VAL M 1155 -2.96 -20.72 131.97
CA VAL M 1155 -3.83 -19.54 132.01
C VAL M 1155 -4.92 -19.71 133.06
N HIS M 1156 -5.45 -20.93 133.23
CA HIS M 1156 -6.50 -21.08 134.26
C HIS M 1156 -5.90 -21.09 135.65
N ILE M 1157 -4.64 -21.52 135.79
CA ILE M 1157 -3.95 -21.39 137.08
C ILE M 1157 -3.74 -19.91 137.41
N ALA M 1158 -3.35 -19.11 136.41
CA ALA M 1158 -3.22 -17.68 136.63
C ALA M 1158 -4.57 -17.05 136.98
N ASN M 1159 -5.64 -17.50 136.34
CA ASN M 1159 -6.98 -17.03 136.68
C ASN M 1159 -7.33 -17.35 138.13
N ASP M 1160 -7.04 -18.58 138.57
CA ASP M 1160 -7.30 -18.96 139.95
C ASP M 1160 -6.48 -18.13 140.92
N LEU M 1161 -5.21 -17.87 140.59
CA LEU M 1161 -4.36 -17.04 141.44
C LEU M 1161 -4.92 -15.62 141.53
N PHE M 1162 -5.39 -15.07 140.41
CA PHE M 1162 -5.98 -13.74 140.43
C PHE M 1162 -7.24 -13.71 141.28
N LEU M 1163 -8.08 -14.74 141.17
CA LEU M 1163 -9.28 -14.81 142.00
C LEU M 1163 -8.92 -14.87 143.48
N GLN M 1164 -7.92 -15.68 143.83
CA GLN M 1164 -7.50 -15.78 145.22
C GLN M 1164 -6.95 -14.45 145.72
N GLU M 1165 -6.15 -13.77 144.91
CA GLU M 1165 -5.61 -12.47 145.30
C GLU M 1165 -6.72 -11.45 145.50
N GLN M 1166 -7.70 -11.44 144.61
CA GLN M 1166 -8.83 -10.52 144.76
C GLN M 1166 -9.62 -10.83 146.02
N LYS M 1167 -9.87 -12.11 146.30
CA LYS M 1167 -10.60 -12.48 147.51
C LYS M 1167 -9.83 -12.07 148.76
N THR M 1168 -8.50 -12.24 148.75
CA THR M 1168 -7.69 -11.79 149.88
C THR M 1168 -7.74 -10.28 150.04
N LEU M 1169 -7.74 -9.55 148.92
CA LEU M 1169 -7.79 -8.09 148.98
C LEU M 1169 -9.08 -7.59 149.61
N GLY M 1170 -10.18 -8.33 149.44
CA GLY M 1170 -11.46 -7.93 149.97
C GLY M 1170 -12.52 -7.77 148.91
N ALA M 1171 -12.34 -8.45 147.78
CA ALA M 1171 -13.28 -8.34 146.67
C ALA M 1171 -14.60 -9.01 147.02
N ASP M 1172 -15.68 -8.49 146.42
CA ASP M 1172 -17.01 -9.04 146.64
C ASP M 1172 -17.41 -9.90 145.43
N ASP M 1173 -18.66 -10.37 145.44
CA ASP M 1173 -19.12 -11.36 144.47
C ASP M 1173 -19.54 -10.78 143.12
N MET M 1175 -18.14 -8.18 141.21
CA MET M 1175 -17.07 -7.90 140.26
C MET M 1175 -16.20 -9.14 140.01
N LEU M 1176 -16.36 -10.16 140.85
CA LEU M 1176 -15.66 -11.43 140.69
C LEU M 1176 -16.48 -12.34 139.76
N ALA M 1177 -16.79 -11.80 138.58
CA ALA M 1177 -17.65 -12.48 137.63
C ALA M 1177 -16.90 -13.63 136.95
N LYS M 1178 -17.68 -14.50 136.29
CA LYS M 1178 -17.16 -15.64 135.55
C LYS M 1178 -17.59 -15.53 134.11
N ASP M 1179 -16.70 -15.85 133.18
CA ASP M 1179 -17.04 -15.81 131.78
C ASP M 1179 -18.10 -16.86 131.46
N PRO M 1180 -19.13 -16.52 130.68
CA PRO M 1180 -20.19 -17.50 130.39
C PRO M 1180 -19.69 -18.75 129.67
N ALA M 1181 -18.65 -18.63 128.84
CA ALA M 1181 -18.17 -19.77 128.06
C ALA M 1181 -16.66 -19.94 128.14
N SER M 1182 -15.99 -19.24 129.07
CA SER M 1182 -14.55 -19.37 129.23
C SER M 1182 -14.09 -19.52 130.67
N GLY M 1183 -14.94 -19.23 131.66
CA GLY M 1183 -14.52 -19.33 133.05
C GLY M 1183 -13.38 -18.41 133.42
N ILE M 1184 -13.38 -17.20 132.87
CA ILE M 1184 -12.31 -16.23 133.10
C ILE M 1184 -12.95 -14.95 133.63
N CYS M 1185 -12.36 -14.40 134.70
CA CYS M 1185 -12.87 -13.17 135.28
C CYS M 1185 -12.77 -12.02 134.28
N THR M 1186 -13.80 -11.18 134.27
CA THR M 1186 -13.82 -10.04 133.37
C THR M 1186 -12.72 -9.04 133.72
N LEU M 1187 -12.31 -8.99 134.98
CA LEU M 1187 -11.26 -8.07 135.39
C LEU M 1187 -9.93 -8.41 134.74
N LEU M 1188 -9.68 -9.69 134.48
CA LEU M 1188 -8.43 -10.07 133.80
C LEU M 1188 -8.39 -9.49 132.40
N TYR M 1189 -9.51 -9.53 131.67
CA TYR M 1189 -9.58 -8.89 130.36
C TYR M 1189 -9.46 -7.37 130.50
N ASP M 1190 -10.13 -6.79 131.50
CA ASP M 1190 -10.07 -5.36 131.71
C ASP M 1190 -8.75 -4.91 132.32
N SER M 1191 -8.00 -5.84 132.93
CA SER M 1191 -6.71 -5.47 133.51
C SER M 1191 -5.74 -5.04 132.42
N ALA M 1192 -5.04 -3.94 132.67
CA ALA M 1192 -4.01 -3.49 131.76
C ALA M 1192 -2.85 -4.49 131.76
N PRO M 1193 -2.12 -4.62 130.64
CA PRO M 1193 -0.98 -5.53 130.58
C PRO M 1193 0.08 -5.20 131.62
N GLY M 1195 1.99 -3.14 134.83
CA GLY M 1195 1.57 -2.74 136.16
C GLY M 1195 1.99 -3.70 137.25
N ARG M 1196 1.89 -3.26 138.50
CA ARG M 1196 2.23 -4.13 139.62
C ARG M 1196 1.27 -5.31 139.73
N PHE M 1197 0.01 -5.10 139.36
CA PHE M 1197 -0.98 -6.16 139.30
C PHE M 1197 -1.30 -6.53 137.86
N GLY M 1198 -0.29 -6.43 136.99
CA GLY M 1198 -0.50 -6.69 135.57
C GLY M 1198 -0.71 -8.16 135.26
N THR M 1199 -1.13 -8.41 134.02
CA THR M 1199 -1.48 -9.77 133.62
C THR M 1199 -0.25 -10.65 133.46
N MET M 1200 0.86 -10.12 132.94
CA MET M 1200 2.02 -10.97 132.67
C MET M 1200 2.67 -11.43 133.96
N THR M 1201 2.47 -10.69 135.06
CA THR M 1201 2.97 -11.15 136.34
C THR M 1201 2.27 -12.44 136.77
N TYR M 1202 0.94 -12.48 136.68
CA TYR M 1202 0.21 -13.69 136.99
C TYR M 1202 0.54 -14.80 136.01
N LEU M 1203 0.71 -14.45 134.73
CA LEU M 1203 1.06 -15.45 133.73
C LEU M 1203 2.43 -16.07 134.02
N SER M 1204 3.39 -15.25 134.40
CA SER M 1204 4.72 -15.75 134.74
C SER M 1204 4.68 -16.60 136.00
N LYS M 1205 3.89 -16.19 137.00
CA LYS M 1205 3.73 -17.01 138.20
C LYS M 1205 3.14 -18.37 137.86
N ALA M 1206 2.13 -18.40 136.99
CA ALA M 1206 1.52 -19.66 136.59
C ALA M 1206 2.48 -20.52 135.80
N ALA M 1207 3.26 -19.90 134.90
CA ALA M 1207 4.24 -20.66 134.12
C ALA M 1207 5.31 -21.26 135.03
N ALA M 1208 5.78 -20.48 136.01
CA ALA M 1208 6.76 -20.99 136.97
C ALA M 1208 6.18 -22.13 137.79
N THR M 1209 4.90 -22.00 138.20
CA THR M 1209 4.25 -23.08 138.93
C THR M 1209 4.16 -24.34 138.08
N TYR M 1210 3.82 -24.19 136.80
CA TYR M 1210 3.77 -25.34 135.90
C TYR M 1210 5.14 -25.99 135.76
N VAL M 1211 6.18 -25.17 135.60
CA VAL M 1211 7.54 -25.71 135.45
C VAL M 1211 7.94 -26.46 136.71
N GLN M 1212 7.65 -25.88 137.89
CA GLN M 1212 7.97 -26.55 139.14
C GLN M 1212 7.19 -27.86 139.27
N GLU M 1213 5.92 -27.87 138.84
CA GLU M 1213 5.15 -29.11 138.85
C GLU M 1213 5.73 -30.15 137.90
N PHE M 1214 6.38 -29.72 136.82
CA PHE M 1214 6.97 -30.64 135.86
C PHE M 1214 8.50 -30.61 135.91
N LEU M 1215 9.04 -30.52 137.12
CA LEU M 1215 10.47 -30.60 137.39
C LEU M 1215 10.71 -31.57 138.52
N PRO M 1216 11.90 -32.19 138.58
CA PRO M 1216 12.16 -33.17 139.65
C PRO M 1216 12.32 -32.54 141.02
N HIS M 1217 11.24 -32.00 141.55
CA HIS M 1217 11.20 -31.46 142.92
C HIS M 1217 12.25 -30.39 143.18
N ILE M 1219 14.31 -26.52 141.17
CA ILE M 1219 14.34 -25.53 140.11
C ILE M 1219 15.71 -25.55 139.45
N CYS M 1220 15.74 -25.36 138.14
CA CYS M 1220 16.98 -25.38 137.36
C CYS M 1220 17.14 -24.10 136.55
N ALA M 1221 16.68 -22.97 137.10
CA ALA M 1221 16.75 -21.68 136.44
C ALA M 1221 17.93 -20.91 137.01
N MET M 1222 18.91 -20.63 136.15
CA MET M 1222 20.10 -19.90 136.57
C MET M 1222 20.75 -19.26 135.34
N GLN M 1223 21.08 -17.98 135.47
CA GLN M 1223 21.74 -17.25 134.40
C GLN M 1223 22.84 -16.34 134.94
N TRP N 13 15.42 -20.28 5.10
CA TRP N 13 14.69 -20.11 6.34
C TRP N 13 13.78 -21.30 6.62
N LYS N 14 12.74 -21.06 7.43
CA LYS N 14 11.81 -22.12 7.78
C LYS N 14 11.00 -22.53 6.55
N VAL N 15 10.56 -23.80 6.56
CA VAL N 15 9.71 -24.39 5.53
C VAL N 15 10.51 -24.68 4.27
N LEU N 16 11.27 -23.69 3.81
CA LEU N 16 12.07 -23.90 2.60
C LEU N 16 13.29 -24.76 2.87
N GLU N 17 13.70 -24.89 4.13
CA GLU N 17 14.92 -25.62 4.45
C GLU N 17 14.72 -27.12 4.38
N ARG N 18 13.56 -27.61 4.81
CA ARG N 18 13.36 -29.05 4.94
C ARG N 18 13.38 -29.73 3.58
N ARG N 19 12.46 -29.34 2.68
CA ARG N 19 12.35 -29.86 1.33
C ARG N 19 12.43 -31.39 1.27
N ALA N 20 12.02 -32.05 2.35
CA ALA N 20 12.14 -33.50 2.48
C ALA N 20 10.82 -34.21 2.22
N ARG N 21 9.85 -33.53 1.62
CA ARG N 21 8.56 -34.16 1.29
C ARG N 21 8.77 -35.06 0.07
N THR N 22 9.32 -36.24 0.34
CA THR N 22 9.60 -37.20 -0.73
C THR N 22 8.33 -37.67 -1.41
N LYS N 23 7.29 -37.97 -0.63
CA LYS N 23 6.02 -38.47 -1.16
C LYS N 23 4.95 -37.43 -0.88
N ARG N 24 4.55 -36.70 -1.91
CA ARG N 24 3.52 -35.66 -1.80
C ARG N 24 3.85 -34.65 -0.71
N GLY N 26 3.59 -34.14 3.78
CA GLY N 26 3.30 -34.71 5.09
C GLY N 26 4.23 -34.20 6.17
N VAL N 28 7.12 -34.13 8.79
CA VAL N 28 8.45 -34.72 8.85
C VAL N 28 9.04 -34.57 10.24
N TYR N 29 9.77 -35.59 10.69
CA TYR N 29 10.39 -35.60 12.01
C TYR N 29 11.86 -36.00 11.85
N GLU N 30 12.71 -35.03 11.52
CA GLU N 30 14.15 -35.30 11.47
C GLU N 30 14.92 -34.03 11.82
N PRO N 31 16.13 -34.17 12.37
CA PRO N 31 16.98 -32.98 12.57
C PRO N 31 17.21 -32.20 11.28
N LEU N 32 17.26 -30.87 11.41
CA LEU N 32 17.54 -29.98 10.29
C LEU N 32 18.80 -29.14 10.46
N LYS N 33 19.14 -28.79 11.70
CA LYS N 33 20.28 -27.91 11.99
C LYS N 33 20.16 -26.58 11.26
N ILE N 35 23.34 -25.44 9.50
CA ILE N 35 24.47 -25.47 8.58
C ILE N 35 23.98 -25.78 7.18
N ASN N 36 22.87 -26.52 7.11
CA ASN N 36 22.27 -26.87 5.83
C ASN N 36 21.42 -25.74 5.25
N LEU N 37 21.24 -24.65 5.97
CA LEU N 37 20.47 -23.53 5.46
C LEU N 37 21.18 -22.91 4.26
N PRO N 38 20.42 -22.36 3.31
CA PRO N 38 21.06 -21.64 2.19
C PRO N 38 21.97 -20.54 2.68
N ARG N 39 23.13 -20.41 2.03
CA ARG N 39 24.14 -19.48 2.45
C ARG N 39 24.15 -18.23 1.57
N PRO N 40 24.63 -17.10 2.09
CA PRO N 40 24.78 -15.90 1.24
C PRO N 40 25.86 -16.08 0.19
N ASP N 41 26.18 -15.01 -0.54
CA ASP N 41 27.22 -15.02 -1.56
C ASP N 41 28.46 -15.75 -1.07
N ASN N 42 28.99 -16.62 -1.92
CA ASN N 42 30.07 -17.54 -1.53
C ASN N 42 31.34 -16.73 -1.32
N GLU N 43 31.65 -16.43 -0.07
CA GLU N 43 32.87 -15.72 0.29
C GLU N 43 33.14 -15.96 1.76
N THR N 44 34.25 -16.64 2.06
CA THR N 44 34.60 -16.92 3.44
C THR N 44 34.93 -15.63 4.18
N LEU N 45 34.65 -15.62 5.48
CA LEU N 45 34.96 -14.45 6.30
C LEU N 45 36.47 -14.17 6.32
N TRP N 46 37.27 -15.22 6.12
CA TRP N 46 38.72 -15.02 6.06
C TRP N 46 39.11 -14.13 4.90
N ASP N 47 38.46 -14.29 3.75
CA ASP N 47 38.79 -13.48 2.58
C ASP N 47 38.50 -12.00 2.84
N LYS N 48 37.31 -11.70 3.36
CA LYS N 48 36.96 -10.31 3.65
C LYS N 48 37.87 -9.73 4.73
N LEU N 49 38.17 -10.52 5.75
CA LEU N 49 39.04 -10.03 6.82
C LEU N 49 40.46 -9.78 6.30
N ASP N 50 40.94 -10.63 5.38
CA ASP N 50 42.25 -10.41 4.79
C ASP N 50 42.26 -9.18 3.89
N HIS N 51 41.16 -8.93 3.17
CA HIS N 51 41.05 -7.72 2.37
C HIS N 51 41.11 -6.48 3.25
N TYR N 52 40.37 -6.51 4.36
CA TYR N 52 40.41 -5.39 5.30
C TYR N 52 41.80 -5.23 5.92
N TYR N 53 42.46 -6.34 6.23
CA TYR N 53 43.81 -6.29 6.79
C TYR N 53 44.79 -5.69 5.79
N ARG N 54 44.67 -6.04 4.52
CA ARG N 54 45.53 -5.45 3.49
C ARG N 54 45.27 -3.96 3.36
N ILE N 55 43.99 -3.56 3.38
CA ILE N 55 43.65 -2.15 3.28
C ILE N 55 44.25 -1.38 4.45
N VAL N 56 44.16 -1.93 5.66
CA VAL N 56 44.71 -1.26 6.83
C VAL N 56 46.23 -1.20 6.75
N LYS N 57 46.87 -2.31 6.38
CA LYS N 57 48.33 -2.35 6.38
C LYS N 57 48.91 -1.40 5.34
N SER N 58 48.23 -1.24 4.21
CA SER N 58 48.76 -0.38 3.15
C SER N 58 48.45 1.10 3.36
N THR N 59 47.61 1.45 4.33
CA THR N 59 47.20 2.85 4.46
C THR N 59 47.44 3.44 5.83
N LEU N 60 47.19 2.69 6.91
CA LEU N 60 47.24 3.21 8.26
C LEU N 60 48.49 2.75 9.01
N LEU N 61 48.72 1.44 9.08
CA LEU N 61 49.87 0.91 9.81
C LEU N 61 51.19 1.16 9.09
N LEU N 62 51.15 1.58 7.83
CA LEU N 62 52.38 1.87 7.11
C LEU N 62 53.05 3.15 7.57
N TYR N 63 52.33 3.99 8.32
CA TYR N 63 52.84 5.26 8.82
C TYR N 63 52.78 5.22 10.35
N GLN N 64 53.82 4.68 10.96
CA GLN N 64 53.90 4.59 12.42
C GLN N 64 55.36 4.53 12.82
N SER N 65 55.78 5.45 13.69
CA SER N 65 57.17 5.49 14.13
C SER N 65 57.45 4.34 15.08
N PRO N 66 58.42 3.47 14.79
CA PRO N 66 58.73 2.38 15.72
C PRO N 66 59.18 2.86 17.10
N THR N 67 59.84 4.01 17.17
CA THR N 67 60.38 4.49 18.44
C THR N 67 59.27 4.79 19.45
N THR N 68 58.20 5.44 19.00
CA THR N 68 57.14 5.88 19.91
C THR N 68 55.76 5.36 19.56
N GLY N 69 55.52 4.91 18.34
CA GLY N 69 54.20 4.43 17.97
C GLY N 69 53.18 5.52 17.75
N LEU N 70 53.61 6.74 17.46
CA LEU N 70 52.72 7.86 17.21
C LEU N 70 52.51 8.01 15.71
N PHE N 71 51.27 8.11 15.28
CA PHE N 71 50.97 8.21 13.86
C PHE N 71 51.16 9.66 13.40
N PRO N 72 52.05 9.89 12.43
CA PRO N 72 52.23 11.24 11.89
C PRO N 72 50.96 11.78 11.25
N THR N 73 50.75 13.09 11.41
CA THR N 73 49.60 13.74 10.78
C THR N 73 49.80 13.91 9.29
N LYS N 74 51.04 14.01 8.83
CA LYS N 74 51.36 14.16 7.41
C LYS N 74 52.15 12.95 6.94
N THR N 75 51.76 12.41 5.80
CA THR N 75 52.39 11.21 5.25
C THR N 75 53.52 11.51 4.28
N CYS N 76 53.86 12.78 4.08
CA CYS N 76 54.92 13.15 3.15
C CYS N 76 55.52 14.48 3.59
N GLY N 77 56.70 14.78 3.04
CA GLY N 77 57.39 16.00 3.36
C GLY N 77 58.28 15.93 4.60
N GLY N 78 58.33 14.79 5.27
CA GLY N 78 59.16 14.67 6.46
C GLY N 78 58.71 15.53 7.62
N ASP N 79 57.40 15.69 7.78
CA ASP N 79 56.89 16.47 8.90
C ASP N 79 57.11 15.73 10.22
N GLN N 80 57.48 16.48 11.25
CA GLN N 80 57.78 15.90 12.56
C GLN N 80 56.64 16.02 13.55
N LYS N 81 55.72 16.95 13.36
CA LYS N 81 54.61 17.12 14.28
C LYS N 81 53.65 15.94 14.19
N ALA N 82 52.97 15.65 15.29
CA ALA N 82 52.01 14.55 15.33
C ALA N 82 50.96 14.86 16.39
N LYS N 83 49.70 14.88 16.00
CA LYS N 83 48.61 15.18 16.92
C LYS N 83 48.27 13.95 17.77
N ILE N 84 47.46 14.19 18.79
CA ILE N 84 47.08 13.13 19.73
C ILE N 84 45.77 12.47 19.33
N GLN N 85 44.78 13.26 18.90
CA GLN N 85 43.48 12.70 18.55
C GLN N 85 43.57 11.79 17.33
N ASP N 86 44.41 12.15 16.35
CA ASP N 86 44.60 11.29 15.19
C ASP N 86 45.19 9.95 15.59
N SER N 87 46.20 9.98 16.46
CA SER N 87 46.80 8.73 16.95
C SER N 87 45.78 7.91 17.73
N LEU N 88 44.96 8.57 18.55
CA LEU N 88 43.94 7.85 19.31
C LEU N 88 42.93 7.17 18.38
N TYR N 89 42.51 7.87 17.34
CA TYR N 89 41.55 7.27 16.41
C TYR N 89 42.18 6.14 15.60
N CYS N 90 43.45 6.29 15.23
CA CYS N 90 44.15 5.18 14.55
C CYS N 90 44.24 3.96 15.45
N ALA N 91 44.56 4.17 16.74
CA ALA N 91 44.60 3.06 17.68
C ALA N 91 43.22 2.43 17.85
N ALA N 92 42.17 3.25 17.88
CA ALA N 92 40.82 2.72 17.98
C ALA N 92 40.47 1.87 16.75
N GLY N 93 40.85 2.33 15.56
CA GLY N 93 40.60 1.53 14.37
C GLY N 93 41.37 0.23 14.37
N ALA N 94 42.62 0.27 14.82
CA ALA N 94 43.41 -0.96 14.92
C ALA N 94 42.79 -1.93 15.92
N TRP N 95 42.30 -1.41 17.05
CA TRP N 95 41.65 -2.26 18.04
C TRP N 95 40.36 -2.85 17.50
N ALA N 96 39.60 -2.07 16.72
CA ALA N 96 38.39 -2.60 16.09
C ALA N 96 38.72 -3.71 15.10
N LEU N 97 39.78 -3.53 14.31
CA LEU N 97 40.19 -4.58 13.39
C LEU N 97 40.66 -5.84 14.14
N ALA N 98 41.34 -5.64 15.27
CA ALA N 98 41.74 -6.78 16.10
C ALA N 98 40.53 -7.51 16.64
N LEU N 99 39.50 -6.77 17.08
CA LEU N 99 38.28 -7.39 17.54
C LEU N 99 37.60 -8.17 16.41
N ALA N 100 37.63 -7.60 15.19
CA ALA N 100 37.08 -8.32 14.03
C ALA N 100 37.82 -9.62 13.79
N TYR N 101 39.15 -9.59 13.83
CA TYR N 101 39.95 -10.78 13.57
C TYR N 101 39.92 -11.79 14.70
N ARG N 102 39.53 -11.36 15.91
CA ARG N 102 39.39 -12.29 17.04
C ARG N 102 38.39 -13.40 16.77
N ARG N 103 37.44 -13.18 15.86
CA ARG N 103 36.40 -14.15 15.55
C ARG N 103 36.93 -15.42 14.88
N ILE N 104 38.22 -15.47 14.56
CA ILE N 104 38.83 -16.63 13.91
C ILE N 104 39.97 -17.15 14.76
N ASP N 105 39.91 -18.44 15.08
CA ASP N 105 40.96 -19.10 15.85
C ASP N 105 42.29 -19.13 15.11
N ASP N 106 42.27 -19.43 13.82
CA ASP N 106 43.49 -19.49 13.01
C ASP N 106 43.74 -18.11 12.38
N ASP N 107 44.20 -17.19 13.23
CA ASP N 107 44.44 -15.82 12.80
C ASP N 107 45.77 -15.63 12.09
N LYS N 108 46.62 -16.67 12.07
CA LYS N 108 47.94 -16.59 11.44
C LYS N 108 48.79 -15.47 12.04
N GLY N 109 48.64 -15.23 13.35
CA GLY N 109 49.42 -14.22 14.03
C GLY N 109 49.17 -12.80 13.59
N ARG N 110 47.90 -12.43 13.40
CA ARG N 110 47.56 -11.06 12.99
C ARG N 110 46.84 -10.28 14.07
N THR N 111 46.01 -10.93 14.89
CA THR N 111 45.32 -10.24 15.98
C THR N 111 46.31 -9.67 16.98
N HIS N 112 47.36 -10.43 17.29
CA HIS N 112 48.38 -9.97 18.23
C HIS N 112 49.06 -8.70 17.72
N GLU N 113 49.35 -8.64 16.42
CA GLU N 113 49.98 -7.45 15.86
C GLU N 113 49.10 -6.23 16.02
N LEU N 114 47.80 -6.36 15.75
CA LEU N 114 46.90 -5.21 15.84
C LEU N 114 46.71 -4.76 17.29
N GLU N 115 46.53 -5.71 18.21
CA GLU N 115 46.38 -5.33 19.60
C GLU N 115 47.65 -4.69 20.13
N HIS N 116 48.83 -5.18 19.69
CA HIS N 116 50.06 -4.50 20.06
C HIS N 116 50.12 -3.10 19.46
N SER N 117 49.67 -2.93 18.22
CA SER N 117 49.72 -1.60 17.62
C SER N 117 48.91 -0.62 18.42
N ALA N 118 47.71 -1.03 18.86
CA ALA N 118 46.92 -0.19 19.75
C ALA N 118 47.66 0.09 21.05
N ILE N 119 48.22 -0.96 21.66
CA ILE N 119 48.93 -0.80 22.94
C ILE N 119 50.11 0.16 22.79
N LYS N 120 50.84 0.05 21.68
CA LYS N 120 52.03 0.87 21.48
C LYS N 120 51.65 2.32 21.22
N CYS N 121 50.57 2.56 20.48
CA CYS N 121 50.10 3.93 20.31
C CYS N 121 49.73 4.54 21.66
N MET N 122 48.98 3.79 22.48
CA MET N 122 48.59 4.31 23.79
C MET N 122 49.82 4.52 24.68
N ARG N 123 50.80 3.62 24.61
CA ARG N 123 52.00 3.76 25.42
C ARG N 123 52.84 4.94 24.98
N GLY N 124 52.91 5.21 23.68
CA GLY N 124 53.60 6.40 23.21
C GLY N 124 52.92 7.67 23.69
N ILE N 125 51.59 7.70 23.64
CA ILE N 125 50.86 8.86 24.15
C ILE N 125 51.12 9.02 25.65
N LEU N 126 51.08 7.92 26.40
CA LEU N 126 51.31 7.97 27.84
C LEU N 126 52.72 8.42 28.16
N TYR N 127 53.72 7.95 27.41
CA TYR N 127 55.10 8.37 27.62
C TYR N 127 55.27 9.85 27.33
N CYS N 128 54.67 10.34 26.25
CA CYS N 128 54.77 11.75 25.93
C CYS N 128 54.12 12.60 27.01
N TYR N 129 52.97 12.16 27.54
CA TYR N 129 52.33 12.89 28.62
C TYR N 129 53.14 12.84 29.91
N MET N 130 53.74 11.68 30.21
CA MET N 130 54.45 11.50 31.46
C MET N 130 55.81 12.17 31.44
N ARG N 131 56.32 12.52 30.25
CA ARG N 131 57.55 13.30 30.19
C ARG N 131 57.35 14.69 30.78
N GLN N 132 56.11 15.14 30.90
CA GLN N 132 55.80 16.44 31.49
C GLN N 132 54.97 16.25 32.76
N ALA N 133 55.69 16.10 33.87
CA ALA N 133 55.02 15.94 35.17
C ALA N 133 54.89 17.27 35.90
N ASP N 134 55.91 18.13 35.78
CA ASP N 134 55.81 19.46 36.37
C ASP N 134 54.70 20.27 35.74
N LYS N 135 54.44 20.06 34.45
CA LYS N 135 53.32 20.71 33.79
C LYS N 135 52.00 20.27 34.40
N VAL N 136 51.86 18.97 34.68
CA VAL N 136 50.65 18.47 35.34
C VAL N 136 50.51 19.08 36.73
N GLN N 137 51.63 19.15 37.47
CA GLN N 137 51.59 19.73 38.81
C GLN N 137 51.16 21.18 38.77
N GLN N 138 51.68 21.95 37.82
CA GLN N 138 51.29 23.35 37.69
C GLN N 138 49.82 23.49 37.28
N PHE N 139 49.38 22.65 36.34
CA PHE N 139 48.00 22.70 35.88
C PHE N 139 47.02 22.34 36.98
N LYS N 140 47.45 21.50 37.93
CA LYS N 140 46.58 21.15 39.06
C LYS N 140 46.25 22.38 39.89
N GLN N 141 47.23 23.26 40.10
CA GLN N 141 47.02 24.43 40.95
C GLN N 141 46.29 25.55 40.22
N ASP N 142 46.91 26.07 39.15
CA ASP N 142 46.34 27.18 38.38
C ASP N 142 46.28 26.77 36.91
N PRO N 143 45.15 26.21 36.48
CA PRO N 143 45.02 25.81 35.06
C PRO N 143 44.93 27.02 34.16
N ARG N 144 45.97 27.22 33.35
CA ARG N 144 46.04 28.34 32.43
C ARG N 144 46.67 27.85 31.13
N PRO N 145 46.41 28.53 30.01
CA PRO N 145 47.04 28.11 28.74
C PRO N 145 48.56 28.14 28.79
N THR N 146 49.15 29.01 29.60
CA THR N 146 50.60 29.04 29.76
C THR N 146 51.13 27.78 30.42
N THR N 147 50.42 27.22 31.40
CA THR N 147 50.92 26.09 32.16
C THR N 147 50.08 24.83 31.90
N CYS N 148 49.75 24.57 30.64
CA CYS N 148 48.97 23.41 30.26
C CYS N 148 49.85 22.42 29.49
N LEU N 149 49.38 21.18 29.40
CA LEU N 149 50.11 20.14 28.68
C LEU N 149 50.12 20.44 27.18
N HIS N 150 51.21 20.07 26.52
CA HIS N 150 51.29 20.23 25.09
C HIS N 150 50.38 19.23 24.38
N SER N 151 49.92 19.61 23.18
CA SER N 151 49.04 18.77 22.39
C SER N 151 49.72 18.16 21.17
N VAL N 152 50.87 18.68 20.76
CA VAL N 152 51.61 18.16 19.62
C VAL N 152 53.02 17.84 20.07
N PHE N 153 53.54 16.69 19.66
CA PHE N 153 54.89 16.26 20.01
C PHE N 153 55.61 15.77 18.75
N ASN N 154 56.92 15.66 18.85
CA ASN N 154 57.72 15.15 17.75
C ASN N 154 57.40 13.69 17.49
N VAL N 155 57.30 13.32 16.21
CA VAL N 155 56.93 11.96 15.85
C VAL N 155 58.10 11.00 15.93
N HIS N 156 59.34 11.51 15.99
CA HIS N 156 60.51 10.64 16.00
C HIS N 156 61.18 10.54 17.36
N THR N 157 61.12 11.58 18.18
CA THR N 157 61.74 11.55 19.50
C THR N 157 60.78 11.85 20.64
N GLY N 158 59.53 12.17 20.35
CA GLY N 158 58.57 12.49 21.41
C GLY N 158 58.93 13.75 22.17
N ASP N 159 59.34 14.80 21.46
CA ASP N 159 59.75 16.05 22.07
C ASP N 159 58.78 17.16 21.68
N GLU N 160 58.71 18.19 22.53
CA GLU N 160 57.87 19.34 22.22
C GLU N 160 58.39 20.07 21.00
N LEU N 161 57.46 20.51 20.15
CA LEU N 161 57.80 21.18 18.90
C LEU N 161 57.34 22.63 18.84
N LEU N 162 56.07 22.88 19.15
CA LEU N 162 55.50 24.22 19.06
C LEU N 162 55.38 24.82 20.45
N SER N 163 55.78 26.08 20.58
CA SER N 163 55.73 26.79 21.85
C SER N 163 54.31 27.28 22.13
N TYR N 164 54.13 27.85 23.32
CA TYR N 164 52.82 28.36 23.72
C TYR N 164 52.42 29.61 22.95
N GLU N 165 53.37 30.29 22.31
CA GLU N 165 53.09 31.52 21.60
C GLU N 165 52.62 31.29 20.16
N GLU N 166 52.52 30.04 19.72
CA GLU N 166 52.09 29.74 18.37
C GLU N 166 51.03 28.66 18.28
N TYR N 167 50.77 27.91 19.35
CA TYR N 167 49.77 26.85 19.32
C TYR N 167 48.81 26.86 20.50
N GLY N 168 49.16 27.47 21.63
CA GLY N 168 48.29 27.49 22.78
C GLY N 168 48.34 26.21 23.60
N HIS N 169 48.18 25.08 22.94
CA HIS N 169 48.27 23.73 23.51
C HIS N 169 47.18 23.44 24.54
N LEU N 170 46.14 24.26 24.63
CA LEU N 170 45.08 24.08 25.61
C LEU N 170 43.98 23.24 24.97
N GLN N 171 44.05 21.93 25.16
CA GLN N 171 43.05 21.01 24.64
C GLN N 171 42.83 19.90 25.66
N ILE N 172 41.71 19.97 26.38
CA ILE N 172 41.36 18.93 27.35
C ILE N 172 40.59 17.79 26.69
N ASN N 173 40.03 18.03 25.50
CA ASN N 173 39.32 16.97 24.78
C ASN N 173 40.23 15.78 24.50
N ALA N 174 41.49 16.04 24.14
CA ALA N 174 42.41 14.96 23.84
C ALA N 174 42.66 14.09 25.07
N VAL N 175 42.86 14.72 26.23
CA VAL N 175 43.08 13.97 27.46
C VAL N 175 41.84 13.16 27.82
N SER N 176 40.65 13.78 27.70
CA SER N 176 39.42 13.06 28.03
C SER N 176 39.22 11.86 27.11
N LEU N 177 39.45 12.04 25.80
CA LEU N 177 39.29 10.95 24.85
C LEU N 177 40.31 9.85 25.09
N TYR N 178 41.54 10.22 25.41
CA TYR N 178 42.57 9.22 25.71
C TYR N 178 42.20 8.41 26.94
N LEU N 179 41.70 9.08 27.98
CA LEU N 179 41.28 8.38 29.19
C LEU N 179 40.11 7.44 28.90
N LEU N 180 39.14 7.91 28.12
CA LEU N 180 37.99 7.09 27.79
C LEU N 180 38.39 5.87 26.97
N TYR N 181 39.28 6.06 25.98
CA TYR N 181 39.72 4.93 25.17
C TYR N 181 40.55 3.94 26.00
N LEU N 182 41.35 4.45 26.94
CA LEU N 182 42.08 3.57 27.84
C LEU N 182 41.12 2.73 28.67
N VAL N 183 40.07 3.36 29.21
CA VAL N 183 39.08 2.62 29.99
C VAL N 183 38.41 1.56 29.13
N GLU N 184 38.02 1.92 27.91
CA GLU N 184 37.35 0.98 27.03
C GLU N 184 38.25 -0.21 26.68
N MET N 185 39.51 0.07 26.34
CA MET N 185 40.43 -1.00 25.97
C MET N 185 40.72 -1.91 27.16
N ILE N 186 40.90 -1.34 28.35
CA ILE N 186 41.17 -2.15 29.53
C ILE N 186 39.97 -3.02 29.87
N SER N 187 38.76 -2.46 29.76
CA SER N 187 37.56 -3.26 30.02
C SER N 187 37.41 -4.38 28.99
N SER N 188 37.69 -4.09 27.72
CA SER N 188 37.66 -5.13 26.70
C SER N 188 38.75 -6.17 26.89
N GLY N 189 39.83 -5.82 27.57
CA GLY N 189 40.90 -6.77 27.87
C GLY N 189 42.18 -6.48 27.13
N LEU N 190 43.12 -5.82 27.81
CA LEU N 190 44.42 -5.46 27.25
C LEU N 190 45.35 -5.18 28.42
N GLN N 191 46.64 -5.03 28.10
CA GLN N 191 47.66 -4.73 29.09
C GLN N 191 48.42 -3.48 28.66
N ILE N 192 47.98 -2.32 29.14
CA ILE N 192 48.63 -1.05 28.80
C ILE N 192 49.28 -0.38 30.01
N ILE N 193 48.76 -0.56 31.22
CA ILE N 193 49.32 0.04 32.42
C ILE N 193 50.11 -1.02 33.16
N TYR N 194 51.36 -0.70 33.51
CA TYR N 194 52.29 -1.69 34.02
C TYR N 194 52.62 -1.49 35.49
N ASN N 195 53.01 -0.28 35.90
CA ASN N 195 53.48 -0.04 37.25
C ASN N 195 52.50 0.88 38.00
N THR N 196 52.79 1.08 39.29
CA THR N 196 51.94 1.92 40.14
C THR N 196 52.14 3.41 39.86
N ASP N 197 53.34 3.81 39.44
CA ASP N 197 53.57 5.21 39.08
C ASP N 197 52.67 5.64 37.93
N GLU N 198 52.41 4.73 36.98
CA GLU N 198 51.44 5.01 35.92
C GLU N 198 50.06 5.23 36.49
N VAL N 199 49.68 4.44 37.51
CA VAL N 199 48.38 4.63 38.15
C VAL N 199 48.30 6.00 38.81
N SER N 200 49.37 6.40 39.49
CA SER N 200 49.40 7.73 40.12
C SER N 200 49.31 8.84 39.08
N PHE N 201 50.01 8.68 37.95
CA PHE N 201 49.93 9.67 36.88
C PHE N 201 48.51 9.74 36.31
N ILE N 202 47.85 8.60 36.16
CA ILE N 202 46.46 8.59 35.70
C ILE N 202 45.57 9.29 36.71
N GLN N 203 45.83 9.08 38.00
CA GLN N 203 45.05 9.75 39.04
C GLN N 203 45.21 11.26 38.95
N ASN N 204 46.44 11.74 38.75
CA ASN N 204 46.64 13.18 38.66
C ASN N 204 46.08 13.75 37.35
N LEU N 205 46.09 12.96 36.27
CA LEU N 205 45.42 13.38 35.05
C LEU N 205 43.92 13.52 35.28
N VAL N 206 43.33 12.58 36.01
CA VAL N 206 41.93 12.68 36.38
C VAL N 206 41.68 13.93 37.22
N PHE N 207 42.58 14.22 38.16
CA PHE N 207 42.45 15.43 38.96
C PHE N 207 42.49 16.68 38.10
N CYS N 208 43.40 16.73 37.12
CA CYS N 208 43.49 17.88 36.23
C CYS N 208 42.21 18.04 35.40
N VAL N 209 41.70 16.92 34.86
CA VAL N 209 40.45 16.95 34.11
C VAL N 209 39.26 17.34 34.98
N GLU N 210 39.33 17.03 36.28
CA GLU N 210 38.20 17.19 37.19
C GLU N 210 37.74 18.64 37.31
N ARG N 211 38.58 19.61 36.95
CA ARG N 211 38.24 21.02 37.03
C ARG N 211 38.14 21.64 35.64
N VAL N 212 37.55 20.90 34.70
CA VAL N 212 37.40 21.39 33.33
C VAL N 212 36.28 22.41 33.20
N TYR N 213 35.29 22.38 34.11
CA TYR N 213 34.12 23.26 34.01
C TYR N 213 34.44 24.73 34.25
N ARG N 214 35.67 25.11 34.55
CA ARG N 214 36.01 26.51 34.77
C ARG N 214 36.99 27.06 33.75
N VAL N 215 38.05 26.32 33.45
CA VAL N 215 39.08 26.80 32.52
C VAL N 215 38.59 26.66 31.08
N PRO N 216 38.57 27.74 30.32
CA PRO N 216 38.19 27.62 28.90
C PRO N 216 39.28 26.91 28.11
N ASP N 217 38.87 26.34 26.97
CA ASP N 217 39.77 25.59 26.11
C ASP N 217 39.63 26.07 24.67
N PHE N 218 40.69 25.87 23.89
CA PHE N 218 40.71 26.31 22.50
C PHE N 218 39.79 25.48 21.61
N GLY N 219 39.26 24.36 22.08
CA GLY N 219 38.37 23.54 21.30
C GLY N 219 39.11 22.51 20.47
N VAL N 220 38.33 21.72 19.74
CA VAL N 220 38.89 20.64 18.93
C VAL N 220 39.66 21.22 17.74
N TRP N 221 39.21 22.37 17.21
CA TRP N 221 39.81 22.94 16.02
C TRP N 221 41.02 23.82 16.32
N GLU N 222 41.30 24.09 17.61
CA GLU N 222 42.49 24.80 18.05
C GLU N 222 42.40 26.29 17.71
N ARG N 223 41.38 26.68 16.94
CA ARG N 223 41.22 28.08 16.58
C ARG N 223 40.77 28.92 17.77
N GLY N 224 39.95 28.35 18.65
CA GLY N 224 39.54 29.04 19.85
C GLY N 224 38.13 29.59 19.79
N SER N 225 37.77 30.17 18.67
CA SER N 225 36.44 30.77 18.49
C SER N 225 36.20 30.96 17.00
N LYS N 226 35.01 31.48 16.68
CA LYS N 226 34.67 31.73 15.28
C LYS N 226 35.48 32.89 14.71
N TYR N 227 35.79 33.88 15.56
CA TYR N 227 36.54 35.05 15.08
C TYR N 227 38.00 34.73 14.85
N ASN N 228 38.56 33.77 15.59
CA ASN N 228 39.97 33.37 15.49
C ASN N 228 40.88 34.57 15.77
N ASN N 229 40.78 35.08 17.00
CA ASN N 229 41.58 36.22 17.45
C ASN N 229 42.37 35.88 18.70
N GLY N 230 42.76 34.62 18.86
CA GLY N 230 43.50 34.19 20.04
C GLY N 230 42.71 34.30 21.32
N SER N 231 41.43 33.94 21.29
CA SER N 231 40.56 33.99 22.46
C SER N 231 40.00 32.61 22.74
N THR N 232 39.97 32.24 24.01
CA THR N 232 39.47 30.93 24.43
C THR N 232 38.08 31.09 25.07
N GLU N 233 37.30 30.02 24.98
CA GLU N 233 35.94 30.04 25.52
C GLU N 233 35.53 28.61 25.84
N LEU N 234 34.51 28.49 26.69
CA LEU N 234 33.99 27.18 27.07
C LEU N 234 33.31 26.51 25.88
N HIS N 235 33.55 25.22 25.71
CA HIS N 235 32.98 24.44 24.63
C HIS N 235 32.17 23.28 25.21
N SER N 236 30.99 23.04 24.64
CA SER N 236 30.13 21.97 25.13
C SER N 236 30.74 20.60 24.88
N SER N 237 31.42 20.43 23.75
CA SER N 237 32.00 19.15 23.37
C SER N 237 33.05 18.68 24.37
N VAL N 239 33.46 19.63 27.54
CA VAL N 239 32.81 19.36 28.81
C VAL N 239 32.12 17.99 28.77
N GLY N 240 31.41 17.72 27.67
CA GLY N 240 30.75 16.43 27.53
C GLY N 240 31.73 15.27 27.50
N LEU N 241 32.83 15.42 26.78
CA LEU N 241 33.83 14.37 26.72
C LEU N 241 34.46 14.13 28.09
N ALA N 242 34.79 15.21 28.80
CA ALA N 242 35.36 15.07 30.14
C ALA N 242 34.38 14.41 31.10
N LYS N 243 33.10 14.78 31.03
CA LYS N 243 32.10 14.16 31.88
C LYS N 243 31.94 12.68 31.58
N ALA N 244 31.92 12.32 30.28
CA ALA N 244 31.82 10.91 29.91
C ALA N 244 33.04 10.12 30.40
N ALA N 245 34.23 10.70 30.27
CA ALA N 245 35.42 10.04 30.78
C ALA N 245 35.36 9.88 32.30
N LEU N 246 34.82 10.88 32.99
CA LEU N 246 34.68 10.78 34.44
C LEU N 246 33.73 9.65 34.83
N GLU N 247 32.60 9.51 34.12
CA GLU N 247 31.71 8.39 34.41
C GLU N 247 32.37 7.06 34.09
N ALA N 248 33.13 6.99 33.00
CA ALA N 248 33.68 5.72 32.55
C ALA N 248 34.71 5.16 33.53
N ILE N 249 35.48 6.03 34.18
CA ILE N 249 36.58 5.60 35.02
C ILE N 249 36.19 5.59 36.50
N ASN N 250 34.91 5.80 36.81
CA ASN N 250 34.44 5.83 38.19
C ASN N 250 34.56 4.43 38.78
N GLY N 251 35.57 4.23 39.63
CA GLY N 251 35.78 2.96 40.28
C GLY N 251 36.40 1.88 39.40
N PHE N 252 36.92 2.23 38.24
CA PHE N 252 37.49 1.26 37.33
C PHE N 252 38.82 0.74 37.85
N ASN N 253 39.08 -0.55 37.60
CA ASN N 253 40.35 -1.17 37.95
C ASN N 253 41.28 -1.09 36.76
N LEU N 254 42.46 -0.49 36.96
CA LEU N 254 43.39 -0.26 35.87
C LEU N 254 44.23 -1.48 35.52
N PHE N 255 44.23 -2.51 36.36
CA PHE N 255 45.02 -3.71 36.13
C PHE N 255 44.23 -4.82 35.46
N GLY N 256 42.98 -4.58 35.09
CA GLY N 256 42.19 -5.62 34.46
C GLY N 256 41.79 -6.71 35.44
N ASN N 257 41.71 -7.94 34.92
CA ASN N 257 41.32 -9.07 35.75
C ASN N 257 42.36 -9.33 36.85
N GLN N 258 43.65 -9.22 36.51
CA GLN N 258 44.73 -9.42 37.47
C GLN N 258 45.00 -8.14 38.26
N GLY N 259 43.98 -7.73 39.02
CA GLY N 259 44.08 -6.52 39.81
C GLY N 259 43.58 -6.74 41.22
N CYS N 260 44.01 -5.86 42.11
CA CYS N 260 43.65 -5.92 43.52
C CYS N 260 42.89 -4.64 43.90
N SER N 261 42.62 -4.50 45.21
CA SER N 261 41.86 -3.37 45.71
C SER N 261 42.67 -2.07 45.76
N TRP N 262 44.00 -2.15 45.60
CA TRP N 262 44.86 -0.96 45.66
C TRP N 262 45.23 -0.46 44.27
N SER N 263 44.55 -0.96 43.23
CA SER N 263 44.79 -0.51 41.86
C SER N 263 43.57 0.21 41.30
N VAL N 264 42.68 0.69 42.17
CA VAL N 264 41.47 1.37 41.75
C VAL N 264 41.72 2.87 41.75
N ILE N 265 40.94 3.58 40.95
CA ILE N 265 41.03 5.03 40.82
C ILE N 265 39.79 5.64 41.46
N PHE N 266 39.87 6.91 41.83
CA PHE N 266 38.78 7.58 42.53
C PHE N 266 38.48 8.94 41.94
N VAL N 267 37.18 9.26 41.91
CA VAL N 267 36.68 10.58 41.54
C VAL N 267 35.62 10.99 42.54
N ASP N 268 35.49 12.30 42.78
CA ASP N 268 34.47 12.82 43.66
C ASP N 268 33.21 13.14 42.86
N LEU N 269 32.06 13.11 43.52
CA LEU N 269 30.79 13.33 42.82
C LEU N 269 30.53 14.81 42.56
N ASP N 270 31.17 15.70 43.30
CA ASP N 270 30.89 17.13 43.16
C ASP N 270 31.35 17.66 41.80
N ALA N 271 32.55 17.27 41.36
CA ALA N 271 33.03 17.74 40.07
C ALA N 271 32.17 17.21 38.92
N HIS N 272 31.78 15.93 39.00
CA HIS N 272 30.92 15.38 37.97
C HIS N 272 29.56 16.07 37.95
N ASN N 273 29.01 16.36 39.13
CA ASN N 273 27.74 17.08 39.21
C ASN N 273 27.86 18.47 38.60
N ARG N 274 28.95 19.18 38.91
CA ARG N 274 29.14 20.51 38.33
C ARG N 274 29.29 20.44 36.82
N ASN N 275 30.02 19.44 36.32
CA ASN N 275 30.17 19.28 34.87
C ASN N 275 28.82 18.99 34.23
N ARG N 276 28.00 18.14 34.85
CA ARG N 276 26.68 17.86 34.31
C ARG N 276 25.82 19.11 34.30
N GLN N 277 25.89 19.91 35.36
CA GLN N 277 25.12 21.15 35.45
C GLN N 277 25.55 22.16 34.38
N LEU N 279 26.93 21.31 31.51
CA LEU N 279 26.65 20.73 30.20
C LEU N 279 25.17 20.81 29.83
N CYS N 280 24.30 20.51 30.79
CA CYS N 280 22.86 20.41 30.53
C CYS N 280 22.19 21.75 30.23
N LEU N 282 24.26 24.52 28.43
CA LEU N 282 24.89 25.03 27.23
C LEU N 282 24.82 24.00 26.12
N LEU N 283 24.09 22.92 26.37
CA LEU N 283 24.00 21.82 25.41
C LEU N 283 23.36 22.22 24.09
N PRO N 284 22.23 22.94 24.04
CA PRO N 284 21.63 23.26 22.73
C PRO N 284 22.55 24.03 21.81
N ARG N 285 23.47 24.82 22.36
CA ARG N 285 24.46 25.52 21.58
C ARG N 285 25.81 24.84 21.70
N GLU N 286 26.83 25.44 21.07
CA GLU N 286 28.18 24.94 21.22
C GLU N 286 28.98 25.80 22.19
N SER N 287 28.89 27.12 22.03
CA SER N 287 29.60 28.05 22.90
C SER N 287 28.86 29.39 22.84
N ARG N 288 29.48 30.42 23.42
CA ARG N 288 28.87 31.74 23.39
C ARG N 288 28.79 32.29 21.98
N SER N 289 29.84 32.09 21.18
CA SER N 289 29.89 32.62 19.83
C SER N 289 29.43 31.62 18.77
N HIS N 290 29.29 30.35 19.12
CA HIS N 290 28.89 29.32 18.17
C HIS N 290 27.48 28.86 18.49
N ASN N 291 26.54 29.17 17.59
CA ASN N 291 25.19 28.62 17.70
C ASN N 291 25.18 27.13 17.40
N THR N 292 25.95 26.70 16.40
CA THR N 292 25.96 25.32 15.96
C THR N 292 27.37 24.98 15.47
N ASP N 293 27.81 23.75 15.77
CA ASP N 293 29.16 23.34 15.41
C ASP N 293 29.20 21.82 15.26
N ALA N 294 29.94 21.36 14.25
CA ALA N 294 29.98 19.94 13.91
C ALA N 294 30.81 19.13 14.88
N ALA N 295 31.55 19.77 15.79
CA ALA N 295 32.33 19.04 16.77
C ALA N 295 31.49 18.58 17.95
N LEU N 296 30.21 18.95 18.00
CA LEU N 296 29.33 18.42 19.01
C LEU N 296 28.89 16.99 18.68
N LEU N 297 29.01 16.58 17.42
CA LEU N 297 28.64 15.22 17.03
C LEU N 297 29.38 14.15 17.82
N PRO N 298 30.71 14.23 17.99
CA PRO N 298 31.38 13.21 18.83
C PRO N 298 30.90 13.21 20.27
N CYS N 299 30.37 14.33 20.76
CA CYS N 299 29.93 14.38 22.15
C CYS N 299 28.68 13.53 22.39
N ILE N 300 27.84 13.37 21.37
CA ILE N 300 26.58 12.66 21.54
C ILE N 300 26.52 11.39 20.69
N TYR N 302 29.24 7.96 19.00
CA TYR N 302 29.95 6.73 19.34
C TYR N 302 30.87 6.83 20.56
N PRO N 303 31.88 7.72 20.54
CA PRO N 303 32.89 7.67 21.61
C PRO N 303 32.37 8.11 22.97
N ALA N 304 31.62 9.19 23.03
CA ALA N 304 31.22 9.78 24.31
C ALA N 304 29.88 9.25 24.81
N PHE N 305 28.81 9.44 24.05
CA PHE N 305 27.46 9.07 24.48
C PHE N 305 27.13 9.68 25.85
N ALA N 306 27.51 10.94 26.01
CA ALA N 306 27.41 11.62 27.30
C ALA N 306 26.09 12.34 27.51
N LEU N 307 25.15 12.21 26.58
CA LEU N 307 23.86 12.90 26.65
C LEU N 307 22.78 11.86 26.88
N ASP N 308 22.42 11.64 28.14
CA ASP N 308 21.40 10.65 28.51
C ASP N 308 20.07 11.35 28.75
N ASP N 309 19.56 11.98 27.69
CA ASP N 309 18.25 12.62 27.74
C ASP N 309 17.34 12.26 26.56
N GLU N 310 17.89 12.02 25.37
CA GLU N 310 17.17 11.54 24.19
C GLU N 310 16.28 12.61 23.57
N VAL N 311 16.13 13.76 24.25
CA VAL N 311 15.34 14.84 23.68
C VAL N 311 16.24 15.97 23.20
N LEU N 312 17.13 16.45 24.07
CA LEU N 312 18.13 17.41 23.63
C LEU N 312 19.02 16.80 22.55
N PHE N 313 19.29 15.50 22.64
CA PHE N 313 20.06 14.83 21.61
C PHE N 313 19.37 14.91 20.25
N SER N 314 18.07 14.61 20.21
CA SER N 314 17.32 14.69 18.97
C SER N 314 17.27 16.12 18.45
N GLN N 315 17.02 17.09 19.34
CA GLN N 315 16.94 18.48 18.93
C GLN N 315 18.26 18.96 18.34
N THR N 316 19.37 18.62 19.01
CA THR N 316 20.68 19.06 18.54
C THR N 316 21.05 18.38 17.24
N LEU N 317 20.72 17.09 17.10
CA LEU N 317 20.99 16.41 15.83
C LEU N 317 20.19 17.02 14.70
N ASP N 318 18.91 17.33 14.94
CA ASP N 318 18.09 17.96 13.92
C ASP N 318 18.64 19.33 13.54
N LYS N 319 19.07 20.10 14.53
CA LYS N 319 19.62 21.43 14.27
C LYS N 319 20.92 21.33 13.46
N VAL N 320 21.79 20.39 13.83
CA VAL N 320 23.06 20.22 13.11
C VAL N 320 22.79 19.79 11.66
N VAL N 321 21.85 18.86 11.47
CA VAL N 321 21.52 18.42 10.12
C VAL N 321 20.93 19.57 9.31
N ARG N 322 20.09 20.39 9.93
CA ARG N 322 19.48 21.50 9.21
C ARG N 322 20.52 22.55 8.83
N LYS N 323 21.52 22.77 9.68
CA LYS N 323 22.46 23.87 9.47
C LYS N 323 23.68 23.45 8.65
N LEU N 324 24.45 22.47 9.14
CA LEU N 324 25.78 22.20 8.60
C LEU N 324 25.80 21.18 7.47
N LYS N 325 24.67 20.54 7.16
CA LYS N 325 24.69 19.48 6.16
C LYS N 325 24.96 20.05 4.77
N GLY N 326 25.81 19.33 4.02
CA GLY N 326 26.09 19.68 2.64
C GLY N 326 26.28 18.42 1.83
N LYS N 327 26.30 18.61 0.50
CA LYS N 327 26.41 17.47 -0.40
C LYS N 327 27.77 16.78 -0.28
N TYR N 328 28.84 17.56 -0.16
CA TYR N 328 30.19 17.02 -0.07
C TYR N 328 30.61 16.68 1.35
N GLY N 329 29.82 17.05 2.35
CA GLY N 329 30.17 16.79 3.73
C GLY N 329 29.41 17.72 4.64
N PHE N 330 29.91 17.84 5.87
CA PHE N 330 29.32 18.70 6.88
C PHE N 330 30.28 19.83 7.20
N LYS N 331 29.79 21.07 7.14
CA LYS N 331 30.60 22.22 7.51
C LYS N 331 30.86 22.21 9.01
N ARG N 332 32.06 22.63 9.40
CA ARG N 332 32.44 22.62 10.81
C ARG N 332 31.54 23.56 11.61
N PHE N 333 31.42 24.81 11.17
CA PHE N 333 30.52 25.78 11.77
C PHE N 333 30.30 26.90 10.76
N LEU N 334 29.24 27.68 11.00
CA LEU N 334 28.90 28.75 10.08
C LEU N 334 29.99 29.81 10.04
N ARG N 335 30.26 30.31 8.83
CA ARG N 335 31.20 31.42 8.60
C ARG N 335 32.60 31.08 9.12
N ASP N 336 33.20 30.07 8.50
CA ASP N 336 34.56 29.66 8.81
C ASP N 336 35.45 29.85 7.59
N GLY N 337 36.72 30.13 7.84
CA GLY N 337 37.66 30.41 6.76
C GLY N 337 38.89 29.54 6.75
N TYR N 338 38.74 28.26 7.06
CA TYR N 338 39.87 27.33 7.06
C TYR N 338 40.12 26.85 5.64
N ARG N 339 41.28 27.19 5.09
CA ARG N 339 41.72 26.78 3.76
C ARG N 339 40.76 27.21 2.66
N THR N 340 40.01 28.29 2.88
CA THR N 340 39.08 28.76 1.87
C THR N 340 39.82 29.61 0.83
N SER N 341 39.12 29.89 -0.27
CA SER N 341 39.72 30.64 -1.36
C SER N 341 40.06 32.06 -0.94
N LEU N 342 39.18 32.70 -0.17
CA LEU N 342 39.38 34.09 0.22
C LEU N 342 40.33 34.26 1.40
N GLU N 343 40.78 33.17 2.01
CA GLU N 343 41.70 33.26 3.14
C GLU N 343 43.05 33.80 2.68
N ASP N 344 43.69 34.57 3.56
CA ASP N 344 45.01 35.10 3.30
C ASP N 344 46.04 34.26 4.05
N PRO N 345 46.91 33.50 3.34
CA PRO N 345 47.89 32.64 4.00
C PRO N 345 49.14 33.38 4.46
N ASN N 346 48.95 34.53 5.10
CA ASN N 346 50.07 35.29 5.64
C ASN N 346 49.80 35.85 7.03
N ARG N 347 48.60 35.68 7.57
CA ARG N 347 48.26 36.19 8.90
C ARG N 347 47.59 35.08 9.68
N CYS N 348 48.03 34.88 10.93
CA CYS N 348 47.44 33.86 11.78
C CYS N 348 46.08 34.30 12.33
N TYR N 349 45.92 35.60 12.61
CA TYR N 349 44.70 36.12 13.19
C TYR N 349 43.85 36.83 12.13
N TYR N 350 42.55 36.80 12.33
CA TYR N 350 41.60 37.44 11.43
C TYR N 350 41.42 38.90 11.84
N LYS N 351 40.49 39.59 11.18
CA LYS N 351 40.18 40.98 11.44
C LYS N 351 38.67 41.14 11.58
N PRO N 352 38.22 42.17 12.30
CA PRO N 352 36.78 42.41 12.41
C PRO N 352 36.15 42.65 11.05
N ALA N 353 34.94 42.12 10.88
CA ALA N 353 34.12 42.20 9.67
C ALA N 353 34.72 41.44 8.49
N GLU N 354 35.91 40.84 8.65
CA GLU N 354 36.49 40.05 7.57
C GLU N 354 35.84 38.67 7.47
N ILE N 355 35.37 38.12 8.59
CA ILE N 355 34.78 36.79 8.62
C ILE N 355 33.54 36.70 7.74
N LYS N 356 32.84 37.83 7.53
CA LYS N 356 31.63 37.83 6.71
C LYS N 356 31.91 37.34 5.29
N LEU N 357 33.13 37.55 4.79
CA LEU N 357 33.47 37.12 3.45
C LEU N 357 33.48 35.60 3.31
N PHE N 358 33.52 34.86 4.42
CA PHE N 358 33.57 33.40 4.39
C PHE N 358 32.20 32.76 4.44
N ASP N 359 31.16 33.45 3.96
CA ASP N 359 29.80 32.93 3.97
C ASP N 359 29.50 32.27 2.62
N GLY N 360 29.02 31.04 2.65
CA GLY N 360 28.66 30.32 1.45
C GLY N 360 29.79 29.56 0.79
N ILE N 361 31.01 29.67 1.31
CA ILE N 361 32.16 28.97 0.73
C ILE N 361 32.81 28.11 1.80
N GLU N 362 32.03 27.68 2.78
CA GLU N 362 32.55 26.87 3.87
C GLU N 362 32.96 25.48 3.37
N CYS N 363 34.07 24.99 3.89
CA CYS N 363 34.55 23.66 3.54
C CYS N 363 33.66 22.58 4.18
N GLU N 364 33.61 21.43 3.53
CA GLU N 364 32.79 20.31 3.98
C GLU N 364 33.67 19.10 4.25
N PHE N 365 33.46 18.47 5.41
CA PHE N 365 34.25 17.31 5.81
C PHE N 365 33.47 16.04 5.55
N PRO N 366 33.93 15.17 4.64
CA PRO N 366 33.20 13.91 4.38
C PRO N 366 33.16 12.97 5.58
N ILE N 367 34.03 13.15 6.57
CA ILE N 367 34.09 12.24 7.70
C ILE N 367 32.82 12.28 8.54
N PHE N 368 32.04 13.35 8.44
CA PHE N 368 30.80 13.41 9.21
C PHE N 368 29.72 12.50 8.64
N PHE N 369 29.75 12.22 7.34
CA PHE N 369 28.90 11.15 6.81
C PHE N 369 29.24 9.82 7.45
N LEU N 370 30.53 9.53 7.58
CA LEU N 370 30.99 8.33 8.29
C LEU N 370 30.49 8.32 9.72
N TYR N 371 30.58 9.47 10.39
CA TYR N 371 30.16 9.57 11.78
C TYR N 371 28.68 9.32 11.94
N MET N 372 27.86 9.89 11.04
CA MET N 372 26.43 9.68 11.11
C MET N 372 26.07 8.24 10.77
N MET N 373 26.80 7.61 9.86
CA MET N 373 26.59 6.18 9.61
C MET N 373 26.88 5.35 10.85
N ILE N 374 27.97 5.68 11.55
CA ILE N 374 28.32 4.97 12.78
C ILE N 374 27.22 5.16 13.82
N ASP N 375 26.73 6.40 13.97
CA ASP N 375 25.64 6.66 14.91
C ASP N 375 24.39 5.89 14.53
N GLY N 376 24.10 5.80 13.24
CA GLY N 376 22.92 5.06 12.80
C GLY N 376 23.01 3.58 13.09
N VAL N 377 24.16 2.96 12.82
CA VAL N 377 24.28 1.53 13.08
C VAL N 377 24.27 1.27 14.59
N PHE N 378 24.88 2.18 15.37
CA PHE N 378 24.82 2.04 16.82
C PHE N 378 23.39 2.13 17.34
N ARG N 379 22.61 3.08 16.83
CA ARG N 379 21.24 3.26 17.29
C ARG N 379 20.30 2.18 16.74
N GLY N 380 20.62 1.62 15.57
CA GLY N 380 19.77 0.63 14.96
C GLY N 380 18.81 1.23 13.95
N ASN N 381 19.33 2.07 13.06
CA ASN N 381 18.54 2.71 12.00
C ASN N 381 19.24 2.46 10.67
N PRO N 382 19.03 1.28 10.08
CA PRO N 382 19.70 0.96 8.81
C PRO N 382 19.31 1.88 7.66
N LYS N 383 18.14 2.54 7.73
CA LYS N 383 17.80 3.50 6.67
C LYS N 383 18.81 4.63 6.61
N GLN N 384 19.12 5.23 7.76
CA GLN N 384 20.13 6.28 7.81
C GLN N 384 21.48 5.75 7.36
N VAL N 385 21.80 4.51 7.74
CA VAL N 385 23.08 3.92 7.37
C VAL N 385 23.21 3.83 5.86
N GLN N 386 22.17 3.31 5.19
CA GLN N 386 22.26 3.13 3.75
C GLN N 386 22.22 4.48 3.02
N GLU N 387 21.44 5.44 3.56
CA GLU N 387 21.41 6.77 2.95
C GLU N 387 22.79 7.42 3.00
N TYR N 388 23.44 7.37 4.17
CA TYR N 388 24.76 7.99 4.29
C TYR N 388 25.82 7.22 3.51
N GLN N 389 25.69 5.89 3.43
CA GLN N 389 26.61 5.12 2.60
C GLN N 389 26.47 5.51 1.13
N ASP N 390 25.24 5.67 0.65
CA ASP N 390 25.01 6.09 -0.72
C ASP N 390 25.58 7.48 -0.96
N LEU N 391 25.42 8.38 0.00
CA LEU N 391 25.99 9.72 -0.14
C LEU N 391 27.52 9.67 -0.11
N LEU N 392 28.08 8.68 0.58
CA LEU N 392 29.54 8.59 0.72
C LEU N 392 30.20 7.92 -0.48
N THR N 393 29.48 7.07 -1.21
CA THR N 393 30.10 6.39 -2.35
C THR N 393 30.69 7.33 -3.40
N PRO N 394 30.03 8.39 -3.85
CA PRO N 394 30.60 9.17 -4.98
C PRO N 394 31.79 10.03 -4.60
N VAL N 395 31.95 10.38 -3.32
CA VAL N 395 32.98 11.32 -2.90
C VAL N 395 34.31 10.61 -2.64
N LEU N 396 34.28 9.30 -2.40
CA LEU N 396 35.47 8.53 -2.09
C LEU N 396 36.42 8.47 -3.28
N HIS N 397 37.71 8.31 -2.98
CA HIS N 397 38.74 8.18 -4.00
C HIS N 397 39.54 6.92 -3.76
N HIS N 398 40.18 6.42 -4.82
CA HIS N 398 40.91 5.17 -4.78
C HIS N 398 42.36 5.38 -5.20
N THR N 399 43.26 4.58 -4.64
CA THR N 399 44.68 4.64 -4.98
C THR N 399 44.94 3.81 -6.24
N THR N 400 46.21 3.59 -6.54
CA THR N 400 46.57 2.74 -7.68
C THR N 400 46.08 1.32 -7.50
N GLU N 401 46.22 0.77 -6.29
CA GLU N 401 45.76 -0.58 -6.00
C GLU N 401 44.26 -0.68 -5.76
N GLY N 402 43.56 0.46 -5.66
CA GLY N 402 42.13 0.47 -5.43
C GLY N 402 41.70 0.69 -4.00
N TYR N 403 42.63 0.97 -3.10
CA TYR N 403 42.27 1.20 -1.71
C TYR N 403 41.54 2.53 -1.56
N PRO N 404 40.37 2.54 -0.93
CA PRO N 404 39.60 3.79 -0.82
C PRO N 404 40.31 4.84 0.03
N VAL N 405 40.10 6.10 -0.32
CA VAL N 405 40.68 7.24 0.38
C VAL N 405 39.58 8.24 0.69
N VAL N 406 39.55 8.73 1.92
CA VAL N 406 38.58 9.73 2.36
C VAL N 406 39.27 11.10 2.33
N PRO N 407 38.88 11.99 1.44
CA PRO N 407 39.50 13.33 1.42
C PRO N 407 39.21 14.10 2.70
N LYS N 408 40.17 14.93 3.11
CA LYS N 408 40.02 15.71 4.33
C LYS N 408 38.88 16.72 4.20
N TYR N 409 38.81 17.41 3.06
CA TYR N 409 37.79 18.42 2.86
C TYR N 409 37.64 18.69 1.37
N TYR N 410 36.69 19.56 1.03
CA TYR N 410 36.46 20.00 -0.33
C TYR N 410 36.33 21.51 -0.36
N TYR N 411 37.04 22.16 -1.28
CA TYR N 411 37.08 23.61 -1.37
C TYR N 411 36.63 24.06 -2.75
N VAL N 412 35.83 25.12 -2.78
CA VAL N 412 35.37 25.69 -4.05
C VAL N 412 36.55 26.35 -4.77
N PRO N 413 36.68 26.20 -6.08
CA PRO N 413 37.75 26.92 -6.79
C PRO N 413 37.57 28.42 -6.68
N ALA N 414 38.70 29.13 -6.72
CA ALA N 414 38.68 30.58 -6.54
C ALA N 414 37.90 31.28 -7.65
N ASP N 415 37.83 30.69 -8.84
CA ASP N 415 37.11 31.32 -9.93
C ASP N 415 35.60 31.22 -9.77
N PHE N 416 35.12 30.21 -9.04
CA PHE N 416 33.70 29.94 -8.91
C PHE N 416 33.12 30.39 -7.58
N VAL N 417 33.86 31.20 -6.82
CA VAL N 417 33.38 31.61 -5.50
C VAL N 417 32.14 32.49 -5.62
N GLU N 418 32.11 33.38 -6.61
CA GLU N 418 30.94 34.24 -6.81
C GLU N 418 29.72 33.40 -7.18
N TYR N 419 29.89 32.42 -8.07
CA TYR N 419 28.77 31.57 -8.45
C TYR N 419 28.29 30.74 -7.27
N GLU N 420 29.21 30.24 -6.45
CA GLU N 420 28.82 29.48 -5.28
C GLU N 420 28.06 30.35 -4.28
N LYS N 421 28.51 31.59 -4.08
CA LYS N 421 27.82 32.50 -3.18
C LYS N 421 26.43 32.84 -3.70
N ASN N 422 26.30 33.07 -5.00
CA ASN N 422 24.99 33.39 -5.57
C ASN N 422 24.03 32.22 -5.44
N ASN N 423 24.49 31.01 -5.79
CA ASN N 423 23.67 29.80 -5.72
C ASN N 423 24.45 28.75 -4.94
N PRO N 424 24.21 28.65 -3.63
CA PRO N 424 24.92 27.65 -2.82
C PRO N 424 24.64 26.23 -3.31
N GLY N 425 25.71 25.45 -3.42
CA GLY N 425 25.61 24.07 -3.85
C GLY N 425 25.51 23.86 -5.35
N SER N 426 25.45 24.94 -6.13
CA SER N 426 25.35 24.79 -7.58
C SER N 426 26.68 24.39 -8.20
N GLN N 427 27.78 24.98 -7.74
CA GLN N 427 29.09 24.70 -8.30
C GLN N 427 29.65 23.39 -7.75
N LYS N 428 30.70 22.90 -8.40
CA LYS N 428 31.39 21.69 -7.98
C LYS N 428 32.65 22.06 -7.21
N ARG N 429 33.00 21.22 -6.22
CA ARG N 429 34.16 21.47 -5.39
C ARG N 429 35.29 20.50 -5.74
N PHE N 430 36.50 20.88 -5.35
CA PHE N 430 37.69 20.09 -5.63
C PHE N 430 38.14 19.36 -4.36
N PRO N 431 38.73 18.18 -4.49
CA PRO N 431 39.18 17.45 -3.30
C PRO N 431 40.41 18.11 -2.69
N SER N 432 40.61 17.85 -1.40
CA SER N 432 41.71 18.45 -0.67
C SER N 432 43.04 17.87 -1.12
N ASN N 433 44.13 18.36 -0.52
CA ASN N 433 45.46 17.86 -0.85
C ASN N 433 45.60 16.39 -0.47
N CYS N 434 45.04 15.99 0.67
CA CYS N 434 45.07 14.60 1.11
C CYS N 434 43.84 13.84 0.63
N GLY N 435 43.60 13.89 -0.67
CA GLY N 435 42.45 13.20 -1.25
C GLY N 435 42.79 12.44 -2.51
N ARG N 436 44.04 11.99 -2.61
CA ARG N 436 44.51 11.24 -3.77
C ARG N 436 45.74 10.45 -3.34
N ASP N 437 46.31 9.70 -4.28
CA ASP N 437 47.44 8.83 -3.97
C ASP N 437 48.68 9.66 -3.66
N GLY N 438 49.32 9.35 -2.53
CA GLY N 438 50.50 10.07 -2.11
C GLY N 438 50.35 10.74 -0.77
N LYS N 439 49.17 11.30 -0.52
CA LYS N 439 48.84 11.94 0.75
C LYS N 439 47.57 11.31 1.31
N LEU N 440 47.64 10.90 2.58
CA LEU N 440 46.56 10.17 3.22
C LEU N 440 46.11 10.89 4.48
N PHE N 441 44.86 10.66 4.85
CA PHE N 441 44.27 11.21 6.08
C PHE N 441 43.99 10.04 7.01
N LEU N 442 44.93 9.78 7.93
CA LEU N 442 44.86 8.58 8.75
C LEU N 442 43.60 8.55 9.61
N TRP N 443 43.20 9.71 10.13
CA TRP N 443 41.96 9.78 10.91
C TRP N 443 40.75 9.36 10.07
N GLY N 444 40.67 9.89 8.85
CA GLY N 444 39.55 9.56 7.98
C GLY N 444 39.51 8.08 7.61
N GLN N 445 40.68 7.51 7.29
CA GLN N 445 40.72 6.10 6.90
C GLN N 445 40.44 5.20 8.09
N ALA N 446 40.89 5.59 9.29
CA ALA N 446 40.57 4.82 10.49
C ALA N 446 39.07 4.81 10.75
N LEU N 447 38.43 5.97 10.66
CA LEU N 447 36.99 6.02 10.86
C LEU N 447 36.26 5.27 9.76
N TYR N 448 36.80 5.29 8.54
CA TYR N 448 36.19 4.54 7.44
C TYR N 448 36.25 3.05 7.70
N ILE N 449 37.40 2.57 8.18
CA ILE N 449 37.55 1.15 8.50
C ILE N 449 36.56 0.77 9.60
N ILE N 450 36.47 1.60 10.64
CA ILE N 450 35.57 1.30 11.75
C ILE N 450 34.13 1.26 11.28
N ALA N 451 33.72 2.24 10.48
CA ALA N 451 32.34 2.30 10.04
C ALA N 451 31.99 1.16 9.08
N LYS N 452 32.91 0.83 8.16
CA LYS N 452 32.66 -0.28 7.25
C LYS N 452 32.58 -1.60 8.00
N LEU N 453 33.43 -1.78 9.02
CA LEU N 453 33.37 -2.99 9.83
C LEU N 453 32.06 -3.07 10.60
N LEU N 454 31.60 -1.94 11.15
CA LEU N 454 30.35 -1.95 11.90
C LEU N 454 29.16 -2.21 10.99
N ALA N 455 29.15 -1.60 9.81
CA ALA N 455 28.01 -1.76 8.91
C ALA N 455 27.90 -3.20 8.40
N ASP N 456 29.03 -3.83 8.11
CA ASP N 456 29.05 -5.20 7.61
C ASP N 456 28.85 -6.24 8.71
N GLU N 457 28.42 -5.81 9.90
CA GLU N 457 28.19 -6.69 11.04
C GLU N 457 29.43 -7.50 11.41
N LEU N 458 30.62 -6.96 11.14
CA LEU N 458 31.85 -7.67 11.49
C LEU N 458 32.28 -7.38 12.92
N ILE N 459 31.65 -6.40 13.58
CA ILE N 459 31.83 -6.14 15.00
C ILE N 459 30.47 -5.77 15.58
N SER N 460 30.05 -6.50 16.61
CA SER N 460 28.85 -6.14 17.33
C SER N 460 29.10 -4.85 18.12
N PRO N 461 28.07 -4.01 18.28
CA PRO N 461 28.25 -2.77 19.05
C PRO N 461 28.71 -3.00 20.47
N LYS N 462 28.35 -4.15 21.07
CA LYS N 462 28.81 -4.46 22.41
C LYS N 462 30.31 -4.72 22.45
N ASP N 463 30.88 -5.24 21.36
CA ASP N 463 32.30 -5.59 21.36
C ASP N 463 33.19 -4.37 21.53
N ILE N 464 32.87 -3.27 20.84
CA ILE N 464 33.66 -2.05 20.97
C ILE N 464 33.18 -1.16 22.10
N ASP N 465 32.12 -1.54 22.80
CA ASP N 465 31.59 -0.78 23.93
C ASP N 465 31.41 -1.70 25.13
N PRO N 466 32.51 -2.15 25.75
CA PRO N 466 32.36 -3.02 26.94
C PRO N 466 31.88 -2.29 28.16
N VAL N 467 32.18 -0.99 28.28
CA VAL N 467 31.72 -0.19 29.41
C VAL N 467 30.27 0.24 29.25
N GLN N 468 29.65 -0.04 28.10
CA GLN N 468 28.25 0.28 27.84
C GLN N 468 28.01 1.79 27.90
N ARG N 469 28.76 2.52 27.06
CA ARG N 469 28.58 3.97 26.96
C ARG N 469 27.20 4.31 26.43
N TYR N 470 26.72 3.57 25.44
CA TYR N 470 25.38 3.75 24.90
C TYR N 470 24.42 2.77 25.56
N VAL N 471 23.29 3.28 26.02
CA VAL N 471 22.27 2.48 26.68
C VAL N 471 20.95 2.71 25.96
N PRO N 472 20.19 1.67 25.64
CA PRO N 472 18.89 1.87 24.99
C PRO N 472 17.87 2.48 25.96
N LEU N 473 16.81 3.02 25.38
CA LEU N 473 15.82 3.75 26.17
C LEU N 473 15.17 2.86 27.23
N LYS N 474 15.09 1.56 26.98
CA LYS N 474 14.46 0.64 27.91
C LYS N 474 15.41 0.17 29.01
N ASP N 475 16.72 0.41 28.87
CA ASP N 475 17.71 -0.07 29.83
C ASP N 475 18.33 1.04 30.65
N GLN N 476 17.81 2.27 30.56
CA GLN N 476 18.34 3.39 31.36
C GLN N 476 17.80 3.30 32.80
N ARG N 477 18.12 2.19 33.46
CA ARG N 477 17.53 1.90 34.76
C ARG N 477 18.57 1.85 35.88
N ASN N 478 19.61 1.03 35.76
CA ASN N 478 20.59 0.85 36.82
C ASN N 478 21.98 1.12 36.24
N VAL N 479 22.38 2.38 36.21
CA VAL N 479 23.73 2.79 35.84
C VAL N 479 24.22 3.74 36.92
N SER N 480 25.42 3.48 37.43
N SER N 480 25.42 3.48 37.43
CA SER N 480 25.99 4.31 38.49
CA SER N 480 25.99 4.31 38.49
C SER N 480 26.29 5.71 37.95
C SER N 480 26.29 5.71 37.95
N MET N 481 25.94 6.72 38.74
CA MET N 481 26.10 8.15 38.44
C MET N 481 25.39 8.59 37.16
N ARG N 482 24.54 7.75 36.56
CA ARG N 482 23.81 8.13 35.36
C ARG N 482 22.30 8.08 35.55
N PHE N 483 21.77 7.01 36.11
CA PHE N 483 20.33 6.84 36.29
C PHE N 483 20.04 6.29 37.68
N SER N 484 18.84 6.57 38.16
CA SER N 484 18.34 6.02 39.41
C SER N 484 17.41 4.84 39.13
N ASN N 485 17.14 4.06 40.19
CA ASN N 485 16.33 2.86 40.03
C ASN N 485 14.92 3.18 39.55
N GLN N 486 14.40 4.36 39.89
CA GLN N 486 13.10 4.76 39.37
C GLN N 486 13.13 4.94 37.87
N GLY N 487 14.18 5.56 37.35
CA GLY N 487 14.30 5.82 35.94
C GLY N 487 14.68 7.25 35.65
N PRO N 488 14.62 7.64 34.37
CA PRO N 488 14.95 9.02 33.99
C PRO N 488 13.81 10.01 34.08
N LEU N 489 12.61 9.58 34.47
CA LEU N 489 11.45 10.46 34.50
C LEU N 489 10.78 10.51 35.88
N GLU N 490 11.40 9.95 36.91
CA GLU N 490 10.83 9.94 38.25
C GLU N 490 11.88 10.33 39.27
N ASN N 491 11.43 10.98 40.35
CA ASN N 491 12.32 11.38 41.44
C ASN N 491 11.53 11.30 42.74
N ASP N 492 11.64 10.17 43.43
CA ASP N 492 10.99 9.95 44.72
C ASP N 492 11.98 9.34 45.70
N LEU N 493 13.19 9.92 45.74
CA LEU N 493 14.25 9.36 46.55
C LEU N 493 13.96 9.51 48.03
N VAL N 494 14.32 8.48 48.80
CA VAL N 494 14.18 8.48 50.25
C VAL N 494 15.57 8.57 50.85
N VAL N 495 15.79 9.55 51.72
CA VAL N 495 17.09 9.83 52.30
C VAL N 495 17.11 9.29 53.74
N HIS N 496 18.11 8.49 54.05
CA HIS N 496 18.28 7.99 55.41
C HIS N 496 18.83 9.09 56.30
N VAL N 497 18.18 9.31 57.45
CA VAL N 497 18.54 10.36 58.38
C VAL N 497 18.79 9.72 59.75
N ALA N 498 19.94 10.06 60.34
CA ALA N 498 20.30 9.59 61.67
C ALA N 498 20.63 10.79 62.55
N LEU N 499 19.98 10.87 63.71
CA LEU N 499 20.19 11.98 64.63
C LEU N 499 21.30 11.65 65.61
N ILE N 500 22.13 12.66 65.91
CA ILE N 500 23.27 12.51 66.80
C ILE N 500 23.16 13.55 67.90
N ALA N 501 23.30 13.09 69.15
CA ALA N 501 23.24 13.96 70.31
C ALA N 501 24.65 14.32 70.77
N GLU N 502 24.83 15.59 71.15
CA GLU N 502 26.15 16.05 71.59
C GLU N 502 26.58 15.36 72.87
N SER N 503 25.66 15.18 73.81
CA SER N 503 25.99 14.64 75.14
C SER N 503 24.82 13.82 75.66
N GLN N 504 25.09 13.07 76.74
CA GLN N 504 24.07 12.22 77.32
C GLN N 504 22.92 13.06 77.90
N ARG N 505 23.24 14.20 78.51
CA ARG N 505 22.20 15.08 79.02
C ARG N 505 21.32 15.60 77.87
N LEU N 506 21.95 15.92 76.74
CA LEU N 506 21.19 16.32 75.56
C LEU N 506 20.29 15.19 75.08
N GLN N 507 20.80 13.95 75.10
CA GLN N 507 20.00 12.80 74.70
C GLN N 507 18.79 12.64 75.63
N VAL N 508 18.99 12.80 76.94
CA VAL N 508 17.88 12.69 77.87
C VAL N 508 16.87 13.80 77.66
N PHE N 509 17.35 15.02 77.41
CA PHE N 509 16.46 16.14 77.17
C PHE N 509 15.62 15.92 75.92
N LEU N 510 16.23 15.41 74.85
CA LEU N 510 15.46 15.12 73.63
C LEU N 510 14.51 13.95 73.85
N ASN N 511 14.92 12.96 74.64
CA ASN N 511 14.06 11.82 74.94
C ASN N 511 12.82 12.24 75.71
N THR N 512 12.97 13.21 76.62
CA THR N 512 11.83 13.67 77.41
C THR N 512 10.76 14.35 76.57
N TYR N 513 11.06 14.71 75.32
CA TYR N 513 10.09 15.38 74.44
C TYR N 513 9.75 14.52 73.22
N GLY N 514 9.83 13.20 73.36
CA GLY N 514 9.41 12.30 72.30
C GLY N 514 10.32 12.21 71.12
N ILE N 515 11.60 12.56 71.26
CA ILE N 515 12.58 12.47 70.19
C ILE N 515 13.69 11.52 70.63
N GLN N 516 13.96 10.52 69.82
CA GLN N 516 15.01 9.54 70.11
C GLN N 516 16.29 9.93 69.39
N THR N 517 17.39 10.00 70.14
CA THR N 517 18.68 10.40 69.60
C THR N 517 19.77 9.50 70.17
N GLN N 518 20.86 9.38 69.42
CA GLN N 518 22.00 8.57 69.83
C GLN N 518 23.23 9.43 70.01
N THR N 519 24.09 9.03 70.93
CA THR N 519 25.33 9.72 71.24
C THR N 519 26.51 8.99 70.62
N PRO N 520 27.63 9.69 70.38
CA PRO N 520 28.81 9.01 69.83
C PRO N 520 29.33 7.90 70.72
N GLN N 521 29.08 7.96 72.02
CA GLN N 521 29.54 6.90 72.92
C GLN N 521 28.77 5.61 72.69
N GLN N 522 27.59 5.69 72.09
CA GLN N 522 26.75 4.51 71.84
C GLN N 522 27.02 3.86 70.50
N VAL N 523 27.89 4.45 69.67
CA VAL N 523 28.18 3.91 68.34
C VAL N 523 29.67 3.61 68.24
N GLU N 524 30.27 3.19 69.35
CA GLU N 524 31.71 2.94 69.46
C GLU N 524 32.34 2.26 68.24
N PRO N 525 31.78 1.20 67.65
CA PRO N 525 32.41 0.62 66.45
C PRO N 525 32.44 1.57 65.26
N ILE N 526 31.61 2.60 65.23
CA ILE N 526 31.53 3.53 64.11
C ILE N 526 32.09 4.88 64.55
N GLN N 527 33.08 5.39 63.81
CA GLN N 527 33.71 6.66 64.10
C GLN N 527 33.11 7.75 63.23
N ILE N 528 32.87 8.91 63.82
CA ILE N 528 32.31 10.06 63.11
C ILE N 528 33.42 11.07 62.88
N TRP N 529 33.58 11.50 61.63
CA TRP N 529 34.66 12.39 61.25
C TRP N 529 34.12 13.67 60.64
N PRO N 530 34.81 14.79 60.83
CA PRO N 530 34.47 16.02 60.11
C PRO N 530 35.04 15.99 58.69
N GLN N 531 34.80 17.08 57.96
CA GLN N 531 35.26 17.16 56.58
C GLN N 531 36.78 17.27 56.48
N GLN N 532 37.41 17.89 57.48
CA GLN N 532 38.86 18.14 57.41
C GLN N 532 39.65 16.84 57.36
N GLU N 533 39.28 15.86 58.17
CA GLU N 533 40.01 14.60 58.18
C GLU N 533 39.85 13.85 56.86
N LEU N 534 38.65 13.88 56.28
CA LEU N 534 38.45 13.25 54.98
C LEU N 534 39.26 13.95 53.91
N VAL N 535 39.33 15.28 53.96
CA VAL N 535 40.13 16.04 52.99
C VAL N 535 41.60 15.67 53.13
N LYS N 536 42.08 15.58 54.37
CA LYS N 536 43.48 15.19 54.59
C LYS N 536 43.75 13.78 54.08
N ALA N 537 42.81 12.86 54.32
CA ALA N 537 42.98 11.49 53.83
C ALA N 537 43.03 11.45 52.31
N TYR N 538 42.16 12.21 51.65
CA TYR N 538 42.20 12.27 50.19
C TYR N 538 43.44 12.97 49.67
N LEU N 539 44.04 13.84 50.49
CA LEU N 539 45.27 14.51 50.09
C LEU N 539 46.42 13.51 49.95
N GLN N 540 46.48 12.53 50.85
CA GLN N 540 47.56 11.55 50.85
C GLN N 540 47.46 10.54 49.70
N LEU N 541 46.37 10.57 48.93
CA LEU N 541 46.14 9.59 47.88
C LEU N 541 47.24 9.61 46.82
N GLY N 542 47.36 10.71 46.10
CA GLY N 542 48.27 10.79 44.97
C GLY N 542 49.67 11.26 45.32
N ILE N 543 50.42 10.45 46.07
CA ILE N 543 51.78 10.78 46.46
C ILE N 543 52.74 9.95 45.63
N ASN N 544 53.64 10.62 44.91
CA ASN N 544 54.63 9.94 44.08
C ASN N 544 55.90 10.79 44.09
N GLU N 545 56.86 10.40 44.94
CA GLU N 545 58.08 11.19 45.09
C GLU N 545 59.02 11.02 43.90
N LYS N 546 58.86 9.94 43.14
CA LYS N 546 59.76 9.70 42.00
C LYS N 546 59.60 10.78 40.93
N LEU N 547 58.36 11.18 40.65
CA LEU N 547 58.08 12.23 39.67
C LEU N 547 57.78 13.58 40.32
N GLY N 548 57.19 13.57 41.50
CA GLY N 548 56.77 14.80 42.15
C GLY N 548 55.27 15.00 42.01
N LEU N 549 54.52 14.65 43.04
CA LEU N 549 53.07 14.62 42.96
C LEU N 549 52.48 15.10 44.28
N SER N 550 51.61 16.11 44.21
CA SER N 550 51.01 16.70 45.40
C SER N 550 49.68 16.06 45.78
N GLY N 551 49.14 15.17 44.94
CA GLY N 551 47.87 14.55 45.24
C GLY N 551 46.70 15.48 45.02
N ARG N 552 45.58 15.12 45.63
CA ARG N 552 44.36 15.91 45.51
C ARG N 552 44.54 17.26 46.19
N PRO N 553 44.20 18.36 45.51
CA PRO N 553 44.32 19.68 46.16
C PRO N 553 43.39 19.82 47.34
N ASP N 554 43.79 20.64 48.30
CA ASP N 554 42.99 20.88 49.51
C ASP N 554 41.75 21.66 49.12
N ARG N 555 40.62 20.98 49.03
CA ARG N 555 39.35 21.57 48.65
C ARG N 555 38.26 20.99 49.53
N PRO N 556 37.18 21.73 49.76
CA PRO N 556 36.07 21.19 50.56
C PRO N 556 35.31 20.12 49.80
N ILE N 557 34.58 19.30 50.56
CA ILE N 557 33.80 18.20 50.02
C ILE N 557 32.32 18.56 50.13
N GLY N 558 31.61 18.42 49.02
CA GLY N 558 30.21 18.79 48.96
C GLY N 558 29.31 17.79 49.66
N CYS N 559 28.00 18.03 49.50
CA CYS N 559 27.01 17.17 50.15
C CYS N 559 27.05 15.75 49.58
N LEU N 560 27.27 15.62 48.27
CA LEU N 560 27.30 14.30 47.65
C LEU N 560 28.46 13.46 48.20
N GLY N 561 29.63 14.08 48.39
CA GLY N 561 30.77 13.36 48.92
C GLY N 561 30.64 12.95 50.37
N THR N 562 29.83 13.67 51.13
CA THR N 562 29.62 13.36 52.55
C THR N 562 28.45 12.41 52.78
N SER N 563 27.75 12.00 51.74
CA SER N 563 26.63 11.07 51.86
C SER N 563 27.04 9.61 51.76
N LYS N 564 28.31 9.34 51.52
CA LYS N 564 28.81 7.97 51.41
C LYS N 564 29.38 7.52 52.75
N ILE N 565 29.77 6.25 52.81
CA ILE N 565 30.39 5.66 53.99
C ILE N 565 31.73 5.07 53.57
N TYR N 566 32.77 5.38 54.34
CA TYR N 566 34.13 4.96 54.02
C TYR N 566 34.67 4.03 55.11
N ARG N 567 35.49 3.09 54.67
CA ARG N 567 36.19 2.16 55.57
C ARG N 567 37.68 2.48 55.48
N ILE N 568 38.19 3.19 56.49
CA ILE N 568 39.59 3.63 56.51
C ILE N 568 40.29 2.86 57.62
N LEU N 569 41.35 2.13 57.25
CA LEU N 569 42.15 1.34 58.19
C LEU N 569 41.28 0.36 58.97
N GLY N 570 40.30 -0.22 58.30
CA GLY N 570 39.40 -1.17 58.93
C GLY N 570 38.37 -0.58 59.85
N LYS N 571 38.20 0.75 59.84
CA LYS N 571 37.26 1.43 60.71
C LYS N 571 36.22 2.15 59.86
N THR N 572 34.95 1.98 60.21
CA THR N 572 33.86 2.66 59.50
C THR N 572 33.90 4.15 59.79
N VAL N 573 33.80 4.96 58.74
CA VAL N 573 33.88 6.41 58.87
C VAL N 573 32.64 7.02 58.24
N VAL N 574 31.98 7.90 59.00
CA VAL N 574 30.82 8.65 58.52
C VAL N 574 31.07 10.13 58.78
N CYS N 575 30.78 10.97 57.79
CA CYS N 575 31.04 12.39 57.86
C CYS N 575 29.74 13.17 57.74
N TYR N 576 29.52 14.09 58.69
CA TYR N 576 28.36 14.95 58.66
C TYR N 576 28.55 16.08 57.65
N PRO N 577 27.46 16.66 57.14
CA PRO N 577 27.59 17.72 56.14
C PRO N 577 28.29 18.95 56.69
N ILE N 578 28.91 19.72 55.78
CA ILE N 578 29.67 20.91 56.16
C ILE N 578 28.77 22.00 56.71
N ILE N 579 27.45 21.89 56.53
CA ILE N 579 26.53 22.91 57.01
C ILE N 579 26.56 23.03 58.53
N PHE N 580 26.89 21.96 59.23
CA PHE N 580 26.78 21.91 60.69
C PHE N 580 27.98 22.53 61.41
N ASP N 581 28.98 23.01 60.69
CA ASP N 581 30.16 23.62 61.30
C ASP N 581 30.17 25.12 60.99
N LEU N 582 30.56 25.91 61.99
CA LEU N 582 30.65 27.35 61.87
C LEU N 582 32.07 27.79 62.21
N SER N 583 32.58 28.78 61.47
CA SER N 583 33.95 29.24 61.66
C SER N 583 34.04 30.68 62.16
N ASP N 584 33.54 31.65 61.40
CA ASP N 584 33.72 33.04 61.78
C ASP N 584 32.48 33.91 61.64
N PHE N 585 31.51 33.55 60.81
CA PHE N 585 30.41 34.46 60.50
C PHE N 585 29.22 34.23 61.41
N TYR N 586 28.31 35.20 61.42
CA TYR N 586 27.14 35.21 62.27
C TYR N 586 25.91 34.60 61.62
N MET N 587 26.01 34.13 60.37
CA MET N 587 24.86 33.52 59.71
C MET N 587 24.43 32.23 60.37
N SER N 588 25.33 31.58 61.11
CA SER N 588 25.02 30.33 61.80
C SER N 588 24.35 30.55 63.15
N GLN N 589 24.22 31.80 63.59
CA GLN N 589 23.59 32.10 64.88
C GLN N 589 22.08 32.12 64.81
N ASP N 590 21.49 31.99 63.62
CA ASP N 590 20.04 31.95 63.46
C ASP N 590 19.62 30.52 63.15
N VAL N 591 18.72 29.98 63.98
CA VAL N 591 18.26 28.61 63.78
C VAL N 591 17.45 28.48 62.50
N PHE N 592 16.68 29.52 62.15
CA PHE N 592 15.89 29.45 60.92
C PHE N 592 16.77 29.27 59.70
N LEU N 593 17.91 29.98 59.67
CA LEU N 593 18.85 29.82 58.57
C LEU N 593 19.40 28.40 58.53
N LEU N 594 19.70 27.82 59.69
CA LEU N 594 20.19 26.44 59.73
C LEU N 594 19.15 25.46 59.19
N ILE N 595 17.89 25.64 59.58
CA ILE N 595 16.83 24.76 59.08
C ILE N 595 16.67 24.93 57.57
N ASP N 596 16.71 26.17 57.09
CA ASP N 596 16.60 26.41 55.66
C ASP N 596 17.76 25.76 54.90
N ASP N 597 18.97 25.88 55.42
CA ASP N 597 20.12 25.27 54.78
C ASP N 597 20.01 23.75 54.77
N ILE N 598 19.51 23.17 55.86
CA ILE N 598 19.34 21.72 55.91
C ILE N 598 18.30 21.26 54.89
N LYS N 599 17.19 22.00 54.78
CA LYS N 599 16.19 21.67 53.76
C LYS N 599 16.76 21.79 52.36
N ASN N 600 17.55 22.84 52.12
CA ASN N 600 18.18 23.02 50.81
C ASN N 600 19.13 21.87 50.50
N ALA N 601 19.92 21.44 51.48
CA ALA N 601 20.82 20.32 51.28
C ALA N 601 20.05 19.04 51.00
N LEU N 602 18.95 18.82 51.71
CA LEU N 602 18.13 17.63 51.47
C LEU N 602 17.56 17.64 50.05
N GLN N 603 17.07 18.80 49.60
CA GLN N 603 16.53 18.90 48.25
C GLN N 603 17.63 18.66 47.21
N PHE N 604 18.81 19.22 47.44
CA PHE N 604 19.93 19.03 46.51
C PHE N 604 20.33 17.56 46.45
N ILE N 605 20.36 16.89 47.60
CA ILE N 605 20.71 15.47 47.62
C ILE N 605 19.65 14.66 46.88
N LYS N 606 18.36 14.95 47.12
CA LYS N 606 17.30 14.21 46.45
C LYS N 606 17.36 14.41 44.93
N GLN N 607 17.60 15.64 44.49
CA GLN N 607 17.51 15.94 43.07
C GLN N 607 18.73 15.42 42.29
N TYR N 608 19.91 15.44 42.91
CA TYR N 608 21.16 15.14 42.21
C TYR N 608 21.86 13.93 42.82
N TRP N 609 21.13 12.85 43.07
CA TRP N 609 21.71 11.59 43.52
C TRP N 609 21.39 10.51 42.50
N LYS N 610 22.45 9.87 41.96
CA LYS N 610 22.28 8.83 40.95
C LYS N 610 23.10 7.58 41.26
N MET N 611 23.64 7.45 42.47
CA MET N 611 24.46 6.30 42.83
C MET N 611 23.55 5.15 43.28
N HIS N 612 24.17 4.06 43.73
CA HIS N 612 23.44 2.88 44.19
C HIS N 612 23.36 2.90 45.72
N GLY N 613 22.15 2.72 46.24
CA GLY N 613 21.95 2.73 47.68
C GLY N 613 21.44 4.07 48.17
N ARG N 614 20.66 4.04 49.24
CA ARG N 614 20.13 5.27 49.81
C ARG N 614 21.24 6.09 50.45
N PRO N 615 21.31 7.40 50.15
CA PRO N 615 22.36 8.23 50.75
C PRO N 615 22.15 8.38 52.25
N LEU N 616 23.25 8.64 52.95
CA LEU N 616 23.24 8.79 54.40
C LEU N 616 23.36 10.27 54.76
N PHE N 617 22.44 10.74 55.58
CA PHE N 617 22.44 12.13 56.05
C PHE N 617 22.58 12.13 57.56
N LEU N 618 23.56 12.87 58.07
CA LEU N 618 23.82 12.94 59.49
C LEU N 618 23.43 14.29 60.05
N VAL N 619 22.69 14.28 61.16
CA VAL N 619 22.20 15.50 61.80
C VAL N 619 22.94 15.67 63.12
N LEU N 620 23.57 16.82 63.30
CA LEU N 620 24.31 17.14 64.52
C LEU N 620 23.55 18.18 65.32
N ILE N 621 23.35 17.90 66.60
CA ILE N 621 22.61 18.78 67.51
C ILE N 621 23.57 19.25 68.60
N ARG N 622 23.64 20.56 68.79
CA ARG N 622 24.50 21.16 69.80
C ARG N 622 23.66 21.90 70.83
N GLU N 623 24.19 21.99 72.05
CA GLU N 623 23.47 22.65 73.13
C GLU N 623 23.33 24.14 72.92
N ASP N 624 24.22 24.75 72.12
CA ASP N 624 24.18 26.20 71.94
C ASP N 624 23.11 26.65 70.95
N ASN N 625 22.52 25.72 70.19
CA ASN N 625 21.53 26.05 69.18
C ASN N 625 20.11 25.70 69.62
N ILE N 626 19.90 25.45 70.90
CA ILE N 626 18.56 25.08 71.39
C ILE N 626 18.18 25.97 72.57
N ARG N 627 19.14 26.72 73.09
CA ARG N 627 18.92 27.57 74.26
C ARG N 627 18.06 28.77 73.87
N GLY N 628 17.27 29.26 74.83
CA GLY N 628 16.43 30.41 74.59
C GLY N 628 15.18 30.12 73.79
N SER N 629 14.69 31.12 73.06
CA SER N 629 13.47 30.98 72.28
C SER N 629 13.63 30.13 71.04
N ARG N 630 14.85 29.73 70.70
CA ARG N 630 15.09 28.95 69.48
C ARG N 630 14.84 27.47 69.68
N PHE N 631 14.45 27.03 70.88
CA PHE N 631 14.16 25.62 71.10
C PHE N 631 12.99 25.14 70.27
N ASN N 632 11.94 25.96 70.16
CA ASN N 632 10.73 25.55 69.46
C ASN N 632 10.95 25.24 67.99
N PRO N 633 11.63 26.08 67.20
CA PRO N 633 11.86 25.70 65.79
C PRO N 633 12.66 24.42 65.64
N ILE N 634 13.64 24.18 66.50
CA ILE N 634 14.43 22.96 66.42
C ILE N 634 13.55 21.74 66.71
N LEU N 635 12.69 21.84 67.72
CA LEU N 635 11.78 20.73 68.04
C LEU N 635 10.80 20.49 66.89
N ASP N 636 10.30 21.57 66.28
CA ASP N 636 9.38 21.42 65.15
C ASP N 636 10.09 20.72 63.99
N MET N 637 11.31 21.13 63.67
CA MET N 637 12.05 20.49 62.59
C MET N 637 12.33 19.02 62.89
N LEU N 638 12.69 18.70 64.14
CA LEU N 638 12.97 17.31 64.49
C LEU N 638 11.71 16.46 64.42
N ALA N 639 10.57 17.01 64.85
CA ALA N 639 9.31 16.29 64.73
C ALA N 639 8.95 16.06 63.27
N ALA N 640 9.16 17.08 62.42
CA ALA N 640 8.90 16.91 61.00
C ALA N 640 9.79 15.83 60.39
N LEU N 641 11.07 15.80 60.78
CA LEU N 641 11.97 14.75 60.30
C LEU N 641 11.51 13.39 60.77
N LYS N 642 11.07 13.28 62.03
CA LYS N 642 10.60 12.00 62.54
C LYS N 642 9.31 11.56 61.86
N LYS N 643 8.49 12.51 61.40
CA LYS N 643 7.23 12.15 60.75
C LYS N 643 7.48 11.34 59.48
N GLY N 644 8.45 11.75 58.67
CA GLY N 644 8.79 11.00 57.47
C GLY N 644 9.05 11.87 56.26
N ILE N 645 8.41 13.03 56.18
CA ILE N 645 8.57 13.95 55.07
C ILE N 645 8.85 15.34 55.62
N ILE N 646 9.91 15.97 55.10
CA ILE N 646 10.26 17.34 55.47
C ILE N 646 10.62 18.09 54.19
N GLY N 647 9.97 19.24 53.98
CA GLY N 647 10.23 20.06 52.81
C GLY N 647 9.97 19.34 51.49
N GLY N 648 8.94 18.50 51.45
CA GLY N 648 8.63 17.76 50.24
C GLY N 648 9.55 16.60 49.94
N VAL N 649 10.43 16.23 50.86
CA VAL N 649 11.38 15.14 50.67
C VAL N 649 11.11 14.07 51.73
N LYS N 650 10.93 12.84 51.27
CA LYS N 650 10.69 11.73 52.19
C LYS N 650 12.00 11.28 52.83
N VAL N 651 11.97 11.09 54.15
CA VAL N 651 13.14 10.68 54.90
C VAL N 651 12.75 9.54 55.84
N HIS N 652 13.77 8.78 56.25
CA HIS N 652 13.59 7.66 57.17
C HIS N 652 14.59 7.81 58.31
N VAL N 653 14.13 7.55 59.52
CA VAL N 653 14.97 7.66 60.72
C VAL N 653 15.01 6.30 61.39
N ASP N 654 16.20 5.93 61.89
CA ASP N 654 16.41 4.66 62.57
C ASP N 654 17.80 4.69 63.20
N ARG N 655 18.19 3.56 63.78
CA ARG N 655 19.51 3.46 64.42
C ARG N 655 20.60 3.45 63.37
N LEU N 656 21.74 4.07 63.72
CA LEU N 656 22.87 4.12 62.79
C LEU N 656 23.45 2.74 62.54
N GLN N 657 23.50 1.90 63.58
CA GLN N 657 24.04 0.55 63.41
C GLN N 657 23.20 -0.27 62.44
N THR N 658 21.87 -0.15 62.53
CA THR N 658 21.01 -0.83 61.57
C THR N 658 21.18 -0.26 60.17
N LEU N 659 21.32 1.06 60.07
CA LEU N 659 21.48 1.70 58.76
C LEU N 659 22.75 1.23 58.06
N ILE N 660 23.86 1.15 58.81
CA ILE N 660 25.14 0.82 58.19
C ILE N 660 25.20 -0.64 57.79
N SER N 661 24.41 -1.49 58.45
CA SER N 661 24.42 -2.92 58.15
C SER N 661 23.79 -3.18 56.80
N GLY N 662 24.47 -3.97 55.97
CA GLY N 662 23.95 -4.32 54.66
C GLY N 662 24.07 -3.27 53.60
N ALA N 663 24.80 -2.19 53.86
CA ALA N 663 24.94 -1.10 52.91
C ALA N 663 26.29 -1.18 52.20
N VAL N 664 26.35 -0.54 51.03
CA VAL N 664 27.58 -0.49 50.25
C VAL N 664 28.54 0.51 50.89
N VAL N 665 29.78 0.09 51.11
CA VAL N 665 30.79 0.91 51.77
C VAL N 665 31.86 1.25 50.75
N GLU N 666 32.49 2.42 50.93
CA GLU N 666 33.60 2.81 50.08
C GLU N 666 34.93 2.44 50.73
N GLN N 667 35.86 1.93 49.93
CA GLN N 667 37.13 1.43 50.42
C GLN N 667 38.25 2.34 49.94
N LEU N 668 39.14 2.70 50.86
CA LEU N 668 40.29 3.56 50.59
C LEU N 668 41.55 2.84 51.04
N ASP N 669 42.12 2.03 50.14
CA ASP N 669 43.30 1.23 50.45
C ASP N 669 44.61 1.91 50.11
N PHE N 670 44.57 3.14 49.58
CA PHE N 670 45.82 3.83 49.27
C PHE N 670 46.60 4.19 50.53
N LEU N 671 45.90 4.34 51.66
CA LEU N 671 46.57 4.64 52.91
C LEU N 671 47.46 3.47 53.35
N ARG N 672 46.99 2.24 53.17
CA ARG N 672 47.78 1.08 53.54
C ARG N 672 49.06 0.99 52.71
N ILE N 673 48.96 1.26 51.40
CA ILE N 673 50.12 1.19 50.52
C ILE N 673 51.11 2.30 50.76
N SER N 674 50.71 3.36 51.48
CA SER N 674 51.61 4.48 51.73
C SER N 674 52.86 4.02 52.47
N ASP N 675 54.00 4.57 52.08
CA ASP N 675 55.29 4.19 52.63
C ASP N 675 55.71 5.06 53.81
N THR N 676 54.82 5.93 54.29
CA THR N 676 55.16 6.78 55.43
C THR N 676 55.46 5.94 56.66
N GLU N 677 56.54 6.30 57.37
CA GLU N 677 56.94 5.53 58.55
C GLU N 677 55.88 5.58 59.64
N GLU N 678 55.29 6.75 59.87
CA GLU N 678 54.27 6.93 60.89
C GLU N 678 52.94 7.23 60.19
N LEU N 679 51.92 6.43 60.50
CA LEU N 679 50.61 6.66 59.93
C LEU N 679 49.98 7.92 60.52
N PRO N 680 49.39 8.78 59.69
CA PRO N 680 48.76 10.00 60.22
C PRO N 680 47.59 9.67 61.14
N GLU N 681 47.40 10.51 62.15
CA GLU N 681 46.34 10.33 63.13
C GLU N 681 45.16 11.24 62.79
N PHE N 682 43.97 10.66 62.73
CA PHE N 682 42.75 11.39 62.43
C PHE N 682 41.89 11.47 63.69
N LYS N 683 41.44 12.68 64.01
CA LYS N 683 40.65 12.90 65.22
C LYS N 683 39.15 12.77 64.94
N PHE N 685 35.00 12.44 66.01
CA PHE N 685 34.09 13.22 66.86
C PHE N 685 33.97 12.56 68.24
N GLU N 686 34.11 13.37 69.29
CA GLU N 686 34.10 12.87 70.66
C GLU N 686 32.98 13.53 71.44
N GLU N 687 32.36 12.74 72.32
CA GLU N 687 31.28 13.26 73.16
C GLU N 687 31.82 14.27 74.15
N LEU N 688 31.05 15.34 74.36
CA LEU N 688 31.45 16.42 75.27
C LEU N 688 31.02 16.07 76.69
N GLU N 689 31.99 16.01 77.60
CA GLU N 689 31.69 15.68 78.98
C GLU N 689 30.89 16.80 79.65
N PRO N 690 30.02 16.48 80.61
CA PRO N 690 29.26 17.52 81.28
C PRO N 690 30.18 18.40 82.12
N PRO N 691 29.86 19.69 82.26
CA PRO N 691 30.68 20.57 83.09
C PRO N 691 30.55 20.23 84.55
N LYS N 692 31.60 20.54 85.31
CA LYS N 692 31.65 20.29 86.74
C LYS N 692 31.63 21.57 87.56
N HIS N 693 31.25 22.69 86.94
CA HIS N 693 31.16 23.98 87.64
C HIS N 693 29.73 24.48 87.77
N SER N 694 29.00 24.58 86.65
CA SER N 694 27.62 25.01 86.69
C SER N 694 26.62 23.86 86.59
N LYS N 695 26.95 22.82 85.83
CA LYS N 695 26.11 21.64 85.66
C LYS N 695 24.72 22.03 85.15
N VAL N 696 24.70 22.61 83.96
CA VAL N 696 23.45 22.96 83.29
C VAL N 696 22.94 21.69 82.62
N LYS N 697 21.90 21.09 83.20
CA LYS N 697 21.36 19.83 82.71
C LYS N 697 20.22 20.07 81.72
N ARG N 698 20.47 20.91 80.72
CA ARG N 698 19.52 21.23 79.66
C ARG N 698 18.18 21.70 80.25
N GLN N 699 18.25 22.84 80.92
CA GLN N 699 17.08 23.45 81.54
C GLN N 699 16.03 23.84 80.50
N THR N 702 13.03 28.99 78.83
CA THR N 702 13.16 30.25 79.57
C THR N 702 13.34 31.44 78.63
N PRO N 703 12.25 31.87 78.00
CA PRO N 703 12.33 33.00 77.07
C PRO N 703 12.83 34.28 77.73
N SER N 704 12.11 34.72 78.77
CA SER N 704 12.44 35.94 79.52
C SER N 704 12.54 37.15 78.61
N ALA N 705 13.10 38.25 79.11
CA ALA N 705 13.31 39.43 78.29
C ALA N 705 14.42 40.31 78.87
N PRO N 706 15.68 39.85 78.89
CA PRO N 706 16.79 40.68 79.37
C PRO N 706 17.42 41.53 78.26
N GLU N 707 16.59 42.28 77.56
CA GLU N 707 17.03 43.08 76.43
C GLU N 707 16.38 44.46 76.48
N LEU N 708 17.07 45.44 75.89
CA LEU N 708 16.53 46.80 75.81
C LEU N 708 16.61 47.29 74.37
N GLY N 709 16.25 48.54 74.14
CA GLY N 709 16.30 49.11 72.80
C GLY N 709 16.72 50.55 72.78
N GLN N 710 17.77 50.86 72.01
CA GLN N 710 18.24 52.24 71.89
C GLN N 710 18.90 52.41 70.53
N GLN N 711 18.63 53.53 69.87
CA GLN N 711 19.27 53.83 68.61
C GLN N 711 20.62 54.51 68.87
N PRO N 712 21.68 54.05 68.22
CA PRO N 712 23.01 54.61 68.47
C PRO N 712 23.06 56.11 68.19
N ASP N 713 23.66 56.85 69.12
CA ASP N 713 23.75 58.30 69.04
C ASP N 713 25.05 58.76 68.38
N VAL N 714 25.87 57.84 67.89
CA VAL N 714 27.16 58.16 67.30
C VAL N 714 27.16 57.72 65.84
N ASN N 715 27.59 58.63 64.96
CA ASN N 715 27.75 58.34 63.55
C ASN N 715 29.15 58.79 63.11
N ILE N 716 29.63 58.18 62.03
CA ILE N 716 31.00 58.44 61.58
C ILE N 716 31.15 59.85 61.03
N SER N 717 30.03 60.51 60.70
CA SER N 717 30.10 61.82 60.09
C SER N 717 30.51 62.93 61.06
N GLU N 718 30.25 62.76 62.37
CA GLU N 718 30.61 63.77 63.35
C GLU N 718 31.81 63.37 64.20
N TRP N 719 31.82 62.15 64.75
CA TRP N 719 32.92 61.69 65.60
C TRP N 719 34.07 61.18 64.73
N LYS N 720 34.62 62.10 63.94
CA LYS N 720 35.73 61.80 63.04
C LYS N 720 36.99 62.57 63.38
N ASP N 721 36.88 63.89 63.57
CA ASP N 721 38.02 64.74 63.88
C ASP N 721 38.26 64.90 65.38
N LYS N 722 37.48 64.23 66.21
CA LYS N 722 37.65 64.34 67.65
C LYS N 722 38.99 63.76 68.08
N PRO N 723 39.68 64.40 69.02
CA PRO N 723 40.98 63.90 69.47
C PRO N 723 40.84 62.68 70.37
N THR N 724 42.00 62.07 70.66
CA THR N 724 42.02 60.69 71.16
C THR N 724 41.40 60.56 72.54
N HIS N 725 41.73 61.48 73.47
CA HIS N 725 41.31 61.26 74.85
C HIS N 725 39.80 61.43 75.01
N GLU N 726 39.20 62.34 74.24
CA GLU N 726 37.75 62.52 74.32
C GLU N 726 37.01 61.27 73.86
N ILE N 727 37.39 60.70 72.72
CA ILE N 727 36.71 59.50 72.25
C ILE N 727 37.03 58.32 73.17
N LEU N 728 38.23 58.29 73.74
CA LEU N 728 38.56 57.23 74.69
C LEU N 728 37.65 57.27 75.92
N GLN N 729 37.48 58.46 76.52
CA GLN N 729 36.62 58.56 77.69
C GLN N 729 35.16 58.35 77.32
N LYS N 730 34.76 58.76 76.11
CA LYS N 730 33.40 58.51 75.66
C LYS N 730 33.13 57.02 75.52
N LEU N 731 34.11 56.26 75.00
CA LEU N 731 33.97 54.81 74.94
C LEU N 731 33.95 54.21 76.35
N ASN N 732 34.77 54.76 77.25
CA ASN N 732 34.85 54.22 78.61
C ASN N 732 33.53 54.37 79.35
N ASP N 733 32.90 55.54 79.25
CA ASP N 733 31.70 55.81 80.04
C ASP N 733 30.40 55.51 79.30
N CYS N 734 30.47 54.96 78.08
CA CYS N 734 29.26 54.63 77.34
C CYS N 734 28.85 53.18 77.58
N SER N 735 27.64 52.85 77.16
CA SER N 735 27.11 51.49 77.28
C SER N 735 26.48 50.95 76.01
N CYS N 736 26.26 51.77 74.99
CA CYS N 736 25.65 51.28 73.76
C CYS N 736 26.63 50.40 72.99
N LEU N 737 26.14 49.23 72.54
CA LEU N 737 26.99 48.31 71.79
C LEU N 737 27.34 48.88 70.42
N ALA N 738 26.35 49.46 69.72
CA ALA N 738 26.62 50.03 68.40
C ALA N 738 27.57 51.20 68.49
N SER N 739 27.39 52.08 69.49
CA SER N 739 28.29 53.20 69.66
C SER N 739 29.71 52.74 69.98
N GLN N 740 29.84 51.72 70.83
CA GLN N 740 31.16 51.17 71.13
C GLN N 740 31.80 50.59 69.88
N ALA N 741 31.03 49.86 69.06
CA ALA N 741 31.57 49.30 67.83
C ALA N 741 32.03 50.40 66.88
N ILE N 742 31.23 51.46 66.74
CA ILE N 742 31.59 52.56 65.85
C ILE N 742 32.86 53.25 66.33
N LEU N 743 32.95 53.50 67.64
CA LEU N 743 34.14 54.14 68.20
C LEU N 743 35.38 53.27 68.00
N LEU N 744 35.24 51.96 68.22
CA LEU N 744 36.38 51.07 68.05
C LEU N 744 36.80 50.97 66.58
N GLY N 745 35.83 50.98 65.67
CA GLY N 745 36.17 51.00 64.25
C GLY N 745 36.89 52.27 63.85
N ILE N 746 36.45 53.42 64.38
CA ILE N 746 37.14 54.68 64.12
C ILE N 746 38.57 54.62 64.68
N LEU N 747 38.73 54.06 65.88
CA LEU N 747 40.06 53.93 66.47
C LEU N 747 40.95 53.05 65.60
N LEU N 748 40.42 51.94 65.10
CA LEU N 748 41.20 51.07 64.22
C LEU N 748 41.58 51.80 62.93
N LYS N 749 40.64 52.55 62.35
CA LYS N 749 40.92 53.25 61.11
C LYS N 749 41.99 54.32 61.30
N ARG N 750 41.94 55.06 62.41
CA ARG N 750 42.83 56.18 62.64
C ARG N 750 44.00 55.82 63.57
N GLU N 751 43.70 55.38 64.80
CA GLU N 751 44.75 55.18 65.79
C GLU N 751 45.55 53.89 65.55
N GLY N 752 44.89 52.81 65.17
CA GLY N 752 45.58 51.56 64.92
C GLY N 752 45.03 50.41 65.73
N PRO N 753 45.05 49.21 65.16
CA PRO N 753 44.52 48.04 65.89
C PRO N 753 45.40 47.59 67.04
N ASN N 754 46.69 47.91 67.01
CA ASN N 754 47.60 47.45 68.04
C ASN N 754 47.63 48.34 69.28
N PHE N 755 46.88 49.44 69.27
CA PHE N 755 46.86 50.33 70.43
C PHE N 755 46.17 49.67 71.61
N ILE N 756 46.69 49.91 72.81
CA ILE N 756 46.17 49.30 74.02
C ILE N 756 45.13 50.23 74.62
N THR N 757 43.88 49.78 74.66
CA THR N 757 42.80 50.55 75.27
C THR N 757 42.73 50.23 76.76
N LYS N 758 41.66 50.69 77.42
CA LYS N 758 41.49 50.39 78.83
C LYS N 758 41.29 48.91 79.07
N GLU N 759 40.53 48.24 78.18
CA GLU N 759 40.23 46.82 78.30
C GLU N 759 41.08 45.97 77.35
N GLY N 760 42.30 46.37 77.09
CA GLY N 760 43.19 45.61 76.24
C GLY N 760 43.34 46.19 74.86
N THR N 761 43.69 45.31 73.92
CA THR N 761 43.88 45.72 72.53
C THR N 761 42.53 46.04 71.88
N VAL N 762 42.60 46.80 70.79
CA VAL N 762 41.40 47.20 70.05
C VAL N 762 40.79 45.98 69.37
N ASP N 764 40.98 42.73 70.32
CA ASP N 764 40.32 41.92 71.33
C ASP N 764 38.98 42.54 71.69
N HIS N 765 38.97 43.87 71.80
CA HIS N 765 37.73 44.56 72.17
C HIS N 765 36.65 44.41 71.11
N ILE N 766 37.01 44.57 69.83
CA ILE N 766 36.02 44.45 68.78
C ILE N 766 35.53 43.00 68.67
N GLU N 767 36.45 42.04 68.83
CA GLU N 767 36.03 40.64 68.81
C GLU N 767 35.07 40.33 69.95
N ARG N 768 35.37 40.84 71.15
CA ARG N 768 34.50 40.59 72.31
C ARG N 768 33.13 41.24 72.13
N VAL N 769 33.10 42.48 71.65
CA VAL N 769 31.81 43.16 71.49
C VAL N 769 31.00 42.49 70.38
N TYR N 770 31.66 42.04 69.31
CA TYR N 770 30.97 41.30 68.27
C TYR N 770 30.39 40.01 68.83
N ARG N 771 31.16 39.29 69.66
CA ARG N 771 30.68 38.03 70.20
C ARG N 771 29.48 38.24 71.13
N ARG N 772 29.54 39.26 71.99
CA ARG N 772 28.41 39.48 72.89
C ARG N 772 27.18 40.00 72.14
N ALA N 773 27.40 40.81 71.10
CA ALA N 773 26.27 41.25 70.28
C ALA N 773 25.62 40.08 69.55
N GLY N 774 26.43 39.15 69.04
CA GLY N 774 25.88 37.97 68.42
C GLY N 774 25.13 37.08 69.40
N SER N 775 25.67 36.94 70.62
CA SER N 775 24.98 36.16 71.63
C SER N 775 23.66 36.80 72.04
N GLN N 776 23.63 38.14 72.10
CA GLN N 776 22.43 38.86 72.51
C GLN N 776 21.53 39.23 71.34
N LYS N 777 21.87 38.80 70.12
CA LYS N 777 21.08 39.07 68.93
C LYS N 777 20.90 40.58 68.70
N LEU N 778 22.02 41.26 68.55
CA LEU N 778 22.07 42.67 68.20
C LEU N 778 22.64 42.76 66.78
N TRP N 779 21.74 42.69 65.79
CA TRP N 779 22.18 42.54 64.40
C TRP N 779 22.93 43.76 63.90
N LEU N 780 22.51 44.97 64.30
CA LEU N 780 23.19 46.18 63.85
C LEU N 780 24.64 46.20 64.30
N ALA N 781 24.87 45.94 65.58
CA ALA N 781 26.23 45.92 66.11
C ALA N 781 27.05 44.79 65.50
N VAL N 782 26.43 43.63 65.29
CA VAL N 782 27.14 42.50 64.69
C VAL N 782 27.60 42.85 63.28
N ARG N 783 26.71 43.44 62.49
CA ARG N 783 27.06 43.79 61.12
C ARG N 783 28.09 44.91 61.08
N TYR N 784 27.99 45.87 62.00
CA TYR N 784 29.01 46.91 62.10
C TYR N 784 30.38 46.32 62.41
N GLY N 785 30.44 45.40 63.37
CA GLY N 785 31.70 44.78 63.72
C GLY N 785 32.27 43.93 62.59
N ALA N 786 31.40 43.18 61.90
CA ALA N 786 31.85 42.38 60.78
C ALA N 786 32.38 43.25 59.65
N ALA N 787 31.71 44.38 59.38
CA ALA N 787 32.16 45.29 58.33
C ALA N 787 33.50 45.93 58.69
N PHE N 788 33.65 46.36 59.94
CA PHE N 788 34.89 47.02 60.34
C PHE N 788 36.05 46.05 60.53
N THR N 789 35.77 44.78 60.82
CA THR N 789 36.83 43.77 60.97
C THR N 789 37.22 43.12 59.65
N GLN N 790 36.52 43.45 58.57
CA GLN N 790 36.81 42.91 57.24
C GLN N 790 36.78 41.39 57.22
N LYS N 791 35.73 40.80 57.80
CA LYS N 791 35.57 39.35 57.80
C LYS N 791 35.06 38.87 56.45
N PHE N 792 35.41 37.63 56.12
CA PHE N 792 35.05 37.02 54.85
C PHE N 792 34.48 35.63 55.10
N SER N 793 33.62 35.19 54.18
CA SER N 793 32.97 33.89 54.27
C SER N 793 33.55 32.96 53.21
N SER N 794 33.92 31.75 53.63
CA SER N 794 34.51 30.80 52.69
C SER N 794 33.51 30.29 51.67
N SER N 795 32.21 30.48 51.94
CA SER N 795 31.17 30.02 51.02
C SER N 795 30.91 31.00 49.88
N ILE N 796 31.58 32.15 49.87
CA ILE N 796 31.39 33.12 48.80
C ILE N 796 31.88 32.55 47.47
N ALA N 797 33.07 31.95 47.47
CA ALA N 797 33.65 31.45 46.22
C ALA N 797 32.81 30.34 45.57
N PRO N 798 32.40 29.28 46.27
CA PRO N 798 31.57 28.27 45.58
C PRO N 798 30.25 28.82 45.07
N HIS N 799 29.66 29.78 45.80
CA HIS N 799 28.42 30.40 45.33
C HIS N 799 28.66 31.16 44.03
N ILE N 800 29.78 31.87 43.94
CA ILE N 800 30.09 32.62 42.72
C ILE N 800 30.38 31.66 41.56
N THR N 801 31.05 30.54 41.85
CA THR N 801 31.29 29.56 40.81
C THR N 801 29.98 28.97 40.28
N THR N 802 29.05 28.64 41.19
CA THR N 802 27.75 28.16 40.76
C THR N 802 27.00 29.23 39.97
N PHE N 803 27.14 30.50 40.39
CA PHE N 803 26.53 31.60 39.66
C PHE N 803 27.03 31.66 38.23
N LEU N 804 28.36 31.56 38.05
CA LEU N 804 28.92 31.65 36.71
C LEU N 804 28.70 30.39 35.89
N VAL N 805 28.42 29.26 36.56
CA VAL N 805 28.07 28.04 35.83
C VAL N 805 26.74 28.22 35.11
N HIS N 806 25.73 28.74 35.82
CA HIS N 806 24.39 28.88 35.26
C HIS N 806 24.29 29.94 34.17
N GLY N 807 25.41 30.54 33.77
CA GLY N 807 25.40 31.52 32.70
C GLY N 807 24.95 32.91 33.10
N LYS N 808 24.89 33.20 34.39
CA LYS N 808 24.49 34.51 34.88
C LYS N 808 25.70 35.29 35.35
N GLN N 809 25.88 36.49 34.79
CA GLN N 809 26.97 37.38 35.18
C GLN N 809 26.63 38.09 36.48
N VAL N 810 27.66 38.56 37.18
CA VAL N 810 27.51 39.17 38.48
C VAL N 810 28.31 40.48 38.50
N THR N 811 27.74 41.50 39.13
CA THR N 811 28.40 42.78 39.34
C THR N 811 28.39 43.11 40.82
N LEU N 812 29.54 43.50 41.35
CA LEU N 812 29.71 43.81 42.75
C LEU N 812 30.00 45.30 42.92
N GLY N 813 29.18 45.96 43.73
CA GLY N 813 29.36 47.38 43.97
C GLY N 813 28.10 48.01 44.50
N ALA N 814 28.25 49.24 45.00
CA ALA N 814 27.11 49.98 45.53
C ALA N 814 26.22 50.48 44.40
N PHE N 815 24.96 50.74 44.74
CA PHE N 815 24.00 51.23 43.76
C PHE N 815 24.39 52.61 43.27
N GLY N 816 24.33 52.80 41.96
CA GLY N 816 24.66 54.09 41.36
C GLY N 816 26.10 54.52 41.56
N HIS N 817 27.03 53.58 41.42
CA HIS N 817 28.44 53.88 41.59
C HIS N 817 29.25 52.82 40.84
N GLU N 818 30.55 52.81 41.09
CA GLU N 818 31.44 51.88 40.40
C GLU N 818 31.13 50.45 40.79
N GLU N 819 31.13 49.56 39.80
CA GLU N 819 30.89 48.14 40.01
C GLU N 819 31.94 47.33 39.26
N GLU N 820 32.23 46.14 39.77
CA GLU N 820 33.19 45.23 39.17
C GLU N 820 32.46 43.99 38.66
N VAL N 821 32.70 43.63 37.40
CA VAL N 821 32.07 42.48 36.77
C VAL N 821 32.99 41.28 36.95
N ILE N 822 32.40 40.09 37.04
CA ILE N 822 33.16 38.85 37.18
C ILE N 822 32.76 37.97 36.01
N SER N 823 33.55 38.02 34.94
CA SER N 823 33.23 37.24 33.74
C SER N 823 33.56 35.77 33.94
N ASN N 824 34.65 35.46 34.63
CA ASN N 824 35.13 34.12 34.83
C ASN N 824 35.38 33.88 36.31
N PRO N 825 35.31 32.62 36.77
CA PRO N 825 35.55 32.34 38.19
C PRO N 825 36.94 32.78 38.63
N LEU N 826 37.01 33.32 39.84
CA LEU N 826 38.24 33.87 40.40
C LEU N 826 38.53 33.24 41.75
N SER N 827 39.80 33.34 42.16
CA SER N 827 40.21 32.82 43.44
C SER N 827 39.59 33.64 44.58
N PRO N 828 39.43 33.03 45.76
CA PRO N 828 38.81 33.77 46.88
C PRO N 828 39.54 35.04 47.25
N ARG N 829 40.88 35.05 47.13
CA ARG N 829 41.64 36.26 47.46
C ARG N 829 41.27 37.41 46.53
N VAL N 830 41.14 37.12 45.23
CA VAL N 830 40.84 38.17 44.27
C VAL N 830 39.45 38.75 44.50
N ILE N 831 38.45 37.89 44.74
CA ILE N 831 37.10 38.39 44.95
C ILE N 831 37.01 39.14 46.27
N GLN N 832 37.74 38.68 47.29
CA GLN N 832 37.80 39.43 48.55
C GLN N 832 38.41 40.81 48.34
N ASN N 833 39.49 40.88 47.56
CA ASN N 833 40.09 42.16 47.21
C ASN N 833 39.10 43.06 46.50
N ILE N 834 38.33 42.49 45.56
CA ILE N 834 37.36 43.27 44.80
C ILE N 834 36.27 43.81 45.72
N ILE N 835 35.77 42.95 46.61
CA ILE N 835 34.63 43.35 47.45
C ILE N 835 35.08 44.30 48.56
N TYR N 836 36.36 44.27 48.92
CA TYR N 836 36.85 45.08 50.02
C TYR N 836 37.71 46.25 49.57
N TYR N 837 37.82 46.49 48.26
CA TYR N 837 38.61 47.61 47.75
C TYR N 837 37.89 48.33 46.62
N LYS N 838 36.56 48.16 46.53
CA LYS N 838 35.76 48.91 45.56
C LYS N 838 34.59 49.65 46.21
N CYS N 839 34.47 49.61 47.54
CA CYS N 839 33.40 50.31 48.24
C CYS N 839 33.95 51.12 49.41
N ASN N 840 35.17 51.63 49.25
CA ASN N 840 35.80 52.41 50.32
C ASN N 840 35.03 53.70 50.59
N THR N 841 34.56 54.37 49.53
CA THR N 841 33.83 55.63 49.69
C THR N 841 32.49 55.45 50.37
N HIS N 842 31.97 54.23 50.47
CA HIS N 842 30.71 53.95 51.12
C HIS N 842 30.95 53.18 52.42
N ASP N 843 29.89 53.02 53.21
CA ASP N 843 29.97 52.27 54.45
C ASP N 843 30.26 50.80 54.15
N GLU N 844 31.08 50.18 55.00
CA GLU N 844 31.49 48.80 54.78
C GLU N 844 30.37 47.79 55.02
N ARG N 845 29.23 48.23 55.57
CA ARG N 845 28.10 47.33 55.72
C ARG N 845 27.57 46.87 54.37
N GLU N 846 27.84 47.64 53.31
CA GLU N 846 27.43 47.24 51.98
C GLU N 846 28.09 45.93 51.56
N ALA N 847 29.36 45.75 51.92
CA ALA N 847 30.05 44.50 51.59
C ALA N 847 29.39 43.31 52.28
N VAL N 848 29.04 43.48 53.56
CA VAL N 848 28.40 42.39 54.31
C VAL N 848 27.03 42.07 53.71
N ILE N 849 26.25 43.11 53.38
CA ILE N 849 24.93 42.86 52.81
C ILE N 849 25.06 42.22 51.43
N GLN N 850 26.10 42.59 50.67
CA GLN N 850 26.33 41.96 49.37
C GLN N 850 26.70 40.50 49.52
N GLN N 851 27.52 40.17 50.53
CA GLN N 851 27.85 38.77 50.79
C GLN N 851 26.61 37.98 51.16
N GLU N 852 25.76 38.54 52.03
CA GLU N 852 24.53 37.87 52.41
C GLU N 852 23.63 37.64 51.21
N LEU N 853 23.48 38.67 50.36
CA LEU N 853 22.66 38.54 49.18
C LEU N 853 23.23 37.50 48.23
N VAL N 854 24.55 37.47 48.06
CA VAL N 854 25.17 36.49 47.18
C VAL N 854 24.88 35.08 47.67
N ILE N 855 25.03 34.86 48.98
CA ILE N 855 24.77 33.54 49.54
C ILE N 855 23.31 33.13 49.32
N HIS N 856 22.38 34.04 49.62
CA HIS N 856 20.97 33.70 49.51
C HIS N 856 20.57 33.43 48.06
N ILE N 857 20.99 34.29 47.13
CA ILE N 857 20.63 34.11 45.73
C ILE N 857 21.28 32.86 45.18
N GLY N 858 22.51 32.55 45.60
CA GLY N 858 23.14 31.30 45.20
C GLY N 858 22.33 30.10 45.65
N TRP N 859 21.87 30.12 46.90
CA TRP N 859 21.09 28.99 47.39
C TRP N 859 19.78 28.83 46.61
N ILE N 860 19.06 29.92 46.37
CA ILE N 860 17.77 29.78 45.70
C ILE N 860 17.96 29.38 44.24
N ILE N 861 18.98 29.94 43.58
CA ILE N 861 19.22 29.57 42.18
C ILE N 861 19.70 28.13 42.07
N SER N 862 20.38 27.62 43.11
CA SER N 862 20.74 26.21 43.12
C SER N 862 19.51 25.34 43.32
N ASN N 863 18.55 25.82 44.11
CA ASN N 863 17.34 25.03 44.35
C ASN N 863 16.21 25.35 43.39
N ASN N 864 15.94 26.63 43.12
CA ASN N 864 14.84 27.05 42.27
C ASN N 864 15.36 28.00 41.20
N PRO N 865 16.00 27.45 40.16
CA PRO N 865 16.51 28.31 39.07
C PRO N 865 15.42 29.02 38.28
N GLU N 866 14.17 28.54 38.36
CA GLU N 866 13.09 29.15 37.59
C GLU N 866 12.75 30.54 38.10
N LEU N 867 13.10 30.86 39.34
CA LEU N 867 12.77 32.17 39.90
C LEU N 867 13.58 33.28 39.23
N PHE N 868 14.68 32.94 38.57
CA PHE N 868 15.55 33.93 37.95
C PHE N 868 15.60 33.79 36.43
N SER N 869 14.56 33.24 35.81
CA SER N 869 14.52 33.18 34.36
C SER N 869 14.18 34.54 33.78
N GLY N 870 14.85 34.89 32.68
CA GLY N 870 14.61 36.16 32.02
C GLY N 870 15.64 37.23 32.27
N MET N 871 16.53 37.04 33.25
CA MET N 871 17.57 38.00 33.55
C MET N 871 18.93 37.39 33.22
N LEU N 872 19.79 38.17 32.57
CA LEU N 872 21.10 37.70 32.15
C LEU N 872 22.16 37.98 33.22
N LYS N 873 22.19 39.18 33.77
CA LYS N 873 23.13 39.57 34.80
C LYS N 873 22.38 39.99 36.06
N ILE N 874 23.04 39.81 37.20
CA ILE N 874 22.46 40.12 38.50
C ILE N 874 23.29 41.23 39.14
N ARG N 875 22.64 42.33 39.51
CA ARG N 875 23.29 43.45 40.16
C ARG N 875 22.87 43.48 41.62
N ILE N 876 23.85 43.36 42.52
CA ILE N 876 23.54 43.27 43.94
C ILE N 876 23.06 44.61 44.48
N GLY N 877 23.72 45.71 44.07
CA GLY N 877 23.33 47.02 44.56
C GLY N 877 21.92 47.41 44.13
N TRP N 878 21.54 47.05 42.91
CA TRP N 878 20.19 47.33 42.45
C TRP N 878 19.16 46.55 43.25
N ILE N 879 19.49 45.31 43.63
CA ILE N 879 18.59 44.54 44.49
C ILE N 879 18.51 45.16 45.87
N ILE N 880 19.63 45.71 46.36
CA ILE N 880 19.63 46.41 47.64
C ILE N 880 18.67 47.59 47.59
N HIS N 881 18.79 48.41 46.55
CA HIS N 881 17.85 49.52 46.37
C HIS N 881 16.42 49.00 46.22
N ALA N 882 16.26 47.83 45.61
CA ALA N 882 14.93 47.28 45.39
C ALA N 882 14.24 46.94 46.71
N MET N 883 14.92 46.21 47.59
CA MET N 883 14.26 45.86 48.86
C MET N 883 14.21 47.07 49.79
N GLU N 884 15.13 48.04 49.63
CA GLU N 884 14.99 49.29 50.37
C GLU N 884 13.69 50.00 49.98
N TYR N 885 13.42 50.11 48.68
CA TYR N 885 12.19 50.72 48.22
C TYR N 885 10.97 49.90 48.65
N GLU N 886 11.10 48.57 48.63
CA GLU N 886 9.99 47.71 49.06
C GLU N 886 9.66 47.95 50.53
N LEU N 887 10.67 48.04 51.39
CA LEU N 887 10.41 48.29 52.81
C LEU N 887 9.88 49.70 53.03
N GLN N 888 10.35 50.67 52.24
CA GLN N 888 9.84 52.03 52.34
C GLN N 888 8.35 52.07 51.99
N ILE N 889 7.96 51.33 50.94
CA ILE N 889 6.55 51.25 50.57
C ILE N 889 5.75 50.52 51.64
N ARG N 890 6.31 49.45 52.20
CA ARG N 890 5.62 48.68 53.23
C ARG N 890 5.37 49.53 54.47
N GLY N 891 6.32 50.40 54.82
CA GLY N 891 6.14 51.28 55.96
C GLY N 891 5.01 52.28 55.80
N GLY N 892 4.66 52.61 54.55
CA GLY N 892 3.58 53.55 54.32
C GLY N 892 3.92 54.92 54.87
N ASP N 893 2.96 55.51 55.60
CA ASP N 893 3.20 56.81 56.22
C ASP N 893 4.31 56.74 57.25
N LYS N 894 4.33 55.68 58.06
CA LYS N 894 5.39 55.50 59.03
C LYS N 894 6.71 55.22 58.31
N PRO N 895 7.79 55.90 58.69
CA PRO N 895 9.09 55.66 58.03
C PRO N 895 9.57 54.23 58.26
N ALA N 896 10.33 53.73 57.29
CA ALA N 896 10.89 52.39 57.39
C ALA N 896 11.89 52.32 58.55
N LEU N 897 12.04 51.12 59.09
CA LEU N 897 12.89 50.93 60.27
C LEU N 897 14.36 51.00 59.92
N ASP N 898 14.85 50.07 59.10
CA ASP N 898 16.25 50.00 58.71
C ASP N 898 16.39 48.93 57.63
N LEU N 899 17.64 48.65 57.26
CA LEU N 899 17.98 47.54 56.39
C LEU N 899 19.06 46.64 56.95
N TYR N 900 19.81 47.09 57.96
CA TYR N 900 20.92 46.33 58.52
C TYR N 900 20.63 45.79 59.91
N GLN N 901 19.34 45.67 60.28
CA GLN N 901 18.99 45.12 61.58
C GLN N 901 17.82 44.15 61.53
N LEU N 902 17.32 43.81 60.34
CA LEU N 902 16.17 42.93 60.23
C LEU N 902 16.54 41.46 60.29
N SER N 903 17.84 41.14 60.37
CA SER N 903 18.39 39.79 60.47
C SER N 903 18.33 39.07 59.13
N PRO N 904 19.25 38.13 58.87
CA PRO N 904 19.27 37.45 57.57
C PRO N 904 17.99 36.69 57.26
N SER N 905 17.25 36.22 58.26
CA SER N 905 15.99 35.54 57.99
C SER N 905 15.01 36.48 57.30
N GLU N 906 14.80 37.67 57.86
CA GLU N 906 13.90 38.63 57.23
C GLU N 906 14.49 39.17 55.93
N VAL N 907 15.81 39.24 55.84
CA VAL N 907 16.43 39.67 54.58
C VAL N 907 16.10 38.69 53.46
N LYS N 908 16.25 37.38 53.74
CA LYS N 908 15.90 36.36 52.75
C LYS N 908 14.41 36.37 52.45
N GLN N 909 13.58 36.58 53.48
CA GLN N 909 12.14 36.66 53.25
C GLN N 909 11.79 37.80 52.30
N LEU N 910 12.35 38.99 52.57
CA LEU N 910 12.08 40.14 51.71
C LEU N 910 12.59 39.91 50.30
N LEU N 911 13.75 39.28 50.16
CA LEU N 911 14.24 38.91 48.83
C LEU N 911 13.26 37.99 48.12
N LEU N 912 12.68 37.04 48.86
CA LEU N 912 11.71 36.13 48.28
C LEU N 912 10.45 36.86 47.82
N ASP N 913 9.94 37.79 48.63
CA ASP N 913 8.78 38.57 48.19
C ASP N 913 9.12 39.41 46.97
N ILE N 914 10.33 39.98 46.92
CA ILE N 914 10.76 40.76 45.77
C ILE N 914 10.84 39.93 44.50
N LEU N 915 11.38 38.72 44.58
CA LEU N 915 11.57 37.87 43.41
C LEU N 915 10.29 37.21 42.93
N GLN N 916 9.13 37.64 43.43
CA GLN N 916 7.87 37.07 42.95
C GLN N 916 7.61 37.49 41.51
N PRO N 917 7.00 36.61 40.71
CA PRO N 917 6.78 36.94 39.29
C PRO N 917 5.93 38.18 39.06
N GLN N 918 4.93 38.43 39.91
CA GLN N 918 4.03 39.57 39.72
C GLN N 918 3.61 40.11 41.08
N GLN N 919 3.53 41.43 41.17
CA GLN N 919 3.16 42.14 42.39
C GLN N 919 1.99 43.08 42.14
N ASN N 920 0.94 42.54 41.51
CA ASN N 920 -0.25 43.35 41.24
C ASN N 920 -0.82 43.92 42.52
N GLY N 921 -1.52 45.04 42.39
CA GLY N 921 -1.90 45.82 43.56
C GLY N 921 -1.49 47.27 43.45
N ARG N 922 -0.48 47.66 44.25
CA ARG N 922 0.04 49.02 44.30
C ARG N 922 0.32 49.59 42.90
N CYS N 923 0.32 50.92 42.81
CA CYS N 923 0.37 51.61 41.52
C CYS N 923 1.57 51.16 40.69
N TRP N 924 1.49 51.43 39.39
CA TRP N 924 2.46 50.90 38.43
C TRP N 924 3.87 51.45 38.64
N LEU N 925 4.02 52.57 39.35
CA LEU N 925 5.35 53.12 39.57
C LEU N 925 6.23 52.16 40.36
N ASN N 926 5.66 51.56 41.41
CA ASN N 926 6.43 50.59 42.21
C ASN N 926 6.76 49.36 41.38
N ARG N 927 5.83 48.89 40.55
CA ARG N 927 6.11 47.73 39.70
C ARG N 927 7.23 48.03 38.71
N ARG N 928 7.20 49.21 38.10
CA ARG N 928 8.27 49.57 37.16
C ARG N 928 9.61 49.70 37.88
N GLN N 929 9.61 50.29 39.07
CA GLN N 929 10.85 50.40 39.84
C GLN N 929 11.42 49.03 40.18
N ILE N 930 10.56 48.11 40.62
CA ILE N 930 11.02 46.76 40.96
C ILE N 930 11.53 46.05 39.71
N ASP N 931 10.82 46.18 38.59
CA ASP N 931 11.25 45.53 37.35
C ASP N 931 12.60 46.06 36.90
N GLY N 932 12.79 47.38 36.97
CA GLY N 932 14.07 47.94 36.58
C GLY N 932 15.20 47.55 37.51
N SER N 933 14.93 47.51 38.82
CA SER N 933 15.96 47.13 39.77
C SER N 933 16.36 45.67 39.59
N LEU N 934 15.40 44.78 39.35
CA LEU N 934 15.71 43.37 39.16
C LEU N 934 16.31 43.08 37.79
N ASN N 935 16.29 44.05 36.87
CA ASN N 935 16.81 43.88 35.52
C ASN N 935 16.15 42.70 34.81
N ARG N 936 14.81 42.75 34.78
CA ARG N 936 13.99 41.72 34.16
C ARG N 936 13.48 42.22 32.81
N THR N 937 13.57 41.36 31.79
CA THR N 937 13.08 41.67 30.47
C THR N 937 12.18 40.54 29.97
N PRO N 938 11.15 40.87 29.19
CA PRO N 938 10.29 39.82 28.66
C PRO N 938 11.04 38.93 27.68
N THR N 939 10.55 37.70 27.53
CA THR N 939 11.22 36.70 26.70
C THR N 939 11.27 37.16 25.25
N GLY N 940 12.39 36.87 24.59
CA GLY N 940 12.58 37.23 23.20
C GLY N 940 12.96 38.66 22.94
N PHE N 941 13.28 39.44 23.98
CA PHE N 941 13.60 40.85 23.80
C PHE N 941 14.86 41.02 22.95
N TYR N 942 15.86 40.16 23.16
CA TYR N 942 17.10 40.26 22.39
C TYR N 942 16.87 40.00 20.91
N ASP N 943 15.97 39.06 20.58
CA ASP N 943 15.66 38.81 19.18
C ASP N 943 15.00 40.02 18.53
N ARG N 944 14.10 40.68 19.25
CA ARG N 944 13.47 41.89 18.73
C ARG N 944 14.49 43.00 18.55
N VAL N 945 15.44 43.13 19.49
CA VAL N 945 16.49 44.14 19.36
C VAL N 945 17.35 43.84 18.14
N TRP N 946 17.68 42.57 17.91
CA TRP N 946 18.46 42.20 16.73
C TRP N 946 17.69 42.51 15.45
N GLN N 947 16.40 42.23 15.43
CA GLN N 947 15.59 42.54 14.24
C GLN N 947 15.56 44.04 13.99
N ILE N 948 15.41 44.84 15.05
CA ILE N 948 15.40 46.30 14.90
C ILE N 948 16.74 46.76 14.34
N LEU N 949 17.84 46.27 14.91
CA LEU N 949 19.16 46.65 14.43
C LEU N 949 19.36 46.26 12.98
N GLU N 950 18.83 45.10 12.58
CA GLU N 950 18.88 44.69 11.18
C GLU N 950 18.11 45.67 10.30
N ARG N 951 16.95 46.12 10.75
CA ARG N 951 16.12 47.02 9.97
C ARG N 951 16.40 48.50 10.21
N THR N 952 17.33 48.82 11.12
CA THR N 952 17.68 50.22 11.41
C THR N 952 19.12 50.49 11.04
N PRO N 953 19.38 51.26 9.99
CA PRO N 953 20.77 51.63 9.67
C PRO N 953 21.29 52.69 10.63
N ASN N 954 22.61 52.89 10.58
CA ASN N 954 23.34 53.87 11.38
C ASN N 954 23.29 53.59 12.88
N GLY N 955 22.70 52.49 13.30
CA GLY N 955 22.73 52.10 14.70
C GLY N 955 21.76 52.88 15.58
N ILE N 956 21.89 52.61 16.88
CA ILE N 956 21.05 53.20 17.92
C ILE N 956 21.94 53.81 18.99
N ILE N 957 21.57 55.02 19.44
CA ILE N 957 22.27 55.73 20.48
C ILE N 957 21.39 55.78 21.72
N VAL N 958 21.88 55.24 22.82
CA VAL N 958 21.15 55.24 24.08
C VAL N 958 22.07 55.73 25.19
N ALA N 959 21.70 56.84 25.82
CA ALA N 959 22.43 57.40 26.96
C ALA N 959 23.91 57.61 26.62
N GLY N 960 24.16 58.14 25.43
CA GLY N 960 25.51 58.36 24.94
C GLY N 960 26.14 57.15 24.27
N LYS N 961 25.88 55.96 24.81
CA LYS N 961 26.39 54.74 24.20
C LYS N 961 25.75 54.53 22.84
N HIS N 962 26.57 54.15 21.86
CA HIS N 962 26.12 53.93 20.49
C HIS N 962 26.36 52.48 20.11
N LEU N 963 25.41 51.89 19.39
CA LEU N 963 25.51 50.50 18.97
C LEU N 963 25.61 50.46 17.45
N PRO N 964 26.81 50.34 16.88
CA PRO N 964 26.93 50.27 15.42
C PRO N 964 26.15 49.10 14.84
N GLN N 965 25.95 49.18 13.51
CA GLN N 965 25.22 48.15 12.78
C GLN N 965 26.10 47.32 11.86
N GLN N 966 27.20 47.87 11.34
CA GLN N 966 28.06 47.17 10.40
C GLN N 966 28.79 45.98 11.04
N PRO N 967 29.61 46.19 12.09
CA PRO N 967 30.43 45.07 12.58
C PRO N 967 29.61 44.02 13.32
N THR N 968 28.56 44.47 14.04
CA THR N 968 27.70 43.53 14.74
C THR N 968 26.98 42.61 13.75
N LEU N 969 26.47 43.16 12.66
CA LEU N 969 25.83 42.33 11.65
C LEU N 969 26.84 41.46 10.92
N SER N 970 28.04 41.99 10.68
CA SER N 970 29.05 41.23 9.94
C SER N 970 29.57 40.03 10.74
N ASP N 971 29.73 40.19 12.05
CA ASP N 971 30.35 39.16 12.88
C ASP N 971 29.34 38.30 13.62
N MET N 972 28.30 38.92 14.16
CA MET N 972 27.41 38.25 15.11
C MET N 972 26.20 37.66 14.37
N THR N 973 25.46 36.81 15.08
CA THR N 973 24.29 36.13 14.53
C THR N 973 23.05 36.51 15.33
N MET N 974 21.91 35.93 14.93
CA MET N 974 20.63 36.27 15.56
C MET N 974 20.55 35.73 16.98
N TYR N 975 20.93 34.47 17.18
CA TYR N 975 20.77 33.80 18.47
C TYR N 975 22.07 33.73 19.27
N GLU N 976 23.07 34.52 18.93
CA GLU N 976 24.33 34.50 19.67
C GLU N 976 24.17 35.18 21.02
N MET N 977 24.63 34.52 22.07
CA MET N 977 24.63 35.11 23.41
C MET N 977 25.57 36.31 23.51
N ASN N 978 26.57 36.40 22.63
CA ASN N 978 27.43 37.59 22.62
C ASN N 978 26.63 38.83 22.29
N PHE N 979 25.65 38.72 21.38
CA PHE N 979 24.78 39.85 21.08
C PHE N 979 23.96 40.26 22.30
N SER N 980 23.46 39.29 23.05
CA SER N 980 22.72 39.59 24.27
C SER N 980 23.61 40.29 25.28
N LEU N 981 24.85 39.83 25.43
CA LEU N 981 25.79 40.49 26.35
C LEU N 981 26.07 41.91 25.91
N LEU N 982 26.27 42.13 24.60
CA LEU N 982 26.54 43.47 24.10
C LEU N 982 25.34 44.39 24.32
N VAL N 983 24.13 43.88 24.09
CA VAL N 983 22.92 44.68 24.29
C VAL N 983 22.78 45.04 25.76
N GLU N 984 23.03 44.07 26.66
CA GLU N 984 22.95 44.36 28.09
C GLU N 984 23.99 45.39 28.50
N ASP N 985 25.20 45.29 27.97
CA ASP N 985 26.24 46.27 28.28
C ASP N 985 25.84 47.66 27.80
N THR N 986 25.28 47.74 26.59
CA THR N 986 24.84 49.04 26.07
C THR N 986 23.72 49.62 26.92
N LEU N 987 22.76 48.79 27.34
CA LEU N 987 21.60 49.27 28.08
C LEU N 987 21.88 49.49 29.56
N GLY N 988 23.02 48.99 30.08
CA GLY N 988 23.32 49.18 31.48
C GLY N 988 23.76 50.57 31.88
N ASN N 989 23.96 51.46 30.90
CA ASN N 989 24.34 52.83 31.23
C ASN N 989 23.20 53.61 31.89
N ILE N 990 21.96 53.09 31.81
CA ILE N 990 20.83 53.77 32.42
C ILE N 990 20.95 53.69 33.94
N ASP N 991 20.78 54.84 34.59
CA ASP N 991 20.83 54.93 36.05
C ASP N 991 19.48 54.84 36.72
N GLN N 992 18.42 55.30 36.06
CA GLN N 992 17.08 55.26 36.64
C GLN N 992 16.36 54.00 36.17
N PRO N 993 15.95 53.10 37.07
CA PRO N 993 15.26 51.88 36.61
C PRO N 993 13.98 52.16 35.83
N GLN N 994 13.25 53.22 36.20
CA GLN N 994 12.05 53.58 35.44
C GLN N 994 12.40 53.98 34.01
N TYR N 995 13.50 54.71 33.84
CA TYR N 995 13.94 55.07 32.50
C TYR N 995 14.31 53.83 31.69
N ARG N 996 14.97 52.86 32.33
CA ARG N 996 15.31 51.61 31.64
C ARG N 996 14.05 50.86 31.23
N GLN N 997 13.05 50.82 32.11
CA GLN N 997 11.80 50.16 31.77
C GLN N 997 11.10 50.85 30.60
N ILE N 998 11.11 52.19 30.59
CA ILE N 998 10.53 52.93 29.49
C ILE N 998 11.29 52.65 28.20
N VAL N 999 12.62 52.53 28.29
CA VAL N 999 13.43 52.18 27.14
C VAL N 999 13.04 50.80 26.60
N VAL N 1000 12.85 49.83 27.49
CA VAL N 1000 12.47 48.48 27.07
C VAL N 1000 11.11 48.50 26.39
N GLU N 1001 10.16 49.23 26.97
CA GLU N 1001 8.83 49.31 26.37
C GLU N 1001 8.88 49.98 24.99
N LEU N 1002 9.67 51.04 24.86
CA LEU N 1002 9.81 51.69 23.56
C LEU N 1002 10.46 50.77 22.54
N LEU N 1003 11.45 49.99 22.97
CA LEU N 1003 12.07 49.02 22.07
C LEU N 1003 11.06 47.99 21.60
N MET N 1004 10.22 47.49 22.51
CA MET N 1004 9.20 46.53 22.12
C MET N 1004 8.18 47.14 21.17
N VAL N 1005 7.80 48.40 21.42
CA VAL N 1005 6.86 49.07 20.53
C VAL N 1005 7.46 49.24 19.14
N VAL N 1006 8.73 49.63 19.07
CA VAL N 1006 9.41 49.77 17.78
C VAL N 1006 9.45 48.42 17.08
N SER N 1007 9.76 47.35 17.82
CA SER N 1007 9.84 46.03 17.21
C SER N 1007 8.49 45.59 16.64
N ILE N 1008 7.42 45.75 17.40
CA ILE N 1008 6.12 45.29 16.92
C ILE N 1008 5.65 46.15 15.75
N VAL N 1009 5.93 47.45 15.79
CA VAL N 1009 5.55 48.31 14.67
C VAL N 1009 6.31 47.92 13.40
N LEU N 1010 7.62 47.67 13.53
CA LEU N 1010 8.40 47.29 12.37
C LEU N 1010 7.96 45.93 11.82
N GLU N 1011 7.68 44.97 12.70
CA GLU N 1011 7.28 43.65 12.24
C GLU N 1011 5.92 43.70 11.56
N ARG N 1012 4.97 44.45 12.12
CA ARG N 1012 3.65 44.56 11.53
C ARG N 1012 3.62 45.39 10.26
N ASN N 1013 4.58 46.31 10.10
CA ASN N 1013 4.63 47.23 8.96
C ASN N 1013 6.00 47.16 8.32
N PRO N 1014 6.24 46.17 7.46
CA PRO N 1014 7.59 46.01 6.87
C PRO N 1014 8.00 47.16 5.95
N GLU N 1015 7.03 47.91 5.41
CA GLU N 1015 7.37 48.91 4.40
C GLU N 1015 8.21 50.05 4.96
N LEU N 1016 7.78 50.64 6.07
CA LEU N 1016 8.48 51.80 6.61
C LEU N 1016 9.81 51.40 7.23
N GLU N 1017 10.82 52.22 6.99
CA GLU N 1017 12.15 52.01 7.53
C GLU N 1017 12.67 53.33 8.11
N PHE N 1018 13.61 53.21 9.05
CA PHE N 1018 14.22 54.38 9.67
C PHE N 1018 15.19 55.04 8.70
N GLN N 1019 15.07 56.35 8.54
CA GLN N 1019 15.93 57.07 7.61
C GLN N 1019 17.36 57.17 8.13
N ASP N 1020 17.52 57.45 9.43
CA ASP N 1020 18.84 57.63 10.01
C ASP N 1020 18.87 56.96 11.37
N LYS N 1021 19.94 57.21 12.13
CA LYS N 1021 20.09 56.64 13.46
C LYS N 1021 19.00 57.20 14.39
N VAL N 1022 18.49 56.33 15.25
CA VAL N 1022 17.44 56.69 16.20
C VAL N 1022 18.09 57.02 17.53
N ASP N 1023 17.50 57.97 18.26
CA ASP N 1023 17.95 58.35 19.58
C ASP N 1023 16.78 58.23 20.55
N LEU N 1024 16.94 57.39 21.57
CA LEU N 1024 15.83 57.07 22.46
C LEU N 1024 15.44 58.26 23.34
N ASP N 1025 16.41 59.09 23.71
CA ASP N 1025 16.12 60.23 24.58
C ASP N 1025 15.13 61.18 23.93
N ARG N 1026 15.31 61.45 22.63
CA ARG N 1026 14.38 62.34 21.93
C ARG N 1026 12.97 61.77 21.91
N LEU N 1027 12.83 60.47 21.66
CA LEU N 1027 11.50 59.85 21.65
C LEU N 1027 10.86 59.92 23.02
N VAL N 1028 11.64 59.65 24.07
CA VAL N 1028 11.11 59.71 25.43
C VAL N 1028 10.67 61.13 25.76
N LYS N 1029 11.48 62.12 25.38
CA LYS N 1029 11.13 63.51 25.64
C LYS N 1029 9.87 63.92 24.90
N GLU N 1030 9.72 63.50 23.64
CA GLU N 1030 8.52 63.82 22.89
C GLU N 1030 7.29 63.16 23.50
N ALA N 1031 7.41 61.90 23.93
CA ALA N 1031 6.30 61.23 24.57
C ALA N 1031 5.91 61.94 25.87
N PHE N 1032 6.90 62.36 26.66
CA PHE N 1032 6.62 63.11 27.88
C PHE N 1032 5.92 64.43 27.58
N ASN N 1033 6.39 65.14 26.55
CA ASN N 1033 5.76 66.41 26.21
C ASN N 1033 4.32 66.22 25.76
N GLU N 1034 4.07 65.17 24.97
CA GLU N 1034 2.70 64.88 24.54
C GLU N 1034 1.81 64.54 25.73
N PHE N 1035 2.33 63.72 26.66
CA PHE N 1035 1.55 63.38 27.86
C PHE N 1035 1.27 64.60 28.70
N GLN N 1036 2.26 65.48 28.85
CA GLN N 1036 2.06 66.70 29.63
C GLN N 1036 1.02 67.61 28.98
N LYS N 1037 1.08 67.75 27.66
CA LYS N 1037 0.08 68.56 26.96
C LYS N 1037 -1.31 67.97 27.11
N ASP N 1038 -1.42 66.64 27.01
CA ASP N 1038 -2.71 65.99 27.16
C ASP N 1038 -3.26 66.20 28.57
N GLN N 1039 -2.41 66.05 29.60
CA GLN N 1039 -2.86 66.25 30.97
C GLN N 1039 -3.28 67.69 31.21
N SER N 1040 -2.51 68.65 30.68
CA SER N 1040 -2.87 70.06 30.83
C SER N 1040 -4.20 70.37 30.16
N ARG N 1041 -4.43 69.80 28.97
CA ARG N 1041 -5.70 70.02 28.29
C ARG N 1041 -6.86 69.39 29.05
N LEU N 1042 -6.67 68.18 29.56
CA LEU N 1042 -7.77 67.45 30.19
C LEU N 1042 -8.13 68.04 31.55
N LYS N 1043 -7.12 68.29 32.39
CA LYS N 1043 -7.35 68.63 33.79
C LYS N 1043 -6.90 70.03 34.17
N GLU N 1044 -6.50 70.86 33.20
CA GLU N 1044 -6.05 72.22 33.45
C GLU N 1044 -4.91 72.27 34.47
N ILE N 1045 -3.96 71.34 34.36
CA ILE N 1045 -2.83 71.27 35.26
C ILE N 1045 -1.61 71.85 34.57
N GLU N 1046 -0.92 72.77 35.25
CA GLU N 1046 0.28 73.39 34.68
C GLU N 1046 1.37 72.34 34.48
N LYS N 1047 2.18 72.55 33.44
CA LYS N 1047 3.25 71.62 33.12
C LYS N 1047 4.25 71.53 34.27
N GLN N 1048 4.63 70.31 34.64
CA GLN N 1048 5.55 70.06 35.73
C GLN N 1048 6.71 69.19 35.25
N ASP N 1049 7.90 69.49 35.73
CA ASP N 1049 9.08 68.75 35.34
C ASP N 1049 9.08 67.36 35.99
N ASP N 1050 9.96 66.49 35.47
CA ASP N 1050 10.18 65.14 35.96
C ASP N 1050 8.97 64.25 35.67
N MET N 1051 9.21 62.95 35.47
CA MET N 1051 8.20 62.02 34.96
C MET N 1051 7.50 61.24 36.05
N THR N 1052 7.26 61.85 37.21
CA THR N 1052 6.63 61.15 38.33
C THR N 1052 5.20 60.71 38.00
N PHE N 1054 4.13 60.28 34.71
CA PHE N 1054 4.15 59.50 33.48
C PHE N 1054 4.31 58.01 33.77
N TYR N 1055 5.12 57.69 34.78
CA TYR N 1055 5.34 56.29 35.13
C TYR N 1055 4.09 55.65 35.72
N ASN N 1056 3.26 56.43 36.40
CA ASN N 1056 2.06 55.88 37.03
C ASN N 1056 1.03 55.43 35.99
N THR N 1057 1.15 55.88 34.76
CA THR N 1057 0.18 55.50 33.73
C THR N 1057 0.33 54.02 33.39
N PRO N 1058 -0.76 53.26 33.32
CA PRO N 1058 -0.68 51.87 32.86
C PRO N 1058 -0.27 51.76 31.42
N PRO N 1059 0.24 50.59 30.94
CA PRO N 1059 0.82 50.63 29.62
C PRO N 1059 -0.19 50.16 28.59
N LEU N 1060 -1.49 50.19 28.93
CA LEU N 1060 -2.55 49.82 28.01
C LEU N 1060 -3.88 50.38 28.51
N GLY N 1061 -4.79 50.62 27.57
CA GLY N 1061 -6.09 51.16 27.92
C GLY N 1061 -6.37 52.51 27.29
N LYS N 1062 -6.85 53.45 28.10
CA LYS N 1062 -7.17 54.79 27.61
C LYS N 1062 -5.96 55.70 27.82
N ARG N 1063 -5.40 56.19 26.72
CA ARG N 1063 -4.30 57.16 26.73
C ARG N 1063 -3.13 56.66 27.59
N GLY N 1064 -2.79 55.38 27.42
CA GLY N 1064 -1.65 54.80 28.10
C GLY N 1064 -0.33 55.27 27.52
N CYS N 1066 1.78 53.37 26.02
CA CYS N 1066 1.93 52.66 24.75
C CYS N 1066 1.43 53.50 23.57
N SER N 1067 0.31 54.20 23.79
CA SER N 1067 -0.24 55.04 22.73
C SER N 1067 0.71 56.16 22.36
N TYR N 1068 1.28 56.84 23.37
CA TYR N 1068 2.22 57.91 23.08
C TYR N 1068 3.48 57.37 22.41
N LEU N 1069 3.99 56.23 22.88
CA LEU N 1069 5.19 55.65 22.30
C LEU N 1069 4.97 55.27 20.83
N THR N 1070 3.82 54.63 20.54
CA THR N 1070 3.56 54.23 19.16
C THR N 1070 3.29 55.44 18.28
N LYS N 1071 2.65 56.49 18.80
CA LYS N 1071 2.48 57.71 18.03
C LYS N 1071 3.83 58.31 17.67
N ALA N 1072 4.74 58.36 18.65
CA ALA N 1072 6.06 58.94 18.40
C ALA N 1072 6.84 58.12 17.37
N VAL N 1073 6.84 56.79 17.51
CA VAL N 1073 7.63 55.97 16.58
C VAL N 1073 7.03 56.02 15.19
N MET N 1074 5.70 56.05 15.08
CA MET N 1074 5.08 56.17 13.76
C MET N 1074 5.37 57.52 13.13
N ASN N 1075 5.38 58.59 13.93
CA ASN N 1075 5.72 59.91 13.41
C ASN N 1075 7.15 59.93 12.90
N LEU N 1076 8.07 59.27 13.62
CA LEU N 1076 9.45 59.21 13.15
C LEU N 1076 9.55 58.37 11.88
N LEU N 1077 8.85 57.23 11.82
CA LEU N 1077 8.94 56.36 10.66
C LEU N 1077 8.40 57.02 9.41
N LEU N 1078 7.26 57.71 9.52
CA LEU N 1078 6.66 58.33 8.34
C LEU N 1078 7.45 59.53 7.84
N GLU N 1079 8.42 60.01 8.63
CA GLU N 1079 9.31 61.05 8.13
C GLU N 1079 10.21 60.53 7.02
N GLY N 1080 10.63 59.26 7.11
CA GLY N 1080 11.52 58.70 6.13
C GLY N 1080 10.79 58.15 4.91
N GLU N 1081 11.57 57.60 3.99
CA GLU N 1081 11.03 57.05 2.77
C GLU N 1081 10.26 55.76 3.03
N VAL N 1082 9.24 55.51 2.21
CA VAL N 1082 8.43 54.30 2.29
C VAL N 1082 8.64 53.51 1.00
N LYS N 1083 9.12 52.28 1.14
CA LYS N 1083 9.40 51.44 -0.01
C LYS N 1083 8.28 50.46 -0.22
N PRO N 1084 7.64 50.43 -1.40
CA PRO N 1084 6.56 49.47 -1.64
C PRO N 1084 7.11 48.10 -1.98
N ASN N 1085 6.56 47.07 -1.35
CA ASN N 1085 6.93 45.69 -1.65
C ASN N 1085 6.11 45.21 -2.84
N ASN N 1086 6.79 44.76 -3.90
CA ASN N 1086 6.08 44.31 -5.10
C ASN N 1086 5.38 42.97 -4.90
N ASP N 1087 5.77 42.20 -3.89
CA ASP N 1087 5.13 40.92 -3.63
C ASP N 1087 3.67 41.11 -3.23
N ASP N 1088 3.40 42.10 -2.37
CA ASP N 1088 2.03 42.34 -1.92
C ASP N 1088 1.20 42.90 -3.08
N PRO N 1089 -0.02 42.39 -3.27
CA PRO N 1089 -0.86 42.87 -4.38
C PRO N 1089 -1.62 44.15 -4.07
N CYS N 1090 -1.37 44.79 -2.93
CA CYS N 1090 -2.05 46.04 -2.60
C CYS N 1090 -1.56 47.15 -3.51
N LEU N 1091 -2.48 47.76 -4.24
CA LEU N 1091 -2.15 48.82 -5.20
C LEU N 1091 -2.78 50.14 -4.76
N ILE N 1092 -2.15 51.23 -5.21
CA ILE N 1092 -2.49 52.60 -4.80
C ILE N 1092 -2.40 52.66 -3.27
N SER N 1093 -1.34 52.10 -2.72
CA SER N 1093 -1.12 52.10 -1.28
C SER N 1093 0.37 51.93 -0.97
N SER O 12 8.36 32.66 93.58
CA SER O 12 7.07 32.09 93.20
C SER O 12 7.10 30.56 93.31
N ALA O 13 6.00 29.92 92.93
CA ALA O 13 5.92 28.46 92.99
C ALA O 13 6.85 27.82 91.97
N GLN O 14 7.11 28.49 90.85
CA GLN O 14 8.00 27.94 89.84
C GLN O 14 9.42 27.77 90.37
N ASP O 15 9.91 28.78 91.11
CA ASP O 15 11.25 28.69 91.68
C ASP O 15 11.35 27.55 92.69
N PHE O 16 10.34 27.39 93.54
CA PHE O 16 10.33 26.30 94.51
C PHE O 16 10.29 24.95 93.81
N TYR O 17 9.48 24.84 92.75
CA TYR O 17 9.40 23.58 92.02
C TYR O 17 10.73 23.24 91.34
N GLU O 18 11.38 24.25 90.76
CA GLU O 18 12.66 24.02 90.08
C GLU O 18 13.80 23.80 91.07
N ASN O 19 13.67 24.25 92.31
CA ASN O 19 14.73 24.09 93.30
C ASN O 19 14.47 22.95 94.28
N TYR O 20 13.22 22.59 94.52
CA TYR O 20 12.87 21.51 95.44
C TYR O 20 12.11 20.43 94.69
N GLU O 21 12.53 19.18 94.88
CA GLU O 21 11.90 18.03 94.24
C GLU O 21 11.11 17.24 95.27
N PRO O 22 9.79 17.12 95.15
CA PRO O 22 9.03 16.33 96.10
C PRO O 22 9.46 14.86 96.09
N LYS O 23 9.38 14.23 97.25
CA LYS O 23 9.79 12.84 97.42
C LYS O 23 8.71 12.13 98.24
N GLU O 24 9.04 10.93 98.72
CA GLU O 24 8.09 10.13 99.47
C GLU O 24 7.73 10.83 100.78
N ILE O 25 6.51 10.56 101.26
CA ILE O 25 6.02 11.21 102.47
C ILE O 25 6.81 10.74 103.66
N LEU O 26 7.25 11.70 104.49
CA LEU O 26 7.99 11.40 105.70
C LEU O 26 7.20 11.61 106.98
N GLY O 27 6.10 12.34 106.91
CA GLY O 27 5.28 12.58 108.09
C GLY O 27 3.94 13.19 107.71
N ARG O 28 3.01 13.12 108.65
CA ARG O 28 1.67 13.65 108.44
C ARG O 28 1.25 14.47 109.66
N GLY O 29 0.42 15.47 109.42
CA GLY O 29 -0.10 16.31 110.49
C GLY O 29 -1.60 16.48 110.43
N VAL O 30 -2.13 17.43 111.19
CA VAL O 30 -3.57 17.68 111.18
C VAL O 30 -4.01 18.18 109.80
N SER O 31 -3.24 19.09 109.22
CA SER O 31 -3.54 19.61 107.89
C SER O 31 -2.30 19.79 107.03
N SER O 32 -1.18 19.17 107.38
CA SER O 32 0.07 19.33 106.65
C SER O 32 0.68 17.97 106.35
N VAL O 33 1.40 17.90 105.23
CA VAL O 33 2.09 16.69 104.80
C VAL O 33 3.57 17.00 104.69
N VAL O 34 4.40 16.14 105.28
CA VAL O 34 5.85 16.34 105.32
C VAL O 34 6.49 15.37 104.34
N ARG O 35 7.24 15.93 103.38
CA ARG O 35 7.96 15.14 102.39
C ARG O 35 9.38 15.65 102.27
N ARG O 36 10.30 14.76 101.91
CA ARG O 36 11.68 15.14 101.69
C ARG O 36 11.84 15.87 100.36
N CYS O 37 12.90 16.67 100.26
CA CYS O 37 13.18 17.44 99.07
C CYS O 37 14.67 17.37 98.73
N ILE O 38 14.97 17.57 97.45
CA ILE O 38 16.34 17.58 96.95
C ILE O 38 16.61 18.94 96.32
N HIS O 39 17.66 19.61 96.79
CA HIS O 39 18.06 20.92 96.27
C HIS O 39 18.97 20.70 95.06
N LYS O 40 18.46 20.99 93.87
CA LYS O 40 19.19 20.64 92.64
C LYS O 40 20.57 21.27 92.55
N PRO O 41 20.76 22.58 92.81
CA PRO O 41 22.12 23.13 92.73
C PRO O 41 23.09 22.52 93.72
N THR O 42 22.61 22.04 94.88
CA THR O 42 23.49 21.56 95.94
C THR O 42 23.39 20.06 96.17
N SER O 43 22.34 19.40 95.66
CA SER O 43 22.10 17.98 95.90
C SER O 43 21.98 17.69 97.40
N GLN O 44 21.33 18.61 98.12
CA GLN O 44 21.12 18.45 99.55
C GLN O 44 19.95 17.51 99.83
N GLU O 45 19.78 17.17 101.10
CA GLU O 45 18.75 16.25 101.55
C GLU O 45 17.82 16.92 102.55
N TYR O 46 17.39 18.14 102.25
CA TYR O 46 16.50 18.88 103.13
C TYR O 46 15.08 18.30 103.05
N ALA O 47 14.17 18.91 103.79
CA ALA O 47 12.77 18.51 103.82
C ALA O 47 11.88 19.72 103.58
N VAL O 48 10.72 19.49 102.97
CA VAL O 48 9.75 20.54 102.68
C VAL O 48 8.45 20.20 103.40
N LYS O 49 7.90 21.19 104.09
CA LYS O 49 6.63 21.05 104.78
C LYS O 49 5.55 21.78 103.98
N VAL O 50 4.51 21.05 103.60
CA VAL O 50 3.43 21.59 102.77
C VAL O 50 2.14 21.53 103.57
N ILE O 51 1.48 22.68 103.73
CA ILE O 51 0.21 22.78 104.42
C ILE O 51 -0.81 23.39 103.46
N ASP O 52 -2.07 22.99 103.59
CA ASP O 52 -3.11 23.50 102.71
C ASP O 52 -3.78 24.72 103.33
N VAL O 53 -4.02 25.73 102.49
CA VAL O 53 -4.66 26.96 102.94
C VAL O 53 -6.17 26.79 102.95
N THR O 54 -6.72 26.35 101.82
CA THR O 54 -8.15 26.14 101.72
C THR O 54 -8.60 24.86 102.42
N GLY O 55 -7.70 23.91 102.63
CA GLY O 55 -8.05 22.67 103.30
C GLY O 55 -9.13 21.88 102.59
N GLY O 56 -9.09 21.84 101.26
CA GLY O 56 -10.13 21.16 100.50
C GLY O 56 -11.46 21.88 100.47
N GLY O 57 -11.47 23.18 100.77
CA GLY O 57 -12.71 23.93 100.82
C GLY O 57 -13.68 23.46 101.88
N SER O 58 -13.16 23.09 103.05
CA SER O 58 -13.97 22.56 104.13
C SER O 58 -14.35 23.61 105.17
N PHE O 59 -13.97 24.87 104.97
CA PHE O 59 -14.27 25.91 105.94
C PHE O 59 -14.33 27.26 105.23
N SER O 60 -14.85 28.25 105.96
CA SER O 60 -14.99 29.60 105.44
C SER O 60 -13.61 30.25 105.29
N PRO O 61 -13.51 31.31 104.47
CA PRO O 61 -12.21 31.99 104.31
C PRO O 61 -11.68 32.61 105.59
N GLU O 62 -12.51 32.80 106.62
CA GLU O 62 -12.02 33.31 107.89
C GLU O 62 -10.98 32.37 108.48
N GLU O 63 -11.24 31.06 108.43
CA GLU O 63 -10.24 30.10 108.87
C GLU O 63 -8.99 30.16 107.99
N VAL O 64 -9.17 30.46 106.71
CA VAL O 64 -8.02 30.56 105.80
C VAL O 64 -7.12 31.72 106.21
N ARG O 65 -7.70 32.89 106.49
CA ARG O 65 -6.87 34.03 106.89
C ARG O 65 -6.29 33.83 108.28
N GLU O 66 -7.03 33.16 109.18
CA GLU O 66 -6.47 32.85 110.49
C GLU O 66 -5.27 31.93 110.37
N LEU O 67 -5.36 30.91 109.52
CA LEU O 67 -4.24 30.00 109.31
C LEU O 67 -3.07 30.72 108.66
N ARG O 68 -3.35 31.64 107.72
CA ARG O 68 -2.28 32.43 107.12
C ARG O 68 -1.57 33.28 108.17
N GLU O 69 -2.34 33.90 109.07
CA GLU O 69 -1.74 34.69 110.14
C GLU O 69 -0.90 33.82 111.05
N ALA O 70 -1.39 32.62 111.40
CA ALA O 70 -0.62 31.72 112.25
C ALA O 70 0.68 31.31 111.57
N THR O 71 0.62 31.01 110.27
CA THR O 71 1.82 30.60 109.55
C THR O 71 2.83 31.74 109.46
N LEU O 72 2.36 32.96 109.19
CA LEU O 72 3.28 34.08 109.10
C LEU O 72 3.91 34.38 110.46
N LYS O 73 3.13 34.28 111.54
CA LYS O 73 3.69 34.45 112.88
C LYS O 73 4.73 33.38 113.17
N GLU O 74 4.44 32.13 112.79
CA GLU O 74 5.38 31.03 113.04
C GLU O 74 6.69 31.24 112.29
N VAL O 75 6.61 31.62 111.01
CA VAL O 75 7.82 31.81 110.22
C VAL O 75 8.60 33.02 110.72
N ASP O 76 7.90 34.07 111.16
CA ASP O 76 8.59 35.23 111.73
C ASP O 76 9.34 34.84 113.01
N ILE O 77 8.69 34.06 113.87
CA ILE O 77 9.34 33.63 115.11
C ILE O 77 10.54 32.74 114.79
N LEU O 78 10.40 31.83 113.82
CA LEU O 78 11.51 30.96 113.46
C LEU O 78 12.67 31.77 112.89
N ARG O 79 12.38 32.79 112.07
CA ARG O 79 13.43 33.67 111.57
C ARG O 79 14.06 34.49 112.68
N LYS O 80 13.30 34.75 113.76
CA LYS O 80 13.86 35.49 114.88
C LYS O 80 14.94 34.68 115.60
N VAL O 81 14.77 33.35 115.65
CA VAL O 81 15.66 32.49 116.42
C VAL O 81 16.59 31.69 115.51
N SER O 82 16.85 32.18 114.29
CA SER O 82 17.74 31.47 113.38
C SER O 82 19.18 31.55 113.85
N GLY O 83 20.00 30.61 113.37
CA GLY O 83 21.40 30.54 113.72
C GLY O 83 21.72 29.58 114.83
N HIS O 84 20.71 28.93 115.41
CA HIS O 84 20.92 27.99 116.54
C HIS O 84 20.94 26.50 116.14
N PRO O 85 21.49 25.62 117.01
CA PRO O 85 21.52 24.18 116.74
C PRO O 85 20.16 23.52 116.77
N ASN O 86 19.87 22.73 117.80
CA ASN O 86 18.56 22.10 117.94
C ASN O 86 17.52 22.98 117.33
N ILE O 87 17.51 24.24 117.75
CA ILE O 87 16.56 25.18 117.21
C ILE O 87 16.49 24.99 115.72
N ILE O 88 15.52 24.23 115.24
CA ILE O 88 15.29 24.01 113.82
C ILE O 88 15.52 25.31 113.06
N GLN O 89 15.98 25.20 111.82
CA GLN O 89 16.36 26.35 111.01
C GLN O 89 15.47 26.42 109.79
N LEU O 90 14.93 27.61 109.51
CA LEU O 90 14.10 27.85 108.34
C LEU O 90 15.00 28.36 107.22
N LYS O 91 15.50 27.43 106.40
CA LYS O 91 16.43 27.78 105.34
C LYS O 91 15.78 28.69 104.31
N ASP O 92 14.54 28.37 103.92
CA ASP O 92 13.82 29.15 102.92
C ASP O 92 12.32 28.96 103.12
N THR O 93 11.55 30.01 102.82
CA THR O 93 10.10 29.96 102.92
C THR O 93 9.48 30.38 101.59
N TYR O 94 8.30 29.87 101.31
CA TYR O 94 7.58 30.16 100.08
C TYR O 94 6.08 30.23 100.38
N GLU O 95 5.40 31.14 99.69
CA GLU O 95 3.97 31.33 99.87
C GLU O 95 3.29 31.43 98.51
N THR O 96 2.23 30.65 98.33
CA THR O 96 1.42 30.68 97.12
C THR O 96 -0.03 31.00 97.51
N ASN O 97 -0.89 31.02 96.49
CA ASN O 97 -2.29 31.36 96.73
C ASN O 97 -2.98 30.30 97.59
N THR O 98 -2.75 29.03 97.29
CA THR O 98 -3.41 27.93 98.01
C THR O 98 -2.45 26.94 98.64
N PHE O 99 -1.13 27.13 98.51
CA PHE O 99 -0.16 26.20 99.07
C PHE O 99 0.93 26.98 99.79
N PHE O 100 1.45 26.39 100.86
CA PHE O 100 2.55 26.97 101.62
C PHE O 100 3.73 26.01 101.59
N PHE O 101 4.90 26.53 101.24
CA PHE O 101 6.12 25.73 101.14
C PHE O 101 7.15 26.26 102.11
N LEU O 102 7.60 25.41 103.04
CA LEU O 102 8.64 25.74 103.99
C LEU O 102 9.77 24.72 103.88
N VAL O 103 11.00 25.19 104.04
CA VAL O 103 12.19 24.35 103.90
C VAL O 103 12.84 24.21 105.27
N PHE O 104 13.07 22.97 105.68
CA PHE O 104 13.73 22.68 106.96
C PHE O 104 14.85 21.68 106.76
N ASP O 105 15.42 21.20 107.86
CA ASP O 105 16.52 20.24 107.84
C ASP O 105 15.97 18.85 108.14
N LEU O 106 15.96 17.97 107.14
CA LEU O 106 15.52 16.60 107.35
C LEU O 106 16.55 15.84 108.18
N MET O 107 16.06 14.96 109.04
CA MET O 107 16.91 14.19 109.93
C MET O 107 16.52 12.72 109.85
N LYS O 108 17.52 11.84 109.84
CA LYS O 108 17.27 10.41 109.64
C LYS O 108 16.58 9.76 110.82
N ARG O 109 16.60 10.38 111.99
CA ARG O 109 15.98 9.82 113.18
C ARG O 109 14.56 10.36 113.34
N GLY O 110 13.70 9.54 113.97
CA GLY O 110 12.32 9.90 114.18
C GLY O 110 12.13 10.73 115.43
N GLU O 111 10.87 10.86 115.83
CA GLU O 111 10.52 11.63 117.02
C GLU O 111 11.00 10.93 118.28
N LEU O 112 11.08 11.71 119.36
CA LEU O 112 11.51 11.15 120.65
C LEU O 112 10.49 10.15 121.18
N PHE O 113 9.23 10.26 120.74
CA PHE O 113 8.21 9.32 121.18
C PHE O 113 8.54 7.90 120.74
N ASP O 114 8.97 7.74 119.48
CA ASP O 114 9.32 6.42 118.99
C ASP O 114 10.50 5.82 119.75
N TYR O 115 11.53 6.63 120.00
CA TYR O 115 12.67 6.17 120.77
C TYR O 115 12.25 5.76 122.19
N LEU O 116 11.44 6.59 122.83
CA LEU O 116 11.03 6.31 124.20
C LEU O 116 10.19 5.04 124.29
N THR O 117 9.30 4.83 123.31
CA THR O 117 8.47 3.63 123.36
C THR O 117 9.26 2.39 122.93
N GLU O 118 10.32 2.58 122.12
CA GLU O 118 11.13 1.44 121.73
C GLU O 118 12.04 0.98 122.87
N LYS O 119 12.64 1.92 123.59
CA LYS O 119 13.56 1.58 124.67
C LYS O 119 12.95 1.70 126.05
N VAL O 120 11.64 1.97 126.16
CA VAL O 120 10.92 2.07 127.42
C VAL O 120 11.51 3.20 128.26
N THR O 121 12.74 3.01 128.75
CA THR O 121 13.43 4.02 129.55
C THR O 121 14.85 4.18 129.02
N LEU O 122 15.28 5.44 128.88
CA LEU O 122 16.60 5.75 128.39
C LEU O 122 17.63 5.73 129.52
N SER O 123 18.89 5.88 129.15
CA SER O 123 19.97 5.81 130.12
C SER O 123 20.15 7.14 130.84
N GLU O 124 20.98 7.12 131.88
CA GLU O 124 21.23 8.32 132.67
C GLU O 124 21.96 9.39 131.84
N LYS O 125 22.95 8.98 131.05
CA LYS O 125 23.65 9.94 130.19
C LYS O 125 22.70 10.55 129.18
N GLU O 126 21.83 9.74 128.58
CA GLU O 126 20.89 10.25 127.60
C GLU O 126 19.93 11.25 128.22
N THR O 127 19.39 10.92 129.40
CA THR O 127 18.43 11.82 130.03
C THR O 127 19.11 13.10 130.50
N ARG O 128 20.36 13.02 130.97
CA ARG O 128 21.06 14.21 131.41
C ARG O 128 21.40 15.12 130.24
N LYS O 129 21.82 14.55 129.11
CA LYS O 129 22.14 15.39 127.96
C LYS O 129 20.87 15.97 127.34
N ILE O 130 19.77 15.21 127.34
CA ILE O 130 18.50 15.74 126.86
C ILE O 130 18.04 16.90 127.73
N MET O 131 18.13 16.74 129.05
CA MET O 131 17.73 17.80 129.96
C MET O 131 18.60 19.03 129.79
N ARG O 132 19.92 18.84 129.64
CA ARG O 132 20.82 19.97 129.46
C ARG O 132 20.52 20.72 128.17
N ALA O 133 20.33 19.99 127.07
CA ALA O 133 20.03 20.64 125.79
C ALA O 133 18.68 21.36 125.84
N LEU O 134 17.68 20.75 126.45
CA LEU O 134 16.37 21.38 126.56
C LEU O 134 16.42 22.62 127.44
N LEU O 135 17.17 22.57 128.55
CA LEU O 135 17.32 23.73 129.40
C LEU O 135 18.04 24.86 128.68
N GLU O 136 19.08 24.53 127.91
CA GLU O 136 19.77 25.56 127.11
C GLU O 136 18.82 26.17 126.10
N VAL O 137 18.01 25.33 125.45
CA VAL O 137 17.05 25.84 124.48
C VAL O 137 16.05 26.78 125.16
N ILE O 138 15.54 26.38 126.32
CA ILE O 138 14.52 27.19 126.99
C ILE O 138 15.10 28.49 127.50
N CYS O 139 16.35 28.48 127.99
CA CYS O 139 16.95 29.71 128.47
C CYS O 139 17.27 30.66 127.31
N THR O 140 17.77 30.12 126.20
CA THR O 140 18.00 30.96 125.02
C THR O 140 16.69 31.54 124.50
N LEU O 141 15.61 30.75 124.54
CA LEU O 141 14.31 31.22 124.08
C LEU O 141 13.75 32.30 125.01
N HIS O 142 13.96 32.13 126.32
CA HIS O 142 13.53 33.13 127.29
C HIS O 142 14.31 34.43 127.10
N LYS O 143 15.59 34.33 126.75
CA LYS O 143 16.39 35.52 126.53
C LYS O 143 15.82 36.39 125.41
N LEU O 144 15.06 35.79 124.49
CA LEU O 144 14.42 36.52 123.40
C LEU O 144 12.95 36.82 123.68
N ASN O 145 12.48 36.54 124.89
CA ASN O 145 11.11 36.86 125.32
C ASN O 145 10.08 36.15 124.44
N ILE O 146 10.21 34.83 124.36
CA ILE O 146 9.27 33.97 123.63
C ILE O 146 9.01 32.74 124.49
N VAL O 147 7.74 32.34 124.59
CA VAL O 147 7.34 31.17 125.37
C VAL O 147 6.62 30.20 124.44
N HIS O 148 7.00 28.93 124.51
CA HIS O 148 6.47 27.91 123.59
C HIS O 148 5.11 27.37 124.04
N ARG O 149 4.99 27.00 125.32
CA ARG O 149 3.80 26.41 125.92
C ARG O 149 3.41 25.08 125.30
N ASP O 150 4.25 24.49 124.46
CA ASP O 150 3.95 23.21 123.82
C ASP O 150 5.17 22.30 123.84
N LEU O 151 5.91 22.32 124.95
CA LEU O 151 7.06 21.43 125.13
C LEU O 151 6.54 20.04 125.43
N LYS O 152 6.43 19.21 124.41
CA LYS O 152 5.86 17.88 124.51
C LYS O 152 6.84 16.86 123.95
N PRO O 153 6.76 15.60 124.41
CA PRO O 153 7.67 14.57 123.87
C PRO O 153 7.51 14.35 122.38
N GLU O 154 6.29 14.49 121.85
CA GLU O 154 6.08 14.29 120.42
C GLU O 154 6.57 15.47 119.61
N ASN O 155 6.79 16.62 120.25
CA ASN O 155 7.30 17.81 119.57
C ASN O 155 8.82 17.87 119.57
N ILE O 156 9.49 16.85 120.08
CA ILE O 156 10.96 16.81 120.16
C ILE O 156 11.45 15.68 119.26
N LEU O 157 12.37 16.02 118.36
CA LEU O 157 12.95 15.07 117.42
C LEU O 157 14.41 14.81 117.77
N LEU O 158 14.96 13.73 117.23
CA LEU O 158 16.35 13.37 117.45
C LEU O 158 17.05 13.23 116.10
N ASP O 159 18.35 12.93 116.16
CA ASP O 159 19.19 12.83 114.99
C ASP O 159 20.17 11.66 115.14
N ASP O 160 21.09 11.56 114.18
CA ASP O 160 22.14 10.54 114.26
C ASP O 160 23.12 10.81 115.40
N ASN O 161 23.28 12.08 115.78
CA ASN O 161 24.16 12.46 116.88
C ASN O 161 23.46 12.49 118.22
N MET O 162 22.20 12.05 118.27
CA MET O 162 21.42 11.99 119.51
C MET O 162 21.26 13.37 120.15
N ASN O 163 21.10 14.39 119.31
CA ASN O 163 20.83 15.75 119.75
C ASN O 163 19.37 16.09 119.49
N ILE O 164 18.67 16.54 120.52
CA ILE O 164 17.25 16.85 120.41
C ILE O 164 17.10 18.26 119.83
N LYS O 165 15.95 18.52 119.24
CA LYS O 165 15.63 19.82 118.67
C LYS O 165 14.17 20.15 118.94
N LEU O 166 13.85 21.44 119.03
CA LEU O 166 12.49 21.86 119.28
C LEU O 166 11.87 22.41 118.00
N THR O 167 10.69 21.90 117.66
CA THR O 167 9.98 22.32 116.45
C THR O 167 8.57 22.76 116.84
N ASP O 168 7.73 22.98 115.83
CA ASP O 168 6.34 23.39 116.02
C ASP O 168 6.26 24.70 116.80
N PHE O 169 6.81 25.75 116.19
CA PHE O 169 6.80 27.08 116.78
C PHE O 169 5.52 27.87 116.50
N GLY O 170 4.57 27.27 115.78
CA GLY O 170 3.33 27.97 115.48
C GLY O 170 2.53 28.29 116.73
N PHE O 171 2.47 27.35 117.67
CA PHE O 171 1.78 27.60 118.93
C PHE O 171 2.47 28.69 119.73
N SER O 172 3.80 28.71 119.71
CA SER O 172 4.55 29.75 120.41
C SER O 172 4.29 31.11 119.78
N CYS O 173 4.35 32.16 120.62
CA CYS O 173 4.18 33.53 120.15
C CYS O 173 5.00 34.46 121.02
N GLN O 174 5.47 35.55 120.41
CA GLN O 174 6.24 36.54 121.14
C GLN O 174 5.36 37.28 122.15
N LEU O 175 5.93 37.59 123.31
CA LEU O 175 5.20 38.27 124.37
C LEU O 175 6.03 39.44 124.88
N GLU O 176 5.33 40.46 125.37
CA GLU O 176 5.91 41.64 126.00
C GLU O 176 5.66 41.61 127.50
N PRO O 177 6.65 42.00 128.31
CA PRO O 177 6.43 42.05 129.76
C PRO O 177 5.25 42.95 130.11
N GLY O 178 4.42 42.48 131.04
CA GLY O 178 3.23 43.19 131.43
C GLY O 178 1.94 42.69 130.81
N GLU O 179 2.00 41.90 129.75
CA GLU O 179 0.84 41.32 129.12
C GLU O 179 0.80 39.82 129.38
N ARG O 180 -0.39 39.31 129.70
CA ARG O 180 -0.58 37.90 130.02
C ARG O 180 -1.50 37.27 128.99
N LEU O 181 -1.21 36.02 128.63
CA LEU O 181 -2.01 35.29 127.66
C LEU O 181 -3.15 34.54 128.35
N ARG O 182 -4.25 34.34 127.61
CA ARG O 182 -5.43 33.69 128.16
C ARG O 182 -5.89 32.46 127.37
N GLU O 183 -5.47 32.28 126.12
CA GLU O 183 -5.92 31.14 125.34
C GLU O 183 -5.34 29.84 125.92
N VAL O 184 -6.13 28.77 125.84
CA VAL O 184 -5.76 27.48 126.40
C VAL O 184 -5.64 26.48 125.25
N CYS O 185 -4.52 25.75 125.23
CA CYS O 185 -4.28 24.75 124.19
C CYS O 185 -3.23 23.77 124.71
N GLY O 186 -3.16 22.63 124.03
CA GLY O 186 -2.18 21.61 124.35
C GLY O 186 -2.81 20.37 124.97
N THR O 187 -1.95 19.44 125.35
CA THR O 187 -2.39 18.21 125.97
C THR O 187 -3.04 18.50 127.32
N PRO O 188 -4.14 17.85 127.66
CA PRO O 188 -4.79 18.12 128.96
C PRO O 188 -3.93 17.78 130.17
N SER O 189 -2.86 17.02 129.99
CA SER O 189 -1.95 16.69 131.09
C SER O 189 -0.76 17.64 131.19
N TYR O 190 -0.77 18.72 130.42
CA TYR O 190 0.36 19.65 130.33
C TYR O 190 -0.10 21.08 130.59
N LEU O 191 -0.88 21.28 131.65
CA LEU O 191 -1.40 22.60 131.99
C LEU O 191 -0.96 22.98 133.40
N ALA O 192 -0.62 24.24 133.59
CA ALA O 192 -0.23 24.79 134.89
C ALA O 192 -1.46 25.09 135.74
N PRO O 193 -1.30 25.17 137.07
CA PRO O 193 -2.45 25.58 137.89
C PRO O 193 -2.91 26.99 137.59
N GLU O 194 -2.01 27.86 137.14
CA GLU O 194 -2.40 29.19 136.71
C GLU O 194 -3.35 29.13 135.53
N ILE O 195 -3.19 28.11 134.68
CA ILE O 195 -4.05 28.00 133.48
C ILE O 195 -5.50 27.79 133.90
N ILE O 196 -5.73 26.82 134.78
CA ILE O 196 -7.10 26.55 135.22
C ILE O 196 -7.60 27.68 136.13
N GLU O 197 -6.70 28.33 136.86
CA GLU O 197 -7.10 29.47 137.66
C GLU O 197 -7.62 30.61 136.79
N CYS O 198 -6.94 30.88 135.67
CA CYS O 198 -7.42 31.89 134.74
C CYS O 198 -8.71 31.45 134.07
N SER O 199 -8.80 30.17 133.70
CA SER O 199 -9.94 29.68 132.94
C SER O 199 -11.10 29.22 133.81
N MET O 200 -11.02 29.40 135.13
CA MET O 200 -12.14 29.00 135.98
C MET O 200 -13.39 29.78 135.62
N ASN O 201 -13.43 31.08 135.95
CA ASN O 201 -14.29 32.01 135.24
C ASN O 201 -13.50 33.19 134.68
N GLU O 202 -12.91 34.03 135.55
CA GLU O 202 -12.07 35.12 135.10
C GLU O 202 -10.94 35.48 136.06
N ASP O 203 -10.76 34.75 137.16
CA ASP O 203 -10.05 35.30 138.32
C ASP O 203 -8.58 35.60 138.02
N HIS O 204 -7.80 34.58 137.69
CA HIS O 204 -6.36 34.79 137.55
C HIS O 204 -6.07 35.60 136.29
N PRO O 205 -5.01 36.42 136.30
CA PRO O 205 -4.76 37.34 135.18
C PRO O 205 -4.58 36.66 133.84
N GLY O 206 -3.60 35.76 133.74
CA GLY O 206 -3.30 35.14 132.46
C GLY O 206 -2.15 34.15 132.60
N TYR O 207 -1.58 33.80 131.45
CA TYR O 207 -0.48 32.85 131.41
C TYR O 207 0.78 33.44 132.04
N GLY O 208 1.83 32.63 132.05
CA GLY O 208 3.11 33.07 132.57
C GLY O 208 4.27 32.31 131.95
N LYS O 209 5.35 32.14 132.71
CA LYS O 209 6.48 31.35 132.26
C LYS O 209 6.56 29.98 132.92
N GLU O 210 5.83 29.75 134.01
CA GLU O 210 5.84 28.47 134.71
C GLU O 210 5.33 27.31 133.86
N VAL O 211 4.62 27.61 132.77
CA VAL O 211 4.10 26.56 131.90
C VAL O 211 5.26 25.74 131.34
N ASP O 212 6.31 26.40 130.88
CA ASP O 212 7.43 25.67 130.30
C ASP O 212 8.20 24.91 131.36
N MET O 213 8.30 25.45 132.58
CA MET O 213 8.99 24.71 133.65
C MET O 213 8.24 23.43 134.01
N TRP O 214 6.91 23.52 134.14
CA TRP O 214 6.16 22.28 134.35
C TRP O 214 6.26 21.35 133.15
N SER O 215 6.37 21.92 131.94
CA SER O 215 6.57 21.09 130.76
C SER O 215 7.85 20.26 130.88
N THR O 216 8.97 20.92 131.21
CA THR O 216 10.24 20.21 131.36
C THR O 216 10.16 19.19 132.49
N GLY O 217 9.51 19.55 133.60
CA GLY O 217 9.33 18.57 134.67
C GLY O 217 8.59 17.34 134.21
N VAL O 218 7.53 17.53 133.41
CA VAL O 218 6.74 16.40 132.93
C VAL O 218 7.55 15.53 131.98
N ILE O 219 8.31 16.15 131.06
CA ILE O 219 9.14 15.34 130.15
C ILE O 219 10.19 14.57 130.92
N MET O 220 10.81 15.21 131.93
CA MET O 220 11.82 14.51 132.72
C MET O 220 11.22 13.31 133.44
N TYR O 221 10.07 13.51 134.11
CA TYR O 221 9.44 12.40 134.81
C TYR O 221 9.03 11.29 133.85
N THR O 222 8.47 11.66 132.70
CA THR O 222 8.01 10.67 131.74
C THR O 222 9.18 9.86 131.19
N LEU O 223 10.31 10.51 130.91
CA LEU O 223 11.46 9.76 130.42
C LEU O 223 12.03 8.86 131.50
N LEU O 224 12.06 9.35 132.75
CA LEU O 224 12.68 8.58 133.83
C LEU O 224 11.83 7.37 134.21
N ALA O 225 10.59 7.60 134.66
CA ALA O 225 9.74 6.49 135.08
C ALA O 225 9.15 5.73 133.90
N GLY O 226 8.82 6.42 132.81
CA GLY O 226 8.16 5.80 131.69
C GLY O 226 6.68 6.10 131.56
N SER O 227 6.11 6.89 132.48
CA SER O 227 4.70 7.21 132.47
C SER O 227 4.50 8.69 132.76
N PRO O 228 3.43 9.29 132.24
CA PRO O 228 3.13 10.70 132.55
C PRO O 228 2.78 10.87 134.01
N PRO O 229 2.92 12.08 134.56
CA PRO O 229 2.59 12.29 135.98
C PRO O 229 1.12 12.09 136.30
N PHE O 230 0.22 12.75 135.57
CA PHE O 230 -1.21 12.65 135.82
C PHE O 230 -1.88 11.89 134.67
N TRP O 231 -2.57 10.81 135.01
CA TRP O 231 -3.30 10.03 134.03
C TRP O 231 -4.48 9.35 134.70
N HIS O 232 -5.64 9.43 134.05
CA HIS O 232 -6.84 8.77 134.56
C HIS O 232 -7.80 8.56 133.40
N ARG O 233 -8.73 7.62 133.58
CA ARG O 233 -9.73 7.33 132.56
C ARG O 233 -10.76 8.44 132.42
N LYS O 234 -10.83 9.37 133.37
CA LYS O 234 -11.78 10.47 133.34
C LYS O 234 -11.03 11.78 133.27
N GLN O 235 -11.52 12.71 132.45
CA GLN O 235 -10.88 14.02 132.32
C GLN O 235 -10.92 14.79 133.64
N MET O 236 -12.07 14.76 134.32
CA MET O 236 -12.23 15.54 135.55
C MET O 236 -11.29 15.05 136.65
N LEU O 237 -11.16 13.73 136.80
CA LEU O 237 -10.30 13.19 137.86
C LEU O 237 -8.84 13.58 137.64
N MET O 238 -8.35 13.43 136.41
CA MET O 238 -6.97 13.81 136.12
C MET O 238 -6.76 15.31 136.26
N LEU O 239 -7.74 16.12 135.84
CA LEU O 239 -7.64 17.57 136.00
C LEU O 239 -7.57 17.95 137.47
N ARG O 240 -8.40 17.34 138.31
CA ARG O 240 -8.36 17.62 139.74
C ARG O 240 -7.04 17.19 140.35
N MET O 241 -6.53 16.02 139.95
CA MET O 241 -5.24 15.56 140.46
C MET O 241 -4.12 16.50 140.07
N ILE O 242 -4.12 16.98 138.82
CA ILE O 242 -3.07 17.88 138.37
C ILE O 242 -3.23 19.25 139.03
N MET O 243 -4.45 19.60 139.43
CA MET O 243 -4.66 20.85 140.13
C MET O 243 -4.15 20.78 141.57
N SER O 244 -4.42 19.66 142.24
CA SER O 244 -4.02 19.53 143.64
C SER O 244 -2.51 19.33 143.80
N GLY O 245 -1.82 18.90 142.75
CA GLY O 245 -0.40 18.64 142.86
C GLY O 245 -0.08 17.52 143.83
N ASN O 246 -0.81 16.42 143.73
CA ASN O 246 -0.69 15.29 144.66
C ASN O 246 0.09 14.12 144.05
N TYR O 247 1.15 14.42 143.30
CA TYR O 247 1.96 13.37 142.70
C TYR O 247 2.60 12.50 143.77
N GLN O 248 2.93 11.27 143.38
CA GLN O 248 3.65 10.34 144.23
C GLN O 248 4.77 9.69 143.43
N PHE O 249 5.84 9.31 144.14
CA PHE O 249 6.98 8.64 143.53
C PHE O 249 6.74 7.14 143.52
N GLY O 250 7.05 6.50 142.40
CA GLY O 250 6.89 5.06 142.32
C GLY O 250 7.79 4.34 143.30
N SER O 251 7.21 3.39 144.05
CA SER O 251 8.00 2.67 145.05
C SER O 251 8.95 1.67 144.41
N PRO O 252 8.52 0.74 143.55
CA PRO O 252 9.46 -0.24 142.99
C PRO O 252 10.22 0.25 141.77
N GLU O 253 9.95 1.47 141.30
CA GLU O 253 10.61 2.00 140.11
C GLU O 253 11.65 3.07 140.44
N TRP O 254 11.37 3.93 141.42
CA TRP O 254 12.27 5.02 141.77
C TRP O 254 13.20 4.70 142.93
N ASP O 255 13.15 3.47 143.46
CA ASP O 255 14.02 3.13 144.59
C ASP O 255 15.48 3.10 144.16
N ASP O 256 15.77 2.58 142.98
CA ASP O 256 17.14 2.50 142.47
C ASP O 256 17.51 3.72 141.64
N TYR O 257 17.38 4.90 142.23
CA TYR O 257 17.68 6.16 141.55
C TYR O 257 18.37 7.11 142.51
N SER O 258 19.11 8.06 141.95
CA SER O 258 19.83 9.03 142.75
C SER O 258 18.87 10.03 143.38
N ASP O 259 19.24 10.52 144.57
CA ASP O 259 18.40 11.48 145.27
C ASP O 259 18.44 12.87 144.65
N THR O 260 19.57 13.25 144.05
CA THR O 260 19.68 14.57 143.46
C THR O 260 18.74 14.73 142.27
N VAL O 261 18.59 13.69 141.45
CA VAL O 261 17.68 13.75 140.32
C VAL O 261 16.24 13.80 140.80
N LYS O 262 15.93 13.06 141.88
CA LYS O 262 14.59 13.11 142.46
C LYS O 262 14.26 14.51 142.96
N ASP O 263 15.20 15.14 143.68
CA ASP O 263 14.98 16.50 144.15
C ASP O 263 14.83 17.47 142.99
N LEU O 264 15.65 17.31 141.95
CA LEU O 264 15.54 18.17 140.77
C LEU O 264 14.18 18.05 140.11
N VAL O 265 13.70 16.81 139.91
CA VAL O 265 12.40 16.60 139.29
C VAL O 265 11.29 17.18 140.15
N SER O 266 11.36 16.94 141.47
CA SER O 266 10.33 17.46 142.37
C SER O 266 10.33 18.99 142.36
N ARG O 267 11.50 19.61 142.25
CA ARG O 267 11.57 21.06 142.25
C ARG O 267 11.04 21.66 140.95
N PHE O 268 11.28 20.97 139.83
CA PHE O 268 10.62 21.40 138.60
C PHE O 268 9.12 21.16 138.63
N LEU O 269 8.63 20.38 139.59
CA LEU O 269 7.22 20.01 139.67
C LEU O 269 6.50 20.72 140.81
N VAL O 270 7.03 21.87 141.26
CA VAL O 270 6.39 22.63 142.31
C VAL O 270 5.15 23.31 141.76
N VAL O 271 4.06 23.29 142.54
CA VAL O 271 2.81 23.91 142.08
C VAL O 271 2.95 25.42 142.00
N GLN O 272 3.58 26.02 143.00
CA GLN O 272 3.68 27.49 143.06
C GLN O 272 4.63 28.00 141.99
N PRO O 273 4.21 28.93 141.12
CA PRO O 273 5.13 29.46 140.12
C PRO O 273 6.33 30.18 140.71
N GLN O 274 6.16 30.85 141.85
CA GLN O 274 7.27 31.61 142.44
C GLN O 274 8.38 30.68 142.91
N ASN O 275 8.03 29.54 143.49
CA ASN O 275 9.00 28.61 144.03
C ASN O 275 9.66 27.76 142.96
N ARG O 276 9.15 27.77 141.73
CA ARG O 276 9.74 26.97 140.66
C ARG O 276 11.12 27.50 140.27
N TYR O 277 12.07 26.59 140.09
CA TYR O 277 13.41 26.98 139.68
C TYR O 277 13.40 27.50 138.24
N THR O 278 14.19 28.54 138.00
CA THR O 278 14.31 29.08 136.66
C THR O 278 15.38 28.32 135.87
N ALA O 279 15.57 28.72 134.62
CA ALA O 279 16.52 28.02 133.75
C ALA O 279 17.95 28.16 134.25
N GLU O 280 18.34 29.37 134.68
CA GLU O 280 19.71 29.56 135.15
C GLU O 280 19.95 28.80 136.45
N GLU O 281 18.96 28.74 137.33
CA GLU O 281 19.09 27.94 138.54
C GLU O 281 19.23 26.45 138.21
N ALA O 282 18.49 25.98 137.21
CA ALA O 282 18.62 24.60 136.77
C ALA O 282 20.02 24.32 136.22
N LEU O 283 20.55 25.27 135.43
CA LEU O 283 21.90 25.08 134.88
C LEU O 283 22.94 25.08 135.98
N ALA O 284 22.66 25.74 137.10
CA ALA O 284 23.60 25.77 138.21
C ALA O 284 23.48 24.57 139.14
N HIS O 285 22.55 23.66 138.86
CA HIS O 285 22.38 22.48 139.70
C HIS O 285 23.62 21.59 139.61
N PRO O 286 23.95 20.88 140.68
CA PRO O 286 25.12 19.96 140.63
C PRO O 286 24.96 18.83 139.61
N PHE O 287 23.73 18.56 139.15
CA PHE O 287 23.54 17.51 138.15
C PHE O 287 24.24 17.85 136.84
N PHE O 288 24.16 19.11 136.41
CA PHE O 288 24.64 19.50 135.09
C PHE O 288 26.09 20.00 135.09
N GLN O 289 26.71 20.17 136.25
CA GLN O 289 28.07 20.67 136.30
C GLN O 289 29.07 19.56 136.00
N GLN O 290 30.18 19.93 135.36
CA GLN O 290 31.25 19.00 135.06
C GLN O 290 32.59 19.63 135.43
N TYR O 291 33.53 18.79 135.85
CA TYR O 291 34.85 19.22 136.26
C TYR O 291 35.91 18.44 135.50
N LEU O 292 36.90 19.15 134.97
CA LEU O 292 37.98 18.56 134.20
C LEU O 292 39.28 18.47 134.98
N VAL O 293 39.79 19.59 135.48
CA VAL O 293 41.03 19.60 136.26
C VAL O 293 41.07 20.92 137.04
N GLU O 294 41.58 20.84 138.28
CA GLU O 294 41.71 22.00 139.13
C GLU O 294 42.97 21.85 139.98
N GLU O 295 43.56 22.99 140.37
CA GLU O 295 44.77 22.99 141.17
C GLU O 295 44.65 23.87 142.41
N VAL O 296 43.44 24.33 142.74
CA VAL O 296 43.22 25.18 143.90
C VAL O 296 42.68 24.40 145.10
N ARG O 297 42.70 23.07 145.02
CA ARG O 297 42.20 22.22 146.11
C ARG O 297 43.30 22.06 147.16
N HIS O 298 43.48 23.13 147.94
CA HIS O 298 44.46 23.16 149.02
C HIS O 298 43.77 23.57 150.31
N PHE O 299 44.14 22.93 151.41
CA PHE O 299 43.53 23.21 152.70
C PHE O 299 44.48 22.77 153.81
N SER O 300 44.00 22.83 155.04
CA SER O 300 44.76 22.45 156.24
C SER O 300 44.89 20.93 156.30
N PRO O 301 45.79 20.39 157.13
CA PRO O 301 45.86 18.92 157.27
C PRO O 301 44.56 18.29 157.75
N ARG O 302 43.69 19.06 158.40
CA ARG O 302 42.38 18.55 158.74
C ARG O 302 41.59 18.18 157.49
N GLY O 303 41.67 19.00 156.45
CA GLY O 303 41.03 18.67 155.19
C GLY O 303 41.59 17.41 154.57
N LYS O 304 42.91 17.24 154.63
CA LYS O 304 43.53 16.02 154.11
C LYS O 304 43.06 14.79 154.89
N PHE O 305 42.97 14.91 156.21
CA PHE O 305 42.49 13.80 157.02
C PHE O 305 41.03 13.47 156.70
N LYS O 306 40.20 14.49 156.50
CA LYS O 306 38.81 14.26 156.12
C LYS O 306 38.72 13.59 154.75
N VAL O 307 39.56 14.01 153.81
CA VAL O 307 39.56 13.40 152.49
C VAL O 307 39.98 11.94 152.58
N ILE O 308 41.00 11.65 153.40
CA ILE O 308 41.44 10.26 153.58
C ILE O 308 40.34 9.42 154.21
N ALA O 309 39.64 9.97 155.21
CA ALA O 309 38.54 9.23 155.84
C ALA O 309 37.43 8.96 154.83
N LEU O 310 37.07 9.96 154.02
CA LEU O 310 36.04 9.75 153.01
C LEU O 310 36.48 8.70 152.00
N THR O 311 37.75 8.74 151.58
CA THR O 311 38.25 7.75 150.63
C THR O 311 38.18 6.34 151.20
N VAL O 312 38.61 6.15 152.46
CA VAL O 312 38.62 4.81 153.03
C VAL O 312 37.19 4.32 153.26
N LEU O 313 36.29 5.21 153.67
CA LEU O 313 34.89 4.79 153.85
C LEU O 313 34.26 4.41 152.51
N ALA O 314 34.58 5.16 151.45
CA ALA O 314 34.09 4.79 150.12
C ALA O 314 34.66 3.46 149.66
N SER O 315 35.93 3.20 149.97
CA SER O 315 36.53 1.92 149.63
C SER O 315 35.85 0.78 150.38
N VAL O 316 35.55 0.97 151.66
CA VAL O 316 34.86 -0.07 152.42
C VAL O 316 33.44 -0.26 151.88
N ARG O 317 32.80 0.82 151.47
CA ARG O 317 31.46 0.70 150.86
C ARG O 317 31.50 -0.10 149.57
N ILE O 318 32.50 0.15 148.72
CA ILE O 318 32.60 -0.58 147.47
C ILE O 318 33.07 -2.02 147.71
N TYR O 319 33.69 -2.28 148.86
CA TYR O 319 34.12 -3.63 149.22
C TYR O 319 32.90 -4.49 149.54
N TYR O 320 31.79 -3.86 149.93
CA TYR O 320 30.57 -4.57 150.27
C TYR O 320 29.63 -4.80 149.10
N GLN O 321 29.96 -4.30 147.90
CA GLN O 321 29.01 -4.36 146.79
C GLN O 321 28.82 -5.79 146.29
N TYR O 322 29.92 -6.51 146.08
CA TYR O 322 29.81 -7.84 145.48
C TYR O 322 29.19 -8.84 146.46
N ARG O 323 29.47 -8.70 147.75
CA ARG O 323 28.92 -9.63 148.72
C ARG O 323 27.45 -9.36 149.03
N ARG O 324 26.93 -8.21 148.63
CA ARG O 324 25.53 -7.86 148.85
C ARG O 324 24.63 -8.25 147.69
N VAL O 325 25.18 -8.84 146.62
CA VAL O 325 24.37 -9.24 145.48
C VAL O 325 23.48 -10.40 145.89
N LYS O 326 22.32 -10.51 145.24
CA LYS O 326 21.36 -11.54 145.57
C LYS O 326 21.41 -12.69 144.56
N PRO O 327 21.13 -13.92 145.00
CA PRO O 327 21.09 -15.04 144.06
C PRO O 327 19.85 -15.03 143.18
N VAL O 328 19.63 -16.11 142.43
CA VAL O 328 18.46 -16.19 141.56
C VAL O 328 17.17 -16.08 142.37
N THR O 329 17.10 -16.80 143.49
CA THR O 329 15.94 -16.81 144.39
C THR O 329 14.66 -17.13 143.61
N ARG O 330 14.60 -18.36 143.10
CA ARG O 330 13.43 -18.79 142.34
C ARG O 330 12.16 -18.73 143.16
N GLU O 331 12.25 -18.96 144.48
CA GLU O 331 11.07 -18.84 145.32
C GLU O 331 10.53 -17.42 145.33
N ILE O 332 11.41 -16.42 145.41
CA ILE O 332 10.99 -15.04 145.32
C ILE O 332 10.35 -14.78 143.95
N VAL O 333 10.91 -15.36 142.90
CA VAL O 333 10.40 -15.16 141.55
C VAL O 333 8.98 -15.69 141.43
N ILE O 334 8.74 -16.90 141.94
CA ILE O 334 7.41 -17.49 141.85
C ILE O 334 6.45 -16.78 142.79
N ARG O 335 6.96 -16.14 143.85
CA ARG O 335 6.08 -15.39 144.74
C ARG O 335 5.93 -13.95 144.28
N ASP O 336 6.97 -13.38 143.64
CA ASP O 336 6.90 -12.02 143.13
C ASP O 336 7.90 -11.84 141.99
N PRO O 337 7.42 -11.63 140.75
CA PRO O 337 8.35 -11.46 139.63
C PRO O 337 8.92 -10.06 139.49
N TYR O 338 8.39 -9.07 140.22
CA TYR O 338 8.88 -7.71 140.13
C TYR O 338 10.08 -7.44 141.02
N ALA O 339 10.45 -8.39 141.89
CA ALA O 339 11.58 -8.17 142.78
C ALA O 339 12.90 -8.11 142.01
N LEU O 340 13.06 -8.98 141.02
CA LEU O 340 14.31 -9.05 140.26
C LEU O 340 14.29 -7.96 139.19
N ARG O 341 15.30 -7.09 139.20
CA ARG O 341 15.36 -5.99 138.24
C ARG O 341 15.45 -6.48 136.79
N PRO O 342 16.33 -7.42 136.43
CA PRO O 342 16.30 -7.92 135.04
C PRO O 342 14.96 -8.51 134.66
N LEU O 343 14.29 -9.19 135.60
CA LEU O 343 13.00 -9.80 135.29
C LEU O 343 11.94 -8.74 134.98
N ARG O 344 11.83 -7.71 135.82
CA ARG O 344 10.81 -6.70 135.59
C ARG O 344 11.14 -5.88 134.34
N ARG O 345 12.42 -5.62 134.09
CA ARG O 345 12.80 -4.92 132.87
C ARG O 345 12.42 -5.74 131.63
N LEU O 346 12.71 -7.04 131.65
CA LEU O 346 12.40 -7.89 130.50
C LEU O 346 10.90 -7.99 130.28
N ILE O 347 10.13 -8.16 131.35
CA ILE O 347 8.69 -8.31 131.18
C ILE O 347 8.05 -7.00 130.71
N ASP O 348 8.56 -5.86 131.22
CA ASP O 348 8.06 -4.57 130.75
C ASP O 348 8.38 -4.37 129.27
N ALA O 349 9.61 -4.72 128.86
CA ALA O 349 9.97 -4.59 127.45
C ALA O 349 9.11 -5.49 126.57
N TYR O 350 8.87 -6.73 127.01
CA TYR O 350 8.05 -7.65 126.24
C TYR O 350 6.61 -7.14 126.12
N ALA O 351 6.06 -6.64 127.23
CA ALA O 351 4.70 -6.11 127.20
C ALA O 351 4.59 -4.90 126.27
N PHE O 352 5.60 -4.02 126.30
CA PHE O 352 5.59 -2.87 125.41
C PHE O 352 5.71 -3.30 123.95
N ARG O 353 6.54 -4.31 123.68
CA ARG O 353 6.69 -4.79 122.32
C ARG O 353 5.42 -5.45 121.82
N ILE O 354 4.67 -6.11 122.71
CA ILE O 354 3.43 -6.76 122.31
C ILE O 354 2.41 -5.72 121.83
N TYR O 355 2.31 -4.61 122.53
CA TYR O 355 1.36 -3.54 122.21
C TYR O 355 2.07 -2.27 121.78
N GLY O 356 3.11 -2.40 120.95
CA GLY O 356 3.88 -1.28 120.48
C GLY O 356 3.32 -0.54 119.29
N HIS O 357 2.17 -0.98 118.77
CA HIS O 357 1.54 -0.33 117.63
C HIS O 357 0.47 0.68 118.04
N TRP O 358 0.32 0.93 119.34
CA TRP O 358 -0.68 1.86 119.86
C TRP O 358 -0.01 3.00 120.60
N VAL O 359 1.05 3.55 120.03
CA VAL O 359 1.81 4.65 120.63
C VAL O 359 1.74 5.82 119.66
N LYS O 360 0.77 6.71 119.87
CA LYS O 360 0.55 7.84 118.98
C LYS O 360 0.00 9.01 119.77
N LYS O 361 -0.42 10.05 119.05
CA LYS O 361 -0.92 11.26 119.69
C LYS O 361 -2.30 11.02 120.31
N GLY O 362 -2.56 11.72 121.41
CA GLY O 362 -3.84 11.60 122.08
C GLY O 362 -3.71 11.28 123.55
N GLN O 363 -4.39 12.04 124.41
CA GLN O 363 -4.34 11.79 125.84
C GLN O 363 -5.17 10.58 126.25
N GLN O 364 -6.08 10.12 125.38
CA GLN O 364 -6.90 8.96 125.71
C GLN O 364 -6.04 7.71 125.91
N GLN O 365 -5.05 7.52 125.05
CA GLN O 365 -4.11 6.41 125.16
C GLN O 365 -2.69 6.96 125.28
N ASN O 366 -2.11 6.82 126.48
CA ASN O 366 -0.75 7.26 126.72
C ASN O 366 0.02 6.09 127.34
N ARG O 367 1.25 6.37 127.78
CA ARG O 367 2.10 5.28 128.28
C ARG O 367 1.62 4.80 129.65
N ALA O 368 1.06 5.70 130.45
CA ALA O 368 0.54 5.30 131.75
C ALA O 368 -0.73 4.45 131.64
N ALA O 369 -1.36 4.44 130.47
CA ALA O 369 -2.53 3.58 130.27
C ALA O 369 -2.15 2.11 130.34
N LEU O 370 -0.99 1.75 129.77
CA LEU O 370 -0.53 0.37 129.79
C LEU O 370 -0.19 -0.10 131.20
N PHE O 371 0.35 0.78 132.04
CA PHE O 371 0.73 0.45 133.41
C PHE O 371 -0.49 0.58 134.32
N GLU O 372 -0.71 -0.43 135.16
CA GLU O 372 -1.80 -0.43 136.14
C GLU O 372 -1.21 -0.77 137.50
N ASN O 373 -0.70 0.24 138.19
CA ASN O 373 -0.16 0.04 139.54
C ASN O 373 -1.27 -0.09 140.58
N THR O 374 -2.38 0.62 140.40
CA THR O 374 -3.48 0.55 141.34
C THR O 374 -4.11 -0.83 141.33
N PRO O 375 -4.55 -1.34 142.48
CA PRO O 375 -5.19 -2.65 142.52
C PRO O 375 -6.63 -2.56 142.06
N LYS O 376 -7.02 -3.48 141.18
CA LYS O 376 -8.39 -3.52 140.64
C LYS O 376 -9.30 -4.24 141.64
N ALA O 377 -9.64 -3.52 142.70
CA ALA O 377 -10.45 -4.07 143.78
C ALA O 377 -11.67 -3.19 144.05
N VAL O 378 -12.37 -3.47 145.15
CA VAL O 378 -13.55 -2.69 145.51
C VAL O 378 -13.18 -1.23 145.78
N LEU O 379 -11.94 -0.97 146.19
CA LEU O 379 -11.52 0.40 146.46
C LEU O 379 -11.56 1.25 145.20
N LEU O 380 -11.39 0.63 144.03
CA LEU O 380 -11.40 1.39 142.79
C LEU O 380 -12.76 2.03 142.52
N SER O 381 -13.83 1.44 143.04
CA SER O 381 -15.16 2.01 142.84
C SER O 381 -15.29 3.37 143.52
N LEU O 382 -14.72 3.51 144.71
CA LEU O 382 -14.78 4.78 145.43
C LEU O 382 -14.01 5.86 144.68
N ALA O 383 -14.57 7.06 144.65
CA ALA O 383 -13.96 8.18 143.96
C ALA O 383 -14.34 9.51 144.63
N GLN P 23 22.36 17.48 150.69
CA GLN P 23 23.20 18.31 149.83
C GLN P 23 24.67 17.97 150.04
N LEU P 24 25.45 18.12 148.96
CA LEU P 24 26.88 17.83 149.00
C LEU P 24 27.64 19.10 149.42
N THR P 25 28.96 19.00 149.48
CA THR P 25 29.80 20.12 149.86
C THR P 25 31.04 20.14 148.98
N GLU P 26 31.70 21.30 148.93
CA GLU P 26 32.91 21.44 148.13
C GLU P 26 34.01 20.53 148.65
N GLU P 27 34.16 20.43 149.97
CA GLU P 27 35.16 19.53 150.54
C GLU P 27 34.86 18.08 150.19
N GLN P 28 33.59 17.69 150.24
CA GLN P 28 33.22 16.32 149.85
C GLN P 28 33.52 16.06 148.39
N ILE P 29 33.25 17.03 147.52
CA ILE P 29 33.53 16.86 146.10
C ILE P 29 35.04 16.73 145.87
N ALA P 30 35.84 17.56 146.55
CA ALA P 30 37.28 17.47 146.41
C ALA P 30 37.80 16.13 146.91
N GLU P 31 37.26 15.64 148.03
CA GLU P 31 37.68 14.34 148.56
C GLU P 31 37.31 13.22 147.60
N PHE P 32 36.11 13.28 147.01
CA PHE P 32 35.71 12.27 146.04
C PHE P 32 36.62 12.29 144.81
N LYS P 33 36.96 13.49 144.34
CA LYS P 33 37.87 13.59 143.20
C LYS P 33 39.24 13.03 143.53
N GLU P 34 39.75 13.31 144.73
CA GLU P 34 41.04 12.76 145.15
C GLU P 34 40.98 11.25 145.24
N ALA P 35 39.88 10.71 145.78
CA ALA P 35 39.73 9.25 145.85
C ALA P 35 39.69 8.63 144.47
N PHE P 36 38.97 9.25 143.54
CA PHE P 36 38.92 8.73 142.17
C PHE P 36 40.29 8.77 141.51
N SER P 37 41.04 9.86 141.73
CA SER P 37 42.38 9.95 141.16
C SER P 37 43.31 8.91 141.75
N LEU P 38 43.22 8.66 143.06
CA LEU P 38 44.08 7.68 143.71
C LEU P 38 43.65 6.25 143.44
N PHE P 39 42.42 6.05 142.98
CA PHE P 39 41.93 4.69 142.74
C PHE P 39 42.74 3.99 141.66
N ASP P 40 43.07 4.70 140.58
CA ASP P 40 43.82 4.12 139.47
C ASP P 40 45.26 4.61 139.51
N LYS P 41 46.17 3.74 139.07
CA LYS P 41 47.59 4.12 139.01
C LYS P 41 47.84 5.11 137.88
N ASP P 42 47.16 4.94 136.75
CA ASP P 42 47.31 5.82 135.60
C ASP P 42 46.01 6.58 135.39
N GLY P 43 46.13 7.85 134.99
CA GLY P 43 44.98 8.70 134.80
C GLY P 43 44.31 8.50 133.45
N ASP P 44 43.15 7.83 133.45
CA ASP P 44 42.40 7.61 132.23
C ASP P 44 40.90 7.78 132.40
N GLY P 45 40.43 8.20 133.58
CA GLY P 45 39.02 8.37 133.82
C GLY P 45 38.27 7.12 134.24
N THR P 46 38.94 5.98 134.28
CA THR P 46 38.32 4.72 134.66
C THR P 46 39.15 4.04 135.74
N ILE P 47 38.46 3.47 136.72
CA ILE P 47 39.14 2.76 137.80
C ILE P 47 39.86 1.53 137.26
N THR P 48 39.28 0.87 136.25
CA THR P 48 39.86 -0.26 135.54
C THR P 48 39.86 -1.52 136.39
N THR P 49 39.53 -2.66 135.78
CA THR P 49 39.49 -3.92 136.52
C THR P 49 40.88 -4.32 137.01
N LYS P 50 41.91 -4.15 136.17
CA LYS P 50 43.25 -4.53 136.56
C LYS P 50 43.76 -3.70 137.73
N GLU P 51 43.53 -2.39 137.68
CA GLU P 51 43.97 -1.53 138.79
C GLU P 51 43.22 -1.86 140.07
N LEU P 52 41.91 -2.12 139.98
CA LEU P 52 41.14 -2.50 141.15
C LEU P 52 41.65 -3.82 141.74
N GLY P 53 41.95 -4.79 140.87
CA GLY P 53 42.51 -6.04 141.35
C GLY P 53 43.85 -5.87 142.03
N THR P 54 44.72 -5.05 141.45
CA THR P 54 46.02 -4.79 142.07
C THR P 54 45.86 -4.11 143.43
N VAL P 55 44.92 -3.16 143.51
CA VAL P 55 44.66 -2.49 144.80
C VAL P 55 44.16 -3.48 145.83
N MET P 56 43.25 -4.38 145.41
CA MET P 56 42.74 -5.40 146.33
C MET P 56 43.84 -6.33 146.81
N ARG P 57 44.73 -6.74 145.90
CA ARG P 57 45.84 -7.60 146.30
C ARG P 57 46.79 -6.87 147.24
N SER P 58 47.04 -5.59 146.99
CA SER P 58 47.90 -4.81 147.88
C SER P 58 47.27 -4.68 149.27
N LEU P 59 45.95 -4.48 149.33
CA LEU P 59 45.28 -4.38 150.62
C LEU P 59 45.35 -5.69 151.40
N GLY P 60 45.32 -6.82 150.72
CA GLY P 60 45.39 -8.11 151.37
C GLY P 60 44.20 -9.00 151.06
N GLN P 61 43.55 -8.75 149.94
CA GLN P 61 42.40 -9.53 149.49
C GLN P 61 42.65 -10.06 148.09
N ASN P 62 42.11 -11.25 147.82
CA ASN P 62 42.25 -11.91 146.52
C ASN P 62 40.88 -12.31 146.00
N PRO P 63 40.09 -11.36 145.54
CA PRO P 63 38.76 -11.70 145.01
C PRO P 63 38.87 -12.52 143.74
N THR P 64 37.88 -13.39 143.54
CA THR P 64 37.83 -14.22 142.34
C THR P 64 37.50 -13.37 141.12
N GLU P 65 37.89 -13.88 139.95
CA GLU P 65 37.59 -13.18 138.70
C GLU P 65 36.09 -13.08 138.46
N ALA P 66 35.36 -14.16 138.72
CA ALA P 66 33.91 -14.12 138.57
C ALA P 66 33.28 -13.13 139.54
N GLU P 67 33.77 -13.10 140.79
CA GLU P 67 33.24 -12.14 141.76
C GLU P 67 33.52 -10.71 141.34
N LEU P 68 34.73 -10.45 140.82
CA LEU P 68 35.06 -9.10 140.35
C LEU P 68 34.19 -8.70 139.16
N GLN P 69 33.96 -9.63 138.23
CA GLN P 69 33.10 -9.34 137.09
C GLN P 69 31.67 -9.06 137.54
N ASP P 70 31.17 -9.85 138.49
CA ASP P 70 29.82 -9.61 139.01
C ASP P 70 29.72 -8.25 139.70
N MET P 71 30.74 -7.89 140.48
CA MET P 71 30.75 -6.58 141.13
C MET P 71 30.76 -5.45 140.10
N ILE P 72 31.57 -5.59 139.05
CA ILE P 72 31.64 -4.58 138.01
C ILE P 72 30.30 -4.44 137.31
N ASN P 73 29.66 -5.57 137.00
CA ASN P 73 28.35 -5.53 136.34
C ASN P 73 27.29 -4.90 137.23
N GLU P 74 27.31 -5.23 138.53
CA GLU P 74 26.31 -4.69 139.44
C GLU P 74 26.49 -3.19 139.66
N VAL P 75 27.74 -2.74 139.83
CA VAL P 75 27.99 -1.32 140.02
C VAL P 75 27.61 -0.54 138.76
N ASP P 76 27.99 -1.04 137.60
CA ASP P 76 27.68 -0.36 136.35
C ASP P 76 26.19 -0.44 136.05
N ALA P 77 25.68 0.60 135.37
CA ALA P 77 24.28 0.64 134.99
C ALA P 77 23.98 -0.18 133.74
N ASP P 78 25.01 -0.61 133.00
CA ASP P 78 24.83 -1.41 131.80
C ASP P 78 26.03 -2.33 131.66
N GLY P 79 26.18 -2.92 130.47
CA GLY P 79 27.22 -3.92 130.25
C GLY P 79 28.47 -3.41 129.57
N ASN P 80 28.70 -2.10 129.60
CA ASN P 80 29.89 -1.55 128.95
C ASN P 80 31.18 -2.00 129.63
N GLY P 81 31.13 -2.35 130.92
CA GLY P 81 32.30 -2.89 131.59
C GLY P 81 33.26 -1.85 132.13
N THR P 82 32.88 -0.58 132.13
CA THR P 82 33.73 0.49 132.65
C THR P 82 32.96 1.30 133.68
N ILE P 83 33.66 1.69 134.75
CA ILE P 83 33.08 2.47 135.83
C ILE P 83 33.71 3.85 135.82
N ASP P 84 32.87 4.89 135.81
CA ASP P 84 33.31 6.27 135.72
C ASP P 84 33.20 6.94 137.08
N PHE P 85 33.76 8.16 137.15
CA PHE P 85 33.68 8.94 138.39
C PHE P 85 32.24 9.25 138.81
N PRO P 86 31.33 9.67 137.94
CA PRO P 86 29.93 9.85 138.40
C PRO P 86 29.32 8.59 138.96
N GLU P 87 29.66 7.42 138.40
CA GLU P 87 29.14 6.16 138.94
C GLU P 87 29.64 5.95 140.37
N PHE P 88 30.94 6.22 140.61
CA PHE P 88 31.48 6.09 141.96
C PHE P 88 30.82 7.08 142.91
N LEU P 89 30.59 8.31 142.44
CA LEU P 89 29.93 9.30 143.28
C LEU P 89 28.51 8.87 143.64
N THR P 90 27.77 8.32 142.67
CA THR P 90 26.42 7.83 142.95
C THR P 90 26.46 6.65 143.92
N MET P 91 27.43 5.75 143.75
CA MET P 91 27.55 4.61 144.66
C MET P 91 27.86 5.07 146.08
N MET P 92 28.73 6.07 146.23
CA MET P 92 29.06 6.57 147.55
C MET P 92 27.90 7.36 148.16
N ALA P 93 26.92 7.74 147.35
CA ALA P 93 25.78 8.50 147.84
C ALA P 93 24.67 7.60 148.41
N ARG P 94 24.85 6.29 148.38
CA ARG P 94 23.83 5.39 148.90
C ARG P 94 23.70 5.54 150.41
N LYS P 95 22.51 5.27 150.93
CA LYS P 95 22.23 5.35 152.35
C LYS P 95 22.24 3.96 152.96
N MET P 96 23.08 3.76 153.97
CA MET P 96 23.21 2.47 154.63
C MET P 96 22.28 2.31 155.83
N LYS P 97 21.52 3.35 156.17
CA LYS P 97 20.63 3.28 157.33
C LYS P 97 21.44 3.27 158.62
N ASP P 98 21.15 2.30 159.51
CA ASP P 98 21.81 2.20 160.79
C ASP P 98 22.65 0.93 160.94
N THR P 99 22.04 -0.24 160.73
CA THR P 99 22.75 -1.50 160.95
C THR P 99 23.92 -1.66 159.98
N ASP P 100 23.71 -1.32 158.71
CA ASP P 100 24.79 -1.43 157.74
C ASP P 100 25.93 -0.49 158.07
N SER P 101 25.61 0.70 158.60
CA SER P 101 26.66 1.66 158.96
C SER P 101 27.55 1.13 160.07
N GLU P 102 26.95 0.60 161.13
CA GLU P 102 27.75 0.07 162.23
C GLU P 102 28.51 -1.18 161.81
N GLU P 103 27.89 -2.02 160.96
CA GLU P 103 28.61 -3.17 160.43
C GLU P 103 29.83 -2.74 159.62
N GLU P 104 29.66 -1.72 158.78
CA GLU P 104 30.76 -1.23 157.96
C GLU P 104 31.88 -0.64 158.81
N ILE P 105 31.53 0.16 159.82
CA ILE P 105 32.58 0.75 160.66
C ILE P 105 33.28 -0.31 161.49
N ARG P 106 32.54 -1.33 161.94
CA ARG P 106 33.17 -2.44 162.66
C ARG P 106 34.13 -3.20 161.77
N GLU P 107 33.72 -3.47 160.51
CA GLU P 107 34.61 -4.15 159.59
C GLU P 107 35.86 -3.33 159.29
N ALA P 108 35.68 -2.02 159.12
CA ALA P 108 36.83 -1.14 158.87
C ALA P 108 37.78 -1.13 160.06
N PHE P 109 37.24 -1.07 161.28
CA PHE P 109 38.08 -1.11 162.47
C PHE P 109 38.81 -2.44 162.58
N ARG P 110 38.12 -3.55 162.28
CA ARG P 110 38.76 -4.86 162.34
C ARG P 110 39.89 -4.97 161.33
N VAL P 111 39.67 -4.45 160.11
CA VAL P 111 40.72 -4.45 159.10
C VAL P 111 41.90 -3.60 159.54
N PHE P 112 41.62 -2.41 160.09
CA PHE P 112 42.70 -1.53 160.54
C PHE P 112 43.42 -2.09 161.76
N ASP P 113 42.69 -2.76 162.65
CA ASP P 113 43.28 -3.31 163.88
C ASP P 113 43.87 -4.70 163.64
N LYS P 114 44.82 -4.77 162.70
CA LYS P 114 45.49 -6.04 162.44
C LYS P 114 46.30 -6.50 163.65
N ASP P 115 47.01 -5.58 164.29
CA ASP P 115 47.80 -5.92 165.47
C ASP P 115 46.90 -6.14 166.67
N GLY P 116 47.35 -6.99 167.60
CA GLY P 116 46.60 -7.27 168.79
C GLY P 116 46.78 -6.22 169.88
N ASN P 117 46.32 -4.99 169.60
CA ASN P 117 46.43 -3.90 170.55
C ASN P 117 45.10 -3.30 170.96
N GLY P 118 44.03 -3.52 170.20
CA GLY P 118 42.72 -2.98 170.53
C GLY P 118 42.49 -1.54 170.12
N TYR P 119 43.44 -0.92 169.42
CA TYR P 119 43.30 0.46 168.98
C TYR P 119 43.74 0.63 167.54
#